data_2H1L
#
_entry.id   2H1L
#
_cell.length_a   127.019
_cell.length_b   182.718
_cell.length_c   262.061
_cell.angle_alpha   90.00
_cell.angle_beta   92.08
_cell.angle_gamma   90.00
#
_symmetry.space_group_name_H-M   'P 1 21 1'
#
loop_
_entity.id
_entity.type
_entity.pdbx_description
1 polymer 'Large T antigen'
2 polymer 'Cellular tumor antigen p53'
3 non-polymer 'ZINC ION'
#
loop_
_entity_poly.entity_id
_entity_poly.type
_entity_poly.pdbx_seq_one_letter_code
_entity_poly.pdbx_strand_id
1 'polypeptide(L)'
;GSEEAEETKQVSWKLVTEYAMETKCDDVLLLLGMYLEFQYSFEMCLKCIKKEQPSHYKYHEKHYANAAIFADSKNQKTIC
QQAVDTVLAKKRVDSLQLTREQMLTNRFNDLLDRMDIMFGSTGSADIEEWMAGVAWLHCLLPKMDSVVYDFLKCMVYNIP
KKRYWLFKGPIDSGKTTLAAALLELCGGKALNVNLPLDRLNFELGVAIDQFLVVFEDVKGTGGESRDLPSGQGINNLDNL
RDYLDGSVKVNLEKKHLNKRTQIFPPGIVTMNEYSVPKTLQARFVKQIDFRPKDYLKHCLERSEFLLEKRIIQSGIALLL
MLIWYRPVAEFAQSIQSRIVEWKERLDKEFSLSVYQKMKFNVAMGIGVLD
;
A,B,C,D,E,F,G,H,I,J,K,L
2 'polypeptide(L)'
;GSPLSSSVPSQKTYQGSYGFRLGFLHSGTAKSVTCTYSPALNKMFCQLAKTCPVQLWVDSTPPPGTRVRAMAIYKQSQHM
TEVVRRCPHHERCSDSDGLAPPQHLIRVEGNLRVEYLDDRNTFRHSVVVPYEPPEVGSDCTTIHYNYMCNSSCMGGMNRR
PILTIITLEDSSGNLLGRNSFEVRVCACPGRDRRTEEENLRKK
;
M,N,O,P,Q,R,S,T,U,V,W,X
#
# COMPACT_ATOMS: atom_id res chain seq x y z
N LYS A 9 -64.96 -88.23 -5.24
CA LYS A 9 -65.73 -86.97 -5.54
C LYS A 9 -65.14 -85.80 -4.77
N GLN A 10 -65.48 -85.69 -3.50
CA GLN A 10 -65.00 -84.59 -2.67
C GLN A 10 -63.65 -84.98 -2.02
N VAL A 11 -63.11 -84.07 -1.20
CA VAL A 11 -61.84 -84.29 -0.52
C VAL A 11 -61.98 -84.25 0.99
N SER A 12 -61.14 -84.98 1.69
CA SER A 12 -61.25 -84.99 3.14
C SER A 12 -60.24 -84.07 3.80
N TRP A 13 -60.73 -82.93 4.29
CA TRP A 13 -59.85 -81.97 4.93
C TRP A 13 -59.27 -82.57 6.19
N LYS A 14 -60.10 -83.35 6.87
CA LYS A 14 -59.73 -84.00 8.12
C LYS A 14 -58.52 -84.92 8.00
N LEU A 15 -58.47 -85.73 6.95
CA LEU A 15 -57.35 -86.63 6.78
C LEU A 15 -56.01 -85.90 6.65
N VAL A 16 -56.00 -84.83 5.85
CA VAL A 16 -54.79 -84.07 5.68
C VAL A 16 -54.44 -83.44 7.00
N THR A 17 -55.45 -82.90 7.68
CA THR A 17 -55.19 -82.28 8.96
C THR A 17 -54.59 -83.30 9.91
N GLU A 18 -55.03 -84.54 9.81
CA GLU A 18 -54.53 -85.56 10.69
C GLU A 18 -53.11 -85.93 10.32
N TYR A 19 -52.84 -86.11 9.03
CA TYR A 19 -51.49 -86.43 8.59
C TYR A 19 -50.53 -85.37 9.05
N ALA A 20 -50.96 -84.11 8.97
CA ALA A 20 -50.12 -83.03 9.40
C ALA A 20 -49.81 -83.17 10.90
N MET A 21 -50.71 -83.81 11.65
CA MET A 21 -50.53 -83.98 13.08
C MET A 21 -49.50 -85.03 13.39
N GLU A 22 -49.66 -86.21 12.81
CA GLU A 22 -48.72 -87.29 13.04
C GLU A 22 -47.31 -86.88 12.63
N THR A 23 -47.20 -85.76 11.93
CA THR A 23 -45.90 -85.30 11.48
C THR A 23 -45.52 -84.02 12.19
N LYS A 24 -46.45 -83.49 12.97
CA LYS A 24 -46.27 -82.22 13.69
C LYS A 24 -45.69 -81.15 12.78
N CYS A 25 -46.17 -81.15 11.55
CA CYS A 25 -45.76 -80.22 10.49
C CYS A 25 -46.50 -78.90 10.64
N ASP A 26 -45.76 -77.81 10.83
CA ASP A 26 -46.38 -76.50 11.00
C ASP A 26 -46.06 -75.59 9.81
N ASP A 27 -45.59 -76.20 8.72
CA ASP A 27 -45.22 -75.47 7.52
C ASP A 27 -46.16 -75.83 6.38
N VAL A 28 -47.02 -74.88 6.01
CA VAL A 28 -47.99 -75.11 4.96
C VAL A 28 -47.36 -75.58 3.66
N LEU A 29 -46.35 -74.87 3.20
CA LEU A 29 -45.71 -75.29 1.96
C LEU A 29 -45.24 -76.74 2.01
N LEU A 30 -44.38 -77.05 2.98
CA LEU A 30 -43.86 -78.39 3.13
C LEU A 30 -45.00 -79.38 3.15
N LEU A 31 -45.98 -79.10 4.02
CA LEU A 31 -47.18 -79.94 4.18
C LEU A 31 -47.77 -80.22 2.81
N LEU A 32 -47.93 -79.16 2.02
CA LEU A 32 -48.49 -79.24 0.69
C LEU A 32 -47.64 -80.15 -0.18
N GLY A 33 -46.43 -79.72 -0.51
CA GLY A 33 -45.56 -80.50 -1.38
C GLY A 33 -45.38 -81.96 -0.97
N MET A 34 -45.57 -82.18 0.33
CA MET A 34 -45.42 -83.49 0.91
C MET A 34 -46.64 -84.36 0.69
N TYR A 35 -47.83 -83.85 0.97
CA TYR A 35 -49.06 -84.62 0.77
C TYR A 35 -49.23 -84.93 -0.70
N LEU A 36 -48.85 -83.99 -1.54
CA LEU A 36 -48.98 -84.20 -2.95
C LEU A 36 -48.11 -85.36 -3.37
N GLU A 37 -47.18 -85.75 -2.51
CA GLU A 37 -46.27 -86.83 -2.84
C GLU A 37 -47.03 -88.15 -2.80
N PHE A 38 -48.11 -88.17 -2.04
CA PHE A 38 -48.93 -89.37 -1.93
C PHE A 38 -49.82 -89.50 -3.17
N GLN A 39 -49.78 -88.48 -4.03
CA GLN A 39 -50.59 -88.45 -5.23
C GLN A 39 -50.40 -89.73 -6.01
N TYR A 40 -49.19 -89.93 -6.52
CA TYR A 40 -48.92 -91.12 -7.29
C TYR A 40 -49.28 -92.41 -6.56
N SER A 41 -49.01 -93.54 -7.22
CA SER A 41 -49.28 -94.85 -6.66
C SER A 41 -48.23 -95.26 -5.65
N PHE A 42 -48.60 -96.19 -4.76
CA PHE A 42 -47.70 -96.67 -3.70
C PHE A 42 -47.19 -98.03 -4.10
N GLU A 43 -48.04 -98.78 -4.79
CA GLU A 43 -47.73 -100.13 -5.26
C GLU A 43 -46.29 -100.25 -5.79
N MET A 44 -45.74 -99.14 -6.27
CA MET A 44 -44.39 -99.18 -6.81
C MET A 44 -43.59 -97.95 -6.43
N CYS A 45 -44.10 -97.20 -5.46
CA CYS A 45 -43.44 -96.01 -4.97
C CYS A 45 -41.99 -96.34 -4.62
N LEU A 46 -41.06 -95.86 -5.43
CA LEU A 46 -39.65 -96.11 -5.19
C LEU A 46 -39.25 -95.50 -3.84
N LYS A 47 -39.87 -94.38 -3.46
CA LYS A 47 -39.54 -93.71 -2.20
C LYS A 47 -39.97 -94.52 -0.98
N CYS A 48 -40.61 -95.65 -1.25
CA CYS A 48 -41.13 -96.51 -0.19
C CYS A 48 -40.25 -97.78 -0.06
N ILE A 49 -39.82 -98.28 -1.21
CA ILE A 49 -38.95 -99.43 -1.30
C ILE A 49 -37.61 -99.11 -0.66
N LYS A 50 -37.13 -97.88 -0.87
CA LYS A 50 -35.86 -97.43 -0.29
C LYS A 50 -35.99 -97.03 1.18
N LYS A 51 -37.22 -96.92 1.67
CA LYS A 51 -37.51 -96.58 3.07
C LYS A 51 -36.84 -95.30 3.58
N GLU A 52 -36.66 -94.33 2.69
CA GLU A 52 -36.04 -93.05 3.06
C GLU A 52 -37.16 -92.10 3.48
N GLN A 53 -36.96 -91.47 4.62
CA GLN A 53 -37.95 -90.54 5.16
C GLN A 53 -39.23 -91.25 5.63
N PRO A 54 -39.39 -91.41 6.94
CA PRO A 54 -40.58 -92.07 7.48
C PRO A 54 -41.82 -91.25 7.16
N SER A 55 -41.67 -89.93 7.11
CA SER A 55 -42.79 -89.01 6.85
C SER A 55 -43.57 -89.33 5.57
N HIS A 56 -42.96 -90.16 4.73
CA HIS A 56 -43.57 -90.54 3.48
C HIS A 56 -44.00 -91.99 3.43
N TYR A 57 -43.07 -92.91 3.64
CA TYR A 57 -43.40 -94.32 3.57
C TYR A 57 -44.29 -94.82 4.70
N LYS A 58 -44.37 -94.06 5.77
CA LYS A 58 -45.21 -94.48 6.88
C LYS A 58 -46.67 -94.07 6.72
N TYR A 59 -46.97 -93.18 5.78
CA TYR A 59 -48.35 -92.74 5.65
C TYR A 59 -48.91 -92.73 4.25
N HIS A 60 -48.05 -92.71 3.24
CA HIS A 60 -48.48 -92.70 1.84
C HIS A 60 -49.67 -93.62 1.60
N GLU A 61 -49.40 -94.92 1.63
CA GLU A 61 -50.42 -95.94 1.43
C GLU A 61 -51.72 -95.61 2.14
N LYS A 62 -51.63 -95.17 3.39
CA LYS A 62 -52.83 -94.83 4.13
C LYS A 62 -53.60 -93.62 3.60
N HIS A 63 -52.90 -92.65 3.01
CA HIS A 63 -53.52 -91.43 2.50
C HIS A 63 -53.62 -91.42 0.97
N TYR A 64 -53.27 -92.52 0.32
CA TYR A 64 -53.30 -92.57 -1.14
C TYR A 64 -54.69 -92.23 -1.69
N ALA A 65 -55.69 -92.81 -1.05
CA ALA A 65 -57.06 -92.61 -1.47
C ALA A 65 -57.60 -91.20 -1.25
N ASN A 66 -56.79 -90.33 -0.66
CA ASN A 66 -57.24 -88.97 -0.40
C ASN A 66 -56.25 -87.99 -0.98
N ALA A 67 -55.21 -88.49 -1.61
CA ALA A 67 -54.20 -87.62 -2.19
C ALA A 67 -54.32 -87.60 -3.69
N ALA A 68 -55.13 -88.51 -4.22
CA ALA A 68 -55.32 -88.57 -5.66
C ALA A 68 -56.37 -87.56 -6.05
N ILE A 69 -57.14 -87.13 -5.04
CA ILE A 69 -58.21 -86.14 -5.22
C ILE A 69 -57.66 -84.77 -4.85
N PHE A 70 -56.97 -84.72 -3.72
CA PHE A 70 -56.36 -83.49 -3.27
C PHE A 70 -55.54 -82.93 -4.43
N ALA A 71 -55.05 -83.80 -5.31
CA ALA A 71 -54.22 -83.32 -6.41
C ALA A 71 -55.02 -82.57 -7.43
N ASP A 72 -56.33 -82.77 -7.36
CA ASP A 72 -57.27 -82.15 -8.28
C ASP A 72 -58.02 -81.03 -7.63
N SER A 73 -58.06 -81.01 -6.32
CA SER A 73 -58.76 -79.95 -5.59
C SER A 73 -58.27 -78.57 -6.03
N LYS A 74 -59.15 -77.57 -5.93
CA LYS A 74 -58.82 -76.19 -6.32
C LYS A 74 -58.51 -75.31 -5.12
N ASN A 75 -58.47 -75.93 -3.96
CA ASN A 75 -58.18 -75.22 -2.74
C ASN A 75 -57.12 -75.95 -1.94
N GLN A 76 -56.02 -76.34 -2.60
CA GLN A 76 -54.97 -77.07 -1.93
C GLN A 76 -54.37 -76.28 -0.78
N LYS A 77 -53.93 -75.08 -1.08
CA LYS A 77 -53.30 -74.24 -0.07
C LYS A 77 -54.21 -73.94 1.10
N THR A 78 -55.48 -73.76 0.81
CA THR A 78 -56.43 -73.43 1.85
C THR A 78 -56.58 -74.54 2.83
N ILE A 79 -56.63 -75.78 2.32
CA ILE A 79 -56.78 -76.96 3.15
C ILE A 79 -55.57 -77.12 4.05
N CYS A 80 -54.39 -77.15 3.45
CA CYS A 80 -53.16 -77.30 4.22
C CYS A 80 -53.08 -76.30 5.33
N GLN A 81 -53.47 -75.07 5.05
CA GLN A 81 -53.46 -74.04 6.07
C GLN A 81 -54.24 -74.46 7.34
N GLN A 82 -55.41 -75.07 7.17
CA GLN A 82 -56.20 -75.51 8.31
C GLN A 82 -55.48 -76.57 9.17
N ALA A 83 -54.84 -77.53 8.51
CA ALA A 83 -54.07 -78.58 9.19
C ALA A 83 -52.99 -77.88 10.03
N VAL A 84 -52.12 -77.12 9.38
CA VAL A 84 -51.10 -76.39 10.08
C VAL A 84 -51.69 -75.63 11.25
N ASP A 85 -52.83 -74.98 11.06
CA ASP A 85 -53.42 -74.25 12.17
C ASP A 85 -53.71 -75.19 13.33
N THR A 86 -54.19 -76.39 13.00
CA THR A 86 -54.50 -77.39 14.00
C THR A 86 -53.24 -77.77 14.76
N VAL A 87 -52.15 -77.87 14.04
CA VAL A 87 -50.87 -78.21 14.62
C VAL A 87 -50.47 -77.13 15.62
N LEU A 88 -50.58 -75.87 15.20
CA LEU A 88 -50.22 -74.76 16.06
C LEU A 88 -51.17 -74.70 17.22
N ALA A 89 -52.42 -75.06 16.96
CA ALA A 89 -53.42 -75.04 18.01
C ALA A 89 -53.01 -75.94 19.14
N LYS A 90 -52.57 -77.14 18.78
CA LYS A 90 -52.13 -78.16 19.72
C LYS A 90 -50.98 -77.60 20.54
N LYS A 91 -49.91 -77.19 19.85
CA LYS A 91 -48.74 -76.63 20.54
C LYS A 91 -49.20 -75.62 21.60
N ARG A 92 -50.15 -74.77 21.22
CA ARG A 92 -50.66 -73.77 22.13
C ARG A 92 -51.22 -74.40 23.39
N VAL A 93 -52.08 -75.38 23.22
CA VAL A 93 -52.69 -76.02 24.36
C VAL A 93 -51.63 -76.68 25.20
N ASP A 94 -50.74 -77.43 24.54
CA ASP A 94 -49.69 -78.14 25.26
C ASP A 94 -48.61 -77.18 25.73
N SER A 95 -48.98 -75.99 26.15
CA SER A 95 -47.98 -75.07 26.62
C SER A 95 -48.68 -74.25 27.69
N LEU A 96 -49.95 -74.57 27.91
CA LEU A 96 -50.75 -73.87 28.91
C LEU A 96 -51.38 -74.89 29.83
N GLN A 97 -51.16 -76.15 29.51
CA GLN A 97 -51.75 -77.22 30.30
C GLN A 97 -50.76 -78.31 30.73
N LEU A 98 -49.82 -78.67 29.86
CA LEU A 98 -48.80 -79.66 30.21
C LEU A 98 -47.76 -79.05 31.12
N THR A 99 -47.10 -79.89 31.91
CA THR A 99 -46.01 -79.44 32.79
C THR A 99 -44.70 -79.38 32.02
N ARG A 100 -43.87 -78.41 32.37
CA ARG A 100 -42.62 -78.28 31.66
C ARG A 100 -41.91 -79.63 31.54
N GLU A 101 -42.11 -80.49 32.55
CA GLU A 101 -41.46 -81.79 32.52
C GLU A 101 -42.12 -82.64 31.48
N GLN A 102 -43.43 -82.58 31.48
CA GLN A 102 -44.20 -83.37 30.54
C GLN A 102 -43.83 -82.92 29.14
N MET A 103 -43.43 -81.66 29.02
CA MET A 103 -43.05 -81.13 27.73
C MET A 103 -41.70 -81.68 27.34
N LEU A 104 -40.79 -81.66 28.31
CA LEU A 104 -39.44 -82.13 28.06
C LEU A 104 -39.48 -83.61 27.82
N THR A 105 -40.48 -84.28 28.40
CA THR A 105 -40.66 -85.72 28.25
C THR A 105 -41.16 -86.07 26.86
N ASN A 106 -42.22 -85.37 26.43
CA ASN A 106 -42.82 -85.57 25.12
C ASN A 106 -41.76 -85.31 24.08
N ARG A 107 -40.90 -84.36 24.39
CA ARG A 107 -39.82 -84.03 23.48
C ARG A 107 -38.87 -85.22 23.34
N PHE A 108 -38.43 -85.77 24.46
CA PHE A 108 -37.51 -86.89 24.45
C PHE A 108 -38.02 -88.06 23.63
N ASN A 109 -39.26 -88.48 23.89
CA ASN A 109 -39.84 -89.58 23.13
C ASN A 109 -39.71 -89.30 21.65
N ASP A 110 -39.99 -88.07 21.24
CA ASP A 110 -39.92 -87.73 19.83
C ASP A 110 -38.53 -87.99 19.34
N LEU A 111 -37.54 -87.67 20.17
CA LEU A 111 -36.14 -87.86 19.79
C LEU A 111 -35.81 -89.34 19.76
N LEU A 112 -36.23 -90.06 20.79
CA LEU A 112 -35.97 -91.48 20.86
C LEU A 112 -36.53 -92.21 19.65
N ASP A 113 -37.75 -91.84 19.24
CA ASP A 113 -38.43 -92.44 18.08
C ASP A 113 -37.51 -92.27 16.87
N ARG A 114 -36.97 -91.07 16.71
CA ARG A 114 -36.09 -90.80 15.59
C ARG A 114 -34.86 -91.71 15.67
N MET A 115 -34.31 -91.81 16.87
CA MET A 115 -33.14 -92.64 17.14
C MET A 115 -33.43 -94.09 16.74
N ASP A 116 -34.56 -94.64 17.19
CA ASP A 116 -34.91 -96.02 16.86
C ASP A 116 -34.80 -96.25 15.35
N ILE A 117 -35.26 -95.28 14.56
CA ILE A 117 -35.20 -95.42 13.12
C ILE A 117 -33.79 -95.19 12.58
N MET A 118 -33.09 -94.18 13.08
CA MET A 118 -31.74 -93.86 12.56
C MET A 118 -30.72 -94.85 12.98
N PHE A 119 -31.09 -95.67 13.96
CA PHE A 119 -30.21 -96.70 14.47
C PHE A 119 -30.76 -98.09 14.22
N GLY A 120 -31.96 -98.17 13.65
CA GLY A 120 -32.54 -99.46 13.32
C GLY A 120 -31.96 -100.09 12.06
N SER A 121 -32.80 -100.87 11.38
CA SER A 121 -32.41 -101.55 10.17
C SER A 121 -32.42 -100.64 8.94
N THR A 122 -33.47 -99.83 8.82
CA THR A 122 -33.67 -98.90 7.70
C THR A 122 -32.80 -97.64 7.81
N GLY A 123 -32.33 -97.34 9.02
CA GLY A 123 -31.49 -96.17 9.24
C GLY A 123 -30.14 -96.21 8.53
N SER A 124 -29.33 -95.18 8.74
CA SER A 124 -28.04 -95.11 8.10
C SER A 124 -26.96 -94.55 9.04
N ALA A 125 -27.41 -94.18 10.24
CA ALA A 125 -26.55 -93.61 11.26
C ALA A 125 -25.77 -94.72 11.94
N ASP A 126 -24.46 -94.52 12.09
CA ASP A 126 -23.59 -95.51 12.74
C ASP A 126 -23.53 -95.24 14.24
N ILE A 127 -24.16 -96.10 15.03
CA ILE A 127 -24.19 -95.93 16.49
C ILE A 127 -22.81 -95.68 17.09
N GLU A 128 -21.81 -96.30 16.51
CA GLU A 128 -20.47 -96.11 16.99
C GLU A 128 -20.06 -94.65 16.83
N GLU A 129 -20.14 -94.12 15.60
CA GLU A 129 -19.73 -92.74 15.35
C GLU A 129 -20.40 -91.75 16.31
N TRP A 130 -21.69 -91.93 16.56
CA TRP A 130 -22.43 -91.04 17.45
C TRP A 130 -21.95 -91.15 18.87
N MET A 131 -21.90 -92.38 19.38
CA MET A 131 -21.43 -92.61 20.73
C MET A 131 -20.06 -91.93 20.89
N ALA A 132 -19.22 -92.04 19.84
CA ALA A 132 -17.90 -91.43 19.81
C ALA A 132 -18.06 -89.95 20.03
N GLY A 133 -19.13 -89.38 19.48
CA GLY A 133 -19.37 -87.96 19.67
C GLY A 133 -19.71 -87.71 21.13
N VAL A 134 -20.39 -88.65 21.76
CA VAL A 134 -20.74 -88.46 23.14
C VAL A 134 -19.45 -88.23 23.92
N ALA A 135 -18.39 -88.95 23.55
CA ALA A 135 -17.11 -88.81 24.24
C ALA A 135 -16.47 -87.44 24.02
N TRP A 136 -16.49 -86.98 22.77
CA TRP A 136 -15.95 -85.67 22.45
C TRP A 136 -16.60 -84.57 23.30
N LEU A 137 -17.93 -84.62 23.39
CA LEU A 137 -18.71 -83.65 24.15
C LEU A 137 -18.45 -83.77 25.63
N HIS A 138 -18.08 -84.98 26.06
CA HIS A 138 -17.78 -85.20 27.47
C HIS A 138 -16.39 -84.68 27.84
N CYS A 139 -15.60 -84.37 26.82
CA CYS A 139 -14.28 -83.85 27.06
C CYS A 139 -14.34 -82.38 26.85
N LEU A 140 -15.55 -81.85 26.75
CA LEU A 140 -15.68 -80.42 26.51
C LEU A 140 -15.84 -79.64 27.81
N LEU A 141 -16.52 -80.28 28.76
CA LEU A 141 -16.76 -79.65 30.04
C LEU A 141 -16.66 -80.70 31.17
N PRO A 142 -16.12 -80.30 32.33
CA PRO A 142 -15.94 -81.14 33.53
C PRO A 142 -17.29 -81.60 34.02
N LYS A 143 -17.56 -82.90 33.97
CA LYS A 143 -18.86 -83.42 34.41
C LYS A 143 -19.95 -82.93 33.47
N MET A 144 -19.66 -82.99 32.18
CA MET A 144 -20.60 -82.56 31.15
C MET A 144 -22.01 -83.13 31.36
N ASP A 145 -22.12 -84.45 31.49
CA ASP A 145 -23.40 -85.07 31.71
C ASP A 145 -24.16 -84.37 32.84
N SER A 146 -23.50 -84.12 33.95
CA SER A 146 -24.17 -83.45 35.05
C SER A 146 -24.62 -82.03 34.65
N VAL A 147 -23.80 -81.35 33.87
CA VAL A 147 -24.19 -80.04 33.41
C VAL A 147 -25.47 -80.16 32.55
N VAL A 148 -25.44 -81.09 31.59
CA VAL A 148 -26.59 -81.30 30.78
C VAL A 148 -27.82 -81.52 31.64
N TYR A 149 -27.68 -82.31 32.70
CA TYR A 149 -28.79 -82.61 33.58
C TYR A 149 -29.16 -81.38 34.36
N ASP A 150 -28.15 -80.67 34.82
CA ASP A 150 -28.39 -79.45 35.56
C ASP A 150 -29.20 -78.45 34.77
N PHE A 151 -28.84 -78.30 33.48
CA PHE A 151 -29.50 -77.38 32.56
C PHE A 151 -30.95 -77.80 32.40
N LEU A 152 -31.14 -79.07 32.07
CA LEU A 152 -32.49 -79.58 31.93
C LEU A 152 -33.35 -79.26 33.13
N LYS A 153 -32.81 -79.38 34.34
CA LYS A 153 -33.62 -79.06 35.52
C LYS A 153 -33.92 -77.59 35.58
N CYS A 154 -32.91 -76.79 35.28
CA CYS A 154 -33.05 -75.34 35.29
C CYS A 154 -34.24 -74.90 34.44
N MET A 155 -34.26 -75.37 33.19
CA MET A 155 -35.32 -75.07 32.24
C MET A 155 -36.63 -75.58 32.75
N VAL A 156 -36.74 -76.87 33.03
CA VAL A 156 -38.00 -77.40 33.54
C VAL A 156 -38.54 -76.64 34.78
N TYR A 157 -37.66 -76.29 35.72
CA TYR A 157 -38.13 -75.57 36.90
C TYR A 157 -38.59 -74.17 36.53
N ASN A 158 -37.80 -73.51 35.69
CA ASN A 158 -38.13 -72.18 35.21
C ASN A 158 -38.31 -71.20 36.36
N ILE A 159 -37.44 -71.29 37.36
CA ILE A 159 -37.55 -70.43 38.51
C ILE A 159 -37.30 -68.99 38.13
N PRO A 160 -38.30 -68.13 38.29
CA PRO A 160 -38.19 -66.71 37.97
C PRO A 160 -36.89 -66.06 38.45
N LYS A 161 -36.33 -65.21 37.58
CA LYS A 161 -35.09 -64.49 37.85
C LYS A 161 -33.87 -65.43 37.80
N LYS A 162 -34.13 -66.70 37.51
CA LYS A 162 -33.10 -67.76 37.45
C LYS A 162 -33.42 -68.72 36.30
N ARG A 163 -33.42 -68.21 35.07
CA ARG A 163 -33.77 -69.04 33.95
C ARG A 163 -32.72 -69.11 32.83
N TYR A 164 -31.72 -68.26 32.88
CA TYR A 164 -30.75 -68.24 31.81
C TYR A 164 -29.31 -68.60 32.20
N TRP A 165 -28.61 -69.25 31.29
CA TRP A 165 -27.22 -69.64 31.51
C TRP A 165 -26.40 -68.84 30.54
N LEU A 166 -25.19 -68.44 30.94
CA LEU A 166 -24.36 -67.64 30.06
C LEU A 166 -23.16 -68.44 29.58
N PHE A 167 -22.93 -68.52 28.26
CA PHE A 167 -21.76 -69.23 27.73
C PHE A 167 -20.79 -68.16 27.26
N LYS A 168 -19.65 -68.00 27.92
CA LYS A 168 -18.73 -66.96 27.50
C LYS A 168 -17.36 -67.56 27.20
N GLY A 169 -16.76 -67.16 26.08
CA GLY A 169 -15.45 -67.69 25.72
C GLY A 169 -15.03 -67.18 24.36
N PRO A 170 -13.73 -67.23 24.04
CA PRO A 170 -13.17 -66.76 22.76
C PRO A 170 -13.76 -67.44 21.54
N ILE A 171 -13.42 -66.93 20.36
CA ILE A 171 -13.90 -67.51 19.11
C ILE A 171 -13.52 -68.98 19.02
N ASP A 172 -14.49 -69.81 18.62
CA ASP A 172 -14.26 -71.23 18.44
C ASP A 172 -13.75 -71.87 19.72
N SER A 173 -14.66 -72.09 20.66
CA SER A 173 -14.30 -72.70 21.92
C SER A 173 -15.40 -73.64 22.34
N GLY A 174 -16.30 -73.95 21.43
CA GLY A 174 -17.41 -74.86 21.74
C GLY A 174 -18.69 -74.24 22.30
N LYS A 175 -18.67 -72.93 22.54
CA LYS A 175 -19.83 -72.24 23.10
C LYS A 175 -21.07 -72.61 22.34
N THR A 176 -20.99 -72.54 21.03
CA THR A 176 -22.13 -72.84 20.21
C THR A 176 -22.43 -74.32 20.16
N THR A 177 -21.44 -75.09 19.72
CA THR A 177 -21.59 -76.54 19.59
C THR A 177 -22.46 -77.11 20.68
N LEU A 178 -22.11 -76.80 21.92
CA LEU A 178 -22.88 -77.29 23.05
C LEU A 178 -24.27 -76.64 23.11
N ALA A 179 -24.32 -75.32 22.97
CA ALA A 179 -25.58 -74.56 23.01
C ALA A 179 -26.56 -75.09 21.99
N ALA A 180 -26.04 -75.30 20.79
CA ALA A 180 -26.86 -75.79 19.72
C ALA A 180 -27.44 -77.13 20.06
N ALA A 181 -26.60 -78.08 20.45
CA ALA A 181 -27.04 -79.43 20.79
C ALA A 181 -28.08 -79.39 21.86
N LEU A 182 -27.85 -78.56 22.89
CA LEU A 182 -28.79 -78.44 24.00
C LEU A 182 -30.15 -78.08 23.46
N LEU A 183 -30.16 -77.10 22.58
CA LEU A 183 -31.39 -76.63 21.98
C LEU A 183 -32.15 -77.75 21.32
N GLU A 184 -31.49 -78.44 20.39
CA GLU A 184 -32.16 -79.54 19.71
C GLU A 184 -32.69 -80.53 20.73
N LEU A 185 -32.01 -80.67 21.86
CA LEU A 185 -32.41 -81.61 22.89
C LEU A 185 -33.79 -81.31 23.44
N CYS A 186 -33.99 -80.09 23.93
CA CYS A 186 -35.28 -79.63 24.50
C CYS A 186 -36.27 -79.14 23.45
N GLY A 187 -35.72 -78.69 22.31
CA GLY A 187 -36.51 -78.13 21.22
C GLY A 187 -36.80 -76.64 21.45
N GLY A 188 -36.28 -75.74 20.62
CA GLY A 188 -36.55 -74.34 20.84
C GLY A 188 -36.16 -73.50 19.64
N LYS A 189 -35.77 -72.25 19.88
CA LYS A 189 -35.41 -71.39 18.78
C LYS A 189 -34.20 -70.53 19.10
N ALA A 190 -33.44 -70.21 18.05
CA ALA A 190 -32.26 -69.38 18.19
C ALA A 190 -32.62 -67.98 17.72
N LEU A 191 -32.50 -66.98 18.58
CA LEU A 191 -32.85 -65.63 18.18
C LEU A 191 -31.62 -64.77 17.98
N ASN A 192 -31.77 -63.66 17.27
CA ASN A 192 -30.65 -62.77 17.02
C ASN A 192 -31.03 -61.36 17.49
N VAL A 193 -30.31 -60.85 18.47
CA VAL A 193 -30.62 -59.54 18.97
C VAL A 193 -29.64 -58.53 18.45
N ASN A 194 -28.72 -58.97 17.61
CA ASN A 194 -27.74 -58.06 17.02
C ASN A 194 -28.38 -57.24 15.91
N LEU A 195 -29.38 -57.83 15.26
CA LEU A 195 -30.15 -57.21 14.18
C LEU A 195 -30.81 -55.91 14.63
N PRO A 196 -31.31 -55.12 13.68
CA PRO A 196 -31.97 -53.85 13.98
C PRO A 196 -33.06 -54.03 14.99
N LEU A 197 -33.49 -52.93 15.60
CA LEU A 197 -34.53 -53.01 16.61
C LEU A 197 -35.91 -52.81 16.00
N ASP A 198 -35.94 -52.53 14.70
CA ASP A 198 -37.20 -52.35 14.00
C ASP A 198 -37.74 -53.71 13.55
N ARG A 199 -36.93 -54.75 13.73
CA ARG A 199 -37.29 -56.12 13.37
C ARG A 199 -37.14 -56.97 14.62
N LEU A 200 -36.69 -56.33 15.70
CA LEU A 200 -36.48 -56.98 16.99
C LEU A 200 -37.79 -57.57 17.51
N ASN A 201 -38.84 -56.75 17.53
CA ASN A 201 -40.13 -57.21 18.00
C ASN A 201 -40.67 -58.38 17.16
N PHE A 202 -40.20 -58.50 15.92
CA PHE A 202 -40.64 -59.57 15.02
C PHE A 202 -39.80 -60.82 15.25
N GLU A 203 -38.58 -60.60 15.72
CA GLU A 203 -37.65 -61.67 16.00
C GLU A 203 -38.06 -62.26 17.33
N LEU A 204 -38.29 -61.43 18.33
CA LEU A 204 -38.69 -61.94 19.62
C LEU A 204 -40.00 -62.71 19.56
N GLY A 205 -40.70 -62.61 18.44
CA GLY A 205 -41.96 -63.30 18.36
C GLY A 205 -41.75 -64.74 18.01
N VAL A 206 -40.57 -65.05 17.51
CA VAL A 206 -40.30 -66.43 17.08
C VAL A 206 -40.36 -67.32 18.28
N ALA A 207 -40.06 -66.73 19.43
CA ALA A 207 -40.02 -67.47 20.64
C ALA A 207 -41.40 -67.67 21.27
N ILE A 208 -42.38 -68.07 20.49
CA ILE A 208 -43.73 -68.25 21.02
C ILE A 208 -44.07 -69.72 21.12
N ASP A 209 -44.56 -70.12 22.28
CA ASP A 209 -44.90 -71.50 22.50
C ASP A 209 -43.62 -72.34 22.47
N GLN A 210 -42.45 -71.70 22.46
CA GLN A 210 -41.18 -72.44 22.43
C GLN A 210 -40.77 -72.84 23.84
N PHE A 211 -40.16 -74.01 23.99
CA PHE A 211 -39.73 -74.50 25.31
C PHE A 211 -38.63 -73.59 25.85
N LEU A 212 -37.53 -73.49 25.12
CA LEU A 212 -36.41 -72.61 25.51
C LEU A 212 -35.95 -71.86 24.28
N VAL A 213 -35.35 -70.70 24.51
CA VAL A 213 -34.87 -69.87 23.41
C VAL A 213 -33.39 -69.65 23.61
N VAL A 214 -32.67 -69.43 22.52
CA VAL A 214 -31.21 -69.22 22.57
C VAL A 214 -30.72 -68.02 21.77
N PHE A 215 -30.11 -67.09 22.50
CA PHE A 215 -29.55 -65.88 21.89
C PHE A 215 -28.15 -66.25 21.49
N GLU A 216 -27.96 -66.54 20.21
CA GLU A 216 -26.66 -66.93 19.73
C GLU A 216 -25.68 -65.81 19.36
N ASP A 217 -24.49 -65.89 19.94
CA ASP A 217 -23.40 -64.93 19.71
C ASP A 217 -23.86 -63.49 19.77
N VAL A 218 -24.19 -63.04 20.97
CA VAL A 218 -24.65 -61.68 21.16
C VAL A 218 -23.47 -60.74 21.18
N LYS A 219 -23.60 -59.56 20.57
CA LYS A 219 -22.52 -58.59 20.53
C LYS A 219 -22.60 -57.53 21.65
N GLY A 220 -21.44 -57.09 22.15
CA GLY A 220 -21.41 -56.11 23.22
C GLY A 220 -20.60 -54.90 22.83
N THR A 221 -20.61 -53.89 23.68
CA THR A 221 -19.88 -52.66 23.39
C THR A 221 -18.49 -52.63 23.95
N GLY A 222 -18.40 -52.73 25.27
CA GLY A 222 -17.11 -52.68 25.92
C GLY A 222 -16.19 -53.85 25.55
N GLY A 223 -15.10 -53.56 24.84
CA GLY A 223 -14.18 -54.61 24.48
C GLY A 223 -13.54 -54.52 23.11
N GLU A 224 -12.69 -53.51 22.92
CA GLU A 224 -12.00 -53.34 21.64
C GLU A 224 -10.57 -53.79 21.81
N SER A 225 -10.12 -53.89 23.06
CA SER A 225 -8.74 -54.33 23.36
C SER A 225 -8.58 -55.78 22.92
N ARG A 226 -9.70 -56.50 22.91
CA ARG A 226 -9.74 -57.91 22.49
C ARG A 226 -10.11 -57.96 20.99
N ASP A 227 -10.02 -56.82 20.34
CA ASP A 227 -10.31 -56.72 18.92
C ASP A 227 -11.69 -57.27 18.60
N LEU A 228 -12.70 -56.82 19.35
CA LEU A 228 -14.08 -57.26 19.17
C LEU A 228 -14.99 -56.14 18.71
N PRO A 229 -15.66 -56.32 17.58
CA PRO A 229 -16.58 -55.30 17.04
C PRO A 229 -17.67 -54.97 18.03
N SER A 230 -18.06 -53.70 18.09
CA SER A 230 -19.14 -53.29 18.97
C SER A 230 -20.50 -53.70 18.40
N GLY A 231 -21.48 -53.84 19.28
CA GLY A 231 -22.81 -54.25 18.85
C GLY A 231 -23.88 -53.84 19.84
N GLN A 232 -25.13 -53.91 19.40
CA GLN A 232 -26.21 -53.52 20.25
C GLN A 232 -26.87 -54.72 20.90
N GLY A 233 -26.43 -55.91 20.52
CA GLY A 233 -27.01 -57.11 21.09
C GLY A 233 -27.10 -57.09 22.62
N ILE A 234 -25.98 -56.95 23.30
CA ILE A 234 -25.97 -56.94 24.76
C ILE A 234 -26.86 -55.83 25.31
N ASN A 235 -26.66 -54.62 24.79
CA ASN A 235 -27.47 -53.52 25.27
C ASN A 235 -28.95 -53.83 25.10
N ASN A 236 -29.27 -54.55 24.02
CA ASN A 236 -30.66 -54.95 23.75
C ASN A 236 -31.18 -55.91 24.83
N LEU A 237 -30.38 -56.93 25.13
CA LEU A 237 -30.74 -57.92 26.13
C LEU A 237 -31.04 -57.20 27.43
N ASP A 238 -30.25 -56.20 27.75
CA ASP A 238 -30.47 -55.51 28.99
C ASP A 238 -31.85 -54.86 29.03
N ASN A 239 -32.31 -54.39 27.88
CA ASN A 239 -33.62 -53.75 27.81
C ASN A 239 -34.75 -54.75 27.96
N LEU A 240 -34.51 -55.95 27.47
CA LEU A 240 -35.51 -57.01 27.56
C LEU A 240 -35.41 -57.72 28.90
N ARG A 241 -34.90 -57.05 29.93
CA ARG A 241 -34.78 -57.66 31.27
C ARG A 241 -36.13 -58.20 31.74
N ASP A 242 -37.19 -57.57 31.25
CA ASP A 242 -38.54 -57.97 31.56
C ASP A 242 -38.74 -59.41 31.04
N TYR A 243 -38.31 -59.61 29.80
CA TYR A 243 -38.41 -60.90 29.13
C TYR A 243 -37.61 -61.98 29.82
N LEU A 244 -36.36 -61.64 30.20
CA LEU A 244 -35.46 -62.58 30.84
C LEU A 244 -35.91 -62.97 32.24
N ASP A 245 -36.31 -61.98 33.03
CA ASP A 245 -36.80 -62.27 34.38
C ASP A 245 -37.86 -63.38 34.36
N GLY A 246 -38.75 -63.38 33.38
CA GLY A 246 -39.76 -64.42 33.34
C GLY A 246 -40.80 -64.32 34.43
N SER A 247 -40.87 -63.17 35.10
CA SER A 247 -41.83 -63.01 36.16
C SER A 247 -43.22 -62.64 35.67
N VAL A 248 -43.29 -61.65 34.78
CA VAL A 248 -44.57 -61.20 34.24
C VAL A 248 -44.66 -61.44 32.76
N LYS A 249 -45.74 -62.08 32.34
CA LYS A 249 -45.94 -62.38 30.93
C LYS A 249 -45.61 -61.22 29.98
N VAL A 250 -44.83 -61.46 28.95
CA VAL A 250 -44.51 -60.38 28.03
C VAL A 250 -45.39 -60.54 26.79
N ASN A 251 -45.61 -59.46 26.03
CA ASN A 251 -46.43 -59.52 24.81
C ASN A 251 -45.59 -59.70 23.55
N LEU A 252 -45.82 -60.77 22.83
CA LEU A 252 -45.03 -61.05 21.65
C LEU A 252 -45.90 -60.99 20.42
N GLU A 253 -45.40 -60.34 19.37
CA GLU A 253 -46.19 -60.20 18.15
C GLU A 253 -45.70 -61.16 17.09
N LYS A 254 -46.30 -61.12 15.91
CA LYS A 254 -45.90 -62.00 14.82
C LYS A 254 -46.64 -61.66 13.52
N LYS A 255 -45.92 -61.50 12.42
CA LYS A 255 -46.59 -61.18 11.17
C LYS A 255 -47.46 -59.96 11.37
N HIS A 256 -46.84 -58.81 11.70
CA HIS A 256 -47.54 -57.54 11.94
C HIS A 256 -48.93 -57.81 12.52
N LEU A 257 -48.96 -58.63 13.57
CA LEU A 257 -50.20 -59.03 14.23
C LEU A 257 -49.90 -59.24 15.73
N ASN A 258 -50.95 -59.37 16.54
CA ASN A 258 -50.83 -59.59 17.99
C ASN A 258 -51.17 -61.05 18.26
N LYS A 259 -50.16 -61.82 18.71
CA LYS A 259 -50.33 -63.26 18.97
C LYS A 259 -50.62 -63.65 20.43
N ARG A 260 -49.67 -63.42 21.34
CA ARG A 260 -49.93 -63.83 22.70
C ARG A 260 -49.06 -63.17 23.77
N THR A 261 -49.63 -63.09 24.98
CA THR A 261 -48.98 -62.49 26.12
C THR A 261 -48.55 -63.64 27.00
N GLN A 262 -47.39 -64.21 26.72
CA GLN A 262 -46.89 -65.35 27.47
C GLN A 262 -45.66 -65.00 28.26
N ILE A 263 -45.14 -65.95 29.04
CA ILE A 263 -43.92 -65.78 29.86
C ILE A 263 -42.80 -66.11 28.91
N PHE A 264 -41.79 -65.25 28.85
CA PHE A 264 -40.75 -65.52 27.90
C PHE A 264 -40.00 -66.82 28.25
N PRO A 265 -39.78 -67.67 27.25
CA PRO A 265 -39.07 -68.94 27.45
C PRO A 265 -37.66 -68.70 27.97
N PRO A 266 -37.15 -69.63 28.80
CA PRO A 266 -35.79 -69.51 29.36
C PRO A 266 -34.80 -69.94 28.29
N GLY A 267 -33.51 -69.82 28.59
CA GLY A 267 -32.54 -70.24 27.58
C GLY A 267 -31.07 -70.00 27.84
N ILE A 268 -30.28 -70.03 26.77
CA ILE A 268 -28.84 -69.81 26.84
C ILE A 268 -28.60 -68.45 26.22
N VAL A 269 -27.39 -67.91 26.38
CA VAL A 269 -26.97 -66.61 25.82
C VAL A 269 -25.47 -66.77 25.59
N THR A 270 -25.08 -67.08 24.37
CA THR A 270 -23.66 -67.24 24.08
C THR A 270 -23.21 -65.92 23.57
N MET A 271 -21.94 -65.60 23.84
CA MET A 271 -21.34 -64.32 23.43
C MET A 271 -19.82 -64.30 23.66
N ASN A 272 -19.10 -63.51 22.86
CA ASN A 272 -17.65 -63.43 23.02
C ASN A 272 -17.42 -62.70 24.31
N GLU A 273 -16.15 -62.50 24.65
CA GLU A 273 -15.77 -61.81 25.90
C GLU A 273 -16.03 -60.32 25.94
N TYR A 274 -17.31 -59.95 25.84
CA TYR A 274 -17.69 -58.56 25.92
C TYR A 274 -18.06 -58.19 27.36
N SER A 275 -18.25 -56.91 27.61
CA SER A 275 -18.58 -56.50 28.95
C SER A 275 -20.04 -56.73 29.22
N VAL A 276 -20.39 -57.07 30.45
CA VAL A 276 -21.79 -57.30 30.77
C VAL A 276 -22.26 -56.55 32.02
N PRO A 277 -23.28 -55.68 31.89
CA PRO A 277 -23.83 -54.89 32.99
C PRO A 277 -24.24 -55.73 34.15
N LYS A 278 -24.31 -55.10 35.32
CA LYS A 278 -24.70 -55.79 36.54
C LYS A 278 -26.15 -56.22 36.48
N THR A 279 -26.99 -55.39 35.90
CA THR A 279 -28.41 -55.70 35.85
C THR A 279 -28.65 -56.90 34.98
N LEU A 280 -27.86 -57.03 33.92
CA LEU A 280 -28.06 -58.16 33.02
C LEU A 280 -27.49 -59.41 33.64
N GLN A 281 -26.25 -59.29 34.12
CA GLN A 281 -25.52 -60.40 34.72
C GLN A 281 -26.43 -61.07 35.73
N ALA A 282 -27.09 -60.27 36.54
CA ALA A 282 -27.98 -60.78 37.57
C ALA A 282 -29.04 -61.73 37.04
N ARG A 283 -29.42 -61.54 35.77
CA ARG A 283 -30.44 -62.38 35.13
C ARG A 283 -29.92 -63.78 34.81
N PHE A 284 -28.60 -63.92 34.79
CA PHE A 284 -27.94 -65.19 34.53
C PHE A 284 -27.72 -65.97 35.84
N VAL A 285 -28.32 -67.15 35.93
CA VAL A 285 -28.21 -67.96 37.14
C VAL A 285 -26.91 -68.75 37.15
N LYS A 286 -26.32 -68.91 35.97
CA LYS A 286 -25.09 -69.66 35.81
C LYS A 286 -24.27 -69.19 34.60
N GLN A 287 -22.96 -69.16 34.79
CA GLN A 287 -22.08 -68.71 33.75
C GLN A 287 -20.98 -69.73 33.52
N ILE A 288 -20.83 -70.22 32.28
CA ILE A 288 -19.80 -71.21 31.94
C ILE A 288 -18.77 -70.56 31.02
N ASP A 289 -17.50 -70.57 31.43
CA ASP A 289 -16.46 -69.93 30.63
C ASP A 289 -15.78 -70.99 29.80
N PHE A 290 -15.90 -70.92 28.47
CA PHE A 290 -15.30 -71.91 27.60
C PHE A 290 -13.96 -71.39 27.17
N ARG A 291 -13.01 -72.29 26.92
CA ARG A 291 -11.68 -71.90 26.50
C ARG A 291 -11.23 -72.88 25.44
N PRO A 292 -10.55 -72.40 24.40
CA PRO A 292 -10.06 -73.23 23.29
C PRO A 292 -9.11 -74.29 23.80
N LYS A 293 -9.36 -75.54 23.44
CA LYS A 293 -8.50 -76.62 23.89
C LYS A 293 -7.93 -77.40 22.70
N ASP A 294 -6.62 -77.32 22.52
CA ASP A 294 -5.89 -78.01 21.44
C ASP A 294 -6.33 -79.43 21.13
N TYR A 295 -6.23 -80.31 22.11
CA TYR A 295 -6.62 -81.68 21.85
C TYR A 295 -8.01 -81.85 21.28
N LEU A 296 -8.98 -81.09 21.78
CA LEU A 296 -10.36 -81.18 21.29
C LEU A 296 -10.40 -80.87 19.82
N LYS A 297 -9.62 -79.88 19.40
CA LYS A 297 -9.56 -79.49 18.00
C LYS A 297 -8.83 -80.52 17.11
N HIS A 298 -7.64 -80.95 17.56
CA HIS A 298 -6.86 -81.92 16.79
C HIS A 298 -7.62 -83.24 16.67
N CYS A 299 -8.51 -83.48 17.62
CA CYS A 299 -9.31 -84.70 17.61
C CYS A 299 -10.26 -84.70 16.43
N LEU A 300 -10.93 -83.56 16.22
CA LEU A 300 -11.86 -83.43 15.11
C LEU A 300 -11.15 -83.52 13.77
N GLU A 301 -9.95 -82.95 13.72
CA GLU A 301 -9.16 -82.96 12.50
C GLU A 301 -9.01 -84.38 12.01
N ARG A 302 -8.81 -85.30 12.93
CA ARG A 302 -8.64 -86.70 12.55
C ARG A 302 -9.95 -87.45 12.70
N SER A 303 -10.99 -86.72 13.12
CA SER A 303 -12.33 -87.28 13.27
C SER A 303 -13.34 -86.43 12.51
N GLU A 304 -13.07 -86.23 11.21
CA GLU A 304 -13.93 -85.44 10.34
C GLU A 304 -15.40 -85.77 10.53
N PHE A 305 -15.77 -87.03 10.37
CA PHE A 305 -17.15 -87.43 10.51
C PHE A 305 -17.93 -86.81 11.67
N LEU A 306 -17.23 -86.22 12.64
CA LEU A 306 -17.94 -85.63 13.77
C LEU A 306 -18.56 -84.30 13.42
N LEU A 307 -17.99 -83.61 12.45
CA LEU A 307 -18.54 -82.33 12.01
C LEU A 307 -19.36 -82.52 10.73
N GLU A 308 -18.89 -83.39 9.85
CA GLU A 308 -19.56 -83.65 8.62
C GLU A 308 -20.99 -84.11 8.82
N LYS A 309 -21.20 -84.96 9.82
CA LYS A 309 -22.53 -85.47 10.06
C LYS A 309 -23.21 -84.74 11.16
N ARG A 310 -22.67 -83.59 11.50
CA ARG A 310 -23.22 -82.74 12.56
C ARG A 310 -23.63 -83.52 13.81
N ILE A 311 -22.71 -84.33 14.34
CA ILE A 311 -22.99 -85.13 15.51
C ILE A 311 -22.79 -84.38 16.81
N ILE A 312 -21.57 -83.88 17.02
CA ILE A 312 -21.27 -83.16 18.25
C ILE A 312 -22.12 -81.92 18.45
N GLN A 313 -23.07 -81.70 17.55
CA GLN A 313 -23.95 -80.55 17.64
C GLN A 313 -25.41 -80.91 17.75
N SER A 314 -25.74 -82.18 17.77
CA SER A 314 -27.13 -82.57 17.87
C SER A 314 -27.53 -82.99 19.27
N GLY A 315 -28.79 -82.74 19.61
CA GLY A 315 -29.31 -83.10 20.92
C GLY A 315 -29.39 -84.60 21.08
N ILE A 316 -29.59 -85.30 19.99
CA ILE A 316 -29.63 -86.74 20.05
C ILE A 316 -28.35 -87.28 20.72
N ALA A 317 -27.18 -86.68 20.41
CA ALA A 317 -25.90 -87.06 21.04
C ALA A 317 -26.01 -86.82 22.54
N LEU A 318 -26.46 -85.62 22.94
CA LEU A 318 -26.61 -85.34 24.36
C LEU A 318 -27.58 -86.31 25.00
N LEU A 319 -28.56 -86.78 24.26
CA LEU A 319 -29.47 -87.74 24.85
C LEU A 319 -28.72 -89.08 25.02
N LEU A 320 -27.86 -89.39 24.08
CA LEU A 320 -27.11 -90.61 24.16
C LEU A 320 -25.98 -90.39 25.14
N MET A 321 -26.22 -89.54 26.12
CA MET A 321 -25.19 -89.27 27.09
C MET A 321 -25.89 -89.37 28.40
N LEU A 322 -27.12 -88.88 28.45
CA LEU A 322 -27.94 -88.93 29.67
C LEU A 322 -28.36 -90.38 29.89
N ILE A 323 -28.36 -91.14 28.81
CA ILE A 323 -28.75 -92.52 28.88
C ILE A 323 -27.56 -93.37 29.19
N TRP A 324 -26.39 -92.87 28.86
CA TRP A 324 -25.17 -93.62 29.13
C TRP A 324 -24.51 -93.11 30.40
N TYR A 325 -25.19 -92.34 31.24
CA TYR A 325 -24.57 -91.84 32.45
C TYR A 325 -25.56 -91.71 33.57
N ARG A 326 -26.51 -90.81 33.39
CA ARG A 326 -27.57 -90.56 34.39
C ARG A 326 -28.35 -91.83 34.78
N PRO A 327 -28.73 -91.93 36.06
CA PRO A 327 -29.49 -93.10 36.54
C PRO A 327 -30.95 -93.06 36.13
N VAL A 328 -31.56 -94.22 35.96
CA VAL A 328 -32.96 -94.27 35.57
C VAL A 328 -33.87 -93.38 36.41
N ALA A 329 -33.65 -93.39 37.72
CA ALA A 329 -34.49 -92.63 38.63
C ALA A 329 -34.61 -91.15 38.32
N GLU A 330 -33.74 -90.66 37.45
CA GLU A 330 -33.76 -89.22 37.13
C GLU A 330 -34.74 -88.85 36.04
N PHE A 331 -34.95 -89.76 35.09
CA PHE A 331 -35.89 -89.52 34.01
C PHE A 331 -37.34 -89.57 34.51
N ALA A 332 -38.26 -89.04 33.71
CA ALA A 332 -39.67 -89.02 34.07
C ALA A 332 -40.20 -90.43 34.09
N GLN A 333 -40.97 -90.73 35.12
CA GLN A 333 -41.50 -92.07 35.28
C GLN A 333 -41.97 -92.68 33.97
N SER A 334 -42.66 -91.87 33.18
CA SER A 334 -43.17 -92.32 31.90
C SER A 334 -42.09 -92.88 30.96
N ILE A 335 -40.95 -92.20 30.81
CA ILE A 335 -39.89 -92.65 29.90
C ILE A 335 -38.92 -93.66 30.47
N GLN A 336 -38.93 -93.82 31.80
CA GLN A 336 -38.02 -94.78 32.43
C GLN A 336 -38.02 -96.08 31.68
N SER A 337 -39.19 -96.61 31.40
CA SER A 337 -39.33 -97.86 30.68
C SER A 337 -38.41 -97.91 29.46
N ARG A 338 -38.59 -96.95 28.57
CA ARG A 338 -37.83 -96.83 27.32
C ARG A 338 -36.34 -96.52 27.57
N ILE A 339 -36.08 -95.63 28.51
CA ILE A 339 -34.71 -95.27 28.85
C ILE A 339 -33.89 -96.51 29.16
N VAL A 340 -34.41 -97.31 30.07
CA VAL A 340 -33.76 -98.56 30.47
C VAL A 340 -33.57 -99.46 29.25
N GLU A 341 -34.59 -99.51 28.40
CA GLU A 341 -34.54 -100.33 27.20
C GLU A 341 -33.35 -99.90 26.33
N TRP A 342 -32.93 -98.65 26.48
CA TRP A 342 -31.83 -98.13 25.69
C TRP A 342 -30.49 -98.34 26.34
N LYS A 343 -30.48 -98.22 27.67
CA LYS A 343 -29.26 -98.43 28.44
C LYS A 343 -28.76 -99.84 28.19
N GLU A 344 -29.69 -100.79 28.03
CA GLU A 344 -29.33 -102.19 27.80
C GLU A 344 -28.74 -102.36 26.39
N ARG A 345 -29.51 -101.89 25.43
CA ARG A 345 -29.13 -101.96 24.03
C ARG A 345 -27.75 -101.31 23.85
N LEU A 346 -27.58 -100.13 24.44
CA LEU A 346 -26.34 -99.39 24.33
C LEU A 346 -25.18 -100.12 25.01
N ASP A 347 -25.50 -100.79 26.11
CA ASP A 347 -24.53 -101.53 26.89
C ASP A 347 -24.01 -102.76 26.16
N LYS A 348 -24.94 -103.52 25.60
CA LYS A 348 -24.58 -104.72 24.87
C LYS A 348 -23.61 -104.46 23.71
N GLU A 349 -23.56 -103.24 23.19
CA GLU A 349 -22.66 -102.96 22.06
C GLU A 349 -21.46 -102.15 22.45
N PHE A 350 -21.43 -101.71 23.70
CA PHE A 350 -20.30 -100.92 24.15
C PHE A 350 -19.81 -101.26 25.55
N SER A 351 -18.55 -101.67 25.65
CA SER A 351 -17.96 -102.00 26.93
C SER A 351 -17.35 -100.74 27.51
N LEU A 352 -17.51 -100.46 28.81
CA LEU A 352 -16.90 -99.24 29.41
C LEU A 352 -15.42 -99.12 28.97
N SER A 353 -14.86 -100.21 28.49
CA SER A 353 -13.48 -100.25 28.03
C SER A 353 -13.36 -99.51 26.69
N VAL A 354 -14.19 -99.90 25.74
CA VAL A 354 -14.17 -99.27 24.42
C VAL A 354 -14.40 -97.77 24.53
N TYR A 355 -15.45 -97.42 25.29
CA TYR A 355 -15.87 -96.04 25.50
C TYR A 355 -14.73 -95.29 26.13
N GLN A 356 -14.22 -95.82 27.22
CA GLN A 356 -13.10 -95.17 27.93
C GLN A 356 -11.97 -94.84 26.98
N LYS A 357 -11.73 -95.75 26.03
CA LYS A 357 -10.66 -95.58 25.06
C LYS A 357 -10.93 -94.38 24.18
N MET A 358 -12.19 -94.21 23.78
CA MET A 358 -12.60 -93.09 22.94
C MET A 358 -12.29 -91.80 23.66
N LYS A 359 -12.74 -91.67 24.91
CA LYS A 359 -12.48 -90.43 25.67
C LYS A 359 -10.98 -90.19 25.73
N PHE A 360 -10.24 -91.26 25.95
CA PHE A 360 -8.79 -91.15 26.00
C PHE A 360 -8.23 -90.57 24.68
N ASN A 361 -8.66 -91.12 23.56
CA ASN A 361 -8.19 -90.64 22.28
C ASN A 361 -8.40 -89.14 22.21
N VAL A 362 -9.61 -88.72 22.53
CA VAL A 362 -9.94 -87.30 22.49
C VAL A 362 -8.93 -86.51 23.30
N ALA A 363 -8.58 -87.02 24.48
CA ALA A 363 -7.63 -86.31 25.33
C ALA A 363 -6.30 -86.13 24.63
N MET A 364 -5.91 -87.15 23.88
CA MET A 364 -4.65 -87.15 23.14
C MET A 364 -4.85 -86.43 21.84
N GLY A 365 -6.11 -86.30 21.44
CA GLY A 365 -6.45 -85.60 20.20
C GLY A 365 -6.07 -86.37 18.97
N ILE A 366 -6.37 -87.67 18.97
CA ILE A 366 -6.05 -88.52 17.87
C ILE A 366 -7.26 -89.20 17.30
N GLY A 367 -8.39 -88.53 17.35
CA GLY A 367 -9.55 -89.13 16.72
C GLY A 367 -10.16 -90.20 17.59
N VAL A 368 -11.45 -90.07 17.84
CA VAL A 368 -12.13 -91.02 18.70
C VAL A 368 -12.03 -92.47 18.25
N LEU A 369 -12.49 -92.74 17.03
CA LEU A 369 -12.49 -94.11 16.53
C LEU A 369 -11.14 -94.62 16.09
N ASP A 370 -10.08 -93.97 16.55
CA ASP A 370 -8.71 -94.36 16.20
C ASP A 370 -8.25 -95.55 17.05
N LYS B 9 -75.31 -81.83 10.23
CA LYS B 9 -74.29 -81.67 9.15
C LYS B 9 -73.43 -80.42 9.34
N GLN B 10 -74.09 -79.29 9.53
CA GLN B 10 -73.40 -78.01 9.71
C GLN B 10 -73.15 -77.69 11.18
N VAL B 11 -72.00 -77.09 11.44
CA VAL B 11 -71.57 -76.73 12.79
C VAL B 11 -72.40 -75.64 13.43
N SER B 12 -72.51 -75.69 14.74
CA SER B 12 -73.25 -74.67 15.42
C SER B 12 -72.32 -73.56 15.92
N TRP B 13 -72.03 -72.57 15.07
CA TRP B 13 -71.16 -71.49 15.44
C TRP B 13 -71.59 -70.94 16.78
N LYS B 14 -72.90 -70.87 17.02
CA LYS B 14 -73.43 -70.33 18.27
C LYS B 14 -72.93 -71.09 19.47
N LEU B 15 -72.85 -72.40 19.31
CA LEU B 15 -72.40 -73.28 20.38
C LEU B 15 -70.93 -73.04 20.71
N VAL B 16 -70.09 -72.99 19.68
CA VAL B 16 -68.66 -72.77 19.86
C VAL B 16 -68.43 -71.48 20.61
N THR B 17 -69.27 -70.50 20.28
CA THR B 17 -69.17 -69.18 20.90
C THR B 17 -69.58 -69.27 22.36
N GLU B 18 -70.51 -70.17 22.64
CA GLU B 18 -71.01 -70.32 23.99
C GLU B 18 -69.89 -70.90 24.86
N TYR B 19 -69.03 -71.68 24.21
CA TYR B 19 -67.93 -72.31 24.93
C TYR B 19 -66.92 -71.25 25.27
N ALA B 20 -66.46 -70.55 24.26
CA ALA B 20 -65.45 -69.51 24.42
C ALA B 20 -65.90 -68.49 25.44
N MET B 21 -67.20 -68.33 25.54
CA MET B 21 -67.79 -67.34 26.43
C MET B 21 -67.69 -67.76 27.87
N GLU B 22 -67.75 -69.06 28.10
CA GLU B 22 -67.66 -69.58 29.47
C GLU B 22 -66.21 -69.86 29.82
N THR B 23 -65.33 -69.81 28.82
CA THR B 23 -63.91 -70.04 29.03
C THR B 23 -63.12 -68.75 29.01
N LYS B 24 -63.78 -67.66 28.60
CA LYS B 24 -63.15 -66.35 28.53
C LYS B 24 -61.95 -66.47 27.59
N CYS B 25 -62.04 -67.41 26.67
CA CYS B 25 -60.99 -67.68 25.71
C CYS B 25 -60.99 -66.70 24.57
N ASP B 26 -60.02 -65.80 24.55
CA ASP B 26 -59.96 -64.81 23.51
C ASP B 26 -58.75 -65.12 22.66
N ASP B 27 -58.53 -66.39 22.38
CA ASP B 27 -57.37 -66.78 21.59
C ASP B 27 -57.84 -67.76 20.54
N VAL B 28 -57.90 -67.33 19.29
CA VAL B 28 -58.33 -68.21 18.21
C VAL B 28 -57.65 -69.58 18.17
N LEU B 29 -56.33 -69.62 18.35
CA LEU B 29 -55.57 -70.91 18.35
C LEU B 29 -55.82 -71.77 19.61
N LEU B 30 -56.00 -71.10 20.75
CA LEU B 30 -56.28 -71.82 21.96
C LEU B 30 -57.60 -72.46 21.77
N LEU B 31 -58.62 -71.63 21.61
CA LEU B 31 -59.99 -72.13 21.41
C LEU B 31 -60.03 -73.24 20.35
N LEU B 32 -59.38 -73.02 19.21
CA LEU B 32 -59.38 -74.01 18.15
C LEU B 32 -58.96 -75.39 18.62
N GLY B 33 -57.76 -75.45 19.19
CA GLY B 33 -57.24 -76.70 19.70
C GLY B 33 -58.07 -77.30 20.82
N MET B 34 -58.52 -76.46 21.76
CA MET B 34 -59.33 -76.93 22.88
C MET B 34 -60.62 -77.61 22.46
N TYR B 35 -61.41 -76.92 21.62
CA TYR B 35 -62.68 -77.45 21.18
C TYR B 35 -62.44 -78.72 20.39
N LEU B 36 -61.43 -78.72 19.54
CA LEU B 36 -61.15 -79.90 18.74
C LEU B 36 -60.97 -81.20 19.55
N GLU B 37 -60.53 -81.05 20.80
CA GLU B 37 -60.34 -82.18 21.70
C GLU B 37 -61.71 -82.80 21.95
N PHE B 38 -62.75 -81.97 21.97
CA PHE B 38 -64.10 -82.45 22.19
C PHE B 38 -64.58 -83.36 21.06
N GLN B 39 -63.83 -83.39 19.96
CA GLN B 39 -64.21 -84.21 18.83
C GLN B 39 -64.19 -85.69 19.13
N TYR B 40 -63.60 -86.05 20.27
CA TYR B 40 -63.47 -87.44 20.67
C TYR B 40 -64.53 -87.85 21.66
N SER B 41 -64.67 -89.17 21.84
CA SER B 41 -65.65 -89.78 22.76
C SER B 41 -65.50 -89.32 24.19
N PHE B 42 -66.63 -89.06 24.83
CA PHE B 42 -66.64 -88.60 26.22
C PHE B 42 -66.89 -89.76 27.12
N GLU B 43 -67.11 -90.92 26.50
CA GLU B 43 -67.34 -92.15 27.23
C GLU B 43 -66.06 -92.62 27.91
N MET B 44 -64.95 -92.59 27.17
CA MET B 44 -63.67 -93.01 27.69
C MET B 44 -62.66 -91.87 27.83
N CYS B 45 -63.15 -90.65 27.99
CA CYS B 45 -62.26 -89.49 28.11
C CYS B 45 -61.29 -89.63 29.27
N LEU B 46 -60.02 -89.77 28.93
CA LEU B 46 -58.98 -89.90 29.93
C LEU B 46 -58.75 -88.57 30.67
N LYS B 47 -58.99 -87.46 29.98
CA LYS B 47 -58.79 -86.12 30.54
C LYS B 47 -59.88 -85.71 31.52
N CYS B 48 -61.02 -86.41 31.47
CA CYS B 48 -62.16 -86.11 32.32
C CYS B 48 -62.17 -86.98 33.56
N ILE B 49 -62.19 -88.29 33.35
CA ILE B 49 -62.20 -89.20 34.49
C ILE B 49 -60.96 -89.01 35.33
N LYS B 50 -60.01 -88.22 34.82
CA LYS B 50 -58.78 -87.94 35.54
C LYS B 50 -58.83 -86.49 36.02
N LYS B 51 -59.86 -85.78 35.57
CA LYS B 51 -60.10 -84.37 35.91
C LYS B 51 -58.83 -83.58 36.10
N GLU B 52 -58.24 -83.13 35.00
CA GLU B 52 -57.00 -82.38 35.07
C GLU B 52 -57.21 -80.94 34.62
N GLN B 53 -57.98 -80.78 33.53
CA GLN B 53 -58.28 -79.47 32.99
C GLN B 53 -59.79 -79.23 32.94
N PRO B 54 -60.30 -78.37 33.83
CA PRO B 54 -61.72 -78.07 33.86
C PRO B 54 -62.23 -77.56 32.53
N SER B 55 -61.45 -76.70 31.89
CA SER B 55 -61.86 -76.15 30.61
C SER B 55 -62.17 -77.24 29.62
N HIS B 56 -61.87 -78.48 29.98
CA HIS B 56 -62.10 -79.60 29.10
C HIS B 56 -63.24 -80.50 29.56
N TYR B 57 -63.01 -81.16 30.68
CA TYR B 57 -64.00 -82.10 31.19
C TYR B 57 -65.33 -81.51 31.64
N LYS B 58 -65.34 -80.20 31.90
CA LYS B 58 -66.55 -79.55 32.33
C LYS B 58 -67.44 -79.22 31.16
N TYR B 59 -66.93 -79.29 29.93
CA TYR B 59 -67.77 -78.94 28.79
C TYR B 59 -67.77 -79.95 27.67
N HIS B 60 -66.85 -80.89 27.71
CA HIS B 60 -66.74 -81.88 26.64
C HIS B 60 -68.04 -82.61 26.34
N GLU B 61 -68.64 -83.12 27.41
CA GLU B 61 -69.88 -83.84 27.26
C GLU B 61 -70.90 -83.07 26.44
N LYS B 62 -71.23 -81.86 26.92
CA LYS B 62 -72.21 -81.01 26.27
C LYS B 62 -71.84 -80.63 24.86
N HIS B 63 -70.57 -80.31 24.63
CA HIS B 63 -70.12 -79.86 23.31
C HIS B 63 -69.59 -81.00 22.46
N TYR B 64 -69.79 -82.22 22.94
CA TYR B 64 -69.29 -83.37 22.21
C TYR B 64 -69.93 -83.49 20.83
N ALA B 65 -71.25 -83.63 20.81
CA ALA B 65 -71.98 -83.77 19.56
C ALA B 65 -71.62 -82.72 18.53
N ASN B 66 -71.46 -81.48 19.02
CA ASN B 66 -71.13 -80.35 18.15
C ASN B 66 -69.72 -80.51 17.57
N ALA B 67 -68.73 -80.65 18.44
CA ALA B 67 -67.33 -80.79 18.02
C ALA B 67 -67.16 -81.93 17.04
N ALA B 68 -67.99 -82.95 17.23
CA ALA B 68 -67.96 -84.11 16.38
C ALA B 68 -68.12 -83.69 14.94
N ILE B 69 -68.74 -82.53 14.74
CA ILE B 69 -68.96 -82.01 13.40
C ILE B 69 -67.90 -80.98 13.08
N PHE B 70 -67.68 -80.09 14.04
CA PHE B 70 -66.69 -79.03 13.92
C PHE B 70 -65.39 -79.59 13.37
N ALA B 71 -65.11 -80.86 13.65
CA ALA B 71 -63.88 -81.53 13.21
C ALA B 71 -63.85 -81.86 11.72
N ASP B 72 -65.04 -81.90 11.11
CA ASP B 72 -65.14 -82.20 9.67
C ASP B 72 -65.53 -80.98 8.84
N SER B 73 -65.60 -79.82 9.48
CA SER B 73 -65.93 -78.59 8.80
C SER B 73 -64.70 -78.07 8.04
N LYS B 74 -64.92 -77.07 7.19
CA LYS B 74 -63.83 -76.48 6.40
C LYS B 74 -63.59 -75.03 6.81
N ASN B 75 -64.17 -74.64 7.95
CA ASN B 75 -64.05 -73.28 8.46
C ASN B 75 -63.79 -73.22 9.95
N GLN B 76 -63.10 -74.23 10.47
CA GLN B 76 -62.81 -74.30 11.90
C GLN B 76 -62.21 -72.96 12.32
N LYS B 77 -61.18 -72.56 11.58
CA LYS B 77 -60.44 -71.33 11.79
C LYS B 77 -61.38 -70.15 11.96
N THR B 78 -62.20 -69.92 10.94
CA THR B 78 -63.14 -68.83 10.94
C THR B 78 -64.13 -68.90 12.11
N ILE B 79 -64.91 -69.97 12.13
CA ILE B 79 -65.89 -70.16 13.17
C ILE B 79 -65.35 -69.78 14.55
N CYS B 80 -64.07 -70.07 14.79
CA CYS B 80 -63.50 -69.77 16.09
C CYS B 80 -63.34 -68.28 16.29
N GLN B 81 -63.01 -67.59 15.22
CA GLN B 81 -62.83 -66.14 15.26
C GLN B 81 -64.01 -65.44 15.95
N GLN B 82 -65.18 -65.56 15.30
CA GLN B 82 -66.41 -64.95 15.77
C GLN B 82 -66.53 -65.17 17.26
N ALA B 83 -66.30 -66.40 17.69
CA ALA B 83 -66.38 -66.74 19.09
C ALA B 83 -65.50 -65.81 19.91
N VAL B 84 -64.26 -65.62 19.47
CA VAL B 84 -63.33 -64.75 20.18
C VAL B 84 -63.80 -63.29 20.13
N ASP B 85 -64.29 -62.90 18.96
CA ASP B 85 -64.79 -61.53 18.80
C ASP B 85 -65.86 -61.26 19.87
N THR B 86 -66.74 -62.22 20.05
CA THR B 86 -67.80 -62.07 21.03
C THR B 86 -67.19 -61.86 22.37
N VAL B 87 -66.24 -62.73 22.73
CA VAL B 87 -65.56 -62.65 24.04
C VAL B 87 -64.91 -61.30 24.22
N LEU B 88 -64.34 -60.81 23.11
CA LEU B 88 -63.67 -59.52 23.11
C LEU B 88 -64.70 -58.41 23.25
N ALA B 89 -65.78 -58.55 22.46
CA ALA B 89 -66.90 -57.61 22.43
C ALA B 89 -67.44 -57.40 23.83
N LYS B 90 -67.55 -58.50 24.56
CA LYS B 90 -68.06 -58.46 25.92
C LYS B 90 -67.06 -57.72 26.78
N LYS B 91 -65.77 -58.08 26.66
CA LYS B 91 -64.75 -57.44 27.48
C LYS B 91 -64.79 -55.95 27.29
N ARG B 92 -65.10 -55.53 26.08
CA ARG B 92 -65.17 -54.11 25.78
C ARG B 92 -66.39 -53.51 26.43
N VAL B 93 -67.54 -53.94 25.97
CA VAL B 93 -68.80 -53.45 26.48
C VAL B 93 -68.84 -53.33 27.99
N ASP B 94 -68.07 -54.17 28.66
CA ASP B 94 -68.05 -54.14 30.11
C ASP B 94 -67.16 -53.05 30.65
N SER B 95 -66.06 -52.77 29.96
CA SER B 95 -65.14 -51.74 30.46
C SER B 95 -65.72 -50.36 30.32
N LEU B 96 -66.91 -50.29 29.74
CA LEU B 96 -67.60 -49.02 29.51
C LEU B 96 -68.80 -48.83 30.42
N GLN B 97 -69.54 -49.92 30.64
CA GLN B 97 -70.76 -49.89 31.44
C GLN B 97 -70.61 -50.25 32.94
N LEU B 98 -69.81 -51.27 33.24
CA LEU B 98 -69.64 -51.70 34.65
C LEU B 98 -68.72 -50.72 35.32
N THR B 99 -68.86 -50.57 36.63
CA THR B 99 -68.02 -49.63 37.36
C THR B 99 -66.72 -50.31 37.72
N ARG B 100 -65.71 -49.52 38.07
CA ARG B 100 -64.46 -50.11 38.47
C ARG B 100 -64.64 -51.23 39.52
N GLU B 101 -65.28 -50.93 40.65
CA GLU B 101 -65.46 -51.92 41.71
C GLU B 101 -66.19 -53.14 41.20
N GLN B 102 -67.06 -52.93 40.22
CA GLN B 102 -67.83 -54.02 39.66
C GLN B 102 -66.98 -54.84 38.74
N MET B 103 -65.73 -54.43 38.59
CA MET B 103 -64.81 -55.16 37.72
C MET B 103 -63.89 -56.06 38.58
N LEU B 104 -63.47 -55.54 39.73
CA LEU B 104 -62.62 -56.29 40.63
C LEU B 104 -63.43 -57.45 41.15
N THR B 105 -64.68 -57.17 41.47
CA THR B 105 -65.56 -58.20 41.99
C THR B 105 -65.79 -59.24 40.89
N ASN B 106 -65.82 -58.80 39.65
CA ASN B 106 -66.00 -59.73 38.56
C ASN B 106 -64.73 -60.58 38.39
N ARG B 107 -63.58 -59.97 38.61
CA ARG B 107 -62.28 -60.66 38.52
C ARG B 107 -62.14 -61.69 39.66
N PHE B 108 -62.35 -61.25 40.90
CA PHE B 108 -62.28 -62.11 42.07
C PHE B 108 -63.18 -63.35 41.92
N ASN B 109 -64.32 -63.20 41.25
CA ASN B 109 -65.23 -64.30 41.01
C ASN B 109 -64.66 -65.24 39.96
N ASP B 110 -63.37 -65.08 39.67
CA ASP B 110 -62.71 -65.93 38.70
C ASP B 110 -61.52 -66.55 39.38
N LEU B 111 -60.92 -65.79 40.27
CA LEU B 111 -59.79 -66.30 41.00
C LEU B 111 -60.32 -67.27 42.03
N LEU B 112 -61.35 -66.86 42.75
CA LEU B 112 -61.94 -67.72 43.78
C LEU B 112 -62.52 -68.88 43.04
N ASP B 113 -62.93 -68.63 41.81
CA ASP B 113 -63.50 -69.65 40.94
C ASP B 113 -62.40 -70.65 40.51
N ARG B 114 -61.15 -70.23 40.58
CA ARG B 114 -60.06 -71.10 40.20
C ARG B 114 -59.61 -71.80 41.47
N MET B 115 -59.61 -71.05 42.57
CA MET B 115 -59.22 -71.59 43.87
C MET B 115 -60.16 -72.74 44.25
N ASP B 116 -61.40 -72.66 43.79
CA ASP B 116 -62.37 -73.72 44.08
C ASP B 116 -61.86 -75.02 43.50
N ILE B 117 -60.82 -74.93 42.69
CA ILE B 117 -60.27 -76.13 42.08
C ILE B 117 -58.97 -76.48 42.74
N MET B 118 -58.00 -75.57 42.63
CA MET B 118 -56.67 -75.76 43.23
C MET B 118 -56.78 -76.41 44.59
N PHE B 119 -57.74 -75.96 45.38
CA PHE B 119 -57.92 -76.53 46.69
C PHE B 119 -59.21 -77.34 46.72
N GLY B 120 -59.21 -78.42 45.96
CA GLY B 120 -60.38 -79.27 45.90
C GLY B 120 -60.04 -80.73 45.64
N SER B 121 -61.07 -81.55 45.47
CA SER B 121 -60.88 -82.98 45.22
C SER B 121 -60.35 -83.23 43.81
N THR B 122 -59.95 -82.17 43.13
CA THR B 122 -59.41 -82.29 41.77
C THR B 122 -58.12 -81.51 41.61
N GLY B 123 -57.94 -80.47 42.43
CA GLY B 123 -56.76 -79.63 42.35
C GLY B 123 -55.48 -80.39 42.56
N SER B 124 -54.37 -79.66 42.68
CA SER B 124 -53.06 -80.29 42.85
C SER B 124 -52.19 -79.36 43.66
N ALA B 125 -52.82 -78.42 44.35
CA ALA B 125 -52.09 -77.46 45.16
C ALA B 125 -52.32 -77.66 46.66
N ASP B 126 -51.26 -77.44 47.43
CA ASP B 126 -51.32 -77.61 48.87
C ASP B 126 -51.74 -76.30 49.52
N ILE B 127 -52.99 -76.23 49.97
CA ILE B 127 -53.47 -75.01 50.61
C ILE B 127 -52.47 -74.49 51.66
N GLU B 128 -51.81 -75.44 52.32
CA GLU B 128 -50.84 -75.12 53.36
C GLU B 128 -49.68 -74.35 52.78
N GLU B 129 -49.27 -74.72 51.56
CA GLU B 129 -48.16 -74.07 50.89
C GLU B 129 -48.48 -72.62 50.63
N TRP B 130 -49.68 -72.38 50.07
CA TRP B 130 -50.08 -71.03 49.73
C TRP B 130 -50.14 -70.14 50.94
N MET B 131 -50.85 -70.56 51.98
CA MET B 131 -50.92 -69.74 53.19
C MET B 131 -49.54 -69.31 53.62
N ALA B 132 -48.54 -70.13 53.29
CA ALA B 132 -47.16 -69.84 53.64
C ALA B 132 -46.71 -68.70 52.76
N GLY B 133 -47.06 -68.79 51.48
CA GLY B 133 -46.70 -67.72 50.58
C GLY B 133 -47.23 -66.41 51.12
N VAL B 134 -48.46 -66.45 51.61
CA VAL B 134 -49.09 -65.29 52.18
C VAL B 134 -48.22 -64.80 53.32
N ALA B 135 -47.81 -65.74 54.16
CA ALA B 135 -46.98 -65.40 55.29
C ALA B 135 -45.75 -64.65 54.85
N TRP B 136 -45.03 -65.22 53.87
CA TRP B 136 -43.81 -64.60 53.33
C TRP B 136 -44.14 -63.16 52.86
N LEU B 137 -45.14 -63.07 52.00
CA LEU B 137 -45.57 -61.79 51.45
C LEU B 137 -45.86 -60.82 52.58
N HIS B 138 -46.59 -61.28 53.59
CA HIS B 138 -46.95 -60.43 54.71
C HIS B 138 -45.73 -60.03 55.55
N CYS B 139 -44.53 -60.21 55.01
CA CYS B 139 -43.31 -59.86 55.72
C CYS B 139 -42.49 -58.99 54.82
N LEU B 140 -42.99 -58.85 53.59
CA LEU B 140 -42.33 -58.03 52.57
C LEU B 140 -42.49 -56.51 52.83
N LEU B 141 -43.70 -56.11 53.23
CA LEU B 141 -44.02 -54.70 53.51
C LEU B 141 -44.94 -54.61 54.72
N PRO B 142 -44.71 -53.62 55.58
CA PRO B 142 -45.50 -53.39 56.79
C PRO B 142 -46.98 -53.31 56.45
N LYS B 143 -47.82 -54.00 57.21
CA LYS B 143 -49.28 -53.97 56.99
C LYS B 143 -49.60 -54.25 55.54
N MET B 144 -48.91 -55.25 55.01
CA MET B 144 -49.05 -55.63 53.61
C MET B 144 -50.48 -55.73 53.19
N ASP B 145 -51.32 -56.32 54.03
CA ASP B 145 -52.72 -56.49 53.66
C ASP B 145 -53.37 -55.14 53.46
N SER B 146 -52.93 -54.16 54.23
CA SER B 146 -53.49 -52.83 54.16
C SER B 146 -52.99 -52.16 52.89
N VAL B 147 -51.70 -52.26 52.64
CA VAL B 147 -51.15 -51.71 51.43
C VAL B 147 -51.91 -52.28 50.22
N VAL B 148 -52.06 -53.58 50.15
CA VAL B 148 -52.74 -54.20 49.01
C VAL B 148 -54.15 -53.71 48.90
N TYR B 149 -54.73 -53.43 50.07
CA TYR B 149 -56.08 -52.92 50.13
C TYR B 149 -56.13 -51.51 49.56
N ASP B 150 -55.21 -50.65 50.00
CA ASP B 150 -55.16 -49.28 49.52
C ASP B 150 -54.98 -49.27 48.00
N PHE B 151 -54.05 -50.06 47.50
CA PHE B 151 -53.82 -50.14 46.07
C PHE B 151 -55.14 -50.39 45.33
N LEU B 152 -55.96 -51.26 45.86
CA LEU B 152 -57.20 -51.50 45.21
C LEU B 152 -58.09 -50.21 45.16
N LYS B 153 -58.16 -49.50 46.29
CA LYS B 153 -58.96 -48.29 46.38
C LYS B 153 -58.34 -47.22 45.52
N CYS B 154 -57.13 -47.47 45.09
CA CYS B 154 -56.51 -46.47 44.27
C CYS B 154 -56.71 -46.84 42.82
N MET B 155 -57.00 -48.10 42.55
CA MET B 155 -57.18 -48.54 41.17
C MET B 155 -58.63 -48.54 40.80
N VAL B 156 -59.48 -48.47 41.82
CA VAL B 156 -60.91 -48.48 41.58
C VAL B 156 -61.40 -47.04 41.47
N TYR B 157 -60.87 -46.18 42.32
CA TYR B 157 -61.25 -44.76 42.27
C TYR B 157 -60.84 -44.18 40.91
N ASN B 158 -59.58 -44.35 40.54
CA ASN B 158 -59.06 -43.87 39.27
C ASN B 158 -59.12 -42.35 39.19
N ILE B 159 -58.56 -41.72 40.21
CA ILE B 159 -58.56 -40.27 40.25
C ILE B 159 -57.48 -39.74 39.33
N PRO B 160 -57.84 -38.91 38.34
CA PRO B 160 -56.90 -38.33 37.36
C PRO B 160 -55.61 -37.78 38.00
N LYS B 161 -54.47 -38.07 37.39
CA LYS B 161 -53.16 -37.62 37.90
C LYS B 161 -52.94 -38.11 39.35
N LYS B 162 -53.49 -39.28 39.65
CA LYS B 162 -53.40 -39.90 40.97
C LYS B 162 -53.71 -41.40 40.83
N ARG B 163 -53.43 -41.94 39.64
CA ARG B 163 -53.71 -43.33 39.35
C ARG B 163 -52.52 -44.23 39.12
N TYR B 164 -51.36 -43.90 39.68
CA TYR B 164 -50.19 -44.74 39.50
C TYR B 164 -49.30 -44.79 40.70
N TRP B 165 -48.89 -46.01 41.04
CA TRP B 165 -47.97 -46.30 42.16
C TRP B 165 -46.58 -46.65 41.61
N LEU B 166 -45.55 -46.27 42.35
CA LEU B 166 -44.14 -46.47 41.95
C LEU B 166 -43.33 -47.30 42.93
N PHE B 167 -42.78 -48.41 42.44
CA PHE B 167 -41.96 -49.31 43.23
C PHE B 167 -40.53 -49.04 42.83
N LYS B 168 -39.79 -48.37 43.70
CA LYS B 168 -38.43 -48.02 43.38
C LYS B 168 -37.45 -48.67 44.33
N GLY B 169 -36.75 -49.70 43.88
CA GLY B 169 -35.81 -50.35 44.75
C GLY B 169 -34.70 -51.08 44.01
N PRO B 170 -33.66 -51.55 44.74
CA PRO B 170 -32.51 -52.28 44.18
C PRO B 170 -32.88 -53.57 43.48
N ILE B 171 -31.88 -54.21 42.89
CA ILE B 171 -32.08 -55.46 42.17
C ILE B 171 -32.51 -56.57 43.14
N ASP B 172 -33.54 -57.29 42.74
CA ASP B 172 -34.07 -58.39 43.54
C ASP B 172 -34.38 -57.93 44.97
N SER B 173 -35.37 -57.07 45.09
CA SER B 173 -35.76 -56.54 46.38
C SER B 173 -37.24 -56.85 46.63
N GLY B 174 -37.86 -57.53 45.67
CA GLY B 174 -39.25 -57.92 45.83
C GLY B 174 -40.22 -57.03 45.11
N LYS B 175 -39.69 -55.92 44.60
CA LYS B 175 -40.54 -54.98 43.92
C LYS B 175 -41.26 -55.64 42.77
N THR B 176 -40.56 -56.41 41.96
CA THR B 176 -41.19 -57.07 40.84
C THR B 176 -42.24 -58.09 41.26
N THR B 177 -41.88 -58.88 42.27
CA THR B 177 -42.76 -59.92 42.77
C THR B 177 -44.10 -59.36 43.16
N LEU B 178 -44.08 -58.37 44.04
CA LEU B 178 -45.31 -57.74 44.51
C LEU B 178 -46.13 -57.22 43.34
N ALA B 179 -45.47 -56.50 42.46
CA ALA B 179 -46.10 -55.94 41.29
C ALA B 179 -46.76 -57.06 40.49
N ALA B 180 -45.95 -58.01 40.07
CA ALA B 180 -46.42 -59.17 39.31
C ALA B 180 -47.67 -59.79 39.94
N ALA B 181 -47.74 -59.75 41.27
CA ALA B 181 -48.86 -60.30 42.01
C ALA B 181 -50.08 -59.43 41.83
N LEU B 182 -50.01 -58.18 42.29
CA LEU B 182 -51.12 -57.23 42.18
C LEU B 182 -51.68 -57.24 40.77
N LEU B 183 -50.77 -57.32 39.81
CA LEU B 183 -51.19 -57.33 38.43
C LEU B 183 -52.10 -58.49 38.14
N GLU B 184 -51.88 -59.62 38.81
CA GLU B 184 -52.70 -60.79 38.54
C GLU B 184 -54.01 -60.77 39.34
N LEU B 185 -53.98 -60.02 40.45
CA LEU B 185 -55.15 -59.89 41.31
C LEU B 185 -56.25 -59.09 40.59
N CYS B 186 -55.87 -57.94 40.02
CA CYS B 186 -56.79 -57.08 39.30
C CYS B 186 -56.91 -57.44 37.81
N GLY B 187 -55.94 -58.21 37.33
CA GLY B 187 -55.97 -58.55 35.92
C GLY B 187 -55.41 -57.38 35.13
N GLY B 188 -54.75 -57.68 34.00
CA GLY B 188 -54.19 -56.63 33.17
C GLY B 188 -53.06 -57.02 32.23
N LYS B 189 -52.12 -56.11 32.01
CA LYS B 189 -50.99 -56.42 31.17
C LYS B 189 -49.77 -55.64 31.62
N ALA B 190 -48.61 -56.14 31.22
CA ALA B 190 -47.35 -55.51 31.57
C ALA B 190 -46.72 -55.07 30.27
N LEU B 191 -46.33 -53.81 30.23
CA LEU B 191 -45.72 -53.27 29.01
C LEU B 191 -44.24 -52.92 29.19
N ASN B 192 -43.46 -53.10 28.12
CA ASN B 192 -42.03 -52.81 28.13
C ASN B 192 -41.80 -51.48 27.42
N VAL B 193 -41.61 -50.43 28.18
CA VAL B 193 -41.42 -49.16 27.55
C VAL B 193 -39.94 -48.87 27.40
N ASN B 194 -39.14 -49.93 27.37
CA ASN B 194 -37.70 -49.77 27.25
C ASN B 194 -37.25 -49.91 25.81
N LEU B 195 -37.96 -50.74 25.05
CA LEU B 195 -37.64 -50.93 23.64
C LEU B 195 -37.75 -49.61 22.89
N PRO B 196 -37.39 -49.60 21.58
CA PRO B 196 -37.46 -48.38 20.76
C PRO B 196 -38.84 -47.74 20.76
N LEU B 197 -38.96 -46.58 20.13
CA LEU B 197 -40.25 -45.92 20.09
C LEU B 197 -40.93 -46.13 18.75
N ASP B 198 -40.14 -46.44 17.73
CA ASP B 198 -40.68 -46.65 16.39
C ASP B 198 -41.74 -47.72 16.34
N ARG B 199 -41.75 -48.60 17.34
CA ARG B 199 -42.75 -49.67 17.40
C ARG B 199 -43.22 -49.94 18.82
N LEU B 200 -43.62 -48.89 19.53
CA LEU B 200 -44.11 -49.00 20.89
C LEU B 200 -45.58 -48.60 20.99
N ASN B 201 -46.14 -48.19 19.86
CA ASN B 201 -47.54 -47.82 19.82
C ASN B 201 -48.41 -49.08 19.85
N PHE B 202 -47.82 -50.21 19.46
CA PHE B 202 -48.52 -51.51 19.45
C PHE B 202 -48.31 -52.10 20.84
N GLU B 203 -47.12 -51.85 21.39
CA GLU B 203 -46.77 -52.32 22.71
C GLU B 203 -47.56 -51.51 23.73
N LEU B 204 -48.48 -50.69 23.22
CA LEU B 204 -49.33 -49.87 24.09
C LEU B 204 -50.79 -50.25 23.83
N GLY B 205 -51.07 -50.82 22.68
CA GLY B 205 -52.42 -51.22 22.39
C GLY B 205 -52.79 -52.40 23.26
N VAL B 206 -51.83 -52.88 24.02
CA VAL B 206 -52.12 -54.01 24.87
C VAL B 206 -52.85 -53.56 26.09
N ALA B 207 -52.88 -52.24 26.31
CA ALA B 207 -53.55 -51.71 27.49
C ALA B 207 -55.04 -51.52 27.19
N ILE B 208 -55.46 -51.94 26.01
CA ILE B 208 -56.85 -51.79 25.61
C ILE B 208 -57.75 -52.64 26.48
N ASP B 209 -58.68 -51.98 27.15
CA ASP B 209 -59.64 -52.66 28.02
C ASP B 209 -58.95 -53.41 29.16
N GLN B 210 -57.81 -52.93 29.61
CA GLN B 210 -57.17 -53.64 30.68
C GLN B 210 -57.41 -52.86 31.98
N PHE B 211 -57.68 -53.57 33.07
CA PHE B 211 -57.95 -52.89 34.33
C PHE B 211 -56.79 -52.03 34.70
N LEU B 212 -55.61 -52.63 34.82
CA LEU B 212 -54.44 -51.83 35.12
C LEU B 212 -53.27 -52.22 34.21
N VAL B 213 -52.22 -51.41 34.24
CA VAL B 213 -51.04 -51.66 33.43
C VAL B 213 -49.79 -51.65 34.30
N VAL B 214 -48.80 -52.45 33.94
CA VAL B 214 -47.57 -52.49 34.71
C VAL B 214 -46.38 -52.28 33.82
N PHE B 215 -45.51 -51.37 34.22
CA PHE B 215 -44.30 -51.09 33.45
C PHE B 215 -43.14 -51.72 34.21
N GLU B 216 -42.87 -52.99 33.89
CA GLU B 216 -41.80 -53.74 34.53
C GLU B 216 -40.37 -53.26 34.24
N ASP B 217 -39.65 -52.96 35.31
CA ASP B 217 -38.26 -52.49 35.30
C ASP B 217 -37.99 -51.49 34.19
N VAL B 218 -38.18 -50.21 34.50
CA VAL B 218 -37.97 -49.18 33.53
C VAL B 218 -36.60 -48.56 33.70
N LYS B 219 -35.82 -48.54 32.63
CA LYS B 219 -34.48 -47.98 32.67
C LYS B 219 -34.50 -46.47 32.46
N GLY B 220 -33.86 -45.72 33.37
CA GLY B 220 -33.83 -44.28 33.28
C GLY B 220 -32.48 -43.78 32.84
N THR B 221 -31.96 -42.78 33.56
CA THR B 221 -30.66 -42.23 33.25
C THR B 221 -29.98 -41.70 34.50
N GLY B 222 -28.80 -41.14 34.33
CA GLY B 222 -28.06 -40.59 35.47
C GLY B 222 -27.75 -41.60 36.56
N GLY B 223 -27.99 -42.88 36.25
CA GLY B 223 -27.69 -43.90 37.22
C GLY B 223 -26.29 -44.46 37.04
N GLU B 224 -25.52 -43.88 36.12
CA GLU B 224 -24.16 -44.35 35.86
C GLU B 224 -23.36 -44.55 37.15
N SER B 225 -23.51 -43.63 38.08
CA SER B 225 -22.80 -43.69 39.35
C SER B 225 -23.13 -44.94 40.14
N ARG B 226 -24.27 -45.55 39.85
CA ARG B 226 -24.70 -46.76 40.55
C ARG B 226 -24.57 -47.99 39.65
N ASP B 227 -23.76 -47.86 38.60
CA ASP B 227 -23.54 -48.95 37.66
C ASP B 227 -24.84 -49.46 37.06
N LEU B 228 -25.70 -48.54 36.63
CA LEU B 228 -27.02 -48.83 36.02
C LEU B 228 -27.06 -48.29 34.60
N PRO B 229 -26.95 -49.18 33.61
CA PRO B 229 -26.99 -48.81 32.19
C PRO B 229 -28.13 -47.85 31.87
N SER B 230 -27.83 -46.82 31.09
CA SER B 230 -28.84 -45.85 30.71
C SER B 230 -29.80 -46.39 29.65
N GLY B 231 -31.08 -46.08 29.81
CA GLY B 231 -32.12 -46.52 28.87
C GLY B 231 -33.20 -45.47 28.66
N GLN B 232 -33.82 -45.46 27.50
CA GLN B 232 -34.85 -44.47 27.21
C GLN B 232 -36.21 -44.86 27.79
N GLY B 233 -36.20 -45.55 28.92
CA GLY B 233 -37.46 -45.98 29.51
C GLY B 233 -38.20 -44.87 30.22
N ILE B 234 -37.61 -44.32 31.28
CA ILE B 234 -38.23 -43.23 32.03
C ILE B 234 -38.62 -42.09 31.10
N ASN B 235 -37.69 -41.71 30.22
CA ASN B 235 -37.97 -40.62 29.30
C ASN B 235 -39.12 -40.91 28.33
N ASN B 236 -39.32 -42.18 28.02
CA ASN B 236 -40.43 -42.54 27.17
C ASN B 236 -41.77 -42.33 27.89
N LEU B 237 -41.84 -42.65 29.18
CA LEU B 237 -43.09 -42.45 29.92
C LEU B 237 -43.44 -40.97 29.96
N ASP B 238 -42.44 -40.12 30.14
CA ASP B 238 -42.69 -38.70 30.19
C ASP B 238 -43.39 -38.24 28.91
N ASN B 239 -43.07 -38.89 27.81
CA ASN B 239 -43.69 -38.55 26.53
C ASN B 239 -45.07 -39.20 26.46
N LEU B 240 -45.60 -39.56 27.61
CA LEU B 240 -46.93 -40.18 27.65
C LEU B 240 -47.67 -39.65 28.86
N ARG B 241 -47.40 -38.39 29.19
CA ARG B 241 -48.02 -37.76 30.34
C ARG B 241 -49.54 -37.89 30.33
N ASP B 242 -50.17 -37.67 29.19
CA ASP B 242 -51.63 -37.77 29.08
C ASP B 242 -52.13 -39.20 29.25
N TYR B 243 -51.19 -40.15 29.34
CA TYR B 243 -51.58 -41.53 29.50
C TYR B 243 -51.67 -41.80 30.97
N LEU B 244 -50.61 -41.49 31.68
CA LEU B 244 -50.56 -41.73 33.12
C LEU B 244 -51.52 -40.85 33.94
N ASP B 245 -51.95 -39.75 33.34
CA ASP B 245 -52.84 -38.84 34.02
C ASP B 245 -54.23 -39.39 34.06
N GLY B 246 -54.78 -39.62 32.89
CA GLY B 246 -56.12 -40.17 32.83
C GLY B 246 -57.19 -39.11 32.77
N SER B 247 -56.78 -37.90 32.40
CA SER B 247 -57.74 -36.81 32.28
C SER B 247 -58.39 -36.88 30.93
N VAL B 248 -57.61 -37.12 29.88
CA VAL B 248 -58.17 -37.19 28.54
C VAL B 248 -57.92 -38.56 27.94
N LYS B 249 -58.82 -39.03 27.09
CA LYS B 249 -58.67 -40.34 26.49
C LYS B 249 -57.61 -40.34 25.40
N VAL B 250 -56.61 -41.21 25.53
CA VAL B 250 -55.54 -41.32 24.55
C VAL B 250 -55.95 -42.30 23.46
N ASN B 251 -55.14 -42.42 22.42
CA ASN B 251 -55.47 -43.36 21.35
C ASN B 251 -54.51 -44.56 21.28
N LEU B 252 -55.05 -45.74 21.58
CA LEU B 252 -54.28 -46.98 21.57
C LEU B 252 -54.60 -47.69 20.25
N GLU B 253 -53.63 -48.39 19.69
CA GLU B 253 -53.91 -49.07 18.42
C GLU B 253 -53.18 -50.39 18.26
N LYS B 254 -53.90 -51.42 17.83
CA LYS B 254 -53.33 -52.74 17.58
C LYS B 254 -53.01 -52.89 16.09
N LYS B 255 -52.09 -53.78 15.75
CA LYS B 255 -51.71 -53.98 14.35
C LYS B 255 -52.88 -53.92 13.39
N HIS B 256 -52.95 -52.85 12.60
CA HIS B 256 -54.00 -52.62 11.61
C HIS B 256 -55.36 -53.21 12.00
N LEU B 257 -55.72 -53.04 13.26
CA LEU B 257 -56.98 -53.56 13.76
C LEU B 257 -57.29 -52.89 15.08
N ASN B 258 -58.57 -52.63 15.35
CA ASN B 258 -59.00 -52.03 16.61
C ASN B 258 -58.17 -50.82 17.09
N LYS B 259 -58.44 -49.63 16.54
CA LYS B 259 -57.74 -48.39 16.95
C LYS B 259 -58.64 -47.67 17.94
N ARG B 260 -58.71 -48.21 19.16
CA ARG B 260 -59.53 -47.67 20.24
C ARG B 260 -59.07 -46.34 20.78
N THR B 261 -60.03 -45.49 21.11
CA THR B 261 -59.73 -44.19 21.67
C THR B 261 -60.24 -44.24 23.08
N GLN B 262 -59.49 -44.83 23.99
CA GLN B 262 -59.96 -44.93 25.37
C GLN B 262 -59.09 -44.15 26.33
N ILE B 263 -59.39 -44.27 27.62
CA ILE B 263 -58.59 -43.61 28.63
C ILE B 263 -57.61 -44.65 29.23
N PHE B 264 -56.31 -44.39 29.08
CA PHE B 264 -55.28 -45.32 29.57
C PHE B 264 -55.55 -45.88 30.98
N PRO B 265 -55.28 -47.17 31.19
CA PRO B 265 -55.50 -47.82 32.49
C PRO B 265 -54.48 -47.39 33.53
N PRO B 266 -54.84 -47.43 34.82
CA PRO B 266 -53.90 -47.05 35.89
C PRO B 266 -52.93 -48.21 36.15
N GLY B 267 -51.98 -48.01 37.05
CA GLY B 267 -51.04 -49.08 37.34
C GLY B 267 -49.81 -48.74 38.16
N ILE B 268 -48.80 -49.60 38.04
CA ILE B 268 -47.57 -49.41 38.81
C ILE B 268 -46.34 -49.30 37.91
N VAL B 269 -45.26 -48.78 38.48
CA VAL B 269 -44.03 -48.66 37.75
C VAL B 269 -42.89 -49.15 38.64
N THR B 270 -42.03 -50.00 38.09
CA THR B 270 -40.88 -50.55 38.84
C THR B 270 -39.59 -50.24 38.13
N MET B 271 -38.65 -49.67 38.86
CA MET B 271 -37.36 -49.29 38.29
C MET B 271 -36.19 -49.42 39.28
N ASN B 272 -34.97 -49.42 38.76
CA ASN B 272 -33.79 -49.55 39.61
C ASN B 272 -33.19 -48.22 40.11
N GLU B 273 -33.86 -47.57 41.05
CA GLU B 273 -33.35 -46.34 41.62
C GLU B 273 -32.66 -45.36 40.67
N TYR B 274 -33.30 -45.07 39.54
CA TYR B 274 -32.77 -44.07 38.62
C TYR B 274 -33.28 -42.68 39.01
N SER B 275 -33.15 -41.71 38.12
CA SER B 275 -33.61 -40.37 38.43
C SER B 275 -34.96 -40.15 37.77
N VAL B 276 -35.93 -39.66 38.53
CA VAL B 276 -37.28 -39.40 38.03
C VAL B 276 -37.54 -37.90 37.89
N PRO B 277 -37.88 -37.43 36.66
CA PRO B 277 -38.18 -36.03 36.35
C PRO B 277 -39.35 -35.56 37.19
N LYS B 278 -39.25 -34.33 37.67
CA LYS B 278 -40.30 -33.79 38.50
C LYS B 278 -41.65 -33.76 37.79
N THR B 279 -41.63 -33.99 36.49
CA THR B 279 -42.87 -33.96 35.74
C THR B 279 -43.47 -35.32 35.69
N LEU B 280 -42.75 -36.30 36.21
CA LEU B 280 -43.24 -37.67 36.23
C LEU B 280 -43.54 -38.11 37.65
N GLN B 281 -42.69 -37.67 38.58
CA GLN B 281 -42.80 -37.98 40.00
C GLN B 281 -44.09 -37.43 40.53
N ALA B 282 -44.70 -36.53 39.76
CA ALA B 282 -45.97 -35.91 40.19
C ALA B 282 -47.15 -36.78 39.75
N ARG B 283 -46.90 -37.66 38.80
CA ARG B 283 -47.92 -38.56 38.33
C ARG B 283 -47.90 -39.85 39.15
N PHE B 284 -47.10 -39.84 40.21
CA PHE B 284 -46.97 -40.98 41.12
C PHE B 284 -47.44 -40.58 42.53
N VAL B 285 -48.65 -41.01 42.87
CA VAL B 285 -49.29 -40.72 44.15
C VAL B 285 -48.46 -41.21 45.30
N LYS B 286 -48.18 -42.51 45.30
CA LYS B 286 -47.38 -43.13 46.36
C LYS B 286 -46.18 -43.87 45.79
N GLN B 287 -45.06 -43.76 46.50
CA GLN B 287 -43.79 -44.39 46.11
C GLN B 287 -43.31 -45.29 47.23
N ILE B 288 -43.33 -46.60 47.03
CA ILE B 288 -42.85 -47.56 48.01
C ILE B 288 -41.39 -47.92 47.72
N ASP B 289 -40.51 -47.67 48.67
CA ASP B 289 -39.11 -47.98 48.45
C ASP B 289 -38.77 -49.35 48.99
N PHE B 290 -38.45 -50.29 48.09
CA PHE B 290 -38.11 -51.66 48.47
C PHE B 290 -36.63 -51.80 48.79
N ARG B 291 -36.33 -52.59 49.83
CA ARG B 291 -34.97 -52.85 50.29
C ARG B 291 -34.77 -54.35 50.42
N PRO B 292 -33.67 -54.86 49.86
CA PRO B 292 -33.39 -56.29 49.92
C PRO B 292 -33.21 -56.74 51.35
N LYS B 293 -34.15 -57.56 51.81
CA LYS B 293 -34.08 -58.08 53.16
C LYS B 293 -33.56 -59.51 53.18
N ASP B 294 -32.39 -59.67 53.77
CA ASP B 294 -31.72 -60.98 53.88
C ASP B 294 -32.61 -62.12 54.43
N TYR B 295 -33.26 -61.90 55.57
CA TYR B 295 -34.08 -62.94 56.17
C TYR B 295 -35.12 -63.49 55.20
N LEU B 296 -35.71 -62.61 54.42
CA LEU B 296 -36.70 -63.06 53.46
C LEU B 296 -36.02 -63.92 52.41
N LYS B 297 -34.79 -63.55 52.09
CA LYS B 297 -34.01 -64.26 51.09
C LYS B 297 -33.76 -65.68 51.51
N HIS B 298 -33.07 -65.83 52.63
CA HIS B 298 -32.74 -67.14 53.13
C HIS B 298 -34.01 -67.94 53.28
N CYS B 299 -35.07 -67.33 53.80
CA CYS B 299 -36.30 -68.08 53.99
C CYS B 299 -36.69 -68.82 52.74
N LEU B 300 -36.56 -68.14 51.61
CA LEU B 300 -36.92 -68.72 50.33
C LEU B 300 -36.00 -69.86 50.00
N GLU B 301 -34.72 -69.70 50.32
CA GLU B 301 -33.73 -70.75 50.05
C GLU B 301 -34.17 -72.06 50.69
N ARG B 302 -34.83 -71.96 51.85
CA ARG B 302 -35.29 -73.14 52.57
C ARG B 302 -36.73 -73.43 52.27
N SER B 303 -37.37 -72.55 51.49
CA SER B 303 -38.76 -72.72 51.09
C SER B 303 -38.85 -72.66 49.57
N GLU B 304 -37.93 -73.35 48.91
CA GLU B 304 -37.86 -73.35 47.43
C GLU B 304 -39.22 -73.40 46.75
N PHE B 305 -40.09 -74.28 47.23
CA PHE B 305 -41.41 -74.43 46.64
C PHE B 305 -42.18 -73.12 46.38
N LEU B 306 -41.86 -72.06 47.12
CA LEU B 306 -42.54 -70.80 46.92
C LEU B 306 -42.20 -70.15 45.59
N LEU B 307 -41.09 -70.56 44.98
CA LEU B 307 -40.69 -70.01 43.68
C LEU B 307 -41.02 -71.00 42.60
N GLU B 308 -40.61 -72.25 42.79
CA GLU B 308 -40.83 -73.29 41.80
C GLU B 308 -42.25 -73.34 41.37
N LYS B 309 -43.15 -73.00 42.29
CA LYS B 309 -44.58 -73.06 42.03
C LYS B 309 -45.16 -71.69 41.77
N ARG B 310 -44.32 -70.65 41.84
CA ARG B 310 -44.74 -69.29 41.60
C ARG B 310 -45.93 -68.97 42.48
N ILE B 311 -45.67 -68.62 43.74
CA ILE B 311 -46.74 -68.31 44.68
C ILE B 311 -46.60 -66.94 45.29
N ILE B 312 -45.39 -66.51 45.60
CA ILE B 312 -45.24 -65.19 46.19
C ILE B 312 -45.54 -64.09 45.17
N GLN B 313 -45.72 -64.47 43.92
CA GLN B 313 -46.02 -63.51 42.86
C GLN B 313 -47.29 -63.84 42.13
N SER B 314 -48.19 -64.50 42.84
CA SER B 314 -49.47 -64.86 42.28
C SER B 314 -50.58 -64.04 42.90
N GLY B 315 -51.58 -63.71 42.08
CA GLY B 315 -52.70 -62.94 42.58
C GLY B 315 -53.46 -63.68 43.65
N ILE B 316 -53.69 -64.96 43.37
CA ILE B 316 -54.40 -65.79 44.32
C ILE B 316 -53.80 -65.70 45.70
N ALA B 317 -52.50 -65.49 45.78
CA ALA B 317 -51.85 -65.38 47.07
C ALA B 317 -52.37 -64.19 47.86
N LEU B 318 -52.28 -63.01 47.25
CA LEU B 318 -52.73 -61.78 47.90
C LEU B 318 -54.22 -61.86 48.21
N LEU B 319 -55.02 -62.28 47.23
CA LEU B 319 -56.47 -62.43 47.44
C LEU B 319 -56.74 -63.20 48.75
N LEU B 320 -56.03 -64.32 48.92
CA LEU B 320 -56.13 -65.16 50.11
C LEU B 320 -55.79 -64.32 51.31
N MET B 321 -54.72 -63.53 51.20
CA MET B 321 -54.27 -62.66 52.31
C MET B 321 -55.38 -61.71 52.72
N LEU B 322 -56.16 -61.34 51.71
CA LEU B 322 -57.27 -60.45 51.91
C LEU B 322 -58.42 -61.18 52.55
N ILE B 323 -58.69 -62.40 52.10
CA ILE B 323 -59.79 -63.17 52.67
C ILE B 323 -59.43 -63.46 54.12
N TRP B 324 -58.14 -63.38 54.43
CA TRP B 324 -57.63 -63.67 55.76
C TRP B 324 -57.79 -62.50 56.73
N TYR B 325 -57.15 -61.36 56.44
CA TYR B 325 -57.18 -60.20 57.34
C TYR B 325 -58.39 -59.28 57.18
N ARG B 326 -58.60 -58.83 55.97
CA ARG B 326 -59.70 -57.95 55.66
C ARG B 326 -61.11 -58.41 56.08
N PRO B 327 -61.91 -57.48 56.64
CA PRO B 327 -63.29 -57.71 57.10
C PRO B 327 -64.25 -57.98 55.95
N VAL B 328 -65.32 -58.68 56.26
CA VAL B 328 -66.28 -59.04 55.23
C VAL B 328 -66.85 -57.84 54.54
N ALA B 329 -67.12 -56.82 55.35
CA ALA B 329 -67.69 -55.59 54.82
C ALA B 329 -66.85 -55.00 53.70
N GLU B 330 -65.53 -54.94 53.86
CA GLU B 330 -64.64 -54.38 52.83
C GLU B 330 -64.94 -54.95 51.44
N PHE B 331 -65.35 -56.21 51.37
CA PHE B 331 -65.64 -56.84 50.10
C PHE B 331 -67.04 -56.46 49.67
N ALA B 332 -67.29 -56.42 48.37
CA ALA B 332 -68.60 -56.10 47.81
C ALA B 332 -69.70 -57.04 48.32
N GLN B 333 -70.93 -56.54 48.43
CA GLN B 333 -72.03 -57.35 48.93
C GLN B 333 -72.18 -58.65 48.16
N SER B 334 -72.27 -58.53 46.84
CA SER B 334 -72.46 -59.70 45.99
C SER B 334 -71.33 -60.71 46.01
N ILE B 335 -70.42 -60.52 46.96
CA ILE B 335 -69.29 -61.42 47.08
C ILE B 335 -69.06 -61.81 48.53
N GLN B 336 -69.51 -60.96 49.46
CA GLN B 336 -69.34 -61.21 50.88
C GLN B 336 -69.76 -62.64 51.22
N SER B 337 -70.75 -63.13 50.48
CA SER B 337 -71.25 -64.47 50.69
C SER B 337 -70.18 -65.52 50.39
N ARG B 338 -69.59 -65.40 49.21
CA ARG B 338 -68.58 -66.35 48.81
C ARG B 338 -67.29 -66.10 49.59
N ILE B 339 -67.17 -64.92 50.19
CA ILE B 339 -65.97 -64.63 50.94
C ILE B 339 -65.99 -65.36 52.26
N VAL B 340 -67.11 -65.28 52.95
CA VAL B 340 -67.24 -65.95 54.24
C VAL B 340 -67.14 -67.43 53.94
N GLU B 341 -67.70 -67.83 52.82
CA GLU B 341 -67.64 -69.24 52.43
C GLU B 341 -66.18 -69.71 52.38
N TRP B 342 -65.24 -68.77 52.50
CA TRP B 342 -63.83 -69.08 52.47
C TRP B 342 -63.20 -68.72 53.80
N LYS B 343 -63.58 -67.59 54.36
CA LYS B 343 -63.00 -67.18 55.63
C LYS B 343 -63.16 -68.29 56.65
N GLU B 344 -64.11 -69.19 56.36
CA GLU B 344 -64.39 -70.32 57.23
C GLU B 344 -63.51 -71.47 56.78
N ARG B 345 -63.44 -71.70 55.46
CA ARG B 345 -62.60 -72.77 54.90
C ARG B 345 -61.15 -72.59 55.36
N LEU B 346 -60.71 -71.35 55.50
CA LEU B 346 -59.37 -71.12 55.95
C LEU B 346 -59.30 -71.25 57.45
N ASP B 347 -60.30 -70.69 58.13
CA ASP B 347 -60.34 -70.73 59.59
C ASP B 347 -60.28 -72.17 60.04
N LYS B 348 -60.88 -73.04 59.23
CA LYS B 348 -60.93 -74.46 59.51
C LYS B 348 -59.60 -75.09 59.15
N GLU B 349 -59.20 -74.91 57.90
CA GLU B 349 -57.95 -75.47 57.39
C GLU B 349 -56.71 -75.04 58.18
N PHE B 350 -56.77 -73.89 58.85
CA PHE B 350 -55.63 -73.41 59.63
C PHE B 350 -56.01 -72.86 60.99
N SER B 351 -55.04 -72.25 61.64
CA SER B 351 -55.24 -71.71 62.98
C SER B 351 -54.43 -70.45 63.18
N LEU B 352 -54.95 -69.54 63.98
CA LEU B 352 -54.22 -68.32 64.19
C LEU B 352 -52.80 -68.62 64.66
N SER B 353 -52.69 -69.58 65.58
CA SER B 353 -51.40 -69.91 66.14
C SER B 353 -50.46 -70.47 65.08
N VAL B 354 -50.97 -71.38 64.26
CA VAL B 354 -50.18 -71.97 63.20
C VAL B 354 -49.61 -70.87 62.30
N TYR B 355 -50.47 -70.00 61.80
CA TYR B 355 -50.05 -68.92 60.93
C TYR B 355 -48.97 -68.10 61.62
N GLN B 356 -49.22 -67.73 62.87
CA GLN B 356 -48.27 -66.94 63.64
C GLN B 356 -46.88 -67.52 63.44
N LYS B 357 -46.78 -68.83 63.65
CA LYS B 357 -45.53 -69.58 63.52
C LYS B 357 -44.87 -69.29 62.18
N MET B 358 -45.66 -69.34 61.12
CA MET B 358 -45.16 -69.10 59.77
C MET B 358 -44.40 -67.79 59.64
N LYS B 359 -45.06 -66.67 59.87
CA LYS B 359 -44.39 -65.39 59.77
C LYS B 359 -43.16 -65.35 60.66
N PHE B 360 -43.19 -66.16 61.73
CA PHE B 360 -42.09 -66.24 62.68
C PHE B 360 -40.88 -66.83 62.01
N ASN B 361 -41.10 -67.92 61.29
CA ASN B 361 -40.02 -68.59 60.55
C ASN B 361 -39.41 -67.66 59.51
N VAL B 362 -40.29 -66.99 58.76
CA VAL B 362 -39.87 -66.05 57.72
C VAL B 362 -39.05 -64.97 58.40
N ALA B 363 -39.52 -64.49 59.53
CA ALA B 363 -38.79 -63.46 60.26
C ALA B 363 -37.42 -63.98 60.75
N MET B 364 -37.36 -65.27 61.06
CA MET B 364 -36.12 -65.87 61.52
C MET B 364 -35.19 -66.20 60.35
N GLY B 365 -35.76 -66.36 59.17
CA GLY B 365 -34.93 -66.65 58.02
C GLY B 365 -34.90 -68.13 57.72
N ILE B 366 -35.85 -68.86 58.27
CA ILE B 366 -35.93 -70.30 58.03
C ILE B 366 -37.15 -70.64 57.17
N GLY B 367 -37.28 -71.91 56.80
CA GLY B 367 -38.40 -72.31 55.98
C GLY B 367 -39.73 -72.09 56.70
N VAL B 368 -40.73 -71.66 55.96
CA VAL B 368 -42.03 -71.38 56.55
C VAL B 368 -42.64 -72.61 57.19
N LEU B 369 -42.61 -73.72 56.47
CA LEU B 369 -43.19 -74.96 56.99
C LEU B 369 -42.21 -75.71 57.90
N ASP B 370 -42.26 -75.40 59.20
CA ASP B 370 -41.39 -76.03 60.18
C ASP B 370 -42.18 -76.47 61.42
N THR C 8 -87.08 -68.97 6.01
CA THR C 8 -85.76 -69.40 6.56
C THR C 8 -85.33 -68.47 7.70
N LYS C 9 -85.97 -67.30 7.78
CA LYS C 9 -85.66 -66.29 8.80
C LYS C 9 -84.19 -65.83 8.82
N GLN C 10 -83.90 -64.78 8.07
CA GLN C 10 -82.55 -64.24 7.99
C GLN C 10 -82.43 -63.04 8.91
N VAL C 11 -81.27 -62.40 8.90
CA VAL C 11 -81.06 -61.26 9.77
C VAL C 11 -81.30 -59.94 9.06
N SER C 12 -81.61 -58.91 9.83
CA SER C 12 -81.86 -57.57 9.31
C SER C 12 -80.69 -56.61 9.55
N TRP C 13 -79.81 -56.49 8.57
CA TRP C 13 -78.68 -55.60 8.71
C TRP C 13 -79.18 -54.21 9.02
N LYS C 14 -80.22 -53.81 8.27
CA LYS C 14 -80.81 -52.49 8.44
C LYS C 14 -81.17 -52.17 9.88
N LEU C 15 -81.76 -53.13 10.59
CA LEU C 15 -82.14 -52.93 11.98
C LEU C 15 -80.93 -52.63 12.86
N VAL C 16 -79.82 -53.29 12.58
CA VAL C 16 -78.60 -53.11 13.36
C VAL C 16 -78.07 -51.71 13.09
N THR C 17 -77.98 -51.38 11.80
CA THR C 17 -77.48 -50.09 11.39
C THR C 17 -78.22 -49.02 12.18
N GLU C 18 -79.53 -49.20 12.28
CA GLU C 18 -80.39 -48.26 12.98
C GLU C 18 -79.98 -48.13 14.45
N TYR C 19 -79.55 -49.24 15.03
CA TYR C 19 -79.17 -49.20 16.43
C TYR C 19 -77.88 -48.41 16.55
N ALA C 20 -76.94 -48.71 15.66
CA ALA C 20 -75.63 -48.06 15.67
C ALA C 20 -75.76 -46.56 15.58
N MET C 21 -76.79 -46.15 14.84
CA MET C 21 -77.09 -44.76 14.62
C MET C 21 -77.70 -44.18 15.87
N GLU C 22 -78.83 -44.71 16.31
CA GLU C 22 -79.49 -44.14 17.47
C GLU C 22 -78.63 -44.10 18.72
N THR C 23 -77.38 -44.56 18.60
CA THR C 23 -76.47 -44.56 19.73
C THR C 23 -75.13 -44.01 19.29
N LYS C 24 -75.03 -43.77 17.98
CA LYS C 24 -73.84 -43.24 17.33
C LYS C 24 -72.64 -44.08 17.71
N CYS C 25 -72.78 -45.39 17.57
CA CYS C 25 -71.72 -46.32 17.90
C CYS C 25 -70.73 -46.47 16.74
N ASP C 26 -69.49 -46.07 16.98
CA ASP C 26 -68.46 -46.12 15.94
C ASP C 26 -67.53 -47.31 16.13
N ASP C 27 -67.65 -47.97 17.28
CA ASP C 27 -66.83 -49.15 17.59
C ASP C 27 -67.51 -50.46 17.15
N VAL C 28 -66.95 -51.13 16.15
CA VAL C 28 -67.51 -52.39 15.70
C VAL C 28 -67.71 -53.40 16.82
N LEU C 29 -66.66 -53.73 17.56
CA LEU C 29 -66.81 -54.69 18.65
C LEU C 29 -67.82 -54.22 19.67
N LEU C 30 -67.72 -52.96 20.07
CA LEU C 30 -68.64 -52.42 21.06
C LEU C 30 -70.08 -52.60 20.57
N LEU C 31 -70.25 -52.57 19.25
CA LEU C 31 -71.58 -52.73 18.72
C LEU C 31 -72.01 -54.17 18.85
N LEU C 32 -71.08 -55.07 18.50
CA LEU C 32 -71.36 -56.50 18.55
C LEU C 32 -71.73 -56.88 19.95
N GLY C 33 -71.20 -56.17 20.92
CA GLY C 33 -71.50 -56.51 22.28
C GLY C 33 -72.85 -56.00 22.73
N MET C 34 -73.19 -54.79 22.33
CA MET C 34 -74.46 -54.22 22.72
C MET C 34 -75.63 -54.96 22.07
N TYR C 35 -75.49 -55.30 20.80
CA TYR C 35 -76.58 -55.95 20.13
C TYR C 35 -76.78 -57.38 20.60
N LEU C 36 -75.72 -57.96 21.14
CA LEU C 36 -75.82 -59.34 21.62
C LEU C 36 -76.60 -59.40 22.89
N GLU C 37 -76.63 -58.29 23.64
CA GLU C 37 -77.39 -58.25 24.89
C GLU C 37 -78.89 -58.26 24.56
N PHE C 38 -79.25 -57.88 23.35
CA PHE C 38 -80.65 -57.88 22.94
C PHE C 38 -81.10 -59.29 22.55
N GLN C 39 -80.22 -60.25 22.81
CA GLN C 39 -80.47 -61.66 22.49
C GLN C 39 -81.35 -62.31 23.56
N TYR C 40 -81.17 -61.89 24.80
CA TYR C 40 -81.92 -62.43 25.93
C TYR C 40 -83.37 -61.91 26.00
N SER C 41 -84.17 -62.54 26.84
CA SER C 41 -85.55 -62.16 27.01
C SER C 41 -85.71 -60.72 27.48
N PHE C 42 -86.74 -60.06 26.97
CA PHE C 42 -87.00 -58.67 27.32
C PHE C 42 -87.65 -58.58 28.70
N GLU C 43 -88.76 -59.30 28.88
CA GLU C 43 -89.50 -59.29 30.14
C GLU C 43 -88.62 -59.69 31.33
N MET C 44 -87.52 -60.38 31.04
CA MET C 44 -86.63 -60.81 32.09
C MET C 44 -85.42 -59.91 32.27
N CYS C 45 -85.05 -59.12 31.24
CA CYS C 45 -83.86 -58.25 31.36
C CYS C 45 -83.80 -57.53 32.71
N LEU C 46 -82.82 -57.91 33.51
CA LEU C 46 -82.63 -57.31 34.83
C LEU C 46 -81.98 -55.94 34.63
N LYS C 47 -81.24 -55.81 33.53
CA LYS C 47 -80.50 -54.59 33.20
C LYS C 47 -81.42 -53.49 32.66
N CYS C 48 -82.71 -53.77 32.67
CA CYS C 48 -83.72 -52.86 32.16
C CYS C 48 -84.59 -52.38 33.31
N ILE C 49 -85.16 -53.32 34.06
CA ILE C 49 -85.99 -52.99 35.20
C ILE C 49 -85.17 -52.22 36.24
N LYS C 50 -83.84 -52.36 36.17
CA LYS C 50 -82.95 -51.69 37.11
C LYS C 50 -82.54 -50.34 36.55
N LYS C 51 -82.57 -50.23 35.23
CA LYS C 51 -82.24 -49.00 34.52
C LYS C 51 -80.87 -48.49 34.91
N GLU C 52 -79.84 -48.95 34.20
CA GLU C 52 -78.48 -48.52 34.48
C GLU C 52 -77.82 -48.06 33.18
N GLN C 53 -78.27 -48.63 32.07
CA GLN C 53 -77.76 -48.28 30.74
C GLN C 53 -78.83 -47.91 29.71
N PRO C 54 -78.94 -46.61 29.39
CA PRO C 54 -79.92 -46.14 28.42
C PRO C 54 -79.74 -46.83 27.08
N SER C 55 -78.49 -46.89 26.64
CA SER C 55 -78.16 -47.51 25.36
C SER C 55 -78.67 -48.91 25.21
N HIS C 56 -79.05 -49.52 26.33
CA HIS C 56 -79.54 -50.90 26.29
C HIS C 56 -81.05 -51.06 26.34
N TYR C 57 -81.67 -50.58 27.41
CA TYR C 57 -83.12 -50.72 27.61
C TYR C 57 -84.01 -49.92 26.68
N LYS C 58 -83.44 -48.92 26.04
CA LYS C 58 -84.23 -48.14 25.15
C LYS C 58 -84.45 -48.80 23.76
N TYR C 59 -83.78 -49.91 23.47
CA TYR C 59 -83.94 -50.54 22.16
C TYR C 59 -84.08 -52.08 22.19
N HIS C 60 -83.84 -52.65 23.37
CA HIS C 60 -83.91 -54.11 23.49
C HIS C 60 -85.23 -54.67 22.96
N GLU C 61 -86.30 -54.30 23.63
CA GLU C 61 -87.64 -54.75 23.27
C GLU C 61 -87.80 -54.61 21.77
N LYS C 62 -87.46 -53.46 21.26
CA LYS C 62 -87.58 -53.24 19.85
C LYS C 62 -86.77 -54.21 19.01
N HIS C 63 -85.46 -54.27 19.29
CA HIS C 63 -84.51 -55.13 18.55
C HIS C 63 -84.43 -56.58 19.03
N TYR C 64 -85.17 -56.88 20.07
CA TYR C 64 -85.21 -58.24 20.61
C TYR C 64 -85.51 -59.31 19.51
N ALA C 65 -86.34 -58.93 18.55
CA ALA C 65 -86.69 -59.86 17.47
C ALA C 65 -85.50 -60.20 16.58
N ASN C 66 -84.86 -59.15 16.06
CA ASN C 66 -83.73 -59.31 15.16
C ASN C 66 -82.52 -59.91 15.85
N ALA C 67 -82.30 -59.51 17.09
CA ALA C 67 -81.18 -60.01 17.89
C ALA C 67 -81.07 -61.54 17.84
N ALA C 68 -82.17 -62.20 18.18
CA ALA C 68 -82.21 -63.65 18.15
C ALA C 68 -81.70 -64.17 16.81
N ILE C 69 -82.18 -63.59 15.72
CA ILE C 69 -81.73 -64.05 14.41
C ILE C 69 -80.24 -63.76 14.24
N PHE C 70 -79.81 -62.61 14.75
CA PHE C 70 -78.42 -62.15 14.65
C PHE C 70 -77.47 -63.10 15.35
N ALA C 71 -77.87 -63.50 16.56
CA ALA C 71 -77.06 -64.40 17.36
C ALA C 71 -76.89 -65.77 16.71
N ASP C 72 -77.36 -65.93 15.49
CA ASP C 72 -77.25 -67.21 14.82
C ASP C 72 -76.69 -67.01 13.45
N SER C 73 -76.12 -65.84 13.20
CA SER C 73 -75.56 -65.57 11.88
C SER C 73 -74.08 -65.88 11.91
N LYS C 74 -73.56 -66.36 10.78
CA LYS C 74 -72.14 -66.70 10.66
C LYS C 74 -71.19 -65.54 10.31
N ASN C 75 -71.70 -64.32 10.32
CA ASN C 75 -70.88 -63.14 9.99
C ASN C 75 -71.35 -61.89 10.72
N GLN C 76 -71.55 -62.02 12.01
CA GLN C 76 -71.97 -60.93 12.84
C GLN C 76 -71.08 -59.72 12.60
N LYS C 77 -69.78 -59.98 12.41
CA LYS C 77 -68.79 -58.92 12.24
C LYS C 77 -69.13 -58.09 11.03
N THR C 78 -69.36 -58.73 9.91
CA THR C 78 -69.67 -57.97 8.72
C THR C 78 -70.79 -56.97 8.96
N ILE C 79 -71.91 -57.48 9.47
CA ILE C 79 -73.08 -56.67 9.73
C ILE C 79 -72.70 -55.50 10.60
N CYS C 80 -72.08 -55.77 11.75
CA CYS C 80 -71.70 -54.70 12.65
C CYS C 80 -70.77 -53.70 11.95
N GLN C 81 -70.01 -54.18 10.97
CA GLN C 81 -69.07 -53.34 10.22
C GLN C 81 -69.81 -52.40 9.29
N GLN C 82 -70.74 -52.92 8.53
CA GLN C 82 -71.52 -52.08 7.65
C GLN C 82 -72.39 -51.11 8.48
N ALA C 83 -72.77 -51.51 9.68
CA ALA C 83 -73.58 -50.65 10.53
C ALA C 83 -72.72 -49.52 11.06
N VAL C 84 -71.42 -49.75 11.17
CA VAL C 84 -70.52 -48.74 11.67
C VAL C 84 -70.01 -47.90 10.52
N ASP C 85 -69.74 -48.52 9.39
CA ASP C 85 -69.30 -47.75 8.25
C ASP C 85 -70.36 -46.68 7.93
N THR C 86 -71.59 -46.89 8.40
CA THR C 86 -72.66 -45.94 8.14
C THR C 86 -72.51 -44.79 9.10
N VAL C 87 -72.54 -45.10 10.38
CA VAL C 87 -72.39 -44.07 11.39
C VAL C 87 -71.19 -43.18 11.11
N LEU C 88 -70.21 -43.74 10.40
CA LEU C 88 -69.01 -42.99 10.05
C LEU C 88 -69.32 -42.06 8.91
N ALA C 89 -70.04 -42.57 7.91
CA ALA C 89 -70.42 -41.77 6.77
C ALA C 89 -71.29 -40.60 7.23
N LYS C 90 -72.22 -40.88 8.14
CA LYS C 90 -73.11 -39.84 8.65
C LYS C 90 -72.31 -38.88 9.50
N LYS C 91 -70.99 -39.04 9.48
CA LYS C 91 -70.15 -38.17 10.26
C LYS C 91 -69.37 -37.35 9.31
N ARG C 92 -68.88 -37.99 8.25
CA ARG C 92 -68.07 -37.32 7.24
C ARG C 92 -68.91 -36.28 6.52
N VAL C 93 -70.19 -36.62 6.32
CA VAL C 93 -71.15 -35.76 5.66
C VAL C 93 -71.41 -34.52 6.49
N ASP C 94 -71.92 -34.74 7.69
CA ASP C 94 -72.21 -33.63 8.56
C ASP C 94 -70.99 -32.79 8.78
N SER C 95 -69.82 -33.40 8.82
CA SER C 95 -68.62 -32.60 9.03
C SER C 95 -68.18 -31.96 7.72
N LEU C 96 -69.07 -32.00 6.74
CA LEU C 96 -68.75 -31.44 5.45
C LEU C 96 -69.97 -30.74 4.87
N GLN C 97 -71.08 -30.69 5.60
CA GLN C 97 -72.27 -30.00 5.09
C GLN C 97 -72.96 -29.14 6.13
N LEU C 98 -72.81 -29.47 7.41
CA LEU C 98 -73.45 -28.67 8.44
C LEU C 98 -72.60 -27.49 8.85
N THR C 99 -73.20 -26.50 9.47
CA THR C 99 -72.44 -25.32 9.91
C THR C 99 -71.77 -25.60 11.24
N ARG C 100 -70.58 -25.07 11.48
CA ARG C 100 -69.93 -25.34 12.77
C ARG C 100 -70.86 -24.98 13.94
N GLU C 101 -71.82 -24.12 13.67
CA GLU C 101 -72.77 -23.71 14.70
C GLU C 101 -73.73 -24.86 14.99
N GLN C 102 -74.24 -25.49 13.94
CA GLN C 102 -75.17 -26.63 14.09
C GLN C 102 -74.53 -27.80 14.85
N MET C 103 -73.28 -28.10 14.50
CA MET C 103 -72.52 -29.18 15.12
C MET C 103 -72.51 -28.90 16.60
N LEU C 104 -71.88 -27.81 17.02
CA LEU C 104 -71.83 -27.46 18.43
C LEU C 104 -73.22 -27.61 19.10
N THR C 105 -74.27 -27.30 18.34
CA THR C 105 -75.62 -27.42 18.87
C THR C 105 -75.98 -28.89 19.07
N ASN C 106 -75.83 -29.68 18.01
CA ASN C 106 -76.10 -31.12 18.08
C ASN C 106 -75.32 -31.70 19.26
N ARG C 107 -74.03 -31.41 19.32
CA ARG C 107 -73.19 -31.88 20.42
C ARG C 107 -73.82 -31.49 21.75
N PHE C 108 -74.38 -30.29 21.77
CA PHE C 108 -75.03 -29.82 22.98
C PHE C 108 -76.30 -30.56 23.28
N ASN C 109 -76.99 -31.04 22.24
CA ASN C 109 -78.22 -31.80 22.47
C ASN C 109 -77.88 -33.11 23.19
N ASP C 110 -76.99 -33.89 22.59
CA ASP C 110 -76.56 -35.17 23.14
C ASP C 110 -76.01 -34.91 24.51
N LEU C 111 -75.57 -33.68 24.74
CA LEU C 111 -75.02 -33.31 26.02
C LEU C 111 -76.14 -33.11 27.05
N LEU C 112 -77.27 -32.59 26.59
CA LEU C 112 -78.41 -32.34 27.45
C LEU C 112 -79.17 -33.63 27.69
N ASP C 113 -79.18 -34.49 26.67
CA ASP C 113 -79.82 -35.79 26.79
C ASP C 113 -79.17 -36.55 27.96
N ARG C 114 -77.84 -36.60 27.94
CA ARG C 114 -77.08 -37.27 28.99
C ARG C 114 -77.23 -36.49 30.29
N MET C 115 -77.88 -35.33 30.21
CA MET C 115 -78.06 -34.49 31.39
C MET C 115 -79.39 -34.72 32.03
N ASP C 116 -80.38 -35.02 31.20
CA ASP C 116 -81.76 -35.28 31.66
C ASP C 116 -81.75 -36.55 32.54
N ILE C 117 -81.26 -37.65 31.95
CA ILE C 117 -81.16 -38.92 32.63
C ILE C 117 -80.25 -38.77 33.81
N MET C 118 -79.06 -38.21 33.57
CA MET C 118 -78.05 -37.98 34.61
C MET C 118 -78.64 -37.53 35.95
N PHE C 119 -79.27 -36.37 35.95
CA PHE C 119 -79.88 -35.84 37.17
C PHE C 119 -81.34 -36.28 37.33
N GLY C 120 -81.73 -37.29 36.56
CA GLY C 120 -83.10 -37.80 36.63
C GLY C 120 -83.29 -38.80 37.75
N SER C 121 -84.48 -39.37 37.84
CA SER C 121 -84.80 -40.35 38.88
C SER C 121 -84.14 -41.71 38.57
N THR C 122 -84.01 -42.02 37.29
CA THR C 122 -83.39 -43.27 36.87
C THR C 122 -81.88 -43.12 36.69
N GLY C 123 -81.25 -42.30 37.54
CA GLY C 123 -79.82 -42.12 37.42
C GLY C 123 -79.19 -41.49 38.65
N SER C 124 -77.90 -41.77 38.85
CA SER C 124 -77.17 -41.23 39.99
C SER C 124 -76.39 -40.02 39.55
N ALA C 125 -76.65 -38.92 40.25
CA ALA C 125 -76.00 -37.66 39.96
C ALA C 125 -76.61 -36.58 40.83
N ASP C 126 -75.81 -36.07 41.76
CA ASP C 126 -76.25 -35.02 42.68
C ASP C 126 -76.12 -33.65 42.02
N ILE C 127 -77.23 -33.14 41.52
CA ILE C 127 -77.24 -31.83 40.88
C ILE C 127 -76.48 -30.81 41.72
N GLU C 128 -76.52 -30.97 43.03
CA GLU C 128 -75.85 -30.05 43.93
C GLU C 128 -74.34 -30.17 43.80
N GLU C 129 -73.86 -31.39 43.62
CA GLU C 129 -72.43 -31.62 43.51
C GLU C 129 -71.85 -30.90 42.29
N TRP C 130 -72.49 -31.08 41.14
CA TRP C 130 -72.02 -30.47 39.92
C TRP C 130 -72.01 -28.95 39.98
N MET C 131 -73.09 -28.37 40.47
CA MET C 131 -73.14 -26.93 40.58
C MET C 131 -71.98 -26.50 41.49
N ALA C 132 -71.66 -27.35 42.45
CA ALA C 132 -70.57 -27.10 43.40
C ALA C 132 -69.26 -27.13 42.59
N GLY C 133 -69.31 -27.87 41.49
CA GLY C 133 -68.16 -27.93 40.64
C GLY C 133 -68.13 -26.67 39.79
N VAL C 134 -69.27 -26.38 39.16
CA VAL C 134 -69.33 -25.21 38.31
C VAL C 134 -68.75 -24.04 39.09
N ALA C 135 -69.02 -24.01 40.39
CA ALA C 135 -68.52 -22.94 41.20
C ALA C 135 -66.99 -22.99 41.27
N TRP C 136 -66.48 -24.20 41.43
CA TRP C 136 -65.02 -24.39 41.53
C TRP C 136 -64.38 -23.89 40.25
N LEU C 137 -64.92 -24.37 39.11
CA LEU C 137 -64.41 -24.00 37.81
C LEU C 137 -64.43 -22.49 37.60
N HIS C 138 -65.54 -21.86 37.97
CA HIS C 138 -65.72 -20.41 37.84
C HIS C 138 -64.73 -19.68 38.74
N CYS C 139 -63.93 -20.42 39.48
CA CYS C 139 -62.92 -19.81 40.35
C CYS C 139 -61.52 -20.03 39.83
N LEU C 140 -61.44 -20.73 38.70
CA LEU C 140 -60.16 -21.06 38.07
C LEU C 140 -59.54 -19.87 37.39
N LEU C 141 -60.36 -19.20 36.57
CA LEU C 141 -59.94 -18.03 35.79
C LEU C 141 -60.97 -16.89 35.84
N PRO C 142 -60.49 -15.65 35.99
CA PRO C 142 -61.41 -14.51 36.04
C PRO C 142 -62.40 -14.53 34.88
N LYS C 143 -63.66 -14.23 35.15
CA LYS C 143 -64.65 -14.22 34.08
C LYS C 143 -64.61 -15.52 33.31
N MET C 144 -64.63 -16.62 34.06
CA MET C 144 -64.56 -17.94 33.45
C MET C 144 -65.66 -18.20 32.43
N ASP C 145 -66.91 -18.04 32.85
CA ASP C 145 -67.99 -18.32 31.95
C ASP C 145 -67.85 -17.62 30.63
N SER C 146 -67.20 -16.46 30.67
CA SER C 146 -66.97 -15.66 29.46
C SER C 146 -65.87 -16.27 28.59
N VAL C 147 -64.82 -16.77 29.26
CA VAL C 147 -63.72 -17.43 28.57
C VAL C 147 -64.23 -18.63 27.77
N VAL C 148 -65.10 -19.42 28.38
CA VAL C 148 -65.66 -20.58 27.72
C VAL C 148 -66.39 -20.19 26.44
N TYR C 149 -66.99 -19.00 26.44
CA TYR C 149 -67.72 -18.56 25.25
C TYR C 149 -66.76 -18.06 24.19
N ASP C 150 -65.82 -17.22 24.62
CA ASP C 150 -64.82 -16.68 23.70
C ASP C 150 -64.11 -17.83 22.96
N PHE C 151 -63.93 -18.96 23.66
CA PHE C 151 -63.30 -20.16 23.11
C PHE C 151 -64.30 -20.82 22.15
N LEU C 152 -65.52 -21.00 22.63
CA LEU C 152 -66.55 -21.60 21.81
C LEU C 152 -66.71 -20.85 20.50
N LYS C 153 -66.84 -19.54 20.59
CA LYS C 153 -67.00 -18.77 19.38
C LYS C 153 -65.81 -18.96 18.50
N CYS C 154 -64.64 -18.79 19.09
CA CYS C 154 -63.38 -18.91 18.37
C CYS C 154 -63.32 -20.21 17.62
N MET C 155 -63.89 -21.25 18.21
CA MET C 155 -63.87 -22.57 17.60
C MET C 155 -64.90 -22.69 16.51
N VAL C 156 -66.05 -22.02 16.72
CA VAL C 156 -67.13 -22.05 15.74
C VAL C 156 -66.81 -21.22 14.49
N TYR C 157 -66.23 -20.05 14.70
CA TYR C 157 -65.87 -19.19 13.57
C TYR C 157 -64.84 -19.85 12.66
N ASN C 158 -63.78 -20.40 13.26
CA ASN C 158 -62.72 -21.11 12.52
C ASN C 158 -61.97 -20.11 11.65
N ILE C 159 -61.43 -19.07 12.25
CA ILE C 159 -60.73 -18.08 11.45
C ILE C 159 -59.29 -18.47 11.17
N PRO C 160 -58.92 -18.57 9.89
CA PRO C 160 -57.55 -18.94 9.49
C PRO C 160 -56.47 -18.28 10.34
N LYS C 161 -55.41 -19.02 10.70
CA LYS C 161 -54.33 -18.45 11.48
C LYS C 161 -54.79 -17.83 12.79
N LYS C 162 -56.03 -18.13 13.16
CA LYS C 162 -56.61 -17.66 14.41
C LYS C 162 -57.60 -18.68 14.95
N ARG C 163 -57.09 -19.89 15.23
CA ARG C 163 -57.94 -20.97 15.74
C ARG C 163 -57.42 -21.71 16.97
N TYR C 164 -56.30 -21.28 17.55
CA TYR C 164 -55.75 -22.00 18.69
C TYR C 164 -55.52 -21.18 19.93
N TRP C 165 -55.72 -21.84 21.07
CA TRP C 165 -55.49 -21.21 22.36
C TRP C 165 -54.32 -21.95 22.98
N LEU C 166 -53.39 -21.23 23.57
CA LEU C 166 -52.22 -21.84 24.18
C LEU C 166 -52.28 -21.79 25.69
N PHE C 167 -52.85 -22.82 26.33
CA PHE C 167 -52.93 -22.89 27.79
C PHE C 167 -51.54 -23.22 28.31
N LYS C 168 -50.87 -22.23 28.91
CA LYS C 168 -49.53 -22.44 29.43
C LYS C 168 -49.47 -22.29 30.97
N GLY C 169 -48.74 -23.19 31.62
CA GLY C 169 -48.65 -23.14 33.06
C GLY C 169 -47.79 -24.26 33.63
N PRO C 170 -47.46 -24.21 34.93
CA PRO C 170 -46.63 -25.22 35.60
C PRO C 170 -47.40 -26.49 35.88
N ILE C 171 -46.77 -27.37 36.66
CA ILE C 171 -47.37 -28.65 37.02
C ILE C 171 -48.58 -28.49 37.92
N ASP C 172 -49.69 -29.11 37.52
CA ASP C 172 -50.93 -29.08 38.28
C ASP C 172 -51.37 -27.65 38.51
N SER C 173 -51.93 -27.05 37.47
CA SER C 173 -52.39 -25.67 37.54
C SER C 173 -53.80 -25.55 37.05
N GLY C 174 -54.32 -26.65 36.48
CA GLY C 174 -55.69 -26.67 35.97
C GLY C 174 -55.81 -26.80 34.46
N LYS C 175 -54.76 -26.38 33.76
CA LYS C 175 -54.69 -26.43 32.31
C LYS C 175 -55.43 -27.62 31.80
N THR C 176 -54.97 -28.79 32.22
CA THR C 176 -55.55 -30.07 31.78
C THR C 176 -57.03 -30.23 32.12
N THR C 177 -57.35 -29.97 33.38
CA THR C 177 -58.73 -30.11 33.84
C THR C 177 -59.69 -29.35 32.97
N LEU C 178 -59.26 -28.16 32.54
CA LEU C 178 -60.13 -27.33 31.70
C LEU C 178 -60.16 -27.82 30.27
N ALA C 179 -58.97 -27.90 29.68
CA ALA C 179 -58.79 -28.34 28.31
C ALA C 179 -59.59 -29.60 28.05
N ALA C 180 -59.69 -30.40 29.10
CA ALA C 180 -60.40 -31.66 28.98
C ALA C 180 -61.89 -31.38 28.93
N ALA C 181 -62.32 -30.45 29.78
CA ALA C 181 -63.73 -30.08 29.89
C ALA C 181 -64.23 -29.49 28.57
N LEU C 182 -63.50 -28.52 28.05
CA LEU C 182 -63.87 -27.89 26.79
C LEU C 182 -63.86 -28.97 25.72
N LEU C 183 -62.85 -29.83 25.78
CA LEU C 183 -62.71 -30.89 24.80
C LEU C 183 -64.03 -31.65 24.62
N GLU C 184 -64.44 -32.36 25.67
CA GLU C 184 -65.67 -33.13 25.66
C GLU C 184 -66.88 -32.24 25.36
N LEU C 185 -66.88 -31.05 25.96
CA LEU C 185 -67.96 -30.09 25.74
C LEU C 185 -68.28 -29.94 24.25
N CYS C 186 -67.25 -29.91 23.40
CA CYS C 186 -67.46 -29.74 21.94
C CYS C 186 -67.38 -31.04 21.20
N GLY C 187 -66.62 -31.97 21.76
CA GLY C 187 -66.45 -33.27 21.12
C GLY C 187 -65.27 -33.39 20.19
N GLY C 188 -64.10 -33.70 20.74
CA GLY C 188 -62.94 -33.83 19.89
C GLY C 188 -62.02 -34.98 20.27
N LYS C 189 -60.72 -34.77 20.10
CA LYS C 189 -59.76 -35.81 20.38
C LYS C 189 -58.44 -35.29 20.98
N ALA C 190 -57.90 -36.01 21.95
CA ALA C 190 -56.65 -35.57 22.51
C ALA C 190 -55.51 -36.23 21.72
N LEU C 191 -54.60 -35.44 21.17
CA LEU C 191 -53.48 -36.01 20.42
C LEU C 191 -52.15 -35.91 21.17
N ASN C 192 -51.23 -36.84 20.89
CA ASN C 192 -49.91 -36.85 21.53
C ASN C 192 -48.84 -36.70 20.46
N VAL C 193 -48.28 -35.49 20.36
CA VAL C 193 -47.24 -35.24 19.38
C VAL C 193 -45.84 -35.22 20.03
N ASN C 194 -45.69 -35.95 21.14
CA ASN C 194 -44.43 -36.05 21.87
C ASN C 194 -43.65 -37.24 21.37
N LEU C 195 -44.37 -38.30 21.02
CA LEU C 195 -43.74 -39.50 20.50
C LEU C 195 -43.20 -39.24 19.11
N PRO C 196 -42.19 -40.03 18.70
CA PRO C 196 -41.55 -39.90 17.38
C PRO C 196 -42.53 -39.63 16.26
N LEU C 197 -42.15 -38.71 15.40
CA LEU C 197 -42.98 -38.35 14.27
C LEU C 197 -43.10 -39.54 13.31
N ASP C 198 -42.21 -40.52 13.49
CA ASP C 198 -42.19 -41.70 12.65
C ASP C 198 -43.51 -42.44 12.81
N ARG C 199 -44.38 -41.86 13.63
CA ARG C 199 -45.69 -42.44 13.92
C ARG C 199 -46.68 -41.30 14.01
N LEU C 200 -46.19 -40.09 13.73
CA LEU C 200 -46.97 -38.87 13.78
C LEU C 200 -48.17 -38.91 12.83
N ASN C 201 -47.89 -39.19 11.57
CA ASN C 201 -48.94 -39.24 10.56
C ASN C 201 -50.15 -40.10 10.98
N PHE C 202 -49.93 -41.09 11.82
CA PHE C 202 -51.02 -41.96 12.28
C PHE C 202 -51.76 -41.33 13.45
N GLU C 203 -50.98 -40.73 14.35
CA GLU C 203 -51.53 -40.08 15.52
C GLU C 203 -52.42 -38.95 15.06
N LEU C 204 -52.01 -38.28 13.99
CA LEU C 204 -52.77 -37.14 13.45
C LEU C 204 -54.07 -37.59 12.85
N GLY C 205 -54.04 -38.73 12.16
CA GLY C 205 -55.25 -39.26 11.53
C GLY C 205 -56.44 -39.32 12.47
N VAL C 206 -56.17 -39.35 13.77
CA VAL C 206 -57.25 -39.39 14.77
C VAL C 206 -58.10 -38.11 14.74
N ALA C 207 -57.58 -37.05 14.13
CA ALA C 207 -58.28 -35.77 14.02
C ALA C 207 -59.32 -35.74 12.90
N ILE C 208 -59.28 -36.70 11.98
CA ILE C 208 -60.23 -36.70 10.88
C ILE C 208 -61.69 -36.56 11.35
N ASP C 209 -62.44 -35.65 10.73
CA ASP C 209 -63.84 -35.44 11.07
C ASP C 209 -64.05 -35.04 12.52
N GLN C 210 -63.11 -34.34 13.11
CA GLN C 210 -63.30 -33.95 14.47
C GLN C 210 -63.71 -32.49 14.53
N PHE C 211 -64.34 -32.07 15.62
CA PHE C 211 -64.74 -30.68 15.77
C PHE C 211 -63.52 -29.88 16.17
N LEU C 212 -62.92 -30.27 17.29
CA LEU C 212 -61.70 -29.61 17.78
C LEU C 212 -60.65 -30.66 18.15
N VAL C 213 -59.44 -30.22 18.43
CA VAL C 213 -58.39 -31.14 18.80
C VAL C 213 -57.60 -30.53 19.94
N VAL C 214 -57.16 -31.37 20.88
CA VAL C 214 -56.40 -30.90 22.03
C VAL C 214 -55.07 -31.58 22.10
N PHE C 215 -53.99 -30.84 21.93
CA PHE C 215 -52.66 -31.42 22.01
C PHE C 215 -52.31 -31.25 23.48
N GLU C 216 -52.24 -32.35 24.21
CA GLU C 216 -51.97 -32.29 25.64
C GLU C 216 -50.71 -31.58 26.15
N ASP C 217 -49.85 -32.27 26.89
CA ASP C 217 -48.67 -31.62 27.45
C ASP C 217 -47.61 -31.11 26.46
N VAL C 218 -47.47 -31.78 25.32
CA VAL C 218 -46.49 -31.40 24.31
C VAL C 218 -45.21 -30.79 24.90
N LYS C 219 -44.21 -31.64 25.10
CA LYS C 219 -42.93 -31.21 25.64
C LYS C 219 -42.14 -30.31 24.67
N GLY C 220 -41.57 -29.24 25.21
CA GLY C 220 -40.79 -28.33 24.38
C GLY C 220 -39.30 -28.45 24.64
N THR C 221 -38.57 -27.36 24.53
CA THR C 221 -37.15 -27.44 24.77
C THR C 221 -36.65 -26.11 25.30
N GLY C 222 -35.58 -26.14 26.11
CA GLY C 222 -35.04 -24.90 26.65
C GLY C 222 -35.28 -24.76 28.15
N GLY C 223 -36.42 -25.29 28.60
CA GLY C 223 -36.78 -25.25 30.01
C GLY C 223 -35.99 -26.24 30.86
N GLU C 224 -34.68 -26.29 30.63
CA GLU C 224 -33.78 -27.16 31.37
C GLU C 224 -33.36 -26.50 32.68
N SER C 225 -33.58 -25.19 32.77
CA SER C 225 -33.25 -24.45 33.98
C SER C 225 -34.40 -24.62 34.98
N ARG C 226 -35.56 -24.97 34.46
CA ARG C 226 -36.76 -25.19 35.28
C ARG C 226 -36.89 -26.67 35.63
N ASP C 227 -35.91 -27.45 35.20
CA ASP C 227 -35.92 -28.87 35.48
C ASP C 227 -37.08 -29.56 34.76
N LEU C 228 -37.29 -29.20 33.49
CA LEU C 228 -38.36 -29.79 32.66
C LEU C 228 -37.76 -30.56 31.49
N PRO C 229 -38.04 -31.86 31.43
CA PRO C 229 -37.51 -32.70 30.35
C PRO C 229 -37.85 -32.18 28.98
N SER C 230 -36.83 -31.91 28.18
CA SER C 230 -37.04 -31.43 26.83
C SER C 230 -37.54 -32.55 25.89
N GLY C 231 -38.47 -32.21 24.99
CA GLY C 231 -38.98 -33.18 24.06
C GLY C 231 -39.13 -32.64 22.64
N GLN C 232 -39.73 -33.45 21.77
CA GLN C 232 -39.90 -33.03 20.40
C GLN C 232 -41.33 -32.58 20.14
N GLY C 233 -42.09 -32.40 21.20
CA GLY C 233 -43.47 -32.00 21.04
C GLY C 233 -43.60 -30.70 20.27
N ILE C 234 -43.40 -29.59 20.96
CA ILE C 234 -43.50 -28.29 20.34
C ILE C 234 -42.84 -28.27 18.97
N ASN C 235 -41.62 -28.79 18.87
CA ASN C 235 -40.94 -28.77 17.59
C ASN C 235 -41.75 -29.41 16.48
N ASN C 236 -42.56 -30.42 16.83
CA ASN C 236 -43.37 -31.08 15.85
C ASN C 236 -44.50 -30.18 15.39
N LEU C 237 -45.09 -29.41 16.30
CA LEU C 237 -46.19 -28.52 15.93
C LEU C 237 -45.71 -27.52 14.90
N ASP C 238 -44.54 -26.96 15.13
CA ASP C 238 -43.98 -26.01 14.20
C ASP C 238 -43.91 -26.58 12.78
N ASN C 239 -43.82 -27.90 12.68
CA ASN C 239 -43.75 -28.58 11.38
C ASN C 239 -45.16 -28.70 10.84
N LEU C 240 -46.14 -28.65 11.75
CA LEU C 240 -47.55 -28.74 11.36
C LEU C 240 -48.16 -27.35 11.28
N ARG C 241 -47.38 -26.41 10.76
CA ARG C 241 -47.86 -25.05 10.62
C ARG C 241 -49.17 -25.03 9.88
N ASP C 242 -49.19 -25.47 8.63
CA ASP C 242 -50.42 -25.45 7.85
C ASP C 242 -51.54 -26.22 8.53
N TYR C 243 -51.18 -27.12 9.43
CA TYR C 243 -52.20 -27.85 10.14
C TYR C 243 -52.89 -26.90 11.12
N LEU C 244 -52.10 -26.09 11.81
CA LEU C 244 -52.63 -25.15 12.78
C LEU C 244 -53.25 -23.92 12.14
N ASP C 245 -52.82 -23.61 10.93
CA ASP C 245 -53.34 -22.44 10.22
C ASP C 245 -54.81 -22.63 9.96
N GLY C 246 -55.13 -23.43 8.95
CA GLY C 246 -56.53 -23.66 8.62
C GLY C 246 -56.87 -23.18 7.23
N SER C 247 -55.95 -22.45 6.60
CA SER C 247 -56.19 -21.97 5.26
C SER C 247 -56.28 -23.12 4.26
N VAL C 248 -55.19 -23.83 4.10
CA VAL C 248 -55.19 -24.94 3.15
C VAL C 248 -55.70 -26.25 3.77
N LYS C 249 -56.17 -27.15 2.91
CA LYS C 249 -56.65 -28.45 3.35
C LYS C 249 -55.50 -29.43 3.45
N VAL C 250 -55.38 -30.10 4.60
CA VAL C 250 -54.32 -31.07 4.80
C VAL C 250 -54.70 -32.50 4.42
N ASN C 251 -53.71 -33.37 4.35
CA ASN C 251 -53.93 -34.77 3.98
C ASN C 251 -53.71 -35.68 5.20
N LEU C 252 -54.79 -36.02 5.88
CA LEU C 252 -54.67 -36.85 7.07
C LEU C 252 -54.72 -38.30 6.73
N GLU C 253 -53.60 -38.99 6.95
CA GLU C 253 -53.48 -40.43 6.66
C GLU C 253 -54.02 -41.28 7.80
N LYS C 254 -54.58 -42.42 7.47
CA LYS C 254 -55.08 -43.31 8.52
C LYS C 254 -55.13 -44.75 8.03
N LYS C 255 -54.78 -45.71 8.88
CA LYS C 255 -54.79 -47.15 8.54
C LYS C 255 -54.12 -47.48 7.20
N HIS C 256 -53.02 -46.79 6.90
CA HIS C 256 -52.20 -46.97 5.67
C HIS C 256 -52.87 -46.54 4.34
N LEU C 257 -54.16 -46.21 4.41
CA LEU C 257 -54.98 -45.77 3.28
C LEU C 257 -55.55 -44.36 3.50
N ASN C 258 -55.02 -43.40 2.74
CA ASN C 258 -55.47 -42.03 2.87
C ASN C 258 -56.91 -41.95 2.41
N LYS C 259 -57.77 -41.55 3.33
CA LYS C 259 -59.20 -41.39 3.06
C LYS C 259 -59.72 -40.03 3.50
N ARG C 260 -58.81 -39.07 3.66
CA ARG C 260 -59.22 -37.74 4.07
C ARG C 260 -58.23 -36.65 3.72
N THR C 261 -58.76 -35.61 3.07
CA THR C 261 -58.01 -34.42 2.68
C THR C 261 -58.88 -33.25 3.16
N GLN C 262 -58.73 -32.90 4.44
CA GLN C 262 -59.51 -31.81 5.05
C GLN C 262 -58.67 -30.72 5.74
N ILE C 263 -59.33 -29.69 6.24
CA ILE C 263 -58.59 -28.66 6.92
C ILE C 263 -58.51 -29.14 8.35
N PHE C 264 -57.31 -29.15 8.94
CA PHE C 264 -57.15 -29.57 10.33
C PHE C 264 -58.02 -28.73 11.28
N PRO C 265 -58.72 -29.38 12.19
CA PRO C 265 -59.57 -28.65 13.12
C PRO C 265 -58.82 -27.79 14.13
N PRO C 266 -59.51 -26.81 14.74
CA PRO C 266 -58.89 -25.94 15.74
C PRO C 266 -58.82 -26.69 17.06
N GLY C 267 -58.40 -25.99 18.11
CA GLY C 267 -58.32 -26.64 19.42
C GLY C 267 -57.37 -25.99 20.41
N ILE C 268 -57.12 -26.69 21.51
CA ILE C 268 -56.23 -26.17 22.53
C ILE C 268 -54.85 -26.81 22.52
N VAL C 269 -53.93 -26.17 23.21
CA VAL C 269 -52.58 -26.71 23.31
C VAL C 269 -52.07 -26.35 24.70
N THR C 270 -51.80 -27.37 25.52
CA THR C 270 -51.30 -27.13 26.88
C THR C 270 -49.80 -27.47 26.96
N MET C 271 -49.11 -26.88 27.92
CA MET C 271 -47.68 -27.15 28.07
C MET C 271 -47.11 -26.47 29.30
N ASN C 272 -45.87 -26.78 29.63
CA ASN C 272 -45.22 -26.17 30.78
C ASN C 272 -44.46 -24.94 30.30
N GLU C 273 -43.80 -24.26 31.24
CA GLU C 273 -43.04 -23.06 30.90
C GLU C 273 -41.90 -23.36 29.93
N TYR C 274 -42.25 -23.74 28.71
CA TYR C 274 -41.24 -24.02 27.71
C TYR C 274 -41.15 -22.84 26.76
N SER C 275 -40.32 -22.95 25.74
CA SER C 275 -40.14 -21.87 24.78
C SER C 275 -41.01 -22.10 23.55
N VAL C 276 -41.90 -21.15 23.27
CA VAL C 276 -42.79 -21.24 22.13
C VAL C 276 -42.18 -20.36 21.04
N PRO C 277 -41.58 -20.98 20.01
CA PRO C 277 -40.94 -20.33 18.87
C PRO C 277 -41.80 -19.31 18.15
N LYS C 278 -41.15 -18.23 17.74
CA LYS C 278 -41.79 -17.14 17.01
C LYS C 278 -42.84 -17.62 15.99
N THR C 279 -42.43 -18.52 15.12
CA THR C 279 -43.32 -19.02 14.11
C THR C 279 -44.52 -19.78 14.67
N LEU C 280 -44.36 -20.38 15.85
CA LEU C 280 -45.45 -21.14 16.44
C LEU C 280 -46.38 -20.25 17.27
N GLN C 281 -45.78 -19.36 18.07
CA GLN C 281 -46.54 -18.45 18.92
C GLN C 281 -47.60 -17.67 18.13
N ALA C 282 -47.32 -17.50 16.86
CA ALA C 282 -48.23 -16.79 15.96
C ALA C 282 -49.51 -17.55 15.70
N ARG C 283 -49.42 -18.87 15.62
CA ARG C 283 -50.61 -19.64 15.34
C ARG C 283 -51.55 -19.63 16.53
N PHE C 284 -51.09 -19.11 17.67
CA PHE C 284 -51.91 -19.06 18.86
C PHE C 284 -52.58 -17.71 19.00
N VAL C 285 -53.91 -17.69 19.00
CA VAL C 285 -54.70 -16.47 19.14
C VAL C 285 -54.62 -15.90 20.54
N LYS C 286 -55.17 -16.66 21.51
CA LYS C 286 -55.13 -16.25 22.92
C LYS C 286 -54.24 -17.18 23.77
N GLN C 287 -53.77 -16.68 24.91
CA GLN C 287 -52.92 -17.49 25.77
C GLN C 287 -53.26 -17.27 27.25
N ILE C 288 -53.76 -18.32 27.92
CA ILE C 288 -54.10 -18.23 29.33
C ILE C 288 -52.93 -18.75 30.14
N ASP C 289 -52.59 -18.03 31.20
CA ASP C 289 -51.50 -18.42 32.08
C ASP C 289 -52.02 -18.92 33.41
N PHE C 290 -52.09 -20.24 33.56
CA PHE C 290 -52.55 -20.82 34.80
C PHE C 290 -51.42 -20.88 35.83
N ARG C 291 -51.78 -20.84 37.10
CA ARG C 291 -50.80 -20.91 38.18
C ARG C 291 -51.37 -21.66 39.38
N PRO C 292 -50.47 -22.18 40.24
CA PRO C 292 -50.88 -22.91 41.43
C PRO C 292 -51.79 -22.10 42.32
N LYS C 293 -53.03 -22.58 42.47
CA LYS C 293 -54.03 -21.92 43.32
C LYS C 293 -54.19 -22.70 44.63
N ASP C 294 -53.45 -22.30 45.65
CA ASP C 294 -53.49 -22.98 46.95
C ASP C 294 -54.91 -23.21 47.43
N TYR C 295 -55.72 -22.16 47.45
CA TYR C 295 -57.07 -22.31 47.92
C TYR C 295 -57.89 -23.29 47.08
N LEU C 296 -57.62 -23.38 45.78
CA LEU C 296 -58.36 -24.32 44.95
C LEU C 296 -58.01 -25.72 45.40
N LYS C 297 -56.74 -25.87 45.78
CA LYS C 297 -56.24 -27.16 46.23
C LYS C 297 -56.93 -27.58 47.53
N HIS C 298 -56.89 -26.70 48.53
CA HIS C 298 -57.50 -26.98 49.82
C HIS C 298 -58.95 -27.33 49.69
N CYS C 299 -59.66 -26.58 48.85
CA CYS C 299 -61.07 -26.83 48.61
C CYS C 299 -61.26 -28.27 48.11
N LEU C 300 -60.50 -28.66 47.09
CA LEU C 300 -60.61 -30.02 46.54
C LEU C 300 -60.32 -31.12 47.57
N GLU C 301 -59.31 -30.89 48.38
CA GLU C 301 -58.96 -31.87 49.41
C GLU C 301 -60.14 -32.06 50.38
N ARG C 302 -61.03 -31.08 50.42
CA ARG C 302 -62.19 -31.14 51.29
C ARG C 302 -63.43 -31.36 50.46
N SER C 303 -63.26 -31.30 49.14
CA SER C 303 -64.34 -31.52 48.19
C SER C 303 -63.96 -32.70 47.30
N GLU C 304 -63.32 -33.69 47.91
CA GLU C 304 -62.87 -34.91 47.25
C GLU C 304 -63.82 -35.45 46.16
N PHE C 305 -65.12 -35.30 46.36
CA PHE C 305 -66.07 -35.79 45.38
C PHE C 305 -65.90 -35.15 43.99
N LEU C 306 -65.45 -33.90 43.96
CA LEU C 306 -65.26 -33.18 42.69
C LEU C 306 -64.33 -33.93 41.77
N LEU C 307 -63.12 -34.19 42.25
CA LEU C 307 -62.10 -34.94 41.50
C LEU C 307 -62.49 -36.41 41.32
N GLU C 308 -62.97 -37.04 42.39
CA GLU C 308 -63.36 -38.46 42.39
C GLU C 308 -64.42 -38.86 41.36
N LYS C 309 -65.34 -37.95 41.06
CA LYS C 309 -66.39 -38.24 40.07
C LYS C 309 -66.13 -37.57 38.73
N ARG C 310 -64.99 -36.89 38.64
CA ARG C 310 -64.57 -36.24 37.41
C ARG C 310 -65.61 -35.25 36.93
N ILE C 311 -65.88 -34.27 37.78
CA ILE C 311 -66.87 -33.23 37.49
C ILE C 311 -66.15 -31.98 36.97
N ILE C 312 -65.29 -31.42 37.79
CA ILE C 312 -64.59 -30.22 37.39
C ILE C 312 -63.85 -30.39 36.08
N GLN C 313 -63.96 -31.55 35.46
CA GLN C 313 -63.30 -31.78 34.18
C GLN C 313 -64.27 -32.49 33.24
N SER C 314 -65.54 -32.14 33.34
CA SER C 314 -66.57 -32.75 32.49
C SER C 314 -67.24 -31.75 31.60
N GLY C 315 -67.64 -32.21 30.42
CA GLY C 315 -68.29 -31.34 29.46
C GLY C 315 -69.62 -30.81 29.94
N ILE C 316 -70.11 -31.31 31.07
CA ILE C 316 -71.40 -30.86 31.61
C ILE C 316 -71.16 -29.75 32.63
N ALA C 317 -70.06 -29.87 33.37
CA ALA C 317 -69.75 -28.84 34.36
C ALA C 317 -69.59 -27.49 33.64
N LEU C 318 -69.25 -27.53 32.36
CA LEU C 318 -69.05 -26.31 31.58
C LEU C 318 -70.37 -25.89 30.97
N LEU C 319 -71.07 -26.81 30.32
CA LEU C 319 -72.36 -26.49 29.74
C LEU C 319 -73.26 -25.89 30.83
N LEU C 320 -73.15 -26.42 32.05
CA LEU C 320 -73.97 -25.90 33.14
C LEU C 320 -73.65 -24.43 33.35
N MET C 321 -72.37 -24.15 33.55
CA MET C 321 -71.88 -22.80 33.78
C MET C 321 -72.53 -21.86 32.76
N LEU C 322 -72.81 -22.36 31.59
CA LEU C 322 -73.43 -21.54 30.58
C LEU C 322 -74.91 -21.37 30.90
N ILE C 323 -75.57 -22.49 31.10
CA ILE C 323 -76.99 -22.49 31.41
C ILE C 323 -77.22 -21.61 32.61
N TRP C 324 -76.18 -21.41 33.39
CA TRP C 324 -76.33 -20.61 34.58
C TRP C 324 -76.17 -19.12 34.28
N TYR C 325 -75.02 -18.75 33.71
CA TYR C 325 -74.70 -17.37 33.39
C TYR C 325 -75.24 -16.86 32.05
N ARG C 326 -74.53 -17.17 30.97
CA ARG C 326 -74.94 -16.73 29.64
C ARG C 326 -76.45 -16.63 29.39
N PRO C 327 -76.88 -15.63 28.58
CA PRO C 327 -78.29 -15.35 28.20
C PRO C 327 -78.79 -16.34 27.17
N VAL C 328 -80.08 -16.63 27.21
CA VAL C 328 -80.62 -17.59 26.29
C VAL C 328 -80.45 -17.12 24.87
N ALA C 329 -79.91 -15.91 24.74
CA ALA C 329 -79.71 -15.31 23.43
C ALA C 329 -78.54 -15.88 22.66
N GLU C 330 -77.40 -16.00 23.35
CA GLU C 330 -76.15 -16.51 22.77
C GLU C 330 -76.29 -17.93 22.22
N PHE C 331 -77.28 -18.67 22.70
CA PHE C 331 -77.50 -20.04 22.24
C PHE C 331 -78.34 -20.04 20.97
N ALA C 332 -78.18 -21.09 20.16
CA ALA C 332 -78.91 -21.21 18.90
C ALA C 332 -80.36 -21.35 19.15
N GLN C 333 -81.18 -20.73 18.31
CA GLN C 333 -82.60 -20.77 18.50
C GLN C 333 -83.17 -22.14 18.22
N SER C 334 -82.31 -23.07 17.84
CA SER C 334 -82.76 -24.43 17.53
C SER C 334 -82.76 -25.28 18.80
N ILE C 335 -82.42 -24.65 19.92
CA ILE C 335 -82.40 -25.37 21.18
C ILE C 335 -82.59 -24.42 22.33
N GLN C 336 -83.07 -23.21 22.03
CA GLN C 336 -83.27 -22.20 23.05
C GLN C 336 -84.27 -22.61 24.13
N SER C 337 -85.36 -23.24 23.71
CA SER C 337 -86.40 -23.66 24.66
C SER C 337 -85.79 -24.47 25.78
N ARG C 338 -85.08 -25.51 25.34
CA ARG C 338 -84.44 -26.45 26.22
C ARG C 338 -83.59 -25.70 27.21
N ILE C 339 -82.80 -24.74 26.72
CA ILE C 339 -81.91 -23.94 27.57
C ILE C 339 -82.70 -23.24 28.66
N VAL C 340 -83.89 -22.80 28.31
CA VAL C 340 -84.75 -22.11 29.25
C VAL C 340 -85.23 -23.09 30.30
N GLU C 341 -85.82 -24.19 29.83
CA GLU C 341 -86.35 -25.21 30.73
C GLU C 341 -85.34 -25.56 31.79
N TRP C 342 -84.07 -25.39 31.45
CA TRP C 342 -83.01 -25.70 32.40
C TRP C 342 -82.73 -24.54 33.34
N LYS C 343 -82.81 -23.32 32.81
CA LYS C 343 -82.53 -22.15 33.65
C LYS C 343 -83.51 -22.07 34.78
N GLU C 344 -84.78 -22.39 34.48
CA GLU C 344 -85.83 -22.34 35.47
C GLU C 344 -85.55 -23.44 36.48
N ARG C 345 -85.31 -24.62 35.94
CA ARG C 345 -85.01 -25.80 36.72
C ARG C 345 -83.85 -25.56 37.70
N LEU C 346 -82.81 -24.86 37.27
CA LEU C 346 -81.67 -24.61 38.14
C LEU C 346 -81.93 -23.61 39.26
N ASP C 347 -82.71 -22.58 38.97
CA ASP C 347 -83.01 -21.57 39.99
C ASP C 347 -84.04 -22.12 40.96
N LYS C 348 -84.98 -22.91 40.44
CA LYS C 348 -86.00 -23.52 41.27
C LYS C 348 -85.26 -24.37 42.30
N GLU C 349 -84.14 -24.93 41.88
CA GLU C 349 -83.32 -25.77 42.73
C GLU C 349 -82.24 -25.02 43.50
N PHE C 350 -81.79 -23.88 43.01
CA PHE C 350 -80.74 -23.14 43.71
C PHE C 350 -81.01 -21.68 43.95
N SER C 351 -80.28 -21.15 44.93
CA SER C 351 -80.39 -19.76 45.32
C SER C 351 -79.09 -19.06 44.96
N LEU C 352 -79.19 -17.95 44.25
CA LEU C 352 -77.99 -17.21 43.89
C LEU C 352 -77.10 -16.98 45.11
N SER C 353 -77.73 -16.78 46.26
CA SER C 353 -77.00 -16.52 47.51
C SER C 353 -76.27 -17.77 47.95
N VAL C 354 -76.81 -18.92 47.57
CA VAL C 354 -76.18 -20.18 47.93
C VAL C 354 -74.94 -20.36 47.08
N TYR C 355 -75.11 -20.23 45.76
CA TYR C 355 -74.01 -20.38 44.83
C TYR C 355 -72.86 -19.49 45.25
N GLN C 356 -73.17 -18.28 45.69
CA GLN C 356 -72.12 -17.38 46.13
C GLN C 356 -71.36 -18.02 47.31
N LYS C 357 -72.11 -18.66 48.19
CA LYS C 357 -71.54 -19.29 49.38
C LYS C 357 -70.56 -20.36 48.92
N MET C 358 -70.89 -21.02 47.81
CA MET C 358 -70.01 -22.05 47.29
C MET C 358 -68.65 -21.43 46.96
N LYS C 359 -68.67 -20.48 46.04
CA LYS C 359 -67.44 -19.84 45.65
C LYS C 359 -66.74 -19.29 46.87
N PHE C 360 -67.54 -18.86 47.85
CA PHE C 360 -67.02 -18.30 49.09
C PHE C 360 -66.02 -19.26 49.70
N ASN C 361 -66.46 -20.49 49.92
CA ASN C 361 -65.61 -21.53 50.49
C ASN C 361 -64.43 -21.83 49.57
N VAL C 362 -64.73 -22.07 48.29
CA VAL C 362 -63.71 -22.36 47.29
C VAL C 362 -62.63 -21.31 47.36
N ALA C 363 -62.98 -20.13 47.82
CA ALA C 363 -62.00 -19.06 47.93
C ALA C 363 -61.27 -19.20 49.24
N MET C 364 -62.00 -19.63 50.27
CA MET C 364 -61.43 -19.80 51.60
C MET C 364 -60.68 -21.11 51.70
N GLY C 365 -60.81 -21.91 50.66
CA GLY C 365 -60.13 -23.20 50.63
C GLY C 365 -60.84 -24.16 51.56
N ILE C 366 -62.15 -24.26 51.40
CA ILE C 366 -62.96 -25.12 52.24
C ILE C 366 -63.95 -25.87 51.38
N GLY C 367 -64.35 -27.05 51.83
CA GLY C 367 -65.31 -27.86 51.08
C GLY C 367 -66.47 -27.06 50.55
N VAL C 368 -66.69 -27.16 49.24
CA VAL C 368 -67.76 -26.42 48.57
C VAL C 368 -69.06 -26.53 49.34
N LEU C 369 -69.74 -27.67 49.17
CA LEU C 369 -71.00 -27.92 49.86
C LEU C 369 -70.79 -27.86 51.38
N ASP C 370 -71.67 -27.14 52.05
CA ASP C 370 -71.58 -26.98 53.50
C ASP C 370 -70.29 -26.21 53.87
N LYS D 9 -85.08 -55.67 -7.72
CA LYS D 9 -84.64 -56.05 -6.34
C LYS D 9 -83.16 -55.76 -6.10
N GLN D 10 -82.34 -56.05 -7.10
CA GLN D 10 -80.90 -55.82 -6.98
C GLN D 10 -80.53 -54.39 -7.39
N VAL D 11 -80.12 -53.58 -6.40
CA VAL D 11 -79.75 -52.19 -6.63
C VAL D 11 -78.95 -52.03 -7.91
N SER D 12 -79.07 -50.86 -8.54
CA SER D 12 -78.37 -50.57 -9.78
C SER D 12 -77.02 -49.94 -9.47
N TRP D 13 -75.96 -50.73 -9.64
CA TRP D 13 -74.62 -50.26 -9.38
C TRP D 13 -74.29 -49.09 -10.31
N LYS D 14 -74.98 -49.03 -11.45
CA LYS D 14 -74.78 -47.98 -12.44
C LYS D 14 -75.45 -46.69 -12.02
N LEU D 15 -76.38 -46.77 -11.09
CA LEU D 15 -77.02 -45.56 -10.63
C LEU D 15 -76.19 -44.86 -9.57
N VAL D 16 -75.57 -45.64 -8.70
CA VAL D 16 -74.75 -45.06 -7.64
C VAL D 16 -73.52 -44.49 -8.31
N THR D 17 -73.03 -45.21 -9.31
CA THR D 17 -71.90 -44.77 -10.08
C THR D 17 -72.22 -43.42 -10.74
N GLU D 18 -73.28 -43.41 -11.55
CA GLU D 18 -73.72 -42.21 -12.26
C GLU D 18 -73.74 -41.05 -11.30
N TYR D 19 -74.43 -41.21 -10.18
CA TYR D 19 -74.49 -40.15 -9.17
C TYR D 19 -73.10 -39.67 -8.79
N ALA D 20 -72.20 -40.61 -8.52
CA ALA D 20 -70.84 -40.27 -8.15
C ALA D 20 -70.20 -39.44 -9.22
N MET D 21 -70.37 -39.85 -10.48
CA MET D 21 -69.80 -39.09 -11.58
C MET D 21 -70.39 -37.68 -11.65
N GLU D 22 -71.68 -37.56 -11.34
CA GLU D 22 -72.38 -36.28 -11.38
C GLU D 22 -72.14 -35.51 -10.11
N THR D 23 -71.09 -35.85 -9.39
CA THR D 23 -70.80 -35.13 -8.17
C THR D 23 -69.31 -35.14 -7.96
N LYS D 24 -68.58 -35.65 -8.97
CA LYS D 24 -67.13 -35.78 -8.91
C LYS D 24 -66.69 -36.14 -7.51
N CYS D 25 -67.34 -37.15 -6.95
CA CYS D 25 -67.04 -37.62 -5.61
C CYS D 25 -66.17 -38.87 -5.68
N ASP D 26 -65.05 -38.84 -4.94
CA ASP D 26 -64.10 -39.93 -4.91
C ASP D 26 -63.90 -40.46 -3.50
N ASP D 27 -64.69 -39.96 -2.56
CA ASP D 27 -64.60 -40.40 -1.17
C ASP D 27 -65.70 -41.44 -0.89
N VAL D 28 -65.31 -42.72 -0.83
CA VAL D 28 -66.23 -43.84 -0.60
C VAL D 28 -67.11 -43.64 0.63
N LEU D 29 -66.51 -43.29 1.75
CA LEU D 29 -67.30 -43.08 2.95
C LEU D 29 -68.35 -41.97 2.80
N LEU D 30 -68.04 -40.96 1.98
CA LEU D 30 -68.93 -39.83 1.69
C LEU D 30 -70.11 -40.28 0.80
N LEU D 31 -69.78 -40.87 -0.35
CA LEU D 31 -70.77 -41.40 -1.27
C LEU D 31 -71.82 -42.22 -0.50
N LEU D 32 -71.37 -43.13 0.34
CA LEU D 32 -72.31 -43.93 1.11
C LEU D 32 -73.24 -43.03 1.91
N GLY D 33 -72.68 -42.07 2.63
CA GLY D 33 -73.53 -41.20 3.41
C GLY D 33 -74.48 -40.41 2.53
N MET D 34 -73.94 -39.78 1.49
CA MET D 34 -74.76 -38.98 0.59
C MET D 34 -75.95 -39.75 0.12
N TYR D 35 -75.70 -40.95 -0.40
CA TYR D 35 -76.74 -41.81 -0.94
C TYR D 35 -77.70 -42.27 0.12
N LEU D 36 -77.19 -42.60 1.30
CA LEU D 36 -78.06 -43.07 2.37
C LEU D 36 -79.10 -42.06 2.79
N GLU D 37 -79.00 -40.85 2.27
CA GLU D 37 -79.98 -39.83 2.60
C GLU D 37 -81.20 -39.95 1.66
N PHE D 38 -80.95 -40.39 0.44
CA PHE D 38 -82.02 -40.55 -0.53
C PHE D 38 -82.93 -41.74 -0.23
N GLN D 39 -82.62 -42.51 0.80
CA GLN D 39 -83.43 -43.67 1.13
C GLN D 39 -84.77 -43.21 1.64
N TYR D 40 -84.78 -42.08 2.35
CA TYR D 40 -86.02 -41.52 2.88
C TYR D 40 -86.89 -40.88 1.78
N SER D 41 -88.12 -40.51 2.13
CA SER D 41 -89.06 -39.91 1.18
C SER D 41 -88.69 -38.48 0.87
N PHE D 42 -88.79 -38.12 -0.40
CA PHE D 42 -88.46 -36.78 -0.83
C PHE D 42 -89.66 -35.88 -0.67
N GLU D 43 -90.83 -36.48 -0.83
CA GLU D 43 -92.09 -35.79 -0.68
C GLU D 43 -92.09 -34.83 0.49
N MET D 44 -91.54 -35.25 1.63
CA MET D 44 -91.54 -34.36 2.80
C MET D 44 -90.22 -34.17 3.53
N CYS D 45 -89.13 -34.17 2.78
CA CYS D 45 -87.83 -33.99 3.40
C CYS D 45 -87.49 -32.51 3.58
N LEU D 46 -86.79 -32.20 4.67
CA LEU D 46 -86.39 -30.84 4.99
C LEU D 46 -85.19 -30.34 4.18
N LYS D 47 -84.00 -30.84 4.50
CA LYS D 47 -82.76 -30.45 3.80
C LYS D 47 -82.97 -30.37 2.29
N CYS D 48 -83.97 -31.12 1.82
CA CYS D 48 -84.30 -31.22 0.39
C CYS D 48 -85.22 -30.11 -0.12
N ILE D 49 -85.98 -29.51 0.79
CA ILE D 49 -86.87 -28.41 0.45
C ILE D 49 -86.22 -27.07 0.81
N LYS D 50 -85.42 -27.07 1.86
CA LYS D 50 -84.73 -25.87 2.29
C LYS D 50 -83.64 -25.54 1.28
N LYS D 51 -83.51 -26.39 0.26
CA LYS D 51 -82.49 -26.22 -0.78
C LYS D 51 -81.19 -25.54 -0.33
N GLU D 52 -80.52 -26.12 0.67
CA GLU D 52 -79.26 -25.58 1.16
C GLU D 52 -78.10 -26.49 0.77
N GLN D 53 -78.39 -27.56 0.03
CA GLN D 53 -77.39 -28.53 -0.40
C GLN D 53 -77.60 -29.02 -1.82
N PRO D 54 -76.91 -28.39 -2.76
CA PRO D 54 -77.02 -28.73 -4.17
C PRO D 54 -76.84 -30.20 -4.47
N SER D 55 -75.80 -30.78 -3.88
CA SER D 55 -75.49 -32.19 -4.10
C SER D 55 -76.52 -33.12 -3.48
N HIS D 56 -77.62 -32.56 -3.01
CA HIS D 56 -78.63 -33.41 -2.39
C HIS D 56 -79.96 -33.39 -3.11
N TYR D 57 -80.65 -32.25 -3.05
CA TYR D 57 -81.96 -32.11 -3.68
C TYR D 57 -81.97 -32.30 -5.19
N LYS D 58 -80.82 -32.12 -5.82
CA LYS D 58 -80.75 -32.24 -7.26
C LYS D 58 -80.85 -33.68 -7.75
N TYR D 59 -80.63 -34.63 -6.85
CA TYR D 59 -80.66 -36.06 -7.21
C TYR D 59 -81.52 -36.99 -6.35
N HIS D 60 -82.14 -36.44 -5.29
CA HIS D 60 -82.97 -37.26 -4.42
C HIS D 60 -84.12 -37.96 -5.11
N GLU D 61 -84.87 -37.22 -5.92
CA GLU D 61 -86.02 -37.81 -6.58
C GLU D 61 -85.59 -38.76 -7.68
N LYS D 62 -84.48 -38.50 -8.33
CA LYS D 62 -84.05 -39.41 -9.38
C LYS D 62 -83.51 -40.69 -8.72
N HIS D 63 -82.78 -40.50 -7.63
CA HIS D 63 -82.16 -41.58 -6.85
C HIS D 63 -82.95 -41.69 -5.56
N TYR D 64 -84.01 -42.50 -5.58
CA TYR D 64 -84.86 -42.69 -4.41
C TYR D 64 -85.18 -44.16 -4.31
N ALA D 65 -85.50 -44.77 -5.44
CA ALA D 65 -85.80 -46.19 -5.45
C ALA D 65 -84.53 -46.98 -5.20
N ASN D 66 -83.50 -46.67 -5.97
CA ASN D 66 -82.22 -47.35 -5.83
C ASN D 66 -81.58 -46.94 -4.51
N ALA D 67 -82.31 -46.24 -3.66
CA ALA D 67 -81.77 -45.80 -2.37
C ALA D 67 -82.49 -46.55 -1.25
N ALA D 68 -83.78 -46.79 -1.47
CA ALA D 68 -84.59 -47.50 -0.48
C ALA D 68 -84.24 -49.01 -0.58
N ILE D 69 -83.65 -49.36 -1.71
CA ILE D 69 -83.24 -50.71 -1.95
C ILE D 69 -81.79 -50.82 -1.49
N PHE D 70 -81.02 -49.78 -1.79
CA PHE D 70 -79.62 -49.74 -1.40
C PHE D 70 -79.55 -49.80 0.11
N ALA D 71 -80.47 -49.12 0.78
CA ALA D 71 -80.44 -49.09 2.23
C ALA D 71 -80.70 -50.44 2.79
N ASP D 72 -80.99 -51.39 1.90
CA ASP D 72 -81.26 -52.78 2.29
C ASP D 72 -80.11 -53.71 1.92
N SER D 73 -79.65 -53.67 0.67
CA SER D 73 -78.55 -54.50 0.19
C SER D 73 -77.43 -54.59 1.22
N LYS D 74 -76.67 -55.69 1.16
CA LYS D 74 -75.60 -55.88 2.13
C LYS D 74 -74.24 -55.42 1.63
N ASN D 75 -74.11 -55.28 0.31
CA ASN D 75 -72.86 -54.87 -0.28
C ASN D 75 -72.76 -53.38 -0.52
N GLN D 76 -73.13 -52.57 0.46
CA GLN D 76 -73.07 -51.12 0.30
C GLN D 76 -71.66 -50.61 0.02
N LYS D 77 -70.77 -50.80 0.98
CA LYS D 77 -69.42 -50.32 0.83
C LYS D 77 -68.80 -50.84 -0.43
N THR D 78 -69.09 -52.09 -0.78
CA THR D 78 -68.52 -52.67 -1.98
C THR D 78 -68.95 -51.94 -3.22
N ILE D 79 -70.22 -51.52 -3.22
CA ILE D 79 -70.80 -50.81 -4.35
C ILE D 79 -70.13 -49.44 -4.46
N CYS D 80 -70.32 -48.64 -3.43
CA CYS D 80 -69.72 -47.34 -3.44
C CYS D 80 -68.31 -47.41 -4.01
N GLN D 81 -67.57 -48.47 -3.71
CA GLN D 81 -66.22 -48.61 -4.21
C GLN D 81 -66.25 -48.57 -5.72
N GLN D 82 -66.94 -49.54 -6.29
CA GLN D 82 -67.09 -49.67 -7.74
C GLN D 82 -67.39 -48.29 -8.37
N ALA D 83 -68.22 -47.52 -7.68
CA ALA D 83 -68.61 -46.20 -8.11
C ALA D 83 -67.40 -45.27 -8.07
N VAL D 84 -66.84 -45.09 -6.86
CA VAL D 84 -65.69 -44.24 -6.69
C VAL D 84 -64.59 -44.58 -7.67
N ASP D 85 -64.34 -45.87 -7.89
CA ASP D 85 -63.26 -46.24 -8.82
C ASP D 85 -63.57 -45.72 -10.21
N THR D 86 -64.84 -45.66 -10.54
CA THR D 86 -65.21 -45.19 -11.86
C THR D 86 -64.84 -43.72 -12.01
N VAL D 87 -64.97 -42.99 -10.91
CA VAL D 87 -64.65 -41.57 -10.85
C VAL D 87 -63.15 -41.42 -11.06
N LEU D 88 -62.38 -42.04 -10.17
CA LEU D 88 -60.93 -42.01 -10.23
C LEU D 88 -60.46 -42.43 -11.58
N ALA D 89 -61.21 -43.35 -12.18
CA ALA D 89 -60.90 -43.85 -13.51
C ALA D 89 -61.02 -42.71 -14.52
N LYS D 90 -62.12 -41.97 -14.45
CA LYS D 90 -62.33 -40.85 -15.36
C LYS D 90 -61.20 -39.83 -15.25
N LYS D 91 -60.98 -39.33 -14.02
CA LYS D 91 -59.94 -38.33 -13.74
C LYS D 91 -58.62 -38.83 -14.26
N ARG D 92 -58.38 -40.13 -14.14
CA ARG D 92 -57.13 -40.69 -14.62
C ARG D 92 -57.04 -40.62 -16.13
N VAL D 93 -58.18 -40.80 -16.81
CA VAL D 93 -58.21 -40.75 -18.26
C VAL D 93 -58.15 -39.32 -18.77
N ASP D 94 -58.53 -38.38 -17.90
CA ASP D 94 -58.51 -36.98 -18.28
C ASP D 94 -57.06 -36.47 -18.25
N SER D 95 -56.35 -36.82 -17.18
CA SER D 95 -54.98 -36.39 -16.99
C SER D 95 -54.08 -36.82 -18.11
N LEU D 96 -54.39 -37.95 -18.71
CA LEU D 96 -53.55 -38.40 -19.77
C LEU D 96 -54.00 -38.01 -21.15
N GLN D 97 -55.26 -37.65 -21.32
CA GLN D 97 -55.74 -37.33 -22.66
C GLN D 97 -56.02 -35.85 -22.88
N LEU D 98 -56.83 -35.26 -22.01
CA LEU D 98 -57.16 -33.83 -22.09
C LEU D 98 -55.90 -32.95 -22.05
N THR D 99 -55.98 -31.76 -22.62
CA THR D 99 -54.84 -30.86 -22.60
C THR D 99 -54.88 -30.05 -21.31
N ARG D 100 -53.72 -29.60 -20.85
CA ARG D 100 -53.69 -28.88 -19.58
C ARG D 100 -54.65 -27.72 -19.63
N GLU D 101 -54.88 -27.17 -20.81
CA GLU D 101 -55.77 -26.04 -20.90
C GLU D 101 -57.20 -26.47 -20.66
N GLN D 102 -57.60 -27.54 -21.36
CA GLN D 102 -58.96 -28.08 -21.23
C GLN D 102 -59.22 -28.38 -19.78
N MET D 103 -58.16 -28.78 -19.08
CA MET D 103 -58.27 -29.12 -17.66
C MET D 103 -58.70 -27.93 -16.82
N LEU D 104 -58.11 -26.78 -17.11
CA LEU D 104 -58.44 -25.54 -16.42
C LEU D 104 -59.88 -25.18 -16.78
N THR D 105 -60.23 -25.32 -18.05
CA THR D 105 -61.59 -25.02 -18.44
C THR D 105 -62.60 -25.81 -17.59
N ASN D 106 -62.50 -27.14 -17.64
CA ASN D 106 -63.41 -27.99 -16.88
C ASN D 106 -63.44 -27.51 -15.45
N ARG D 107 -62.30 -27.05 -14.95
CA ARG D 107 -62.25 -26.59 -13.58
C ARG D 107 -63.10 -25.34 -13.47
N PHE D 108 -62.77 -24.36 -14.31
CA PHE D 108 -63.52 -23.11 -14.27
C PHE D 108 -65.01 -23.37 -14.35
N ASN D 109 -65.41 -24.25 -15.26
CA ASN D 109 -66.83 -24.56 -15.38
C ASN D 109 -67.39 -24.99 -14.03
N ASP D 110 -66.88 -26.08 -13.48
CA ASP D 110 -67.36 -26.56 -12.20
C ASP D 110 -67.28 -25.42 -11.17
N LEU D 111 -66.30 -24.55 -11.38
CA LEU D 111 -66.13 -23.44 -10.47
C LEU D 111 -67.26 -22.47 -10.62
N LEU D 112 -67.59 -22.14 -11.88
CA LEU D 112 -68.67 -21.19 -12.19
C LEU D 112 -70.00 -21.70 -11.70
N ASP D 113 -70.24 -22.99 -11.93
CA ASP D 113 -71.48 -23.63 -11.50
C ASP D 113 -71.72 -23.30 -10.06
N ARG D 114 -70.68 -23.43 -9.23
CA ARG D 114 -70.82 -23.14 -7.80
C ARG D 114 -71.27 -21.70 -7.64
N MET D 115 -70.66 -20.80 -8.40
CA MET D 115 -71.00 -19.39 -8.36
C MET D 115 -72.48 -19.16 -8.74
N ASP D 116 -72.88 -19.72 -9.88
CA ASP D 116 -74.24 -19.58 -10.35
C ASP D 116 -75.26 -19.82 -9.25
N ILE D 117 -74.99 -20.79 -8.39
CA ILE D 117 -75.88 -21.16 -7.30
C ILE D 117 -75.68 -20.35 -6.04
N MET D 118 -74.46 -20.30 -5.53
CA MET D 118 -74.20 -19.55 -4.32
C MET D 118 -74.60 -18.08 -4.51
N PHE D 119 -74.61 -17.62 -5.76
CA PHE D 119 -74.98 -16.25 -6.13
C PHE D 119 -76.29 -16.25 -6.92
N GLY D 120 -77.26 -16.97 -6.39
CA GLY D 120 -78.56 -17.07 -7.02
C GLY D 120 -79.68 -17.03 -6.01
N SER D 121 -80.88 -17.38 -6.48
CA SER D 121 -82.08 -17.41 -5.65
C SER D 121 -81.83 -18.19 -4.35
N THR D 122 -81.11 -19.31 -4.44
CA THR D 122 -80.78 -20.14 -3.27
C THR D 122 -79.29 -20.03 -2.98
N GLY D 123 -78.95 -19.61 -1.77
CA GLY D 123 -77.53 -19.46 -1.42
C GLY D 123 -77.35 -18.27 -0.51
N SER D 124 -76.44 -18.36 0.44
CA SER D 124 -76.20 -17.27 1.39
C SER D 124 -75.00 -16.41 0.99
N ALA D 125 -74.56 -16.54 -0.25
CA ALA D 125 -73.41 -15.78 -0.68
C ALA D 125 -73.87 -14.40 -1.06
N ASP D 126 -73.09 -13.40 -0.70
CA ASP D 126 -73.42 -12.01 -1.02
C ASP D 126 -72.47 -11.43 -2.07
N ILE D 127 -72.93 -11.38 -3.31
CA ILE D 127 -72.14 -10.89 -4.42
C ILE D 127 -71.36 -9.62 -4.07
N GLU D 128 -71.97 -8.73 -3.31
CA GLU D 128 -71.28 -7.53 -2.92
C GLU D 128 -70.05 -7.81 -2.01
N GLU D 129 -70.22 -8.72 -1.04
CA GLU D 129 -69.14 -9.06 -0.10
C GLU D 129 -67.99 -9.63 -0.82
N TRP D 130 -68.27 -10.57 -1.71
CA TRP D 130 -67.22 -11.22 -2.48
C TRP D 130 -66.49 -10.22 -3.35
N MET D 131 -67.22 -9.29 -3.95
CA MET D 131 -66.55 -8.32 -4.80
C MET D 131 -65.49 -7.62 -3.98
N ALA D 132 -65.81 -7.36 -2.71
CA ALA D 132 -64.89 -6.68 -1.84
C ALA D 132 -63.58 -7.46 -1.80
N GLY D 133 -63.70 -8.79 -1.78
CA GLY D 133 -62.54 -9.64 -1.74
C GLY D 133 -61.75 -9.46 -3.01
N VAL D 134 -62.46 -9.44 -4.13
CA VAL D 134 -61.82 -9.28 -5.41
C VAL D 134 -60.98 -8.04 -5.31
N ALA D 135 -61.55 -7.04 -4.66
CA ALA D 135 -60.89 -5.75 -4.47
C ALA D 135 -59.74 -5.86 -3.52
N TRP D 136 -60.03 -6.33 -2.31
CA TRP D 136 -58.99 -6.48 -1.30
C TRP D 136 -57.80 -7.19 -1.91
N LEU D 137 -58.07 -8.29 -2.60
CA LEU D 137 -57.00 -9.08 -3.23
C LEU D 137 -56.23 -8.29 -4.30
N HIS D 138 -56.91 -7.36 -4.94
CA HIS D 138 -56.27 -6.59 -6.00
C HIS D 138 -55.29 -5.58 -5.40
N CYS D 139 -55.35 -5.44 -4.08
CA CYS D 139 -54.48 -4.53 -3.35
C CYS D 139 -53.36 -5.27 -2.71
N LEU D 140 -53.38 -6.57 -2.90
CA LEU D 140 -52.38 -7.39 -2.29
C LEU D 140 -51.10 -7.37 -3.09
N LEU D 141 -51.23 -7.09 -4.37
CA LEU D 141 -50.07 -7.10 -5.24
C LEU D 141 -50.26 -6.25 -6.49
N PRO D 142 -49.17 -5.66 -6.99
CA PRO D 142 -49.22 -4.83 -8.18
C PRO D 142 -49.63 -5.60 -9.43
N LYS D 143 -50.72 -5.18 -10.06
CA LYS D 143 -51.20 -5.82 -11.28
C LYS D 143 -51.66 -7.24 -10.98
N MET D 144 -52.37 -7.37 -9.86
CA MET D 144 -52.84 -8.67 -9.42
C MET D 144 -53.50 -9.47 -10.53
N ASP D 145 -54.32 -8.82 -11.34
CA ASP D 145 -54.99 -9.53 -12.42
C ASP D 145 -54.04 -10.08 -13.46
N SER D 146 -52.96 -9.36 -13.76
CA SER D 146 -51.96 -9.81 -14.74
C SER D 146 -50.98 -10.78 -14.10
N VAL D 147 -51.27 -11.17 -12.87
CA VAL D 147 -50.43 -12.09 -12.14
C VAL D 147 -51.17 -13.42 -12.16
N VAL D 148 -52.40 -13.42 -11.68
CA VAL D 148 -53.23 -14.62 -11.68
C VAL D 148 -53.22 -15.19 -13.10
N TYR D 149 -53.28 -14.31 -14.09
CA TYR D 149 -53.30 -14.78 -15.47
C TYR D 149 -51.95 -15.37 -15.80
N ASP D 150 -50.89 -14.61 -15.50
CA ASP D 150 -49.53 -15.08 -15.75
C ASP D 150 -49.32 -16.43 -15.10
N PHE D 151 -49.86 -16.58 -13.89
CA PHE D 151 -49.77 -17.83 -13.16
C PHE D 151 -50.47 -18.93 -13.93
N LEU D 152 -51.75 -18.73 -14.24
CA LEU D 152 -52.49 -19.74 -14.97
C LEU D 152 -51.78 -20.15 -16.24
N LYS D 153 -51.11 -19.20 -16.89
CA LYS D 153 -50.46 -19.56 -18.12
C LYS D 153 -49.24 -20.36 -17.87
N CYS D 154 -48.76 -20.30 -16.65
CA CYS D 154 -47.56 -21.03 -16.29
C CYS D 154 -47.89 -22.47 -15.92
N MET D 155 -49.04 -22.63 -15.24
CA MET D 155 -49.56 -23.90 -14.79
C MET D 155 -50.13 -24.67 -15.94
N VAL D 156 -50.44 -23.98 -17.03
CA VAL D 156 -50.98 -24.63 -18.23
C VAL D 156 -49.85 -25.05 -19.17
N TYR D 157 -48.99 -24.11 -19.52
CA TYR D 157 -47.89 -24.46 -20.39
C TYR D 157 -47.06 -25.56 -19.74
N ASN D 158 -46.85 -25.44 -18.42
CA ASN D 158 -46.09 -26.43 -17.68
C ASN D 158 -44.75 -26.71 -18.35
N ILE D 159 -44.04 -25.65 -18.73
CA ILE D 159 -42.76 -25.80 -19.39
C ILE D 159 -41.73 -26.45 -18.48
N PRO D 160 -40.99 -27.45 -19.00
CA PRO D 160 -39.97 -28.16 -18.22
C PRO D 160 -38.93 -27.20 -17.66
N LYS D 161 -38.58 -27.39 -16.38
CA LYS D 161 -37.59 -26.56 -15.68
C LYS D 161 -38.06 -25.15 -15.33
N LYS D 162 -39.32 -24.85 -15.63
CA LYS D 162 -39.91 -23.54 -15.35
C LYS D 162 -41.36 -23.70 -14.92
N ARG D 163 -41.58 -24.53 -13.91
CA ARG D 163 -42.92 -24.81 -13.47
C ARG D 163 -43.30 -24.25 -12.11
N TYR D 164 -42.34 -23.84 -11.28
CA TYR D 164 -42.77 -23.38 -9.95
C TYR D 164 -42.56 -21.92 -9.66
N TRP D 165 -43.49 -21.37 -8.87
CA TRP D 165 -43.48 -19.99 -8.42
C TRP D 165 -43.13 -20.07 -6.94
N LEU D 166 -42.43 -19.07 -6.44
CA LEU D 166 -42.02 -19.11 -5.04
C LEU D 166 -42.51 -17.92 -4.26
N PHE D 167 -43.49 -18.09 -3.37
CA PHE D 167 -43.95 -16.96 -2.59
C PHE D 167 -43.09 -16.95 -1.35
N LYS D 168 -42.31 -15.88 -1.13
CA LYS D 168 -41.43 -15.78 0.04
C LYS D 168 -41.72 -14.52 0.89
N GLY D 169 -41.78 -14.66 2.21
CA GLY D 169 -42.05 -13.49 3.04
C GLY D 169 -42.32 -13.78 4.50
N PRO D 170 -42.47 -12.73 5.33
CA PRO D 170 -42.73 -12.80 6.78
C PRO D 170 -44.02 -13.48 7.12
N ILE D 171 -44.44 -13.32 8.37
CA ILE D 171 -45.67 -13.91 8.83
C ILE D 171 -46.79 -12.91 8.61
N ASP D 172 -47.96 -13.41 8.20
CA ASP D 172 -49.12 -12.56 7.94
C ASP D 172 -48.86 -11.59 6.80
N SER D 173 -48.25 -12.11 5.75
CA SER D 173 -47.91 -11.34 4.56
C SER D 173 -48.91 -11.64 3.46
N GLY D 174 -49.88 -12.52 3.75
CA GLY D 174 -50.87 -12.91 2.74
C GLY D 174 -50.37 -14.00 1.78
N LYS D 175 -49.14 -14.47 2.00
CA LYS D 175 -48.54 -15.50 1.15
C LYS D 175 -49.48 -16.65 1.01
N THR D 176 -49.95 -17.15 2.14
CA THR D 176 -50.87 -18.28 2.13
C THR D 176 -52.20 -17.99 1.50
N THR D 177 -52.83 -16.93 1.95
CA THR D 177 -54.12 -16.56 1.39
C THR D 177 -54.09 -16.64 -0.13
N LEU D 178 -53.17 -15.94 -0.77
CA LEU D 178 -53.11 -15.98 -2.23
C LEU D 178 -52.82 -17.39 -2.71
N ALA D 179 -51.82 -18.01 -2.09
CA ALA D 179 -51.40 -19.36 -2.43
C ALA D 179 -52.60 -20.28 -2.37
N ALA D 180 -53.42 -20.10 -1.34
CA ALA D 180 -54.61 -20.93 -1.21
C ALA D 180 -55.60 -20.61 -2.30
N ALA D 181 -55.79 -19.32 -2.56
CA ALA D 181 -56.72 -18.91 -3.59
C ALA D 181 -56.33 -19.48 -4.94
N LEU D 182 -55.05 -19.34 -5.30
CA LEU D 182 -54.59 -19.87 -6.58
C LEU D 182 -54.81 -21.37 -6.64
N LEU D 183 -54.62 -22.02 -5.50
CA LEU D 183 -54.79 -23.46 -5.41
C LEU D 183 -56.21 -23.79 -5.73
N GLU D 184 -57.16 -23.24 -4.98
CA GLU D 184 -58.57 -23.54 -5.22
C GLU D 184 -58.99 -23.23 -6.65
N LEU D 185 -58.49 -22.12 -7.16
CA LEU D 185 -58.79 -21.70 -8.52
C LEU D 185 -58.50 -22.83 -9.52
N CYS D 186 -57.34 -23.45 -9.41
CA CYS D 186 -56.98 -24.52 -10.35
C CYS D 186 -57.35 -25.91 -9.92
N GLY D 187 -57.38 -26.05 -8.61
CA GLY D 187 -57.69 -27.33 -7.99
C GLY D 187 -56.48 -28.25 -7.87
N GLY D 188 -55.84 -28.26 -6.72
CA GLY D 188 -54.71 -29.15 -6.57
C GLY D 188 -54.70 -29.71 -5.17
N LYS D 189 -53.51 -29.81 -4.58
CA LYS D 189 -53.38 -30.33 -3.22
C LYS D 189 -52.24 -29.66 -2.53
N ALA D 190 -52.33 -29.62 -1.21
CA ALA D 190 -51.30 -29.00 -0.37
C ALA D 190 -50.42 -30.06 0.34
N LEU D 191 -49.19 -30.23 -0.12
CA LEU D 191 -48.30 -31.21 0.49
C LEU D 191 -47.42 -30.59 1.57
N ASN D 192 -47.20 -31.34 2.66
CA ASN D 192 -46.36 -30.89 3.78
C ASN D 192 -44.97 -31.63 3.78
N VAL D 193 -43.96 -30.97 3.24
CA VAL D 193 -42.64 -31.59 3.20
C VAL D 193 -41.78 -31.34 4.46
N ASN D 194 -42.42 -30.81 5.49
CA ASN D 194 -41.75 -30.55 6.74
C ASN D 194 -41.65 -31.82 7.54
N LEU D 195 -42.62 -32.71 7.35
CA LEU D 195 -42.68 -33.99 8.06
C LEU D 195 -41.41 -34.79 7.80
N PRO D 196 -41.18 -35.88 8.57
CA PRO D 196 -40.00 -36.73 8.41
C PRO D 196 -39.85 -37.23 6.98
N LEU D 197 -38.60 -37.42 6.56
CA LEU D 197 -38.29 -37.89 5.22
C LEU D 197 -38.75 -39.32 4.99
N ASP D 198 -38.92 -40.07 6.08
CA ASP D 198 -39.33 -41.48 6.00
C ASP D 198 -40.70 -41.62 5.36
N ARG D 199 -41.65 -40.81 5.82
CA ARG D 199 -43.03 -40.80 5.31
C ARG D 199 -43.23 -39.79 4.17
N LEU D 200 -42.14 -39.10 3.81
CA LEU D 200 -42.12 -38.11 2.76
C LEU D 200 -42.68 -38.68 1.44
N ASN D 201 -42.60 -39.99 1.28
CA ASN D 201 -43.09 -40.63 0.06
C ASN D 201 -44.61 -40.79 -0.02
N PHE D 202 -45.30 -40.70 1.11
CA PHE D 202 -46.74 -40.83 1.11
C PHE D 202 -47.48 -39.55 0.74
N GLU D 203 -46.97 -38.42 1.21
CA GLU D 203 -47.55 -37.13 0.91
C GLU D 203 -47.39 -36.89 -0.59
N LEU D 204 -46.18 -37.09 -1.11
CA LEU D 204 -45.95 -36.91 -2.52
C LEU D 204 -46.99 -37.68 -3.35
N GLY D 205 -47.49 -38.78 -2.82
CA GLY D 205 -48.48 -39.54 -3.57
C GLY D 205 -49.80 -38.84 -3.75
N VAL D 206 -50.13 -37.96 -2.80
CA VAL D 206 -51.38 -37.20 -2.87
C VAL D 206 -51.41 -36.34 -4.15
N ALA D 207 -50.25 -36.10 -4.73
CA ALA D 207 -50.12 -35.29 -5.93
C ALA D 207 -50.46 -36.09 -7.18
N ILE D 208 -50.89 -37.33 -7.01
CA ILE D 208 -51.18 -38.14 -8.17
C ILE D 208 -52.38 -37.61 -8.88
N ASP D 209 -52.23 -37.41 -10.20
CA ASP D 209 -53.30 -36.87 -11.05
C ASP D 209 -53.84 -35.55 -10.52
N GLN D 210 -52.98 -34.54 -10.38
CA GLN D 210 -53.40 -33.24 -9.88
C GLN D 210 -52.90 -32.22 -10.86
N PHE D 211 -53.67 -31.14 -11.02
CA PHE D 211 -53.34 -30.07 -11.92
C PHE D 211 -52.11 -29.35 -11.41
N LEU D 212 -52.12 -29.00 -10.13
CA LEU D 212 -50.97 -28.32 -9.56
C LEU D 212 -50.82 -28.63 -8.10
N VAL D 213 -49.65 -28.35 -7.55
CA VAL D 213 -49.43 -28.65 -6.15
C VAL D 213 -48.99 -27.40 -5.41
N VAL D 214 -49.12 -27.41 -4.10
CA VAL D 214 -48.70 -26.27 -3.31
C VAL D 214 -47.95 -26.73 -2.08
N PHE D 215 -46.68 -26.33 -1.96
CA PHE D 215 -45.88 -26.67 -0.80
C PHE D 215 -45.96 -25.50 0.20
N GLU D 216 -46.99 -25.52 1.05
CA GLU D 216 -47.20 -24.45 2.02
C GLU D 216 -46.20 -24.43 3.18
N ASP D 217 -45.73 -23.23 3.53
CA ASP D 217 -44.80 -22.99 4.64
C ASP D 217 -43.68 -24.01 4.81
N VAL D 218 -42.83 -24.12 3.81
CA VAL D 218 -41.72 -25.03 3.90
C VAL D 218 -40.67 -24.40 4.82
N LYS D 219 -40.08 -25.22 5.70
CA LYS D 219 -39.03 -24.78 6.62
C LYS D 219 -37.62 -25.08 6.09
N GLY D 220 -36.68 -24.17 6.37
CA GLY D 220 -35.31 -24.35 5.93
C GLY D 220 -34.25 -24.23 7.01
N THR D 221 -33.04 -23.88 6.59
CA THR D 221 -31.93 -23.76 7.53
C THR D 221 -31.48 -22.32 7.55
N GLY D 222 -30.69 -21.98 8.57
CA GLY D 222 -30.17 -20.62 8.67
C GLY D 222 -31.24 -19.57 8.86
N GLY D 223 -31.99 -19.71 9.93
CA GLY D 223 -33.04 -18.76 10.22
C GLY D 223 -32.97 -18.23 11.63
N GLU D 224 -32.00 -18.71 12.40
CA GLU D 224 -31.83 -18.28 13.78
C GLU D 224 -31.53 -16.77 13.87
N SER D 225 -30.87 -16.25 12.84
CA SER D 225 -30.54 -14.83 12.79
C SER D 225 -31.81 -14.00 12.63
N ARG D 226 -32.94 -14.67 12.47
CA ARG D 226 -34.22 -13.99 12.28
C ARG D 226 -35.31 -14.68 13.09
N ASP D 227 -34.90 -15.44 14.10
CA ASP D 227 -35.87 -16.13 14.96
C ASP D 227 -36.75 -17.16 14.24
N LEU D 228 -36.16 -17.93 13.33
CA LEU D 228 -36.86 -18.98 12.58
C LEU D 228 -36.29 -20.36 12.87
N PRO D 229 -37.15 -21.27 13.29
CA PRO D 229 -36.78 -22.65 13.60
C PRO D 229 -36.27 -23.41 12.39
N SER D 230 -35.30 -24.29 12.59
CA SER D 230 -34.77 -25.07 11.49
C SER D 230 -35.77 -26.12 10.98
N GLY D 231 -35.53 -26.62 9.77
CA GLY D 231 -36.42 -27.63 9.22
C GLY D 231 -35.78 -28.33 8.04
N GLN D 232 -36.36 -29.45 7.63
CA GLN D 232 -35.81 -30.20 6.52
C GLN D 232 -36.58 -29.94 5.23
N GLY D 233 -37.60 -29.09 5.33
CA GLY D 233 -38.41 -28.80 4.17
C GLY D 233 -37.61 -28.46 2.92
N ILE D 234 -36.84 -27.38 3.00
CA ILE D 234 -36.05 -26.95 1.88
C ILE D 234 -35.16 -28.05 1.39
N ASN D 235 -34.43 -28.67 2.30
CA ASN D 235 -33.57 -29.74 1.84
C ASN D 235 -34.34 -30.83 1.10
N ASN D 236 -35.44 -31.26 1.68
CA ASN D 236 -36.26 -32.27 1.07
C ASN D 236 -36.67 -31.86 -0.36
N LEU D 237 -36.98 -30.59 -0.54
CA LEU D 237 -37.34 -30.16 -1.85
C LEU D 237 -36.15 -30.36 -2.77
N ASP D 238 -34.99 -29.91 -2.32
CA ASP D 238 -33.80 -30.01 -3.13
C ASP D 238 -33.41 -31.44 -3.45
N ASN D 239 -34.16 -32.37 -2.88
CA ASN D 239 -33.95 -33.78 -3.12
C ASN D 239 -34.99 -34.26 -4.14
N LEU D 240 -36.05 -33.48 -4.37
CA LEU D 240 -37.08 -33.87 -5.33
C LEU D 240 -36.88 -32.98 -6.53
N ARG D 241 -35.64 -32.88 -7.01
CA ARG D 241 -35.34 -32.01 -8.13
C ARG D 241 -36.07 -32.44 -9.39
N ASP D 242 -35.95 -33.70 -9.73
CA ASP D 242 -36.61 -34.20 -10.91
C ASP D 242 -38.14 -34.01 -10.84
N TYR D 243 -38.65 -33.76 -9.63
CA TYR D 243 -40.08 -33.56 -9.39
C TYR D 243 -40.48 -32.17 -9.84
N LEU D 244 -39.83 -31.17 -9.27
CA LEU D 244 -40.10 -29.80 -9.62
C LEU D 244 -39.72 -29.52 -11.08
N ASP D 245 -38.70 -30.18 -11.56
CA ASP D 245 -38.27 -29.99 -12.93
C ASP D 245 -39.40 -30.29 -13.91
N GLY D 246 -39.99 -31.46 -13.77
CA GLY D 246 -41.06 -31.83 -14.68
C GLY D 246 -40.48 -32.33 -16.00
N SER D 247 -39.21 -32.68 -16.00
CA SER D 247 -38.58 -33.15 -17.21
C SER D 247 -38.82 -34.63 -17.44
N VAL D 248 -38.57 -35.44 -16.41
CA VAL D 248 -38.82 -36.86 -16.52
C VAL D 248 -40.00 -37.30 -15.64
N LYS D 249 -40.66 -38.38 -16.03
CA LYS D 249 -41.79 -38.82 -15.24
C LYS D 249 -41.31 -39.31 -13.91
N VAL D 250 -42.05 -39.01 -12.86
CA VAL D 250 -41.71 -39.43 -11.52
C VAL D 250 -42.63 -40.57 -11.13
N ASN D 251 -42.16 -41.47 -10.27
CA ASN D 251 -42.97 -42.62 -9.81
C ASN D 251 -43.57 -42.37 -8.44
N LEU D 252 -44.86 -42.09 -8.39
CA LEU D 252 -45.53 -41.79 -7.11
C LEU D 252 -46.36 -42.96 -6.67
N GLU D 253 -46.60 -43.06 -5.37
CA GLU D 253 -47.39 -44.17 -4.86
C GLU D 253 -48.29 -43.69 -3.76
N LYS D 254 -49.26 -44.51 -3.35
CA LYS D 254 -50.14 -44.07 -2.29
C LYS D 254 -50.73 -45.22 -1.49
N LYS D 255 -51.36 -46.13 -2.21
CA LYS D 255 -52.01 -47.28 -1.62
C LYS D 255 -51.02 -48.37 -1.28
N HIS D 256 -49.86 -47.99 -0.74
CA HIS D 256 -48.80 -48.95 -0.38
C HIS D 256 -48.31 -49.75 -1.59
N LEU D 257 -48.27 -49.09 -2.77
CA LEU D 257 -47.84 -49.74 -4.03
C LEU D 257 -47.57 -48.67 -5.08
N ASN D 258 -46.61 -48.91 -5.95
CA ASN D 258 -46.28 -47.94 -7.00
C ASN D 258 -47.51 -47.78 -7.89
N LYS D 259 -48.36 -46.83 -7.52
CA LYS D 259 -49.62 -46.57 -8.22
C LYS D 259 -49.50 -45.85 -9.57
N ARG D 260 -48.52 -44.94 -9.71
CA ARG D 260 -48.41 -44.26 -10.99
C ARG D 260 -47.12 -43.48 -11.23
N THR D 261 -46.69 -43.51 -12.49
CA THR D 261 -45.50 -42.82 -12.90
C THR D 261 -45.97 -41.69 -13.81
N GLN D 262 -45.87 -40.46 -13.31
CA GLN D 262 -46.29 -39.27 -14.06
C GLN D 262 -45.34 -38.07 -13.91
N ILE D 263 -45.59 -37.03 -14.69
CA ILE D 263 -44.81 -35.82 -14.58
C ILE D 263 -45.34 -35.07 -13.37
N PHE D 264 -44.60 -35.07 -12.25
CA PHE D 264 -45.07 -34.37 -11.05
C PHE D 264 -45.73 -33.02 -11.42
N PRO D 265 -46.85 -32.70 -10.77
CA PRO D 265 -47.54 -31.44 -11.07
C PRO D 265 -46.74 -30.18 -10.69
N PRO D 266 -46.96 -29.07 -11.42
CA PRO D 266 -46.26 -27.81 -11.15
C PRO D 266 -46.99 -27.14 -10.00
N GLY D 267 -46.43 -26.02 -9.53
CA GLY D 267 -47.08 -25.37 -8.40
C GLY D 267 -46.36 -24.19 -7.80
N ILE D 268 -46.72 -23.94 -6.53
CA ILE D 268 -46.21 -22.83 -5.74
C ILE D 268 -45.46 -23.34 -4.49
N VAL D 269 -44.60 -22.48 -3.94
CA VAL D 269 -43.90 -22.83 -2.72
C VAL D 269 -43.90 -21.60 -1.82
N THR D 270 -44.44 -21.73 -0.61
CA THR D 270 -44.47 -20.60 0.32
C THR D 270 -43.51 -20.84 1.49
N MET D 271 -42.60 -19.92 1.75
CA MET D 271 -41.67 -20.12 2.83
C MET D 271 -41.36 -18.81 3.52
N ASN D 272 -40.73 -18.87 4.69
CA ASN D 272 -40.42 -17.69 5.47
C ASN D 272 -38.95 -17.29 5.43
N GLU D 273 -38.62 -16.39 4.53
CA GLU D 273 -37.25 -15.89 4.42
C GLU D 273 -36.11 -16.80 4.88
N TYR D 274 -36.18 -18.08 4.55
CA TYR D 274 -35.12 -19.02 4.89
C TYR D 274 -34.11 -19.02 3.75
N SER D 275 -33.04 -19.77 3.93
CA SER D 275 -31.99 -19.83 2.92
C SER D 275 -32.33 -20.82 1.84
N VAL D 276 -32.41 -20.36 0.60
CA VAL D 276 -32.68 -21.22 -0.54
C VAL D 276 -31.43 -21.54 -1.40
N PRO D 277 -31.15 -22.84 -1.63
CA PRO D 277 -29.99 -23.29 -2.43
C PRO D 277 -30.16 -22.87 -3.89
N LYS D 278 -29.05 -22.55 -4.55
CA LYS D 278 -29.15 -22.13 -5.94
C LYS D 278 -29.74 -23.27 -6.77
N THR D 279 -29.54 -24.49 -6.33
CA THR D 279 -30.09 -25.61 -7.06
C THR D 279 -31.63 -25.63 -7.02
N LEU D 280 -32.21 -25.16 -5.93
CA LEU D 280 -33.66 -25.12 -5.78
C LEU D 280 -34.17 -23.79 -6.32
N GLN D 281 -33.30 -22.79 -6.28
CA GLN D 281 -33.66 -21.46 -6.76
C GLN D 281 -33.81 -21.45 -8.27
N ALA D 282 -32.95 -22.19 -8.95
CA ALA D 282 -32.98 -22.25 -10.40
C ALA D 282 -34.10 -23.17 -10.81
N ARG D 283 -34.95 -23.50 -9.86
CA ARG D 283 -36.04 -24.42 -10.12
C ARG D 283 -37.33 -23.62 -10.06
N PHE D 284 -37.24 -22.40 -9.52
CA PHE D 284 -38.38 -21.51 -9.41
C PHE D 284 -38.32 -20.49 -10.53
N VAL D 285 -39.25 -20.59 -11.47
CA VAL D 285 -39.29 -19.68 -12.60
C VAL D 285 -39.60 -18.26 -12.17
N LYS D 286 -40.29 -18.12 -11.03
CA LYS D 286 -40.66 -16.79 -10.54
C LYS D 286 -40.65 -16.70 -9.03
N GLN D 287 -40.25 -15.54 -8.50
CA GLN D 287 -40.27 -15.36 -7.05
C GLN D 287 -41.02 -14.10 -6.64
N ILE D 288 -41.91 -14.19 -5.67
CA ILE D 288 -42.65 -13.00 -5.25
C ILE D 288 -42.40 -12.76 -3.77
N ASP D 289 -41.79 -11.63 -3.41
CA ASP D 289 -41.53 -11.33 -2.00
C ASP D 289 -42.70 -10.56 -1.37
N PHE D 290 -43.44 -11.16 -0.45
CA PHE D 290 -44.57 -10.48 0.17
C PHE D 290 -44.14 -9.66 1.36
N ARG D 291 -44.85 -8.58 1.64
CA ARG D 291 -44.52 -7.71 2.77
C ARG D 291 -45.77 -7.33 3.54
N PRO D 292 -45.68 -7.31 4.87
CA PRO D 292 -46.80 -6.97 5.73
C PRO D 292 -47.25 -5.54 5.50
N LYS D 293 -48.50 -5.36 5.08
CA LYS D 293 -49.02 -4.03 4.82
C LYS D 293 -50.14 -3.65 5.77
N ASP D 294 -49.81 -2.72 6.68
CA ASP D 294 -50.74 -2.20 7.69
C ASP D 294 -52.17 -1.99 7.19
N TYR D 295 -52.37 -1.18 6.16
CA TYR D 295 -53.71 -0.92 5.65
C TYR D 295 -54.49 -2.18 5.25
N LEU D 296 -53.83 -3.13 4.60
CA LEU D 296 -54.49 -4.36 4.22
C LEU D 296 -55.06 -4.99 5.48
N LYS D 297 -54.24 -4.97 6.53
CA LYS D 297 -54.62 -5.55 7.81
C LYS D 297 -55.78 -4.78 8.46
N HIS D 298 -55.60 -3.48 8.70
CA HIS D 298 -56.66 -2.69 9.32
C HIS D 298 -57.95 -2.81 8.54
N CYS D 299 -57.83 -2.91 7.21
CA CYS D 299 -59.01 -3.04 6.36
C CYS D 299 -59.76 -4.33 6.72
N LEU D 300 -58.99 -5.28 7.23
CA LEU D 300 -59.55 -6.57 7.62
C LEU D 300 -60.09 -6.48 9.03
N GLU D 301 -59.45 -5.67 9.87
CA GLU D 301 -59.88 -5.53 11.23
C GLU D 301 -61.19 -4.77 11.29
N ARG D 302 -61.74 -4.50 10.12
CA ARG D 302 -62.99 -3.75 10.05
C ARG D 302 -63.90 -4.49 9.09
N SER D 303 -63.31 -5.35 8.27
CA SER D 303 -64.05 -6.15 7.31
C SER D 303 -63.85 -7.63 7.64
N GLU D 304 -64.18 -8.00 8.88
CA GLU D 304 -64.01 -9.36 9.36
C GLU D 304 -64.68 -10.39 8.45
N PHE D 305 -65.86 -10.06 7.96
CA PHE D 305 -66.59 -10.98 7.13
C PHE D 305 -65.73 -11.57 6.03
N LEU D 306 -64.76 -10.81 5.56
CA LEU D 306 -63.91 -11.33 4.51
C LEU D 306 -63.20 -12.60 4.93
N LEU D 307 -62.84 -12.68 6.20
CA LEU D 307 -62.13 -13.84 6.71
C LEU D 307 -63.09 -14.90 7.26
N GLU D 308 -64.06 -14.44 8.02
CA GLU D 308 -65.02 -15.31 8.63
C GLU D 308 -65.76 -16.05 7.56
N LYS D 309 -65.37 -15.85 6.31
CA LYS D 309 -66.07 -16.55 5.25
C LYS D 309 -65.09 -17.06 4.22
N ARG D 310 -63.80 -16.94 4.53
CA ARG D 310 -62.76 -17.43 3.66
C ARG D 310 -62.95 -16.98 2.22
N ILE D 311 -62.98 -15.68 2.00
CA ILE D 311 -63.18 -15.16 0.67
C ILE D 311 -61.85 -14.72 0.08
N ILE D 312 -61.19 -13.79 0.76
CA ILE D 312 -59.93 -13.33 0.23
C ILE D 312 -58.97 -14.47 0.00
N GLN D 313 -59.30 -15.64 0.50
CA GLN D 313 -58.44 -16.79 0.35
C GLN D 313 -59.11 -17.79 -0.59
N SER D 314 -60.38 -17.54 -0.89
CA SER D 314 -61.14 -18.42 -1.79
C SER D 314 -60.64 -18.42 -3.23
N GLY D 315 -60.98 -19.46 -3.96
CA GLY D 315 -60.52 -19.52 -5.31
C GLY D 315 -61.56 -18.91 -6.20
N ILE D 316 -62.76 -18.77 -5.66
CA ILE D 316 -63.88 -18.21 -6.41
C ILE D 316 -63.59 -16.73 -6.61
N ALA D 317 -63.04 -16.11 -5.59
CA ALA D 317 -62.74 -14.71 -5.70
C ALA D 317 -61.84 -14.45 -6.88
N LEU D 318 -60.77 -15.22 -7.04
CA LEU D 318 -59.84 -15.01 -8.15
C LEU D 318 -60.51 -15.19 -9.50
N LEU D 319 -61.46 -16.11 -9.58
CA LEU D 319 -62.20 -16.32 -10.82
C LEU D 319 -63.08 -15.05 -11.07
N LEU D 320 -63.63 -14.44 -10.01
CA LEU D 320 -64.42 -13.23 -10.17
C LEU D 320 -63.50 -12.12 -10.65
N MET D 321 -62.29 -12.09 -10.12
CA MET D 321 -61.38 -11.08 -10.54
C MET D 321 -61.11 -11.17 -12.04
N LEU D 322 -60.72 -12.34 -12.50
CA LEU D 322 -60.44 -12.45 -13.91
C LEU D 322 -61.67 -12.06 -14.70
N ILE D 323 -62.80 -12.65 -14.34
CA ILE D 323 -64.04 -12.36 -15.01
C ILE D 323 -64.28 -10.85 -15.07
N TRP D 324 -63.91 -10.17 -13.98
CA TRP D 324 -64.08 -8.73 -13.88
C TRP D 324 -63.13 -7.98 -14.78
N TYR D 325 -61.83 -8.20 -14.64
CA TYR D 325 -60.84 -7.53 -15.44
C TYR D 325 -60.58 -8.14 -16.80
N ARG D 326 -59.98 -9.30 -16.82
CA ARG D 326 -59.68 -9.98 -18.07
C ARG D 326 -60.66 -9.83 -19.24
N PRO D 327 -60.11 -9.80 -20.45
CA PRO D 327 -60.95 -9.67 -21.66
C PRO D 327 -61.61 -11.01 -22.10
N VAL D 328 -62.73 -10.96 -22.80
CA VAL D 328 -63.37 -12.21 -23.25
C VAL D 328 -62.62 -12.80 -24.45
N ALA D 329 -61.36 -13.16 -24.27
CA ALA D 329 -60.59 -13.69 -25.38
C ALA D 329 -59.45 -14.45 -24.85
N GLU D 330 -59.08 -14.13 -23.62
CA GLU D 330 -57.96 -14.80 -22.98
C GLU D 330 -58.45 -16.12 -22.44
N PHE D 331 -59.77 -16.32 -22.50
CA PHE D 331 -60.36 -17.55 -22.05
C PHE D 331 -60.52 -18.58 -23.16
N ALA D 332 -61.24 -19.66 -22.87
CA ALA D 332 -61.44 -20.72 -23.85
C ALA D 332 -62.77 -20.57 -24.55
N GLN D 333 -62.74 -20.56 -25.87
CA GLN D 333 -63.96 -20.42 -26.67
C GLN D 333 -65.21 -20.97 -26.02
N SER D 334 -65.19 -22.26 -25.75
CA SER D 334 -66.32 -22.92 -25.15
C SER D 334 -66.83 -22.27 -23.86
N ILE D 335 -65.95 -21.57 -23.15
CA ILE D 335 -66.37 -20.96 -21.90
C ILE D 335 -66.65 -19.47 -22.05
N GLN D 336 -66.25 -18.91 -23.19
CA GLN D 336 -66.40 -17.49 -23.47
C GLN D 336 -67.78 -16.98 -23.17
N SER D 337 -68.77 -17.61 -23.82
CA SER D 337 -70.17 -17.23 -23.69
C SER D 337 -70.56 -17.07 -22.24
N ARG D 338 -70.22 -18.07 -21.45
CA ARG D 338 -70.52 -18.07 -20.02
C ARG D 338 -69.71 -16.97 -19.30
N ILE D 339 -68.53 -16.64 -19.85
CA ILE D 339 -67.68 -15.60 -19.27
C ILE D 339 -68.39 -14.26 -19.36
N VAL D 340 -68.95 -13.99 -20.55
CA VAL D 340 -69.70 -12.76 -20.84
C VAL D 340 -70.91 -12.71 -19.92
N GLU D 341 -71.67 -13.80 -19.92
CA GLU D 341 -72.83 -13.89 -19.08
C GLU D 341 -72.47 -13.38 -17.67
N TRP D 342 -71.26 -13.68 -17.25
CA TRP D 342 -70.87 -13.27 -15.92
C TRP D 342 -70.25 -11.92 -15.89
N LYS D 343 -69.99 -11.37 -17.07
CA LYS D 343 -69.40 -10.03 -17.12
C LYS D 343 -70.52 -9.05 -17.09
N GLU D 344 -71.61 -9.38 -17.80
CA GLU D 344 -72.80 -8.54 -17.87
C GLU D 344 -73.48 -8.51 -16.50
N ARG D 345 -73.79 -9.69 -15.98
CA ARG D 345 -74.48 -9.77 -14.70
C ARG D 345 -73.67 -9.10 -13.64
N LEU D 346 -72.35 -9.17 -13.82
CA LEU D 346 -71.43 -8.60 -12.87
C LEU D 346 -71.37 -7.09 -13.08
N ASP D 347 -71.80 -6.64 -14.26
CA ASP D 347 -71.78 -5.21 -14.61
C ASP D 347 -72.98 -4.51 -14.05
N LYS D 348 -74.14 -5.08 -14.29
CA LYS D 348 -75.38 -4.50 -13.80
C LYS D 348 -75.36 -4.46 -12.29
N GLU D 349 -74.45 -5.25 -11.71
CA GLU D 349 -74.33 -5.35 -10.27
C GLU D 349 -73.52 -4.24 -9.63
N PHE D 350 -72.44 -3.86 -10.30
CA PHE D 350 -71.57 -2.81 -9.77
C PHE D 350 -71.12 -1.81 -10.83
N SER D 351 -70.76 -0.64 -10.35
CA SER D 351 -70.30 0.43 -11.21
C SER D 351 -68.83 0.63 -10.95
N LEU D 352 -68.09 0.94 -12.01
CA LEU D 352 -66.68 1.13 -11.89
C LEU D 352 -66.35 2.06 -10.74
N SER D 353 -67.26 2.97 -10.44
CA SER D 353 -67.02 3.91 -9.36
C SER D 353 -67.09 3.21 -7.99
N VAL D 354 -68.07 2.31 -7.84
CA VAL D 354 -68.22 1.59 -6.58
C VAL D 354 -67.00 0.74 -6.34
N TYR D 355 -66.70 -0.12 -7.31
CA TYR D 355 -65.54 -1.02 -7.23
C TYR D 355 -64.31 -0.21 -6.87
N GLN D 356 -64.13 0.92 -7.56
CA GLN D 356 -62.99 1.80 -7.33
C GLN D 356 -62.97 2.23 -5.87
N LYS D 357 -64.15 2.62 -5.37
CA LYS D 357 -64.30 3.07 -4.01
C LYS D 357 -63.77 2.00 -3.09
N MET D 358 -64.22 0.77 -3.31
CA MET D 358 -63.81 -0.35 -2.48
C MET D 358 -62.29 -0.38 -2.30
N LYS D 359 -61.57 -0.44 -3.41
CA LYS D 359 -60.13 -0.45 -3.36
C LYS D 359 -59.62 0.75 -2.57
N PHE D 360 -60.32 1.87 -2.67
CA PHE D 360 -59.87 3.06 -1.94
C PHE D 360 -59.85 2.77 -0.44
N ASN D 361 -61.02 2.42 0.08
CA ASN D 361 -61.16 2.10 1.49
C ASN D 361 -60.09 1.12 1.95
N VAL D 362 -59.68 0.24 1.03
CA VAL D 362 -58.66 -0.75 1.32
C VAL D 362 -57.35 -0.04 1.48
N ALA D 363 -57.02 0.77 0.51
CA ALA D 363 -55.77 1.51 0.60
C ALA D 363 -55.77 2.37 1.87
N MET D 364 -56.96 2.78 2.30
CA MET D 364 -57.09 3.61 3.49
C MET D 364 -57.18 2.75 4.72
N GLY D 365 -57.44 1.47 4.49
CA GLY D 365 -57.57 0.54 5.60
C GLY D 365 -58.72 0.95 6.51
N ILE D 366 -59.95 0.85 6.01
CA ILE D 366 -61.12 1.26 6.78
C ILE D 366 -62.32 0.35 6.61
N GLY D 367 -62.33 -0.50 5.59
CA GLY D 367 -63.49 -1.37 5.43
C GLY D 367 -63.99 -1.28 3.99
N VAL D 368 -63.68 -2.30 3.21
CA VAL D 368 -64.07 -2.29 1.80
C VAL D 368 -65.50 -1.87 1.55
N LEU D 369 -66.38 -2.03 2.55
CA LEU D 369 -67.77 -1.67 2.34
C LEU D 369 -68.23 -0.44 3.06
N ASP D 370 -67.30 0.47 3.38
CA ASP D 370 -67.65 1.70 4.08
C ASP D 370 -68.41 2.64 3.16
N LYS E 9 -75.22 -61.86 -22.42
CA LYS E 9 -75.47 -61.03 -21.19
C LYS E 9 -74.30 -61.13 -20.23
N GLN E 10 -73.27 -61.86 -20.64
CA GLN E 10 -72.09 -62.05 -19.80
C GLN E 10 -70.87 -61.34 -20.38
N VAL E 11 -70.34 -60.38 -19.64
CA VAL E 11 -69.17 -59.62 -20.07
C VAL E 11 -68.01 -60.54 -20.45
N SER E 12 -67.33 -60.23 -21.56
CA SER E 12 -66.21 -61.03 -22.01
C SER E 12 -64.87 -60.55 -21.46
N TRP E 13 -64.35 -61.27 -20.48
CA TRP E 13 -63.09 -60.87 -19.91
C TRP E 13 -62.04 -60.94 -21.01
N LYS E 14 -62.03 -62.07 -21.71
CA LYS E 14 -61.05 -62.28 -22.77
C LYS E 14 -60.97 -61.11 -23.75
N LEU E 15 -62.10 -60.43 -23.91
CA LEU E 15 -62.18 -59.30 -24.81
C LEU E 15 -61.48 -58.07 -24.21
N VAL E 16 -61.79 -57.76 -22.95
CA VAL E 16 -61.16 -56.62 -22.28
C VAL E 16 -59.64 -56.82 -22.33
N THR E 17 -59.23 -58.05 -22.06
CA THR E 17 -57.82 -58.34 -22.08
C THR E 17 -57.21 -58.02 -23.44
N GLU E 18 -57.94 -58.28 -24.52
CA GLU E 18 -57.43 -58.01 -25.87
C GLU E 18 -57.20 -56.52 -26.07
N TYR E 19 -58.05 -55.74 -25.44
CA TYR E 19 -57.97 -54.29 -25.53
C TYR E 19 -56.73 -53.80 -24.79
N ALA E 20 -56.58 -54.23 -23.53
CA ALA E 20 -55.44 -53.87 -22.71
C ALA E 20 -54.14 -54.27 -23.41
N MET E 21 -54.17 -55.44 -24.03
CA MET E 21 -53.02 -55.97 -24.76
C MET E 21 -52.71 -55.10 -25.94
N GLU E 22 -53.77 -54.78 -26.70
CA GLU E 22 -53.67 -53.95 -27.90
C GLU E 22 -53.14 -52.55 -27.58
N THR E 23 -53.40 -52.05 -26.38
CA THR E 23 -52.95 -50.71 -26.00
C THR E 23 -51.78 -50.73 -25.02
N LYS E 24 -51.24 -51.92 -24.77
CA LYS E 24 -50.12 -52.11 -23.82
C LYS E 24 -50.40 -51.32 -22.55
N CYS E 25 -51.67 -51.29 -22.14
CA CYS E 25 -52.05 -50.56 -20.95
C CYS E 25 -52.00 -51.44 -19.73
N ASP E 26 -51.12 -51.10 -18.78
CA ASP E 26 -50.94 -51.85 -17.53
C ASP E 26 -51.39 -51.05 -16.30
N ASP E 27 -52.31 -50.10 -16.52
CA ASP E 27 -52.84 -49.28 -15.45
C ASP E 27 -54.29 -49.69 -15.22
N VAL E 28 -54.57 -50.21 -14.04
CA VAL E 28 -55.90 -50.65 -13.70
C VAL E 28 -56.98 -49.59 -13.94
N LEU E 29 -56.84 -48.42 -13.34
CA LEU E 29 -57.82 -47.35 -13.55
C LEU E 29 -57.86 -46.79 -14.97
N LEU E 30 -56.73 -46.79 -15.68
CA LEU E 30 -56.71 -46.28 -17.05
C LEU E 30 -57.60 -47.21 -17.87
N LEU E 31 -57.40 -48.51 -17.70
CA LEU E 31 -58.21 -49.50 -18.42
C LEU E 31 -59.69 -49.34 -18.08
N LEU E 32 -60.00 -49.37 -16.79
CA LEU E 32 -61.36 -49.26 -16.34
C LEU E 32 -62.05 -48.03 -16.88
N GLY E 33 -61.27 -46.97 -16.99
CA GLY E 33 -61.81 -45.71 -17.45
C GLY E 33 -61.99 -45.61 -18.94
N MET E 34 -61.09 -46.24 -19.69
CA MET E 34 -61.19 -46.17 -21.13
C MET E 34 -62.24 -47.10 -21.69
N TYR E 35 -62.49 -48.22 -21.02
CA TYR E 35 -63.48 -49.18 -21.50
C TYR E 35 -64.90 -48.64 -21.28
N LEU E 36 -65.15 -48.12 -20.09
CA LEU E 36 -66.45 -47.52 -19.79
C LEU E 36 -66.83 -46.42 -20.81
N GLU E 37 -65.86 -46.02 -21.63
CA GLU E 37 -66.12 -44.99 -22.62
C GLU E 37 -66.75 -45.63 -23.85
N PHE E 38 -66.56 -46.93 -24.01
CA PHE E 38 -67.12 -47.62 -25.16
C PHE E 38 -68.55 -48.04 -24.89
N GLN E 39 -69.05 -47.76 -23.69
CA GLN E 39 -70.40 -48.13 -23.34
C GLN E 39 -71.45 -47.25 -24.04
N TYR E 40 -71.00 -46.32 -24.88
CA TYR E 40 -71.89 -45.42 -25.59
C TYR E 40 -71.85 -45.70 -27.07
N SER E 41 -72.97 -45.42 -27.76
CA SER E 41 -73.15 -45.66 -29.20
C SER E 41 -71.95 -45.27 -30.02
N PHE E 42 -71.44 -46.22 -30.78
CA PHE E 42 -70.27 -45.95 -31.58
C PHE E 42 -70.71 -45.25 -32.82
N GLU E 43 -72.02 -45.19 -32.99
CA GLU E 43 -72.62 -44.57 -34.15
C GLU E 43 -72.24 -43.11 -34.26
N MET E 44 -72.97 -42.26 -33.53
CA MET E 44 -72.69 -40.84 -33.53
C MET E 44 -72.00 -40.47 -32.22
N CYS E 45 -70.67 -40.50 -32.26
CA CYS E 45 -69.83 -40.18 -31.11
C CYS E 45 -68.78 -39.12 -31.50
N LEU E 46 -68.66 -38.10 -30.66
CA LEU E 46 -67.71 -37.01 -30.89
C LEU E 46 -66.25 -37.49 -31.06
N LYS E 47 -65.70 -38.10 -30.01
CA LYS E 47 -64.34 -38.63 -30.00
C LYS E 47 -64.02 -39.42 -31.26
N CYS E 48 -65.01 -40.17 -31.72
CA CYS E 48 -64.89 -40.98 -32.92
C CYS E 48 -64.56 -40.17 -34.17
N ILE E 49 -65.50 -39.34 -34.62
CA ILE E 49 -65.30 -38.52 -35.81
C ILE E 49 -64.16 -37.51 -35.59
N LYS E 50 -63.95 -37.13 -34.34
CA LYS E 50 -62.91 -36.17 -33.99
C LYS E 50 -61.50 -36.81 -34.15
N LYS E 51 -61.41 -38.13 -34.01
CA LYS E 51 -60.13 -38.80 -34.14
C LYS E 51 -59.03 -38.05 -33.40
N GLU E 52 -59.18 -37.93 -32.09
CA GLU E 52 -58.22 -37.24 -31.26
C GLU E 52 -57.40 -38.20 -30.39
N GLN E 53 -57.96 -39.35 -30.06
CA GLN E 53 -57.27 -40.34 -29.24
C GLN E 53 -57.35 -41.73 -29.86
N PRO E 54 -56.30 -42.13 -30.57
CA PRO E 54 -56.27 -43.44 -31.23
C PRO E 54 -56.61 -44.54 -30.26
N SER E 55 -56.21 -44.34 -29.01
CA SER E 55 -56.45 -45.31 -27.96
C SER E 55 -57.94 -45.51 -27.75
N HIS E 56 -58.73 -44.76 -28.52
CA HIS E 56 -60.19 -44.81 -28.40
C HIS E 56 -60.95 -45.00 -29.69
N TYR E 57 -60.57 -44.23 -30.70
CA TYR E 57 -61.22 -44.31 -31.97
C TYR E 57 -60.79 -45.48 -32.82
N LYS E 58 -59.81 -46.26 -32.39
CA LYS E 58 -59.39 -47.40 -33.20
C LYS E 58 -60.15 -48.66 -32.76
N TYR E 59 -60.47 -48.73 -31.46
CA TYR E 59 -61.13 -49.89 -30.88
C TYR E 59 -62.36 -49.42 -30.13
N HIS E 60 -63.50 -49.34 -30.78
CA HIS E 60 -64.70 -48.91 -30.07
C HIS E 60 -65.91 -49.67 -30.56
N GLU E 61 -66.15 -49.61 -31.85
CA GLU E 61 -67.29 -50.32 -32.39
C GLU E 61 -67.19 -51.81 -32.01
N LYS E 62 -65.97 -52.33 -32.12
CA LYS E 62 -65.67 -53.72 -31.81
C LYS E 62 -66.02 -54.01 -30.37
N HIS E 63 -65.53 -53.16 -29.46
CA HIS E 63 -65.75 -53.34 -28.05
C HIS E 63 -67.01 -52.67 -27.52
N TYR E 64 -67.81 -52.14 -28.42
CA TYR E 64 -69.03 -51.47 -27.99
C TYR E 64 -69.99 -52.40 -27.27
N ALA E 65 -70.44 -53.42 -28.01
CA ALA E 65 -71.40 -54.38 -27.46
C ALA E 65 -70.96 -54.87 -26.09
N ASN E 66 -69.68 -55.24 -25.98
CA ASN E 66 -69.12 -55.75 -24.71
C ASN E 66 -69.11 -54.69 -23.61
N ALA E 67 -68.50 -53.56 -23.88
CA ALA E 67 -68.42 -52.46 -22.91
C ALA E 67 -69.79 -52.17 -22.39
N ALA E 68 -70.77 -52.30 -23.27
CA ALA E 68 -72.13 -52.02 -22.90
C ALA E 68 -72.55 -52.90 -21.73
N ILE E 69 -72.15 -54.17 -21.78
CA ILE E 69 -72.48 -55.15 -20.74
C ILE E 69 -71.58 -54.88 -19.53
N PHE E 70 -70.31 -54.64 -19.83
CA PHE E 70 -69.29 -54.35 -18.82
C PHE E 70 -69.82 -53.26 -17.89
N ALA E 71 -70.61 -52.35 -18.43
CA ALA E 71 -71.16 -51.24 -17.66
C ALA E 71 -72.12 -51.70 -16.57
N ASP E 72 -72.75 -52.85 -16.81
CA ASP E 72 -73.72 -53.41 -15.88
C ASP E 72 -73.13 -54.44 -14.94
N SER E 73 -71.84 -54.76 -15.14
CA SER E 73 -71.11 -55.73 -14.32
C SER E 73 -70.95 -55.27 -12.90
N LYS E 74 -70.44 -56.14 -12.05
CA LYS E 74 -70.24 -55.77 -10.67
C LYS E 74 -68.80 -56.05 -10.27
N ASN E 75 -68.01 -56.48 -11.24
CA ASN E 75 -66.61 -56.78 -11.00
C ASN E 75 -65.73 -56.05 -12.00
N GLN E 76 -66.12 -54.83 -12.31
CA GLN E 76 -65.38 -54.08 -13.30
C GLN E 76 -63.90 -54.04 -13.02
N LYS E 77 -63.58 -53.89 -11.74
CA LYS E 77 -62.18 -53.79 -11.37
C LYS E 77 -61.49 -55.14 -11.52
N THR E 78 -62.16 -56.21 -11.10
CA THR E 78 -61.63 -57.57 -11.19
C THR E 78 -61.34 -57.97 -12.63
N ILE E 79 -62.30 -57.67 -13.50
CA ILE E 79 -62.18 -57.99 -14.91
C ILE E 79 -60.97 -57.28 -15.47
N CYS E 80 -60.67 -56.10 -14.94
CA CYS E 80 -59.55 -55.32 -15.41
C CYS E 80 -58.22 -55.82 -14.90
N GLN E 81 -58.22 -56.14 -13.61
CA GLN E 81 -57.03 -56.63 -12.95
C GLN E 81 -56.43 -57.79 -13.75
N GLN E 82 -57.28 -58.75 -14.15
CA GLN E 82 -56.80 -59.90 -14.88
C GLN E 82 -56.28 -59.46 -16.22
N ALA E 83 -56.91 -58.44 -16.78
CA ALA E 83 -56.50 -57.94 -18.09
C ALA E 83 -55.11 -57.33 -18.02
N VAL E 84 -54.94 -56.46 -17.03
CA VAL E 84 -53.66 -55.84 -16.83
C VAL E 84 -52.61 -56.93 -16.54
N ASP E 85 -52.89 -57.77 -15.54
CA ASP E 85 -51.97 -58.81 -15.15
C ASP E 85 -51.44 -59.54 -16.36
N THR E 86 -52.24 -59.55 -17.41
CA THR E 86 -51.85 -60.22 -18.63
C THR E 86 -50.82 -59.38 -19.34
N VAL E 87 -51.05 -58.07 -19.36
CA VAL E 87 -50.13 -57.16 -20.04
C VAL E 87 -48.79 -57.18 -19.33
N LEU E 88 -48.88 -57.34 -18.01
CA LEU E 88 -47.70 -57.41 -17.17
C LEU E 88 -46.97 -58.71 -17.48
N ALA E 89 -47.74 -59.78 -17.64
CA ALA E 89 -47.16 -61.08 -17.93
C ALA E 89 -46.47 -61.02 -19.27
N LYS E 90 -47.18 -60.54 -20.28
CA LYS E 90 -46.59 -60.46 -21.60
C LYS E 90 -45.27 -59.71 -21.55
N LYS E 91 -45.16 -58.72 -20.67
CA LYS E 91 -43.93 -57.93 -20.56
C LYS E 91 -42.84 -58.80 -19.96
N ARG E 92 -43.17 -59.49 -18.88
CA ARG E 92 -42.24 -60.37 -18.20
C ARG E 92 -41.66 -61.40 -19.15
N VAL E 93 -42.53 -62.08 -19.89
CA VAL E 93 -42.09 -63.09 -20.85
C VAL E 93 -41.08 -62.55 -21.87
N ASP E 94 -41.45 -61.48 -22.54
CA ASP E 94 -40.57 -60.92 -23.55
C ASP E 94 -39.27 -60.48 -22.96
N SER E 95 -39.28 -60.04 -21.70
CA SER E 95 -38.04 -59.56 -21.09
C SER E 95 -37.10 -60.70 -20.78
N LEU E 96 -37.57 -61.93 -20.99
CA LEU E 96 -36.74 -63.10 -20.75
C LEU E 96 -36.51 -63.97 -21.99
N GLN E 97 -37.13 -63.61 -23.13
CA GLN E 97 -36.98 -64.42 -24.34
C GLN E 97 -36.55 -63.64 -25.60
N LEU E 98 -36.76 -62.33 -25.56
CA LEU E 98 -36.41 -61.43 -26.68
C LEU E 98 -35.00 -60.87 -26.60
N THR E 99 -34.29 -60.87 -27.71
CA THR E 99 -32.93 -60.35 -27.65
C THR E 99 -33.03 -58.89 -27.23
N ARG E 100 -31.96 -58.33 -26.73
CA ARG E 100 -32.06 -56.94 -26.35
C ARG E 100 -32.39 -56.08 -27.56
N GLU E 101 -31.73 -56.36 -28.69
CA GLU E 101 -31.92 -55.59 -29.91
C GLU E 101 -33.32 -55.79 -30.46
N GLN E 102 -34.01 -56.82 -29.98
CA GLN E 102 -35.39 -57.06 -30.40
C GLN E 102 -36.30 -56.18 -29.58
N MET E 103 -36.03 -56.06 -28.29
CA MET E 103 -36.84 -55.22 -27.45
C MET E 103 -36.77 -53.78 -27.94
N LEU E 104 -35.56 -53.32 -28.24
CA LEU E 104 -35.39 -51.96 -28.74
C LEU E 104 -36.29 -51.78 -29.96
N THR E 105 -36.19 -52.74 -30.87
CA THR E 105 -36.99 -52.70 -32.09
C THR E 105 -38.43 -52.46 -31.72
N ASN E 106 -39.02 -53.40 -30.99
CA ASN E 106 -40.43 -53.28 -30.57
C ASN E 106 -40.73 -51.87 -30.10
N ARG E 107 -39.81 -51.26 -29.37
CA ARG E 107 -40.01 -49.89 -28.90
C ARG E 107 -40.06 -48.92 -30.10
N PHE E 108 -39.04 -48.98 -30.95
CA PHE E 108 -39.02 -48.12 -32.11
C PHE E 108 -40.31 -48.28 -32.91
N ASN E 109 -40.90 -49.47 -32.87
CA ASN E 109 -42.13 -49.69 -33.61
C ASN E 109 -43.24 -48.86 -33.03
N ASP E 110 -43.54 -49.06 -31.76
CA ASP E 110 -44.60 -48.30 -31.13
C ASP E 110 -44.33 -46.79 -31.24
N LEU E 111 -43.06 -46.40 -31.43
CA LEU E 111 -42.73 -44.99 -31.54
C LEU E 111 -42.99 -44.49 -32.95
N LEU E 112 -42.70 -45.35 -33.93
CA LEU E 112 -42.95 -45.00 -35.31
C LEU E 112 -44.44 -45.00 -35.50
N ASP E 113 -45.18 -45.77 -34.69
CA ASP E 113 -46.62 -45.78 -34.85
C ASP E 113 -47.16 -44.40 -34.48
N ARG E 114 -46.83 -43.95 -33.28
CA ARG E 114 -47.27 -42.65 -32.81
C ARG E 114 -46.84 -41.54 -33.76
N MET E 115 -45.80 -41.78 -34.53
CA MET E 115 -45.30 -40.79 -35.47
C MET E 115 -46.14 -40.83 -36.75
N ASP E 116 -46.68 -41.99 -37.06
CA ASP E 116 -47.50 -42.09 -38.24
C ASP E 116 -48.77 -41.25 -38.05
N ILE E 117 -49.21 -41.13 -36.80
CA ILE E 117 -50.38 -40.35 -36.46
C ILE E 117 -50.00 -38.89 -36.26
N MET E 118 -48.93 -38.66 -35.51
CA MET E 118 -48.46 -37.32 -35.25
C MET E 118 -48.32 -36.51 -36.52
N PHE E 119 -47.45 -36.96 -37.42
CA PHE E 119 -47.21 -36.26 -38.66
C PHE E 119 -48.12 -36.73 -39.78
N GLY E 120 -49.20 -37.37 -39.38
CA GLY E 120 -50.17 -37.90 -40.34
C GLY E 120 -51.24 -36.87 -40.61
N SER E 121 -52.12 -37.13 -41.58
CA SER E 121 -53.20 -36.19 -41.93
C SER E 121 -54.00 -35.81 -40.66
N THR E 122 -54.40 -36.80 -39.87
CA THR E 122 -55.14 -36.53 -38.62
C THR E 122 -54.20 -36.00 -37.52
N GLY E 123 -52.94 -35.79 -37.90
CA GLY E 123 -51.92 -35.31 -36.98
C GLY E 123 -52.08 -33.88 -36.53
N SER E 124 -51.38 -33.54 -35.45
CA SER E 124 -51.44 -32.21 -34.89
C SER E 124 -50.02 -31.71 -34.58
N ALA E 125 -49.05 -32.30 -35.27
CA ALA E 125 -47.68 -31.94 -35.03
C ALA E 125 -47.03 -31.47 -36.30
N ASP E 126 -46.26 -30.39 -36.24
CA ASP E 126 -45.64 -29.87 -37.44
C ASP E 126 -44.28 -30.47 -37.65
N ILE E 127 -44.18 -31.39 -38.60
CA ILE E 127 -42.91 -32.04 -38.90
C ILE E 127 -41.70 -31.07 -38.99
N GLU E 128 -41.95 -29.83 -39.41
CA GLU E 128 -40.87 -28.85 -39.55
C GLU E 128 -40.40 -28.44 -38.15
N GLU E 129 -41.33 -28.39 -37.20
CA GLU E 129 -40.94 -28.01 -35.86
C GLU E 129 -40.03 -29.07 -35.27
N TRP E 130 -40.37 -30.35 -35.48
CA TRP E 130 -39.54 -31.43 -34.95
C TRP E 130 -38.18 -31.51 -35.62
N MET E 131 -38.14 -31.43 -36.95
CA MET E 131 -36.85 -31.51 -37.60
C MET E 131 -35.98 -30.43 -37.05
N ALA E 132 -36.61 -29.41 -36.48
CA ALA E 132 -35.89 -28.29 -35.90
C ALA E 132 -35.29 -28.81 -34.58
N GLY E 133 -36.13 -29.44 -33.76
CA GLY E 133 -35.68 -30.00 -32.52
C GLY E 133 -34.44 -30.85 -32.79
N VAL E 134 -34.48 -31.55 -33.91
CA VAL E 134 -33.38 -32.40 -34.30
C VAL E 134 -32.20 -31.50 -34.51
N ALA E 135 -32.34 -30.55 -35.40
CA ALA E 135 -31.22 -29.68 -35.66
C ALA E 135 -30.68 -29.09 -34.35
N TRP E 136 -31.58 -28.80 -33.41
CA TRP E 136 -31.17 -28.22 -32.14
C TRP E 136 -30.35 -29.19 -31.33
N LEU E 137 -30.94 -30.33 -31.04
CA LEU E 137 -30.28 -31.39 -30.29
C LEU E 137 -28.94 -31.78 -30.93
N HIS E 138 -28.80 -31.58 -32.23
CA HIS E 138 -27.57 -31.97 -32.89
C HIS E 138 -26.50 -30.91 -32.64
N CYS E 139 -26.85 -29.87 -31.90
CA CYS E 139 -25.90 -28.81 -31.62
C CYS E 139 -25.50 -28.87 -30.16
N LEU E 140 -26.14 -29.78 -29.43
CA LEU E 140 -25.88 -29.97 -27.99
C LEU E 140 -24.72 -30.91 -27.74
N LEU E 141 -24.18 -31.49 -28.81
CA LEU E 141 -23.09 -32.43 -28.67
C LEU E 141 -22.49 -32.80 -30.02
N PRO E 142 -21.16 -32.91 -30.06
CA PRO E 142 -20.49 -33.26 -31.32
C PRO E 142 -20.83 -34.68 -31.77
N LYS E 143 -21.00 -34.86 -33.07
CA LYS E 143 -21.30 -36.18 -33.62
C LYS E 143 -22.45 -36.81 -32.84
N MET E 144 -23.36 -35.96 -32.40
CA MET E 144 -24.52 -36.39 -31.63
C MET E 144 -25.28 -37.59 -32.21
N ASP E 145 -25.50 -37.59 -33.52
CA ASP E 145 -26.21 -38.69 -34.17
C ASP E 145 -25.48 -40.00 -33.89
N SER E 146 -24.16 -39.92 -33.66
CA SER E 146 -23.36 -41.10 -33.36
C SER E 146 -23.43 -41.40 -31.87
N VAL E 147 -23.33 -40.34 -31.08
CA VAL E 147 -23.42 -40.47 -29.65
C VAL E 147 -24.69 -41.22 -29.30
N VAL E 148 -25.79 -40.88 -29.94
CA VAL E 148 -27.07 -41.52 -29.66
C VAL E 148 -27.00 -42.97 -30.10
N TYR E 149 -26.26 -43.22 -31.15
CA TYR E 149 -26.16 -44.58 -31.61
C TYR E 149 -25.29 -45.39 -30.69
N ASP E 150 -24.14 -44.82 -30.30
CA ASP E 150 -23.18 -45.50 -29.40
C ASP E 150 -23.88 -45.84 -28.10
N PHE E 151 -24.71 -44.94 -27.58
CA PHE E 151 -25.45 -45.22 -26.37
C PHE E 151 -26.48 -46.32 -26.63
N LEU E 152 -27.14 -46.26 -27.78
CA LEU E 152 -28.11 -47.29 -28.14
C LEU E 152 -27.44 -48.68 -28.22
N LYS E 153 -26.20 -48.70 -28.70
CA LYS E 153 -25.47 -49.94 -28.85
C LYS E 153 -25.04 -50.41 -27.47
N CYS E 154 -24.79 -49.47 -26.58
CA CYS E 154 -24.37 -49.84 -25.25
C CYS E 154 -25.53 -50.44 -24.46
N MET E 155 -26.70 -49.81 -24.50
CA MET E 155 -27.82 -50.34 -23.75
C MET E 155 -28.21 -51.72 -24.22
N VAL E 156 -28.19 -51.93 -25.53
CA VAL E 156 -28.55 -53.23 -26.10
C VAL E 156 -27.51 -54.28 -25.73
N TYR E 157 -26.23 -53.99 -26.00
CA TYR E 157 -25.15 -54.92 -25.70
C TYR E 157 -25.23 -55.33 -24.26
N ASN E 158 -25.40 -54.35 -23.38
CA ASN E 158 -25.49 -54.62 -21.95
C ASN E 158 -24.35 -55.50 -21.48
N ILE E 159 -23.16 -54.91 -21.38
CA ILE E 159 -21.98 -55.62 -20.96
C ILE E 159 -21.67 -55.43 -19.49
N PRO E 160 -21.48 -56.54 -18.78
CA PRO E 160 -21.18 -56.47 -17.35
C PRO E 160 -20.05 -55.51 -16.97
N LYS E 161 -20.33 -54.67 -15.96
CA LYS E 161 -19.42 -53.66 -15.42
C LYS E 161 -19.14 -52.58 -16.44
N LYS E 162 -19.85 -52.64 -17.56
CA LYS E 162 -19.73 -51.65 -18.62
C LYS E 162 -21.08 -51.38 -19.30
N ARG E 163 -21.98 -50.75 -18.56
CA ARG E 163 -23.29 -50.47 -19.06
C ARG E 163 -23.95 -49.21 -18.51
N TYR E 164 -23.18 -48.23 -18.10
CA TYR E 164 -23.76 -47.02 -17.55
C TYR E 164 -23.03 -45.82 -18.00
N TRP E 165 -23.77 -44.83 -18.48
CA TRP E 165 -23.24 -43.57 -18.95
C TRP E 165 -23.50 -42.53 -17.87
N LEU E 166 -22.55 -41.65 -17.65
CA LEU E 166 -22.70 -40.62 -16.64
C LEU E 166 -22.67 -39.23 -17.24
N PHE E 167 -23.77 -38.50 -17.11
CA PHE E 167 -23.87 -37.14 -17.64
C PHE E 167 -23.57 -36.25 -16.49
N LYS E 168 -22.53 -35.45 -16.63
CA LYS E 168 -22.10 -34.56 -15.57
C LYS E 168 -22.03 -33.14 -16.12
N GLY E 169 -22.57 -32.18 -15.37
CA GLY E 169 -22.53 -30.79 -15.81
C GLY E 169 -23.21 -29.77 -14.89
N PRO E 170 -22.93 -28.46 -15.08
CA PRO E 170 -23.52 -27.40 -14.26
C PRO E 170 -25.04 -27.31 -14.43
N ILE E 171 -25.66 -26.41 -13.68
CA ILE E 171 -27.10 -26.22 -13.73
C ILE E 171 -27.50 -25.64 -15.07
N ASP E 172 -28.61 -26.16 -15.61
CA ASP E 172 -29.14 -25.70 -16.89
C ASP E 172 -28.08 -25.85 -17.98
N SER E 173 -27.58 -27.07 -18.17
CA SER E 173 -26.55 -27.33 -19.19
C SER E 173 -27.10 -28.20 -20.28
N GLY E 174 -28.27 -28.75 -20.04
CA GLY E 174 -28.92 -29.58 -21.04
C GLY E 174 -28.77 -31.07 -20.84
N LYS E 175 -28.05 -31.45 -19.81
CA LYS E 175 -27.83 -32.84 -19.53
C LYS E 175 -29.17 -33.50 -19.27
N THR E 176 -29.98 -32.85 -18.45
CA THR E 176 -31.25 -33.43 -18.11
C THR E 176 -32.06 -33.77 -19.35
N THR E 177 -32.04 -32.89 -20.35
CA THR E 177 -32.79 -33.13 -21.58
C THR E 177 -32.36 -34.36 -22.35
N LEU E 178 -31.14 -34.35 -22.88
CA LEU E 178 -30.65 -35.47 -23.67
C LEU E 178 -30.90 -36.79 -23.02
N ALA E 179 -30.90 -36.75 -21.70
CA ALA E 179 -31.14 -37.96 -20.96
C ALA E 179 -32.59 -38.32 -21.07
N ALA E 180 -33.45 -37.36 -20.71
CA ALA E 180 -34.89 -37.58 -20.78
C ALA E 180 -35.34 -38.11 -22.15
N ALA E 181 -34.73 -37.62 -23.21
CA ALA E 181 -35.04 -38.09 -24.55
C ALA E 181 -34.58 -39.54 -24.64
N LEU E 182 -33.28 -39.80 -24.41
CA LEU E 182 -32.73 -41.17 -24.46
C LEU E 182 -33.61 -42.14 -23.69
N LEU E 183 -34.12 -41.69 -22.56
CA LEU E 183 -34.97 -42.54 -21.78
C LEU E 183 -36.20 -42.94 -22.56
N GLU E 184 -36.95 -41.94 -23.00
CA GLU E 184 -38.19 -42.14 -23.74
C GLU E 184 -37.92 -42.92 -25.02
N LEU E 185 -36.77 -42.67 -25.64
CA LEU E 185 -36.39 -43.37 -26.85
C LEU E 185 -36.45 -44.87 -26.65
N CYS E 186 -35.65 -45.38 -25.70
CA CYS E 186 -35.59 -46.82 -25.38
C CYS E 186 -36.66 -47.26 -24.43
N GLY E 187 -37.30 -46.30 -23.77
CA GLY E 187 -38.37 -46.63 -22.85
C GLY E 187 -37.82 -47.20 -21.56
N GLY E 188 -38.15 -46.61 -20.42
CA GLY E 188 -37.64 -47.14 -19.17
C GLY E 188 -38.23 -46.48 -17.95
N LYS E 189 -37.37 -46.08 -17.01
CA LYS E 189 -37.84 -45.39 -15.82
C LYS E 189 -36.79 -44.48 -15.25
N ALA E 190 -37.25 -43.53 -14.45
CA ALA E 190 -36.35 -42.57 -13.82
C ALA E 190 -36.45 -42.77 -12.30
N LEU E 191 -35.32 -43.02 -11.65
CA LEU E 191 -35.33 -43.24 -10.19
C LEU E 191 -34.63 -42.14 -9.41
N ASN E 192 -35.19 -41.75 -8.29
CA ASN E 192 -34.58 -40.70 -7.51
C ASN E 192 -33.93 -41.29 -6.25
N VAL E 193 -32.63 -41.57 -6.34
CA VAL E 193 -31.91 -42.15 -5.22
C VAL E 193 -31.55 -41.12 -4.16
N ASN E 194 -31.95 -39.87 -4.36
CA ASN E 194 -31.64 -38.81 -3.40
C ASN E 194 -32.45 -39.01 -2.12
N LEU E 195 -33.65 -39.54 -2.27
CA LEU E 195 -34.53 -39.78 -1.15
C LEU E 195 -33.89 -40.67 -0.08
N PRO E 196 -34.53 -40.80 1.10
CA PRO E 196 -34.03 -41.62 2.20
C PRO E 196 -33.73 -43.05 1.77
N LEU E 197 -32.88 -43.70 2.55
CA LEU E 197 -32.48 -45.07 2.30
C LEU E 197 -33.61 -46.05 2.61
N ASP E 198 -34.58 -45.61 3.41
CA ASP E 198 -35.71 -46.46 3.79
C ASP E 198 -36.53 -46.89 2.58
N ARG E 199 -37.14 -45.92 1.90
CA ARG E 199 -37.97 -46.17 0.72
C ARG E 199 -37.13 -46.27 -0.56
N LEU E 200 -35.82 -46.51 -0.42
CA LEU E 200 -34.93 -46.64 -1.56
C LEU E 200 -35.11 -48.04 -2.20
N ASN E 201 -35.73 -48.95 -1.45
CA ASN E 201 -35.96 -50.30 -1.96
C ASN E 201 -37.23 -50.41 -2.78
N PHE E 202 -38.07 -49.38 -2.73
CA PHE E 202 -39.31 -49.41 -3.50
C PHE E 202 -39.17 -48.64 -4.78
N GLU E 203 -38.23 -47.70 -4.80
CA GLU E 203 -38.02 -46.91 -5.99
C GLU E 203 -37.20 -47.74 -6.95
N LEU E 204 -36.42 -48.67 -6.41
CA LEU E 204 -35.60 -49.51 -7.26
C LEU E 204 -36.46 -50.56 -7.91
N GLY E 205 -37.44 -51.08 -7.19
CA GLY E 205 -38.28 -52.09 -7.78
C GLY E 205 -39.05 -51.55 -8.97
N VAL E 206 -38.83 -50.31 -9.33
CA VAL E 206 -39.56 -49.79 -10.44
C VAL E 206 -38.90 -50.24 -11.71
N ALA E 207 -37.65 -50.63 -11.60
CA ALA E 207 -36.88 -51.05 -12.78
C ALA E 207 -37.29 -52.45 -13.26
N ILE E 208 -38.14 -53.12 -12.49
CA ILE E 208 -38.57 -54.44 -12.86
C ILE E 208 -38.96 -54.58 -14.32
N ASP E 209 -38.14 -55.29 -15.08
CA ASP E 209 -38.37 -55.52 -16.50
C ASP E 209 -38.01 -54.34 -17.38
N GLN E 210 -37.82 -53.17 -16.79
CA GLN E 210 -37.50 -52.00 -17.60
C GLN E 210 -36.29 -52.25 -18.49
N PHE E 211 -36.22 -51.54 -19.61
CA PHE E 211 -35.09 -51.70 -20.53
C PHE E 211 -33.85 -50.98 -20.03
N LEU E 212 -34.06 -49.79 -19.46
CA LEU E 212 -32.99 -48.98 -18.87
C LEU E 212 -33.51 -47.98 -17.82
N VAL E 213 -32.74 -47.71 -16.78
CA VAL E 213 -33.20 -46.74 -15.80
C VAL E 213 -32.32 -45.48 -15.86
N VAL E 214 -32.84 -44.38 -15.33
CA VAL E 214 -32.10 -43.15 -15.34
C VAL E 214 -32.09 -42.55 -13.95
N PHE E 215 -30.90 -42.22 -13.47
CA PHE E 215 -30.75 -41.59 -12.16
C PHE E 215 -30.53 -40.12 -12.43
N GLU E 216 -31.62 -39.36 -12.45
CA GLU E 216 -31.55 -37.93 -12.75
C GLU E 216 -31.21 -37.09 -11.50
N ASP E 217 -30.43 -36.02 -11.71
CA ASP E 217 -30.01 -35.07 -10.67
C ASP E 217 -29.71 -35.74 -9.35
N VAL E 218 -28.55 -36.39 -9.27
CA VAL E 218 -28.12 -37.10 -8.07
C VAL E 218 -27.25 -36.18 -7.25
N LYS E 219 -27.63 -36.00 -5.99
CA LYS E 219 -26.89 -35.15 -5.06
C LYS E 219 -25.69 -35.89 -4.48
N GLY E 220 -24.57 -35.18 -4.31
CA GLY E 220 -23.41 -35.83 -3.75
C GLY E 220 -22.78 -35.02 -2.64
N THR E 221 -21.45 -35.02 -2.59
CA THR E 221 -20.71 -34.27 -1.57
C THR E 221 -19.49 -33.58 -2.20
N GLY E 222 -18.92 -32.64 -1.45
CA GLY E 222 -17.74 -31.93 -1.95
C GLY E 222 -18.12 -30.79 -2.88
N GLY E 223 -19.36 -30.37 -2.78
CA GLY E 223 -19.79 -29.30 -3.64
C GLY E 223 -19.89 -27.97 -2.93
N GLU E 224 -19.64 -27.95 -1.63
CA GLU E 224 -19.71 -26.71 -0.87
C GLU E 224 -18.91 -25.61 -1.61
N SER E 225 -17.87 -26.05 -2.30
CA SER E 225 -17.03 -25.15 -3.07
C SER E 225 -17.89 -24.50 -4.17
N ARG E 226 -18.57 -25.32 -4.97
CA ARG E 226 -19.43 -24.86 -6.05
C ARG E 226 -20.81 -24.42 -5.51
N ASP E 227 -20.93 -24.40 -4.19
CA ASP E 227 -22.17 -24.03 -3.53
C ASP E 227 -23.31 -24.99 -3.84
N LEU E 228 -23.01 -26.29 -3.77
CA LEU E 228 -23.98 -27.33 -4.05
C LEU E 228 -24.29 -28.06 -2.78
N PRO E 229 -25.58 -28.30 -2.52
CA PRO E 229 -26.08 -28.99 -1.33
C PRO E 229 -25.59 -30.41 -1.28
N SER E 230 -25.37 -30.91 -0.08
CA SER E 230 -24.88 -32.26 0.06
C SER E 230 -26.01 -33.25 0.20
N GLY E 231 -25.90 -34.35 -0.52
CA GLY E 231 -26.92 -35.37 -0.46
C GLY E 231 -26.32 -36.76 -0.43
N GLN E 232 -27.17 -37.74 -0.14
CA GLN E 232 -26.75 -39.12 -0.05
C GLN E 232 -27.10 -39.90 -1.30
N GLY E 233 -27.57 -39.22 -2.31
CA GLY E 233 -27.94 -39.95 -3.48
C GLY E 233 -26.81 -40.63 -4.18
N ILE E 234 -25.63 -40.01 -4.12
CA ILE E 234 -24.44 -40.52 -4.78
C ILE E 234 -23.86 -41.62 -3.92
N ASN E 235 -24.16 -41.54 -2.63
CA ASN E 235 -23.70 -42.54 -1.69
C ASN E 235 -24.44 -43.83 -1.98
N ASN E 236 -25.77 -43.77 -1.95
CA ASN E 236 -26.63 -44.93 -2.21
C ASN E 236 -26.25 -45.61 -3.50
N LEU E 237 -25.89 -44.81 -4.49
CA LEU E 237 -25.48 -45.41 -5.74
C LEU E 237 -24.27 -46.33 -5.55
N ASP E 238 -23.26 -45.88 -4.81
CA ASP E 238 -22.04 -46.68 -4.55
C ASP E 238 -22.37 -47.90 -3.66
N ASN E 239 -23.54 -47.88 -3.05
CA ASN E 239 -23.93 -49.01 -2.23
C ASN E 239 -24.64 -49.99 -3.15
N LEU E 240 -24.82 -49.61 -4.40
CA LEU E 240 -25.50 -50.48 -5.32
C LEU E 240 -24.51 -50.90 -6.38
N ARG E 241 -23.32 -51.28 -5.96
CA ARG E 241 -22.32 -51.68 -6.93
C ARG E 241 -22.76 -52.83 -7.83
N ASP E 242 -23.27 -53.90 -7.22
CA ASP E 242 -23.70 -55.07 -7.97
C ASP E 242 -24.90 -54.76 -8.87
N TYR E 243 -25.60 -53.66 -8.56
CA TYR E 243 -26.73 -53.22 -9.37
C TYR E 243 -26.19 -52.58 -10.63
N LEU E 244 -25.40 -51.52 -10.51
CA LEU E 244 -24.85 -50.87 -11.69
C LEU E 244 -23.91 -51.77 -12.51
N ASP E 245 -23.51 -52.89 -11.94
CA ASP E 245 -22.60 -53.80 -12.61
C ASP E 245 -23.35 -54.68 -13.61
N GLY E 246 -24.48 -55.23 -13.18
CA GLY E 246 -25.24 -56.11 -14.04
C GLY E 246 -24.57 -57.46 -14.19
N SER E 247 -23.68 -57.81 -13.25
CA SER E 247 -23.02 -59.11 -13.36
C SER E 247 -23.86 -60.18 -12.64
N VAL E 248 -24.35 -59.85 -11.46
CA VAL E 248 -25.18 -60.78 -10.72
C VAL E 248 -26.63 -60.30 -10.71
N LYS E 249 -27.57 -61.19 -10.48
CA LYS E 249 -28.96 -60.77 -10.43
C LYS E 249 -29.38 -60.26 -9.05
N VAL E 250 -29.84 -59.02 -8.99
CA VAL E 250 -30.29 -58.42 -7.73
C VAL E 250 -31.70 -58.87 -7.43
N ASN E 251 -32.20 -58.53 -6.25
CA ASN E 251 -33.56 -58.94 -5.91
C ASN E 251 -34.44 -57.74 -5.66
N LEU E 252 -35.17 -57.31 -6.69
CA LEU E 252 -36.07 -56.15 -6.62
C LEU E 252 -37.45 -56.49 -6.03
N GLU E 253 -38.01 -55.56 -5.29
CA GLU E 253 -39.32 -55.79 -4.69
C GLU E 253 -40.30 -54.72 -5.09
N LYS E 254 -41.41 -55.12 -5.71
CA LYS E 254 -42.43 -54.15 -6.15
C LYS E 254 -43.38 -53.81 -5.01
N LYS E 255 -42.84 -53.82 -3.80
CA LYS E 255 -43.61 -53.47 -2.62
C LYS E 255 -44.67 -54.48 -2.23
N HIS E 256 -45.85 -54.38 -2.84
CA HIS E 256 -46.92 -55.28 -2.47
C HIS E 256 -47.32 -56.18 -3.60
N LEU E 257 -47.05 -55.70 -4.81
CA LEU E 257 -47.37 -56.44 -6.03
C LEU E 257 -46.63 -57.78 -6.12
N ASN E 258 -45.55 -57.82 -6.89
CA ASN E 258 -44.75 -59.03 -7.08
C ASN E 258 -43.24 -58.81 -6.94
N LYS E 259 -42.54 -59.82 -6.39
CA LYS E 259 -41.08 -59.77 -6.22
C LYS E 259 -40.42 -60.24 -7.53
N ARG E 260 -39.11 -60.03 -7.64
CA ARG E 260 -38.38 -60.44 -8.83
C ARG E 260 -36.87 -60.29 -8.72
N THR E 261 -36.19 -61.37 -9.05
CA THR E 261 -34.75 -61.40 -8.99
C THR E 261 -34.30 -61.31 -10.43
N GLN E 262 -33.70 -60.19 -10.81
CA GLN E 262 -33.21 -60.05 -12.18
C GLN E 262 -32.03 -59.14 -12.24
N ILE E 263 -31.26 -59.24 -13.31
CA ILE E 263 -30.10 -58.37 -13.45
C ILE E 263 -30.57 -56.91 -13.67
N PHE E 264 -30.13 -56.00 -12.79
CA PHE E 264 -30.58 -54.62 -12.87
C PHE E 264 -30.38 -54.07 -14.26
N PRO E 265 -31.28 -53.19 -14.72
CA PRO E 265 -31.20 -52.59 -16.06
C PRO E 265 -30.11 -51.59 -16.21
N PRO E 266 -29.59 -51.45 -17.42
CA PRO E 266 -28.53 -50.47 -17.61
C PRO E 266 -29.16 -49.08 -17.66
N GLY E 267 -28.35 -48.03 -17.74
CA GLY E 267 -28.94 -46.70 -17.77
C GLY E 267 -28.00 -45.52 -17.77
N ILE E 268 -28.51 -44.36 -17.36
CA ILE E 268 -27.73 -43.13 -17.31
C ILE E 268 -27.77 -42.53 -15.93
N VAL E 269 -26.74 -41.75 -15.59
CA VAL E 269 -26.71 -41.06 -14.31
C VAL E 269 -26.32 -39.59 -14.51
N THR E 270 -27.19 -38.67 -14.11
CA THR E 270 -26.85 -37.25 -14.28
C THR E 270 -26.66 -36.60 -12.93
N MET E 271 -25.75 -35.62 -12.83
CA MET E 271 -25.54 -34.93 -11.55
C MET E 271 -24.96 -33.53 -11.74
N ASN E 272 -25.12 -32.71 -10.71
CA ASN E 272 -24.64 -31.32 -10.72
C ASN E 272 -23.15 -31.23 -10.46
N GLU E 273 -22.38 -32.20 -10.94
CA GLU E 273 -20.91 -32.17 -10.78
C GLU E 273 -20.35 -32.17 -9.37
N TYR E 274 -20.53 -33.30 -8.69
CA TYR E 274 -20.02 -33.50 -7.35
C TYR E 274 -18.85 -34.45 -7.53
N SER E 275 -18.33 -34.94 -6.42
CA SER E 275 -17.18 -35.84 -6.45
C SER E 275 -17.70 -37.26 -6.49
N VAL E 276 -17.06 -38.08 -7.30
CA VAL E 276 -17.47 -39.47 -7.45
C VAL E 276 -16.40 -40.45 -7.00
N PRO E 277 -16.73 -41.36 -6.08
CA PRO E 277 -15.81 -42.38 -5.58
C PRO E 277 -15.25 -43.20 -6.73
N LYS E 278 -13.97 -43.54 -6.66
CA LYS E 278 -13.35 -44.30 -7.74
C LYS E 278 -14.05 -45.60 -7.90
N THR E 279 -14.79 -45.99 -6.87
CA THR E 279 -15.53 -47.25 -6.91
C THR E 279 -16.81 -47.13 -7.73
N LEU E 280 -17.32 -45.91 -7.86
CA LEU E 280 -18.55 -45.63 -8.59
C LEU E 280 -18.23 -45.28 -10.01
N GLN E 281 -17.27 -44.38 -10.19
CA GLN E 281 -16.83 -43.95 -11.52
C GLN E 281 -16.37 -45.18 -12.34
N ALA E 282 -16.18 -46.30 -11.66
CA ALA E 282 -15.71 -47.50 -12.30
C ALA E 282 -16.85 -48.22 -13.03
N ARG E 283 -18.07 -47.89 -12.69
CA ARG E 283 -19.19 -48.53 -13.36
C ARG E 283 -19.61 -47.73 -14.61
N PHE E 284 -19.10 -46.50 -14.70
CA PHE E 284 -19.41 -45.62 -15.80
C PHE E 284 -18.48 -45.84 -16.99
N VAL E 285 -18.99 -46.50 -18.02
CA VAL E 285 -18.21 -46.76 -19.20
C VAL E 285 -17.86 -45.50 -19.88
N LYS E 286 -18.86 -44.66 -20.11
CA LYS E 286 -18.64 -43.37 -20.79
C LYS E 286 -19.10 -42.21 -19.93
N GLN E 287 -18.39 -41.08 -20.01
CA GLN E 287 -18.79 -39.90 -19.25
C GLN E 287 -18.82 -38.67 -20.13
N ILE E 288 -19.91 -37.93 -20.10
CA ILE E 288 -20.01 -36.72 -20.89
C ILE E 288 -20.07 -35.48 -20.01
N ASP E 289 -19.25 -34.47 -20.31
CA ASP E 289 -19.26 -33.23 -19.51
C ASP E 289 -20.06 -32.15 -20.24
N PHE E 290 -21.17 -31.73 -19.66
CA PHE E 290 -21.98 -30.74 -20.31
C PHE E 290 -21.59 -29.35 -19.91
N ARG E 291 -21.64 -28.40 -20.85
CA ARG E 291 -21.31 -27.00 -20.56
C ARG E 291 -22.49 -26.15 -21.02
N PRO E 292 -22.87 -25.15 -20.21
CA PRO E 292 -23.98 -24.28 -20.56
C PRO E 292 -23.60 -23.38 -21.72
N LYS E 293 -23.97 -23.76 -22.94
CA LYS E 293 -23.62 -22.96 -24.09
C LYS E 293 -24.63 -21.85 -24.34
N ASP E 294 -24.13 -20.62 -24.39
CA ASP E 294 -24.92 -19.38 -24.62
C ASP E 294 -25.79 -19.36 -25.88
N TYR E 295 -25.22 -19.75 -27.01
CA TYR E 295 -25.97 -19.73 -28.26
C TYR E 295 -27.13 -20.70 -28.26
N LEU E 296 -26.93 -21.86 -27.63
CA LEU E 296 -27.99 -22.87 -27.53
C LEU E 296 -29.15 -22.33 -26.70
N LYS E 297 -28.86 -21.46 -25.76
CA LYS E 297 -29.89 -20.91 -24.90
C LYS E 297 -30.79 -19.98 -25.69
N HIS E 298 -30.18 -18.93 -26.22
CA HIS E 298 -30.91 -17.95 -26.99
C HIS E 298 -31.72 -18.61 -28.06
N CYS E 299 -31.15 -19.64 -28.70
CA CYS E 299 -31.86 -20.34 -29.79
C CYS E 299 -33.25 -20.78 -29.36
N LEU E 300 -33.35 -21.16 -28.09
CA LEU E 300 -34.61 -21.59 -27.51
C LEU E 300 -35.43 -20.38 -27.10
N GLU E 301 -34.76 -19.27 -26.80
CA GLU E 301 -35.46 -18.05 -26.40
C GLU E 301 -36.40 -17.64 -27.52
N ARG E 302 -35.88 -17.57 -28.74
CA ARG E 302 -36.69 -17.19 -29.89
C ARG E 302 -37.59 -18.37 -30.20
N SER E 303 -36.99 -19.51 -30.47
CA SER E 303 -37.73 -20.71 -30.80
C SER E 303 -38.25 -21.30 -29.51
N GLU E 304 -39.41 -20.84 -29.06
CA GLU E 304 -39.95 -21.31 -27.79
C GLU E 304 -40.68 -22.61 -27.88
N PHE E 305 -41.34 -22.84 -29.00
CA PHE E 305 -42.10 -24.07 -29.19
C PHE E 305 -41.30 -25.36 -28.86
N LEU E 306 -39.99 -25.34 -29.18
CA LEU E 306 -39.12 -26.46 -28.92
C LEU E 306 -39.18 -26.92 -27.47
N LEU E 307 -39.63 -26.03 -26.60
CA LEU E 307 -39.76 -26.35 -25.17
C LEU E 307 -41.22 -26.37 -24.76
N GLU E 308 -42.02 -25.48 -25.35
CA GLU E 308 -43.43 -25.42 -25.00
C GLU E 308 -44.13 -26.71 -25.34
N LYS E 309 -43.63 -27.36 -26.39
CA LYS E 309 -44.19 -28.61 -26.88
C LYS E 309 -43.34 -29.81 -26.50
N ARG E 310 -42.31 -29.59 -25.68
CA ARG E 310 -41.45 -30.68 -25.23
C ARG E 310 -40.88 -31.50 -26.39
N ILE E 311 -40.20 -30.83 -27.30
CA ILE E 311 -39.63 -31.53 -28.41
C ILE E 311 -38.17 -31.95 -28.21
N ILE E 312 -37.32 -31.00 -27.81
CA ILE E 312 -35.90 -31.29 -27.64
C ILE E 312 -35.58 -32.38 -26.66
N GLN E 313 -36.59 -32.84 -25.95
CA GLN E 313 -36.45 -33.91 -24.97
C GLN E 313 -37.42 -35.05 -25.22
N SER E 314 -37.82 -35.22 -26.48
CA SER E 314 -38.75 -36.27 -26.87
C SER E 314 -38.04 -37.44 -27.55
N GLY E 315 -38.54 -38.64 -27.28
CA GLY E 315 -37.98 -39.83 -27.89
C GLY E 315 -38.04 -39.69 -29.40
N ILE E 316 -39.16 -39.18 -29.89
CA ILE E 316 -39.42 -39.00 -31.30
C ILE E 316 -38.33 -38.17 -31.94
N ALA E 317 -38.00 -37.08 -31.26
CA ALA E 317 -36.95 -36.19 -31.75
C ALA E 317 -35.70 -36.97 -32.11
N LEU E 318 -35.20 -37.79 -31.17
CA LEU E 318 -33.98 -38.53 -31.44
C LEU E 318 -34.19 -39.55 -32.55
N LEU E 319 -35.32 -40.25 -32.49
CA LEU E 319 -35.61 -41.26 -33.50
C LEU E 319 -35.55 -40.62 -34.88
N LEU E 320 -36.27 -39.51 -35.05
CA LEU E 320 -36.26 -38.79 -36.33
C LEU E 320 -34.80 -38.53 -36.71
N MET E 321 -34.03 -38.10 -35.71
CA MET E 321 -32.64 -37.80 -35.92
C MET E 321 -31.88 -39.00 -36.42
N LEU E 322 -32.32 -40.17 -35.98
CA LEU E 322 -31.64 -41.39 -36.40
C LEU E 322 -31.95 -41.68 -37.83
N ILE E 323 -33.25 -41.60 -38.13
CA ILE E 323 -33.73 -41.84 -39.48
C ILE E 323 -33.00 -40.91 -40.45
N TRP E 324 -32.78 -39.67 -40.02
CA TRP E 324 -32.15 -38.66 -40.84
C TRP E 324 -30.70 -38.99 -41.25
N TYR E 325 -29.85 -39.32 -40.26
CA TYR E 325 -28.43 -39.63 -40.52
C TYR E 325 -28.10 -41.12 -40.69
N ARG E 326 -28.09 -41.88 -39.61
CA ARG E 326 -27.80 -43.32 -39.62
C ARG E 326 -28.18 -44.10 -40.91
N PRO E 327 -27.30 -45.02 -41.38
CA PRO E 327 -27.54 -45.83 -42.59
C PRO E 327 -28.60 -46.88 -42.33
N VAL E 328 -29.25 -47.36 -43.39
CA VAL E 328 -30.32 -48.36 -43.24
C VAL E 328 -29.84 -49.64 -42.59
N ALA E 329 -28.68 -50.08 -43.02
CA ALA E 329 -28.10 -51.30 -42.48
C ALA E 329 -28.06 -51.33 -40.95
N GLU E 330 -27.76 -50.19 -40.32
CA GLU E 330 -27.66 -50.12 -38.87
C GLU E 330 -28.96 -50.33 -38.11
N PHE E 331 -30.01 -50.73 -38.82
CA PHE E 331 -31.31 -50.97 -38.19
C PHE E 331 -31.76 -52.42 -38.28
N ALA E 332 -32.54 -52.84 -37.31
CA ALA E 332 -33.04 -54.19 -37.28
C ALA E 332 -33.64 -54.58 -38.62
N GLN E 333 -33.26 -55.75 -39.14
CA GLN E 333 -33.76 -56.24 -40.42
C GLN E 333 -35.25 -56.06 -40.62
N SER E 334 -36.03 -56.24 -39.56
CA SER E 334 -37.48 -56.12 -39.66
C SER E 334 -38.02 -54.70 -39.88
N ILE E 335 -37.63 -53.80 -38.99
CA ILE E 335 -38.07 -52.42 -39.04
C ILE E 335 -37.32 -51.59 -40.07
N GLN E 336 -36.51 -52.22 -40.94
CA GLN E 336 -35.77 -51.45 -41.95
C GLN E 336 -36.72 -50.90 -43.02
N SER E 337 -37.68 -51.74 -43.38
CA SER E 337 -38.68 -51.36 -44.35
C SER E 337 -39.29 -49.99 -43.95
N ARG E 338 -39.65 -49.79 -42.67
CA ARG E 338 -40.18 -48.49 -42.25
C ARG E 338 -39.08 -47.39 -42.24
N ILE E 339 -37.92 -47.70 -41.71
CA ILE E 339 -36.90 -46.67 -41.71
C ILE E 339 -36.75 -46.08 -43.08
N VAL E 340 -36.98 -46.89 -44.11
CA VAL E 340 -36.84 -46.36 -45.48
C VAL E 340 -37.94 -45.34 -45.76
N GLU E 341 -39.16 -45.77 -45.51
CA GLU E 341 -40.35 -44.97 -45.70
C GLU E 341 -40.38 -43.80 -44.77
N TRP E 342 -39.23 -43.36 -44.33
CA TRP E 342 -39.19 -42.21 -43.43
C TRP E 342 -38.04 -41.37 -43.82
N LYS E 343 -37.03 -42.00 -44.41
CA LYS E 343 -35.87 -41.27 -44.84
C LYS E 343 -36.27 -40.58 -46.11
N GLU E 344 -37.39 -41.02 -46.68
CA GLU E 344 -37.89 -40.45 -47.92
C GLU E 344 -38.84 -39.32 -47.57
N ARG E 345 -39.88 -39.65 -46.82
CA ARG E 345 -40.85 -38.66 -46.39
C ARG E 345 -40.12 -37.41 -45.93
N LEU E 346 -39.02 -37.59 -45.22
CA LEU E 346 -38.27 -36.43 -44.74
C LEU E 346 -37.54 -35.73 -45.88
N ASP E 347 -37.01 -36.52 -46.82
CA ASP E 347 -36.29 -35.96 -47.96
C ASP E 347 -37.29 -35.16 -48.79
N LYS E 348 -38.50 -35.70 -48.87
CA LYS E 348 -39.57 -35.08 -49.61
C LYS E 348 -40.24 -34.12 -48.65
N GLU E 349 -39.44 -33.36 -47.91
CA GLU E 349 -39.95 -32.40 -46.95
C GLU E 349 -38.89 -31.41 -46.57
N PHE E 350 -37.62 -31.81 -46.70
CA PHE E 350 -36.52 -30.91 -46.34
C PHE E 350 -35.31 -31.14 -47.23
N SER E 351 -34.50 -30.11 -47.40
CA SER E 351 -33.32 -30.26 -48.23
C SER E 351 -32.06 -30.17 -47.37
N LEU E 352 -30.99 -30.77 -47.84
CA LEU E 352 -29.74 -30.72 -47.08
C LEU E 352 -29.42 -29.28 -46.68
N SER E 353 -29.75 -28.33 -47.54
CA SER E 353 -29.50 -26.92 -47.24
C SER E 353 -30.49 -26.36 -46.20
N VAL E 354 -31.79 -26.60 -46.38
CA VAL E 354 -32.80 -26.12 -45.44
C VAL E 354 -32.43 -26.53 -44.00
N TYR E 355 -31.99 -27.77 -43.88
CA TYR E 355 -31.58 -28.30 -42.59
C TYR E 355 -30.32 -27.56 -42.14
N GLN E 356 -29.29 -27.52 -42.97
CA GLN E 356 -28.07 -26.84 -42.57
C GLN E 356 -28.32 -25.47 -42.00
N LYS E 357 -29.35 -24.79 -42.51
CA LYS E 357 -29.68 -23.44 -42.06
C LYS E 357 -30.19 -23.48 -40.64
N MET E 358 -30.95 -24.52 -40.32
CA MET E 358 -31.45 -24.66 -38.99
C MET E 358 -30.28 -24.88 -38.06
N LYS E 359 -29.33 -25.72 -38.49
CA LYS E 359 -28.16 -26.04 -37.68
C LYS E 359 -27.30 -24.80 -37.53
N PHE E 360 -27.53 -23.86 -38.43
CA PHE E 360 -26.80 -22.61 -38.44
C PHE E 360 -27.48 -21.61 -37.51
N ASN E 361 -28.79 -21.48 -37.64
CA ASN E 361 -29.51 -20.55 -36.81
C ASN E 361 -29.34 -20.89 -35.34
N VAL E 362 -29.09 -22.16 -35.03
CA VAL E 362 -28.91 -22.57 -33.65
C VAL E 362 -27.54 -22.12 -33.20
N ALA E 363 -26.58 -22.14 -34.11
CA ALA E 363 -25.25 -21.71 -33.75
C ALA E 363 -25.19 -20.17 -33.64
N MET E 364 -26.03 -19.46 -34.40
CA MET E 364 -26.06 -18.00 -34.40
C MET E 364 -26.88 -17.46 -33.24
N GLY E 365 -27.56 -18.35 -32.55
CA GLY E 365 -28.34 -17.94 -31.42
C GLY E 365 -29.71 -17.41 -31.76
N ILE E 366 -30.02 -17.29 -33.04
CA ILE E 366 -31.33 -16.78 -33.41
C ILE E 366 -32.30 -17.93 -33.59
N GLY E 367 -33.57 -17.60 -33.82
CA GLY E 367 -34.62 -18.61 -34.02
C GLY E 367 -34.21 -19.66 -35.02
N VAL E 368 -34.67 -20.89 -34.79
CA VAL E 368 -34.29 -21.97 -35.69
C VAL E 368 -34.96 -21.81 -37.02
N LEU E 369 -36.23 -21.39 -36.98
CA LEU E 369 -36.99 -21.20 -38.19
C LEU E 369 -36.86 -19.76 -38.73
N ASP E 370 -35.66 -19.44 -39.22
CA ASP E 370 -35.37 -18.12 -39.76
C ASP E 370 -34.81 -18.27 -41.18
N THR F 8 -63.18 -81.82 -19.56
CA THR F 8 -64.54 -81.20 -19.62
C THR F 8 -64.46 -79.79 -20.21
N LYS F 9 -65.45 -78.95 -19.86
CA LYS F 9 -65.52 -77.56 -20.32
C LYS F 9 -64.72 -76.69 -19.34
N GLN F 10 -64.18 -77.32 -18.29
CA GLN F 10 -63.39 -76.64 -17.27
C GLN F 10 -61.88 -76.83 -17.47
N VAL F 11 -61.10 -75.90 -16.92
CA VAL F 11 -59.65 -75.92 -17.04
C VAL F 11 -59.04 -76.88 -16.06
N SER F 12 -57.84 -77.34 -16.37
CA SER F 12 -57.14 -78.28 -15.54
C SER F 12 -56.10 -77.62 -14.64
N TRP F 13 -56.49 -77.28 -13.42
CA TRP F 13 -55.54 -76.67 -12.50
C TRP F 13 -54.29 -77.54 -12.46
N LYS F 14 -54.50 -78.83 -12.71
CA LYS F 14 -53.45 -79.83 -12.73
C LYS F 14 -52.52 -79.62 -13.90
N LEU F 15 -53.03 -79.71 -15.12
CA LEU F 15 -52.19 -79.51 -16.29
C LEU F 15 -51.35 -78.25 -16.19
N VAL F 16 -51.89 -77.22 -15.54
CA VAL F 16 -51.15 -75.97 -15.37
C VAL F 16 -49.94 -76.31 -14.47
N THR F 17 -50.24 -76.91 -13.32
CA THR F 17 -49.20 -77.28 -12.38
C THR F 17 -48.16 -78.17 -13.01
N GLU F 18 -48.64 -79.13 -13.80
CA GLU F 18 -47.77 -80.04 -14.49
C GLU F 18 -46.74 -79.26 -15.31
N TYR F 19 -47.18 -78.19 -15.95
CA TYR F 19 -46.28 -77.39 -16.76
C TYR F 19 -45.41 -76.55 -15.84
N ALA F 20 -46.03 -75.91 -14.86
CA ALA F 20 -45.28 -75.06 -13.93
C ALA F 20 -44.22 -75.87 -13.25
N MET F 21 -44.32 -77.19 -13.36
CA MET F 21 -43.39 -78.07 -12.71
C MET F 21 -42.30 -78.47 -13.67
N GLU F 22 -42.67 -78.76 -14.91
CA GLU F 22 -41.69 -79.15 -15.90
C GLU F 22 -40.80 -77.97 -16.27
N THR F 23 -41.10 -76.81 -15.71
CA THR F 23 -40.33 -75.61 -16.02
C THR F 23 -39.80 -74.98 -14.75
N LYS F 24 -40.20 -75.53 -13.61
CA LYS F 24 -39.75 -75.03 -12.32
C LYS F 24 -40.08 -73.56 -12.24
N CYS F 25 -41.29 -73.22 -12.67
CA CYS F 25 -41.71 -71.83 -12.67
C CYS F 25 -42.20 -71.39 -11.28
N ASP F 26 -41.48 -70.45 -10.68
CA ASP F 26 -41.86 -69.94 -9.35
C ASP F 26 -42.47 -68.55 -9.47
N ASP F 27 -42.36 -67.97 -10.66
CA ASP F 27 -42.90 -66.65 -10.96
C ASP F 27 -44.33 -66.76 -11.51
N VAL F 28 -45.31 -66.31 -10.72
CA VAL F 28 -46.72 -66.36 -11.11
C VAL F 28 -46.97 -65.64 -12.42
N LEU F 29 -46.43 -64.44 -12.58
CA LEU F 29 -46.65 -63.72 -13.83
C LEU F 29 -46.06 -64.48 -15.00
N LEU F 30 -44.76 -64.77 -14.96
CA LEU F 30 -44.13 -65.50 -16.04
C LEU F 30 -45.00 -66.69 -16.46
N LEU F 31 -45.50 -67.42 -15.46
CA LEU F 31 -46.35 -68.57 -15.76
C LEU F 31 -47.53 -68.16 -16.60
N LEU F 32 -48.37 -67.26 -16.07
CA LEU F 32 -49.55 -66.69 -16.76
C LEU F 32 -49.21 -66.33 -18.22
N GLY F 33 -48.18 -65.53 -18.43
CA GLY F 33 -47.88 -65.24 -19.80
C GLY F 33 -47.41 -66.45 -20.61
N MET F 34 -46.61 -67.32 -20.00
CA MET F 34 -46.09 -68.50 -20.70
C MET F 34 -47.17 -69.46 -21.16
N TYR F 35 -48.13 -69.71 -20.28
CA TYR F 35 -49.20 -70.64 -20.57
C TYR F 35 -50.21 -70.06 -21.51
N LEU F 36 -50.22 -68.72 -21.61
CA LEU F 36 -51.15 -68.04 -22.50
C LEU F 36 -50.76 -68.22 -23.93
N GLU F 37 -49.46 -68.41 -24.19
CA GLU F 37 -49.00 -68.59 -25.56
C GLU F 37 -49.51 -69.91 -26.18
N PHE F 38 -50.05 -70.79 -25.34
CA PHE F 38 -50.52 -72.08 -25.83
C PHE F 38 -51.96 -72.05 -26.29
N GLN F 39 -52.64 -70.92 -26.13
CA GLN F 39 -54.04 -70.79 -26.53
C GLN F 39 -54.21 -70.82 -28.05
N TYR F 40 -53.22 -70.32 -28.77
CA TYR F 40 -53.30 -70.29 -30.22
C TYR F 40 -53.11 -71.67 -30.85
N SER F 41 -53.42 -71.77 -32.14
CA SER F 41 -53.28 -73.03 -32.86
C SER F 41 -51.86 -73.54 -32.85
N PHE F 42 -51.71 -74.82 -32.51
CA PHE F 42 -50.40 -75.43 -32.49
C PHE F 42 -49.82 -75.61 -33.90
N GLU F 43 -50.62 -76.14 -34.81
CA GLU F 43 -50.17 -76.40 -36.18
C GLU F 43 -49.59 -75.19 -36.91
N MET F 44 -49.75 -74.02 -36.34
CA MET F 44 -49.26 -72.81 -36.98
C MET F 44 -48.42 -71.93 -36.04
N CYS F 45 -47.70 -72.54 -35.10
CA CYS F 45 -46.83 -71.84 -34.15
C CYS F 45 -45.46 -71.62 -34.78
N LEU F 46 -45.17 -70.38 -35.11
CA LEU F 46 -43.89 -70.09 -35.72
C LEU F 46 -42.78 -70.25 -34.68
N LYS F 47 -43.15 -70.10 -33.41
CA LYS F 47 -42.20 -70.20 -32.31
C LYS F 47 -41.61 -71.60 -32.27
N CYS F 48 -42.50 -72.54 -32.57
CA CYS F 48 -42.19 -73.95 -32.59
C CYS F 48 -41.43 -74.32 -33.85
N ILE F 49 -41.97 -73.93 -34.99
CA ILE F 49 -41.33 -74.25 -36.25
C ILE F 49 -39.90 -73.73 -36.31
N LYS F 50 -39.61 -72.69 -35.53
CA LYS F 50 -38.27 -72.12 -35.51
C LYS F 50 -37.43 -72.65 -34.37
N LYS F 51 -38.08 -73.27 -33.39
CA LYS F 51 -37.39 -73.84 -32.22
C LYS F 51 -36.51 -72.82 -31.53
N GLU F 52 -37.15 -71.87 -30.85
CA GLU F 52 -36.43 -70.82 -30.15
C GLU F 52 -36.45 -70.97 -28.64
N GLN F 53 -37.64 -71.21 -28.10
CA GLN F 53 -37.77 -71.36 -26.65
C GLN F 53 -38.26 -72.74 -26.28
N PRO F 54 -37.32 -73.61 -25.87
CA PRO F 54 -37.64 -74.99 -25.48
C PRO F 54 -38.80 -75.01 -24.53
N SER F 55 -38.88 -74.00 -23.66
CA SER F 55 -39.95 -73.94 -22.67
C SER F 55 -41.29 -73.76 -23.31
N HIS F 56 -41.27 -73.62 -24.63
CA HIS F 56 -42.50 -73.43 -25.38
C HIS F 56 -42.76 -74.55 -26.37
N TYR F 57 -41.90 -74.66 -27.39
CA TYR F 57 -42.09 -75.64 -28.43
C TYR F 57 -42.09 -77.07 -27.99
N LYS F 58 -42.08 -77.28 -26.69
CA LYS F 58 -42.08 -78.62 -26.15
C LYS F 58 -43.33 -78.89 -25.38
N TYR F 59 -44.15 -77.87 -25.14
CA TYR F 59 -45.36 -78.10 -24.35
C TYR F 59 -46.67 -77.56 -24.96
N HIS F 60 -46.57 -76.83 -26.07
CA HIS F 60 -47.76 -76.25 -26.66
C HIS F 60 -48.79 -77.29 -26.98
N GLU F 61 -48.49 -78.09 -28.00
CA GLU F 61 -49.38 -79.13 -28.48
C GLU F 61 -50.02 -79.88 -27.33
N LYS F 62 -49.21 -80.24 -26.34
CA LYS F 62 -49.71 -80.96 -25.18
C LYS F 62 -50.75 -80.16 -24.39
N HIS F 63 -50.46 -78.88 -24.16
CA HIS F 63 -51.35 -78.02 -23.37
C HIS F 63 -52.28 -77.14 -24.20
N TYR F 64 -52.22 -77.32 -25.51
CA TYR F 64 -53.04 -76.54 -26.40
C TYR F 64 -54.48 -76.45 -25.90
N ALA F 65 -55.13 -77.60 -25.80
CA ALA F 65 -56.52 -77.62 -25.37
C ALA F 65 -56.80 -76.87 -24.08
N ASN F 66 -56.16 -77.31 -23.01
CA ASN F 66 -56.39 -76.69 -21.71
C ASN F 66 -56.14 -75.17 -21.78
N ALA F 67 -55.14 -74.77 -22.55
CA ALA F 67 -54.77 -73.37 -22.65
C ALA F 67 -55.92 -72.56 -23.23
N ALA F 68 -56.51 -73.09 -24.28
CA ALA F 68 -57.63 -72.45 -24.97
C ALA F 68 -58.76 -72.23 -23.98
N ILE F 69 -59.03 -73.23 -23.16
CA ILE F 69 -60.08 -73.12 -22.15
C ILE F 69 -59.60 -72.18 -21.04
N PHE F 70 -58.28 -72.15 -20.86
CA PHE F 70 -57.65 -71.31 -19.83
C PHE F 70 -57.84 -69.83 -20.15
N ALA F 71 -57.56 -69.46 -21.40
CA ALA F 71 -57.68 -68.07 -21.88
C ALA F 71 -59.07 -67.52 -21.59
N ASP F 72 -60.06 -68.40 -21.55
CA ASP F 72 -61.43 -67.99 -21.30
C ASP F 72 -61.82 -68.23 -19.84
N SER F 73 -60.89 -68.01 -18.94
CA SER F 73 -61.16 -68.21 -17.52
C SER F 73 -61.17 -66.88 -16.78
N LYS F 74 -61.81 -66.85 -15.61
CA LYS F 74 -61.89 -65.63 -14.83
C LYS F 74 -61.05 -65.70 -13.58
N ASN F 75 -60.31 -66.79 -13.43
CA ASN F 75 -59.45 -66.97 -12.28
C ASN F 75 -58.04 -67.40 -12.70
N GLN F 76 -57.58 -66.88 -13.83
CA GLN F 76 -56.25 -67.21 -14.32
C GLN F 76 -55.14 -67.11 -13.27
N LYS F 77 -55.20 -66.06 -12.46
CA LYS F 77 -54.17 -65.84 -11.46
C LYS F 77 -54.21 -66.89 -10.39
N THR F 78 -55.37 -67.05 -9.77
CA THR F 78 -55.53 -68.03 -8.72
C THR F 78 -55.07 -69.40 -9.16
N ILE F 79 -55.27 -69.72 -10.44
CA ILE F 79 -54.88 -71.03 -10.96
C ILE F 79 -53.37 -71.10 -10.99
N CYS F 80 -52.75 -70.03 -11.44
CA CYS F 80 -51.31 -70.00 -11.49
C CYS F 80 -50.71 -69.95 -10.09
N GLN F 81 -51.35 -69.24 -9.17
CA GLN F 81 -50.83 -69.17 -7.81
C GLN F 81 -50.54 -70.56 -7.29
N GLN F 82 -51.58 -71.37 -7.13
CA GLN F 82 -51.42 -72.72 -6.67
C GLN F 82 -50.46 -73.45 -7.60
N ALA F 83 -50.41 -73.09 -8.86
CA ALA F 83 -49.47 -73.80 -9.71
C ALA F 83 -48.02 -73.53 -9.28
N VAL F 84 -47.82 -72.38 -8.63
CA VAL F 84 -46.50 -71.98 -8.19
C VAL F 84 -46.20 -72.46 -6.79
N ASP F 85 -47.22 -72.43 -5.94
CA ASP F 85 -47.10 -72.90 -4.56
C ASP F 85 -46.68 -74.36 -4.60
N THR F 86 -46.89 -75.00 -5.73
CA THR F 86 -46.48 -76.38 -5.86
C THR F 86 -44.99 -76.38 -6.16
N VAL F 87 -44.59 -75.62 -7.16
CA VAL F 87 -43.17 -75.56 -7.52
C VAL F 87 -42.33 -75.12 -6.34
N LEU F 88 -42.96 -74.34 -5.45
CA LEU F 88 -42.29 -73.88 -4.26
C LEU F 88 -42.34 -74.93 -3.19
N ALA F 89 -43.43 -75.68 -3.15
CA ALA F 89 -43.57 -76.74 -2.15
C ALA F 89 -42.48 -77.79 -2.32
N LYS F 90 -42.36 -78.34 -3.52
CA LYS F 90 -41.35 -79.36 -3.78
C LYS F 90 -40.01 -78.80 -3.50
N LYS F 91 -39.77 -77.59 -3.99
CA LYS F 91 -38.52 -76.91 -3.76
C LYS F 91 -38.17 -77.00 -2.26
N ARG F 92 -39.18 -76.82 -1.39
CA ARG F 92 -39.03 -76.86 0.08
C ARG F 92 -38.77 -78.28 0.56
N VAL F 93 -39.63 -79.19 0.16
CA VAL F 93 -39.46 -80.58 0.52
C VAL F 93 -38.06 -81.08 0.19
N ASP F 94 -37.53 -80.66 -0.96
CA ASP F 94 -36.21 -81.07 -1.39
C ASP F 94 -35.14 -80.47 -0.48
N SER F 95 -35.28 -79.19 -0.17
CA SER F 95 -34.31 -78.51 0.70
C SER F 95 -34.06 -79.28 1.98
N LEU F 96 -35.02 -80.10 2.37
CA LEU F 96 -34.91 -80.87 3.60
C LEU F 96 -34.64 -82.33 3.30
N GLN F 97 -35.64 -82.99 2.73
CA GLN F 97 -35.53 -84.39 2.40
C GLN F 97 -34.39 -84.82 1.44
N LEU F 98 -33.59 -83.90 0.95
CA LEU F 98 -32.52 -84.34 0.09
C LEU F 98 -31.12 -84.06 0.62
N THR F 99 -30.11 -84.71 0.07
CA THR F 99 -28.74 -84.46 0.52
C THR F 99 -28.15 -83.39 -0.35
N ARG F 100 -27.36 -82.49 0.23
CA ARG F 100 -26.78 -81.44 -0.59
C ARG F 100 -26.10 -82.00 -1.82
N GLU F 101 -25.54 -83.19 -1.68
CA GLU F 101 -24.84 -83.82 -2.79
C GLU F 101 -25.78 -84.06 -3.96
N GLN F 102 -27.02 -84.42 -3.65
CA GLN F 102 -28.05 -84.68 -4.66
C GLN F 102 -28.50 -83.38 -5.27
N MET F 103 -28.81 -82.41 -4.42
CA MET F 103 -29.23 -81.12 -4.92
C MET F 103 -28.27 -80.67 -6.01
N LEU F 104 -26.98 -80.67 -5.68
CA LEU F 104 -25.96 -80.22 -6.59
C LEU F 104 -25.98 -81.06 -7.81
N THR F 105 -26.56 -82.26 -7.66
CA THR F 105 -26.66 -83.22 -8.77
C THR F 105 -27.80 -82.82 -9.69
N ASN F 106 -28.98 -82.60 -9.11
CA ASN F 106 -30.12 -82.20 -9.93
C ASN F 106 -29.73 -80.95 -10.71
N ARG F 107 -29.19 -79.95 -10.03
CA ARG F 107 -28.76 -78.76 -10.70
C ARG F 107 -27.86 -79.11 -11.88
N PHE F 108 -26.83 -79.90 -11.62
CA PHE F 108 -25.92 -80.27 -12.69
C PHE F 108 -26.66 -80.93 -13.82
N ASN F 109 -27.76 -81.57 -13.50
CA ASN F 109 -28.56 -82.22 -14.54
C ASN F 109 -29.33 -81.21 -15.37
N ASP F 110 -29.67 -80.07 -14.78
CA ASP F 110 -30.38 -79.05 -15.49
C ASP F 110 -29.37 -78.28 -16.32
N LEU F 111 -28.31 -77.83 -15.68
CA LEU F 111 -27.33 -77.09 -16.45
C LEU F 111 -26.91 -77.92 -17.64
N LEU F 112 -27.10 -79.22 -17.53
CA LEU F 112 -26.71 -80.10 -18.60
C LEU F 112 -27.79 -80.10 -19.65
N ASP F 113 -29.03 -80.01 -19.21
CA ASP F 113 -30.11 -79.96 -20.17
C ASP F 113 -29.97 -78.70 -21.02
N ARG F 114 -29.70 -77.57 -20.37
CA ARG F 114 -29.54 -76.32 -21.09
C ARG F 114 -28.39 -76.44 -22.06
N MET F 115 -27.51 -77.41 -21.82
CA MET F 115 -26.35 -77.65 -22.68
C MET F 115 -26.73 -78.60 -23.83
N ASP F 116 -27.69 -79.48 -23.56
CA ASP F 116 -28.12 -80.42 -24.56
C ASP F 116 -28.98 -79.67 -25.58
N ILE F 117 -28.98 -78.35 -25.52
CA ILE F 117 -29.78 -77.58 -26.44
C ILE F 117 -28.93 -76.50 -27.03
N MET F 118 -28.50 -75.54 -26.20
CA MET F 118 -27.69 -74.45 -26.72
C MET F 118 -26.49 -74.92 -27.50
N PHE F 119 -26.21 -76.21 -27.36
CA PHE F 119 -25.10 -76.87 -28.02
C PHE F 119 -25.62 -78.00 -28.88
N GLY F 120 -26.78 -77.77 -29.49
CA GLY F 120 -27.38 -78.76 -30.37
C GLY F 120 -27.75 -78.24 -31.75
N SER F 121 -28.63 -78.98 -32.43
CA SER F 121 -29.12 -78.63 -33.77
C SER F 121 -29.81 -77.27 -33.76
N THR F 122 -30.68 -77.07 -32.76
CA THR F 122 -31.41 -75.81 -32.60
C THR F 122 -30.74 -74.89 -31.56
N GLY F 123 -29.41 -74.85 -31.60
CA GLY F 123 -28.68 -74.05 -30.66
C GLY F 123 -28.29 -72.70 -31.21
N SER F 124 -27.71 -71.85 -30.37
CA SER F 124 -27.33 -70.51 -30.80
C SER F 124 -25.89 -70.23 -30.42
N ALA F 125 -25.37 -71.03 -29.49
CA ALA F 125 -24.01 -70.85 -29.01
C ALA F 125 -23.03 -71.76 -29.69
N ASP F 126 -21.79 -71.31 -29.75
CA ASP F 126 -20.74 -72.06 -30.40
C ASP F 126 -19.80 -72.68 -29.37
N ILE F 127 -19.80 -74.01 -29.35
CA ILE F 127 -18.95 -74.75 -28.43
C ILE F 127 -17.52 -74.23 -28.51
N GLU F 128 -17.10 -73.81 -29.70
CA GLU F 128 -15.75 -73.33 -29.85
C GLU F 128 -15.60 -71.96 -29.18
N GLU F 129 -16.71 -71.30 -28.90
CA GLU F 129 -16.65 -69.97 -28.28
C GLU F 129 -16.59 -70.09 -26.77
N TRP F 130 -17.39 -70.99 -26.23
CA TRP F 130 -17.40 -71.18 -24.79
C TRP F 130 -16.12 -71.80 -24.29
N MET F 131 -15.52 -72.69 -25.08
CA MET F 131 -14.28 -73.33 -24.67
C MET F 131 -13.20 -72.29 -24.49
N ALA F 132 -13.29 -71.24 -25.28
CA ALA F 132 -12.31 -70.20 -25.14
C ALA F 132 -12.43 -69.64 -23.73
N GLY F 133 -13.66 -69.61 -23.21
CA GLY F 133 -13.89 -69.07 -21.88
C GLY F 133 -13.20 -69.91 -20.87
N VAL F 134 -13.50 -71.20 -20.91
CA VAL F 134 -12.91 -72.14 -20.01
C VAL F 134 -11.43 -71.87 -19.93
N ALA F 135 -10.81 -71.68 -21.09
CA ALA F 135 -9.40 -71.41 -21.13
C ALA F 135 -9.07 -70.09 -20.43
N TRP F 136 -9.92 -69.09 -20.64
CA TRP F 136 -9.70 -67.79 -20.05
C TRP F 136 -9.83 -67.86 -18.54
N LEU F 137 -10.85 -68.58 -18.10
CA LEU F 137 -11.10 -68.72 -16.68
C LEU F 137 -10.03 -69.54 -16.01
N HIS F 138 -9.34 -70.37 -16.79
CA HIS F 138 -8.32 -71.22 -16.23
C HIS F 138 -7.00 -70.48 -16.18
N CYS F 139 -7.06 -69.16 -16.27
CA CYS F 139 -5.86 -68.35 -16.21
C CYS F 139 -6.08 -67.25 -15.22
N LEU F 140 -7.16 -67.37 -14.47
CA LEU F 140 -7.53 -66.35 -13.48
C LEU F 140 -7.03 -66.77 -12.11
N LEU F 141 -7.07 -68.09 -11.87
CA LEU F 141 -6.59 -68.71 -10.64
C LEU F 141 -5.86 -70.04 -10.90
N PRO F 142 -4.68 -70.22 -10.30
CA PRO F 142 -3.92 -71.47 -10.49
C PRO F 142 -4.78 -72.65 -10.11
N LYS F 143 -4.77 -73.68 -10.95
CA LYS F 143 -5.53 -74.91 -10.71
C LYS F 143 -7.01 -74.58 -10.54
N MET F 144 -7.50 -73.71 -11.42
CA MET F 144 -8.89 -73.26 -11.37
C MET F 144 -9.82 -74.43 -11.22
N ASP F 145 -9.61 -75.46 -12.03
CA ASP F 145 -10.50 -76.61 -11.98
C ASP F 145 -10.52 -77.20 -10.58
N SER F 146 -9.36 -77.28 -9.94
CA SER F 146 -9.26 -77.81 -8.58
C SER F 146 -9.93 -76.80 -7.62
N VAL F 147 -9.66 -75.52 -7.82
CA VAL F 147 -10.29 -74.56 -6.97
C VAL F 147 -11.81 -74.63 -7.06
N VAL F 148 -12.35 -74.94 -8.23
CA VAL F 148 -13.80 -75.02 -8.40
C VAL F 148 -14.38 -76.28 -7.73
N TYR F 149 -13.53 -77.29 -7.62
CA TYR F 149 -13.93 -78.54 -7.00
C TYR F 149 -13.90 -78.37 -5.50
N ASP F 150 -12.82 -77.83 -4.98
CA ASP F 150 -12.72 -77.65 -3.54
C ASP F 150 -13.94 -76.89 -3.04
N PHE F 151 -14.37 -75.91 -3.84
CA PHE F 151 -15.52 -75.04 -3.54
C PHE F 151 -16.77 -75.90 -3.50
N LEU F 152 -17.01 -76.63 -4.59
CA LEU F 152 -18.17 -77.50 -4.64
C LEU F 152 -18.21 -78.40 -3.39
N LYS F 153 -17.06 -78.98 -3.05
CA LYS F 153 -16.97 -79.84 -1.87
C LYS F 153 -17.43 -79.05 -0.64
N CYS F 154 -16.76 -77.94 -0.39
CA CYS F 154 -17.11 -77.12 0.73
C CYS F 154 -18.63 -76.92 0.86
N MET F 155 -19.24 -76.29 -0.14
CA MET F 155 -20.68 -76.00 -0.15
C MET F 155 -21.51 -77.25 0.06
N VAL F 156 -21.04 -78.37 -0.46
CA VAL F 156 -21.81 -79.59 -0.27
C VAL F 156 -21.64 -80.18 1.12
N TYR F 157 -20.41 -80.22 1.63
CA TYR F 157 -20.16 -80.80 2.96
C TYR F 157 -20.86 -79.96 4.02
N ASN F 158 -21.03 -78.67 3.72
CA ASN F 158 -21.70 -77.72 4.60
C ASN F 158 -21.29 -77.90 6.05
N ILE F 159 -20.01 -77.75 6.30
CA ILE F 159 -19.51 -77.93 7.65
C ILE F 159 -19.64 -76.62 8.39
N PRO F 160 -20.08 -76.66 9.64
CA PRO F 160 -20.24 -75.45 10.46
C PRO F 160 -18.95 -74.65 10.65
N LYS F 161 -19.04 -73.32 10.65
CA LYS F 161 -17.91 -72.41 10.81
C LYS F 161 -16.81 -72.68 9.79
N LYS F 162 -17.12 -73.54 8.83
CA LYS F 162 -16.15 -73.84 7.79
C LYS F 162 -16.84 -73.94 6.45
N ARG F 163 -17.58 -72.90 6.10
CA ARG F 163 -18.31 -72.95 4.86
C ARG F 163 -18.40 -71.72 4.02
N TYR F 164 -17.57 -70.72 4.28
CA TYR F 164 -17.62 -69.50 3.47
C TYR F 164 -16.28 -69.12 2.88
N TRP F 165 -16.27 -68.72 1.62
CA TRP F 165 -15.02 -68.32 0.97
C TRP F 165 -15.05 -66.82 0.82
N LEU F 166 -13.89 -66.18 0.87
CA LEU F 166 -13.80 -64.72 0.77
C LEU F 166 -12.98 -64.24 -0.40
N PHE F 167 -13.65 -63.84 -1.47
CA PHE F 167 -12.93 -63.32 -2.62
C PHE F 167 -12.60 -61.87 -2.30
N LYS F 168 -11.34 -61.48 -2.49
CA LYS F 168 -10.95 -60.11 -2.19
C LYS F 168 -9.89 -59.59 -3.14
N GLY F 169 -10.05 -58.34 -3.57
CA GLY F 169 -9.13 -57.72 -4.51
C GLY F 169 -9.64 -56.43 -5.13
N PRO F 170 -8.82 -55.71 -5.90
CA PRO F 170 -9.21 -54.45 -6.55
C PRO F 170 -10.33 -54.61 -7.53
N ILE F 171 -10.50 -53.60 -8.38
CA ILE F 171 -11.53 -53.64 -9.39
C ILE F 171 -11.00 -54.32 -10.66
N ASP F 172 -11.87 -55.06 -11.36
CA ASP F 172 -11.50 -55.76 -12.59
C ASP F 172 -10.51 -56.89 -12.31
N SER F 173 -10.53 -57.35 -11.07
CA SER F 173 -9.65 -58.41 -10.64
C SER F 173 -10.19 -59.75 -11.06
N GLY F 174 -11.50 -59.91 -10.96
CA GLY F 174 -12.07 -61.16 -11.39
C GLY F 174 -12.99 -61.71 -10.34
N LYS F 175 -13.01 -61.06 -9.19
CA LYS F 175 -13.84 -61.52 -8.10
C LYS F 175 -15.24 -61.84 -8.56
N THR F 176 -15.94 -60.81 -9.02
CA THR F 176 -17.32 -60.97 -9.46
C THR F 176 -17.54 -62.05 -10.51
N THR F 177 -16.75 -62.00 -11.57
CA THR F 177 -16.87 -63.00 -12.60
C THR F 177 -16.90 -64.42 -12.06
N LEU F 178 -15.82 -64.84 -11.41
CA LEU F 178 -15.70 -66.20 -10.85
C LEU F 178 -16.83 -66.50 -9.91
N ALA F 179 -17.12 -65.55 -9.03
CA ALA F 179 -18.20 -65.68 -8.07
C ALA F 179 -19.52 -65.85 -8.82
N ALA F 180 -19.75 -64.98 -9.79
CA ALA F 180 -20.95 -65.03 -10.59
C ALA F 180 -21.17 -66.46 -11.14
N ALA F 181 -20.16 -66.95 -11.87
CA ALA F 181 -20.19 -68.28 -12.44
C ALA F 181 -20.52 -69.28 -11.36
N LEU F 182 -19.70 -69.30 -10.32
CA LEU F 182 -19.95 -70.27 -9.27
C LEU F 182 -21.39 -70.21 -8.80
N LEU F 183 -21.94 -69.01 -8.69
CA LEU F 183 -23.30 -68.86 -8.21
C LEU F 183 -24.29 -69.62 -9.08
N GLU F 184 -24.02 -69.60 -10.38
CA GLU F 184 -24.86 -70.25 -11.39
C GLU F 184 -24.66 -71.77 -11.42
N LEU F 185 -23.41 -72.21 -11.28
CA LEU F 185 -23.09 -73.63 -11.29
C LEU F 185 -23.90 -74.30 -10.20
N CYS F 186 -23.72 -73.87 -8.97
CA CYS F 186 -24.46 -74.43 -7.86
C CYS F 186 -25.88 -73.92 -7.87
N GLY F 187 -26.05 -72.65 -8.20
CA GLY F 187 -27.38 -72.09 -8.21
C GLY F 187 -27.76 -71.55 -6.85
N GLY F 188 -28.07 -70.26 -6.77
CA GLY F 188 -28.44 -69.69 -5.48
C GLY F 188 -29.00 -68.29 -5.62
N LYS F 189 -28.59 -67.37 -4.74
CA LYS F 189 -29.09 -66.01 -4.81
C LYS F 189 -28.03 -65.04 -4.37
N ALA F 190 -27.96 -63.88 -5.02
CA ALA F 190 -26.98 -62.86 -4.63
C ALA F 190 -27.68 -61.79 -3.77
N LEU F 191 -27.17 -61.56 -2.58
CA LEU F 191 -27.80 -60.60 -1.72
C LEU F 191 -26.97 -59.35 -1.54
N ASN F 192 -27.61 -58.21 -1.26
CA ASN F 192 -26.91 -56.95 -1.06
C ASN F 192 -27.04 -56.47 0.39
N VAL F 193 -25.92 -56.43 1.10
CA VAL F 193 -25.97 -56.02 2.49
C VAL F 193 -25.36 -54.66 2.72
N ASN F 194 -25.24 -53.86 1.67
CA ASN F 194 -24.65 -52.53 1.84
C ASN F 194 -25.74 -51.52 2.19
N LEU F 195 -26.98 -51.88 1.87
CA LEU F 195 -28.11 -51.03 2.14
C LEU F 195 -28.30 -50.93 3.64
N PRO F 196 -29.26 -50.13 4.09
CA PRO F 196 -29.52 -49.98 5.52
C PRO F 196 -29.85 -51.29 6.20
N LEU F 197 -30.05 -51.22 7.50
CA LEU F 197 -30.36 -52.39 8.28
C LEU F 197 -31.87 -52.58 8.43
N ASP F 198 -32.61 -51.49 8.25
CA ASP F 198 -34.06 -51.53 8.37
C ASP F 198 -34.65 -52.58 7.45
N ARG F 199 -34.37 -52.46 6.15
CA ARG F 199 -34.84 -53.40 5.13
C ARG F 199 -33.80 -54.50 4.83
N LEU F 200 -33.08 -54.91 5.87
CA LEU F 200 -32.06 -55.97 5.78
C LEU F 200 -32.72 -57.33 6.13
N ASN F 201 -33.81 -57.28 6.90
CA ASN F 201 -34.52 -58.47 7.31
C ASN F 201 -35.45 -58.97 6.23
N PHE F 202 -35.26 -58.45 5.02
CA PHE F 202 -36.05 -58.85 3.85
C PHE F 202 -35.14 -59.39 2.76
N GLU F 203 -33.97 -58.77 2.64
CA GLU F 203 -32.99 -59.18 1.68
C GLU F 203 -32.49 -60.57 2.07
N LEU F 204 -32.34 -60.81 3.36
CA LEU F 204 -31.86 -62.10 3.83
C LEU F 204 -32.91 -63.14 3.56
N GLY F 205 -34.13 -62.71 3.29
CA GLY F 205 -35.19 -63.68 3.04
C GLY F 205 -35.05 -64.38 1.71
N VAL F 206 -34.33 -63.76 0.80
CA VAL F 206 -34.16 -64.37 -0.50
C VAL F 206 -33.26 -65.57 -0.42
N ALA F 207 -32.96 -65.99 0.80
CA ALA F 207 -32.10 -67.13 1.06
C ALA F 207 -32.90 -68.41 1.32
N ILE F 208 -34.17 -68.25 1.68
CA ILE F 208 -35.07 -69.39 1.91
C ILE F 208 -34.93 -70.46 0.81
N ASP F 209 -34.76 -71.69 1.26
CA ASP F 209 -34.63 -72.86 0.38
C ASP F 209 -33.63 -72.66 -0.73
N GLN F 210 -32.49 -72.07 -0.40
CA GLN F 210 -31.47 -71.81 -1.41
C GLN F 210 -30.24 -72.65 -1.13
N PHE F 211 -29.58 -73.14 -2.19
CA PHE F 211 -28.38 -73.96 -2.02
C PHE F 211 -27.28 -73.11 -1.44
N LEU F 212 -26.87 -72.06 -2.14
CA LEU F 212 -25.82 -71.18 -1.63
C LEU F 212 -26.19 -69.72 -1.87
N VAL F 213 -25.47 -68.79 -1.26
CA VAL F 213 -25.78 -67.36 -1.38
C VAL F 213 -24.48 -66.62 -1.57
N VAL F 214 -24.52 -65.47 -2.21
CA VAL F 214 -23.31 -64.69 -2.43
C VAL F 214 -23.51 -63.25 -2.02
N PHE F 215 -22.53 -62.68 -1.31
CA PHE F 215 -22.64 -61.27 -0.90
C PHE F 215 -21.74 -60.47 -1.79
N GLU F 216 -22.28 -59.95 -2.90
CA GLU F 216 -21.44 -59.23 -3.86
C GLU F 216 -20.96 -57.86 -3.46
N ASP F 217 -19.66 -57.63 -3.66
CA ASP F 217 -19.01 -56.37 -3.33
C ASP F 217 -19.51 -55.72 -2.03
N VAL F 218 -19.18 -56.30 -0.89
CA VAL F 218 -19.60 -55.73 0.39
C VAL F 218 -18.67 -54.58 0.80
N LYS F 219 -19.25 -53.45 1.20
CA LYS F 219 -18.50 -52.27 1.62
C LYS F 219 -18.12 -52.39 3.09
N GLY F 220 -17.04 -51.72 3.47
CA GLY F 220 -16.56 -51.76 4.84
C GLY F 220 -16.06 -50.40 5.29
N THR F 221 -15.00 -50.38 6.11
CA THR F 221 -14.43 -49.13 6.61
C THR F 221 -12.92 -49.26 6.74
N GLY F 222 -12.26 -48.14 7.01
CA GLY F 222 -10.83 -48.18 7.18
C GLY F 222 -10.07 -47.99 5.90
N GLY F 223 -10.48 -48.67 4.83
CA GLY F 223 -9.80 -48.50 3.55
C GLY F 223 -9.96 -47.11 2.93
N GLU F 224 -10.20 -46.10 3.75
CA GLU F 224 -10.37 -44.73 3.27
C GLU F 224 -9.03 -44.14 2.83
N SER F 225 -7.95 -44.80 3.22
CA SER F 225 -6.62 -44.36 2.88
C SER F 225 -6.28 -44.89 1.50
N ARG F 226 -7.22 -45.60 0.90
CA ARG F 226 -7.04 -46.17 -0.44
C ARG F 226 -8.16 -45.70 -1.37
N ASP F 227 -8.81 -44.60 -0.99
CA ASP F 227 -9.89 -44.04 -1.80
C ASP F 227 -11.06 -45.02 -1.92
N LEU F 228 -11.60 -45.47 -0.80
CA LEU F 228 -12.71 -46.42 -0.80
C LEU F 228 -13.78 -45.99 0.15
N PRO F 229 -15.00 -45.75 -0.35
CA PRO F 229 -16.13 -45.33 0.46
C PRO F 229 -16.45 -46.34 1.53
N SER F 230 -16.73 -45.84 2.73
CA SER F 230 -17.06 -46.73 3.83
C SER F 230 -18.58 -46.97 3.95
N GLY F 231 -18.96 -48.18 4.36
CA GLY F 231 -20.37 -48.50 4.50
C GLY F 231 -20.59 -49.52 5.58
N GLN F 232 -21.87 -49.79 5.86
CA GLN F 232 -22.24 -50.74 6.88
C GLN F 232 -22.35 -52.15 6.36
N GLY F 233 -21.77 -52.39 5.18
CA GLY F 233 -21.80 -53.72 4.61
C GLY F 233 -21.10 -54.75 5.48
N ILE F 234 -19.78 -54.61 5.66
CA ILE F 234 -19.01 -55.54 6.47
C ILE F 234 -19.48 -55.50 7.89
N ASN F 235 -19.78 -54.31 8.37
CA ASN F 235 -20.25 -54.18 9.72
C ASN F 235 -21.61 -54.83 9.96
N ASN F 236 -22.27 -55.29 8.89
CA ASN F 236 -23.58 -55.96 8.98
C ASN F 236 -23.43 -57.47 9.08
N LEU F 237 -22.62 -58.04 8.19
CA LEU F 237 -22.40 -59.48 8.23
C LEU F 237 -21.94 -59.87 9.61
N ASP F 238 -21.04 -59.07 10.18
CA ASP F 238 -20.49 -59.31 11.51
C ASP F 238 -21.59 -59.43 12.56
N ASN F 239 -22.80 -59.05 12.17
CA ASN F 239 -23.95 -59.16 13.06
C ASN F 239 -24.70 -60.44 12.75
N LEU F 240 -24.49 -60.97 11.56
CA LEU F 240 -25.17 -62.20 11.15
C LEU F 240 -24.29 -63.40 11.40
N ARG F 241 -23.50 -63.31 12.46
CA ARG F 241 -22.58 -64.38 12.81
C ARG F 241 -23.27 -65.75 12.76
N ASP F 242 -24.33 -65.91 13.54
CA ASP F 242 -25.04 -67.17 13.58
C ASP F 242 -25.47 -67.59 12.19
N TYR F 243 -25.67 -66.61 11.33
CA TYR F 243 -26.06 -66.91 9.97
C TYR F 243 -24.88 -67.54 9.26
N LEU F 244 -23.80 -66.78 9.13
CA LEU F 244 -22.60 -67.27 8.47
C LEU F 244 -22.07 -68.60 9.03
N ASP F 245 -22.20 -68.80 10.34
CA ASP F 245 -21.72 -70.02 10.96
C ASP F 245 -22.44 -71.24 10.41
N GLY F 246 -23.66 -71.47 10.82
CA GLY F 246 -24.32 -72.60 10.24
C GLY F 246 -24.59 -73.61 11.29
N SER F 247 -24.34 -73.25 12.55
CA SER F 247 -24.62 -74.19 13.62
C SER F 247 -26.06 -74.12 14.04
N VAL F 248 -26.54 -72.92 14.31
CA VAL F 248 -27.92 -72.81 14.73
C VAL F 248 -28.75 -72.37 13.56
N LYS F 249 -30.02 -72.75 13.58
CA LYS F 249 -30.92 -72.35 12.52
C LYS F 249 -31.43 -70.94 12.79
N VAL F 250 -31.29 -70.08 11.79
CA VAL F 250 -31.81 -68.74 11.90
C VAL F 250 -33.25 -68.64 11.34
N ASN F 251 -33.88 -67.49 11.58
CA ASN F 251 -35.24 -67.27 11.13
C ASN F 251 -35.26 -66.29 10.00
N LEU F 252 -35.53 -66.77 8.80
CA LEU F 252 -35.55 -65.90 7.66
C LEU F 252 -36.96 -65.43 7.37
N GLU F 253 -37.16 -64.13 7.15
CA GLU F 253 -38.50 -63.58 6.88
C GLU F 253 -38.76 -63.41 5.40
N LYS F 254 -40.04 -63.53 5.01
CA LYS F 254 -40.39 -63.40 3.60
C LYS F 254 -41.78 -62.85 3.39
N LYS F 255 -41.90 -61.61 2.93
CA LYS F 255 -43.19 -61.00 2.67
C LYS F 255 -44.08 -60.75 3.90
N HIS F 256 -43.53 -59.97 4.86
CA HIS F 256 -44.21 -59.61 6.11
C HIS F 256 -44.51 -60.80 7.03
N LEU F 257 -43.58 -61.74 7.15
CA LEU F 257 -43.79 -62.93 8.00
C LEU F 257 -42.55 -63.81 8.05
N ASN F 258 -42.26 -64.38 9.22
CA ASN F 258 -41.10 -65.26 9.37
C ASN F 258 -41.52 -66.65 8.84
N LYS F 259 -41.82 -66.67 7.54
CA LYS F 259 -42.26 -67.86 6.80
C LYS F 259 -41.38 -69.10 7.00
N ARG F 260 -40.14 -68.91 7.46
CA ARG F 260 -39.25 -70.04 7.61
C ARG F 260 -38.07 -69.92 8.58
N THR F 261 -37.78 -71.04 9.23
CA THR F 261 -36.67 -71.15 10.18
C THR F 261 -35.75 -72.28 9.65
N GLN F 262 -34.63 -71.89 9.05
CA GLN F 262 -33.69 -72.88 8.50
C GLN F 262 -32.22 -72.53 8.75
N ILE F 263 -31.32 -73.28 8.13
CA ILE F 263 -29.88 -73.09 8.29
C ILE F 263 -29.50 -72.25 7.12
N PHE F 264 -28.88 -71.11 7.36
CA PHE F 264 -28.50 -70.22 6.28
C PHE F 264 -27.53 -70.94 5.36
N PRO F 265 -27.69 -70.76 4.05
CA PRO F 265 -26.76 -71.45 3.13
C PRO F 265 -25.32 -70.91 3.08
N PRO F 266 -24.40 -71.76 2.70
CA PRO F 266 -23.01 -71.30 2.63
C PRO F 266 -22.83 -70.49 1.37
N GLY F 267 -21.66 -69.88 1.20
CA GLY F 267 -21.48 -69.09 0.00
C GLY F 267 -20.18 -68.34 -0.17
N ILE F 268 -20.22 -67.32 -1.01
CA ILE F 268 -19.04 -66.50 -1.31
C ILE F 268 -19.27 -65.10 -0.78
N VAL F 269 -18.19 -64.35 -0.65
CA VAL F 269 -18.29 -62.97 -0.19
C VAL F 269 -17.15 -62.28 -0.89
N THR F 270 -17.51 -61.44 -1.86
CA THR F 270 -16.54 -60.67 -2.63
C THR F 270 -16.49 -59.31 -1.99
N MET F 271 -15.31 -58.70 -1.99
CA MET F 271 -15.15 -57.34 -1.46
C MET F 271 -13.82 -56.73 -1.84
N ASN F 272 -13.70 -55.39 -1.75
CA ASN F 272 -12.44 -54.70 -2.04
C ASN F 272 -11.63 -54.72 -0.75
N GLU F 273 -10.39 -54.22 -0.83
CA GLU F 273 -9.46 -54.23 0.31
C GLU F 273 -9.90 -53.39 1.49
N TYR F 274 -10.98 -53.82 2.13
CA TYR F 274 -11.52 -53.15 3.29
C TYR F 274 -11.01 -53.88 4.51
N SER F 275 -11.10 -53.24 5.67
CA SER F 275 -10.62 -53.87 6.88
C SER F 275 -11.70 -54.82 7.37
N VAL F 276 -11.32 -56.04 7.71
CA VAL F 276 -12.30 -57.00 8.20
C VAL F 276 -11.97 -57.53 9.63
N PRO F 277 -12.97 -57.56 10.53
CA PRO F 277 -12.83 -58.03 11.92
C PRO F 277 -12.48 -59.50 12.01
N LYS F 278 -11.86 -59.87 13.11
CA LYS F 278 -11.46 -61.26 13.26
C LYS F 278 -12.65 -62.15 13.46
N THR F 279 -13.62 -61.64 14.22
CA THR F 279 -14.81 -62.42 14.51
C THR F 279 -15.51 -62.80 13.22
N LEU F 280 -15.35 -61.96 12.20
CA LEU F 280 -15.94 -62.22 10.89
C LEU F 280 -15.00 -63.05 10.02
N GLN F 281 -13.72 -62.68 10.00
CA GLN F 281 -12.70 -63.39 9.22
C GLN F 281 -12.64 -64.85 9.65
N ALA F 282 -13.20 -65.13 10.82
CA ALA F 282 -13.18 -66.47 11.34
C ALA F 282 -14.17 -67.34 10.63
N ARG F 283 -15.11 -66.72 9.93
CA ARG F 283 -16.16 -67.47 9.22
C ARG F 283 -15.76 -67.73 7.77
N PHE F 284 -14.50 -67.43 7.46
CA PHE F 284 -14.02 -67.61 6.12
C PHE F 284 -13.00 -68.70 6.08
N VAL F 285 -13.46 -69.93 5.87
CA VAL F 285 -12.58 -71.08 5.81
C VAL F 285 -11.55 -70.96 4.68
N LYS F 286 -11.71 -69.97 3.81
CA LYS F 286 -10.75 -69.78 2.72
C LYS F 286 -10.85 -68.37 2.20
N GLN F 287 -9.73 -67.76 1.85
CA GLN F 287 -9.71 -66.39 1.30
C GLN F 287 -8.84 -66.39 0.03
N ILE F 288 -9.37 -65.85 -1.08
CA ILE F 288 -8.64 -65.80 -2.35
C ILE F 288 -8.39 -64.34 -2.70
N ASP F 289 -7.14 -63.98 -2.88
CA ASP F 289 -6.82 -62.61 -3.21
C ASP F 289 -6.66 -62.52 -4.71
N PHE F 290 -7.45 -61.65 -5.35
CA PHE F 290 -7.37 -61.49 -6.78
C PHE F 290 -6.54 -60.26 -7.16
N ARG F 291 -5.90 -60.34 -8.33
CA ARG F 291 -5.07 -59.26 -8.86
C ARG F 291 -5.40 -59.01 -10.33
N PRO F 292 -5.32 -57.74 -10.76
CA PRO F 292 -5.62 -57.39 -12.15
C PRO F 292 -4.46 -57.83 -13.04
N LYS F 293 -4.79 -58.64 -14.05
CA LYS F 293 -3.78 -59.13 -14.99
C LYS F 293 -3.97 -58.55 -16.39
N ASP F 294 -3.06 -57.66 -16.76
CA ASP F 294 -3.08 -56.99 -18.05
C ASP F 294 -3.31 -57.94 -19.19
N TYR F 295 -2.69 -59.10 -19.15
CA TYR F 295 -2.87 -60.05 -20.22
C TYR F 295 -4.28 -60.68 -20.23
N LEU F 296 -4.97 -60.62 -19.09
CA LEU F 296 -6.31 -61.18 -19.03
C LEU F 296 -7.28 -60.14 -19.58
N LYS F 297 -6.89 -58.88 -19.40
CA LYS F 297 -7.67 -57.73 -19.85
C LYS F 297 -7.45 -57.47 -21.36
N HIS F 298 -6.19 -57.39 -21.79
CA HIS F 298 -5.88 -57.15 -23.20
C HIS F 298 -6.43 -58.30 -24.03
N CYS F 299 -6.56 -59.47 -23.42
CA CYS F 299 -7.11 -60.60 -24.15
C CYS F 299 -8.58 -60.38 -24.47
N LEU F 300 -9.33 -59.89 -23.48
CA LEU F 300 -10.75 -59.64 -23.65
C LEU F 300 -11.03 -58.53 -24.66
N GLU F 301 -10.24 -57.46 -24.61
CA GLU F 301 -10.40 -56.35 -25.54
C GLU F 301 -10.27 -56.90 -26.95
N ARG F 302 -9.61 -58.05 -27.06
CA ARG F 302 -9.41 -58.70 -28.34
C ARG F 302 -10.23 -59.98 -28.45
N SER F 303 -11.19 -60.14 -27.54
CA SER F 303 -12.08 -61.32 -27.54
C SER F 303 -13.42 -60.93 -26.94
N GLU F 304 -13.86 -59.73 -27.30
CA GLU F 304 -15.11 -59.15 -26.82
C GLU F 304 -16.24 -60.16 -26.65
N PHE F 305 -16.39 -61.04 -27.63
CA PHE F 305 -17.49 -62.01 -27.61
C PHE F 305 -17.66 -62.78 -26.32
N LEU F 306 -16.60 -62.84 -25.52
CA LEU F 306 -16.64 -63.54 -24.25
C LEU F 306 -17.43 -62.80 -23.21
N LEU F 307 -17.60 -61.50 -23.45
CA LEU F 307 -18.35 -60.65 -22.53
C LEU F 307 -19.75 -60.35 -23.06
N GLU F 308 -19.89 -60.28 -24.38
CA GLU F 308 -21.17 -59.96 -24.99
C GLU F 308 -22.11 -61.10 -24.77
N LYS F 309 -21.60 -62.31 -24.93
CA LYS F 309 -22.45 -63.48 -24.70
C LYS F 309 -22.45 -63.89 -23.24
N ARG F 310 -21.53 -63.29 -22.46
CA ARG F 310 -21.36 -63.55 -21.02
C ARG F 310 -20.90 -64.96 -20.75
N ILE F 311 -19.75 -65.34 -21.32
CA ILE F 311 -19.23 -66.69 -21.13
C ILE F 311 -18.53 -66.84 -19.78
N ILE F 312 -17.38 -66.15 -19.65
CA ILE F 312 -16.57 -66.20 -18.44
C ILE F 312 -17.34 -66.17 -17.14
N GLN F 313 -18.53 -65.60 -17.14
CA GLN F 313 -19.29 -65.56 -15.90
C GLN F 313 -20.55 -66.39 -15.89
N SER F 314 -20.50 -67.52 -16.58
CA SER F 314 -21.64 -68.43 -16.65
C SER F 314 -21.35 -69.76 -15.93
N GLY F 315 -22.37 -70.31 -15.30
CA GLY F 315 -22.17 -71.55 -14.61
C GLY F 315 -21.71 -72.64 -15.58
N ILE F 316 -22.36 -72.74 -16.73
CA ILE F 316 -22.00 -73.74 -17.72
C ILE F 316 -20.54 -73.62 -18.14
N ALA F 317 -20.05 -72.40 -18.25
CA ALA F 317 -18.66 -72.23 -18.62
C ALA F 317 -17.81 -73.02 -17.63
N LEU F 318 -18.19 -73.00 -16.34
CA LEU F 318 -17.45 -73.73 -15.30
C LEU F 318 -17.74 -75.22 -15.43
N LEU F 319 -19.01 -75.59 -15.41
CA LEU F 319 -19.38 -76.98 -15.55
C LEU F 319 -18.60 -77.58 -16.69
N LEU F 320 -18.38 -76.82 -17.76
CA LEU F 320 -17.62 -77.36 -18.87
C LEU F 320 -16.22 -77.69 -18.39
N MET F 321 -15.56 -76.69 -17.83
CA MET F 321 -14.23 -76.87 -17.31
C MET F 321 -14.18 -78.12 -16.43
N LEU F 322 -15.21 -78.33 -15.62
CA LEU F 322 -15.25 -79.50 -14.76
C LEU F 322 -15.24 -80.77 -15.58
N ILE F 323 -16.02 -80.80 -16.65
CA ILE F 323 -16.07 -81.97 -17.51
C ILE F 323 -14.68 -82.19 -18.16
N TRP F 324 -14.14 -81.11 -18.69
CA TRP F 324 -12.87 -81.15 -19.37
C TRP F 324 -11.78 -81.84 -18.56
N TYR F 325 -11.52 -81.34 -17.35
CA TYR F 325 -10.50 -81.84 -16.42
C TYR F 325 -10.96 -82.96 -15.47
N ARG F 326 -11.45 -82.60 -14.30
CA ARG F 326 -11.94 -83.60 -13.36
C ARG F 326 -12.31 -85.04 -13.86
N PRO F 327 -11.85 -86.04 -13.15
CA PRO F 327 -12.10 -87.45 -13.49
C PRO F 327 -13.54 -87.82 -13.28
N VAL F 328 -13.95 -88.94 -13.85
CA VAL F 328 -15.33 -89.34 -13.72
C VAL F 328 -15.66 -89.67 -12.27
N ALA F 329 -14.71 -90.30 -11.59
CA ALA F 329 -14.97 -90.72 -10.22
C ALA F 329 -15.48 -89.62 -9.32
N GLU F 330 -15.10 -88.38 -9.63
CA GLU F 330 -15.50 -87.24 -8.80
C GLU F 330 -16.97 -86.87 -8.93
N PHE F 331 -17.56 -87.26 -10.05
CA PHE F 331 -18.96 -86.91 -10.28
C PHE F 331 -19.84 -87.98 -9.72
N ALA F 332 -21.01 -87.58 -9.24
CA ALA F 332 -21.98 -88.52 -8.69
C ALA F 332 -22.34 -89.61 -9.70
N GLN F 333 -22.21 -90.85 -9.27
CA GLN F 333 -22.51 -92.00 -10.11
C GLN F 333 -23.80 -91.89 -10.92
N SER F 334 -24.86 -91.45 -10.26
CA SER F 334 -26.15 -91.34 -10.91
C SER F 334 -26.11 -90.56 -12.21
N ILE F 335 -25.02 -89.84 -12.48
CA ILE F 335 -24.94 -89.10 -13.72
C ILE F 335 -23.57 -89.17 -14.36
N GLN F 336 -22.73 -90.06 -13.85
CA GLN F 336 -21.40 -90.16 -14.41
C GLN F 336 -21.41 -90.33 -15.93
N SER F 337 -22.28 -91.23 -16.40
CA SER F 337 -22.38 -91.55 -17.81
C SER F 337 -22.48 -90.29 -18.64
N ARG F 338 -23.49 -89.48 -18.32
CA ARG F 338 -23.69 -88.25 -19.04
C ARG F 338 -22.38 -87.45 -19.09
N ILE F 339 -21.67 -87.37 -17.96
CA ILE F 339 -20.42 -86.62 -17.97
C ILE F 339 -19.49 -87.24 -18.97
N VAL F 340 -19.58 -88.56 -19.07
CA VAL F 340 -18.76 -89.32 -20.02
C VAL F 340 -19.18 -89.00 -21.45
N GLU F 341 -20.48 -88.96 -21.69
CA GLU F 341 -21.04 -88.68 -23.01
C GLU F 341 -20.53 -87.32 -23.46
N TRP F 342 -20.34 -86.43 -22.51
CA TRP F 342 -19.84 -85.10 -22.84
C TRP F 342 -18.34 -85.05 -22.98
N LYS F 343 -17.64 -85.80 -22.14
CA LYS F 343 -16.17 -85.82 -22.16
C LYS F 343 -15.65 -86.27 -23.52
N GLU F 344 -16.40 -87.18 -24.13
CA GLU F 344 -16.05 -87.71 -25.44
C GLU F 344 -16.31 -86.62 -26.46
N ARG F 345 -17.55 -86.11 -26.45
CA ARG F 345 -17.98 -85.05 -27.35
C ARG F 345 -16.96 -83.92 -27.35
N LEU F 346 -16.62 -83.44 -26.15
CA LEU F 346 -15.67 -82.36 -26.05
C LEU F 346 -14.35 -82.75 -26.66
N ASP F 347 -14.07 -84.04 -26.65
CA ASP F 347 -12.82 -84.56 -27.21
C ASP F 347 -12.92 -84.71 -28.73
N LYS F 348 -14.01 -85.31 -29.17
CA LYS F 348 -14.25 -85.51 -30.60
C LYS F 348 -14.35 -84.14 -31.29
N GLU F 349 -14.77 -83.13 -30.52
CA GLU F 349 -14.91 -81.77 -31.05
C GLU F 349 -13.64 -80.94 -30.87
N PHE F 350 -12.91 -81.22 -29.79
CA PHE F 350 -11.70 -80.47 -29.50
C PHE F 350 -10.48 -81.35 -29.31
N SER F 351 -9.35 -80.85 -29.80
CA SER F 351 -8.09 -81.54 -29.71
C SER F 351 -7.28 -80.89 -28.61
N LEU F 352 -6.47 -81.70 -27.93
CA LEU F 352 -5.63 -81.18 -26.86
C LEU F 352 -4.89 -79.90 -27.25
N SER F 353 -4.05 -79.97 -28.27
CA SER F 353 -3.28 -78.79 -28.65
C SER F 353 -4.17 -77.62 -29.01
N VAL F 354 -5.39 -77.92 -29.42
CA VAL F 354 -6.35 -76.89 -29.79
C VAL F 354 -6.73 -76.07 -28.55
N TYR F 355 -6.81 -76.75 -27.42
CA TYR F 355 -7.16 -76.13 -26.15
C TYR F 355 -5.92 -75.41 -25.62
N GLN F 356 -4.76 -76.05 -25.75
CA GLN F 356 -3.54 -75.45 -25.26
C GLN F 356 -3.38 -74.10 -25.94
N LYS F 357 -3.67 -74.07 -27.23
CA LYS F 357 -3.53 -72.85 -28.04
C LYS F 357 -4.23 -71.69 -27.34
N MET F 358 -5.51 -71.90 -27.07
CA MET F 358 -6.35 -70.91 -26.42
C MET F 358 -5.67 -70.46 -25.16
N LYS F 359 -5.51 -71.38 -24.22
CA LYS F 359 -4.89 -71.06 -22.95
C LYS F 359 -3.57 -70.31 -23.14
N PHE F 360 -2.96 -70.50 -24.31
CA PHE F 360 -1.69 -69.86 -24.62
C PHE F 360 -1.95 -68.39 -24.93
N ASN F 361 -2.81 -68.16 -25.91
CA ASN F 361 -3.13 -66.82 -26.31
C ASN F 361 -3.56 -65.95 -25.11
N VAL F 362 -4.39 -66.53 -24.25
CA VAL F 362 -4.89 -65.82 -23.10
C VAL F 362 -3.71 -65.28 -22.32
N ALA F 363 -2.65 -66.06 -22.26
CA ALA F 363 -1.47 -65.64 -21.51
C ALA F 363 -0.76 -64.54 -22.29
N MET F 364 -0.89 -64.62 -23.60
CA MET F 364 -0.25 -63.67 -24.48
C MET F 364 -1.01 -62.35 -24.40
N GLY F 365 -2.33 -62.47 -24.31
CA GLY F 365 -3.22 -61.32 -24.26
C GLY F 365 -3.70 -61.01 -25.67
N ILE F 366 -4.11 -62.04 -26.39
CA ILE F 366 -4.58 -61.84 -27.74
C ILE F 366 -5.81 -62.68 -27.99
N GLY F 367 -6.38 -62.56 -29.19
CA GLY F 367 -7.58 -63.31 -29.54
C GLY F 367 -7.49 -64.76 -29.16
N VAL F 368 -8.30 -65.17 -28.19
CA VAL F 368 -8.30 -66.55 -27.72
C VAL F 368 -8.56 -67.51 -28.85
N LEU F 369 -9.13 -67.04 -29.95
CA LEU F 369 -9.40 -67.92 -31.07
C LEU F 369 -8.42 -67.71 -32.21
N ASP F 370 -8.48 -68.59 -33.21
CA ASP F 370 -7.62 -68.52 -34.39
C ASP F 370 -6.13 -68.65 -34.04
N LYS G 9 78.18 77.77 -15.38
CA LYS G 9 78.72 76.40 -15.16
C LYS G 9 77.68 75.51 -14.49
N GLN G 10 77.23 75.91 -13.30
CA GLN G 10 76.25 75.15 -12.54
C GLN G 10 74.95 75.93 -12.37
N VAL G 11 73.84 75.20 -12.22
CA VAL G 11 72.53 75.82 -12.09
C VAL G 11 72.24 76.20 -10.66
N SER G 12 71.56 77.32 -10.48
CA SER G 12 71.23 77.79 -9.15
C SER G 12 69.83 77.40 -8.74
N TRP G 13 69.69 76.37 -7.91
CA TRP G 13 68.36 75.97 -7.46
C TRP G 13 67.72 77.06 -6.59
N LYS G 14 68.55 77.76 -5.81
CA LYS G 14 68.04 78.77 -4.89
C LYS G 14 67.31 79.88 -5.61
N LEU G 15 67.76 80.22 -6.82
CA LEU G 15 67.11 81.27 -7.60
C LEU G 15 65.76 80.79 -8.19
N VAL G 16 65.74 79.63 -8.82
CA VAL G 16 64.50 79.16 -9.36
C VAL G 16 63.49 79.15 -8.23
N THR G 17 63.92 78.68 -7.07
CA THR G 17 63.01 78.60 -5.91
C THR G 17 62.49 79.98 -5.58
N GLU G 18 63.43 80.91 -5.55
CA GLU G 18 63.14 82.30 -5.23
C GLU G 18 62.04 82.79 -6.14
N TYR G 19 62.18 82.52 -7.44
CA TYR G 19 61.18 82.96 -8.44
C TYR G 19 59.81 82.33 -8.16
N ALA G 20 59.80 81.03 -7.97
CA ALA G 20 58.57 80.36 -7.67
C ALA G 20 57.91 80.95 -6.40
N MET G 21 58.66 81.73 -5.62
CA MET G 21 58.15 82.32 -4.39
C MET G 21 57.45 83.63 -4.68
N GLU G 22 58.08 84.47 -5.48
CA GLU G 22 57.49 85.74 -5.82
C GLU G 22 56.19 85.55 -6.59
N THR G 23 56.14 84.48 -7.37
CA THR G 23 55.01 84.13 -8.21
C THR G 23 54.06 83.22 -7.48
N LYS G 24 54.46 82.82 -6.29
CA LYS G 24 53.64 81.88 -5.49
C LYS G 24 53.17 80.70 -6.33
N CYS G 25 53.97 80.37 -7.35
CA CYS G 25 53.72 79.27 -8.28
C CYS G 25 53.91 77.91 -7.59
N ASP G 26 52.82 77.18 -7.41
CA ASP G 26 52.89 75.88 -6.75
C ASP G 26 52.48 74.84 -7.74
N ASP G 27 52.91 75.04 -8.99
CA ASP G 27 52.60 74.11 -10.08
C ASP G 27 53.87 73.84 -10.90
N VAL G 28 54.41 72.64 -10.78
CA VAL G 28 55.65 72.35 -11.48
C VAL G 28 55.62 72.76 -12.93
N LEU G 29 54.93 71.99 -13.75
CA LEU G 29 54.86 72.28 -15.18
C LEU G 29 54.87 73.78 -15.51
N LEU G 30 53.98 74.51 -14.85
CA LEU G 30 53.86 75.92 -15.04
C LEU G 30 55.17 76.55 -14.70
N LEU G 31 55.73 76.23 -13.54
CA LEU G 31 57.01 76.84 -13.09
C LEU G 31 58.12 76.62 -14.10
N LEU G 32 58.22 75.35 -14.54
CA LEU G 32 59.19 74.92 -15.53
C LEU G 32 59.06 75.78 -16.78
N GLY G 33 57.86 75.79 -17.36
CA GLY G 33 57.60 76.58 -18.56
C GLY G 33 57.94 78.04 -18.38
N MET G 34 57.50 78.64 -17.28
CA MET G 34 57.77 80.06 -17.03
C MET G 34 59.25 80.45 -16.94
N TYR G 35 60.06 79.62 -16.30
CA TYR G 35 61.49 79.94 -16.15
C TYR G 35 62.19 79.78 -17.51
N LEU G 36 61.90 78.67 -18.18
CA LEU G 36 62.50 78.40 -19.48
C LEU G 36 62.37 79.58 -20.43
N GLU G 37 61.36 80.43 -20.24
CA GLU G 37 61.24 81.58 -21.12
C GLU G 37 62.34 82.60 -20.90
N PHE G 38 62.98 82.52 -19.73
CA PHE G 38 64.09 83.44 -19.40
C PHE G 38 65.44 83.00 -19.97
N GLN G 39 65.44 81.87 -20.68
CA GLN G 39 66.65 81.37 -21.29
C GLN G 39 67.08 82.25 -22.46
N TYR G 40 66.15 83.01 -23.03
CA TYR G 40 66.48 83.86 -24.18
C TYR G 40 66.89 85.24 -23.71
N SER G 41 67.57 85.99 -24.57
CA SER G 41 68.02 87.33 -24.23
C SER G 41 66.89 88.24 -23.86
N PHE G 42 67.07 89.02 -22.80
CA PHE G 42 66.05 89.96 -22.32
C PHE G 42 66.10 91.30 -23.04
N GLU G 43 67.30 91.76 -23.37
CA GLU G 43 67.46 93.05 -24.06
C GLU G 43 66.58 93.15 -25.32
N MET G 44 66.44 92.05 -26.03
CA MET G 44 65.63 91.99 -27.24
C MET G 44 64.21 91.47 -26.95
N CYS G 45 64.08 90.83 -25.79
CA CYS G 45 62.82 90.22 -25.31
C CYS G 45 61.60 91.01 -25.73
N LEU G 46 60.78 90.41 -26.56
CA LEU G 46 59.58 91.10 -27.01
C LEU G 46 58.54 91.04 -25.90
N LYS G 47 58.49 89.92 -25.17
CA LYS G 47 57.52 89.75 -24.08
C LYS G 47 57.66 90.80 -23.00
N CYS G 48 58.81 91.45 -22.98
CA CYS G 48 59.10 92.45 -21.98
C CYS G 48 58.63 93.82 -22.48
N ILE G 49 59.11 94.22 -23.66
CA ILE G 49 58.70 95.47 -24.29
C ILE G 49 57.16 95.57 -24.34
N LYS G 50 56.46 94.46 -24.57
CA LYS G 50 54.99 94.49 -24.61
C LYS G 50 54.37 94.56 -23.22
N LYS G 51 55.12 94.11 -22.21
CA LYS G 51 54.62 94.14 -20.83
C LYS G 51 53.27 93.43 -20.76
N GLU G 52 53.25 92.15 -21.07
CA GLU G 52 52.02 91.38 -21.05
C GLU G 52 51.75 90.69 -19.70
N GLN G 53 52.60 89.72 -19.34
CA GLN G 53 52.50 88.98 -18.08
C GLN G 53 53.58 89.40 -17.08
N PRO G 54 53.18 90.13 -16.03
CA PRO G 54 54.12 90.60 -15.01
C PRO G 54 55.02 89.48 -14.52
N SER G 55 54.47 88.27 -14.42
CA SER G 55 55.23 87.11 -13.93
C SER G 55 56.38 86.80 -14.86
N HIS G 56 56.60 87.69 -15.81
CA HIS G 56 57.67 87.49 -16.73
C HIS G 56 58.48 88.73 -16.89
N TYR G 57 57.84 89.82 -17.31
CA TYR G 57 58.57 91.07 -17.57
C TYR G 57 59.16 91.74 -16.35
N LYS G 58 58.97 91.12 -15.20
CA LYS G 58 59.51 91.67 -13.98
C LYS G 58 60.61 90.85 -13.38
N TYR G 59 60.93 89.71 -13.99
CA TYR G 59 61.93 88.84 -13.42
C TYR G 59 62.88 88.26 -14.46
N HIS G 60 62.72 88.64 -15.72
CA HIS G 60 63.57 88.07 -16.77
C HIS G 60 65.01 88.47 -16.56
N GLU G 61 65.26 89.75 -16.68
CA GLU G 61 66.60 90.25 -16.51
C GLU G 61 67.29 89.63 -15.29
N LYS G 62 66.63 89.71 -14.15
CA LYS G 62 67.20 89.17 -12.92
C LYS G 62 67.50 87.68 -13.02
N HIS G 63 66.76 86.95 -13.84
CA HIS G 63 66.96 85.52 -13.96
C HIS G 63 67.51 85.07 -15.30
N TYR G 64 67.89 85.99 -16.14
CA TYR G 64 68.43 85.62 -17.43
C TYR G 64 69.61 84.63 -17.31
N ALA G 65 70.64 85.08 -16.61
CA ALA G 65 71.84 84.28 -16.41
C ALA G 65 71.55 82.87 -15.92
N ASN G 66 70.76 82.74 -14.86
CA ASN G 66 70.47 81.43 -14.32
C ASN G 66 69.63 80.60 -15.28
N ALA G 67 68.70 81.24 -15.98
CA ALA G 67 67.82 80.55 -16.92
C ALA G 67 68.63 79.88 -18.02
N ALA G 68 69.50 80.69 -18.61
CA ALA G 68 70.38 80.22 -19.66
C ALA G 68 71.02 78.89 -19.26
N ILE G 69 71.50 78.81 -18.02
CA ILE G 69 72.14 77.59 -17.53
C ILE G 69 71.06 76.51 -17.35
N PHE G 70 69.94 76.91 -16.74
CA PHE G 70 68.82 76.01 -16.47
C PHE G 70 68.42 75.32 -17.76
N ALA G 71 68.67 75.97 -18.88
CA ALA G 71 68.32 75.38 -20.15
C ALA G 71 69.21 74.20 -20.53
N ASP G 72 70.43 74.16 -20.00
CA ASP G 72 71.38 73.09 -20.29
C ASP G 72 71.49 72.09 -19.15
N SER G 73 70.49 72.07 -18.28
CA SER G 73 70.53 71.14 -17.14
C SER G 73 69.84 69.88 -17.54
N LYS G 74 70.17 68.77 -16.86
CA LYS G 74 69.56 67.48 -17.18
C LYS G 74 68.42 67.13 -16.26
N ASN G 75 68.28 67.86 -15.18
CA ASN G 75 67.18 67.60 -14.26
C ASN G 75 66.47 68.92 -13.92
N GLN G 76 65.64 69.41 -14.84
CA GLN G 76 64.96 70.66 -14.61
C GLN G 76 63.76 70.42 -13.72
N LYS G 77 62.99 69.40 -14.04
CA LYS G 77 61.78 69.08 -13.29
C LYS G 77 62.10 68.81 -11.83
N THR G 78 63.28 68.26 -11.61
CA THR G 78 63.74 67.93 -10.28
C THR G 78 64.07 69.21 -9.52
N ILE G 79 64.48 70.25 -10.22
CA ILE G 79 64.80 71.50 -9.55
C ILE G 79 63.52 72.27 -9.22
N CYS G 80 62.57 72.23 -10.17
CA CYS G 80 61.31 72.95 -10.01
C CYS G 80 60.48 72.28 -8.93
N GLN G 81 60.56 70.96 -8.89
CA GLN G 81 59.83 70.17 -7.89
C GLN G 81 60.20 70.61 -6.50
N GLN G 82 61.48 70.95 -6.34
CA GLN G 82 62.03 71.42 -5.07
C GLN G 82 61.58 72.83 -4.80
N ALA G 83 61.57 73.66 -5.82
CA ALA G 83 61.12 75.03 -5.63
C ALA G 83 59.62 75.01 -5.24
N VAL G 84 58.78 74.35 -6.03
CA VAL G 84 57.35 74.28 -5.71
C VAL G 84 57.14 73.83 -4.26
N ASP G 85 57.84 72.76 -3.87
CA ASP G 85 57.69 72.25 -2.51
C ASP G 85 57.91 73.40 -1.52
N THR G 86 58.93 74.21 -1.78
CA THR G 86 59.21 75.33 -0.92
C THR G 86 57.97 76.20 -0.78
N VAL G 87 57.35 76.56 -1.90
CA VAL G 87 56.12 77.37 -1.88
C VAL G 87 55.03 76.61 -1.11
N LEU G 88 54.80 75.36 -1.46
CA LEU G 88 53.81 74.66 -0.70
C LEU G 88 54.13 74.70 0.80
N ALA G 89 55.41 74.63 1.14
CA ALA G 89 55.84 74.64 2.54
C ALA G 89 55.41 75.93 3.20
N LYS G 90 55.68 77.04 2.54
CA LYS G 90 55.32 78.33 3.07
C LYS G 90 53.81 78.39 3.29
N LYS G 91 53.06 77.94 2.30
CA LYS G 91 51.61 77.97 2.43
C LYS G 91 51.22 77.26 3.71
N ARG G 92 51.90 76.14 3.98
CA ARG G 92 51.61 75.32 5.12
C ARG G 92 51.85 76.09 6.36
N VAL G 93 53.04 76.63 6.49
CA VAL G 93 53.40 77.39 7.65
C VAL G 93 52.39 78.46 7.98
N ASP G 94 52.11 79.35 7.03
CA ASP G 94 51.16 80.43 7.25
C ASP G 94 49.78 79.87 7.59
N SER G 95 49.50 78.66 7.13
CA SER G 95 48.22 78.07 7.40
C SER G 95 48.12 77.60 8.86
N LEU G 96 49.23 77.55 9.55
CA LEU G 96 49.21 77.08 10.93
C LEU G 96 49.59 78.13 11.92
N GLN G 97 50.40 79.09 11.50
CA GLN G 97 50.86 80.13 12.40
C GLN G 97 50.20 81.49 12.28
N LEU G 98 49.57 81.73 11.14
CA LEU G 98 48.88 83.00 10.90
C LEU G 98 47.45 83.02 11.44
N THR G 99 46.90 84.21 11.64
CA THR G 99 45.53 84.31 12.13
C THR G 99 44.67 84.49 10.90
N ARG G 100 43.48 83.90 10.91
CA ARG G 100 42.60 83.98 9.77
C ARG G 100 42.48 85.40 9.20
N GLU G 101 42.53 86.41 10.04
CA GLU G 101 42.38 87.73 9.46
C GLU G 101 43.69 88.15 8.77
N GLN G 102 44.82 87.64 9.26
CA GLN G 102 46.12 87.95 8.67
C GLN G 102 46.17 87.28 7.31
N MET G 103 45.45 86.17 7.17
CA MET G 103 45.41 85.47 5.92
C MET G 103 44.64 86.29 4.91
N LEU G 104 43.43 86.73 5.29
CA LEU G 104 42.56 87.53 4.43
C LEU G 104 43.28 88.76 3.98
N THR G 105 44.05 89.35 4.89
CA THR G 105 44.81 90.55 4.57
C THR G 105 45.86 90.24 3.48
N ASN G 106 46.59 89.15 3.71
CA ASN G 106 47.62 88.73 2.78
C ASN G 106 46.99 88.41 1.44
N ARG G 107 45.73 88.03 1.46
CA ARG G 107 45.04 87.74 0.24
C ARG G 107 44.68 89.04 -0.49
N PHE G 108 44.04 89.95 0.24
CA PHE G 108 43.64 91.21 -0.37
C PHE G 108 44.83 91.95 -0.94
N ASN G 109 46.01 91.66 -0.42
CA ASN G 109 47.19 92.34 -0.93
C ASN G 109 47.50 91.85 -2.31
N ASP G 110 47.32 90.54 -2.54
CA ASP G 110 47.59 89.97 -3.85
C ASP G 110 46.54 90.42 -4.85
N LEU G 111 45.28 90.46 -4.41
CA LEU G 111 44.22 90.92 -5.28
C LEU G 111 44.48 92.37 -5.60
N LEU G 112 44.86 93.15 -4.59
CA LEU G 112 45.15 94.55 -4.80
C LEU G 112 46.41 94.67 -5.64
N ASP G 113 47.08 93.55 -5.86
CA ASP G 113 48.29 93.59 -6.65
C ASP G 113 47.88 93.40 -8.09
N ARG G 114 46.91 92.51 -8.34
CA ARG G 114 46.43 92.27 -9.69
C ARG G 114 45.85 93.57 -10.23
N MET G 115 44.92 94.12 -9.47
CA MET G 115 44.22 95.36 -9.79
C MET G 115 45.20 96.43 -10.18
N ASP G 116 46.25 96.62 -9.37
CA ASP G 116 47.28 97.66 -9.61
C ASP G 116 47.74 97.69 -11.05
N ILE G 117 48.05 96.50 -11.57
CA ILE G 117 48.53 96.31 -12.94
C ILE G 117 47.44 96.24 -13.99
N MET G 118 46.33 95.57 -13.69
CA MET G 118 45.23 95.45 -14.65
C MET G 118 44.58 96.81 -14.88
N PHE G 119 44.47 97.60 -13.82
CA PHE G 119 43.87 98.91 -13.96
C PHE G 119 44.95 99.96 -14.12
N GLY G 120 46.11 99.53 -14.60
CA GLY G 120 47.21 100.46 -14.79
C GLY G 120 47.57 100.69 -16.23
N SER G 121 48.61 101.50 -16.47
CA SER G 121 49.03 101.82 -17.84
C SER G 121 49.33 100.56 -18.67
N THR G 122 50.14 99.66 -18.14
CA THR G 122 50.50 98.44 -18.85
C THR G 122 49.34 97.43 -18.94
N GLY G 123 48.32 97.62 -18.11
CA GLY G 123 47.19 96.70 -18.10
C GLY G 123 46.19 96.97 -19.21
N SER G 124 45.16 96.13 -19.26
CA SER G 124 44.15 96.28 -20.28
C SER G 124 42.74 96.13 -19.74
N ALA G 125 42.55 96.55 -18.49
CA ALA G 125 41.24 96.46 -17.83
C ALA G 125 40.56 97.81 -17.79
N ASP G 126 39.25 97.81 -18.02
CA ASP G 126 38.45 99.04 -18.01
C ASP G 126 37.84 99.23 -16.62
N ILE G 127 38.42 100.11 -15.84
CA ILE G 127 37.94 100.39 -14.50
C ILE G 127 36.45 100.77 -14.52
N GLU G 128 36.00 101.31 -15.64
CA GLU G 128 34.61 101.70 -15.80
C GLU G 128 33.73 100.45 -15.94
N GLU G 129 34.24 99.44 -16.61
CA GLU G 129 33.49 98.22 -16.82
C GLU G 129 33.32 97.45 -15.51
N TRP G 130 34.36 97.49 -14.70
CA TRP G 130 34.32 96.78 -13.43
C TRP G 130 33.35 97.41 -12.43
N MET G 131 33.42 98.74 -12.28
CA MET G 131 32.52 99.49 -11.36
C MET G 131 31.08 99.16 -11.72
N ALA G 132 30.87 98.85 -12.99
CA ALA G 132 29.58 98.48 -13.51
C ALA G 132 29.23 97.10 -12.92
N GLY G 133 30.25 96.26 -12.82
CA GLY G 133 30.04 94.96 -12.25
C GLY G 133 29.63 95.11 -10.80
N VAL G 134 30.13 96.15 -10.15
CA VAL G 134 29.82 96.40 -8.76
C VAL G 134 28.38 96.81 -8.63
N ALA G 135 27.97 97.73 -9.51
CA ALA G 135 26.60 98.20 -9.51
C ALA G 135 25.64 97.03 -9.71
N TRP G 136 25.95 96.12 -10.62
CA TRP G 136 25.08 94.96 -10.85
C TRP G 136 24.98 94.06 -9.62
N LEU G 137 26.15 93.75 -9.04
CA LEU G 137 26.24 92.87 -7.87
C LEU G 137 25.53 93.52 -6.71
N HIS G 138 25.66 94.83 -6.60
CA HIS G 138 25.06 95.53 -5.51
C HIS G 138 23.54 95.57 -5.65
N CYS G 139 23.01 94.93 -6.68
CA CYS G 139 21.55 94.93 -6.88
C CYS G 139 21.11 93.51 -6.81
N LEU G 140 22.03 92.62 -6.49
CA LEU G 140 21.67 91.21 -6.43
C LEU G 140 21.04 90.82 -5.09
N LEU G 141 21.60 91.37 -4.01
CA LEU G 141 21.16 91.12 -2.63
C LEU G 141 21.10 92.46 -1.89
N PRO G 142 20.13 92.61 -0.99
CA PRO G 142 19.86 93.79 -0.13
C PRO G 142 21.05 94.13 0.74
N LYS G 143 21.63 95.32 0.58
CA LYS G 143 22.80 95.69 1.40
C LYS G 143 23.99 94.72 1.20
N MET G 144 24.34 94.52 -0.06
CA MET G 144 25.42 93.60 -0.41
C MET G 144 26.69 93.82 0.38
N ASP G 145 27.32 94.99 0.20
CA ASP G 145 28.57 95.31 0.88
C ASP G 145 28.52 94.89 2.32
N SER G 146 27.34 94.94 2.92
CA SER G 146 27.19 94.52 4.31
C SER G 146 27.20 93.01 4.42
N VAL G 147 26.45 92.36 3.53
CA VAL G 147 26.40 90.91 3.50
C VAL G 147 27.80 90.37 3.29
N VAL G 148 28.54 90.92 2.32
CA VAL G 148 29.91 90.44 2.05
C VAL G 148 30.79 90.54 3.30
N TYR G 149 30.63 91.65 4.01
CA TYR G 149 31.38 91.90 5.23
C TYR G 149 30.97 90.84 6.21
N ASP G 150 29.66 90.61 6.35
CA ASP G 150 29.17 89.62 7.29
C ASP G 150 29.80 88.27 6.99
N PHE G 151 29.99 87.97 5.71
CA PHE G 151 30.56 86.71 5.27
C PHE G 151 32.02 86.73 5.62
N LEU G 152 32.77 87.68 5.10
CA LEU G 152 34.17 87.79 5.47
C LEU G 152 34.43 87.56 6.98
N LYS G 153 33.75 88.32 7.85
CA LYS G 153 33.92 88.14 9.30
C LYS G 153 33.65 86.70 9.67
N CYS G 154 32.45 86.23 9.34
CA CYS G 154 32.09 84.86 9.65
C CYS G 154 33.23 83.90 9.31
N MET G 155 33.83 84.08 8.14
CA MET G 155 34.93 83.20 7.74
C MET G 155 36.21 83.35 8.55
N VAL G 156 36.49 84.56 9.01
CA VAL G 156 37.67 84.84 9.82
C VAL G 156 37.51 84.25 11.24
N TYR G 157 36.33 84.44 11.85
CA TYR G 157 36.08 83.96 13.19
C TYR G 157 36.08 82.45 13.23
N ASN G 158 35.37 81.87 12.27
CA ASN G 158 35.33 80.43 12.17
C ASN G 158 34.83 79.79 13.46
N ILE G 159 33.67 80.22 13.92
CA ILE G 159 33.14 79.68 15.15
C ILE G 159 32.65 78.24 14.96
N PRO G 160 33.10 77.32 15.80
CA PRO G 160 32.68 75.92 15.69
C PRO G 160 31.17 75.74 15.65
N LYS G 161 30.70 75.04 14.63
CA LYS G 161 29.27 74.77 14.42
C LYS G 161 28.50 76.00 13.87
N LYS G 162 29.22 76.92 13.24
CA LYS G 162 28.65 78.16 12.70
C LYS G 162 29.60 78.75 11.65
N ARG G 163 30.05 77.90 10.73
CA ARG G 163 31.00 78.33 9.72
C ARG G 163 30.52 78.22 8.28
N TYR G 164 29.27 77.88 8.07
CA TYR G 164 28.80 77.73 6.71
C TYR G 164 27.50 78.44 6.45
N TRP G 165 27.44 79.04 5.25
CA TRP G 165 26.32 79.79 4.74
C TRP G 165 25.76 78.87 3.67
N LEU G 166 24.43 78.91 3.48
CA LEU G 166 23.75 78.09 2.49
C LEU G 166 23.02 78.90 1.45
N PHE G 167 23.62 79.04 0.24
CA PHE G 167 22.97 79.75 -0.87
C PHE G 167 21.99 78.75 -1.50
N LYS G 168 20.72 79.11 -1.59
CA LYS G 168 19.72 78.19 -2.13
C LYS G 168 18.79 78.89 -3.10
N GLY G 169 18.62 78.32 -4.28
CA GLY G 169 17.73 78.94 -5.25
C GLY G 169 17.61 78.19 -6.58
N PRO G 170 16.67 78.60 -7.44
CA PRO G 170 16.44 77.99 -8.75
C PRO G 170 17.56 78.23 -9.74
N ILE G 171 17.49 77.52 -10.87
CA ILE G 171 18.47 77.69 -11.92
C ILE G 171 18.57 79.17 -12.25
N ASP G 172 19.77 79.58 -12.62
CA ASP G 172 20.03 80.96 -12.98
C ASP G 172 19.42 81.91 -11.96
N SER G 173 19.93 81.91 -10.73
CA SER G 173 19.38 82.82 -9.74
C SER G 173 20.45 83.68 -9.12
N GLY G 174 21.69 83.56 -9.58
CA GLY G 174 22.77 84.36 -9.00
C GLY G 174 23.59 83.65 -7.91
N LYS G 175 23.16 82.52 -7.38
CA LYS G 175 23.96 81.83 -6.34
C LYS G 175 25.46 81.66 -6.73
N THR G 176 25.67 80.82 -7.74
CA THR G 176 26.99 80.50 -8.22
C THR G 176 27.83 81.75 -8.39
N THR G 177 27.27 82.77 -9.00
CA THR G 177 28.03 83.99 -9.23
C THR G 177 28.67 84.51 -7.98
N LEU G 178 27.85 84.99 -7.05
CA LEU G 178 28.34 85.47 -5.79
C LEU G 178 29.21 84.38 -5.13
N ALA G 179 28.73 83.14 -5.12
CA ALA G 179 29.51 82.05 -4.54
C ALA G 179 30.93 82.06 -5.09
N ALA G 180 31.07 82.01 -6.39
CA ALA G 180 32.39 82.02 -6.95
C ALA G 180 33.07 83.31 -6.64
N ALA G 181 32.33 84.41 -6.74
CA ALA G 181 32.92 85.73 -6.46
C ALA G 181 33.55 85.80 -5.05
N LEU G 182 32.86 85.24 -4.08
CA LEU G 182 33.29 85.22 -2.71
C LEU G 182 34.50 84.32 -2.55
N LEU G 183 34.46 83.17 -3.23
CA LEU G 183 35.59 82.26 -3.12
C LEU G 183 36.83 82.96 -3.63
N GLU G 184 36.75 83.56 -4.81
CA GLU G 184 37.90 84.25 -5.36
C GLU G 184 38.37 85.37 -4.46
N LEU G 185 37.48 85.87 -3.61
CA LEU G 185 37.83 86.98 -2.74
C LEU G 185 38.72 86.51 -1.62
N CYS G 186 38.25 85.50 -0.89
CA CYS G 186 39.02 84.93 0.19
C CYS G 186 40.13 84.04 -0.29
N GLY G 187 39.87 83.31 -1.38
CA GLY G 187 40.86 82.38 -1.95
C GLY G 187 40.71 80.96 -1.39
N GLY G 188 39.82 80.13 -1.90
CA GLY G 188 39.72 78.79 -1.35
C GLY G 188 39.69 77.71 -2.43
N LYS G 189 38.62 76.91 -2.47
CA LYS G 189 38.47 75.84 -3.44
C LYS G 189 37.02 75.39 -3.59
N ALA G 190 36.71 74.89 -4.78
CA ALA G 190 35.36 74.43 -5.03
C ALA G 190 35.42 72.89 -5.10
N LEU G 191 34.55 72.22 -4.33
CA LEU G 191 34.51 70.76 -4.30
C LEU G 191 33.18 70.18 -4.79
N ASN G 192 33.28 69.04 -5.46
CA ASN G 192 32.09 68.42 -5.97
C ASN G 192 31.82 67.16 -5.21
N VAL G 193 30.78 67.15 -4.40
CA VAL G 193 30.46 65.96 -3.64
C VAL G 193 29.28 65.22 -4.22
N ASN G 194 29.15 65.25 -5.54
CA ASN G 194 28.05 64.52 -6.17
C ASN G 194 28.55 63.17 -6.66
N LEU G 195 29.86 63.08 -6.91
CA LEU G 195 30.53 61.88 -7.39
C LEU G 195 30.47 60.79 -6.33
N PRO G 196 30.75 59.55 -6.72
CA PRO G 196 30.72 58.42 -5.79
C PRO G 196 31.72 58.62 -4.65
N LEU G 197 31.37 58.14 -3.47
CA LEU G 197 32.23 58.29 -2.31
C LEU G 197 33.59 57.60 -2.47
N ASP G 198 33.74 56.83 -3.55
CA ASP G 198 34.99 56.13 -3.80
C ASP G 198 36.18 57.08 -3.84
N ARG G 199 36.09 58.08 -4.72
CA ARG G 199 37.13 59.10 -4.87
C ARG G 199 36.79 60.34 -4.06
N LEU G 200 35.74 60.23 -3.25
CA LEU G 200 35.25 61.30 -2.40
C LEU G 200 36.31 61.85 -1.44
N ASN G 201 37.12 60.97 -0.85
CA ASN G 201 38.14 61.41 0.10
C ASN G 201 39.34 62.11 -0.58
N PHE G 202 39.43 61.94 -1.90
CA PHE G 202 40.52 62.55 -2.67
C PHE G 202 40.11 63.97 -3.06
N GLU G 203 38.82 64.16 -3.25
CA GLU G 203 38.28 65.45 -3.59
C GLU G 203 38.39 66.37 -2.36
N LEU G 204 38.01 65.83 -1.21
CA LEU G 204 38.06 66.59 0.01
C LEU G 204 39.50 66.93 0.33
N GLY G 205 40.43 66.11 -0.14
CA GLY G 205 41.80 66.46 0.15
C GLY G 205 42.20 67.78 -0.49
N VAL G 206 41.32 68.36 -1.28
CA VAL G 206 41.67 69.60 -1.95
C VAL G 206 41.59 70.73 -0.96
N ALA G 207 40.79 70.52 0.05
CA ALA G 207 40.57 71.53 1.07
C ALA G 207 41.86 71.81 1.86
N ILE G 208 42.81 70.88 1.83
CA ILE G 208 44.04 71.10 2.58
C ILE G 208 44.68 72.48 2.42
N ASP G 209 44.85 73.15 3.57
CA ASP G 209 45.45 74.48 3.62
C ASP G 209 44.60 75.60 2.99
N GLN G 210 43.41 75.26 2.50
CA GLN G 210 42.56 76.26 1.89
C GLN G 210 41.85 77.16 2.93
N PHE G 211 41.72 78.45 2.62
CA PHE G 211 41.06 79.36 3.53
C PHE G 211 39.60 78.99 3.69
N LEU G 212 38.87 78.89 2.57
CA LEU G 212 37.47 78.47 2.63
C LEU G 212 37.23 77.48 1.49
N VAL G 213 36.09 76.80 1.53
CA VAL G 213 35.74 75.78 0.57
C VAL G 213 34.32 76.04 0.10
N VAL G 214 34.02 75.69 -1.14
CA VAL G 214 32.66 75.90 -1.63
C VAL G 214 32.12 74.63 -2.22
N PHE G 215 31.03 74.10 -1.68
CA PHE G 215 30.42 72.89 -2.24
C PHE G 215 29.37 73.37 -3.24
N GLU G 216 29.79 73.52 -4.50
CA GLU G 216 28.97 74.00 -5.60
C GLU G 216 27.92 73.04 -6.18
N ASP G 217 26.69 73.56 -6.27
CA ASP G 217 25.51 72.87 -6.79
C ASP G 217 25.31 71.44 -6.29
N VAL G 218 25.33 71.27 -4.99
CA VAL G 218 25.14 69.95 -4.39
C VAL G 218 23.75 69.40 -4.76
N LYS G 219 23.63 68.07 -4.91
CA LYS G 219 22.37 67.43 -5.28
C LYS G 219 21.69 66.67 -4.15
N GLY G 220 20.38 66.88 -3.99
CA GLY G 220 19.68 66.20 -2.91
C GLY G 220 18.72 65.16 -3.41
N THR G 221 17.59 64.98 -2.74
CA THR G 221 16.63 63.99 -3.20
C THR G 221 15.19 64.50 -3.19
N GLY G 222 14.90 65.32 -2.19
CA GLY G 222 13.55 65.86 -2.04
C GLY G 222 13.17 66.88 -3.09
N GLY G 223 12.98 66.42 -4.33
CA GLY G 223 12.61 67.35 -5.40
C GLY G 223 12.35 66.72 -6.75
N GLU G 224 11.72 65.55 -6.73
CA GLU G 224 11.40 64.81 -7.96
C GLU G 224 10.14 65.40 -8.61
N SER G 225 9.45 66.25 -7.86
CA SER G 225 8.23 66.90 -8.33
C SER G 225 8.59 68.18 -9.07
N ARG G 226 9.67 68.83 -8.63
CA ARG G 226 10.17 70.05 -9.26
C ARG G 226 11.14 69.76 -10.41
N ASP G 227 11.03 68.55 -10.95
CA ASP G 227 11.86 68.12 -12.07
C ASP G 227 13.35 68.25 -11.79
N LEU G 228 13.75 68.00 -10.55
CA LEU G 228 15.16 68.07 -10.15
C LEU G 228 15.73 66.67 -9.98
N PRO G 229 16.74 66.33 -10.77
CA PRO G 229 17.32 65.01 -10.64
C PRO G 229 17.86 64.72 -9.24
N SER G 230 17.74 63.47 -8.80
CA SER G 230 18.28 63.06 -7.51
C SER G 230 19.81 62.82 -7.52
N GLY G 231 20.45 63.07 -6.38
CA GLY G 231 21.88 62.88 -6.25
C GLY G 231 22.28 62.48 -4.85
N GLN G 232 23.57 62.28 -4.64
CA GLN G 232 24.01 61.91 -3.32
C GLN G 232 24.79 63.01 -2.67
N GLY G 233 24.69 64.23 -3.19
CA GLY G 233 25.40 65.34 -2.58
C GLY G 233 24.94 65.71 -1.17
N ILE G 234 23.64 65.83 -0.95
CA ILE G 234 23.15 66.15 0.38
C ILE G 234 23.46 65.03 1.35
N ASN G 235 23.39 63.78 0.90
CA ASN G 235 23.64 62.69 1.83
C ASN G 235 25.10 62.60 2.19
N ASN G 236 25.94 63.01 1.26
CA ASN G 236 27.36 62.97 1.53
C ASN G 236 27.75 64.06 2.52
N LEU G 237 27.12 65.23 2.43
CA LEU G 237 27.40 66.32 3.36
C LEU G 237 26.97 65.93 4.77
N ASP G 238 25.86 65.20 4.89
CA ASP G 238 25.39 64.79 6.20
C ASP G 238 26.28 63.72 6.79
N ASN G 239 27.12 63.12 5.98
CA ASN G 239 28.00 62.13 6.51
C ASN G 239 29.30 62.78 6.92
N LEU G 240 29.48 64.03 6.53
CA LEU G 240 30.70 64.76 6.84
C LEU G 240 30.48 65.83 7.87
N ARG G 241 29.50 65.65 8.77
CA ARG G 241 29.15 66.64 9.82
C ARG G 241 30.45 67.05 10.52
N ASP G 242 31.25 66.04 10.79
CA ASP G 242 32.55 66.18 11.38
C ASP G 242 33.33 67.32 10.70
N TYR G 243 33.31 67.38 9.37
CA TYR G 243 34.07 68.40 8.64
C TYR G 243 33.43 69.77 8.71
N LEU G 244 32.11 69.79 8.56
CA LEU G 244 31.39 71.04 8.54
C LEU G 244 31.42 71.83 9.81
N ASP G 245 31.48 71.16 10.96
CA ASP G 245 31.48 71.86 12.24
C ASP G 245 32.76 72.59 12.55
N GLY G 246 33.88 71.90 12.49
CA GLY G 246 35.13 72.56 12.79
C GLY G 246 35.53 72.39 14.25
N SER G 247 34.82 71.53 14.94
CA SER G 247 35.14 71.29 16.32
C SER G 247 36.38 70.38 16.43
N VAL G 248 36.35 69.27 15.70
CA VAL G 248 37.46 68.36 15.76
C VAL G 248 38.21 68.43 14.47
N LYS G 249 39.46 68.03 14.45
CA LYS G 249 40.21 68.09 13.21
C LYS G 249 39.95 66.86 12.36
N VAL G 250 39.86 67.03 11.05
CA VAL G 250 39.65 65.90 10.14
C VAL G 250 40.95 65.55 9.40
N ASN G 251 41.10 64.30 9.01
CA ASN G 251 42.30 63.87 8.33
C ASN G 251 42.10 63.82 6.82
N LEU G 252 42.70 64.78 6.12
CA LEU G 252 42.54 64.87 4.68
C LEU G 252 43.73 64.24 4.01
N GLU G 253 43.45 63.57 2.89
CA GLU G 253 44.46 62.86 2.11
C GLU G 253 44.59 63.37 0.69
N LYS G 254 45.55 62.82 -0.04
CA LYS G 254 45.79 63.21 -1.43
C LYS G 254 47.02 62.49 -1.97
N LYS G 255 46.89 61.89 -3.14
CA LYS G 255 48.00 61.16 -3.73
C LYS G 255 48.36 59.90 -2.94
N HIS G 256 47.31 59.24 -2.45
CA HIS G 256 47.41 58.00 -1.67
C HIS G 256 48.09 58.16 -0.30
N LEU G 257 47.60 59.09 0.51
CA LEU G 257 48.18 59.28 1.84
C LEU G 257 47.50 60.42 2.59
N ASN G 258 47.24 60.23 3.90
CA ASN G 258 46.61 61.26 4.74
C ASN G 258 47.69 62.31 5.04
N LYS G 259 48.01 63.08 4.00
CA LYS G 259 49.02 64.13 4.05
C LYS G 259 48.86 65.08 5.25
N ARG G 260 47.64 65.42 5.63
CA ARG G 260 47.46 66.32 6.74
C ARG G 260 46.14 66.17 7.47
N THR G 261 46.20 66.48 8.78
CA THR G 261 45.06 66.45 9.67
C THR G 261 44.83 67.92 10.09
N GLN G 262 43.61 68.43 9.91
CA GLN G 262 43.34 69.83 10.24
C GLN G 262 41.87 70.07 10.43
N ILE G 263 41.50 71.30 10.72
CA ILE G 263 40.09 71.65 10.90
C ILE G 263 39.58 71.98 9.49
N PHE G 264 38.54 71.27 9.04
CA PHE G 264 38.03 71.49 7.69
C PHE G 264 37.66 72.94 7.47
N PRO G 265 38.08 73.51 6.33
CA PRO G 265 37.79 74.91 5.99
C PRO G 265 36.34 75.24 6.02
N PRO G 266 35.99 76.47 6.42
CA PRO G 266 34.56 76.84 6.43
C PRO G 266 34.22 77.24 4.99
N GLY G 267 32.95 77.51 4.71
CA GLY G 267 32.59 77.92 3.36
C GLY G 267 31.10 77.98 3.10
N ILE G 268 30.74 78.00 1.82
CA ILE G 268 29.35 78.06 1.35
C ILE G 268 28.95 76.76 0.71
N VAL G 269 27.65 76.53 0.68
CA VAL G 269 27.10 75.33 0.06
C VAL G 269 25.95 75.79 -0.82
N THR G 270 26.12 75.75 -2.14
CA THR G 270 25.03 76.18 -3.04
C THR G 270 24.23 74.97 -3.52
N MET G 271 22.91 75.11 -3.58
CA MET G 271 22.08 73.99 -4.04
C MET G 271 20.71 74.46 -4.57
N ASN G 272 19.99 73.55 -5.22
CA ASN G 272 18.70 73.92 -5.74
C ASN G 272 17.73 73.60 -4.66
N GLU G 273 16.44 73.73 -4.96
CA GLU G 273 15.42 73.48 -3.97
C GLU G 273 15.23 72.03 -3.59
N TYR G 274 16.29 71.42 -3.08
CA TYR G 274 16.23 70.04 -2.63
C TYR G 274 15.99 70.07 -1.13
N SER G 275 15.33 69.05 -0.60
CA SER G 275 15.11 69.04 0.84
C SER G 275 16.43 68.89 1.63
N VAL G 276 16.54 69.59 2.76
CA VAL G 276 17.73 69.51 3.59
C VAL G 276 17.40 68.97 4.99
N PRO G 277 18.11 67.91 5.45
CA PRO G 277 17.92 67.28 6.77
C PRO G 277 18.25 68.25 7.86
N LYS G 278 17.54 68.16 8.98
CA LYS G 278 17.79 69.11 10.06
C LYS G 278 19.20 68.96 10.62
N THR G 279 19.81 67.82 10.36
CA THR G 279 21.15 67.55 10.85
C THR G 279 22.16 68.35 10.06
N LEU G 280 22.01 68.37 8.76
CA LEU G 280 22.93 69.10 7.96
C LEU G 280 22.56 70.58 7.98
N GLN G 281 21.27 70.87 8.14
CA GLN G 281 20.74 72.22 8.14
C GLN G 281 21.24 72.99 9.35
N ALA G 282 21.24 72.35 10.51
CA ALA G 282 21.73 72.98 11.73
C ALA G 282 23.18 73.42 11.60
N ARG G 283 23.91 72.82 10.67
CA ARG G 283 25.30 73.19 10.47
C ARG G 283 25.41 74.45 9.62
N PHE G 284 24.27 75.00 9.17
CA PHE G 284 24.31 76.24 8.36
C PHE G 284 23.85 77.42 9.20
N VAL G 285 24.79 78.27 9.59
CA VAL G 285 24.48 79.43 10.40
C VAL G 285 23.49 80.40 9.71
N LYS G 286 23.55 80.50 8.40
CA LYS G 286 22.69 81.43 7.68
C LYS G 286 22.37 80.84 6.34
N GLN G 287 21.12 81.01 5.92
CA GLN G 287 20.67 80.46 4.66
C GLN G 287 20.05 81.54 3.79
N ILE G 288 20.75 81.96 2.73
CA ILE G 288 20.20 82.94 1.80
C ILE G 288 19.39 82.31 0.65
N ASP G 289 18.17 82.78 0.40
CA ASP G 289 17.36 82.19 -0.65
C ASP G 289 17.36 83.11 -1.82
N PHE G 290 17.99 82.67 -2.92
CA PHE G 290 18.06 83.48 -4.12
C PHE G 290 16.85 83.22 -4.98
N ARG G 291 16.52 84.23 -5.79
CA ARG G 291 15.39 84.19 -6.72
C ARG G 291 15.71 84.98 -7.99
N PRO G 292 15.34 84.41 -9.16
CA PRO G 292 15.60 85.08 -10.45
C PRO G 292 14.95 86.45 -10.49
N LYS G 293 15.67 87.42 -11.06
CA LYS G 293 15.15 88.77 -11.18
C LYS G 293 15.24 89.26 -12.61
N ASP G 294 14.10 89.65 -13.20
CA ASP G 294 14.03 90.14 -14.58
C ASP G 294 15.11 91.14 -14.93
N TYR G 295 15.07 92.30 -14.30
CA TYR G 295 16.04 93.36 -14.57
C TYR G 295 17.50 92.93 -14.54
N LEU G 296 17.90 92.18 -13.52
CA LEU G 296 19.28 91.77 -13.45
C LEU G 296 19.59 90.96 -14.68
N LYS G 297 18.60 90.20 -15.15
CA LYS G 297 18.77 89.37 -16.34
C LYS G 297 18.85 90.23 -17.60
N HIS G 298 17.80 91.01 -17.82
CA HIS G 298 17.71 91.89 -18.95
C HIS G 298 18.85 92.86 -18.95
N CYS G 299 19.50 93.04 -17.81
CA CYS G 299 20.62 93.99 -17.74
C CYS G 299 21.82 93.37 -18.37
N LEU G 300 22.11 92.16 -17.94
CA LEU G 300 23.26 91.47 -18.48
C LEU G 300 23.13 91.35 -19.99
N GLU G 301 21.92 91.04 -20.44
CA GLU G 301 21.68 90.85 -21.87
C GLU G 301 22.14 92.03 -22.65
N ARG G 302 22.16 93.18 -21.99
CA ARG G 302 22.57 94.39 -22.68
C ARG G 302 23.88 94.92 -22.16
N SER G 303 24.56 94.11 -21.33
CA SER G 303 25.86 94.45 -20.71
C SER G 303 26.73 93.22 -20.86
N GLU G 304 26.55 92.51 -21.96
CA GLU G 304 27.25 91.27 -22.23
C GLU G 304 28.63 91.19 -21.64
N PHE G 305 29.39 92.28 -21.69
CA PHE G 305 30.76 92.25 -21.17
C PHE G 305 30.89 91.83 -19.72
N LEU G 306 29.93 92.20 -18.90
CA LEU G 306 29.97 91.79 -17.52
C LEU G 306 30.07 90.26 -17.42
N LEU G 307 29.78 89.53 -18.49
CA LEU G 307 29.85 88.07 -18.44
C LEU G 307 31.02 87.62 -19.27
N GLU G 308 31.14 88.24 -20.42
CA GLU G 308 32.23 87.91 -21.33
C GLU G 308 33.58 88.00 -20.63
N LYS G 309 33.77 89.07 -19.85
CA LYS G 309 35.00 89.24 -19.14
C LYS G 309 34.90 88.66 -17.76
N ARG G 310 33.79 87.99 -17.47
CA ARG G 310 33.58 87.35 -16.18
C ARG G 310 33.87 88.28 -15.03
N ILE G 311 33.15 89.40 -15.00
CA ILE G 311 33.34 90.43 -13.97
C ILE G 311 32.58 90.13 -12.70
N ILE G 312 31.28 89.94 -12.80
CA ILE G 312 30.50 89.71 -11.62
C ILE G 312 30.82 88.44 -10.89
N GLN G 313 31.86 87.73 -11.31
CA GLN G 313 32.23 86.50 -10.63
C GLN G 313 33.55 86.72 -9.95
N SER G 314 34.24 87.75 -10.41
CA SER G 314 35.54 88.08 -9.87
C SER G 314 35.53 88.58 -8.43
N GLY G 315 36.55 88.15 -7.68
CA GLY G 315 36.66 88.56 -6.30
C GLY G 315 37.03 90.01 -6.38
N ILE G 316 37.87 90.38 -7.33
CA ILE G 316 38.25 91.77 -7.43
C ILE G 316 37.01 92.66 -7.43
N ALA G 317 35.96 92.19 -8.10
CA ALA G 317 34.76 92.99 -8.14
C ALA G 317 34.32 93.34 -6.72
N LEU G 318 34.11 92.32 -5.89
CA LEU G 318 33.71 92.50 -4.50
C LEU G 318 34.72 93.37 -3.75
N LEU G 319 36.01 93.08 -3.90
CA LEU G 319 36.97 93.88 -3.21
C LEU G 319 36.77 95.37 -3.57
N LEU G 320 36.47 95.65 -4.84
CA LEU G 320 36.22 97.03 -5.27
C LEU G 320 34.97 97.54 -4.60
N MET G 321 34.06 96.64 -4.29
CA MET G 321 32.86 97.07 -3.62
C MET G 321 33.20 97.53 -2.19
N LEU G 322 33.86 96.66 -1.45
CA LEU G 322 34.24 96.99 -0.09
C LEU G 322 35.01 98.30 -0.03
N ILE G 323 35.90 98.49 -1.01
CA ILE G 323 36.71 99.69 -1.06
C ILE G 323 35.79 100.88 -1.19
N TRP G 324 34.84 100.74 -2.09
CA TRP G 324 33.87 101.80 -2.39
C TRP G 324 33.03 102.19 -1.17
N TYR G 325 32.38 101.21 -0.54
CA TYR G 325 31.51 101.48 0.61
C TYR G 325 32.16 101.45 1.96
N ARG G 326 32.51 100.25 2.42
CA ARG G 326 33.19 100.03 3.69
C ARG G 326 34.22 101.09 4.10
N PRO G 327 34.24 101.49 5.40
CA PRO G 327 35.13 102.49 6.01
C PRO G 327 36.55 102.02 6.10
N VAL G 328 37.49 102.97 6.15
CA VAL G 328 38.89 102.58 6.22
C VAL G 328 39.17 101.76 7.46
N ALA G 329 38.61 102.24 8.56
CA ALA G 329 38.79 101.61 9.85
C ALA G 329 38.43 100.15 9.87
N GLU G 330 37.65 99.69 8.87
CA GLU G 330 37.22 98.28 8.81
C GLU G 330 38.25 97.32 8.25
N PHE G 331 39.27 97.86 7.62
CA PHE G 331 40.29 97.00 7.07
C PHE G 331 41.45 96.93 8.06
N ALA G 332 42.33 95.94 7.86
CA ALA G 332 43.50 95.72 8.67
C ALA G 332 44.39 96.95 8.58
N GLN G 333 45.00 97.29 9.71
CA GLN G 333 45.86 98.46 9.82
C GLN G 333 47.08 98.37 8.91
N SER G 334 47.16 97.30 8.15
CA SER G 334 48.29 97.09 7.28
C SER G 334 47.91 97.10 5.83
N ILE G 335 46.77 97.69 5.49
CA ILE G 335 46.30 97.79 4.10
C ILE G 335 45.49 99.07 3.97
N GLN G 336 45.10 99.66 5.11
CA GLN G 336 44.34 100.88 5.08
C GLN G 336 45.05 101.93 4.20
N SER G 337 46.37 101.87 4.13
CA SER G 337 47.07 102.83 3.28
C SER G 337 46.71 102.63 1.81
N ARG G 338 46.54 101.37 1.41
CA ARG G 338 46.19 101.06 0.03
C ARG G 338 44.70 101.23 -0.14
N ILE G 339 43.94 100.79 0.85
CA ILE G 339 42.50 100.93 0.75
C ILE G 339 42.16 102.38 0.51
N VAL G 340 42.87 103.27 1.19
CA VAL G 340 42.60 104.68 1.01
C VAL G 340 43.19 105.09 -0.35
N GLU G 341 44.19 104.35 -0.79
CA GLU G 341 44.85 104.65 -2.03
C GLU G 341 43.88 104.40 -3.16
N TRP G 342 43.04 103.38 -2.99
CA TRP G 342 42.05 103.05 -4.02
C TRP G 342 40.76 103.78 -3.81
N LYS G 343 40.53 104.26 -2.59
CA LYS G 343 39.31 104.99 -2.33
C LYS G 343 39.36 106.28 -3.13
N GLU G 344 40.57 106.81 -3.26
CA GLU G 344 40.83 108.05 -3.96
C GLU G 344 40.82 107.78 -5.42
N ARG G 345 41.64 106.83 -5.82
CA ARG G 345 41.75 106.48 -7.23
C ARG G 345 40.35 106.24 -7.80
N LEU G 346 39.49 105.58 -7.05
CA LEU G 346 38.16 105.33 -7.55
C LEU G 346 37.32 106.61 -7.52
N ASP G 347 37.47 107.37 -6.43
CA ASP G 347 36.75 108.62 -6.25
C ASP G 347 36.96 109.55 -7.42
N LYS G 348 38.12 109.47 -8.03
CA LYS G 348 38.44 110.31 -9.15
C LYS G 348 37.85 109.76 -10.44
N GLU G 349 37.94 108.45 -10.60
CA GLU G 349 37.46 107.82 -11.80
C GLU G 349 35.97 107.95 -12.00
N PHE G 350 35.22 107.98 -10.91
CA PHE G 350 33.78 108.07 -11.03
C PHE G 350 33.22 108.99 -9.97
N SER G 351 32.04 109.55 -10.23
CA SER G 351 31.37 110.43 -9.28
C SER G 351 30.25 109.64 -8.63
N LEU G 352 29.83 110.05 -7.45
CA LEU G 352 28.76 109.28 -6.82
C LEU G 352 27.57 109.16 -7.76
N SER G 353 27.13 110.29 -8.30
CA SER G 353 25.98 110.35 -9.21
C SER G 353 26.13 109.36 -10.37
N VAL G 354 27.32 109.29 -10.93
CA VAL G 354 27.60 108.38 -12.01
C VAL G 354 27.26 106.92 -11.59
N TYR G 355 27.76 106.51 -10.42
CA TYR G 355 27.51 105.17 -9.94
C TYR G 355 26.04 104.97 -9.72
N GLN G 356 25.44 105.92 -9.01
CA GLN G 356 24.02 105.85 -8.71
C GLN G 356 23.21 105.59 -9.97
N LYS G 357 23.68 106.12 -11.10
CA LYS G 357 23.03 105.95 -12.41
C LYS G 357 23.10 104.50 -12.86
N MET G 358 24.27 103.90 -12.67
CA MET G 358 24.48 102.50 -13.00
C MET G 358 23.48 101.64 -12.20
N LYS G 359 23.47 101.79 -10.87
CA LYS G 359 22.56 100.99 -10.05
C LYS G 359 21.14 101.16 -10.53
N PHE G 360 20.91 102.31 -11.16
CA PHE G 360 19.60 102.66 -11.69
C PHE G 360 19.37 101.85 -12.94
N ASN G 361 20.31 101.94 -13.88
CA ASN G 361 20.20 101.19 -15.11
C ASN G 361 20.00 99.70 -14.83
N VAL G 362 20.65 99.18 -13.79
CA VAL G 362 20.54 97.76 -13.45
C VAL G 362 19.13 97.48 -12.97
N ALA G 363 18.58 98.41 -12.21
CA ALA G 363 17.22 98.22 -11.69
C ALA G 363 16.20 98.23 -12.83
N MET G 364 16.54 98.93 -13.90
CA MET G 364 15.70 99.06 -15.07
C MET G 364 16.09 98.01 -16.09
N GLY G 365 17.23 97.38 -15.83
CA GLY G 365 17.72 96.34 -16.72
C GLY G 365 17.90 96.87 -18.14
N ILE G 366 18.54 98.02 -18.26
CA ILE G 366 18.73 98.60 -19.58
C ILE G 366 20.20 98.76 -19.99
N GLY G 367 21.11 98.30 -19.14
CA GLY G 367 22.51 98.39 -19.48
C GLY G 367 23.21 99.31 -18.54
N VAL G 368 24.09 98.72 -17.72
CA VAL G 368 24.83 99.47 -16.72
C VAL G 368 25.42 100.72 -17.30
N LEU G 369 26.04 100.61 -18.48
CA LEU G 369 26.64 101.77 -19.10
C LEU G 369 25.74 102.43 -20.15
N ASP G 370 24.72 103.15 -19.69
CA ASP G 370 23.79 103.82 -20.59
C ASP G 370 23.70 105.30 -20.25
N LYS H 9 81.59 70.59 4.65
CA LYS H 9 81.07 71.98 4.48
C LYS H 9 79.66 72.00 3.88
N GLN H 10 79.01 70.85 3.90
CA GLN H 10 77.65 70.73 3.36
C GLN H 10 76.63 70.96 4.47
N VAL H 11 75.45 70.36 4.31
CA VAL H 11 74.39 70.54 5.29
C VAL H 11 74.40 69.46 6.34
N SER H 12 73.99 69.81 7.57
CA SER H 12 73.97 68.87 8.68
C SER H 12 72.58 68.26 8.87
N TRP H 13 72.39 67.06 8.34
CA TRP H 13 71.10 66.43 8.48
C TRP H 13 70.80 66.26 9.94
N LYS H 14 71.81 65.82 10.69
CA LYS H 14 71.68 65.58 12.13
C LYS H 14 71.10 66.78 12.87
N LEU H 15 71.47 67.98 12.46
CA LEU H 15 70.91 69.13 13.11
C LEU H 15 69.43 69.35 12.78
N VAL H 16 69.06 69.11 11.53
CA VAL H 16 67.67 69.29 11.14
C VAL H 16 66.82 68.30 11.91
N THR H 17 67.37 67.11 12.11
CA THR H 17 66.65 66.08 12.81
C THR H 17 66.42 66.50 14.23
N GLU H 18 67.31 67.33 14.76
CA GLU H 18 67.19 67.81 16.16
C GLU H 18 66.04 68.78 16.27
N TYR H 19 66.00 69.74 15.36
CA TYR H 19 64.96 70.75 15.30
C TYR H 19 63.61 70.09 15.17
N ALA H 20 63.57 68.91 14.57
CA ALA H 20 62.32 68.18 14.39
C ALA H 20 61.91 67.50 15.68
N MET H 21 62.90 66.95 16.37
CA MET H 21 62.65 66.22 17.61
C MET H 21 62.20 67.13 18.72
N GLU H 22 62.77 68.33 18.74
CA GLU H 22 62.46 69.32 19.76
C GLU H 22 61.21 70.11 19.45
N THR H 23 60.49 69.68 18.42
CA THR H 23 59.27 70.33 18.01
C THR H 23 58.23 69.25 17.77
N LYS H 24 58.62 67.99 17.97
CA LYS H 24 57.73 66.88 17.73
C LYS H 24 57.06 67.05 16.35
N CYS H 25 57.84 67.49 15.37
CA CYS H 25 57.34 67.75 14.03
C CYS H 25 57.36 66.52 13.14
N ASP H 26 56.19 66.06 12.70
CA ASP H 26 56.07 64.88 11.85
C ASP H 26 55.48 65.23 10.48
N ASP H 27 55.60 66.50 10.11
CA ASP H 27 55.06 66.98 8.85
C ASP H 27 56.24 67.43 7.99
N VAL H 28 56.53 66.68 6.95
CA VAL H 28 57.62 67.04 6.09
C VAL H 28 57.57 68.49 5.61
N LEU H 29 56.48 68.83 4.94
CA LEU H 29 56.32 70.20 4.43
C LEU H 29 56.55 71.22 5.52
N LEU H 30 55.75 71.13 6.58
CA LEU H 30 55.81 72.03 7.73
C LEU H 30 57.27 72.24 8.13
N LEU H 31 57.98 71.14 8.35
CA LEU H 31 59.38 71.26 8.71
C LEU H 31 60.10 72.12 7.65
N LEU H 32 60.16 71.61 6.43
CA LEU H 32 60.81 72.31 5.35
C LEU H 32 60.61 73.83 5.47
N GLY H 33 59.36 74.25 5.53
CA GLY H 33 59.11 75.66 5.61
C GLY H 33 59.61 76.32 6.88
N MET H 34 59.51 75.60 7.98
CA MET H 34 59.93 76.17 9.22
C MET H 34 61.42 76.30 9.32
N TYR H 35 62.15 75.42 8.65
CA TYR H 35 63.58 75.47 8.74
C TYR H 35 64.13 76.50 7.80
N LEU H 36 63.40 76.74 6.72
CA LEU H 36 63.86 77.72 5.73
C LEU H 36 63.86 79.14 6.26
N GLU H 37 63.13 79.36 7.35
CA GLU H 37 63.03 80.70 7.96
C GLU H 37 64.36 81.07 8.62
N PHE H 38 65.09 80.07 9.07
CA PHE H 38 66.36 80.30 9.71
C PHE H 38 67.44 80.66 8.71
N GLN H 39 67.20 80.45 7.43
CA GLN H 39 68.21 80.79 6.44
C GLN H 39 68.55 82.30 6.49
N TYR H 40 67.57 83.11 6.86
CA TYR H 40 67.78 84.54 6.89
C TYR H 40 68.55 84.90 8.12
N SER H 41 69.10 86.13 8.16
CA SER H 41 69.85 86.66 9.29
C SER H 41 68.93 86.84 10.49
N PHE H 42 69.40 86.49 11.68
CA PHE H 42 68.53 86.64 12.85
C PHE H 42 68.90 87.83 13.67
N GLU H 43 69.66 88.73 13.07
CA GLU H 43 70.09 89.94 13.73
C GLU H 43 68.91 90.89 13.85
N MET H 44 68.26 91.13 12.72
CA MET H 44 67.11 92.03 12.69
C MET H 44 65.85 91.25 12.40
N CYS H 45 65.79 90.04 12.94
CA CYS H 45 64.65 89.15 12.75
C CYS H 45 63.44 89.66 13.52
N LEU H 46 62.40 90.05 12.81
CA LEU H 46 61.17 90.54 13.44
C LEU H 46 60.40 89.40 14.10
N LYS H 47 60.49 88.20 13.52
CA LYS H 47 59.81 87.03 14.06
C LYS H 47 60.43 86.61 15.39
N CYS H 48 61.38 87.40 15.85
CA CYS H 48 62.10 87.12 17.07
C CYS H 48 61.75 88.17 18.12
N ILE H 49 62.04 89.41 17.81
CA ILE H 49 61.76 90.48 18.74
C ILE H 49 60.29 90.54 19.09
N LYS H 50 59.46 89.73 18.45
CA LYS H 50 58.04 89.75 18.77
C LYS H 50 57.64 88.50 19.49
N LYS H 51 58.48 87.48 19.37
CA LYS H 51 58.28 86.17 20.00
C LYS H 51 56.87 85.67 19.81
N GLU H 52 56.51 85.38 18.57
CA GLU H 52 55.18 84.92 18.28
C GLU H 52 55.12 83.41 18.31
N GLN H 53 56.03 82.78 17.56
CA GLN H 53 56.10 81.32 17.50
C GLN H 53 57.34 80.77 18.19
N PRO H 54 57.16 80.16 19.36
CA PRO H 54 58.27 79.58 20.13
C PRO H 54 59.09 78.63 19.26
N SER H 55 58.40 77.86 18.43
CA SER H 55 59.03 76.92 17.55
C SER H 55 59.92 77.62 16.52
N HIS H 56 60.05 78.92 16.66
CA HIS H 56 60.88 79.66 15.75
C HIS H 56 62.03 80.35 16.46
N TYR H 57 61.71 81.43 17.18
CA TYR H 57 62.69 82.23 17.91
C TYR H 57 63.52 81.42 18.92
N LYS H 58 63.00 80.31 19.37
CA LYS H 58 63.79 79.52 20.29
C LYS H 58 64.89 78.70 19.58
N TYR H 59 64.95 78.81 18.24
CA TYR H 59 65.93 78.04 17.52
C TYR H 59 66.64 78.75 16.39
N HIS H 60 66.05 79.84 15.90
CA HIS H 60 66.66 80.57 14.79
C HIS H 60 68.16 80.76 14.92
N GLU H 61 68.62 81.16 16.11
CA GLU H 61 70.04 81.40 16.34
C GLU H 61 70.83 80.09 16.27
N LYS H 62 70.41 79.13 17.08
CA LYS H 62 71.09 77.85 17.12
C LYS H 62 71.16 77.16 15.77
N HIS H 63 70.38 77.63 14.79
CA HIS H 63 70.34 77.00 13.47
C HIS H 63 70.71 77.89 12.30
N TYR H 64 70.64 79.20 12.52
CA TYR H 64 70.98 80.13 11.48
C TYR H 64 72.11 79.63 10.62
N ALA H 65 73.16 79.12 11.28
CA ALA H 65 74.34 78.61 10.59
C ALA H 65 74.01 77.55 9.55
N ASN H 66 73.51 76.41 10.02
CA ASN H 66 73.15 75.33 9.14
C ASN H 66 72.10 75.77 8.09
N ALA H 67 71.06 76.45 8.56
CA ALA H 67 70.01 76.90 7.66
C ALA H 67 70.57 77.60 6.42
N ALA H 68 71.64 78.35 6.61
CA ALA H 68 72.28 79.06 5.50
C ALA H 68 72.76 78.06 4.43
N ILE H 69 73.23 76.93 4.88
CA ILE H 69 73.70 75.92 3.97
C ILE H 69 72.45 75.18 3.42
N PHE H 70 71.50 74.90 4.29
CA PHE H 70 70.32 74.18 3.88
C PHE H 70 69.68 74.86 2.70
N ALA H 71 69.66 76.18 2.74
CA ALA H 71 69.07 76.93 1.65
C ALA H 71 69.65 76.52 0.29
N ASP H 72 70.97 76.43 0.23
CA ASP H 72 71.65 76.08 -0.99
C ASP H 72 71.80 74.56 -1.01
N SER H 73 70.74 73.82 -1.29
CA SER H 73 70.88 72.38 -1.32
C SER H 73 69.94 71.77 -2.34
N LYS H 74 70.26 70.57 -2.79
CA LYS H 74 69.44 69.89 -3.79
C LYS H 74 68.78 68.65 -3.18
N ASN H 75 68.67 68.63 -1.85
CA ASN H 75 68.08 67.51 -1.12
C ASN H 75 67.20 67.94 0.04
N GLN H 76 66.83 69.22 0.04
CA GLN H 76 66.02 69.75 1.13
C GLN H 76 64.93 68.81 1.60
N LYS H 77 64.17 68.25 0.67
CA LYS H 77 63.06 67.37 1.06
C LYS H 77 63.51 66.02 1.57
N THR H 78 64.55 65.47 0.95
CA THR H 78 65.09 64.15 1.35
C THR H 78 65.62 64.25 2.78
N ILE H 79 66.19 65.38 3.12
CA ILE H 79 66.68 65.59 4.46
C ILE H 79 65.48 65.54 5.43
N CYS H 80 64.56 66.47 5.25
CA CYS H 80 63.40 66.59 6.13
C CYS H 80 62.76 65.25 6.31
N GLN H 81 62.75 64.47 5.26
CA GLN H 81 62.10 63.19 5.35
C GLN H 81 62.65 62.35 6.47
N GLN H 82 63.97 62.38 6.60
CA GLN H 82 64.67 61.60 7.61
C GLN H 82 64.40 62.18 8.98
N ALA H 83 64.39 63.51 9.05
CA ALA H 83 64.11 64.20 10.27
C ALA H 83 62.71 63.83 10.69
N VAL H 84 61.81 63.65 9.74
CA VAL H 84 60.45 63.33 10.14
C VAL H 84 60.32 61.87 10.41
N ASP H 85 61.15 61.09 9.74
CA ASP H 85 61.12 59.65 9.92
C ASP H 85 61.55 59.34 11.36
N THR H 86 62.46 60.17 11.87
CA THR H 86 63.01 60.01 13.20
C THR H 86 61.93 60.25 14.22
N VAL H 87 61.29 61.40 14.08
CA VAL H 87 60.23 61.76 14.97
C VAL H 87 59.19 60.66 14.98
N LEU H 88 58.91 60.14 13.81
CA LEU H 88 57.91 59.06 13.68
C LEU H 88 58.41 57.80 14.34
N ALA H 89 59.73 57.66 14.34
CA ALA H 89 60.39 56.51 14.93
C ALA H 89 60.24 56.60 16.41
N LYS H 90 60.65 57.74 16.97
CA LYS H 90 60.54 57.98 18.39
C LYS H 90 59.18 57.63 18.94
N LYS H 91 58.12 58.03 18.22
CA LYS H 91 56.76 57.74 18.66
C LYS H 91 56.54 56.25 18.68
N ARG H 92 57.00 55.56 17.65
CA ARG H 92 56.82 54.11 17.57
C ARG H 92 57.41 53.44 18.78
N VAL H 93 58.61 53.85 19.12
CA VAL H 93 59.32 53.31 20.26
C VAL H 93 58.55 53.54 21.54
N ASP H 94 58.21 54.80 21.78
CA ASP H 94 57.50 55.19 22.98
C ASP H 94 56.19 54.45 23.06
N SER H 95 55.43 54.43 21.98
CA SER H 95 54.14 53.77 22.03
C SER H 95 54.24 52.29 22.30
N LEU H 96 55.46 51.80 22.40
CA LEU H 96 55.71 50.38 22.66
C LEU H 96 56.50 50.15 23.95
N GLN H 97 57.35 51.10 24.30
CA GLN H 97 58.18 50.97 25.47
C GLN H 97 57.74 51.79 26.68
N LEU H 98 56.98 52.86 26.45
CA LEU H 98 56.49 53.67 27.57
C LEU H 98 55.17 53.11 28.03
N THR H 99 54.80 53.46 29.26
CA THR H 99 53.54 53.04 29.84
C THR H 99 52.50 54.15 29.73
N ARG H 100 51.25 53.74 29.52
CA ARG H 100 50.17 54.69 29.33
C ARG H 100 50.31 55.92 30.19
N GLU H 101 50.46 55.72 31.49
CA GLU H 101 50.52 56.86 32.35
C GLU H 101 51.63 57.80 31.96
N GLN H 102 52.72 57.24 31.45
CA GLN H 102 53.86 58.07 31.09
C GLN H 102 53.53 58.90 29.88
N MET H 103 52.75 58.30 28.98
CA MET H 103 52.33 58.96 27.75
C MET H 103 51.54 60.21 28.09
N LEU H 104 50.57 60.08 29.00
CA LEU H 104 49.76 61.20 29.47
C LEU H 104 50.67 62.24 30.10
N THR H 105 51.52 61.80 31.02
CA THR H 105 52.43 62.71 31.68
C THR H 105 53.19 63.52 30.64
N ASN H 106 53.66 62.84 29.61
CA ASN H 106 54.39 63.53 28.55
C ASN H 106 53.47 64.51 27.82
N ARG H 107 52.24 64.08 27.53
CA ARG H 107 51.29 64.95 26.85
C ARG H 107 50.96 66.14 27.77
N PHE H 108 50.61 65.83 29.01
CA PHE H 108 50.30 66.88 29.95
C PHE H 108 51.39 67.91 29.99
N ASN H 109 52.62 67.46 30.15
CA ASN H 109 53.70 68.41 30.19
C ASN H 109 53.63 69.36 29.00
N ASP H 110 53.53 68.82 27.80
CA ASP H 110 53.47 69.67 26.63
C ASP H 110 52.40 70.72 26.81
N LEU H 111 51.21 70.28 27.18
CA LEU H 111 50.12 71.21 27.37
C LEU H 111 50.58 72.30 28.32
N LEU H 112 51.24 71.88 29.40
CA LEU H 112 51.71 72.82 30.41
C LEU H 112 52.64 73.82 29.78
N ASP H 113 53.61 73.30 29.02
CA ASP H 113 54.58 74.14 28.33
C ASP H 113 53.81 75.16 27.49
N ARG H 114 52.83 74.66 26.75
CA ARG H 114 52.06 75.53 25.90
C ARG H 114 51.43 76.60 26.78
N MET H 115 50.88 76.16 27.92
CA MET H 115 50.23 77.03 28.91
C MET H 115 51.17 78.10 29.46
N ASP H 116 52.41 77.71 29.77
CA ASP H 116 53.45 78.64 30.26
C ASP H 116 53.62 79.84 29.30
N ILE H 117 53.83 79.53 28.02
CA ILE H 117 54.01 80.54 26.98
C ILE H 117 52.67 81.25 26.69
N MET H 118 51.58 80.47 26.70
CA MET H 118 50.20 80.93 26.43
C MET H 118 49.79 82.05 27.36
N PHE H 119 49.80 81.78 28.66
CA PHE H 119 49.44 82.77 29.66
C PHE H 119 50.65 83.59 30.08
N GLY H 120 51.76 83.42 29.37
CA GLY H 120 52.95 84.16 29.73
C GLY H 120 52.83 85.63 29.38
N SER H 121 53.97 86.33 29.37
CA SER H 121 54.01 87.77 29.05
C SER H 121 53.99 87.93 27.51
N THR H 122 54.74 87.09 26.80
CA THR H 122 54.74 87.13 25.33
C THR H 122 53.42 86.54 24.80
N GLY H 123 52.76 85.73 25.61
CA GLY H 123 51.51 85.14 25.18
C GLY H 123 50.40 86.18 25.09
N SER H 124 49.18 85.74 24.81
CA SER H 124 48.07 86.65 24.69
C SER H 124 46.74 85.97 24.95
N ALA H 125 46.57 85.41 26.14
CA ALA H 125 45.33 84.73 26.48
C ALA H 125 44.96 85.08 27.91
N ASP H 126 43.84 85.77 28.08
CA ASP H 126 43.35 86.21 29.38
C ASP H 126 43.02 84.99 30.23
N ILE H 127 43.85 84.75 31.24
CA ILE H 127 43.66 83.62 32.13
C ILE H 127 42.28 83.67 32.78
N GLU H 128 41.67 84.85 32.72
CA GLU H 128 40.36 85.09 33.31
C GLU H 128 39.32 84.50 32.40
N GLU H 129 39.56 84.59 31.11
CA GLU H 129 38.62 84.00 30.20
C GLU H 129 38.64 82.46 30.31
N TRP H 130 39.84 81.88 30.30
CA TRP H 130 39.92 80.43 30.39
C TRP H 130 39.36 79.85 31.68
N MET H 131 39.45 80.61 32.77
CA MET H 131 38.91 80.08 34.01
C MET H 131 37.43 80.01 33.90
N ALA H 132 36.85 81.00 33.24
CA ALA H 132 35.41 81.06 33.02
C ALA H 132 35.06 79.80 32.26
N GLY H 133 35.85 79.50 31.23
CA GLY H 133 35.65 78.29 30.44
C GLY H 133 35.64 77.08 31.36
N VAL H 134 36.51 77.12 32.35
CA VAL H 134 36.56 76.02 33.26
C VAL H 134 35.25 75.93 33.95
N ALA H 135 34.68 77.10 34.23
CA ALA H 135 33.40 77.21 34.93
C ALA H 135 32.25 76.72 34.10
N TRP H 136 32.25 77.16 32.84
CA TRP H 136 31.21 76.76 31.93
C TRP H 136 31.24 75.24 31.86
N LEU H 137 32.42 74.70 31.61
CA LEU H 137 32.53 73.27 31.48
C LEU H 137 32.13 72.51 32.73
N HIS H 138 32.21 73.17 33.89
CA HIS H 138 31.89 72.49 35.12
C HIS H 138 30.41 72.44 35.39
N CYS H 139 29.65 73.17 34.58
CA CYS H 139 28.19 73.21 34.71
C CYS H 139 27.59 72.34 33.64
N LEU H 140 28.44 71.84 32.76
CA LEU H 140 27.97 70.99 31.67
C LEU H 140 27.53 69.62 32.14
N LEU H 141 28.24 69.09 33.13
CA LEU H 141 27.97 67.76 33.69
C LEU H 141 28.28 67.71 35.18
N PRO H 142 27.53 66.90 35.90
CA PRO H 142 27.69 66.75 37.34
C PRO H 142 29.07 66.20 37.71
N LYS H 143 29.68 66.79 38.75
CA LYS H 143 30.99 66.36 39.22
C LYS H 143 31.94 66.23 38.02
N MET H 144 31.89 67.20 37.13
CA MET H 144 32.73 67.19 35.93
C MET H 144 34.17 66.81 36.18
N ASP H 145 34.84 67.60 37.01
CA ASP H 145 36.22 67.35 37.33
C ASP H 145 36.46 65.87 37.65
N SER H 146 35.50 65.23 38.32
CA SER H 146 35.65 63.81 38.64
C SER H 146 35.43 62.96 37.39
N VAL H 147 34.50 63.40 36.52
CA VAL H 147 34.21 62.69 35.27
C VAL H 147 35.48 62.64 34.43
N VAL H 148 36.08 63.79 34.24
CA VAL H 148 37.32 63.88 33.49
C VAL H 148 38.34 62.89 34.03
N TYR H 149 38.68 63.05 35.31
CA TYR H 149 39.66 62.19 35.97
C TYR H 149 39.27 60.77 35.69
N ASP H 150 38.04 60.42 36.02
CA ASP H 150 37.58 59.07 35.75
C ASP H 150 37.96 58.59 34.34
N PHE H 151 37.76 59.44 33.35
CA PHE H 151 38.06 59.14 31.95
C PHE H 151 39.53 58.86 31.81
N LEU H 152 40.35 59.81 32.22
CA LEU H 152 41.79 59.60 32.12
C LEU H 152 42.19 58.22 32.67
N LYS H 153 41.55 57.79 33.74
CA LYS H 153 41.91 56.52 34.27
C LYS H 153 41.55 55.45 33.29
N CYS H 154 40.28 55.40 32.92
CA CYS H 154 39.84 54.37 31.99
C CYS H 154 40.70 54.37 30.74
N MET H 155 41.20 55.52 30.36
CA MET H 155 42.03 55.60 29.19
C MET H 155 43.46 55.16 29.47
N VAL H 156 43.91 55.30 30.71
CA VAL H 156 45.26 54.89 31.02
C VAL H 156 45.27 53.40 31.32
N TYR H 157 44.26 52.91 32.02
CA TYR H 157 44.23 51.50 32.33
C TYR H 157 44.12 50.61 31.09
N ASN H 158 43.23 51.03 30.19
CA ASN H 158 42.94 50.38 28.92
C ASN H 158 42.67 48.90 29.14
N ILE H 159 41.60 48.62 29.86
CA ILE H 159 41.26 47.24 30.13
C ILE H 159 40.39 46.64 29.07
N PRO H 160 40.75 45.45 28.56
CA PRO H 160 40.01 44.74 27.52
C PRO H 160 38.50 44.81 27.64
N LYS H 161 37.86 45.15 26.53
CA LYS H 161 36.41 45.26 26.43
C LYS H 161 35.79 46.26 27.45
N LYS H 162 36.58 47.25 27.84
CA LYS H 162 36.17 48.29 28.78
C LYS H 162 37.07 49.50 28.58
N ARG H 163 37.15 49.97 27.35
CA ARG H 163 38.01 51.11 27.03
C ARG H 163 37.29 52.19 26.30
N TYR H 164 36.02 51.98 25.96
CA TYR H 164 35.26 53.05 25.28
C TYR H 164 34.11 53.67 26.06
N TRP H 165 33.97 54.98 25.88
CA TRP H 165 32.89 55.76 26.49
C TRP H 165 31.95 56.23 25.36
N LEU H 166 30.67 56.36 25.66
CA LEU H 166 29.69 56.76 24.66
C LEU H 166 28.96 58.04 25.02
N PHE H 167 29.15 59.11 24.24
CA PHE H 167 28.43 60.38 24.47
C PHE H 167 27.22 60.36 23.52
N LYS H 168 26.02 60.17 24.05
CA LYS H 168 24.84 60.10 23.22
C LYS H 168 23.92 61.26 23.56
N GLY H 169 23.69 62.15 22.59
CA GLY H 169 22.83 63.30 22.81
C GLY H 169 22.37 64.04 21.56
N PRO H 170 21.40 64.95 21.71
CA PRO H 170 20.84 65.75 20.63
C PRO H 170 21.81 66.81 20.13
N ILE H 171 21.35 67.58 19.15
CA ILE H 171 22.12 68.63 18.50
C ILE H 171 22.39 69.74 19.49
N ASP H 172 23.63 70.20 19.49
CA ASP H 172 24.04 71.28 20.37
C ASP H 172 23.64 70.97 21.80
N SER H 173 24.13 69.83 22.30
CA SER H 173 23.84 69.42 23.65
C SER H 173 25.11 69.30 24.46
N GLY H 174 26.26 69.46 23.81
CA GLY H 174 27.51 69.37 24.54
C GLY H 174 28.41 68.22 24.17
N LYS H 175 27.81 67.13 23.68
CA LYS H 175 28.53 65.95 23.25
C LYS H 175 29.88 66.25 22.61
N THR H 176 29.87 66.85 21.44
CA THR H 176 31.16 67.07 20.80
C THR H 176 32.11 67.93 21.56
N THR H 177 31.59 69.01 22.11
CA THR H 177 32.45 69.95 22.83
C THR H 177 33.34 69.33 23.87
N LEU H 178 32.82 68.33 24.59
CA LEU H 178 33.57 67.66 25.63
C LEU H 178 34.51 66.62 25.00
N ALA H 179 33.96 65.79 24.12
CA ALA H 179 34.72 64.77 23.43
C ALA H 179 35.92 65.40 22.72
N ALA H 180 35.74 66.64 22.30
CA ALA H 180 36.79 67.36 21.60
C ALA H 180 37.88 67.76 22.55
N ALA H 181 37.49 68.38 23.67
CA ALA H 181 38.46 68.81 24.66
C ALA H 181 39.26 67.61 25.16
N LEU H 182 38.55 66.57 25.60
CA LEU H 182 39.21 65.37 26.08
C LEU H 182 40.21 64.89 25.03
N LEU H 183 39.82 64.94 23.77
CA LEU H 183 40.71 64.50 22.72
C LEU H 183 42.04 65.25 22.75
N GLU H 184 42.00 66.54 23.02
CA GLU H 184 43.23 67.31 23.02
C GLU H 184 43.91 67.13 24.35
N LEU H 185 43.14 66.83 25.38
CA LEU H 185 43.72 66.64 26.70
C LEU H 185 44.68 65.48 26.68
N CYS H 186 44.24 64.37 26.11
CA CYS H 186 45.07 63.18 26.02
C CYS H 186 45.80 63.11 24.69
N GLY H 187 45.37 63.91 23.73
CA GLY H 187 45.98 63.85 22.40
C GLY H 187 45.55 62.60 21.61
N GLY H 188 45.22 62.77 20.33
CA GLY H 188 44.79 61.61 19.58
C GLY H 188 44.32 61.98 18.18
N LYS H 189 43.24 61.35 17.74
CA LYS H 189 42.70 61.59 16.40
C LYS H 189 41.20 61.35 16.37
N ALA H 190 40.53 62.03 15.44
CA ALA H 190 39.08 61.91 15.19
C ALA H 190 38.87 61.14 13.89
N LEU H 191 38.11 60.06 13.98
CA LEU H 191 37.85 59.26 12.79
C LEU H 191 36.42 59.35 12.28
N ASN H 192 36.28 59.67 11.01
CA ASN H 192 34.95 59.77 10.42
C ASN H 192 34.61 58.38 9.90
N VAL H 193 33.78 57.66 10.63
CA VAL H 193 33.42 56.32 10.22
C VAL H 193 32.03 56.29 9.56
N ASN H 194 31.62 57.40 8.93
CA ASN H 194 30.31 57.45 8.26
C ASN H 194 30.43 57.18 6.76
N LEU H 195 31.64 57.39 6.24
CA LEU H 195 31.96 57.16 4.83
C LEU H 195 31.98 55.66 4.56
N PRO H 196 31.96 55.29 3.27
CA PRO H 196 31.97 53.88 2.86
C PRO H 196 33.09 53.07 3.48
N LEU H 197 32.84 51.79 3.67
CA LEU H 197 33.84 50.90 4.25
C LEU H 197 34.91 50.65 3.19
N ASP H 198 34.67 51.21 2.00
CA ASP H 198 35.58 51.07 0.87
C ASP H 198 36.88 51.81 1.17
N ARG H 199 36.79 52.78 2.08
CA ARG H 199 37.94 53.59 2.48
C ARG H 199 38.08 53.59 3.99
N LEU H 200 37.43 52.61 4.63
CA LEU H 200 37.44 52.44 6.08
C LEU H 200 38.82 51.97 6.55
N ASN H 201 39.41 51.01 5.82
CA ASN H 201 40.72 50.50 6.18
C ASN H 201 41.79 51.60 6.21
N PHE H 202 41.56 52.69 5.49
CA PHE H 202 42.53 53.80 5.47
C PHE H 202 42.27 54.86 6.54
N GLU H 203 41.01 55.07 6.86
CA GLU H 203 40.63 56.04 7.87
C GLU H 203 41.08 55.53 9.25
N LEU H 204 40.97 54.23 9.49
CA LEU H 204 41.40 53.64 10.76
C LEU H 204 42.93 53.61 10.83
N GLY H 205 43.59 53.90 9.72
CA GLY H 205 45.03 53.85 9.77
C GLY H 205 45.67 54.98 10.52
N VAL H 206 45.01 56.12 10.54
CA VAL H 206 45.56 57.27 11.22
C VAL H 206 45.49 57.06 12.71
N ALA H 207 44.95 55.93 13.14
CA ALA H 207 44.84 55.61 14.57
C ALA H 207 46.12 54.94 15.09
N ILE H 208 47.13 54.84 14.22
CA ILE H 208 48.42 54.23 14.53
C ILE H 208 49.25 55.12 15.44
N ASP H 209 49.68 54.53 16.55
CA ASP H 209 50.49 55.20 17.54
C ASP H 209 49.68 56.32 18.22
N GLN H 210 48.39 56.13 18.39
CA GLN H 210 47.60 57.18 19.00
C GLN H 210 47.17 56.74 20.38
N PHE H 211 47.22 57.68 21.33
CA PHE H 211 46.86 57.42 22.72
C PHE H 211 45.38 57.06 22.81
N LEU H 212 44.54 57.84 22.14
CA LEU H 212 43.11 57.62 22.17
C LEU H 212 42.53 58.02 20.84
N VAL H 213 41.31 57.57 20.60
CA VAL H 213 40.60 57.82 19.34
C VAL H 213 39.19 58.22 19.67
N VAL H 214 38.66 59.10 18.82
CA VAL H 214 37.28 59.60 18.95
C VAL H 214 36.51 59.48 17.64
N PHE H 215 35.30 58.94 17.74
CA PHE H 215 34.41 58.77 16.60
C PHE H 215 33.29 59.83 16.68
N GLU H 216 33.57 61.00 16.13
CA GLU H 216 32.64 62.12 16.11
C GLU H 216 31.42 61.90 15.21
N ASP H 217 30.25 62.23 15.77
CA ASP H 217 28.95 62.12 15.11
C ASP H 217 28.76 60.89 14.23
N VAL H 218 28.58 59.74 14.87
CA VAL H 218 28.39 58.49 14.16
C VAL H 218 26.93 58.31 13.76
N LYS H 219 26.66 58.21 12.46
CA LYS H 219 25.28 58.06 11.99
C LYS H 219 24.82 56.63 12.07
N GLY H 220 23.58 56.41 12.45
CA GLY H 220 23.10 55.04 12.54
C GLY H 220 21.76 54.87 11.87
N THR H 221 21.02 53.83 12.25
CA THR H 221 19.72 53.60 11.65
C THR H 221 18.66 53.44 12.73
N GLY H 222 17.43 53.88 12.42
CA GLY H 222 16.34 53.76 13.37
C GLY H 222 15.91 55.09 13.96
N GLY H 223 16.38 56.17 13.34
CA GLY H 223 16.03 57.48 13.84
C GLY H 223 15.05 58.21 12.95
N GLU H 224 14.37 57.50 12.06
CA GLU H 224 13.42 58.12 11.14
C GLU H 224 12.41 58.91 11.99
N SER H 225 12.04 58.31 13.11
CA SER H 225 11.09 58.90 14.03
C SER H 225 11.59 60.23 14.60
N ARG H 226 12.84 60.21 15.05
CA ARG H 226 13.48 61.40 15.63
C ARG H 226 13.95 62.35 14.54
N ASP H 227 13.56 62.06 13.29
CA ASP H 227 13.94 62.89 12.15
C ASP H 227 15.44 62.88 11.93
N LEU H 228 16.06 61.71 12.00
CA LEU H 228 17.51 61.54 11.82
C LEU H 228 17.83 60.67 10.63
N PRO H 229 18.82 61.07 9.84
CA PRO H 229 19.21 60.32 8.64
C PRO H 229 19.88 58.98 8.94
N SER H 230 19.66 57.98 8.09
CA SER H 230 20.28 56.68 8.28
C SER H 230 21.70 56.74 7.81
N GLY H 231 22.55 55.92 8.42
CA GLY H 231 23.96 55.91 8.03
C GLY H 231 24.62 54.56 8.24
N GLN H 232 25.91 54.49 7.92
CA GLN H 232 26.67 53.26 8.06
C GLN H 232 27.78 53.40 9.14
N GLY H 233 27.54 54.23 10.14
CA GLY H 233 28.52 54.43 11.19
C GLY H 233 28.38 53.37 12.26
N ILE H 234 27.20 53.26 12.88
CA ILE H 234 26.96 52.29 13.94
C ILE H 234 27.07 50.92 13.33
N ASN H 235 26.81 50.84 12.03
CA ASN H 235 26.90 49.58 11.37
C ASN H 235 28.35 49.17 11.16
N ASN H 236 29.23 50.13 11.05
CA ASN H 236 30.64 49.81 10.86
C ASN H 236 31.37 49.53 12.16
N LEU H 237 31.07 50.28 13.21
CA LEU H 237 31.74 50.06 14.48
C LEU H 237 31.43 48.63 14.94
N ASP H 238 30.25 48.15 14.61
CA ASP H 238 29.93 46.82 15.05
C ASP H 238 30.69 45.82 14.20
N ASN H 239 31.40 46.30 13.20
CA ASN H 239 32.16 45.41 12.35
C ASN H 239 33.61 45.41 12.77
N LEU H 240 33.91 46.28 13.72
CA LEU H 240 35.26 46.42 14.21
C LEU H 240 35.20 46.07 15.69
N ARG H 241 34.45 45.03 16.03
CA ARG H 241 34.33 44.65 17.42
C ARG H 241 35.69 44.41 18.05
N ASP H 242 36.57 43.75 17.32
CA ASP H 242 37.91 43.44 17.79
C ASP H 242 38.75 44.68 17.99
N TYR H 243 38.34 45.75 17.32
CA TYR H 243 39.04 47.00 17.44
C TYR H 243 38.67 47.64 18.77
N LEU H 244 37.38 47.64 19.07
CA LEU H 244 36.91 48.28 20.29
C LEU H 244 37.24 47.44 21.52
N ASP H 245 37.30 46.13 21.31
CA ASP H 245 37.62 45.24 22.40
C ASP H 245 39.00 45.52 22.96
N GLY H 246 40.00 45.55 22.07
CA GLY H 246 41.37 45.77 22.52
C GLY H 246 42.01 44.51 23.08
N SER H 247 41.30 43.39 23.02
CA SER H 247 41.83 42.12 23.51
C SER H 247 42.84 41.54 22.54
N VAL H 248 42.53 41.51 21.24
CA VAL H 248 43.46 40.99 20.22
C VAL H 248 44.36 42.09 19.72
N LYS H 249 44.83 42.00 18.47
CA LYS H 249 45.72 43.03 17.95
C LYS H 249 45.41 43.25 16.49
N VAL H 250 44.42 44.10 16.22
CA VAL H 250 44.00 44.38 14.85
C VAL H 250 45.16 44.84 13.97
N ASN H 251 44.96 44.84 12.65
CA ASN H 251 46.01 45.22 11.72
C ASN H 251 45.59 46.53 11.06
N LEU H 252 46.41 47.57 11.20
CA LEU H 252 46.09 48.89 10.66
C LEU H 252 47.01 49.23 9.52
N GLU H 253 46.45 49.70 8.42
CA GLU H 253 47.26 50.04 7.25
C GLU H 253 47.24 51.52 7.01
N LYS H 254 48.43 52.10 6.94
CA LYS H 254 48.57 53.53 6.73
C LYS H 254 49.16 53.81 5.36
N LYS H 255 48.40 53.47 4.32
CA LYS H 255 48.84 53.69 2.94
C LYS H 255 49.99 52.81 2.49
N HIS H 256 51.15 53.41 2.25
CA HIS H 256 52.31 52.65 1.77
C HIS H 256 53.39 52.32 2.80
N LEU H 257 54.13 53.35 3.23
CA LEU H 257 55.26 53.20 4.17
C LEU H 257 54.98 52.68 5.59
N ASN H 258 53.93 53.19 6.24
CA ASN H 258 53.61 52.78 7.62
C ASN H 258 52.59 51.63 7.79
N LYS H 259 53.11 50.45 8.10
CA LYS H 259 52.28 49.28 8.33
C LYS H 259 52.36 49.03 9.84
N ARG H 260 51.34 48.38 10.43
CA ARG H 260 51.40 48.15 11.86
C ARG H 260 50.31 47.23 12.39
N THR H 261 50.69 46.27 13.20
CA THR H 261 49.74 45.35 13.78
C THR H 261 49.79 45.62 15.25
N GLN H 262 48.73 46.23 15.78
CA GLN H 262 48.64 46.57 17.21
C GLN H 262 47.23 46.56 17.78
N ILE H 263 47.13 46.85 19.06
CA ILE H 263 45.85 46.87 19.72
C ILE H 263 45.25 48.27 19.51
N PHE H 264 44.00 48.33 19.04
CA PHE H 264 43.31 49.60 18.74
C PHE H 264 43.15 50.49 19.96
N PRO H 265 43.43 51.78 19.79
CA PRO H 265 43.32 52.72 20.90
C PRO H 265 41.93 52.82 21.48
N PRO H 266 41.84 53.26 22.74
CA PRO H 266 40.53 53.40 23.40
C PRO H 266 40.03 54.81 23.06
N GLY H 267 38.76 55.08 23.34
CA GLY H 267 38.24 56.41 23.02
C GLY H 267 36.81 56.71 23.37
N ILE H 268 36.28 57.72 22.69
CA ILE H 268 34.91 58.18 22.90
C ILE H 268 34.16 57.99 21.60
N VAL H 269 32.87 57.77 21.73
CA VAL H 269 31.99 57.63 20.56
C VAL H 269 30.79 58.55 20.80
N THR H 270 30.71 59.64 20.06
CA THR H 270 29.55 60.54 20.20
C THR H 270 28.56 60.30 19.05
N MET H 271 27.26 60.30 19.37
CA MET H 271 26.26 60.05 18.34
C MET H 271 24.89 60.68 18.65
N ASN H 272 24.02 60.71 17.65
CA ASN H 272 22.70 61.31 17.81
C ASN H 272 21.63 60.26 18.04
N GLU H 273 21.22 60.13 19.28
CA GLU H 273 20.18 59.20 19.66
C GLU H 273 19.71 58.18 18.61
N TYR H 274 20.62 57.32 18.14
CA TYR H 274 20.27 56.30 17.16
C TYR H 274 20.13 54.97 17.88
N SER H 275 19.48 54.00 17.26
CA SER H 275 19.30 52.69 17.89
C SER H 275 20.64 51.95 17.88
N VAL H 276 21.13 51.61 19.08
CA VAL H 276 22.42 50.91 19.23
C VAL H 276 22.30 49.41 19.53
N PRO H 277 23.00 48.59 18.73
CA PRO H 277 22.97 47.14 18.92
C PRO H 277 23.56 46.70 20.26
N LYS H 278 23.05 45.60 20.80
CA LYS H 278 23.57 45.10 22.05
C LYS H 278 25.04 44.69 21.90
N THR H 279 25.41 44.15 20.74
CA THR H 279 26.79 43.74 20.52
C THR H 279 27.76 44.92 20.55
N LEU H 280 27.26 46.09 20.19
CA LEU H 280 28.09 47.27 20.15
C LEU H 280 28.01 47.97 21.53
N GLN H 281 26.83 47.90 22.16
CA GLN H 281 26.63 48.51 23.45
C GLN H 281 27.54 47.87 24.52
N ALA H 282 27.89 46.60 24.31
CA ALA H 282 28.73 45.88 25.27
C ALA H 282 30.16 46.39 25.31
N ARG H 283 30.52 47.19 24.31
CA ARG H 283 31.86 47.74 24.25
C ARG H 283 31.96 49.09 24.95
N PHE H 284 30.93 49.47 25.70
CA PHE H 284 30.98 50.76 26.38
C PHE H 284 30.91 50.61 27.89
N VAL H 285 31.95 51.06 28.59
CA VAL H 285 32.00 50.99 30.04
C VAL H 285 31.05 51.99 30.69
N LYS H 286 30.93 53.16 30.06
CA LYS H 286 30.10 54.23 30.57
C LYS H 286 29.42 54.93 29.41
N GLN H 287 28.26 55.54 29.65
CA GLN H 287 27.55 56.26 28.61
C GLN H 287 26.91 57.51 29.20
N ILE H 288 27.34 58.68 28.77
CA ILE H 288 26.74 59.90 29.30
C ILE H 288 25.64 60.40 28.38
N ASP H 289 24.49 60.70 28.96
CA ASP H 289 23.39 61.21 28.16
C ASP H 289 23.29 62.73 28.28
N PHE H 290 23.67 63.45 27.23
CA PHE H 290 23.60 64.92 27.24
C PHE H 290 22.23 65.48 26.81
N ARG H 291 21.85 66.60 27.40
CA ARG H 291 20.60 67.27 27.06
C ARG H 291 20.88 68.75 26.91
N PRO H 292 20.27 69.38 25.89
CA PRO H 292 20.48 70.80 25.67
C PRO H 292 19.89 71.65 26.79
N LYS H 293 20.74 72.29 27.57
CA LYS H 293 20.29 73.12 28.67
C LYS H 293 20.24 74.59 28.26
N ASP H 294 19.13 75.26 28.58
CA ASP H 294 18.98 76.66 28.22
C ASP H 294 19.98 77.56 28.93
N TYR H 295 20.03 77.50 30.25
CA TYR H 295 20.94 78.37 30.99
C TYR H 295 22.36 78.32 30.46
N LEU H 296 22.74 77.16 29.91
CA LEU H 296 24.07 77.02 29.34
C LEU H 296 24.08 77.78 28.03
N LYS H 297 23.09 77.50 27.19
CA LYS H 297 22.97 78.14 25.89
C LYS H 297 22.99 79.65 26.06
N HIS H 298 22.14 80.12 26.99
CA HIS H 298 21.98 81.55 27.26
C HIS H 298 23.27 82.13 27.77
N CYS H 299 24.02 81.36 28.56
CA CYS H 299 25.29 81.85 29.05
C CYS H 299 26.32 82.09 27.95
N LEU H 300 26.37 81.18 26.98
CA LEU H 300 27.32 81.27 25.88
C LEU H 300 26.99 82.42 24.98
N GLU H 301 25.72 82.79 24.94
CA GLU H 301 25.33 83.90 24.08
C GLU H 301 25.81 85.21 24.70
N ARG H 302 25.81 85.24 26.03
CA ARG H 302 26.23 86.43 26.77
C ARG H 302 27.74 86.45 26.87
N SER H 303 28.35 85.30 26.62
CA SER H 303 29.81 85.14 26.70
C SER H 303 30.29 84.51 25.40
N GLU H 304 30.34 85.28 24.32
CA GLU H 304 30.75 84.75 23.03
C GLU H 304 32.21 84.33 22.99
N PHE H 305 33.07 85.12 23.62
CA PHE H 305 34.50 84.85 23.62
C PHE H 305 34.84 83.38 23.90
N LEU H 306 33.96 82.67 24.61
CA LEU H 306 34.20 81.27 24.91
C LEU H 306 34.25 80.45 23.64
N LEU H 307 33.34 80.74 22.73
CA LEU H 307 33.32 80.01 21.50
C LEU H 307 34.28 80.67 20.53
N GLU H 308 34.18 81.98 20.37
CA GLU H 308 35.07 82.64 19.43
C GLU H 308 36.55 82.29 19.59
N LYS H 309 36.95 81.99 20.82
CA LYS H 309 38.34 81.65 21.14
C LYS H 309 38.54 80.13 21.32
N ARG H 310 37.45 79.39 21.14
CA ARG H 310 37.51 77.94 21.23
C ARG H 310 38.13 77.57 22.55
N ILE H 311 37.40 77.85 23.61
CA ILE H 311 37.85 77.56 24.97
C ILE H 311 37.17 76.29 25.47
N ILE H 312 35.84 76.31 25.63
CA ILE H 312 35.16 75.15 26.16
C ILE H 312 35.40 73.84 25.42
N GLN H 313 36.17 73.88 24.33
CA GLN H 313 36.48 72.66 23.56
C GLN H 313 37.98 72.45 23.44
N SER H 314 38.73 73.01 24.39
CA SER H 314 40.17 72.91 24.43
C SER H 314 40.59 71.99 25.54
N GLY H 315 41.73 71.33 25.36
CA GLY H 315 42.27 70.42 26.35
C GLY H 315 42.87 71.24 27.47
N ILE H 316 43.46 72.38 27.14
CA ILE H 316 44.03 73.21 28.18
C ILE H 316 42.97 73.55 29.24
N ALA H 317 41.83 74.03 28.76
CA ALA H 317 40.79 74.40 29.70
C ALA H 317 40.50 73.22 30.62
N LEU H 318 40.63 72.01 30.14
CA LEU H 318 40.36 70.89 31.00
C LEU H 318 41.51 70.62 31.99
N LEU H 319 42.73 70.81 31.50
CA LEU H 319 43.89 70.58 32.31
C LEU H 319 43.80 71.60 33.45
N LEU H 320 43.35 72.81 33.12
CA LEU H 320 43.19 73.87 34.11
C LEU H 320 42.20 73.39 35.16
N MET H 321 41.09 72.84 34.70
CA MET H 321 40.08 72.35 35.59
C MET H 321 40.64 71.35 36.59
N LEU H 322 41.44 70.42 36.11
CA LEU H 322 42.04 69.38 36.97
C LEU H 322 43.02 70.00 37.95
N ILE H 323 43.77 70.98 37.48
CA ILE H 323 44.72 71.64 38.34
C ILE H 323 43.99 72.40 39.42
N TRP H 324 42.82 72.93 39.08
CA TRP H 324 42.02 73.66 40.03
C TRP H 324 41.48 72.72 41.13
N TYR H 325 40.79 71.65 40.76
CA TYR H 325 40.20 70.75 41.76
C TYR H 325 41.09 69.63 42.25
N ARG H 326 41.18 68.56 41.46
CA ARG H 326 42.02 67.40 41.74
C ARG H 326 43.23 67.61 42.67
N PRO H 327 43.46 66.66 43.55
CA PRO H 327 44.57 66.74 44.49
C PRO H 327 45.93 66.56 43.85
N VAL H 328 46.98 67.12 44.44
CA VAL H 328 48.32 66.97 43.88
C VAL H 328 48.70 65.50 43.89
N ALA H 329 48.20 64.77 44.88
CA ALA H 329 48.47 63.35 45.02
C ALA H 329 47.88 62.51 43.87
N GLU H 330 46.94 63.08 43.11
CA GLU H 330 46.31 62.30 42.05
C GLU H 330 47.12 62.40 40.79
N PHE H 331 48.04 63.35 40.73
CA PHE H 331 48.88 63.50 39.55
C PHE H 331 50.11 62.62 39.70
N ALA H 332 50.87 62.46 38.62
CA ALA H 332 52.07 61.62 38.64
C ALA H 332 53.15 62.34 39.37
N GLN H 333 54.02 61.58 40.06
CA GLN H 333 55.10 62.18 40.82
C GLN H 333 55.89 63.20 40.04
N SER H 334 56.46 62.77 38.93
CA SER H 334 57.26 63.64 38.07
C SER H 334 56.59 64.92 37.56
N ILE H 335 55.33 65.14 37.90
CA ILE H 335 54.66 66.33 37.39
C ILE H 335 54.03 67.13 38.51
N GLN H 336 53.94 66.51 39.70
CA GLN H 336 53.32 67.14 40.86
C GLN H 336 53.93 68.47 41.11
N SER H 337 55.23 68.55 40.99
CA SER H 337 55.85 69.81 41.23
C SER H 337 55.29 70.95 40.37
N ARG H 338 55.00 70.63 39.12
CA ARG H 338 54.52 71.63 38.16
C ARG H 338 53.10 71.98 38.45
N ILE H 339 52.31 70.96 38.84
CA ILE H 339 50.90 71.16 39.16
C ILE H 339 50.81 72.16 40.32
N VAL H 340 51.68 71.97 41.32
CA VAL H 340 51.70 72.84 42.48
C VAL H 340 51.98 74.27 42.04
N GLU H 341 52.87 74.42 41.07
CA GLU H 341 53.18 75.75 40.59
C GLU H 341 51.93 76.41 40.04
N TRP H 342 51.13 75.62 39.32
CA TRP H 342 49.92 76.19 38.73
C TRP H 342 48.78 76.34 39.69
N LYS H 343 48.70 75.45 40.67
CA LYS H 343 47.64 75.53 41.67
C LYS H 343 47.82 76.84 42.40
N GLU H 344 49.08 77.28 42.52
CA GLU H 344 49.44 78.53 43.17
C GLU H 344 49.16 79.68 42.24
N ARG H 345 49.79 79.63 41.05
CA ARG H 345 49.59 80.64 40.02
C ARG H 345 48.10 80.95 39.83
N LEU H 346 47.25 79.96 40.03
CA LEU H 346 45.82 80.15 39.87
C LEU H 346 45.26 80.84 41.10
N ASP H 347 45.47 80.26 42.28
CA ASP H 347 44.96 80.83 43.55
C ASP H 347 45.43 82.26 43.73
N LYS H 348 46.62 82.53 43.24
CA LYS H 348 47.15 83.85 43.32
C LYS H 348 46.31 84.82 42.49
N GLU H 349 45.76 84.37 41.35
CA GLU H 349 44.99 85.23 40.44
C GLU H 349 43.48 85.18 40.61
N PHE H 350 43.00 84.11 41.23
CA PHE H 350 41.56 84.01 41.42
C PHE H 350 41.12 83.68 42.82
N SER H 351 40.08 84.37 43.26
CA SER H 351 39.53 84.12 44.57
C SER H 351 38.63 82.89 44.54
N LEU H 352 38.67 82.09 45.59
CA LEU H 352 37.83 80.92 45.62
C LEU H 352 36.37 81.37 45.33
N SER H 353 36.04 82.61 45.68
CA SER H 353 34.69 83.12 45.47
C SER H 353 34.49 83.66 44.05
N VAL H 354 35.47 84.41 43.57
CA VAL H 354 35.38 84.90 42.22
C VAL H 354 35.03 83.75 41.25
N TYR H 355 35.60 82.57 41.47
CA TYR H 355 35.31 81.44 40.61
C TYR H 355 33.90 80.98 40.90
N GLN H 356 33.58 80.88 42.18
CA GLN H 356 32.23 80.45 42.54
C GLN H 356 31.18 81.35 41.89
N LYS H 357 31.58 82.59 41.59
CA LYS H 357 30.70 83.57 40.98
C LYS H 357 30.35 83.14 39.57
N MET H 358 31.37 82.87 38.78
CA MET H 358 31.17 82.41 37.42
C MET H 358 30.20 81.23 37.41
N LYS H 359 30.52 80.18 38.14
CA LYS H 359 29.64 79.05 38.15
C LYS H 359 28.21 79.51 38.34
N PHE H 360 28.04 80.49 39.23
CA PHE H 360 26.72 81.03 39.54
C PHE H 360 26.14 81.67 38.32
N ASN H 361 26.94 82.49 37.65
CA ASN H 361 26.49 83.13 36.44
C ASN H 361 26.01 82.12 35.41
N VAL H 362 26.87 81.17 35.06
CA VAL H 362 26.51 80.19 34.06
C VAL H 362 25.14 79.62 34.36
N ALA H 363 24.90 79.26 35.59
CA ALA H 363 23.61 78.70 35.95
C ALA H 363 22.47 79.74 35.84
N MET H 364 22.83 81.01 35.97
CA MET H 364 21.83 82.05 35.90
C MET H 364 21.58 82.42 34.46
N GLY H 365 22.31 81.79 33.55
CA GLY H 365 22.11 82.05 32.17
C GLY H 365 22.59 83.41 31.73
N ILE H 366 23.47 84.04 32.50
CA ILE H 366 23.98 85.34 32.11
C ILE H 366 25.44 85.22 31.80
N GLY H 367 26.10 86.33 31.49
CA GLY H 367 27.52 86.29 31.15
C GLY H 367 28.37 85.72 32.26
N VAL H 368 29.48 85.07 31.93
CA VAL H 368 30.34 84.50 32.97
C VAL H 368 31.12 85.55 33.71
N LEU H 369 31.68 86.48 32.96
CA LEU H 369 32.46 87.53 33.60
C LEU H 369 31.65 88.80 33.86
N ASP H 370 30.53 88.66 34.57
CA ASP H 370 29.67 89.80 34.91
C ASP H 370 29.94 90.34 36.34
N THR I 8 87.47 57.40 6.75
CA THR I 8 86.20 57.88 6.12
C THR I 8 85.03 57.70 7.10
N LYS I 9 85.11 56.66 7.92
CA LYS I 9 84.07 56.35 8.90
C LYS I 9 82.71 56.09 8.26
N GLN I 10 82.50 54.87 7.78
CA GLN I 10 81.24 54.48 7.15
C GLN I 10 80.49 53.47 8.02
N VAL I 11 79.25 53.77 8.35
CA VAL I 11 78.46 52.91 9.19
C VAL I 11 78.38 51.46 8.67
N SER I 12 78.41 50.51 9.60
CA SER I 12 78.34 49.12 9.23
C SER I 12 76.92 48.62 9.12
N TRP I 13 76.45 48.40 7.90
CA TRP I 13 75.10 47.89 7.73
C TRP I 13 74.88 46.55 8.40
N LYS I 14 75.89 45.68 8.32
CA LYS I 14 75.82 44.33 8.87
C LYS I 14 75.46 44.31 10.34
N LEU I 15 76.09 45.21 11.10
CA LEU I 15 75.82 45.31 12.54
C LEU I 15 74.33 45.48 12.84
N VAL I 16 73.71 46.46 12.17
CA VAL I 16 72.28 46.76 12.30
C VAL I 16 71.50 45.51 11.93
N THR I 17 71.88 44.87 10.85
CA THR I 17 71.14 43.67 10.47
C THR I 17 71.10 42.66 11.65
N GLU I 18 72.18 42.63 12.41
CA GLU I 18 72.26 41.71 13.53
C GLU I 18 71.27 42.11 14.59
N TYR I 19 71.39 43.36 15.05
CA TYR I 19 70.51 43.87 16.07
C TYR I 19 69.05 43.56 15.74
N ALA I 20 68.70 43.78 14.48
CA ALA I 20 67.35 43.58 14.03
C ALA I 20 67.02 42.12 14.16
N MET I 21 67.97 41.28 13.80
CA MET I 21 67.79 39.82 13.84
C MET I 21 67.64 39.30 15.26
N GLU I 22 68.55 39.73 16.15
CA GLU I 22 68.52 39.28 17.51
C GLU I 22 67.23 39.65 18.17
N THR I 23 66.67 40.79 17.78
CA THR I 23 65.42 41.21 18.36
C THR I 23 64.21 40.84 17.47
N LYS I 24 64.46 40.12 16.36
CA LYS I 24 63.42 39.71 15.40
C LYS I 24 62.53 40.89 15.00
N CYS I 25 63.19 42.04 14.84
CA CYS I 25 62.53 43.29 14.51
C CYS I 25 62.17 43.35 13.05
N ASP I 26 60.87 43.34 12.77
CA ASP I 26 60.41 43.38 11.40
C ASP I 26 59.65 44.66 11.14
N ASP I 27 60.04 45.73 11.84
CA ASP I 27 59.42 47.06 11.72
C ASP I 27 60.53 48.07 11.46
N VAL I 28 60.55 48.64 10.26
CA VAL I 28 61.60 49.58 9.94
C VAL I 28 61.63 50.79 10.85
N LEU I 29 60.48 51.45 10.99
CA LEU I 29 60.39 52.65 11.82
C LEU I 29 60.85 52.38 13.26
N LEU I 30 60.36 51.29 13.81
CA LEU I 30 60.72 50.92 15.16
C LEU I 30 62.22 50.73 15.22
N LEU I 31 62.73 49.75 14.48
CA LEU I 31 64.16 49.47 14.41
C LEU I 31 64.97 50.75 14.38
N LEU I 32 64.61 51.67 13.48
CA LEU I 32 65.29 52.95 13.36
C LEU I 32 65.31 53.68 14.70
N GLY I 33 64.15 53.80 15.32
CA GLY I 33 64.07 54.47 16.60
C GLY I 33 64.92 53.80 17.67
N MET I 34 64.89 52.47 17.73
CA MET I 34 65.66 51.69 18.70
C MET I 34 67.18 51.92 18.53
N TYR I 35 67.69 51.61 17.35
CA TYR I 35 69.10 51.78 17.09
C TYR I 35 69.52 53.20 17.36
N LEU I 36 68.71 54.16 16.94
CA LEU I 36 69.08 55.53 17.16
C LEU I 36 69.35 55.89 18.63
N GLU I 37 68.89 55.06 19.56
CA GLU I 37 69.09 55.34 20.99
C GLU I 37 70.51 55.07 21.45
N PHE I 38 71.10 54.04 20.87
CA PHE I 38 72.47 53.69 21.17
C PHE I 38 73.37 54.84 20.75
N GLN I 39 72.80 55.82 20.06
CA GLN I 39 73.58 56.94 19.59
C GLN I 39 74.40 57.62 20.68
N TYR I 40 73.83 57.71 21.88
CA TYR I 40 74.47 58.38 23.00
C TYR I 40 75.36 57.48 23.85
N SER I 41 76.11 58.11 24.75
CA SER I 41 77.02 57.44 25.69
C SER I 41 76.43 56.18 26.33
N PHE I 42 77.29 55.23 26.64
CA PHE I 42 76.87 53.97 27.24
C PHE I 42 76.98 53.96 28.75
N GLU I 43 78.07 54.52 29.26
CA GLU I 43 78.33 54.55 30.70
C GLU I 43 77.29 55.33 31.50
N MET I 44 76.81 56.44 30.96
CA MET I 44 75.84 57.23 31.68
C MET I 44 74.39 56.89 31.31
N CYS I 45 74.19 55.85 30.50
CA CYS I 45 72.85 55.45 30.05
C CYS I 45 71.96 55.11 31.25
N LEU I 46 70.83 55.77 31.31
CA LEU I 46 69.92 55.54 32.40
C LEU I 46 68.99 54.37 32.07
N LYS I 47 68.72 54.16 30.79
CA LYS I 47 67.81 53.08 30.38
C LYS I 47 68.44 51.74 30.69
N CYS I 48 69.74 51.80 30.90
CA CYS I 48 70.55 50.61 31.18
C CYS I 48 70.60 50.38 32.69
N ILE I 49 71.03 51.39 33.42
CA ILE I 49 71.10 51.31 34.86
C ILE I 49 69.77 50.81 35.45
N LYS I 50 68.64 51.20 34.87
CA LYS I 50 67.34 50.77 35.39
C LYS I 50 66.88 49.44 34.78
N LYS I 51 67.65 48.96 33.81
CA LYS I 51 67.38 47.68 33.13
C LYS I 51 65.95 47.54 32.69
N GLU I 52 65.31 48.66 32.42
CA GLU I 52 63.91 48.67 32.04
C GLU I 52 63.62 47.91 30.75
N GLN I 53 64.40 48.19 29.71
CA GLN I 53 64.19 47.53 28.43
C GLN I 53 65.31 46.61 27.96
N PRO I 54 65.04 45.31 28.00
CA PRO I 54 66.00 44.28 27.59
C PRO I 54 66.47 44.48 26.16
N SER I 55 65.54 44.75 25.26
CA SER I 55 65.88 44.96 23.86
C SER I 55 66.75 46.20 23.71
N HIS I 56 67.16 46.76 24.84
CA HIS I 56 68.01 47.94 24.77
C HIS I 56 69.36 47.75 25.44
N TYR I 57 69.34 47.66 26.76
CA TYR I 57 70.58 47.52 27.56
C TYR I 57 71.43 46.34 27.18
N LYS I 58 70.83 45.34 26.55
CA LYS I 58 71.61 44.18 26.15
C LYS I 58 72.44 44.40 24.89
N TYR I 59 72.17 45.46 24.13
CA TYR I 59 72.90 45.65 22.89
C TYR I 59 73.50 47.02 22.72
N HIS I 60 73.20 47.94 23.61
CA HIS I 60 73.71 49.30 23.47
C HIS I 60 75.20 49.42 23.30
N GLU I 61 75.91 49.04 24.35
CA GLU I 61 77.36 49.07 24.39
C GLU I 61 77.96 48.48 23.13
N LYS I 62 77.49 47.31 22.71
CA LYS I 62 78.02 46.65 21.50
C LYS I 62 77.83 47.49 20.25
N HIS I 63 76.66 48.10 20.11
CA HIS I 63 76.35 48.90 18.93
C HIS I 63 76.61 50.40 19.09
N TYR I 64 76.99 50.80 20.30
CA TYR I 64 77.25 52.20 20.56
C TYR I 64 78.14 52.83 19.50
N ALA I 65 79.32 52.25 19.33
CA ALA I 65 80.29 52.75 18.37
C ALA I 65 79.69 53.01 16.99
N ASN I 66 78.97 52.03 16.47
CA ASN I 66 78.35 52.11 15.16
C ASN I 66 77.14 53.04 15.12
N ALA I 67 76.35 53.02 16.17
CA ALA I 67 75.18 53.88 16.24
C ALA I 67 75.61 55.34 16.16
N ALA I 68 76.85 55.61 16.51
CA ALA I 68 77.30 56.98 16.47
C ALA I 68 77.68 57.33 15.06
N ILE I 69 78.09 56.30 14.34
CA ILE I 69 78.53 56.44 12.95
C ILE I 69 77.27 56.26 12.10
N PHE I 70 76.15 55.98 12.76
CA PHE I 70 74.90 55.78 12.05
C PHE I 70 74.14 57.07 12.15
N ALA I 71 74.25 57.71 13.30
CA ALA I 71 73.52 58.94 13.55
C ALA I 71 74.08 60.05 12.71
N ASP I 72 74.95 59.68 11.78
CA ASP I 72 75.56 60.70 10.95
C ASP I 72 75.29 60.34 9.52
N SER I 73 74.76 59.14 9.30
CA SER I 73 74.47 58.67 7.96
C SER I 73 73.25 59.36 7.35
N LYS I 74 73.12 59.23 6.03
CA LYS I 74 72.00 59.82 5.33
C LYS I 74 71.14 58.71 4.73
N ASN I 75 71.42 57.47 5.08
CA ASN I 75 70.63 56.37 4.54
C ASN I 75 70.03 55.56 5.66
N GLN I 76 69.86 56.19 6.81
CA GLN I 76 69.31 55.50 7.95
C GLN I 76 68.14 54.60 7.60
N LYS I 77 67.17 55.15 6.86
CA LYS I 77 65.99 54.35 6.53
C LYS I 77 66.31 53.24 5.57
N THR I 78 67.16 53.51 4.59
CA THR I 78 67.55 52.49 3.61
C THR I 78 68.26 51.29 4.31
N ILE I 79 69.21 51.59 5.19
CA ILE I 79 69.94 50.59 5.94
C ILE I 79 68.95 49.74 6.74
N CYS I 80 68.16 50.40 7.57
CA CYS I 80 67.19 49.67 8.35
C CYS I 80 66.32 48.79 7.46
N GLN I 81 65.99 49.29 6.28
CA GLN I 81 65.17 48.53 5.37
C GLN I 81 65.80 47.17 5.07
N GLN I 82 67.06 47.18 4.65
CA GLN I 82 67.76 45.94 4.35
C GLN I 82 67.83 45.03 5.55
N ALA I 83 68.07 45.63 6.72
CA ALA I 83 68.15 44.91 7.97
C ALA I 83 66.81 44.27 8.22
N VAL I 84 65.72 44.97 7.91
CA VAL I 84 64.42 44.37 8.16
C VAL I 84 64.12 43.27 7.15
N ASP I 85 64.57 43.48 5.91
CA ASP I 85 64.34 42.52 4.82
C ASP I 85 64.97 41.18 5.23
N THR I 86 66.12 41.26 5.88
CA THR I 86 66.77 40.06 6.32
C THR I 86 65.84 39.24 7.18
N VAL I 87 65.39 39.81 8.29
CA VAL I 87 64.46 39.15 9.22
C VAL I 87 63.29 38.53 8.45
N LEU I 88 62.77 39.28 7.50
CA LEU I 88 61.67 38.80 6.71
C LEU I 88 62.08 37.56 5.91
N ALA I 89 63.27 37.66 5.32
CA ALA I 89 63.83 36.61 4.52
C ALA I 89 64.01 35.37 5.39
N LYS I 90 64.65 35.55 6.54
CA LYS I 90 64.86 34.43 7.44
C LYS I 90 63.53 33.76 7.80
N LYS I 91 62.59 34.55 8.28
CA LYS I 91 61.33 34.00 8.67
C LYS I 91 60.72 33.19 7.55
N ARG I 92 60.91 33.68 6.32
CA ARG I 92 60.40 33.03 5.11
C ARG I 92 61.03 31.65 4.97
N VAL I 93 62.35 31.60 5.10
CA VAL I 93 63.12 30.37 5.01
C VAL I 93 62.63 29.32 6.01
N ASP I 94 62.48 29.74 7.27
CA ASP I 94 62.02 28.82 8.28
C ASP I 94 60.63 28.30 7.97
N SER I 95 59.74 29.18 7.55
CA SER I 95 58.36 28.79 7.26
C SER I 95 58.27 27.90 6.04
N LEU I 96 59.42 27.47 5.56
CA LEU I 96 59.47 26.61 4.40
C LEU I 96 60.36 25.40 4.65
N GLN I 97 61.51 25.63 5.30
CA GLN I 97 62.46 24.56 5.58
C GLN I 97 62.25 23.85 6.91
N LEU I 98 61.99 24.60 7.98
CA LEU I 98 61.75 24.00 9.31
C LEU I 98 60.46 23.20 9.34
N THR I 99 60.26 22.49 10.44
CA THR I 99 59.05 21.70 10.61
C THR I 99 58.09 22.41 11.55
N ARG I 100 56.80 22.13 11.42
CA ARG I 100 55.84 22.82 12.25
C ARG I 100 56.17 22.72 13.73
N GLU I 101 56.59 21.54 14.18
CA GLU I 101 56.90 21.35 15.59
C GLU I 101 58.14 22.15 15.95
N GLN I 102 59.10 22.11 15.05
CA GLN I 102 60.33 22.79 15.27
C GLN I 102 60.06 24.28 15.42
N MET I 103 59.10 24.79 14.65
CA MET I 103 58.77 26.21 14.69
C MET I 103 58.16 26.54 16.05
N LEU I 104 57.16 25.75 16.43
CA LEU I 104 56.52 25.95 17.71
C LEU I 104 57.60 26.04 18.78
N THR I 105 58.45 25.03 18.86
CA THR I 105 59.49 25.03 19.86
C THR I 105 60.23 26.35 19.85
N ASN I 106 60.47 26.89 18.66
CA ASN I 106 61.17 28.16 18.57
C ASN I 106 60.42 29.30 19.22
N ARG I 107 59.10 29.24 19.12
CA ARG I 107 58.19 30.23 19.71
C ARG I 107 58.33 30.10 21.26
N PHE I 108 58.08 28.91 21.80
CA PHE I 108 58.22 28.65 23.22
C PHE I 108 59.57 29.17 23.71
N ASN I 109 60.59 28.99 22.90
CA ASN I 109 61.88 29.49 23.31
C ASN I 109 61.82 30.99 23.44
N ASP I 110 61.18 31.65 22.48
CA ASP I 110 61.08 33.10 22.52
C ASP I 110 60.30 33.51 23.77
N LEU I 111 59.13 32.89 23.98
CA LEU I 111 58.30 33.19 25.14
C LEU I 111 59.10 32.99 26.41
N LEU I 112 59.68 31.80 26.57
CA LEU I 112 60.47 31.50 27.77
C LEU I 112 61.52 32.56 27.99
N ASP I 113 62.20 32.96 26.92
CA ASP I 113 63.24 33.98 27.00
C ASP I 113 62.69 35.25 27.60
N ARG I 114 61.42 35.55 27.31
CA ARG I 114 60.78 36.74 27.86
C ARG I 114 60.50 36.46 29.32
N MET I 115 59.91 35.30 29.59
CA MET I 115 59.60 34.90 30.96
C MET I 115 60.84 35.01 31.84
N ASP I 116 62.00 34.72 31.25
CA ASP I 116 63.24 34.79 32.00
C ASP I 116 63.47 36.17 32.60
N ILE I 117 63.16 37.21 31.84
CA ILE I 117 63.35 38.58 32.33
C ILE I 117 62.12 39.12 33.06
N MET I 118 60.92 38.83 32.54
CA MET I 118 59.70 39.33 33.13
C MET I 118 59.42 38.74 34.49
N PHE I 119 60.36 37.96 34.98
CA PHE I 119 60.21 37.34 36.27
C PHE I 119 61.56 37.36 36.94
N GLY I 120 62.60 37.75 36.21
CA GLY I 120 63.92 37.75 36.79
C GLY I 120 64.08 38.85 37.83
N SER I 121 65.31 39.01 38.32
CA SER I 121 65.67 40.02 39.33
C SER I 121 65.41 41.43 38.82
N THR I 122 65.25 41.56 37.51
CA THR I 122 64.97 42.85 36.87
C THR I 122 63.52 42.97 36.42
N GLY I 123 62.80 41.83 36.39
CA GLY I 123 61.40 41.78 35.96
C GLY I 123 60.49 42.72 36.72
N SER I 124 59.24 42.79 36.27
CA SER I 124 58.28 43.66 36.91
C SER I 124 57.01 42.86 37.17
N ALA I 125 56.99 41.63 36.71
CA ALA I 125 55.81 40.84 36.90
C ALA I 125 55.94 39.96 38.10
N ASP I 126 54.80 39.70 38.75
CA ASP I 126 54.76 38.85 39.92
C ASP I 126 54.33 37.44 39.51
N ILE I 127 55.24 36.50 39.62
CA ILE I 127 54.94 35.12 39.25
C ILE I 127 53.67 34.64 39.94
N GLU I 128 53.38 35.18 41.12
CA GLU I 128 52.18 34.79 41.85
C GLU I 128 50.92 35.25 41.11
N GLU I 129 50.99 36.45 40.54
CA GLU I 129 49.86 37.00 39.83
C GLU I 129 49.58 36.23 38.56
N TRP I 130 50.63 35.86 37.85
CA TRP I 130 50.45 35.11 36.61
C TRP I 130 49.93 33.72 36.91
N MET I 131 50.46 33.08 37.93
CA MET I 131 50.01 31.75 38.27
C MET I 131 48.51 31.78 38.61
N ALA I 132 48.06 32.95 39.06
CA ALA I 132 46.68 33.19 39.44
C ALA I 132 45.91 33.12 38.18
N GLY I 133 46.51 33.69 37.13
CA GLY I 133 45.91 33.65 35.81
C GLY I 133 45.77 32.20 35.35
N VAL I 134 46.84 31.42 35.53
CA VAL I 134 46.84 30.02 35.14
C VAL I 134 45.70 29.29 35.84
N ALA I 135 45.41 29.78 37.02
CA ALA I 135 44.36 29.25 37.87
C ALA I 135 43.00 29.57 37.26
N TRP I 136 42.85 30.84 36.91
CA TRP I 136 41.60 31.27 36.32
C TRP I 136 41.37 30.53 35.02
N LEU I 137 42.37 30.60 34.15
CA LEU I 137 42.27 29.97 32.86
C LEU I 137 41.96 28.50 32.93
N HIS I 138 42.27 27.87 34.06
CA HIS I 138 42.02 26.44 34.16
C HIS I 138 40.60 26.13 34.54
N CYS I 139 39.87 27.18 34.92
CA CYS I 139 38.46 27.06 35.31
C CYS I 139 37.57 27.38 34.10
N LEU I 140 38.13 28.05 33.10
CA LEU I 140 37.36 28.42 31.92
C LEU I 140 36.83 27.20 31.13
N LEU I 141 37.57 26.11 31.16
CA LEU I 141 37.18 24.92 30.46
C LEU I 141 37.65 23.67 31.17
N PRO I 142 36.91 22.58 31.01
CA PRO I 142 37.25 21.30 31.63
C PRO I 142 38.57 20.77 31.08
N LYS I 143 39.49 20.42 31.97
CA LYS I 143 40.77 19.87 31.56
C LYS I 143 41.50 20.83 30.61
N MET I 144 41.29 22.12 30.81
CA MET I 144 41.89 23.15 29.98
C MET I 144 43.33 22.85 29.56
N ASP I 145 44.11 22.28 30.45
CA ASP I 145 45.47 21.97 30.08
C ASP I 145 45.50 20.98 28.92
N SER I 146 44.57 20.04 28.92
CA SER I 146 44.54 19.06 27.86
C SER I 146 44.12 19.72 26.56
N VAL I 147 43.11 20.56 26.65
CA VAL I 147 42.62 21.27 25.48
C VAL I 147 43.79 22.07 24.89
N VAL I 148 44.46 22.86 25.72
CA VAL I 148 45.58 23.63 25.26
C VAL I 148 46.59 22.77 24.54
N TYR I 149 46.66 21.51 24.93
CA TYR I 149 47.61 20.56 24.33
C TYR I 149 47.04 20.01 23.03
N ASP I 150 45.82 19.47 23.09
CA ASP I 150 45.16 18.94 21.92
C ASP I 150 45.20 19.96 20.80
N PHE I 151 44.90 21.21 21.14
CA PHE I 151 44.94 22.28 20.16
C PHE I 151 46.37 22.49 19.64
N LEU I 152 47.35 22.57 20.54
CA LEU I 152 48.74 22.73 20.14
C LEU I 152 49.21 21.69 19.15
N LYS I 153 48.58 20.53 19.14
CA LYS I 153 49.01 19.48 18.23
C LYS I 153 48.23 19.51 16.96
N CYS I 154 46.97 19.89 17.07
CA CYS I 154 46.15 19.97 15.89
C CYS I 154 46.69 21.09 15.00
N MET I 155 47.45 22.00 15.60
CA MET I 155 48.02 23.12 14.88
C MET I 155 49.36 22.74 14.32
N VAL I 156 49.90 21.62 14.74
CA VAL I 156 51.20 21.19 14.23
C VAL I 156 51.01 20.15 13.14
N TYR I 157 50.10 19.22 13.37
CA TYR I 157 49.81 18.16 12.42
C TYR I 157 49.28 18.72 11.12
N ASN I 158 48.69 19.92 11.19
CA ASN I 158 48.16 20.61 10.03
C ASN I 158 47.48 19.63 9.04
N ILE I 159 46.55 18.83 9.55
CA ILE I 159 45.86 17.89 8.69
C ILE I 159 44.84 18.56 7.75
N PRO I 160 45.03 18.42 6.42
CA PRO I 160 44.12 19.04 5.46
C PRO I 160 42.66 18.68 5.76
N LYS I 161 41.81 19.71 5.77
CA LYS I 161 40.38 19.56 6.01
C LYS I 161 40.13 19.32 7.52
N LYS I 162 41.15 19.55 8.34
CA LYS I 162 41.04 19.33 9.76
C LYS I 162 42.00 20.24 10.50
N ARG I 163 41.94 21.54 10.22
CA ARG I 163 42.90 22.44 10.84
C ARG I 163 42.27 23.56 11.64
N TYR I 164 40.95 23.65 11.67
CA TYR I 164 40.32 24.74 12.39
C TYR I 164 39.42 24.38 13.55
N TRP I 165 39.52 25.19 14.60
CA TRP I 165 38.73 25.04 15.80
C TRP I 165 37.75 26.21 15.79
N LEU I 166 36.56 25.99 16.32
CA LEU I 166 35.53 27.04 16.37
C LEU I 166 35.05 27.36 17.78
N PHE I 167 35.29 28.59 18.22
CA PHE I 167 34.84 29.03 19.55
C PHE I 167 33.55 29.80 19.36
N LYS I 168 32.43 29.14 19.68
CA LYS I 168 31.12 29.75 19.53
C LYS I 168 30.47 30.00 20.89
N GLY I 169 29.95 31.21 21.08
CA GLY I 169 29.31 31.51 22.34
C GLY I 169 29.00 32.99 22.50
N PRO I 170 28.06 33.35 23.40
CA PRO I 170 27.62 34.73 23.67
C PRO I 170 28.73 35.70 24.05
N ILE I 171 28.32 36.91 24.39
CA ILE I 171 29.23 37.98 24.77
C ILE I 171 29.84 37.70 26.15
N ASP I 172 31.14 37.97 26.24
CA ASP I 172 31.88 37.77 27.48
C ASP I 172 31.93 36.32 27.94
N SER I 173 31.75 35.40 26.99
CA SER I 173 31.80 33.98 27.33
C SER I 173 33.23 33.57 27.66
N GLY I 174 34.17 34.26 27.03
CA GLY I 174 35.59 33.99 27.21
C GLY I 174 36.28 33.49 25.94
N LYS I 175 35.50 33.34 24.87
CA LYS I 175 36.01 32.87 23.58
C LYS I 175 37.20 33.69 23.19
N THR I 176 37.01 35.00 23.13
CA THR I 176 38.08 35.90 22.76
C THR I 176 39.31 35.72 23.63
N THR I 177 39.14 35.79 24.94
CA THR I 177 40.28 35.64 25.83
C THR I 177 41.13 34.42 25.53
N LEU I 178 40.50 33.25 25.40
CA LEU I 178 41.24 32.02 25.11
C LEU I 178 41.96 32.11 23.76
N ALA I 179 41.20 32.51 22.73
CA ALA I 179 41.72 32.66 21.39
C ALA I 179 42.92 33.61 21.41
N ALA I 180 42.72 34.78 22.01
CA ALA I 180 43.81 35.75 22.09
C ALA I 180 45.05 35.17 22.79
N ALA I 181 44.81 34.28 23.75
CA ALA I 181 45.87 33.64 24.51
C ALA I 181 46.61 32.61 23.62
N LEU I 182 45.86 31.65 23.06
CA LEU I 182 46.45 30.65 22.18
C LEU I 182 47.25 31.38 21.11
N LEU I 183 46.67 32.39 20.52
CA LEU I 183 47.34 33.14 19.48
C LEU I 183 48.77 33.56 19.84
N GLU I 184 48.96 34.15 21.00
CA GLU I 184 50.28 34.60 21.42
C GLU I 184 51.17 33.41 21.79
N LEU I 185 50.54 32.31 22.15
CA LEU I 185 51.26 31.10 22.54
C LEU I 185 52.07 30.60 21.37
N CYS I 186 51.42 30.26 20.26
CA CYS I 186 52.12 29.77 19.09
C CYS I 186 52.69 30.92 18.29
N GLY I 187 52.02 32.06 18.36
CA GLY I 187 52.43 33.23 17.60
C GLY I 187 51.73 33.24 16.25
N GLY I 188 50.88 34.24 16.00
CA GLY I 188 50.19 34.32 14.72
C GLY I 188 49.64 35.69 14.37
N LYS I 189 48.42 35.69 13.87
CA LYS I 189 47.77 36.91 13.50
C LYS I 189 46.27 36.79 13.62
N ALA I 190 45.64 37.92 13.95
CA ALA I 190 44.19 38.02 14.10
C ALA I 190 43.67 38.83 12.93
N LEU I 191 42.76 38.25 12.18
CA LEU I 191 42.21 38.90 11.00
C LEU I 191 40.74 39.28 11.17
N ASN I 192 40.33 40.34 10.48
CA ASN I 192 38.95 40.82 10.52
C ASN I 192 38.31 40.64 9.13
N VAL I 193 37.52 39.59 8.98
CA VAL I 193 36.91 39.37 7.69
C VAL I 193 35.46 39.83 7.61
N ASN I 194 35.11 40.82 8.42
CA ASN I 194 33.75 41.32 8.41
C ASN I 194 33.64 42.50 7.45
N LEU I 195 34.78 43.15 7.22
CA LEU I 195 34.89 44.29 6.33
C LEU I 195 34.57 43.86 4.91
N PRO I 196 34.45 44.82 3.98
CA PRO I 196 34.14 44.55 2.56
C PRO I 196 35.14 43.64 1.86
N LEU I 197 34.62 42.65 1.16
CA LEU I 197 35.46 41.70 0.47
C LEU I 197 36.33 42.40 -0.58
N ASP I 198 36.01 43.66 -0.84
CA ASP I 198 36.73 44.46 -1.83
C ASP I 198 38.07 44.87 -1.23
N ARG I 199 38.38 44.28 -0.08
CA ARG I 199 39.62 44.55 0.65
C ARG I 199 40.08 43.37 1.49
N LEU I 200 39.56 42.18 1.17
CA LEU I 200 39.90 40.96 1.89
C LEU I 200 41.37 40.60 1.71
N ASN I 201 41.84 40.56 0.47
CA ASN I 201 43.22 40.18 0.21
C ASN I 201 44.29 40.92 1.04
N PHE I 202 44.08 42.20 1.33
CA PHE I 202 45.07 42.94 2.13
C PHE I 202 44.96 42.69 3.62
N GLU I 203 44.24 41.61 3.98
CA GLU I 203 44.03 41.19 5.35
C GLU I 203 44.54 39.76 5.40
N LEU I 204 44.12 39.01 4.40
CA LEU I 204 44.52 37.62 4.27
C LEU I 204 45.99 37.64 3.88
N GLY I 205 46.51 38.81 3.56
CA GLY I 205 47.90 38.86 3.21
C GLY I 205 48.76 39.00 4.44
N VAL I 206 48.12 39.31 5.56
CA VAL I 206 48.88 39.46 6.77
C VAL I 206 49.17 38.06 7.27
N ALA I 207 48.40 37.10 6.74
CA ALA I 207 48.55 35.70 7.11
C ALA I 207 49.77 35.06 6.46
N ILE I 208 50.59 35.87 5.81
CA ILE I 208 51.76 35.34 5.13
C ILE I 208 52.84 34.93 6.12
N ASP I 209 53.38 33.72 5.96
CA ASP I 209 54.44 33.22 6.85
C ASP I 209 53.97 33.14 8.29
N GLN I 210 52.66 33.01 8.48
CA GLN I 210 52.13 32.93 9.83
C GLN I 210 51.93 31.47 10.25
N PHE I 211 52.18 31.17 11.53
CA PHE I 211 52.01 29.83 12.06
C PHE I 211 50.51 29.44 12.14
N LEU I 212 49.68 30.41 12.55
CA LEU I 212 48.24 30.20 12.63
C LEU I 212 47.52 31.54 12.59
N VAL I 213 46.31 31.51 12.06
CA VAL I 213 45.46 32.70 11.93
C VAL I 213 44.25 32.61 12.87
N VAL I 214 43.77 33.76 13.33
CA VAL I 214 42.61 33.77 14.20
C VAL I 214 41.61 34.80 13.71
N PHE I 215 40.39 34.33 13.42
CA PHE I 215 39.33 35.22 12.96
C PHE I 215 38.54 35.68 14.18
N GLU I 216 38.70 36.96 14.53
CA GLU I 216 38.01 37.48 15.69
C GLU I 216 36.61 38.03 15.41
N ASP I 217 35.63 37.45 16.12
CA ASP I 217 34.22 37.81 16.06
C ASP I 217 33.67 37.97 14.66
N VAL I 218 33.57 36.86 13.95
CA VAL I 218 33.03 36.95 12.61
C VAL I 218 31.51 36.98 12.70
N LYS I 219 30.91 38.04 12.17
CA LYS I 219 29.45 38.20 12.16
C LYS I 219 28.80 37.34 11.06
N GLY I 220 27.66 36.73 11.38
CA GLY I 220 26.98 35.90 10.41
C GLY I 220 25.65 36.45 9.95
N THR I 221 24.69 35.57 9.74
CA THR I 221 23.38 36.00 9.30
C THR I 221 22.30 35.25 10.08
N GLY I 222 21.08 35.78 10.05
CA GLY I 222 19.97 35.14 10.73
C GLY I 222 20.20 34.98 12.22
N GLY I 223 20.30 36.11 12.91
CA GLY I 223 20.52 36.06 14.33
C GLY I 223 19.68 37.06 15.09
N GLU I 224 18.69 37.66 14.41
CA GLU I 224 17.79 38.64 15.04
C GLU I 224 16.94 37.99 16.14
N SER I 225 16.92 36.66 16.16
CA SER I 225 16.17 35.89 17.16
C SER I 225 16.85 36.09 18.51
N ARG I 226 18.08 36.58 18.47
CA ARG I 226 18.87 36.85 19.67
C ARG I 226 19.32 38.31 19.67
N ASP I 227 18.68 39.13 18.84
CA ASP I 227 19.00 40.55 18.72
C ASP I 227 20.44 40.76 18.23
N LEU I 228 20.89 39.87 17.34
CA LEU I 228 22.23 39.96 16.76
C LEU I 228 22.18 40.51 15.36
N PRO I 229 23.11 41.41 15.03
CA PRO I 229 23.20 42.04 13.71
C PRO I 229 23.45 41.04 12.57
N SER I 230 23.97 41.56 11.46
CA SER I 230 24.27 40.76 10.29
C SER I 230 25.57 41.21 9.65
N GLY I 231 26.35 40.26 9.17
CA GLY I 231 27.61 40.61 8.57
C GLY I 231 28.02 39.64 7.49
N GLN I 232 29.11 39.96 6.82
CA GLN I 232 29.59 39.12 5.76
C GLN I 232 30.75 38.26 6.20
N GLY I 233 30.99 38.22 7.50
CA GLY I 233 32.10 37.42 7.99
C GLY I 233 31.95 35.95 7.60
N ILE I 234 30.92 35.30 8.12
CA ILE I 234 30.69 33.91 7.82
C ILE I 234 30.70 33.70 6.31
N ASN I 235 29.92 34.51 5.62
CA ASN I 235 29.81 34.42 4.17
C ASN I 235 31.18 34.45 3.51
N ASN I 236 31.95 35.48 3.78
CA ASN I 236 33.28 35.60 3.21
C ASN I 236 34.15 34.42 3.60
N LEU I 237 33.99 33.93 4.83
CA LEU I 237 34.79 32.79 5.27
C LEU I 237 34.40 31.56 4.50
N ASP I 238 33.19 31.56 3.96
CA ASP I 238 32.73 30.41 3.20
C ASP I 238 33.33 30.42 1.78
N ASN I 239 33.68 31.61 1.29
CA ASN I 239 34.26 31.73 -0.04
C ASN I 239 35.71 31.34 0.01
N LEU I 240 36.29 31.32 1.21
CA LEU I 240 37.69 30.95 1.36
C LEU I 240 37.81 29.51 1.81
N ARG I 241 37.12 28.59 1.14
CA ARG I 241 37.19 27.19 1.54
C ARG I 241 38.60 26.64 1.37
N ASP I 242 39.15 26.79 0.18
CA ASP I 242 40.49 26.32 -0.11
C ASP I 242 41.51 26.94 0.84
N TYR I 243 41.09 27.99 1.56
CA TYR I 243 41.96 28.70 2.50
C TYR I 243 41.98 27.92 3.81
N LEU I 244 40.82 27.47 4.25
CA LEU I 244 40.69 26.75 5.48
C LEU I 244 40.73 25.26 5.22
N ASP I 245 41.51 24.85 4.24
CA ASP I 245 41.60 23.45 3.89
C ASP I 245 43.05 22.94 3.99
N GLY I 246 44.00 23.79 3.65
CA GLY I 246 45.40 23.40 3.72
C GLY I 246 45.75 22.30 2.76
N SER I 247 44.90 22.10 1.75
CA SER I 247 45.09 21.08 0.72
C SER I 247 45.91 21.64 -0.48
N VAL I 248 45.55 22.84 -0.92
CA VAL I 248 46.25 23.48 -2.04
C VAL I 248 46.88 24.80 -1.60
N LYS I 249 47.92 25.20 -2.31
CA LYS I 249 48.60 26.44 -1.99
C LYS I 249 47.84 27.65 -2.53
N VAL I 250 47.36 28.48 -1.62
CA VAL I 250 46.63 29.69 -1.98
C VAL I 250 47.57 30.86 -2.23
N ASN I 251 47.16 31.78 -3.10
CA ASN I 251 47.99 32.94 -3.42
C ASN I 251 47.57 34.15 -2.59
N LEU I 252 48.44 34.60 -1.69
CA LEU I 252 48.13 35.73 -0.81
C LEU I 252 48.85 37.00 -1.25
N GLU I 253 48.09 38.08 -1.40
CA GLU I 253 48.62 39.36 -1.85
C GLU I 253 49.13 40.24 -0.73
N LYS I 254 50.00 41.19 -1.07
CA LYS I 254 50.55 42.11 -0.08
C LYS I 254 51.08 43.32 -0.84
N LYS I 255 50.69 44.53 -0.42
CA LYS I 255 51.11 45.78 -1.09
C LYS I 255 51.09 45.57 -2.61
N HIS I 256 49.89 45.59 -3.19
CA HIS I 256 49.61 45.39 -4.62
C HIS I 256 50.70 44.70 -5.48
N LEU I 257 50.85 43.40 -5.24
CA LEU I 257 51.83 42.52 -5.90
C LEU I 257 51.80 41.21 -5.12
N ASN I 258 51.73 40.09 -5.83
CA ASN I 258 51.68 38.79 -5.16
C ASN I 258 53.05 38.45 -4.61
N LYS I 259 53.13 38.34 -3.28
CA LYS I 259 54.39 38.06 -2.58
C LYS I 259 54.59 36.62 -2.15
N ARG I 260 53.49 35.88 -1.99
CA ARG I 260 53.60 34.48 -1.59
C ARG I 260 52.44 33.57 -1.99
N THR I 261 52.80 32.41 -2.51
CA THR I 261 51.83 31.39 -2.90
C THR I 261 52.10 30.24 -1.92
N GLN I 262 51.48 30.29 -0.74
CA GLN I 262 51.70 29.27 0.29
C GLN I 262 50.39 28.63 0.73
N ILE I 263 50.44 27.79 1.76
CA ILE I 263 49.23 27.18 2.29
C ILE I 263 48.71 28.01 3.47
N PHE I 264 47.49 28.51 3.37
CA PHE I 264 46.93 29.35 4.43
C PHE I 264 47.07 28.68 5.77
N PRO I 265 47.63 29.40 6.74
CA PRO I 265 47.81 28.81 8.06
C PRO I 265 46.52 28.49 8.80
N PRO I 266 46.54 27.44 9.65
CA PRO I 266 45.35 27.04 10.41
C PRO I 266 45.13 27.97 11.62
N GLY I 267 44.02 27.78 12.32
CA GLY I 267 43.74 28.65 13.44
C GLY I 267 42.36 28.50 14.07
N ILE I 268 41.93 29.57 14.71
CA ILE I 268 40.67 29.58 15.43
C ILE I 268 39.70 30.49 14.75
N VAL I 269 38.42 30.26 14.96
CA VAL I 269 37.37 31.09 14.39
C VAL I 269 36.34 31.36 15.50
N THR I 270 36.45 32.54 16.09
CA THR I 270 35.51 32.95 17.13
C THR I 270 34.31 33.73 16.58
N MET I 271 33.13 33.38 17.07
CA MET I 271 31.93 34.07 16.63
C MET I 271 30.80 33.93 17.68
N ASN I 272 29.70 34.66 17.49
CA ASN I 272 28.56 34.59 18.41
C ASN I 272 27.66 33.47 17.93
N GLU I 273 26.49 33.35 18.53
CA GLU I 273 25.61 32.27 18.12
C GLU I 273 24.91 32.49 16.79
N TYR I 274 25.71 32.73 15.74
CA TYR I 274 25.15 32.89 14.40
C TYR I 274 25.04 31.50 13.77
N SER I 275 24.36 31.40 12.63
CA SER I 275 24.20 30.11 11.96
C SER I 275 25.27 29.88 10.89
N VAL I 276 26.01 28.78 11.03
CA VAL I 276 27.08 28.41 10.10
C VAL I 276 26.60 27.40 9.06
N PRO I 277 26.93 27.66 7.77
CA PRO I 277 26.57 26.82 6.62
C PRO I 277 27.23 25.45 6.65
N LYS I 278 26.55 24.49 6.04
CA LYS I 278 27.01 23.12 5.95
C LYS I 278 28.47 23.04 5.46
N THR I 279 28.78 23.79 4.41
CA THR I 279 30.13 23.81 3.81
C THR I 279 31.26 24.34 4.71
N LEU I 280 30.99 25.43 5.42
CA LEU I 280 31.96 26.04 6.34
C LEU I 280 32.14 25.16 7.61
N GLN I 281 31.08 24.47 8.02
CA GLN I 281 31.11 23.61 9.19
C GLN I 281 32.18 22.52 9.08
N ALA I 282 32.19 21.83 7.95
CA ALA I 282 33.15 20.74 7.69
C ALA I 282 34.65 21.14 7.75
N ARG I 283 34.91 22.44 7.85
CA ARG I 283 36.26 22.90 7.93
C ARG I 283 36.70 22.97 9.38
N PHE I 284 35.76 22.86 10.30
CA PHE I 284 36.07 22.90 11.73
C PHE I 284 36.09 21.50 12.32
N VAL I 285 37.26 21.06 12.75
CA VAL I 285 37.42 19.72 13.32
C VAL I 285 36.78 19.61 14.69
N LYS I 286 36.94 20.65 15.49
CA LYS I 286 36.38 20.67 16.83
C LYS I 286 35.70 22.01 17.13
N GLN I 287 34.56 21.96 17.80
CA GLN I 287 33.83 23.18 18.14
C GLN I 287 33.56 23.26 19.64
N ILE I 288 34.04 24.33 20.27
CA ILE I 288 33.87 24.55 21.71
C ILE I 288 32.77 25.57 21.95
N ASP I 289 31.75 25.18 22.70
CA ASP I 289 30.64 26.09 23.00
C ASP I 289 30.85 26.77 24.36
N PHE I 290 31.34 28.01 24.33
CA PHE I 290 31.56 28.76 25.55
C PHE I 290 30.24 29.20 26.18
N ARG I 291 30.24 29.35 27.50
CA ARG I 291 29.06 29.77 28.23
C ARG I 291 29.46 30.73 29.34
N PRO I 292 28.64 31.76 29.58
CA PRO I 292 28.92 32.75 30.63
C PRO I 292 28.90 32.06 31.99
N LYS I 293 29.90 32.32 32.83
CA LYS I 293 29.95 31.69 34.15
C LYS I 293 30.19 32.68 35.28
N ASP I 294 29.13 32.83 36.08
CA ASP I 294 29.07 33.73 37.22
C ASP I 294 30.39 33.92 37.97
N TYR I 295 30.79 32.88 38.69
CA TYR I 295 31.99 32.91 39.50
C TYR I 295 33.19 33.45 38.76
N LEU I 296 33.40 33.00 37.53
CA LEU I 296 34.53 33.48 36.74
C LEU I 296 34.44 34.98 36.70
N LYS I 297 33.23 35.48 36.45
CA LYS I 297 33.00 36.91 36.36
C LYS I 297 33.30 37.60 37.68
N HIS I 298 32.75 37.06 38.78
CA HIS I 298 32.96 37.62 40.11
C HIS I 298 34.43 37.58 40.47
N CYS I 299 35.04 36.42 40.27
CA CYS I 299 36.46 36.26 40.58
C CYS I 299 37.26 37.41 39.98
N LEU I 300 36.95 37.77 38.75
CA LEU I 300 37.67 38.86 38.10
C LEU I 300 37.31 40.20 38.69
N GLU I 301 36.12 40.29 39.27
CA GLU I 301 35.66 41.55 39.85
C GLU I 301 36.42 41.83 41.14
N ARG I 302 37.10 40.79 41.64
CA ARG I 302 37.90 40.87 42.86
C ARG I 302 39.37 40.64 42.51
N SER I 303 39.60 40.14 41.30
CA SER I 303 40.95 39.86 40.81
C SER I 303 41.11 40.65 39.51
N GLU I 304 40.95 41.97 39.57
CA GLU I 304 41.04 42.82 38.39
C GLU I 304 42.45 42.91 37.80
N PHE I 305 43.46 42.60 38.59
CA PHE I 305 44.83 42.66 38.08
C PHE I 305 45.03 41.64 36.96
N LEU I 306 44.14 40.66 36.90
CA LEU I 306 44.24 39.64 35.88
C LEU I 306 43.76 40.24 34.56
N LEU I 307 43.17 41.44 34.63
CA LEU I 307 42.71 42.09 33.44
C LEU I 307 43.52 43.35 33.20
N GLU I 308 43.71 44.13 34.26
CA GLU I 308 44.45 45.37 34.15
C GLU I 308 45.89 45.14 33.73
N LYS I 309 46.32 43.88 33.71
CA LYS I 309 47.68 43.51 33.32
C LYS I 309 47.68 42.50 32.16
N ARG I 310 46.51 42.31 31.58
CA ARG I 310 46.34 41.40 30.47
C ARG I 310 47.09 40.09 30.69
N ILE I 311 46.57 39.27 31.61
CA ILE I 311 47.17 37.98 31.92
C ILE I 311 46.35 36.84 31.36
N ILE I 312 45.12 36.73 31.79
CA ILE I 312 44.27 35.65 31.30
C ILE I 312 44.22 35.53 29.79
N GLN I 313 44.51 36.62 29.08
CA GLN I 313 44.48 36.61 27.62
C GLN I 313 45.90 36.67 27.08
N SER I 314 46.83 36.12 27.84
CA SER I 314 48.22 36.13 27.44
C SER I 314 48.72 34.76 27.04
N GLY I 315 49.83 34.73 26.32
CA GLY I 315 50.34 33.45 25.93
C GLY I 315 51.17 32.85 27.03
N ILE I 316 51.89 33.71 27.75
CA ILE I 316 52.76 33.27 28.84
C ILE I 316 51.92 32.46 29.79
N ALA I 317 50.76 32.96 30.12
CA ALA I 317 49.92 32.23 31.04
C ALA I 317 49.69 30.78 30.61
N LEU I 318 49.30 30.56 29.35
CA LEU I 318 49.04 29.20 28.89
C LEU I 318 50.29 28.34 28.88
N LEU I 319 51.43 28.95 28.56
CA LEU I 319 52.70 28.23 28.57
C LEU I 319 52.96 27.72 30.00
N LEU I 320 52.96 28.63 30.99
CA LEU I 320 53.13 28.26 32.39
C LEU I 320 52.13 27.17 32.73
N MET I 321 50.93 27.28 32.20
CA MET I 321 49.93 26.27 32.47
C MET I 321 50.31 24.92 31.89
N LEU I 322 51.14 24.93 30.84
CA LEU I 322 51.54 23.68 30.19
C LEU I 322 52.67 23.06 30.94
N ILE I 323 53.54 23.90 31.48
CA ILE I 323 54.68 23.43 32.27
C ILE I 323 54.15 22.66 33.47
N TRP I 324 53.37 23.39 34.29
CA TRP I 324 52.71 22.90 35.48
C TRP I 324 52.13 21.51 35.29
N TYR I 325 51.28 21.32 34.28
CA TYR I 325 50.66 20.01 34.09
C TYR I 325 51.42 18.97 33.25
N ARG I 326 51.24 19.06 31.93
CA ARG I 326 51.87 18.17 30.99
C ARG I 326 53.28 17.69 31.38
N PRO I 327 53.60 16.42 31.03
CA PRO I 327 54.89 15.77 31.30
C PRO I 327 55.95 16.32 30.40
N VAL I 328 57.21 15.96 30.61
CA VAL I 328 58.29 16.44 29.74
C VAL I 328 58.42 15.63 28.46
N ALA I 329 57.73 14.50 28.41
CA ALA I 329 57.77 13.64 27.22
C ALA I 329 56.92 14.23 26.06
N GLU I 330 56.08 15.22 26.37
CA GLU I 330 55.23 15.82 25.34
C GLU I 330 55.93 17.04 24.74
N PHE I 331 57.03 17.45 25.35
CA PHE I 331 57.78 18.59 24.84
C PHE I 331 58.92 18.16 23.94
N ALA I 332 59.55 19.13 23.29
CA ALA I 332 60.63 18.81 22.37
C ALA I 332 61.97 18.67 23.07
N GLN I 333 62.67 17.57 22.80
CA GLN I 333 63.95 17.29 23.42
C GLN I 333 64.83 18.51 23.65
N SER I 334 64.90 19.40 22.67
CA SER I 334 65.74 20.57 22.80
C SER I 334 65.40 21.46 23.98
N ILE I 335 64.11 21.59 24.27
CA ILE I 335 63.69 22.45 25.38
C ILE I 335 63.28 21.65 26.61
N GLN I 336 63.22 20.32 26.49
CA GLN I 336 62.80 19.52 27.64
C GLN I 336 63.60 19.97 28.83
N SER I 337 64.81 20.44 28.57
CA SER I 337 65.68 20.86 29.66
C SER I 337 65.21 22.16 30.26
N ARG I 338 64.55 22.95 29.45
CA ARG I 338 64.07 24.25 29.91
C ARG I 338 62.72 24.07 30.57
N ILE I 339 61.92 23.16 30.03
CA ILE I 339 60.62 22.90 30.60
C ILE I 339 60.88 22.45 32.03
N VAL I 340 61.97 21.73 32.24
CA VAL I 340 62.33 21.24 33.57
C VAL I 340 62.69 22.40 34.49
N GLU I 341 63.60 23.24 34.04
CA GLU I 341 63.99 24.38 34.84
C GLU I 341 62.77 25.15 35.29
N TRP I 342 61.77 25.24 34.41
CA TRP I 342 60.55 25.97 34.75
C TRP I 342 59.54 25.09 35.43
N LYS I 343 60.03 24.19 36.26
CA LYS I 343 59.21 23.26 36.97
C LYS I 343 59.84 23.19 38.32
N GLU I 344 61.15 23.40 38.34
CA GLU I 344 61.92 23.35 39.56
C GLU I 344 61.88 24.71 40.24
N ARG I 345 61.55 25.75 39.48
CA ARG I 345 61.53 27.07 40.07
C ARG I 345 60.09 27.45 40.26
N LEU I 346 59.21 26.65 39.68
CA LEU I 346 57.78 26.89 39.79
C LEU I 346 57.30 26.12 41.02
N ASP I 347 57.66 24.84 41.11
CA ASP I 347 57.26 24.00 42.25
C ASP I 347 57.94 24.52 43.51
N LYS I 348 59.02 25.26 43.31
CA LYS I 348 59.78 25.84 44.39
C LYS I 348 59.06 27.08 44.94
N GLU I 349 58.36 27.77 44.05
CA GLU I 349 57.62 28.99 44.38
C GLU I 349 56.24 28.69 44.92
N PHE I 350 55.54 27.75 44.31
CA PHE I 350 54.19 27.43 44.76
C PHE I 350 54.05 25.98 45.25
N SER I 351 53.09 25.73 46.13
CA SER I 351 52.88 24.39 46.65
C SER I 351 51.62 23.87 46.03
N LEU I 352 51.48 22.56 45.99
CA LEU I 352 50.28 21.99 45.42
C LEU I 352 49.01 22.54 46.10
N SER I 353 49.10 22.84 47.39
CA SER I 353 47.94 23.32 48.12
C SER I 353 47.61 24.77 47.87
N VAL I 354 48.62 25.58 47.57
CA VAL I 354 48.37 26.99 47.28
C VAL I 354 47.64 27.13 45.94
N TYR I 355 48.08 26.37 44.94
CA TYR I 355 47.47 26.43 43.61
C TYR I 355 46.06 25.86 43.74
N GLN I 356 45.97 24.71 44.39
CA GLN I 356 44.68 24.05 44.56
C GLN I 356 43.69 25.06 45.12
N LYS I 357 44.22 25.93 45.99
CA LYS I 357 43.44 26.97 46.64
C LYS I 357 42.87 27.94 45.60
N MET I 358 43.75 28.46 44.74
CA MET I 358 43.35 29.38 43.69
C MET I 358 42.20 28.79 42.87
N LYS I 359 42.33 27.56 42.41
CA LYS I 359 41.23 26.99 41.64
C LYS I 359 39.97 26.91 42.48
N PHE I 360 40.12 27.08 43.78
CA PHE I 360 38.97 27.02 44.69
C PHE I 360 38.30 28.40 44.81
N ASN I 361 39.11 29.42 44.98
CA ASN I 361 38.58 30.76 45.10
C ASN I 361 37.86 31.16 43.83
N VAL I 362 38.33 30.68 42.70
CA VAL I 362 37.69 31.00 41.44
C VAL I 362 36.29 30.41 41.38
N ALA I 363 36.14 29.20 41.90
CA ALA I 363 34.84 28.52 41.90
C ALA I 363 33.84 29.18 42.83
N MET I 364 34.33 29.63 43.99
CA MET I 364 33.46 30.26 44.96
C MET I 364 33.12 31.66 44.53
N GLY I 365 33.93 32.22 43.64
CA GLY I 365 33.63 33.55 43.15
C GLY I 365 34.38 34.62 43.89
N ILE I 366 35.39 34.23 44.66
CA ILE I 366 36.20 35.17 45.43
C ILE I 366 37.44 35.57 44.61
N GLY I 367 38.30 36.39 45.20
CA GLY I 367 39.52 36.81 44.51
C GLY I 367 40.47 35.63 44.41
N VAL I 368 41.19 35.52 43.30
CA VAL I 368 42.11 34.40 43.11
C VAL I 368 43.11 34.30 44.26
N LEU I 369 43.47 35.43 44.85
CA LEU I 369 44.43 35.42 45.95
C LEU I 369 43.78 35.46 47.32
N ASP I 370 44.63 35.49 48.33
CA ASP I 370 44.19 35.52 49.73
C ASP I 370 43.35 34.28 50.05
N LYS J 9 87.04 42.14 -3.90
CA LYS J 9 86.13 42.26 -2.72
C LYS J 9 84.74 42.74 -3.13
N GLN J 10 84.37 42.50 -4.38
CA GLN J 10 83.06 42.88 -4.93
C GLN J 10 82.21 41.62 -5.19
N VAL J 11 81.01 41.57 -4.63
CA VAL J 11 80.16 40.40 -4.80
C VAL J 11 79.98 40.07 -6.26
N SER J 12 79.71 38.81 -6.55
CA SER J 12 79.52 38.39 -7.93
C SER J 12 78.07 38.09 -8.17
N TRP J 13 77.34 39.03 -8.77
CA TRP J 13 75.91 38.84 -9.03
C TRP J 13 75.64 37.56 -9.80
N LYS J 14 76.41 37.35 -10.86
CA LYS J 14 76.24 36.17 -11.69
C LYS J 14 76.12 34.92 -10.83
N LEU J 15 76.97 34.84 -9.80
CA LEU J 15 76.94 33.67 -8.92
C LEU J 15 75.56 33.46 -8.31
N VAL J 16 75.06 34.49 -7.64
CA VAL J 16 73.75 34.41 -7.00
C VAL J 16 72.75 33.93 -8.03
N THR J 17 72.82 34.55 -9.21
CA THR J 17 71.90 34.19 -10.27
C THR J 17 72.03 32.72 -10.57
N GLU J 18 73.25 32.24 -10.58
CA GLU J 18 73.50 30.82 -10.86
C GLU J 18 72.84 29.95 -9.77
N TYR J 19 72.89 30.44 -8.54
CA TYR J 19 72.33 29.71 -7.43
C TYR J 19 70.83 29.73 -7.55
N ALA J 20 70.30 30.90 -7.82
CA ALA J 20 68.87 31.08 -7.95
C ALA J 20 68.32 30.22 -9.07
N MET J 21 69.18 29.96 -10.04
CA MET J 21 68.81 29.14 -11.18
C MET J 21 68.79 27.67 -10.85
N GLU J 22 69.92 27.18 -10.33
CA GLU J 22 70.08 25.79 -9.96
C GLU J 22 68.94 25.32 -9.07
N THR J 23 68.51 26.23 -8.19
CA THR J 23 67.43 25.98 -7.24
C THR J 23 66.08 26.45 -7.74
N LYS J 24 66.09 27.23 -8.81
CA LYS J 24 64.86 27.76 -9.39
C LYS J 24 64.10 28.61 -8.36
N CYS J 25 64.82 29.55 -7.76
CA CYS J 25 64.27 30.43 -6.75
C CYS J 25 63.60 31.63 -7.37
N ASP J 26 62.28 31.65 -7.34
CA ASP J 26 61.54 32.75 -7.93
C ASP J 26 61.03 33.70 -6.88
N ASP J 27 61.34 33.43 -5.62
CA ASP J 27 60.91 34.27 -4.51
C ASP J 27 62.09 35.11 -4.05
N VAL J 28 61.99 36.42 -4.25
CA VAL J 28 63.06 37.35 -3.87
C VAL J 28 63.54 37.23 -2.44
N LEU J 29 62.62 37.07 -1.50
CA LEU J 29 63.01 36.95 -0.08
C LEU J 29 63.69 35.64 0.26
N LEU J 30 63.10 34.54 -0.18
CA LEU J 30 63.67 33.23 0.09
C LEU J 30 65.14 33.21 -0.31
N LEU J 31 65.42 33.72 -1.51
CA LEU J 31 66.79 33.74 -2.03
C LEU J 31 67.70 34.43 -1.07
N LEU J 32 67.32 35.65 -0.73
CA LEU J 32 68.08 36.48 0.19
C LEU J 32 68.41 35.68 1.44
N GLY J 33 67.44 34.91 1.92
CA GLY J 33 67.67 34.11 3.10
C GLY J 33 68.63 32.95 2.89
N MET J 34 68.29 32.10 1.94
CA MET J 34 69.09 30.97 1.65
C MET J 34 70.50 31.36 1.32
N TYR J 35 70.71 32.45 0.61
CA TYR J 35 72.09 32.86 0.29
C TYR J 35 72.87 33.44 1.46
N LEU J 36 72.17 34.04 2.41
CA LEU J 36 72.80 34.62 3.59
C LEU J 36 73.29 33.51 4.54
N GLU J 37 72.81 32.29 4.35
CA GLU J 37 73.26 31.20 5.21
C GLU J 37 74.67 30.78 4.76
N PHE J 38 74.95 30.91 3.48
CA PHE J 38 76.25 30.54 3.01
C PHE J 38 77.30 31.50 3.53
N GLN J 39 76.86 32.53 4.22
CA GLN J 39 77.76 33.55 4.76
C GLN J 39 78.73 33.02 5.80
N TYR J 40 78.28 32.01 6.55
CA TYR J 40 79.09 31.37 7.59
C TYR J 40 80.00 30.27 7.04
N SER J 41 80.90 29.78 7.89
CA SER J 41 81.85 28.73 7.52
C SER J 41 81.16 27.48 6.98
N PHE J 42 81.81 26.84 6.02
CA PHE J 42 81.22 25.67 5.40
C PHE J 42 81.74 24.38 5.96
N GLU J 43 82.56 24.47 6.99
CA GLU J 43 83.11 23.26 7.63
C GLU J 43 82.43 22.94 8.95
N MET J 44 82.51 23.86 9.90
CA MET J 44 81.90 23.68 11.20
C MET J 44 80.39 23.63 11.02
N CYS J 45 79.91 24.30 9.95
CA CYS J 45 78.50 24.37 9.59
C CYS J 45 77.73 23.10 9.93
N LEU J 46 76.73 23.25 10.81
CA LEU J 46 75.92 22.14 11.26
C LEU J 46 74.97 21.64 10.17
N LYS J 47 74.25 22.58 9.56
CA LYS J 47 73.27 22.23 8.53
C LYS J 47 73.89 21.38 7.45
N CYS J 48 75.14 21.68 7.15
CA CYS J 48 75.87 20.92 6.15
C CYS J 48 75.89 19.43 6.52
N ILE J 49 76.55 19.12 7.62
CA ILE J 49 76.67 17.75 8.08
C ILE J 49 75.33 17.03 8.10
N LYS J 50 74.36 17.60 8.80
CA LYS J 50 73.03 16.99 8.90
C LYS J 50 72.37 16.67 7.56
N LYS J 51 72.75 17.41 6.53
CA LYS J 51 72.20 17.20 5.20
C LYS J 51 70.68 17.12 5.25
N GLU J 52 70.05 18.18 5.74
CA GLU J 52 68.59 18.22 5.87
C GLU J 52 67.93 18.96 4.71
N GLN J 53 68.62 19.96 4.19
CA GLN J 53 68.12 20.75 3.06
C GLN J 53 69.04 20.69 1.84
N PRO J 54 68.57 20.02 0.77
CA PRO J 54 69.34 19.88 -0.46
C PRO J 54 69.85 21.21 -0.97
N SER J 55 68.94 22.15 -1.11
CA SER J 55 69.27 23.49 -1.62
C SER J 55 70.17 24.27 -0.70
N HIS J 56 70.87 23.56 0.18
CA HIS J 56 71.77 24.22 1.09
C HIS J 56 73.20 23.73 1.04
N TYR J 57 73.43 22.50 1.49
CA TYR J 57 74.78 21.96 1.50
C TYR J 57 75.32 21.76 0.07
N LYS J 58 74.44 21.34 -0.82
CA LYS J 58 74.86 21.13 -2.19
C LYS J 58 75.54 22.34 -2.81
N TYR J 59 75.35 23.52 -2.22
CA TYR J 59 75.88 24.74 -2.83
C TYR J 59 76.60 25.62 -1.83
N HIS J 60 76.58 25.24 -0.55
CA HIS J 60 77.21 26.10 0.45
C HIS J 60 78.70 26.24 0.21
N GLU J 61 79.36 25.11 -0.03
CA GLU J 61 80.82 25.12 -0.21
C GLU J 61 81.31 26.07 -1.30
N LYS J 62 80.60 26.07 -2.43
CA LYS J 62 80.97 26.91 -3.57
C LYS J 62 80.70 28.42 -3.37
N HIS J 63 79.49 28.74 -2.92
CA HIS J 63 79.07 30.12 -2.73
C HIS J 63 79.63 30.77 -1.46
N TYR J 64 80.01 29.95 -0.49
CA TYR J 64 80.56 30.50 0.75
C TYR J 64 81.38 31.76 0.54
N ALA J 65 82.45 31.65 -0.25
CA ALA J 65 83.33 32.78 -0.47
C ALA J 65 82.60 34.05 -0.90
N ASN J 66 81.70 33.89 -1.87
CA ASN J 66 80.92 34.99 -2.41
C ASN J 66 79.95 35.53 -1.36
N ALA J 67 79.16 34.63 -0.76
CA ALA J 67 78.21 35.02 0.29
C ALA J 67 78.93 35.88 1.36
N ALA J 68 80.10 35.43 1.76
CA ALA J 68 80.88 36.17 2.74
C ALA J 68 80.90 37.65 2.38
N ILE J 69 80.95 37.97 1.10
CA ILE J 69 80.99 39.35 0.68
C ILE J 69 79.57 39.89 0.63
N PHE J 70 78.69 39.06 0.07
CA PHE J 70 77.28 39.40 -0.10
C PHE J 70 76.72 39.88 1.20
N ALA J 71 77.30 39.42 2.31
CA ALA J 71 76.84 39.80 3.63
C ALA J 71 77.19 41.21 3.99
N ASP J 72 78.25 41.71 3.36
CA ASP J 72 78.67 43.06 3.68
C ASP J 72 78.27 44.05 2.59
N SER J 73 77.48 43.59 1.62
CA SER J 73 77.05 44.46 0.51
C SER J 73 75.84 45.25 0.92
N LYS J 74 75.68 46.41 0.31
CA LYS J 74 74.56 47.27 0.63
C LYS J 74 73.43 47.16 -0.38
N ASN J 75 73.59 46.29 -1.36
CA ASN J 75 72.60 46.13 -2.40
C ASN J 75 72.14 44.71 -2.44
N GLN J 76 71.90 44.15 -1.27
CA GLN J 76 71.48 42.77 -1.23
C GLN J 76 70.17 42.48 -1.94
N LYS J 77 69.16 43.29 -1.65
CA LYS J 77 67.84 43.08 -2.24
C LYS J 77 67.90 43.20 -3.74
N THR J 78 68.61 44.21 -4.25
CA THR J 78 68.78 44.39 -5.69
C THR J 78 69.39 43.13 -6.35
N ILE J 79 70.58 42.73 -5.89
CA ILE J 79 71.26 41.54 -6.39
C ILE J 79 70.31 40.36 -6.40
N CYS J 80 69.56 40.17 -5.33
CA CYS J 80 68.63 39.06 -5.34
C CYS J 80 67.57 39.20 -6.42
N GLN J 81 67.17 40.44 -6.71
CA GLN J 81 66.12 40.71 -7.69
C GLN J 81 66.50 40.25 -9.08
N GLN J 82 67.70 40.62 -9.48
CA GLN J 82 68.18 40.25 -10.81
C GLN J 82 68.18 38.74 -10.91
N ALA J 83 68.62 38.08 -9.85
CA ALA J 83 68.67 36.63 -9.89
C ALA J 83 67.29 36.07 -10.20
N VAL J 84 66.30 36.55 -9.46
CA VAL J 84 64.94 36.08 -9.63
C VAL J 84 64.48 36.38 -11.04
N ASP J 85 64.78 37.59 -11.50
CA ASP J 85 64.36 37.97 -12.84
C ASP J 85 64.92 36.97 -13.84
N THR J 86 66.17 36.57 -13.66
CA THR J 86 66.72 35.63 -14.59
C THR J 86 65.89 34.38 -14.52
N VAL J 87 65.52 33.96 -13.32
CA VAL J 87 64.72 32.76 -13.20
C VAL J 87 63.39 32.95 -13.91
N LEU J 88 62.72 34.05 -13.59
CA LEU J 88 61.44 34.38 -14.19
C LEU J 88 61.59 34.43 -15.69
N ALA J 89 62.59 35.17 -16.17
CA ALA J 89 62.85 35.26 -17.62
C ALA J 89 63.02 33.84 -18.17
N LYS J 90 63.89 33.05 -17.56
CA LYS J 90 64.06 31.70 -18.06
C LYS J 90 62.69 31.00 -18.14
N LYS J 91 61.92 31.08 -17.07
CA LYS J 91 60.61 30.44 -17.08
C LYS J 91 59.84 30.96 -18.31
N ARG J 92 59.95 32.26 -18.55
CA ARG J 92 59.29 32.91 -19.65
C ARG J 92 59.63 32.27 -20.98
N VAL J 93 60.92 32.37 -21.32
CA VAL J 93 61.46 31.82 -22.56
C VAL J 93 61.00 30.39 -22.75
N ASP J 94 61.11 29.58 -21.70
CA ASP J 94 60.69 28.21 -21.82
C ASP J 94 59.21 28.04 -22.14
N SER J 95 58.35 28.76 -21.45
CA SER J 95 56.91 28.61 -21.65
C SER J 95 56.49 28.89 -23.07
N LEU J 96 57.38 29.52 -23.84
CA LEU J 96 57.07 29.84 -25.23
C LEU J 96 57.71 28.86 -26.20
N GLN J 97 59.03 28.82 -26.20
CA GLN J 97 59.79 27.94 -27.06
C GLN J 97 59.60 26.46 -26.77
N LEU J 98 59.77 26.02 -25.52
CA LEU J 98 59.59 24.60 -25.22
C LEU J 98 58.22 24.05 -25.63
N THR J 99 58.14 22.73 -25.78
CA THR J 99 56.90 22.13 -26.19
C THR J 99 56.19 21.68 -24.95
N ARG J 100 54.87 21.50 -25.05
CA ARG J 100 54.08 21.04 -23.93
C ARG J 100 54.71 19.80 -23.27
N GLU J 101 55.11 18.84 -24.09
CA GLU J 101 55.69 17.61 -23.57
C GLU J 101 57.05 17.87 -22.98
N GLN J 102 57.89 18.63 -23.68
CA GLN J 102 59.24 18.89 -23.17
C GLN J 102 59.15 19.53 -21.80
N MET J 103 58.09 20.29 -21.55
CA MET J 103 57.91 20.95 -20.25
C MET J 103 57.51 19.89 -19.23
N LEU J 104 56.42 19.19 -19.48
CA LEU J 104 55.98 18.15 -18.56
C LEU J 104 57.17 17.28 -18.21
N THR J 105 57.99 16.97 -19.23
CA THR J 105 59.17 16.11 -19.05
C THR J 105 60.10 16.74 -18.02
N ASN J 106 60.45 18.01 -18.24
CA ASN J 106 61.36 18.73 -17.33
C ASN J 106 60.80 18.69 -15.91
N ARG J 107 59.47 18.75 -15.81
CA ARG J 107 58.82 18.71 -14.51
C ARG J 107 59.09 17.35 -13.84
N PHE J 108 58.74 16.27 -14.53
CA PHE J 108 58.96 14.90 -14.04
C PHE J 108 60.41 14.75 -13.63
N ASN J 109 61.31 15.24 -14.47
CA ASN J 109 62.73 15.16 -14.15
C ASN J 109 63.02 15.79 -12.80
N ASP J 110 62.15 16.70 -12.36
CA ASP J 110 62.36 17.35 -11.08
C ASP J 110 61.68 16.56 -9.96
N LEU J 111 60.55 15.95 -10.27
CA LEU J 111 59.81 15.18 -9.30
C LEU J 111 60.63 13.95 -8.87
N LEU J 112 61.46 13.48 -9.78
CA LEU J 112 62.32 12.33 -9.52
C LEU J 112 63.58 12.83 -8.81
N ASP J 113 63.91 14.11 -8.98
CA ASP J 113 65.07 14.65 -8.33
C ASP J 113 64.77 14.88 -6.84
N ARG J 114 63.50 14.74 -6.48
CA ARG J 114 63.09 14.93 -5.10
C ARG J 114 63.00 13.55 -4.51
N MET J 115 62.56 12.62 -5.33
CA MET J 115 62.42 11.23 -4.91
C MET J 115 63.78 10.57 -4.73
N ASP J 116 64.69 10.81 -5.66
CA ASP J 116 66.02 10.21 -5.57
C ASP J 116 66.77 10.76 -4.34
N ILE J 117 66.10 11.61 -3.59
CA ILE J 117 66.69 12.21 -2.42
C ILE J 117 65.85 11.89 -1.20
N MET J 118 64.53 11.92 -1.36
CA MET J 118 63.61 11.66 -0.27
C MET J 118 63.38 10.17 -0.11
N PHE J 119 64.23 9.38 -0.74
CA PHE J 119 64.13 7.94 -0.67
C PHE J 119 65.50 7.32 -0.61
N GLY J 120 66.48 8.17 -0.26
CA GLY J 120 67.85 7.73 -0.15
C GLY J 120 68.35 7.69 1.29
N SER J 121 69.67 7.60 1.45
CA SER J 121 70.26 7.57 2.77
C SER J 121 69.80 8.80 3.61
N THR J 122 69.67 9.95 2.97
CA THR J 122 69.25 11.17 3.66
C THR J 122 67.72 11.35 3.69
N GLY J 123 67.04 10.56 2.87
CA GLY J 123 65.59 10.64 2.78
C GLY J 123 64.87 10.19 4.03
N SER J 124 63.88 10.96 4.44
CA SER J 124 63.15 10.65 5.64
C SER J 124 61.79 10.05 5.29
N ALA J 125 61.55 9.81 3.99
CA ALA J 125 60.28 9.22 3.55
C ALA J 125 60.40 7.71 3.44
N ASP J 126 59.30 7.02 3.71
CA ASP J 126 59.33 5.57 3.67
C ASP J 126 58.57 5.08 2.46
N ILE J 127 59.30 4.57 1.48
CA ILE J 127 58.71 4.07 0.25
C ILE J 127 57.48 3.17 0.46
N GLU J 128 57.50 2.41 1.54
CA GLU J 128 56.39 1.52 1.86
C GLU J 128 55.12 2.32 2.10
N GLU J 129 55.29 3.50 2.71
CA GLU J 129 54.15 4.33 3.02
C GLU J 129 53.52 4.87 1.75
N TRP J 130 54.32 5.59 0.98
CA TRP J 130 53.87 6.19 -0.26
C TRP J 130 53.20 5.17 -1.17
N MET J 131 53.87 4.04 -1.39
CA MET J 131 53.31 2.98 -2.23
C MET J 131 51.88 2.65 -1.79
N ALA J 132 51.64 2.77 -0.49
CA ALA J 132 50.33 2.50 0.08
C ALA J 132 49.34 3.51 -0.48
N GLY J 133 49.70 4.79 -0.40
CA GLY J 133 48.84 5.84 -0.93
C GLY J 133 48.46 5.53 -2.36
N VAL J 134 49.45 5.04 -3.12
CA VAL J 134 49.22 4.68 -4.51
C VAL J 134 48.05 3.73 -4.59
N ALA J 135 48.03 2.79 -3.66
CA ALA J 135 46.95 1.81 -3.59
C ALA J 135 45.63 2.50 -3.22
N TRP J 136 45.70 3.43 -2.27
CA TRP J 136 44.52 4.16 -1.82
C TRP J 136 43.91 4.97 -2.98
N LEU J 137 44.73 5.83 -3.57
CA LEU J 137 44.31 6.65 -4.69
C LEU J 137 43.77 5.82 -5.86
N HIS J 138 44.40 4.67 -6.13
CA HIS J 138 43.98 3.81 -7.24
C HIS J 138 42.65 3.15 -6.97
N CYS J 139 42.21 3.24 -5.72
CA CYS J 139 40.92 2.70 -5.30
C CYS J 139 39.89 3.81 -5.28
N LEU J 140 40.35 5.02 -5.56
CA LEU J 140 39.50 6.21 -5.58
C LEU J 140 38.71 6.27 -6.87
N LEU J 141 39.38 6.00 -7.98
CA LEU J 141 38.75 6.03 -9.30
C LEU J 141 39.11 4.83 -10.18
N PRO J 142 38.12 4.28 -10.89
CA PRO J 142 38.30 3.15 -11.80
C PRO J 142 39.35 3.44 -12.83
N LYS J 143 40.32 2.54 -12.92
CA LYS J 143 41.40 2.68 -13.88
C LYS J 143 42.11 4.02 -13.64
N MET J 144 42.48 4.27 -12.39
CA MET J 144 43.15 5.50 -12.03
C MET J 144 44.40 5.75 -12.84
N ASP J 145 45.12 4.69 -13.19
CA ASP J 145 46.33 4.85 -14.00
C ASP J 145 45.99 5.48 -15.36
N SER J 146 44.80 5.19 -15.87
CA SER J 146 44.33 5.71 -17.15
C SER J 146 43.87 7.15 -17.00
N VAL J 147 43.11 7.41 -15.96
CA VAL J 147 42.64 8.76 -15.69
C VAL J 147 43.83 9.74 -15.61
N VAL J 148 44.82 9.40 -14.80
CA VAL J 148 45.95 10.27 -14.64
C VAL J 148 46.73 10.36 -15.90
N TYR J 149 46.46 9.45 -16.82
CA TYR J 149 47.18 9.47 -18.09
C TYR J 149 46.45 10.31 -19.12
N ASP J 150 45.20 9.96 -19.41
CA ASP J 150 44.43 10.71 -20.37
C ASP J 150 44.43 12.20 -20.02
N PHE J 151 44.67 12.49 -18.73
CA PHE J 151 44.72 13.85 -18.23
C PHE J 151 46.02 14.49 -18.65
N LEU J 152 47.12 13.78 -18.47
CA LEU J 152 48.42 14.29 -18.89
C LEU J 152 48.44 14.60 -20.40
N LYS J 153 48.00 13.65 -21.21
CA LYS J 153 47.98 13.82 -22.66
C LYS J 153 46.78 14.67 -23.11
N CYS J 154 46.27 15.45 -22.18
CA CYS J 154 45.16 16.31 -22.46
C CYS J 154 45.64 17.71 -22.18
N MET J 155 46.50 17.82 -21.19
CA MET J 155 47.07 19.09 -20.80
C MET J 155 48.18 19.39 -21.76
N VAL J 156 48.80 18.33 -22.29
CA VAL J 156 49.91 18.50 -23.23
C VAL J 156 49.42 18.82 -24.63
N TYR J 157 48.31 18.20 -25.02
CA TYR J 157 47.74 18.45 -26.34
C TYR J 157 47.09 19.83 -26.37
N ASN J 158 46.64 20.32 -25.22
CA ASN J 158 46.06 21.66 -25.08
C ASN J 158 45.10 21.99 -26.21
N ILE J 159 44.24 21.05 -26.55
CA ILE J 159 43.33 21.26 -27.66
C ILE J 159 42.30 22.31 -27.30
N PRO J 160 42.11 23.32 -28.18
CA PRO J 160 41.14 24.42 -27.97
C PRO J 160 39.70 23.90 -27.75
N LYS J 161 39.07 24.39 -26.68
CA LYS J 161 37.70 24.01 -26.31
C LYS J 161 37.62 22.59 -25.76
N LYS J 162 38.78 22.06 -25.37
CA LYS J 162 38.87 20.71 -24.82
C LYS J 162 40.09 20.74 -23.91
N ARG J 163 40.14 21.75 -23.04
CA ARG J 163 41.26 21.91 -22.12
C ARG J 163 40.94 21.74 -20.65
N TYR J 164 39.66 21.66 -20.29
CA TYR J 164 39.31 21.56 -18.89
C TYR J 164 38.49 20.34 -18.44
N TRP J 165 38.96 19.71 -17.37
CA TRP J 165 38.31 18.56 -16.76
C TRP J 165 37.50 19.08 -15.55
N LEU J 166 36.33 18.51 -15.31
CA LEU J 166 35.49 18.95 -14.20
C LEU J 166 35.37 17.87 -13.15
N PHE J 167 35.67 18.23 -11.89
CA PHE J 167 35.59 17.31 -10.75
C PHE J 167 34.44 17.78 -9.87
N LYS J 168 33.26 17.19 -10.09
CA LYS J 168 32.07 17.53 -9.33
C LYS J 168 31.84 16.44 -8.26
N GLY J 169 31.22 16.82 -7.14
CA GLY J 169 30.96 15.86 -6.07
C GLY J 169 30.61 16.49 -4.72
N PRO J 170 29.89 15.73 -3.85
CA PRO J 170 29.49 16.17 -2.51
C PRO J 170 30.68 16.53 -1.66
N ILE J 171 30.39 17.17 -0.54
CA ILE J 171 31.41 17.63 0.41
C ILE J 171 32.24 16.47 0.93
N ASP J 172 33.54 16.56 0.67
CA ASP J 172 34.49 15.54 1.11
C ASP J 172 34.42 14.26 0.27
N SER J 173 34.34 14.43 -1.04
CA SER J 173 34.26 13.30 -1.93
C SER J 173 35.67 12.86 -2.36
N GLY J 174 36.69 13.62 -1.96
CA GLY J 174 38.07 13.33 -2.30
C GLY J 174 38.49 13.90 -3.65
N LYS J 175 37.77 14.92 -4.09
CA LYS J 175 38.08 15.53 -5.37
C LYS J 175 39.12 16.63 -5.19
N THR J 176 39.09 17.29 -4.03
CA THR J 176 40.05 18.35 -3.77
C THR J 176 41.46 17.79 -3.70
N THR J 177 41.59 16.51 -3.32
CA THR J 177 42.89 15.85 -3.19
C THR J 177 43.49 15.45 -4.52
N LEU J 178 42.74 14.67 -5.31
CA LEU J 178 43.18 14.22 -6.63
C LEU J 178 43.68 15.42 -7.46
N ALA J 179 42.94 16.52 -7.39
CA ALA J 179 43.28 17.74 -8.10
C ALA J 179 44.54 18.36 -7.53
N ALA J 180 44.69 18.29 -6.20
CA ALA J 180 45.85 18.82 -5.51
C ALA J 180 47.10 18.05 -5.92
N ALA J 181 46.92 16.77 -6.25
CA ALA J 181 48.01 15.89 -6.69
C ALA J 181 48.34 16.17 -8.15
N LEU J 182 47.32 16.04 -9.01
CA LEU J 182 47.47 16.27 -10.46
C LEU J 182 48.15 17.61 -10.66
N LEU J 183 47.75 18.58 -9.85
CA LEU J 183 48.35 19.90 -9.95
C LEU J 183 49.82 19.85 -9.61
N GLU J 184 50.18 19.18 -8.53
CA GLU J 184 51.57 19.10 -8.15
C GLU J 184 52.35 18.21 -9.11
N LEU J 185 51.64 17.27 -9.71
CA LEU J 185 52.23 16.35 -10.67
C LEU J 185 52.75 17.08 -11.91
N CYS J 186 52.01 18.09 -12.37
CA CYS J 186 52.42 18.85 -13.54
C CYS J 186 53.08 20.16 -13.15
N GLY J 187 52.68 20.69 -12.00
CA GLY J 187 53.23 21.96 -11.53
C GLY J 187 52.47 23.16 -12.09
N GLY J 188 51.54 23.71 -11.31
CA GLY J 188 50.77 24.86 -11.76
C GLY J 188 50.38 25.80 -10.61
N LYS J 189 49.15 26.30 -10.61
CA LYS J 189 48.70 27.18 -9.54
C LYS J 189 47.23 26.95 -9.27
N ALA J 190 46.76 27.45 -8.13
CA ALA J 190 45.35 27.35 -7.73
C ALA J 190 44.76 28.76 -7.56
N LEU J 191 43.75 29.08 -8.34
CA LEU J 191 43.13 30.40 -8.26
C LEU J 191 41.79 30.34 -7.54
N ASN J 192 41.36 31.46 -6.96
CA ASN J 192 40.08 31.51 -6.27
C ASN J 192 39.16 32.52 -6.97
N VAL J 193 38.16 31.99 -7.65
CA VAL J 193 37.20 32.79 -8.41
C VAL J 193 35.97 33.16 -7.58
N ASN J 194 35.97 32.79 -6.31
CA ASN J 194 34.84 33.10 -5.43
C ASN J 194 35.00 34.53 -4.92
N LEU J 195 36.24 34.98 -4.73
CA LEU J 195 36.48 36.33 -4.25
C LEU J 195 35.84 37.35 -5.18
N PRO J 196 35.78 38.62 -4.75
CA PRO J 196 35.18 39.68 -5.58
C PRO J 196 35.83 39.78 -6.95
N LEU J 197 35.01 40.12 -7.93
CA LEU J 197 35.49 40.27 -9.31
C LEU J 197 36.19 41.61 -9.46
N ASP J 198 36.07 42.42 -8.42
CA ASP J 198 36.67 43.76 -8.39
C ASP J 198 38.15 43.62 -8.09
N ARG J 199 38.65 42.39 -8.15
CA ARG J 199 40.06 42.05 -7.89
C ARG J 199 40.39 40.72 -8.57
N LEU J 200 39.44 40.25 -9.37
CA LEU J 200 39.56 39.01 -10.11
C LEU J 200 40.68 39.09 -11.17
N ASN J 201 40.99 40.31 -11.61
CA ASN J 201 42.02 40.53 -12.62
C ASN J 201 43.44 40.29 -12.12
N PHE J 202 43.64 40.28 -10.80
CA PHE J 202 44.98 40.03 -10.27
C PHE J 202 45.19 38.57 -9.86
N GLU J 203 44.08 37.90 -9.56
CA GLU J 203 44.12 36.50 -9.16
C GLU J 203 44.34 35.67 -10.40
N LEU J 204 43.75 36.10 -11.51
CA LEU J 204 43.89 35.36 -12.74
C LEU J 204 45.32 35.45 -13.22
N GLY J 205 45.97 36.59 -12.99
CA GLY J 205 47.33 36.76 -13.42
C GLY J 205 48.29 35.73 -12.85
N VAL J 206 47.90 35.13 -11.74
CA VAL J 206 48.75 34.11 -11.11
C VAL J 206 49.04 32.94 -12.06
N ALA J 207 48.19 32.75 -13.06
CA ALA J 207 48.33 31.67 -14.05
C ALA J 207 49.31 31.99 -15.21
N ILE J 208 50.15 33.00 -15.06
CA ILE J 208 51.11 33.38 -16.08
C ILE J 208 52.29 32.39 -16.13
N ASP J 209 52.60 31.90 -17.34
CA ASP J 209 53.69 30.95 -17.56
C ASP J 209 53.44 29.66 -16.80
N GLN J 210 52.17 29.35 -16.51
CA GLN J 210 51.86 28.14 -15.74
C GLN J 210 51.44 27.04 -16.69
N PHE J 211 51.80 25.80 -16.37
CA PHE J 211 51.45 24.66 -17.23
C PHE J 211 49.93 24.44 -17.22
N LEU J 212 49.36 24.51 -16.02
CA LEU J 212 47.94 24.34 -15.86
C LEU J 212 47.46 25.11 -14.64
N VAL J 213 46.16 25.29 -14.53
CA VAL J 213 45.61 26.01 -13.41
C VAL J 213 44.41 25.23 -12.84
N VAL J 214 44.22 25.28 -11.53
CA VAL J 214 43.10 24.59 -10.89
C VAL J 214 42.23 25.52 -10.03
N PHE J 215 40.95 25.57 -10.36
CA PHE J 215 39.99 26.41 -9.64
C PHE J 215 39.37 25.53 -8.55
N GLU J 216 39.80 25.74 -7.33
CA GLU J 216 39.32 24.94 -6.20
C GLU J 216 38.03 25.40 -5.56
N ASP J 217 37.06 24.49 -5.51
CA ASP J 217 35.76 24.74 -4.89
C ASP J 217 35.05 26.02 -5.32
N VAL J 218 34.52 25.95 -6.53
CA VAL J 218 33.78 27.06 -7.10
C VAL J 218 32.33 27.02 -6.56
N LYS J 219 31.79 28.19 -6.25
CA LYS J 219 30.45 28.29 -5.74
C LYS J 219 29.45 28.76 -6.80
N GLY J 220 28.51 27.86 -7.14
CA GLY J 220 27.50 28.15 -8.14
C GLY J 220 26.30 28.87 -7.58
N THR J 221 25.20 28.87 -8.32
CA THR J 221 23.98 29.54 -7.89
C THR J 221 23.03 28.55 -7.23
N GLY J 222 22.18 27.94 -8.04
CA GLY J 222 21.22 26.99 -7.52
C GLY J 222 21.88 25.95 -6.64
N GLY J 223 21.39 25.83 -5.41
CA GLY J 223 21.95 24.87 -4.49
C GLY J 223 21.42 25.02 -3.08
N GLU J 224 20.76 26.14 -2.80
CA GLU J 224 20.18 26.41 -1.47
C GLU J 224 19.33 25.24 -0.93
N SER J 225 18.65 24.51 -1.81
CA SER J 225 17.82 23.38 -1.41
C SER J 225 18.70 22.27 -0.83
N ARG J 226 19.96 22.25 -1.26
CA ARG J 226 20.92 21.25 -0.75
C ARG J 226 21.81 21.85 0.34
N ASP J 227 21.32 22.94 0.95
CA ASP J 227 22.04 23.62 2.03
C ASP J 227 23.38 24.21 1.56
N LEU J 228 23.55 24.29 0.23
CA LEU J 228 24.76 24.84 -0.41
C LEU J 228 24.66 26.34 -0.57
N PRO J 229 25.59 27.08 0.02
CA PRO J 229 25.59 28.54 -0.07
C PRO J 229 25.73 29.03 -1.51
N SER J 230 25.11 30.16 -1.81
CA SER J 230 25.18 30.74 -3.14
C SER J 230 26.46 31.57 -3.27
N GLY J 231 27.12 31.45 -4.41
CA GLY J 231 28.35 32.18 -4.63
C GLY J 231 28.45 32.82 -5.99
N GLN J 232 29.63 33.38 -6.26
CA GLN J 232 29.90 34.05 -7.53
C GLN J 232 30.97 33.35 -8.35
N GLY J 233 31.37 32.16 -7.92
CA GLY J 233 32.39 31.45 -8.69
C GLY J 233 31.98 31.06 -10.10
N ILE J 234 31.03 30.14 -10.21
CA ILE J 234 30.57 29.65 -11.51
C ILE J 234 30.29 30.79 -12.49
N ASN J 235 29.62 31.83 -12.02
CA ASN J 235 29.30 32.95 -12.90
C ASN J 235 30.59 33.60 -13.41
N ASN J 236 31.55 33.79 -12.52
CA ASN J 236 32.82 34.38 -12.92
C ASN J 236 33.55 33.51 -13.93
N LEU J 237 33.27 32.20 -13.94
CA LEU J 237 33.91 31.31 -14.91
C LEU J 237 33.23 31.48 -16.27
N ASP J 238 31.90 31.52 -16.26
CA ASP J 238 31.17 31.70 -17.51
C ASP J 238 31.58 33.04 -18.18
N ASN J 239 32.21 33.93 -17.43
CA ASN J 239 32.64 35.20 -18.00
C ASN J 239 34.02 35.10 -18.59
N LEU J 240 34.72 34.02 -18.23
CA LEU J 240 36.06 33.79 -18.70
C LEU J 240 36.07 32.69 -19.76
N ARG J 241 35.10 32.73 -20.67
CA ARG J 241 35.02 31.73 -21.72
C ARG J 241 36.29 31.67 -22.54
N ASP J 242 36.64 32.77 -23.21
CA ASP J 242 37.84 32.80 -24.04
C ASP J 242 39.07 32.31 -23.29
N TYR J 243 38.97 32.31 -21.96
CA TYR J 243 40.05 31.84 -21.11
C TYR J 243 40.12 30.34 -21.13
N LEU J 244 38.98 29.69 -20.85
CA LEU J 244 38.88 28.23 -20.81
C LEU J 244 39.02 27.59 -22.20
N ASP J 245 38.50 28.25 -23.22
CA ASP J 245 38.55 27.73 -24.58
C ASP J 245 40.01 27.61 -25.01
N GLY J 246 40.81 28.56 -24.56
CA GLY J 246 42.21 28.56 -24.92
C GLY J 246 42.37 28.64 -26.42
N SER J 247 41.39 29.22 -27.11
CA SER J 247 41.45 29.35 -28.56
C SER J 247 42.23 30.61 -28.95
N VAL J 248 41.93 31.71 -28.29
CA VAL J 248 42.66 32.95 -28.55
C VAL J 248 43.44 33.36 -27.30
N LYS J 249 44.53 34.10 -27.50
CA LYS J 249 45.35 34.54 -26.37
C LYS J 249 44.57 35.46 -25.43
N VAL J 250 45.10 35.68 -24.23
CA VAL J 250 44.45 36.53 -23.25
C VAL J 250 45.49 37.47 -22.63
N ASN J 251 45.03 38.60 -22.11
CA ASN J 251 45.94 39.57 -21.52
C ASN J 251 45.85 39.54 -20.01
N LEU J 252 46.81 38.88 -19.39
CA LEU J 252 46.89 38.72 -17.94
C LEU J 252 47.72 39.82 -17.30
N GLU J 253 47.37 40.21 -16.08
CA GLU J 253 48.10 41.27 -15.38
C GLU J 253 48.53 40.82 -14.00
N LYS J 254 49.80 41.03 -13.66
CA LYS J 254 50.30 40.61 -12.37
C LYS J 254 51.66 41.24 -12.17
N LYS J 255 51.69 42.55 -12.00
CA LYS J 255 52.94 43.32 -11.79
C LYS J 255 52.49 44.76 -11.63
N HIS J 256 51.20 44.92 -11.31
CA HIS J 256 50.57 46.23 -11.17
C HIS J 256 50.32 46.75 -12.61
N LEU J 257 51.04 46.12 -13.55
CA LEU J 257 50.99 46.43 -14.99
C LEU J 257 50.55 45.20 -15.77
N ASN J 258 50.65 45.27 -17.10
CA ASN J 258 50.25 44.14 -17.92
C ASN J 258 51.49 43.32 -18.23
N LYS J 259 51.67 42.24 -17.49
CA LYS J 259 52.85 41.39 -17.64
C LYS J 259 52.93 40.63 -18.98
N ARG J 260 51.83 39.99 -19.40
CA ARG J 260 51.87 39.28 -20.68
C ARG J 260 50.52 38.77 -21.22
N THR J 261 50.48 38.62 -22.55
CA THR J 261 49.31 38.10 -23.23
C THR J 261 49.65 36.66 -23.59
N GLN J 262 48.76 35.73 -23.28
CA GLN J 262 49.04 34.33 -23.59
C GLN J 262 47.75 33.43 -23.60
N ILE J 263 47.87 32.17 -24.03
CA ILE J 263 46.73 31.27 -24.06
C ILE J 263 46.60 30.84 -22.59
N PHE J 264 45.41 30.98 -22.01
CA PHE J 264 45.25 30.62 -20.61
C PHE J 264 45.54 29.16 -20.39
N PRO J 265 46.24 28.85 -19.30
CA PRO J 265 46.57 27.46 -19.00
C PRO J 265 45.35 26.57 -18.76
N PRO J 266 45.34 25.37 -19.33
CA PRO J 266 44.19 24.47 -19.11
C PRO J 266 44.25 23.94 -17.70
N GLY J 267 43.24 23.17 -17.29
CA GLY J 267 43.25 22.60 -15.94
C GLY J 267 42.00 21.88 -15.45
N ILE J 268 41.88 21.82 -14.13
CA ILE J 268 40.74 21.15 -13.51
C ILE J 268 39.85 22.15 -12.81
N VAL J 269 38.60 21.76 -12.59
CA VAL J 269 37.66 22.61 -11.89
C VAL J 269 36.91 21.72 -10.89
N THR J 270 37.07 22.00 -9.60
CA THR J 270 36.39 21.24 -8.54
C THR J 270 35.31 22.10 -7.92
N MET J 271 34.16 21.50 -7.64
CA MET J 271 33.02 22.20 -7.04
C MET J 271 31.96 21.23 -6.52
N ASN J 272 31.11 21.69 -5.61
CA ASN J 272 30.06 20.82 -5.11
C ASN J 272 28.97 20.71 -6.19
N GLU J 273 27.88 20.01 -5.88
CA GLU J 273 26.82 19.84 -6.87
C GLU J 273 26.02 21.09 -7.11
N TYR J 274 26.62 22.07 -7.79
CA TYR J 274 25.92 23.31 -8.14
C TYR J 274 25.40 23.21 -9.58
N SER J 275 24.78 24.28 -10.08
CA SER J 275 24.28 24.31 -11.46
C SER J 275 25.37 24.76 -12.44
N VAL J 276 25.37 24.17 -13.63
CA VAL J 276 26.37 24.51 -14.64
C VAL J 276 25.71 24.87 -15.95
N PRO J 277 25.91 26.11 -16.42
CA PRO J 277 25.33 26.58 -17.68
C PRO J 277 25.84 25.75 -18.86
N LYS J 278 24.96 25.39 -19.78
CA LYS J 278 25.40 24.60 -20.92
C LYS J 278 26.62 25.21 -21.58
N THR J 279 26.70 26.54 -21.58
CA THR J 279 27.81 27.25 -22.19
C THR J 279 29.12 26.89 -21.50
N LEU J 280 29.08 26.86 -20.17
CA LEU J 280 30.25 26.54 -19.37
C LEU J 280 30.50 25.05 -19.42
N GLN J 281 29.43 24.26 -19.41
CA GLN J 281 29.52 22.80 -19.46
C GLN J 281 30.29 22.35 -20.71
N ALA J 282 29.97 22.95 -21.86
CA ALA J 282 30.63 22.60 -23.12
C ALA J 282 32.12 22.96 -23.12
N ARG J 283 32.50 23.80 -22.17
CA ARG J 283 33.89 24.21 -22.03
C ARG J 283 34.73 23.10 -21.35
N PHE J 284 34.05 22.18 -20.64
CA PHE J 284 34.69 21.04 -19.97
C PHE J 284 34.61 19.84 -20.91
N VAL J 285 35.76 19.27 -21.20
CA VAL J 285 35.81 18.14 -22.09
C VAL J 285 35.47 16.84 -21.39
N LYS J 286 35.72 16.79 -20.07
CA LYS J 286 35.47 15.58 -19.28
C LYS J 286 35.01 15.91 -17.86
N GLN J 287 33.90 15.29 -17.43
CA GLN J 287 33.35 15.51 -16.09
C GLN J 287 33.38 14.19 -15.33
N ILE J 288 33.91 14.23 -14.11
CA ILE J 288 34.02 13.06 -13.27
C ILE J 288 33.30 13.28 -11.95
N ASP J 289 32.24 12.51 -11.72
CA ASP J 289 31.42 12.64 -10.51
C ASP J 289 32.03 11.82 -9.38
N PHE J 290 32.36 12.48 -8.28
CA PHE J 290 32.95 11.81 -7.13
C PHE J 290 31.89 11.47 -6.10
N ARG J 291 32.01 10.27 -5.55
CA ARG J 291 31.08 9.77 -4.55
C ARG J 291 31.84 9.49 -3.26
N PRO J 292 31.28 9.98 -2.12
CA PRO J 292 31.94 9.76 -0.83
C PRO J 292 31.95 8.26 -0.61
N LYS J 293 33.06 7.72 -0.11
CA LYS J 293 33.12 6.29 0.13
C LYS J 293 33.56 5.89 1.52
N ASP J 294 32.78 4.98 2.09
CA ASP J 294 33.00 4.45 3.42
C ASP J 294 34.40 3.90 3.69
N TYR J 295 34.76 2.81 3.04
CA TYR J 295 36.06 2.17 3.23
C TYR J 295 37.27 3.07 3.01
N LEU J 296 37.14 3.98 2.04
CA LEU J 296 38.19 4.92 1.74
C LEU J 296 38.42 5.83 2.95
N LYS J 297 37.34 6.13 3.67
CA LYS J 297 37.44 7.00 4.84
C LYS J 297 37.91 6.18 6.03
N HIS J 298 37.32 5.00 6.21
CA HIS J 298 37.68 4.13 7.32
C HIS J 298 39.15 3.72 7.21
N CYS J 299 39.68 3.68 5.99
CA CYS J 299 41.06 3.30 5.80
C CYS J 299 41.98 4.44 6.30
N LEU J 300 41.73 5.64 5.84
CA LEU J 300 42.55 6.75 6.26
C LEU J 300 42.50 6.95 7.77
N GLU J 301 41.50 6.36 8.40
CA GLU J 301 41.36 6.49 9.85
C GLU J 301 42.43 5.67 10.52
N ARG J 302 42.77 4.55 9.89
CA ARG J 302 43.80 3.66 10.40
C ARG J 302 45.02 3.72 9.50
N SER J 303 45.11 4.81 8.74
CA SER J 303 46.22 5.06 7.82
C SER J 303 46.51 6.54 7.90
N GLU J 304 46.53 7.04 9.13
CA GLU J 304 46.76 8.45 9.43
C GLU J 304 47.97 9.06 8.73
N PHE J 305 49.07 8.32 8.66
CA PHE J 305 50.29 8.83 8.03
C PHE J 305 50.09 9.37 6.61
N LEU J 306 49.10 8.83 5.89
CA LEU J 306 48.79 9.27 4.52
C LEU J 306 48.23 10.69 4.50
N LEU J 307 47.97 11.25 5.67
CA LEU J 307 47.44 12.61 5.76
C LEU J 307 48.37 13.49 6.59
N GLU J 308 48.92 12.94 7.67
CA GLU J 308 49.80 13.69 8.55
C GLU J 308 51.04 14.06 7.77
N LYS J 309 51.18 13.43 6.61
CA LYS J 309 52.32 13.66 5.73
C LYS J 309 51.86 14.19 4.38
N ARG J 310 50.55 14.12 4.13
CA ARG J 310 49.93 14.62 2.89
C ARG J 310 50.41 13.83 1.68
N ILE J 311 50.26 12.52 1.75
CA ILE J 311 50.70 11.70 0.66
C ILE J 311 49.64 11.57 -0.42
N ILE J 312 48.45 11.11 -0.03
CA ILE J 312 47.38 10.91 -0.98
C ILE J 312 47.14 12.13 -1.83
N GLN J 313 47.74 13.25 -1.45
CA GLN J 313 47.55 14.45 -2.23
C GLN J 313 48.90 15.03 -2.65
N SER J 314 49.72 14.18 -3.27
CA SER J 314 51.04 14.59 -3.71
C SER J 314 51.31 14.11 -5.12
N GLY J 315 51.94 14.96 -5.92
CA GLY J 315 52.22 14.55 -7.29
C GLY J 315 53.10 13.32 -7.36
N ILE J 316 54.02 13.18 -6.39
CA ILE J 316 54.97 12.06 -6.26
C ILE J 316 54.16 10.76 -6.19
N ALA J 317 53.10 10.74 -5.40
CA ALA J 317 52.27 9.55 -5.34
C ALA J 317 51.75 9.18 -6.75
N LEU J 318 51.16 10.13 -7.46
CA LEU J 318 50.61 9.87 -8.78
C LEU J 318 51.70 9.44 -9.76
N LEU J 319 52.88 10.04 -9.63
CA LEU J 319 53.99 9.70 -10.51
C LEU J 319 54.32 8.23 -10.33
N LEU J 320 54.57 7.82 -9.07
CA LEU J 320 54.89 6.42 -8.72
C LEU J 320 53.83 5.50 -9.29
N MET J 321 52.57 5.92 -9.21
CA MET J 321 51.46 5.15 -9.73
C MET J 321 51.69 4.89 -11.21
N LEU J 322 52.30 5.86 -11.89
CA LEU J 322 52.55 5.72 -13.32
C LEU J 322 53.74 4.83 -13.55
N ILE J 323 54.84 5.16 -12.88
CA ILE J 323 56.08 4.40 -12.99
C ILE J 323 55.78 2.98 -12.56
N TRP J 324 54.53 2.72 -12.22
CA TRP J 324 54.15 1.40 -11.77
C TRP J 324 53.22 0.72 -12.78
N TYR J 325 52.08 1.35 -13.06
CA TYR J 325 51.10 0.80 -13.98
C TYR J 325 51.37 1.03 -15.47
N ARG J 326 52.08 2.11 -15.79
CA ARG J 326 52.35 2.44 -17.18
C ARG J 326 53.67 1.93 -17.76
N PRO J 327 53.69 1.62 -19.06
CA PRO J 327 54.86 1.11 -19.78
C PRO J 327 55.90 2.17 -20.06
N VAL J 328 57.15 1.75 -20.24
CA VAL J 328 58.24 2.69 -20.51
C VAL J 328 58.03 3.49 -21.77
N ALA J 329 57.25 2.90 -22.68
CA ALA J 329 56.97 3.54 -23.94
C ALA J 329 56.19 4.83 -23.80
N GLU J 330 55.20 4.85 -22.90
CA GLU J 330 54.36 6.04 -22.71
C GLU J 330 55.09 7.28 -22.19
N PHE J 331 56.38 7.14 -21.93
CA PHE J 331 57.16 8.26 -21.44
C PHE J 331 58.10 8.76 -22.52
N ALA J 332 58.45 10.04 -22.46
CA ALA J 332 59.34 10.65 -23.42
C ALA J 332 60.62 9.83 -23.55
N GLN J 333 60.95 9.44 -24.78
CA GLN J 333 62.12 8.62 -25.02
C GLN J 333 63.39 9.17 -24.43
N SER J 334 63.29 10.32 -23.80
CA SER J 334 64.47 10.93 -23.22
C SER J 334 64.49 10.75 -21.72
N ILE J 335 63.31 10.57 -21.15
CA ILE J 335 63.19 10.43 -19.72
C ILE J 335 63.09 8.94 -19.36
N GLN J 336 63.01 8.09 -20.39
CA GLN J 336 62.84 6.66 -20.17
C GLN J 336 63.99 6.02 -19.43
N SER J 337 65.19 6.49 -19.73
CA SER J 337 66.37 5.93 -19.08
C SER J 337 66.36 5.98 -17.56
N ARG J 338 65.35 6.63 -16.99
CA ARG J 338 65.18 6.77 -15.53
C ARG J 338 63.95 6.01 -15.10
N ILE J 339 62.88 6.08 -15.90
CA ILE J 339 61.66 5.37 -15.55
C ILE J 339 61.97 3.92 -15.29
N VAL J 340 62.99 3.39 -15.96
CA VAL J 340 63.40 1.98 -15.78
C VAL J 340 64.11 1.81 -14.43
N GLU J 341 65.04 2.72 -14.13
CA GLU J 341 65.73 2.70 -12.86
C GLU J 341 64.71 2.76 -11.72
N TRP J 342 63.58 3.42 -11.95
CA TRP J 342 62.55 3.54 -10.92
C TRP J 342 61.43 2.52 -11.13
N LYS J 343 61.67 1.56 -12.01
CA LYS J 343 60.68 0.54 -12.28
C LYS J 343 61.27 -0.74 -11.76
N GLU J 344 62.58 -0.72 -11.58
CA GLU J 344 63.35 -1.86 -11.06
C GLU J 344 63.41 -1.70 -9.55
N ARG J 345 63.86 -0.55 -9.10
CA ARG J 345 63.99 -0.29 -7.68
C ARG J 345 62.62 -0.31 -7.02
N LEU J 346 61.59 -0.08 -7.83
CA LEU J 346 60.23 -0.08 -7.33
C LEU J 346 59.67 -1.50 -7.41
N ASP J 347 60.47 -2.41 -7.95
CA ASP J 347 60.09 -3.82 -8.10
C ASP J 347 60.96 -4.68 -7.17
N LYS J 348 62.15 -4.16 -6.87
CA LYS J 348 63.09 -4.83 -6.01
C LYS J 348 62.71 -4.63 -4.55
N GLU J 349 61.58 -3.96 -4.30
CA GLU J 349 61.15 -3.72 -2.93
C GLU J 349 59.69 -3.99 -2.68
N PHE J 350 58.99 -4.44 -3.72
CA PHE J 350 57.56 -4.76 -3.63
C PHE J 350 57.14 -5.89 -4.58
N SER J 351 56.10 -6.62 -4.20
CA SER J 351 55.61 -7.73 -5.04
C SER J 351 54.17 -7.50 -5.48
N LEU J 352 53.83 -8.06 -6.62
CA LEU J 352 52.48 -7.90 -7.11
C LEU J 352 51.47 -8.30 -6.03
N SER J 353 51.97 -8.96 -5.00
CA SER J 353 51.10 -9.42 -3.93
C SER J 353 51.02 -8.42 -2.81
N VAL J 354 52.18 -7.97 -2.33
CA VAL J 354 52.27 -7.00 -1.24
C VAL J 354 51.37 -5.80 -1.55
N TYR J 355 51.47 -5.30 -2.77
CA TYR J 355 50.68 -4.16 -3.22
C TYR J 355 49.19 -4.55 -3.34
N GLN J 356 48.93 -5.65 -4.04
CA GLN J 356 47.57 -6.08 -4.26
C GLN J 356 46.81 -6.23 -2.96
N LYS J 357 47.55 -6.19 -1.86
CA LYS J 357 46.96 -6.33 -0.54
C LYS J 357 46.55 -4.96 -0.01
N MET J 358 47.47 -4.00 -0.10
CA MET J 358 47.21 -2.65 0.37
C MET J 358 45.91 -2.15 -0.23
N LYS J 359 45.67 -2.52 -1.49
CA LYS J 359 44.45 -2.13 -2.19
C LYS J 359 43.24 -2.85 -1.56
N PHE J 360 43.44 -4.13 -1.25
CA PHE J 360 42.39 -4.94 -0.65
C PHE J 360 42.10 -4.45 0.76
N ASN J 361 43.15 -3.93 1.40
CA ASN J 361 42.99 -3.42 2.75
C ASN J 361 42.11 -2.17 2.77
N VAL J 362 42.14 -1.40 1.68
CA VAL J 362 41.34 -0.18 1.56
C VAL J 362 39.87 -0.53 1.32
N ALA J 363 39.63 -1.51 0.44
CA ALA J 363 38.26 -1.92 0.13
C ALA J 363 37.56 -2.39 1.40
N MET J 364 38.37 -2.76 2.38
CA MET J 364 37.87 -3.24 3.67
C MET J 364 37.72 -2.08 4.64
N GLY J 365 38.67 -1.17 4.59
CA GLY J 365 38.65 -0.01 5.46
C GLY J 365 39.53 -0.30 6.66
N ILE J 366 40.53 -1.15 6.46
CA ILE J 366 41.44 -1.52 7.54
C ILE J 366 42.89 -1.16 7.21
N GLY J 367 43.18 0.13 7.16
CA GLY J 367 44.54 0.56 6.87
C GLY J 367 45.03 0.01 5.54
N VAL J 368 46.33 0.09 5.31
CA VAL J 368 46.93 -0.40 4.06
C VAL J 368 48.22 -1.15 4.36
N LEU J 369 48.58 -1.20 5.63
CA LEU J 369 49.79 -1.91 6.05
C LEU J 369 49.48 -3.11 6.95
N ASP J 370 48.39 -3.82 6.64
CA ASP J 370 47.99 -5.00 7.41
C ASP J 370 48.04 -6.28 6.56
N LYS K 9 84.92 46.49 -23.19
CA LYS K 9 84.80 45.65 -21.96
C LYS K 9 83.40 45.76 -21.36
N GLN K 10 82.79 46.94 -21.47
CA GLN K 10 81.45 47.20 -20.95
C GLN K 10 80.38 46.82 -21.97
N VAL K 11 79.23 46.37 -21.48
CA VAL K 11 78.13 45.95 -22.34
C VAL K 11 77.69 47.05 -23.28
N SER K 12 77.22 46.65 -24.47
CA SER K 12 76.73 47.60 -25.47
C SER K 12 75.21 47.60 -25.51
N TRP K 13 74.62 48.65 -24.97
CA TRP K 13 73.17 48.74 -24.92
C TRP K 13 72.55 48.66 -26.29
N LYS K 14 73.04 49.50 -27.19
CA LYS K 14 72.55 49.53 -28.56
C LYS K 14 72.40 48.16 -29.19
N LEU K 15 73.45 47.34 -29.09
CA LEU K 15 73.39 46.01 -29.68
C LEU K 15 72.24 45.23 -29.08
N VAL K 16 71.98 45.39 -27.79
CA VAL K 16 70.87 44.66 -27.19
C VAL K 16 69.57 45.10 -27.88
N THR K 17 69.50 46.40 -28.14
CA THR K 17 68.36 46.98 -28.79
C THR K 17 68.25 46.34 -30.18
N GLU K 18 69.36 46.29 -30.92
CA GLU K 18 69.32 45.71 -32.26
C GLU K 18 68.60 44.39 -32.19
N TYR K 19 69.03 43.50 -31.31
CA TYR K 19 68.39 42.22 -31.23
C TYR K 19 66.88 42.34 -30.95
N ALA K 20 66.58 43.34 -30.13
CA ALA K 20 65.22 43.59 -29.75
C ALA K 20 64.44 43.96 -31.00
N MET K 21 65.02 44.86 -31.79
CA MET K 21 64.36 45.28 -33.02
C MET K 21 64.23 44.14 -34.03
N GLU K 22 65.32 43.42 -34.27
CA GLU K 22 65.30 42.33 -35.23
C GLU K 22 64.25 41.26 -34.91
N THR K 23 64.04 41.03 -33.63
CA THR K 23 63.08 40.02 -33.21
C THR K 23 61.79 40.67 -32.76
N LYS K 24 61.76 41.99 -32.84
CA LYS K 24 60.58 42.74 -32.43
C LYS K 24 60.11 42.23 -31.08
N CYS K 25 60.98 42.29 -30.08
CA CYS K 25 60.70 41.84 -28.73
C CYS K 25 60.25 42.98 -27.83
N ASP K 26 59.02 42.90 -27.34
CA ASP K 26 58.49 43.95 -26.46
C ASP K 26 58.27 43.43 -25.05
N ASP K 27 58.78 42.25 -24.75
CA ASP K 27 58.62 41.65 -23.43
C ASP K 27 59.96 41.64 -22.75
N VAL K 28 60.15 42.51 -21.76
CA VAL K 28 61.41 42.64 -21.03
C VAL K 28 61.94 41.30 -20.51
N LEU K 29 61.12 40.56 -19.80
CA LEU K 29 61.61 39.29 -19.36
C LEU K 29 62.10 38.43 -20.52
N LEU K 30 61.22 38.18 -21.49
CA LEU K 30 61.57 37.39 -22.67
C LEU K 30 62.91 37.84 -23.24
N LEU K 31 63.03 39.12 -23.59
CA LEU K 31 64.28 39.66 -24.10
C LEU K 31 65.45 39.24 -23.20
N LEU K 32 65.38 39.59 -21.93
CA LEU K 32 66.45 39.21 -21.03
C LEU K 32 66.71 37.70 -21.10
N GLY K 33 65.64 36.93 -21.10
CA GLY K 33 65.84 35.50 -21.13
C GLY K 33 66.59 34.95 -22.32
N MET K 34 66.18 35.32 -23.54
CA MET K 34 66.82 34.76 -24.73
C MET K 34 68.13 35.38 -25.06
N TYR K 35 68.40 36.58 -24.56
CA TYR K 35 69.67 37.22 -24.83
C TYR K 35 70.74 36.69 -23.93
N LEU K 36 70.32 35.96 -22.90
CA LEU K 36 71.26 35.36 -21.96
C LEU K 36 71.78 34.02 -22.51
N GLU K 37 71.02 33.44 -23.43
CA GLU K 37 71.41 32.17 -24.04
C GLU K 37 72.60 32.46 -24.96
N PHE K 38 72.79 33.73 -25.30
CA PHE K 38 73.85 34.11 -26.18
C PHE K 38 75.14 34.26 -25.43
N GLN K 39 75.10 34.03 -24.12
CA GLN K 39 76.30 34.20 -23.30
C GLN K 39 77.22 32.97 -23.42
N TYR K 40 76.63 31.80 -23.61
CA TYR K 40 77.40 30.57 -23.74
C TYR K 40 78.13 30.46 -25.10
N SER K 41 78.87 29.38 -25.30
CA SER K 41 79.61 29.15 -26.54
C SER K 41 78.68 29.03 -27.74
N PHE K 42 79.01 29.77 -28.80
CA PHE K 42 78.23 29.75 -30.02
C PHE K 42 78.86 28.70 -30.93
N GLU K 43 80.09 28.35 -30.60
CA GLU K 43 80.88 27.36 -31.32
C GLU K 43 80.16 26.01 -31.33
N MET K 44 79.57 25.67 -30.20
CA MET K 44 78.90 24.39 -30.11
C MET K 44 77.51 24.47 -29.46
N CYS K 45 76.75 25.53 -29.77
CA CYS K 45 75.39 25.65 -29.22
C CYS K 45 74.47 24.57 -29.79
N LEU K 46 74.05 23.63 -28.95
CA LEU K 46 73.17 22.58 -29.43
C LEU K 46 71.88 23.15 -29.99
N LYS K 47 71.49 24.36 -29.58
CA LYS K 47 70.25 24.96 -30.06
C LYS K 47 70.43 25.59 -31.44
N CYS K 48 71.66 25.54 -31.92
CA CYS K 48 72.05 26.12 -33.18
C CYS K 48 72.35 25.00 -34.18
N ILE K 49 73.14 24.02 -33.77
CA ILE K 49 73.43 22.93 -34.66
C ILE K 49 72.12 22.18 -34.99
N LYS K 50 71.11 22.32 -34.12
CA LYS K 50 69.82 21.66 -34.36
C LYS K 50 68.87 22.62 -35.04
N LYS K 51 69.19 23.90 -34.96
CA LYS K 51 68.35 24.93 -35.54
C LYS K 51 66.88 24.72 -35.20
N GLU K 52 66.48 25.22 -34.02
CA GLU K 52 65.10 25.08 -33.58
C GLU K 52 64.41 26.44 -33.54
N GLN K 53 65.02 27.38 -32.83
CA GLN K 53 64.45 28.71 -32.72
C GLN K 53 65.21 29.73 -33.55
N PRO K 54 64.57 30.24 -34.60
CA PRO K 54 65.17 31.23 -35.48
C PRO K 54 65.64 32.44 -34.73
N SER K 55 64.94 32.77 -33.65
CA SER K 55 65.29 33.95 -32.86
C SER K 55 66.58 33.77 -32.09
N HIS K 56 67.09 32.55 -32.14
CA HIS K 56 68.31 32.21 -31.43
C HIS K 56 69.49 31.95 -32.36
N TYR K 57 69.36 30.91 -33.18
CA TYR K 57 70.46 30.54 -34.05
C TYR K 57 70.83 31.57 -35.06
N LYS K 58 69.94 32.52 -35.27
CA LYS K 58 70.24 33.52 -36.25
C LYS K 58 71.03 34.64 -35.69
N TYR K 59 71.11 34.76 -34.35
CA TYR K 59 71.81 35.89 -33.74
C TYR K 59 72.91 35.62 -32.70
N HIS K 60 72.95 34.41 -32.15
CA HIS K 60 73.98 34.08 -31.15
C HIS K 60 75.39 34.46 -31.61
N GLU K 61 75.93 33.72 -32.58
CA GLU K 61 77.26 34.00 -33.06
C GLU K 61 77.56 35.49 -33.11
N LYS K 62 76.57 36.28 -33.51
CA LYS K 62 76.79 37.70 -33.62
C LYS K 62 76.75 38.41 -32.26
N HIS K 63 75.95 37.86 -31.35
CA HIS K 63 75.80 38.47 -30.05
C HIS K 63 76.57 37.78 -28.92
N TYR K 64 77.24 36.67 -29.24
CA TYR K 64 78.03 35.96 -28.25
C TYR K 64 78.99 36.90 -27.50
N ALA K 65 79.61 37.82 -28.22
CA ALA K 65 80.53 38.74 -27.59
C ALA K 65 79.88 39.66 -26.53
N ASN K 66 78.85 40.39 -26.95
CA ASN K 66 78.16 41.33 -26.07
C ASN K 66 77.41 40.58 -25.01
N ALA K 67 76.90 39.41 -25.36
CA ALA K 67 76.14 38.61 -24.42
C ALA K 67 76.94 38.24 -23.22
N ALA K 68 78.26 38.25 -23.36
CA ALA K 68 79.15 37.88 -22.27
C ALA K 68 79.14 38.99 -21.24
N ILE K 69 79.56 40.17 -21.65
CA ILE K 69 79.59 41.30 -20.75
C ILE K 69 78.25 41.44 -20.01
N PHE K 70 77.17 41.19 -20.76
CA PHE K 70 75.81 41.29 -20.24
C PHE K 70 75.70 40.44 -19.01
N ALA K 71 76.12 39.19 -19.11
CA ALA K 71 76.02 38.29 -17.98
C ALA K 71 76.74 38.79 -16.74
N ASP K 72 77.56 39.82 -16.92
CA ASP K 72 78.30 40.35 -15.78
C ASP K 72 77.93 41.80 -15.49
N SER K 73 76.78 42.24 -16.01
CA SER K 73 76.33 43.61 -15.79
C SER K 73 75.35 43.63 -14.62
N LYS K 74 75.20 44.79 -14.01
CA LYS K 74 74.27 44.92 -12.88
C LYS K 74 73.00 45.70 -13.27
N ASN K 75 72.79 45.89 -14.56
CA ASN K 75 71.64 46.64 -15.05
C ASN K 75 70.94 45.84 -16.13
N GLN K 76 71.02 44.53 -16.03
CA GLN K 76 70.38 43.67 -17.02
C GLN K 76 68.96 44.05 -17.40
N LYS K 77 68.12 44.39 -16.42
CA LYS K 77 66.75 44.72 -16.74
C LYS K 77 66.63 46.16 -17.20
N THR K 78 67.50 47.02 -16.66
CA THR K 78 67.47 48.43 -17.04
C THR K 78 67.87 48.52 -18.49
N ILE K 79 68.72 47.60 -18.91
CA ILE K 79 69.16 47.59 -20.31
C ILE K 79 68.04 47.03 -21.20
N CYS K 80 67.49 45.87 -20.84
CA CYS K 80 66.41 45.27 -21.61
C CYS K 80 65.25 46.25 -21.76
N GLN K 81 65.10 47.15 -20.81
CA GLN K 81 64.01 48.13 -20.88
C GLN K 81 64.17 49.06 -22.06
N GLN K 82 65.26 49.81 -22.08
CA GLN K 82 65.52 50.73 -23.17
C GLN K 82 65.37 50.04 -24.51
N ALA K 83 65.55 48.72 -24.53
CA ALA K 83 65.41 47.97 -25.76
C ALA K 83 63.93 47.85 -26.09
N VAL K 84 63.17 47.24 -25.18
CA VAL K 84 61.75 47.10 -25.40
C VAL K 84 61.12 48.47 -25.62
N ASP K 85 61.58 49.46 -24.86
CA ASP K 85 61.08 50.83 -24.99
C ASP K 85 61.35 51.35 -26.41
N THR K 86 62.39 50.81 -27.03
CA THR K 86 62.72 51.19 -28.39
C THR K 86 61.82 50.36 -29.32
N VAL K 87 61.59 49.12 -28.97
CA VAL K 87 60.75 48.29 -29.80
C VAL K 87 59.35 48.80 -29.82
N LEU K 88 59.04 49.58 -28.79
CA LEU K 88 57.73 50.18 -28.61
C LEU K 88 57.69 51.52 -29.29
N ALA K 89 58.76 52.30 -29.12
CA ALA K 89 58.82 53.62 -29.77
C ALA K 89 58.64 53.43 -31.26
N LYS K 90 59.12 52.31 -31.77
CA LYS K 90 59.04 52.02 -33.20
C LYS K 90 57.58 51.75 -33.58
N LYS K 91 56.97 50.75 -32.98
CA LYS K 91 55.59 50.44 -33.27
C LYS K 91 54.71 51.70 -33.17
N ARG K 92 55.03 52.54 -32.19
CA ARG K 92 54.30 53.77 -31.96
C ARG K 92 54.32 54.64 -33.20
N VAL K 93 55.52 54.85 -33.74
CA VAL K 93 55.69 55.71 -34.92
C VAL K 93 55.03 55.06 -36.11
N ASP K 94 55.21 53.76 -36.23
CA ASP K 94 54.64 53.04 -37.37
C ASP K 94 53.14 53.18 -37.42
N SER K 95 52.48 53.26 -36.27
CA SER K 95 51.03 53.35 -36.29
C SER K 95 50.58 54.74 -36.53
N LEU K 96 51.51 55.65 -36.70
CA LEU K 96 51.08 57.01 -36.93
C LEU K 96 51.59 57.49 -38.27
N GLN K 97 52.48 56.75 -38.90
CA GLN K 97 53.00 57.27 -40.13
C GLN K 97 52.77 56.35 -41.30
N LEU K 98 52.63 55.07 -41.04
CA LEU K 98 52.38 54.18 -42.16
C LEU K 98 50.91 54.15 -42.47
N THR K 99 50.55 53.75 -43.69
CA THR K 99 49.14 53.62 -44.08
C THR K 99 48.62 52.27 -43.56
N ARG K 100 47.32 52.20 -43.27
CA ARG K 100 46.79 50.94 -42.76
C ARG K 100 47.15 49.78 -43.66
N GLU K 101 47.46 50.05 -44.92
CA GLU K 101 47.82 48.96 -45.83
C GLU K 101 49.28 48.60 -45.66
N GLN K 102 50.13 49.62 -45.50
CA GLN K 102 51.56 49.39 -45.27
C GLN K 102 51.78 48.56 -43.99
N MET K 103 50.79 48.56 -43.09
CA MET K 103 50.89 47.83 -41.86
C MET K 103 50.46 46.41 -42.16
N LEU K 104 49.40 46.30 -42.93
CA LEU K 104 48.92 44.98 -43.23
C LEU K 104 49.96 44.27 -44.10
N THR K 105 50.79 45.06 -44.78
CA THR K 105 51.82 44.49 -45.64
C THR K 105 52.98 44.01 -44.81
N ASN K 106 53.42 44.83 -43.87
CA ASN K 106 54.51 44.41 -43.01
C ASN K 106 54.10 43.22 -42.17
N ARG K 107 52.81 43.08 -41.92
CA ARG K 107 52.38 41.94 -41.13
C ARG K 107 52.49 40.69 -42.00
N PHE K 108 52.34 40.88 -43.30
CA PHE K 108 52.40 39.76 -44.23
C PHE K 108 53.82 39.34 -44.43
N ASN K 109 54.71 40.32 -44.54
CA ASN K 109 56.11 40.02 -44.71
C ASN K 109 56.65 39.27 -43.49
N ASP K 110 55.89 39.24 -42.39
CA ASP K 110 56.33 38.54 -41.19
C ASP K 110 55.70 37.16 -41.17
N LEU K 111 54.45 37.06 -41.60
CA LEU K 111 53.82 35.76 -41.61
C LEU K 111 54.52 34.87 -42.62
N LEU K 112 54.97 35.46 -43.73
CA LEU K 112 55.70 34.70 -44.75
C LEU K 112 57.08 34.34 -44.19
N ASP K 113 57.82 35.32 -43.68
CA ASP K 113 59.09 35.00 -43.09
C ASP K 113 58.98 33.77 -42.20
N ARG K 114 57.87 33.61 -41.51
CA ARG K 114 57.72 32.47 -40.64
C ARG K 114 57.45 31.26 -41.48
N MET K 115 56.68 31.46 -42.52
CA MET K 115 56.36 30.36 -43.42
C MET K 115 57.63 29.84 -44.11
N ASP K 116 58.54 30.75 -44.45
CA ASP K 116 59.78 30.38 -45.08
C ASP K 116 60.46 29.28 -44.31
N ILE K 117 60.54 29.46 -42.99
CA ILE K 117 61.17 28.50 -42.10
C ILE K 117 60.20 27.35 -41.79
N MET K 118 58.95 27.68 -41.52
CA MET K 118 57.99 26.64 -41.21
C MET K 118 58.09 25.46 -42.16
N PHE K 119 57.66 25.67 -43.40
CA PHE K 119 57.64 24.65 -44.46
C PHE K 119 58.98 24.60 -45.17
N GLY K 120 59.97 25.20 -44.51
CA GLY K 120 61.32 25.26 -45.01
C GLY K 120 62.02 23.92 -44.88
N SER K 121 63.35 23.95 -44.93
CA SER K 121 64.17 22.73 -44.81
C SER K 121 64.74 22.58 -43.39
N THR K 122 64.01 23.13 -42.41
CA THR K 122 64.42 23.09 -41.00
C THR K 122 63.20 23.13 -40.09
N GLY K 123 62.03 23.34 -40.70
CA GLY K 123 60.81 23.40 -39.92
C GLY K 123 60.13 22.04 -39.82
N SER K 124 59.15 21.94 -38.94
CA SER K 124 58.49 20.65 -38.77
C SER K 124 57.00 20.71 -39.13
N ALA K 125 56.69 21.55 -40.10
CA ALA K 125 55.32 21.73 -40.56
C ALA K 125 55.17 21.17 -41.96
N ASP K 126 54.24 20.23 -42.12
CA ASP K 126 54.01 19.64 -43.43
C ASP K 126 53.05 20.48 -44.24
N ILE K 127 53.56 21.07 -45.31
CA ILE K 127 52.76 21.91 -46.19
C ILE K 127 51.43 21.27 -46.58
N GLU K 128 51.42 19.95 -46.70
CA GLU K 128 50.21 19.24 -47.07
C GLU K 128 49.19 19.27 -45.96
N GLU K 129 49.65 19.36 -44.71
CA GLU K 129 48.70 19.39 -43.61
C GLU K 129 48.00 20.75 -43.49
N TRP K 130 48.71 21.82 -43.81
CA TRP K 130 48.15 23.17 -43.75
C TRP K 130 47.21 23.40 -44.92
N MET K 131 47.57 22.93 -46.11
CA MET K 131 46.66 23.11 -47.23
C MET K 131 45.38 22.36 -46.91
N ALA K 132 45.50 21.28 -46.17
CA ALA K 132 44.35 20.51 -45.76
C ALA K 132 43.46 21.44 -44.90
N GLY K 133 44.12 22.37 -44.22
CA GLY K 133 43.43 23.33 -43.38
C GLY K 133 42.78 24.41 -44.20
N VAL K 134 43.47 24.76 -45.28
CA VAL K 134 42.97 25.78 -46.18
C VAL K 134 41.68 25.25 -46.75
N ALA K 135 41.68 23.96 -47.07
CA ALA K 135 40.52 23.30 -47.64
C ALA K 135 39.35 23.32 -46.67
N TRP K 136 39.63 22.90 -45.44
CA TRP K 136 38.61 22.85 -44.42
C TRP K 136 38.01 24.22 -44.18
N LEU K 137 38.88 25.21 -43.91
CA LEU K 137 38.43 26.57 -43.65
C LEU K 137 37.66 27.14 -44.82
N HIS K 138 37.92 26.62 -46.02
CA HIS K 138 37.25 27.12 -47.20
C HIS K 138 35.90 26.44 -47.34
N CYS K 139 35.57 25.61 -46.37
CA CYS K 139 34.31 24.91 -46.36
C CYS K 139 33.46 25.40 -45.23
N LEU K 140 33.97 26.39 -44.51
CA LEU K 140 33.23 26.91 -43.36
C LEU K 140 32.23 27.92 -43.77
N LEU K 141 32.66 28.79 -44.69
CA LEU K 141 31.85 29.89 -45.24
C LEU K 141 31.95 29.95 -46.75
N PRO K 142 30.85 30.28 -47.41
CA PRO K 142 30.76 30.40 -48.86
C PRO K 142 31.68 31.50 -49.38
N LYS K 143 32.55 31.14 -50.31
CA LYS K 143 33.43 32.15 -50.88
C LYS K 143 34.34 32.73 -49.80
N MET K 144 34.73 31.86 -48.87
CA MET K 144 35.59 32.21 -47.76
C MET K 144 36.77 33.03 -48.19
N ASP K 145 37.39 32.64 -49.31
CA ASP K 145 38.54 33.39 -49.80
C ASP K 145 38.15 34.82 -50.09
N SER K 146 36.94 35.04 -50.55
CA SER K 146 36.52 36.41 -50.86
C SER K 146 36.15 37.14 -49.59
N VAL K 147 35.58 36.37 -48.65
CA VAL K 147 35.17 36.91 -47.37
C VAL K 147 36.41 37.44 -46.66
N VAL K 148 37.50 36.69 -46.71
CA VAL K 148 38.71 37.14 -46.06
C VAL K 148 39.25 38.43 -46.68
N TYR K 149 39.16 38.54 -47.98
CA TYR K 149 39.67 39.71 -48.61
C TYR K 149 38.74 40.85 -48.30
N ASP K 150 37.43 40.58 -48.23
CA ASP K 150 36.46 41.66 -47.95
C ASP K 150 36.69 42.22 -46.56
N PHE K 151 37.11 41.36 -45.62
CA PHE K 151 37.44 41.75 -44.25
C PHE K 151 38.73 42.60 -44.23
N LEU K 152 39.76 42.12 -44.89
CA LEU K 152 40.99 42.88 -44.95
C LEU K 152 40.75 44.29 -45.50
N LYS K 153 39.92 44.37 -46.54
CA LYS K 153 39.62 45.65 -47.19
C LYS K 153 38.95 46.53 -46.15
N CYS K 154 37.95 45.98 -45.52
CA CYS K 154 37.22 46.72 -44.54
C CYS K 154 38.10 47.32 -43.48
N MET K 155 38.94 46.46 -42.90
CA MET K 155 39.90 46.83 -41.85
C MET K 155 40.86 47.86 -42.33
N VAL K 156 41.42 47.68 -43.53
CA VAL K 156 42.38 48.64 -44.12
C VAL K 156 41.74 50.03 -44.36
N TYR K 157 40.56 50.08 -44.98
CA TYR K 157 39.88 51.35 -45.22
C TYR K 157 39.47 52.08 -43.93
N ASN K 158 39.26 51.29 -42.88
CA ASN K 158 38.90 51.82 -41.58
C ASN K 158 37.92 52.96 -41.67
N ILE K 159 36.79 52.70 -42.28
CA ILE K 159 35.82 53.75 -42.45
C ILE K 159 34.96 53.92 -41.22
N PRO K 160 34.82 55.14 -40.71
CA PRO K 160 34.00 55.42 -39.52
C PRO K 160 32.59 54.85 -39.58
N LYS K 161 32.15 54.24 -38.48
CA LYS K 161 30.82 53.65 -38.39
C LYS K 161 30.64 52.47 -39.38
N LYS K 162 31.75 51.90 -39.84
CA LYS K 162 31.75 50.79 -40.79
C LYS K 162 33.07 50.06 -40.65
N ARG K 163 33.39 49.65 -39.43
CA ARG K 163 34.67 49.01 -39.18
C ARG K 163 34.57 47.68 -38.51
N TYR K 164 33.41 47.37 -37.92
CA TYR K 164 33.30 46.10 -37.23
C TYR K 164 32.48 45.04 -37.96
N TRP K 165 32.80 43.78 -37.69
CA TRP K 165 32.08 42.63 -38.25
C TRP K 165 31.52 41.86 -37.06
N LEU K 166 30.31 41.34 -37.21
CA LEU K 166 29.70 40.61 -36.10
C LEU K 166 29.50 39.18 -36.47
N PHE K 167 30.16 38.29 -35.76
CA PHE K 167 29.99 36.87 -35.99
C PHE K 167 28.98 36.38 -34.96
N LYS K 168 27.97 35.65 -35.40
CA LYS K 168 26.96 35.15 -34.49
C LYS K 168 26.65 33.66 -34.70
N GLY K 169 26.54 32.90 -33.61
CA GLY K 169 26.22 31.50 -33.76
C GLY K 169 26.33 30.69 -32.46
N PRO K 170 25.75 29.47 -32.40
CA PRO K 170 25.79 28.60 -31.22
C PRO K 170 27.19 28.18 -30.81
N ILE K 171 27.27 27.07 -30.09
CA ILE K 171 28.55 26.54 -29.62
C ILE K 171 29.15 25.75 -30.78
N ASP K 172 30.48 25.74 -30.87
CA ASP K 172 31.20 25.02 -31.91
C ASP K 172 30.59 25.29 -33.29
N SER K 173 30.35 26.56 -33.53
CA SER K 173 29.79 26.98 -34.78
C SER K 173 30.86 27.45 -35.73
N GLY K 174 32.07 27.67 -35.22
CA GLY K 174 33.17 28.13 -36.06
C GLY K 174 33.59 29.58 -35.91
N LYS K 175 32.77 30.37 -35.21
CA LYS K 175 33.03 31.80 -34.95
C LYS K 175 34.44 32.00 -34.40
N THR K 176 34.67 31.43 -33.23
CA THR K 176 35.94 31.54 -32.58
C THR K 176 37.13 31.26 -33.50
N THR K 177 37.15 30.11 -34.17
CA THR K 177 38.25 29.78 -35.08
C THR K 177 38.53 30.85 -36.14
N LEU K 178 37.53 31.15 -36.96
CA LEU K 178 37.67 32.13 -38.01
C LEU K 178 38.14 33.45 -37.43
N ALA K 179 37.61 33.80 -36.27
CA ALA K 179 37.98 35.04 -35.60
C ALA K 179 39.44 35.02 -35.19
N ALA K 180 39.82 33.90 -34.59
CA ALA K 180 41.19 33.70 -34.13
C ALA K 180 42.16 33.82 -35.30
N ALA K 181 41.83 33.19 -36.42
CA ALA K 181 42.68 33.22 -37.58
C ALA K 181 42.80 34.62 -38.09
N LEU K 182 41.66 35.25 -38.32
CA LEU K 182 41.68 36.60 -38.83
C LEU K 182 42.53 37.47 -37.93
N LEU K 183 42.40 37.24 -36.63
CA LEU K 183 43.14 38.04 -35.67
C LEU K 183 44.65 37.95 -35.90
N GLU K 184 45.15 36.75 -36.10
CA GLU K 184 46.57 36.54 -36.34
C GLU K 184 46.96 37.06 -37.73
N LEU K 185 46.06 36.87 -38.70
CA LEU K 185 46.32 37.32 -40.05
C LEU K 185 46.86 38.75 -40.08
N CYS K 186 46.12 39.71 -39.52
CA CYS K 186 46.59 41.11 -39.54
C CYS K 186 47.26 41.50 -38.24
N GLY K 187 47.18 40.60 -37.26
CA GLY K 187 47.81 40.89 -35.98
C GLY K 187 46.85 41.70 -35.15
N GLY K 188 46.98 41.67 -33.83
CA GLY K 188 46.06 42.43 -32.98
C GLY K 188 45.90 41.88 -31.57
N LYS K 189 44.75 42.13 -30.96
CA LYS K 189 44.51 41.63 -29.62
C LYS K 189 43.05 41.20 -29.43
N ALA K 190 42.81 40.27 -28.50
CA ALA K 190 41.46 39.82 -28.20
C ALA K 190 41.14 40.31 -26.79
N LEU K 191 40.20 41.24 -26.66
CA LEU K 191 39.83 41.76 -25.35
C LEU K 191 38.66 41.01 -24.72
N ASN K 192 38.43 41.22 -23.43
CA ASN K 192 37.32 40.57 -22.76
C ASN K 192 36.47 41.64 -22.05
N VAL K 193 35.31 41.95 -22.62
CA VAL K 193 34.44 42.96 -22.05
C VAL K 193 33.34 42.36 -21.20
N ASN K 194 33.49 41.08 -20.84
CA ASN K 194 32.52 40.42 -20.00
C ASN K 194 32.75 40.73 -18.54
N LEU K 195 34.03 40.91 -18.19
CA LEU K 195 34.47 41.22 -16.83
C LEU K 195 33.89 42.53 -16.35
N PRO K 196 33.78 42.72 -15.02
CA PRO K 196 33.22 43.93 -14.40
C PRO K 196 33.83 45.23 -14.92
N LEU K 197 33.00 46.26 -14.99
CA LEU K 197 33.42 47.58 -15.46
C LEU K 197 34.64 48.10 -14.70
N ASP K 198 34.79 47.68 -13.44
CA ASP K 198 35.90 48.11 -12.59
C ASP K 198 37.21 48.24 -13.37
N ARG K 199 37.70 47.10 -13.88
CA ARG K 199 38.94 47.06 -14.68
C ARG K 199 38.68 46.80 -16.16
N LEU K 200 37.50 47.24 -16.62
CA LEU K 200 37.10 47.13 -18.01
C LEU K 200 38.00 48.06 -18.82
N ASN K 201 38.46 49.13 -18.19
CA ASN K 201 39.33 50.10 -18.85
C ASN K 201 40.67 49.51 -19.26
N PHE K 202 41.33 48.83 -18.32
CA PHE K 202 42.63 48.23 -18.59
C PHE K 202 42.59 47.21 -19.71
N GLU K 203 41.46 46.53 -19.83
CA GLU K 203 41.34 45.54 -20.88
C GLU K 203 41.17 46.26 -22.22
N LEU K 204 41.16 47.59 -22.20
CA LEU K 204 41.01 48.33 -23.42
C LEU K 204 42.31 48.97 -23.81
N GLY K 205 43.20 49.16 -22.85
CA GLY K 205 44.48 49.79 -23.17
C GLY K 205 45.31 48.85 -24.02
N VAL K 206 45.00 47.59 -23.89
CA VAL K 206 45.71 46.60 -24.65
C VAL K 206 45.58 46.94 -26.13
N ALA K 207 44.51 47.62 -26.50
CA ALA K 207 44.22 48.00 -27.88
C ALA K 207 45.16 49.06 -28.40
N ILE K 208 45.87 49.73 -27.51
CA ILE K 208 46.80 50.78 -27.91
C ILE K 208 47.74 50.34 -29.04
N ASP K 209 47.86 51.17 -30.07
CA ASP K 209 48.75 50.82 -31.18
C ASP K 209 48.54 49.43 -31.79
N GLN K 210 47.30 48.92 -31.79
CA GLN K 210 47.01 47.60 -32.36
C GLN K 210 46.29 47.82 -33.66
N PHE K 211 46.49 46.90 -34.61
CA PHE K 211 45.83 47.00 -35.91
C PHE K 211 44.32 46.71 -35.82
N LEU K 212 43.96 45.69 -35.05
CA LEU K 212 42.57 45.33 -34.88
C LEU K 212 42.38 44.61 -33.55
N VAL K 213 41.16 44.57 -33.07
CA VAL K 213 40.88 43.89 -31.81
C VAL K 213 39.75 42.91 -32.06
N VAL K 214 39.52 42.02 -31.10
CA VAL K 214 38.50 40.98 -31.20
C VAL K 214 37.81 40.81 -29.84
N PHE K 215 36.48 40.94 -29.86
CA PHE K 215 35.69 40.77 -28.65
C PHE K 215 35.11 39.35 -28.68
N GLU K 216 35.84 38.41 -28.09
CA GLU K 216 35.41 37.03 -28.05
C GLU K 216 34.27 36.75 -27.05
N ASP K 217 33.35 35.87 -27.46
CA ASP K 217 32.22 35.39 -26.67
C ASP K 217 31.67 36.47 -25.74
N VAL K 218 31.04 37.48 -26.32
CA VAL K 218 30.48 38.56 -25.55
C VAL K 218 29.13 38.10 -25.05
N LYS K 219 28.89 38.33 -23.75
CA LYS K 219 27.65 37.98 -23.06
C LYS K 219 26.62 39.09 -23.17
N GLY K 220 25.37 38.70 -23.37
CA GLY K 220 24.28 39.67 -23.50
C GLY K 220 23.08 39.28 -22.65
N THR K 221 21.87 39.60 -23.09
CA THR K 221 20.70 39.24 -22.29
C THR K 221 19.58 38.76 -23.18
N GLY K 222 18.46 38.41 -22.56
CA GLY K 222 17.30 37.95 -23.32
C GLY K 222 17.42 36.51 -23.76
N GLY K 223 18.63 35.96 -23.64
CA GLY K 223 18.85 34.60 -24.05
C GLY K 223 18.43 33.59 -22.99
N GLU K 224 17.56 34.00 -22.07
CA GLU K 224 17.07 33.11 -21.00
C GLU K 224 16.28 31.95 -21.63
N SER K 225 15.82 32.17 -22.86
CA SER K 225 15.08 31.16 -23.59
C SER K 225 16.00 30.06 -24.12
N ARG K 226 16.99 30.45 -24.94
CA ARG K 226 17.93 29.49 -25.52
C ARG K 226 18.94 29.01 -24.50
N ASP K 227 18.61 29.20 -23.23
CA ASP K 227 19.47 28.79 -22.12
C ASP K 227 20.84 29.46 -22.17
N LEU K 228 20.87 30.76 -22.42
CA LEU K 228 22.11 31.52 -22.53
C LEU K 228 22.24 32.47 -21.36
N PRO K 229 23.24 32.25 -20.48
CA PRO K 229 23.50 33.08 -19.29
C PRO K 229 23.66 34.55 -19.61
N SER K 230 23.06 35.39 -18.79
CA SER K 230 23.12 36.81 -19.02
C SER K 230 24.46 37.39 -18.55
N GLY K 231 24.78 38.60 -19.01
CA GLY K 231 26.03 39.23 -18.66
C GLY K 231 26.04 40.63 -19.23
N GLN K 232 27.11 41.39 -19.02
CA GLN K 232 27.17 42.77 -19.53
C GLN K 232 27.60 42.80 -20.96
N GLY K 233 28.90 42.63 -21.18
CA GLY K 233 29.45 42.63 -22.53
C GLY K 233 28.69 43.48 -23.51
N ILE K 234 27.62 42.93 -24.08
CA ILE K 234 26.79 43.65 -25.02
C ILE K 234 26.43 45.02 -24.45
N ASN K 235 26.18 45.08 -23.15
CA ASN K 235 25.83 46.36 -22.56
C ASN K 235 27.03 47.28 -22.57
N ASN K 236 28.19 46.74 -22.16
CA ASN K 236 29.44 47.50 -22.12
C ASN K 236 29.91 47.92 -23.50
N LEU K 237 29.48 47.18 -24.52
CA LEU K 237 29.85 47.53 -25.87
C LEU K 237 29.06 48.77 -26.28
N ASP K 238 27.77 48.76 -25.93
CA ASP K 238 26.88 49.87 -26.26
C ASP K 238 27.27 51.17 -25.56
N ASN K 239 28.18 51.03 -24.61
CA ASN K 239 28.70 52.17 -23.87
C ASN K 239 30.00 52.68 -24.50
N LEU K 240 30.60 51.86 -25.34
CA LEU K 240 31.82 52.22 -26.00
C LEU K 240 31.50 52.52 -27.44
N ARG K 241 30.45 53.29 -27.69
CA ARG K 241 30.05 53.55 -29.07
C ARG K 241 31.09 54.33 -29.85
N ASP K 242 31.63 55.37 -29.22
CA ASP K 242 32.62 56.24 -29.84
C ASP K 242 33.88 55.46 -30.10
N TYR K 243 33.95 54.26 -29.55
CA TYR K 243 35.09 53.40 -29.75
C TYR K 243 34.95 52.63 -31.08
N LEU K 244 33.85 51.92 -31.23
CA LEU K 244 33.58 51.16 -32.43
C LEU K 244 33.44 52.07 -33.64
N ASP K 245 32.84 53.22 -33.42
CA ASP K 245 32.61 54.12 -34.53
C ASP K 245 33.92 54.46 -35.18
N GLY K 246 34.93 54.76 -34.39
CA GLY K 246 36.19 55.15 -34.96
C GLY K 246 36.15 56.58 -35.50
N SER K 247 35.24 57.42 -34.98
CA SER K 247 35.19 58.81 -35.47
C SER K 247 36.10 59.75 -34.68
N VAL K 248 36.02 59.69 -33.36
CA VAL K 248 36.87 60.55 -32.53
C VAL K 248 37.93 59.71 -31.83
N LYS K 249 39.08 60.31 -31.56
CA LYS K 249 40.10 59.52 -30.89
C LYS K 249 39.67 59.29 -29.43
N VAL K 250 39.71 58.04 -28.98
CA VAL K 250 39.36 57.80 -27.60
C VAL K 250 40.62 57.83 -26.73
N ASN K 251 40.44 57.79 -25.41
CA ASN K 251 41.57 57.85 -24.51
C ASN K 251 41.76 56.53 -23.77
N LEU K 252 42.82 55.81 -24.11
CA LEU K 252 43.16 54.53 -23.50
C LEU K 252 44.38 54.65 -22.61
N GLU K 253 44.51 53.74 -21.66
CA GLU K 253 45.66 53.76 -20.77
C GLU K 253 46.09 52.36 -20.39
N LYS K 254 47.35 52.22 -19.99
CA LYS K 254 47.88 50.92 -19.56
C LYS K 254 48.47 51.02 -18.15
N LYS K 255 47.71 51.60 -17.24
CA LYS K 255 48.15 51.75 -15.87
C LYS K 255 49.41 52.61 -15.75
N HIS K 256 50.40 52.11 -15.01
CA HIS K 256 51.65 52.82 -14.77
C HIS K 256 52.36 53.18 -16.08
N LEU K 257 52.02 52.45 -17.14
CA LEU K 257 52.64 52.66 -18.44
C LEU K 257 52.30 54.00 -19.13
N ASN K 258 51.77 53.92 -20.33
CA ASN K 258 51.38 55.09 -21.14
C ASN K 258 49.87 55.15 -21.49
N LYS K 259 49.31 56.36 -21.44
CA LYS K 259 47.88 56.59 -21.74
C LYS K 259 47.75 57.40 -23.03
N ARG K 260 47.80 56.69 -24.17
CA ARG K 260 47.70 57.30 -25.50
C ARG K 260 46.27 57.58 -25.95
N THR K 261 46.12 58.63 -26.74
CA THR K 261 44.83 59.03 -27.23
C THR K 261 44.79 58.70 -28.73
N GLN K 262 43.90 57.82 -29.15
CA GLN K 262 43.83 57.48 -30.56
C GLN K 262 42.48 56.91 -30.93
N ILE K 263 42.32 56.59 -32.20
CA ILE K 263 41.06 56.04 -32.67
C ILE K 263 41.04 54.55 -32.46
N PHE K 264 40.07 54.06 -31.70
CA PHE K 264 40.01 52.64 -31.42
C PHE K 264 40.14 51.76 -32.67
N PRO K 265 40.88 50.66 -32.56
CA PRO K 265 41.04 49.80 -33.73
C PRO K 265 39.76 49.10 -34.21
N PRO K 266 39.65 48.82 -35.51
CA PRO K 266 38.46 48.15 -35.97
C PRO K 266 38.61 46.70 -35.58
N GLY K 267 37.57 45.90 -35.81
CA GLY K 267 37.66 44.49 -35.46
C GLY K 267 36.43 43.61 -35.67
N ILE K 268 36.37 42.55 -34.89
CA ILE K 268 35.30 41.58 -34.98
C ILE K 268 34.67 41.41 -33.62
N VAL K 269 33.42 40.96 -33.57
CA VAL K 269 32.74 40.71 -32.31
C VAL K 269 31.99 39.40 -32.50
N THR K 270 32.27 38.42 -31.64
CA THR K 270 31.60 37.14 -31.71
C THR K 270 30.78 36.93 -30.44
N MET K 271 29.51 36.58 -30.60
CA MET K 271 28.64 36.36 -29.45
C MET K 271 27.83 35.06 -29.63
N ASN K 272 27.46 34.44 -28.51
CA ASN K 272 26.69 33.20 -28.52
C ASN K 272 25.24 33.39 -28.92
N GLU K 273 24.93 34.51 -29.56
CA GLU K 273 23.59 34.74 -30.03
C GLU K 273 22.58 35.27 -29.01
N TYR K 274 22.81 36.49 -28.58
CA TYR K 274 21.91 37.17 -27.66
C TYR K 274 21.24 38.28 -28.46
N SER K 275 20.42 39.08 -27.78
CA SER K 275 19.74 40.19 -28.44
C SER K 275 20.66 41.42 -28.54
N VAL K 276 20.75 41.99 -29.75
CA VAL K 276 21.60 43.16 -30.00
C VAL K 276 20.83 44.44 -30.23
N PRO K 277 21.12 45.48 -29.43
CA PRO K 277 20.49 46.80 -29.51
C PRO K 277 20.73 47.44 -30.86
N LYS K 278 19.72 48.09 -31.40
CA LYS K 278 19.86 48.72 -32.70
C LYS K 278 20.98 49.73 -32.74
N THR K 279 21.45 50.12 -31.57
CA THR K 279 22.51 51.09 -31.49
C THR K 279 23.86 50.42 -31.61
N LEU K 280 23.88 49.11 -31.42
CA LEU K 280 25.13 48.36 -31.50
C LEU K 280 25.15 47.65 -32.84
N GLN K 281 23.96 47.23 -33.28
CA GLN K 281 23.80 46.53 -34.56
C GLN K 281 24.13 47.46 -35.71
N ALA K 282 24.29 48.75 -35.41
CA ALA K 282 24.64 49.74 -36.42
C ALA K 282 26.16 49.85 -36.53
N ARG K 283 26.87 49.51 -35.46
CA ARG K 283 28.31 49.63 -35.49
C ARG K 283 28.90 48.50 -36.31
N PHE K 284 28.06 47.53 -36.66
CA PHE K 284 28.52 46.41 -37.48
C PHE K 284 28.14 46.63 -38.93
N VAL K 285 29.16 46.67 -39.80
CA VAL K 285 28.97 46.86 -41.23
C VAL K 285 28.42 45.59 -41.86
N LYS K 286 28.89 44.45 -41.37
CA LYS K 286 28.45 43.15 -41.88
C LYS K 286 28.26 42.14 -40.74
N GLN K 287 27.27 41.28 -40.87
CA GLN K 287 26.99 40.26 -39.87
C GLN K 287 26.97 38.89 -40.53
N ILE K 288 27.67 37.92 -39.93
CA ILE K 288 27.76 36.56 -40.44
C ILE K 288 27.12 35.62 -39.42
N ASP K 289 26.26 34.72 -39.89
CA ASP K 289 25.59 33.80 -38.99
C ASP K 289 26.25 32.45 -39.15
N PHE K 290 26.87 31.98 -38.08
CA PHE K 290 27.56 30.69 -38.12
C PHE K 290 26.61 29.62 -37.60
N ARG K 291 26.72 28.43 -38.16
CA ARG K 291 25.90 27.31 -37.71
C ARG K 291 26.70 26.02 -37.74
N PRO K 292 26.42 25.10 -36.79
CA PRO K 292 27.12 23.81 -36.70
C PRO K 292 26.94 22.98 -37.96
N LYS K 293 28.01 22.27 -38.33
CA LYS K 293 27.99 21.40 -39.49
C LYS K 293 28.64 20.07 -39.16
N ASP K 294 27.82 19.03 -39.17
CA ASP K 294 28.28 17.69 -38.87
C ASP K 294 29.54 17.26 -39.62
N TYR K 295 29.53 17.36 -40.95
CA TYR K 295 30.67 16.93 -41.76
C TYR K 295 31.94 17.66 -41.37
N LEU K 296 31.82 18.96 -41.11
CA LEU K 296 32.98 19.72 -40.73
C LEU K 296 33.51 19.13 -39.44
N LYS K 297 32.59 18.69 -38.58
CA LYS K 297 32.96 18.12 -37.30
C LYS K 297 33.53 16.71 -37.50
N HIS K 298 32.80 15.88 -38.22
CA HIS K 298 33.25 14.51 -38.45
C HIS K 298 34.57 14.51 -39.19
N CYS K 299 34.83 15.56 -39.95
CA CYS K 299 36.08 15.62 -40.67
C CYS K 299 37.24 15.78 -39.71
N LEU K 300 37.05 16.59 -38.68
CA LEU K 300 38.11 16.85 -37.71
C LEU K 300 38.38 15.60 -36.92
N GLU K 301 37.34 14.82 -36.69
CA GLU K 301 37.48 13.59 -35.93
C GLU K 301 38.49 12.70 -36.62
N ARG K 302 38.47 12.74 -37.94
CA ARG K 302 39.36 11.93 -38.75
C ARG K 302 40.53 12.73 -39.31
N SER K 303 40.69 13.94 -38.81
CA SER K 303 41.77 14.84 -39.23
C SER K 303 42.20 15.61 -37.99
N GLU K 304 42.31 14.90 -36.88
CA GLU K 304 42.65 15.49 -35.59
C GLU K 304 43.83 16.44 -35.61
N PHE K 305 44.70 16.31 -36.59
CA PHE K 305 45.85 17.19 -36.62
C PHE K 305 45.46 18.64 -36.89
N LEU K 306 44.31 18.83 -37.52
CA LEU K 306 43.87 20.20 -37.81
C LEU K 306 43.56 20.96 -36.53
N LEU K 307 43.49 20.24 -35.42
CA LEU K 307 43.22 20.85 -34.12
C LEU K 307 44.42 20.78 -33.23
N GLU K 308 45.03 19.60 -33.13
CA GLU K 308 46.21 19.45 -32.30
C GLU K 308 47.28 20.44 -32.73
N LYS K 309 47.37 20.64 -34.04
CA LYS K 309 48.34 21.55 -34.65
C LYS K 309 47.84 22.99 -34.61
N ARG K 310 46.55 23.14 -34.31
CA ARG K 310 45.93 24.46 -34.22
C ARG K 310 46.19 25.15 -35.53
N ILE K 311 45.69 24.54 -36.60
CA ILE K 311 45.89 25.06 -37.94
C ILE K 311 44.69 25.82 -38.47
N ILE K 312 43.50 25.22 -38.45
CA ILE K 312 42.34 25.90 -39.00
C ILE K 312 42.01 27.21 -38.27
N GLN K 313 42.72 27.48 -37.18
CA GLN K 313 42.48 28.70 -36.45
C GLN K 313 43.73 29.59 -36.50
N SER K 314 44.53 29.41 -37.54
CA SER K 314 45.76 30.16 -37.70
C SER K 314 45.70 31.15 -38.82
N GLY K 315 46.64 32.08 -38.80
CA GLY K 315 46.67 33.05 -39.87
C GLY K 315 47.41 32.47 -41.06
N ILE K 316 48.57 31.86 -40.81
CA ILE K 316 49.39 31.29 -41.89
C ILE K 316 48.43 30.52 -42.82
N ALA K 317 47.51 29.76 -42.23
CA ALA K 317 46.56 29.02 -43.01
C ALA K 317 45.76 29.97 -43.93
N LEU K 318 45.14 30.98 -43.34
CA LEU K 318 44.40 31.91 -44.14
C LEU K 318 45.29 32.57 -45.18
N LEU K 319 46.48 33.02 -44.78
CA LEU K 319 47.39 33.69 -45.70
C LEU K 319 47.64 32.81 -46.89
N LEU K 320 47.81 31.53 -46.62
CA LEU K 320 48.06 30.59 -47.68
C LEU K 320 46.85 30.58 -48.57
N MET K 321 45.66 30.55 -47.97
CA MET K 321 44.40 30.53 -48.72
C MET K 321 44.30 31.71 -49.67
N LEU K 322 44.81 32.85 -49.22
CA LEU K 322 44.76 34.07 -50.00
C LEU K 322 45.71 33.97 -51.16
N ILE K 323 46.82 33.28 -50.90
CA ILE K 323 47.87 33.09 -51.91
C ILE K 323 47.40 32.09 -52.93
N TRP K 324 46.67 31.09 -52.46
CA TRP K 324 46.18 30.05 -53.34
C TRP K 324 45.05 30.52 -54.24
N TYR K 325 44.23 31.47 -53.78
CA TYR K 325 43.08 31.97 -54.54
C TYR K 325 43.26 33.36 -55.15
N ARG K 326 43.23 34.39 -54.31
CA ARG K 326 43.44 35.79 -54.69
C ARG K 326 44.47 36.08 -55.82
N PRO K 327 44.19 37.07 -56.68
CA PRO K 327 45.06 37.45 -57.79
C PRO K 327 46.22 38.26 -57.30
N VAL K 328 47.35 38.13 -57.98
CA VAL K 328 48.58 38.82 -57.57
C VAL K 328 48.36 40.29 -57.36
N ALA K 329 47.44 40.84 -58.12
CA ALA K 329 47.15 42.27 -58.05
C ALA K 329 46.42 42.71 -56.78
N GLU K 330 45.72 41.81 -56.12
CA GLU K 330 45.03 42.24 -54.91
C GLU K 330 45.97 42.43 -53.77
N PHE K 331 47.25 42.08 -53.93
CA PHE K 331 48.21 42.26 -52.84
C PHE K 331 49.03 43.48 -53.13
N ALA K 332 49.64 44.06 -52.10
CA ALA K 332 50.44 45.25 -52.27
C ALA K 332 51.65 45.02 -53.17
N GLN K 333 51.97 46.01 -53.99
CA GLN K 333 53.06 45.88 -54.91
C GLN K 333 54.32 45.37 -54.31
N SER K 334 54.74 45.96 -53.20
CA SER K 334 55.98 45.55 -52.58
C SER K 334 56.02 44.15 -52.04
N ILE K 335 55.02 43.34 -52.36
CA ILE K 335 55.01 42.00 -51.81
C ILE K 335 54.54 41.00 -52.84
N GLN K 336 54.23 41.50 -54.04
CA GLN K 336 53.74 40.69 -55.18
C GLN K 336 54.81 39.66 -55.56
N SER K 337 56.05 40.10 -55.50
CA SER K 337 57.14 39.21 -55.79
C SER K 337 57.03 37.94 -54.94
N ARG K 338 56.85 38.11 -53.63
CA ARG K 338 56.77 36.97 -52.72
C ARG K 338 55.51 36.17 -52.92
N ILE K 339 54.42 36.85 -53.25
CA ILE K 339 53.17 36.14 -53.45
C ILE K 339 53.34 35.21 -54.63
N VAL K 340 53.95 35.71 -55.69
CA VAL K 340 54.21 34.89 -56.85
C VAL K 340 55.12 33.71 -56.46
N GLU K 341 56.24 33.98 -55.80
CA GLU K 341 57.16 32.92 -55.39
C GLU K 341 56.40 31.81 -54.72
N TRP K 342 55.45 32.19 -53.85
CA TRP K 342 54.67 31.18 -53.16
C TRP K 342 53.60 30.54 -54.03
N LYS K 343 53.02 31.31 -54.95
CA LYS K 343 51.99 30.76 -55.83
C LYS K 343 52.59 29.71 -56.75
N GLU K 344 53.89 29.88 -57.04
CA GLU K 344 54.62 28.95 -57.89
C GLU K 344 54.94 27.76 -57.02
N ARG K 345 55.42 28.03 -55.82
CA ARG K 345 55.76 26.97 -54.91
C ARG K 345 54.58 26.06 -54.61
N LEU K 346 53.44 26.66 -54.31
CA LEU K 346 52.26 25.90 -53.97
C LEU K 346 51.77 25.10 -55.15
N ASP K 347 52.06 25.60 -56.35
CA ASP K 347 51.60 24.88 -57.53
C ASP K 347 52.40 23.63 -57.70
N LYS K 348 53.71 23.80 -57.75
CA LYS K 348 54.60 22.69 -57.91
C LYS K 348 54.37 21.71 -56.76
N GLU K 349 53.63 22.15 -55.75
CA GLU K 349 53.37 21.33 -54.58
C GLU K 349 52.10 20.55 -54.63
N PHE K 350 51.01 21.21 -55.05
CA PHE K 350 49.71 20.54 -55.13
C PHE K 350 49.05 20.71 -56.51
N SER K 351 48.29 19.73 -56.93
CA SER K 351 47.68 19.84 -58.24
C SER K 351 46.28 20.38 -58.06
N LEU K 352 45.77 21.06 -59.08
CA LEU K 352 44.45 21.66 -58.98
C LEU K 352 43.36 20.64 -58.63
N SER K 353 43.62 19.38 -58.96
CA SER K 353 42.65 18.35 -58.69
C SER K 353 42.92 17.72 -57.34
N VAL K 354 44.18 17.75 -56.92
CA VAL K 354 44.59 17.17 -55.63
C VAL K 354 43.91 17.96 -54.51
N TYR K 355 44.00 19.29 -54.59
CA TYR K 355 43.40 20.17 -53.60
C TYR K 355 41.89 20.01 -53.60
N GLN K 356 41.28 20.12 -54.78
CA GLN K 356 39.85 19.98 -54.89
C GLN K 356 39.40 18.69 -54.27
N LYS K 357 40.28 17.70 -54.25
CA LYS K 357 39.95 16.39 -53.68
C LYS K 357 39.87 16.51 -52.19
N MET K 358 40.57 17.49 -51.64
CA MET K 358 40.56 17.70 -50.20
C MET K 358 39.25 18.33 -49.79
N LYS K 359 38.82 19.35 -50.51
CA LYS K 359 37.56 20.00 -50.18
C LYS K 359 36.42 19.01 -50.34
N PHE K 360 36.65 17.98 -51.15
CA PHE K 360 35.64 16.93 -51.39
C PHE K 360 35.45 16.11 -50.10
N ASN K 361 36.58 15.62 -49.58
CA ASN K 361 36.61 14.82 -48.35
C ASN K 361 35.93 15.55 -47.21
N VAL K 362 36.07 16.87 -47.17
CA VAL K 362 35.45 17.65 -46.12
C VAL K 362 33.94 17.62 -46.26
N ALA K 363 33.42 18.05 -47.39
CA ALA K 363 31.98 18.09 -47.55
C ALA K 363 31.33 16.76 -47.28
N MET K 364 32.15 15.71 -47.28
CA MET K 364 31.66 14.36 -47.03
C MET K 364 31.57 14.06 -45.56
N GLY K 365 32.68 14.22 -44.85
CA GLY K 365 32.66 13.95 -43.42
C GLY K 365 33.82 13.04 -43.10
N ILE K 366 34.61 12.75 -44.13
CA ILE K 366 35.77 11.89 -43.97
C ILE K 366 37.07 12.73 -43.87
N GLY K 367 38.15 12.11 -43.39
CA GLY K 367 39.41 12.80 -43.26
C GLY K 367 39.78 13.52 -44.53
N VAL K 368 40.50 14.63 -44.43
CA VAL K 368 40.86 15.41 -45.59
C VAL K 368 41.94 14.77 -46.43
N LEU K 369 42.91 14.14 -45.79
CA LEU K 369 44.03 13.53 -46.50
C LEU K 369 43.79 12.09 -46.94
N ASP K 370 42.52 11.72 -47.10
CA ASP K 370 42.14 10.37 -47.54
C ASP K 370 42.25 10.23 -49.06
N THR L 8 80.29 68.09 -25.48
CA THR L 8 81.05 66.86 -25.11
C THR L 8 80.57 65.66 -25.95
N LYS L 9 81.20 64.50 -25.71
CA LYS L 9 80.87 63.24 -26.42
C LYS L 9 79.45 62.82 -26.04
N GLN L 10 78.77 63.67 -25.26
CA GLN L 10 77.41 63.42 -24.79
C GLN L 10 76.35 64.06 -25.69
N VAL L 11 75.10 63.64 -25.51
CA VAL L 11 73.99 64.16 -26.30
C VAL L 11 73.55 65.51 -25.76
N SER L 12 72.87 66.29 -26.59
CA SER L 12 72.41 67.62 -26.17
C SER L 12 70.98 67.52 -25.73
N TRP L 13 70.74 67.40 -24.44
CA TRP L 13 69.37 67.32 -23.97
C TRP L 13 68.55 68.48 -24.50
N LYS L 14 69.19 69.64 -24.59
CA LYS L 14 68.52 70.85 -25.06
C LYS L 14 68.01 70.73 -26.49
N LEU L 15 68.72 69.97 -27.34
CA LEU L 15 68.34 69.79 -28.74
C LEU L 15 67.19 68.78 -28.93
N VAL L 16 67.21 67.71 -28.15
CA VAL L 16 66.16 66.74 -28.24
C VAL L 16 64.90 67.46 -27.80
N THR L 17 65.07 68.46 -26.95
CA THR L 17 63.93 69.23 -26.48
C THR L 17 63.47 70.16 -27.59
N GLU L 18 64.43 70.89 -28.12
CA GLU L 18 64.17 71.85 -29.19
C GLU L 18 63.37 71.17 -30.30
N TYR L 19 63.67 69.90 -30.54
CA TYR L 19 63.00 69.16 -31.59
C TYR L 19 61.60 68.90 -31.16
N ALA L 20 61.45 68.53 -29.90
CA ALA L 20 60.13 68.24 -29.36
C ALA L 20 59.23 69.47 -29.42
N MET L 21 59.85 70.63 -29.31
CA MET L 21 59.14 71.88 -29.34
C MET L 21 58.56 72.15 -30.71
N GLU L 22 59.38 72.03 -31.77
CA GLU L 22 58.96 72.26 -33.16
C GLU L 22 57.76 71.36 -33.50
N THR L 23 57.93 70.07 -33.31
CA THR L 23 56.88 69.11 -33.58
C THR L 23 55.69 69.13 -32.61
N LYS L 24 55.81 69.86 -31.51
CA LYS L 24 54.75 69.93 -30.46
C LYS L 24 54.44 68.53 -29.95
N CYS L 25 55.47 67.71 -29.83
CA CYS L 25 55.34 66.33 -29.41
C CYS L 25 55.25 66.15 -27.91
N ASP L 26 54.14 65.57 -27.45
CA ASP L 26 53.98 65.35 -26.03
C ASP L 26 53.83 63.87 -25.73
N ASP L 27 54.57 63.07 -26.47
CA ASP L 27 54.51 61.63 -26.29
C ASP L 27 55.91 61.06 -26.23
N VAL L 28 56.33 60.64 -25.03
CA VAL L 28 57.66 60.07 -24.85
C VAL L 28 57.98 58.98 -25.87
N LEU L 29 57.16 57.95 -25.97
CA LEU L 29 57.42 56.91 -26.97
C LEU L 29 57.64 57.48 -28.37
N LEU L 30 56.65 58.25 -28.87
CA LEU L 30 56.72 58.84 -30.21
C LEU L 30 57.99 59.65 -30.39
N LEU L 31 58.23 60.58 -29.50
CA LEU L 31 59.44 61.39 -29.57
C LEU L 31 60.68 60.52 -29.70
N LEU L 32 60.70 59.40 -28.99
CA LEU L 32 61.82 58.47 -29.01
C LEU L 32 61.93 57.91 -30.42
N GLY L 33 60.98 57.05 -30.80
CA GLY L 33 60.99 56.47 -32.14
C GLY L 33 61.30 57.47 -33.24
N MET L 34 60.69 58.63 -33.15
CA MET L 34 60.92 59.68 -34.11
C MET L 34 62.37 60.16 -34.14
N TYR L 35 62.95 60.40 -32.96
CA TYR L 35 64.29 60.94 -32.88
C TYR L 35 65.34 59.96 -33.26
N LEU L 36 65.05 58.68 -33.07
CA LEU L 36 66.01 57.64 -33.41
C LEU L 36 66.14 57.43 -34.91
N GLU L 37 65.27 58.07 -35.69
CA GLU L 37 65.36 57.94 -37.13
C GLU L 37 66.39 58.93 -37.65
N PHE L 38 66.89 59.81 -36.79
CA PHE L 38 67.87 60.79 -37.22
C PHE L 38 69.29 60.28 -36.94
N GLN L 39 69.38 59.11 -36.33
CA GLN L 39 70.69 58.56 -35.99
C GLN L 39 71.39 57.99 -37.21
N TYR L 40 70.65 57.80 -38.28
CA TYR L 40 71.22 57.23 -39.47
C TYR L 40 71.73 58.29 -40.41
N SER L 41 72.41 57.86 -41.46
CA SER L 41 72.97 58.75 -42.47
C SER L 41 71.93 59.68 -43.10
N PHE L 42 72.30 60.96 -43.18
CA PHE L 42 71.45 61.98 -43.75
C PHE L 42 71.45 61.89 -45.28
N GLU L 43 72.59 61.54 -45.84
CA GLU L 43 72.74 61.39 -47.28
C GLU L 43 71.84 60.29 -47.84
N MET L 44 72.07 59.06 -47.41
CA MET L 44 71.29 57.91 -47.88
C MET L 44 69.81 57.88 -47.44
N CYS L 45 69.40 58.85 -46.62
CA CYS L 45 68.02 58.93 -46.09
C CYS L 45 67.00 58.95 -47.20
N LEU L 46 66.24 57.87 -47.35
CA LEU L 46 65.22 57.83 -48.40
C LEU L 46 63.96 58.51 -47.91
N LYS L 47 63.87 58.59 -46.58
CA LYS L 47 62.76 59.24 -45.89
C LYS L 47 62.82 60.75 -46.13
N CYS L 48 63.94 61.20 -46.68
CA CYS L 48 64.12 62.61 -46.94
C CYS L 48 63.88 62.87 -48.42
N ILE L 49 64.58 62.13 -49.27
CA ILE L 49 64.43 62.24 -50.72
C ILE L 49 62.95 62.22 -51.09
N LYS L 50 62.21 61.24 -50.55
CA LYS L 50 60.79 61.10 -50.83
C LYS L 50 59.93 62.21 -50.24
N LYS L 51 60.30 62.71 -49.05
CA LYS L 51 59.56 63.75 -48.32
C LYS L 51 58.11 63.30 -48.10
N GLU L 52 57.94 62.38 -47.17
CA GLU L 52 56.61 61.86 -46.92
C GLU L 52 56.18 62.11 -45.49
N GLN L 53 57.11 62.63 -44.69
CA GLN L 53 56.82 62.94 -43.29
C GLN L 53 57.60 64.16 -42.83
N PRO L 54 56.96 65.33 -42.88
CA PRO L 54 57.58 66.60 -42.48
C PRO L 54 58.30 66.55 -41.13
N SER L 55 57.69 65.88 -40.16
CA SER L 55 58.22 65.79 -38.83
C SER L 55 59.55 65.11 -38.81
N HIS L 56 59.96 64.66 -39.98
CA HIS L 56 61.22 63.96 -40.09
C HIS L 56 62.15 64.59 -41.08
N TYR L 57 61.70 64.70 -42.31
CA TYR L 57 62.55 65.24 -43.35
C TYR L 57 62.95 66.69 -43.16
N LYS L 58 62.41 67.35 -42.16
CA LYS L 58 62.74 68.75 -41.93
C LYS L 58 63.70 68.93 -40.79
N TYR L 59 63.99 67.85 -40.10
CA TYR L 59 64.89 67.96 -38.97
C TYR L 59 65.99 66.91 -38.91
N HIS L 60 66.09 66.02 -39.89
CA HIS L 60 67.13 65.02 -39.81
C HIS L 60 68.54 65.59 -39.94
N GLU L 61 68.76 66.39 -40.97
CA GLU L 61 70.07 66.96 -41.16
C GLU L 61 70.56 67.66 -39.92
N LYS L 62 69.77 68.61 -39.43
CA LYS L 62 70.13 69.38 -38.24
C LYS L 62 70.41 68.54 -36.98
N HIS L 63 69.69 67.43 -36.85
CA HIS L 63 69.78 66.57 -35.69
C HIS L 63 70.61 65.31 -35.86
N TYR L 64 71.26 65.18 -37.01
CA TYR L 64 72.05 63.98 -37.31
C TYR L 64 73.10 63.70 -36.24
N ALA L 65 73.98 64.67 -36.02
CA ALA L 65 75.06 64.59 -35.04
C ALA L 65 74.58 64.22 -33.64
N ASN L 66 73.71 65.05 -33.09
CA ASN L 66 73.20 64.77 -31.77
C ASN L 66 72.46 63.45 -31.74
N ALA L 67 71.72 63.14 -32.79
CA ALA L 67 70.94 61.91 -32.75
C ALA L 67 71.86 60.72 -32.87
N ALA L 68 73.01 60.94 -33.45
CA ALA L 68 73.93 59.85 -33.62
C ALA L 68 74.52 59.44 -32.30
N ILE L 69 74.60 60.39 -31.39
CA ILE L 69 75.10 60.20 -30.04
C ILE L 69 73.95 59.68 -29.17
N PHE L 70 72.75 60.18 -29.44
CA PHE L 70 71.54 59.77 -28.72
C PHE L 70 71.38 58.22 -28.73
N ALA L 71 71.86 57.60 -29.80
CA ALA L 71 71.76 56.18 -29.96
C ALA L 71 72.71 55.48 -29.02
N ASP L 72 73.76 56.19 -28.62
CA ASP L 72 74.78 55.65 -27.70
C ASP L 72 74.60 56.23 -26.30
N SER L 73 73.35 56.37 -25.87
CA SER L 73 73.05 56.90 -24.54
C SER L 73 72.33 55.83 -23.73
N LYS L 74 72.23 56.05 -22.43
CA LYS L 74 71.57 55.09 -21.60
C LYS L 74 70.44 55.74 -20.83
N ASN L 75 70.03 56.92 -21.27
CA ASN L 75 68.95 57.62 -20.61
C ASN L 75 67.99 58.10 -21.67
N GLN L 76 67.85 57.31 -22.71
CA GLN L 76 67.01 57.72 -23.80
C GLN L 76 65.63 58.23 -23.40
N LYS L 77 64.89 57.37 -22.70
CA LYS L 77 63.55 57.71 -22.25
C LYS L 77 63.59 58.87 -21.33
N THR L 78 64.63 58.91 -20.49
CA THR L 78 64.81 60.00 -19.52
C THR L 78 65.00 61.33 -20.25
N ILE L 79 65.92 61.36 -21.19
CA ILE L 79 66.17 62.56 -21.96
C ILE L 79 64.87 62.97 -22.69
N CYS L 80 64.17 62.00 -23.24
CA CYS L 80 62.94 62.30 -23.93
C CYS L 80 61.88 62.86 -23.01
N GLN L 81 61.70 62.23 -21.84
CA GLN L 81 60.72 62.66 -20.85
C GLN L 81 60.91 64.12 -20.57
N GLN L 82 62.13 64.52 -20.27
CA GLN L 82 62.39 65.92 -19.99
C GLN L 82 61.90 66.84 -21.10
N ALA L 83 62.08 66.41 -22.35
CA ALA L 83 61.65 67.21 -23.50
C ALA L 83 60.12 67.23 -23.47
N VAL L 84 59.51 66.09 -23.26
CA VAL L 84 58.08 66.09 -23.25
C VAL L 84 57.54 67.00 -22.17
N ASP L 85 58.14 66.94 -20.98
CA ASP L 85 57.69 67.77 -19.88
C ASP L 85 57.77 69.23 -20.29
N THR L 86 58.73 69.55 -21.15
CA THR L 86 58.88 70.91 -21.64
C THR L 86 57.69 71.23 -22.53
N VAL L 87 57.44 70.37 -23.51
CA VAL L 87 56.30 70.62 -24.38
C VAL L 87 55.03 70.81 -23.57
N LEU L 88 54.84 69.96 -22.56
CA LEU L 88 53.67 70.06 -21.68
C LEU L 88 53.70 71.37 -20.88
N ALA L 89 54.90 71.79 -20.44
CA ALA L 89 55.04 73.02 -19.68
C ALA L 89 54.58 74.19 -20.51
N LYS L 90 55.29 74.47 -21.58
CA LYS L 90 54.88 75.57 -22.45
C LYS L 90 53.37 75.54 -22.74
N LYS L 91 52.82 74.33 -22.84
CA LYS L 91 51.40 74.14 -23.08
C LYS L 91 50.63 74.77 -21.92
N ARG L 92 50.88 74.30 -20.70
CA ARG L 92 50.21 74.80 -19.50
C ARG L 92 50.33 76.30 -19.43
N VAL L 93 51.53 76.80 -19.58
CA VAL L 93 51.71 78.23 -19.54
C VAL L 93 50.77 78.98 -20.48
N ASP L 94 50.54 78.44 -21.68
CA ASP L 94 49.68 79.10 -22.67
C ASP L 94 48.23 79.08 -22.24
N SER L 95 47.85 78.02 -21.53
CA SER L 95 46.49 77.90 -21.03
C SER L 95 46.18 78.93 -19.98
N LEU L 96 47.21 79.58 -19.44
CA LEU L 96 47.00 80.58 -18.43
C LEU L 96 47.25 82.00 -18.96
N GLN L 97 48.36 82.20 -19.62
CA GLN L 97 48.64 83.52 -20.10
C GLN L 97 47.92 83.89 -21.38
N LEU L 98 47.95 83.01 -22.36
CA LEU L 98 47.25 83.32 -23.62
C LEU L 98 45.78 83.50 -23.39
N THR L 99 45.12 84.09 -24.38
CA THR L 99 43.68 84.29 -24.37
C THR L 99 42.98 83.25 -25.26
N ARG L 100 41.72 83.01 -24.98
CA ARG L 100 40.99 82.05 -25.74
C ARG L 100 41.22 82.33 -27.22
N GLU L 101 41.10 83.58 -27.64
CA GLU L 101 41.30 83.86 -29.05
C GLU L 101 42.71 83.57 -29.54
N GLN L 102 43.71 84.00 -28.79
CA GLN L 102 45.09 83.74 -29.17
C GLN L 102 45.28 82.23 -29.30
N MET L 103 44.63 81.48 -28.43
CA MET L 103 44.75 80.03 -28.44
C MET L 103 44.23 79.47 -29.73
N LEU L 104 43.02 79.86 -30.10
CA LEU L 104 42.42 79.39 -31.34
C LEU L 104 43.28 79.81 -32.54
N THR L 105 43.78 81.04 -32.49
CA THR L 105 44.60 81.58 -33.56
C THR L 105 45.74 80.64 -33.77
N ASN L 106 46.44 80.29 -32.71
CA ASN L 106 47.55 79.34 -32.83
C ASN L 106 47.14 78.03 -33.48
N ARG L 107 46.00 77.51 -33.03
CA ARG L 107 45.49 76.27 -33.57
C ARG L 107 45.25 76.43 -35.05
N PHE L 108 44.67 77.56 -35.46
CA PHE L 108 44.44 77.76 -36.88
C PHE L 108 45.70 77.74 -37.72
N ASN L 109 46.76 78.39 -37.23
CA ASN L 109 48.06 78.45 -37.91
C ASN L 109 48.60 77.03 -38.09
N ASP L 110 48.44 76.22 -37.06
CA ASP L 110 48.90 74.86 -37.18
C ASP L 110 48.24 74.19 -38.34
N LEU L 111 46.92 74.26 -38.41
CA LEU L 111 46.15 73.65 -39.49
C LEU L 111 46.58 74.26 -40.81
N LEU L 112 46.88 75.54 -40.81
CA LEU L 112 47.31 76.11 -42.06
C LEU L 112 48.67 75.55 -42.43
N ASP L 113 49.55 75.39 -41.45
CA ASP L 113 50.87 74.87 -41.74
C ASP L 113 50.73 73.49 -42.37
N ARG L 114 49.78 72.72 -41.87
CA ARG L 114 49.55 71.38 -42.35
C ARG L 114 48.99 71.48 -43.76
N MET L 115 48.05 72.40 -43.92
CA MET L 115 47.42 72.60 -45.19
C MET L 115 48.45 72.98 -46.21
N ASP L 116 49.36 73.88 -45.87
CA ASP L 116 50.45 74.28 -46.78
C ASP L 116 51.20 73.08 -47.37
N ILE L 117 51.41 72.06 -46.54
CA ILE L 117 52.14 70.88 -46.97
C ILE L 117 51.30 69.88 -47.72
N MET L 118 50.11 69.58 -47.19
CA MET L 118 49.22 68.60 -47.83
C MET L 118 48.72 69.08 -49.18
N PHE L 119 48.87 70.37 -49.45
CA PHE L 119 48.45 70.88 -50.73
C PHE L 119 49.64 71.45 -51.50
N GLY L 120 50.84 71.01 -51.13
CA GLY L 120 52.07 71.48 -51.77
C GLY L 120 52.56 70.49 -52.80
N SER L 121 53.70 70.75 -53.42
CA SER L 121 54.25 69.87 -54.46
C SER L 121 54.61 68.49 -53.88
N THR L 122 54.95 68.45 -52.59
CA THR L 122 55.31 67.22 -51.88
C THR L 122 54.10 66.57 -51.19
N GLY L 123 52.96 67.24 -51.32
CA GLY L 123 51.74 66.75 -50.72
C GLY L 123 51.13 65.57 -51.45
N SER L 124 49.99 65.11 -50.92
CA SER L 124 49.30 63.96 -51.48
C SER L 124 47.80 64.19 -51.54
N ALA L 125 47.37 65.36 -51.10
CA ALA L 125 45.96 65.70 -51.09
C ALA L 125 45.55 66.47 -52.30
N ASP L 126 44.28 66.32 -52.67
CA ASP L 126 43.68 66.99 -53.83
C ASP L 126 42.76 68.11 -53.34
N ILE L 127 43.15 69.33 -53.67
CA ILE L 127 42.43 70.47 -53.21
C ILE L 127 41.01 70.41 -53.65
N GLU L 128 40.76 69.63 -54.68
CA GLU L 128 39.41 69.53 -55.19
C GLU L 128 38.59 68.66 -54.29
N GLU L 129 39.08 67.46 -54.00
CA GLU L 129 38.35 66.55 -53.16
C GLU L 129 37.95 67.17 -51.84
N TRP L 130 38.89 67.90 -51.25
CA TRP L 130 38.62 68.52 -49.99
C TRP L 130 37.64 69.64 -50.15
N MET L 131 37.77 70.37 -51.26
CA MET L 131 36.85 71.49 -51.48
C MET L 131 35.46 70.90 -51.70
N ALA L 132 35.38 69.68 -52.21
CA ALA L 132 34.10 69.02 -52.40
C ALA L 132 33.51 68.68 -51.02
N GLY L 133 34.40 68.31 -50.10
CA GLY L 133 34.01 67.97 -48.74
C GLY L 133 33.39 69.20 -48.10
N VAL L 134 33.84 70.39 -48.51
CA VAL L 134 33.26 71.60 -47.97
C VAL L 134 31.81 71.74 -48.49
N ALA L 135 31.65 71.44 -49.76
CA ALA L 135 30.38 71.53 -50.41
C ALA L 135 29.41 70.63 -49.69
N TRP L 136 29.88 69.42 -49.42
CA TRP L 136 29.02 68.48 -48.79
C TRP L 136 28.64 68.96 -47.41
N LEU L 137 29.63 69.32 -46.63
CA LEU L 137 29.36 69.75 -45.28
C LEU L 137 28.42 70.96 -45.24
N HIS L 138 28.41 71.73 -46.33
CA HIS L 138 27.60 72.92 -46.39
C HIS L 138 26.15 72.65 -46.69
N CYS L 139 25.83 71.38 -46.87
CA CYS L 139 24.48 70.93 -47.15
C CYS L 139 23.92 70.25 -45.93
N LEU L 140 24.72 70.15 -44.88
CA LEU L 140 24.32 69.45 -43.65
C LEU L 140 23.37 70.28 -42.84
N LEU L 141 23.68 71.58 -42.73
CA LEU L 141 22.85 72.52 -41.99
C LEU L 141 22.72 73.87 -42.69
N PRO L 142 21.58 74.53 -42.51
CA PRO L 142 21.39 75.84 -43.13
C PRO L 142 22.32 76.86 -42.53
N LYS L 143 22.99 77.62 -43.39
CA LYS L 143 23.93 78.65 -42.94
C LYS L 143 25.04 78.01 -42.10
N MET L 144 25.65 76.96 -42.67
CA MET L 144 26.69 76.20 -41.99
C MET L 144 27.86 77.06 -41.64
N ASP L 145 28.28 77.84 -42.62
CA ASP L 145 29.43 78.65 -42.41
C ASP L 145 29.19 79.56 -41.25
N SER L 146 27.92 79.87 -40.98
CA SER L 146 27.57 80.73 -39.84
C SER L 146 27.52 79.91 -38.58
N VAL L 147 26.86 78.77 -38.66
CA VAL L 147 26.80 77.90 -37.52
C VAL L 147 28.22 77.62 -36.98
N VAL L 148 29.14 77.34 -37.89
CA VAL L 148 30.52 77.05 -37.48
C VAL L 148 31.16 78.27 -36.83
N TYR L 149 30.90 79.43 -37.40
CA TYR L 149 31.47 80.64 -36.86
C TYR L 149 30.86 80.89 -35.47
N ASP L 150 29.55 80.74 -35.41
CA ASP L 150 28.86 80.96 -34.16
C ASP L 150 29.49 80.11 -33.08
N PHE L 151 29.71 78.84 -33.40
CA PHE L 151 30.30 77.89 -32.47
C PHE L 151 31.62 78.42 -31.96
N LEU L 152 32.52 78.78 -32.87
CA LEU L 152 33.80 79.32 -32.47
C LEU L 152 33.67 80.47 -31.49
N LYS L 153 32.82 81.44 -31.80
CA LYS L 153 32.65 82.55 -30.88
C LYS L 153 32.33 82.01 -29.51
N CYS L 154 31.20 81.32 -29.42
CA CYS L 154 30.77 80.72 -28.17
C CYS L 154 31.93 80.10 -27.39
N MET L 155 32.67 79.22 -28.06
CA MET L 155 33.82 78.54 -27.46
C MET L 155 34.92 79.53 -27.07
N VAL L 156 35.07 80.61 -27.83
CA VAL L 156 36.09 81.59 -27.50
C VAL L 156 35.67 82.49 -26.34
N TYR L 157 34.39 82.91 -26.33
CA TYR L 157 33.94 83.75 -25.25
C TYR L 157 33.88 82.96 -23.96
N ASN L 158 33.44 81.70 -24.03
CA ASN L 158 33.38 80.83 -22.86
C ASN L 158 32.58 81.46 -21.73
N ILE L 159 31.35 81.84 -22.03
CA ILE L 159 30.54 82.49 -21.04
C ILE L 159 29.94 81.51 -20.05
N PRO L 160 30.02 81.81 -18.75
CA PRO L 160 29.47 80.90 -17.74
C PRO L 160 28.01 80.46 -18.01
N LYS L 161 27.72 79.14 -17.95
CA LYS L 161 26.38 78.58 -18.17
C LYS L 161 25.91 78.87 -19.59
N LYS L 162 26.86 79.10 -20.47
CA LYS L 162 26.59 79.38 -21.87
C LYS L 162 27.83 79.00 -22.69
N ARG L 163 28.25 77.75 -22.53
CA ARG L 163 29.44 77.29 -23.23
C ARG L 163 29.33 75.92 -23.83
N TYR L 164 28.16 75.29 -23.78
CA TYR L 164 28.01 73.96 -24.36
C TYR L 164 26.91 73.89 -25.42
N TRP L 165 27.19 73.24 -26.53
CA TRP L 165 26.17 73.12 -27.56
C TRP L 165 25.77 71.70 -27.46
N LEU L 166 24.49 71.41 -27.74
CA LEU L 166 23.93 70.03 -27.69
C LEU L 166 23.57 69.47 -29.07
N PHE L 167 24.29 68.46 -29.57
CA PHE L 167 23.95 67.89 -30.89
C PHE L 167 23.07 66.72 -30.58
N LYS L 168 21.83 66.75 -31.08
CA LYS L 168 20.92 65.67 -30.81
C LYS L 168 20.25 65.19 -32.09
N GLY L 169 20.14 63.87 -32.24
CA GLY L 169 19.50 63.31 -33.42
C GLY L 169 19.58 61.78 -33.47
N PRO L 170 18.99 61.12 -34.48
CA PRO L 170 18.98 59.66 -34.67
C PRO L 170 20.36 59.08 -34.98
N ILE L 171 20.36 57.86 -35.49
CA ILE L 171 21.59 57.22 -35.89
C ILE L 171 21.92 57.60 -37.35
N ASP L 172 23.16 58.04 -37.59
CA ASP L 172 23.59 58.43 -38.94
C ASP L 172 22.89 59.71 -39.34
N SER L 173 22.82 60.64 -38.40
CA SER L 173 22.17 61.93 -38.64
C SER L 173 23.23 62.96 -38.94
N GLY L 174 24.47 62.51 -39.02
CA GLY L 174 25.60 63.39 -39.33
C GLY L 174 26.09 64.25 -38.18
N LYS L 175 25.57 64.02 -36.99
CA LYS L 175 25.98 64.87 -35.88
C LYS L 175 27.40 64.64 -35.39
N THR L 176 27.89 63.42 -35.62
CA THR L 176 29.22 63.04 -35.21
C THR L 176 30.24 63.69 -36.13
N THR L 177 29.99 63.57 -37.44
CA THR L 177 30.90 64.14 -38.40
C THR L 177 31.15 65.59 -38.13
N LEU L 178 30.08 66.30 -37.77
CA LEU L 178 30.21 67.72 -37.50
C LEU L 178 31.00 67.97 -36.22
N ALA L 179 30.73 67.16 -35.19
CA ALA L 179 31.42 67.31 -33.90
C ALA L 179 32.88 67.03 -34.07
N ALA L 180 33.18 65.89 -34.68
CA ALA L 180 34.58 65.51 -34.88
C ALA L 180 35.32 66.56 -35.68
N ALA L 181 34.61 67.21 -36.59
CA ALA L 181 35.20 68.26 -37.40
C ALA L 181 35.54 69.50 -36.54
N LEU L 182 34.57 69.92 -35.73
CA LEU L 182 34.72 71.10 -34.87
C LEU L 182 35.81 70.80 -33.89
N LEU L 183 35.77 69.58 -33.39
CA LEU L 183 36.74 69.14 -32.41
C LEU L 183 38.14 69.39 -32.91
N GLU L 184 38.44 68.93 -34.12
CA GLU L 184 39.77 69.10 -34.70
C GLU L 184 40.04 70.56 -35.05
N LEU L 185 38.99 71.28 -35.41
CA LEU L 185 39.21 72.63 -35.82
C LEU L 185 39.79 73.43 -34.66
N CYS L 186 39.29 73.18 -33.46
CA CYS L 186 39.76 73.90 -32.27
C CYS L 186 40.85 73.12 -31.50
N GLY L 187 40.77 71.81 -31.62
CA GLY L 187 41.72 70.94 -30.95
C GLY L 187 41.19 70.66 -29.56
N GLY L 188 41.11 69.40 -29.15
CA GLY L 188 40.63 69.12 -27.81
C GLY L 188 40.65 67.64 -27.46
N LYS L 189 39.60 67.18 -26.82
CA LYS L 189 39.56 65.79 -26.44
C LYS L 189 38.13 65.36 -26.40
N ALA L 190 37.90 64.08 -26.57
CA ALA L 190 36.55 63.58 -26.53
C ALA L 190 36.45 62.56 -25.40
N LEU L 191 35.76 62.93 -24.34
CA LEU L 191 35.61 62.05 -23.22
C LEU L 191 34.36 61.18 -23.34
N ASN L 192 34.40 60.03 -22.67
CA ASN L 192 33.28 59.08 -22.64
C ASN L 192 32.76 58.96 -21.20
N VAL L 193 31.57 59.50 -20.96
CA VAL L 193 30.96 59.43 -19.64
C VAL L 193 29.83 58.38 -19.55
N ASN L 194 29.90 57.33 -20.36
CA ASN L 194 28.88 56.29 -20.31
C ASN L 194 29.37 55.23 -19.38
N LEU L 195 30.68 55.19 -19.22
CA LEU L 195 31.33 54.23 -18.33
C LEU L 195 31.04 54.61 -16.86
N PRO L 196 31.28 53.66 -15.92
CA PRO L 196 31.03 53.92 -14.50
C PRO L 196 31.82 55.10 -13.99
N LEU L 197 31.48 55.54 -12.79
CA LEU L 197 32.14 56.69 -12.19
C LEU L 197 33.48 56.35 -11.54
N ASP L 198 33.71 55.07 -11.25
CA ASP L 198 34.97 54.63 -10.63
C ASP L 198 36.14 55.19 -11.43
N ARG L 199 36.25 54.77 -12.68
CA ARG L 199 37.31 55.25 -13.60
C ARG L 199 36.80 56.40 -14.50
N LEU L 200 35.87 57.20 -13.96
CA LEU L 200 35.30 58.35 -14.66
C LEU L 200 36.17 59.58 -14.38
N ASN L 201 36.80 59.61 -13.20
CA ASN L 201 37.66 60.73 -12.83
C ASN L 201 38.86 60.85 -13.77
N PHE L 202 39.43 59.71 -14.15
CA PHE L 202 40.59 59.71 -15.04
C PHE L 202 40.20 60.23 -16.41
N GLU L 203 38.99 59.88 -16.84
CA GLU L 203 38.48 60.32 -18.13
C GLU L 203 38.45 61.83 -18.16
N LEU L 204 37.81 62.44 -17.17
CA LEU L 204 37.71 63.90 -17.08
C LEU L 204 39.10 64.49 -17.00
N GLY L 205 40.00 63.79 -16.32
CA GLY L 205 41.34 64.30 -16.19
C GLY L 205 41.94 64.57 -17.53
N VAL L 206 41.54 63.76 -18.52
CA VAL L 206 42.06 63.87 -19.88
C VAL L 206 41.84 65.23 -20.49
N ALA L 207 40.83 65.91 -19.96
CA ALA L 207 40.41 67.22 -20.42
C ALA L 207 41.22 68.34 -19.77
N ILE L 208 42.52 68.15 -19.58
CA ILE L 208 43.29 69.19 -18.92
C ILE L 208 44.08 70.00 -19.93
N ASP L 209 44.01 71.30 -19.81
CA ASP L 209 44.73 72.16 -20.73
C ASP L 209 44.19 72.01 -22.12
N GLN L 210 42.90 71.73 -22.22
CA GLN L 210 42.24 71.56 -23.52
C GLN L 210 41.34 72.74 -23.84
N PHE L 211 41.34 73.16 -25.10
CA PHE L 211 40.51 74.28 -25.54
C PHE L 211 39.06 73.89 -25.39
N LEU L 212 38.68 72.74 -25.94
CA LEU L 212 37.30 72.31 -25.76
C LEU L 212 37.21 70.82 -25.42
N VAL L 213 36.01 70.31 -25.22
CA VAL L 213 35.87 68.90 -24.90
C VAL L 213 34.56 68.44 -25.55
N VAL L 214 34.53 67.25 -26.10
CA VAL L 214 33.32 66.77 -26.71
C VAL L 214 32.87 65.53 -26.01
N PHE L 215 31.63 65.51 -25.57
CA PHE L 215 31.06 64.36 -24.90
C PHE L 215 30.29 63.63 -25.99
N GLU L 216 30.98 62.77 -26.74
CA GLU L 216 30.38 62.04 -27.83
C GLU L 216 29.44 60.95 -27.40
N ASP L 217 28.31 60.88 -28.11
CA ASP L 217 27.25 59.89 -27.92
C ASP L 217 27.05 59.42 -26.49
N VAL L 218 26.53 60.32 -25.64
CA VAL L 218 26.23 60.00 -24.24
C VAL L 218 24.87 59.32 -24.20
N LYS L 219 24.75 58.36 -23.29
CA LYS L 219 23.54 57.57 -23.13
C LYS L 219 22.72 58.06 -21.96
N GLY L 220 21.39 58.01 -22.08
CA GLY L 220 20.56 58.45 -20.98
C GLY L 220 19.55 57.43 -20.53
N THR L 221 18.53 57.92 -19.82
CA THR L 221 17.46 57.06 -19.32
C THR L 221 16.14 57.33 -20.05
N GLY L 222 15.19 56.44 -19.85
CA GLY L 222 13.90 56.55 -20.51
C GLY L 222 14.08 56.22 -21.98
N GLY L 223 13.28 56.85 -22.84
CA GLY L 223 13.38 56.57 -24.27
C GLY L 223 13.62 55.11 -24.63
N GLU L 224 12.98 54.19 -23.90
CA GLU L 224 13.14 52.77 -24.18
C GLU L 224 12.04 52.30 -25.10
N SER L 225 11.20 53.24 -25.49
CA SER L 225 10.09 52.97 -26.39
C SER L 225 10.59 53.32 -27.79
N ARG L 226 11.86 53.69 -27.88
CA ARG L 226 12.50 54.02 -29.16
C ARG L 226 13.67 53.06 -29.40
N ASP L 227 13.71 51.97 -28.63
CA ASP L 227 14.76 50.96 -28.78
C ASP L 227 16.12 51.56 -28.39
N LEU L 228 16.12 52.44 -27.41
CA LEU L 228 17.35 53.05 -26.99
C LEU L 228 17.75 52.54 -25.64
N PRO L 229 18.89 51.84 -25.53
CA PRO L 229 19.44 51.27 -24.30
C PRO L 229 19.73 52.34 -23.27
N SER L 230 19.34 52.13 -22.01
CA SER L 230 19.61 53.12 -20.99
C SER L 230 21.07 53.17 -20.44
N GLY L 231 21.54 54.37 -20.13
CA GLY L 231 22.88 54.51 -19.62
C GLY L 231 22.98 55.59 -18.55
N GLN L 232 24.10 55.61 -17.84
CA GLN L 232 24.29 56.61 -16.81
C GLN L 232 25.01 57.87 -17.32
N GLY L 233 25.06 58.06 -18.64
CA GLY L 233 25.75 59.21 -19.20
C GLY L 233 25.14 60.53 -18.77
N ILE L 234 23.87 60.75 -19.12
CA ILE L 234 23.21 61.97 -18.76
C ILE L 234 23.29 62.25 -17.27
N ASN L 235 23.05 61.23 -16.45
CA ASN L 235 23.12 61.41 -15.00
C ASN L 235 24.51 61.87 -14.61
N ASN L 236 25.57 61.28 -15.16
CA ASN L 236 26.91 61.69 -14.77
C ASN L 236 27.09 63.14 -15.08
N LEU L 237 26.81 63.49 -16.32
CA LEU L 237 26.95 64.86 -16.73
C LEU L 237 26.20 65.78 -15.78
N ASP L 238 24.97 65.37 -15.44
CA ASP L 238 24.10 66.11 -14.53
C ASP L 238 24.77 66.25 -13.15
N ASN L 239 25.79 65.45 -12.89
CA ASN L 239 26.49 65.58 -11.63
C ASN L 239 27.64 66.57 -11.80
N LEU L 240 28.15 66.67 -13.03
CA LEU L 240 29.26 67.58 -13.34
C LEU L 240 28.72 68.94 -13.79
N ARG L 241 27.81 69.49 -12.99
CA ARG L 241 27.18 70.77 -13.25
C ARG L 241 28.19 71.88 -13.17
N ASP L 242 28.98 71.88 -12.11
CA ASP L 242 30.01 72.91 -11.95
C ASP L 242 31.08 72.81 -13.02
N TYR L 243 30.99 71.76 -13.82
CA TYR L 243 31.93 71.52 -14.89
C TYR L 243 31.44 72.22 -16.12
N LEU L 244 30.26 71.83 -16.57
CA LEU L 244 29.67 72.44 -17.77
C LEU L 244 29.39 73.94 -17.57
N ASP L 245 29.20 74.31 -16.30
CA ASP L 245 28.88 75.68 -15.94
C ASP L 245 30.05 76.58 -16.19
N GLY L 246 31.23 76.07 -15.82
CA GLY L 246 32.48 76.81 -15.99
C GLY L 246 32.61 78.03 -15.10
N SER L 247 31.72 78.17 -14.12
CA SER L 247 31.71 79.32 -13.20
C SER L 247 32.89 79.24 -12.24
N VAL L 248 33.00 78.09 -11.57
CA VAL L 248 34.08 77.83 -10.65
C VAL L 248 35.12 76.87 -11.24
N LYS L 249 36.30 76.83 -10.66
CA LYS L 249 37.32 75.96 -11.19
C LYS L 249 37.17 74.57 -10.59
N VAL L 250 37.21 73.54 -11.44
CA VAL L 250 37.09 72.18 -10.99
C VAL L 250 38.47 71.56 -10.86
N ASN L 251 38.57 70.54 -10.02
CA ASN L 251 39.82 69.88 -9.74
C ASN L 251 39.89 68.60 -10.51
N LEU L 252 40.68 68.60 -11.59
CA LEU L 252 40.88 67.46 -12.48
C LEU L 252 42.07 66.63 -12.03
N GLU L 253 41.88 65.32 -12.04
CA GLU L 253 42.87 64.36 -11.63
C GLU L 253 43.58 63.69 -12.79
N LYS L 254 44.89 63.51 -12.65
CA LYS L 254 45.66 62.86 -13.70
C LYS L 254 46.74 62.00 -13.06
N LYS L 255 46.58 60.68 -13.10
CA LYS L 255 47.55 59.75 -12.50
C LYS L 255 47.56 59.76 -10.97
N HIS L 256 46.42 59.37 -10.37
CA HIS L 256 46.22 59.31 -8.90
C HIS L 256 46.40 60.65 -8.14
N LEU L 257 46.32 61.77 -8.86
CA LEU L 257 46.51 63.09 -8.26
C LEU L 257 45.67 64.19 -8.91
N ASN L 258 45.27 65.18 -8.10
CA ASN L 258 44.48 66.33 -8.58
C ASN L 258 45.50 67.35 -9.14
N LYS L 259 46.42 66.80 -9.94
CA LYS L 259 47.48 67.52 -10.62
C LYS L 259 47.08 68.89 -11.17
N ARG L 260 45.78 69.18 -11.27
CA ARG L 260 45.39 70.46 -11.83
C ARG L 260 43.98 70.93 -11.52
N THR L 261 43.91 72.17 -11.08
CA THR L 261 42.65 72.81 -10.73
C THR L 261 42.46 73.90 -11.78
N GLN L 262 41.41 73.78 -12.59
CA GLN L 262 41.09 74.78 -13.62
C GLN L 262 39.62 74.84 -13.92
N ILE L 263 39.27 75.65 -14.90
CA ILE L 263 37.88 75.77 -15.30
C ILE L 263 37.70 74.78 -16.42
N PHE L 264 36.82 73.81 -16.24
CA PHE L 264 36.56 72.83 -17.28
C PHE L 264 36.30 73.49 -18.62
N PRO L 265 36.78 72.90 -19.69
CA PRO L 265 36.54 73.53 -21.00
C PRO L 265 35.16 73.35 -21.59
N PRO L 266 34.76 74.29 -22.45
CA PRO L 266 33.44 74.21 -23.09
C PRO L 266 33.46 73.22 -24.27
N GLY L 267 32.27 72.81 -24.73
CA GLY L 267 32.23 71.87 -25.82
C GLY L 267 30.87 71.44 -26.32
N ILE L 268 30.83 70.31 -27.00
CA ILE L 268 29.61 69.81 -27.57
C ILE L 268 29.22 68.57 -26.82
N VAL L 269 27.97 68.14 -26.95
CA VAL L 269 27.53 66.92 -26.28
C VAL L 269 26.56 66.25 -27.24
N THR L 270 27.01 65.23 -27.96
CA THR L 270 26.12 64.55 -28.91
C THR L 270 25.42 63.43 -28.18
N MET L 271 24.22 63.09 -28.65
CA MET L 271 23.44 62.00 -28.07
C MET L 271 22.16 61.75 -28.89
N ASN L 272 21.65 60.51 -28.82
CA ASN L 272 20.42 60.09 -29.51
C ASN L 272 19.26 60.71 -28.73
N GLU L 273 18.02 60.51 -29.18
CA GLU L 273 16.87 61.13 -28.50
C GLU L 273 16.55 60.56 -27.13
N TYR L 274 17.29 61.02 -26.13
CA TYR L 274 17.08 60.60 -24.76
C TYR L 274 16.49 61.79 -23.99
N SER L 275 16.02 61.52 -22.79
CA SER L 275 15.46 62.58 -21.98
C SER L 275 16.57 63.36 -21.29
N VAL L 276 16.45 64.68 -21.29
CA VAL L 276 17.42 65.54 -20.65
C VAL L 276 16.75 66.41 -19.59
N PRO L 277 17.26 66.35 -18.34
CA PRO L 277 16.77 67.10 -17.19
C PRO L 277 16.88 68.60 -17.42
N LYS L 278 15.91 69.35 -16.87
CA LYS L 278 15.90 70.82 -17.03
C LYS L 278 17.18 71.45 -16.49
N THR L 279 17.79 70.81 -15.48
CA THR L 279 19.03 71.25 -14.85
C THR L 279 20.25 71.11 -15.77
N LEU L 280 20.34 69.96 -16.46
CA LEU L 280 21.42 69.69 -17.44
C LEU L 280 21.16 70.45 -18.74
N GLN L 281 19.88 70.56 -19.11
CA GLN L 281 19.46 71.29 -20.31
C GLN L 281 19.87 72.78 -20.19
N ALA L 282 19.90 73.29 -18.96
CA ALA L 282 20.26 74.67 -18.70
C ALA L 282 21.77 74.94 -18.86
N ARG L 283 22.50 73.94 -19.33
CA ARG L 283 23.94 74.12 -19.53
C ARG L 283 24.19 74.18 -21.02
N PHE L 284 23.14 73.98 -21.82
CA PHE L 284 23.26 74.01 -23.27
C PHE L 284 22.64 75.30 -23.83
N VAL L 285 23.47 76.22 -24.30
CA VAL L 285 22.99 77.47 -24.90
C VAL L 285 22.31 77.23 -26.24
N LYS L 286 22.82 76.28 -27.01
CA LYS L 286 22.21 76.01 -28.30
C LYS L 286 22.02 74.52 -28.46
N GLN L 287 21.00 74.13 -29.19
CA GLN L 287 20.75 72.71 -29.44
C GLN L 287 20.38 72.56 -30.89
N ILE L 288 21.09 71.67 -31.60
CA ILE L 288 20.84 71.39 -33.01
C ILE L 288 20.33 69.95 -33.15
N ASP L 289 19.19 69.79 -33.81
CA ASP L 289 18.62 68.46 -33.95
C ASP L 289 18.90 67.95 -35.35
N PHE L 290 19.73 66.93 -35.47
CA PHE L 290 20.07 66.42 -36.78
C PHE L 290 19.11 65.32 -37.19
N ARG L 291 18.81 65.25 -38.49
CA ARG L 291 17.92 64.24 -39.01
C ARG L 291 18.52 63.69 -40.28
N PRO L 292 18.32 62.39 -40.54
CA PRO L 292 18.83 61.72 -41.73
C PRO L 292 18.29 62.33 -43.02
N LYS L 293 19.19 62.68 -43.93
CA LYS L 293 18.86 63.25 -45.22
C LYS L 293 19.31 62.30 -46.30
N ASP L 294 18.33 61.81 -47.07
CA ASP L 294 18.58 60.87 -48.15
C ASP L 294 19.67 61.31 -49.10
N TYR L 295 19.52 62.50 -49.65
CA TYR L 295 20.51 62.96 -50.60
C TYR L 295 21.94 63.02 -50.09
N LEU L 296 22.14 63.48 -48.87
CA LEU L 296 23.50 63.53 -48.34
C LEU L 296 24.11 62.14 -48.33
N LYS L 297 23.30 61.15 -48.02
CA LYS L 297 23.81 59.80 -47.97
C LYS L 297 24.08 59.32 -49.41
N HIS L 298 23.09 59.46 -50.29
CA HIS L 298 23.28 59.06 -51.66
C HIS L 298 24.53 59.74 -52.22
N CYS L 299 24.65 61.04 -51.96
CA CYS L 299 25.79 61.79 -52.43
C CYS L 299 27.10 61.18 -52.01
N LEU L 300 27.12 60.60 -50.82
CA LEU L 300 28.34 59.96 -50.36
C LEU L 300 28.62 58.63 -51.08
N GLU L 301 27.58 57.84 -51.31
CA GLU L 301 27.76 56.54 -51.98
C GLU L 301 28.47 56.76 -53.30
N ARG L 302 28.18 57.87 -53.94
CA ARG L 302 28.83 58.17 -55.21
C ARG L 302 30.10 58.99 -55.01
N SER L 303 30.30 59.49 -53.80
CA SER L 303 31.49 60.27 -53.51
C SER L 303 32.22 59.61 -52.35
N GLU L 304 32.74 58.42 -52.57
CA GLU L 304 33.42 57.67 -51.51
C GLU L 304 34.65 58.32 -50.89
N PHE L 305 35.46 59.00 -51.70
CA PHE L 305 36.65 59.65 -51.18
C PHE L 305 36.42 60.55 -49.95
N LEU L 306 35.25 61.18 -49.84
CA LEU L 306 34.94 62.02 -48.69
C LEU L 306 34.97 61.22 -47.38
N LEU L 307 34.75 59.92 -47.49
CA LEU L 307 34.76 59.08 -46.31
C LEU L 307 36.08 58.38 -46.16
N GLU L 308 36.47 57.69 -47.21
CA GLU L 308 37.72 56.98 -47.16
C GLU L 308 38.83 57.82 -46.62
N LYS L 309 38.97 59.01 -47.16
CA LYS L 309 40.03 59.94 -46.75
C LYS L 309 39.69 60.78 -45.52
N ARG L 310 38.51 60.53 -44.96
CA ARG L 310 38.01 61.24 -43.79
C ARG L 310 38.05 62.76 -43.97
N ILE L 311 37.60 63.21 -45.14
CA ILE L 311 37.59 64.63 -45.44
C ILE L 311 36.46 65.37 -44.77
N ILE L 312 35.27 64.77 -44.74
CA ILE L 312 34.15 65.46 -44.14
C ILE L 312 34.19 65.47 -42.64
N GLN L 313 35.13 64.74 -42.06
CA GLN L 313 35.25 64.73 -40.60
C GLN L 313 36.41 65.53 -40.13
N SER L 314 37.18 66.04 -41.08
CA SER L 314 38.38 66.81 -40.76
C SER L 314 38.08 68.26 -40.43
N GLY L 315 38.88 68.81 -39.53
CA GLY L 315 38.72 70.20 -39.16
C GLY L 315 39.34 71.08 -40.23
N ILE L 316 40.17 70.52 -41.09
CA ILE L 316 40.78 71.29 -42.16
C ILE L 316 39.65 71.71 -43.13
N ALA L 317 38.67 70.83 -43.27
CA ALA L 317 37.58 71.15 -44.17
C ALA L 317 36.87 72.39 -43.65
N LEU L 318 36.47 72.39 -42.38
CA LEU L 318 35.75 73.55 -41.84
C LEU L 318 36.59 74.80 -41.96
N LEU L 319 37.89 74.67 -41.82
CA LEU L 319 38.69 75.87 -41.92
C LEU L 319 38.58 76.37 -43.35
N LEU L 320 38.79 75.47 -44.31
CA LEU L 320 38.71 75.84 -45.73
C LEU L 320 37.38 76.50 -46.00
N MET L 321 36.32 76.00 -45.35
CA MET L 321 35.00 76.59 -45.50
C MET L 321 34.99 78.04 -44.95
N LEU L 322 35.49 78.22 -43.73
CA LEU L 322 35.47 79.56 -43.18
C LEU L 322 36.27 80.48 -44.05
N ILE L 323 37.34 79.95 -44.63
CA ILE L 323 38.20 80.76 -45.48
C ILE L 323 37.47 81.13 -46.77
N TRP L 324 36.65 80.19 -47.22
CA TRP L 324 35.90 80.35 -48.43
C TRP L 324 34.83 81.37 -48.21
N TYR L 325 34.04 81.20 -47.16
CA TYR L 325 32.91 82.10 -46.90
C TYR L 325 33.12 83.32 -46.00
N ARG L 326 33.35 83.08 -44.72
CA ARG L 326 33.60 84.13 -43.71
C ARG L 326 34.52 85.21 -44.21
N PRO L 327 34.28 86.45 -43.78
CA PRO L 327 35.02 87.67 -44.12
C PRO L 327 36.39 87.74 -43.48
N VAL L 328 37.24 88.59 -44.05
CA VAL L 328 38.57 88.66 -43.51
C VAL L 328 38.54 89.21 -42.09
N ALA L 329 37.72 90.24 -41.91
CA ALA L 329 37.63 90.87 -40.63
C ALA L 329 37.21 89.92 -39.53
N GLU L 330 36.51 88.83 -39.86
CA GLU L 330 36.14 87.94 -38.77
C GLU L 330 37.27 87.12 -38.11
N PHE L 331 38.49 87.18 -38.65
CA PHE L 331 39.61 86.42 -38.12
C PHE L 331 40.54 87.37 -37.38
N ALA L 332 41.40 86.83 -36.51
CA ALA L 332 42.37 87.61 -35.74
C ALA L 332 43.35 88.29 -36.66
N GLN L 333 43.56 89.59 -36.44
CA GLN L 333 44.47 90.42 -37.22
C GLN L 333 45.78 89.74 -37.54
N SER L 334 46.32 88.98 -36.60
CA SER L 334 47.57 88.24 -36.81
C SER L 334 47.58 87.38 -38.10
N ILE L 335 46.52 86.61 -38.36
CA ILE L 335 46.46 85.78 -39.55
C ILE L 335 45.62 86.29 -40.72
N GLN L 336 44.96 87.42 -40.54
CA GLN L 336 44.17 87.90 -41.64
C GLN L 336 44.95 87.88 -42.95
N SER L 337 46.26 88.13 -42.86
CA SER L 337 47.14 88.17 -44.04
C SER L 337 47.17 86.79 -44.65
N ARG L 338 47.37 85.77 -43.83
CA ARG L 338 47.40 84.42 -44.31
C ARG L 338 46.00 83.98 -44.84
N ILE L 339 44.95 84.44 -44.20
CA ILE L 339 43.60 84.11 -44.62
C ILE L 339 43.40 84.66 -46.04
N VAL L 340 43.88 85.85 -46.26
CA VAL L 340 43.81 86.40 -47.58
C VAL L 340 44.54 85.47 -48.57
N GLU L 341 45.73 85.02 -48.22
CA GLU L 341 46.53 84.17 -49.10
C GLU L 341 45.74 82.98 -49.52
N TRP L 342 45.10 82.34 -48.55
CA TRP L 342 44.32 81.19 -48.91
C TRP L 342 43.01 81.56 -49.58
N LYS L 343 42.62 82.83 -49.50
CA LYS L 343 41.37 83.29 -50.12
C LYS L 343 41.64 83.55 -51.60
N GLU L 344 42.90 83.82 -51.90
CA GLU L 344 43.28 84.06 -53.26
C GLU L 344 43.67 82.74 -53.87
N ARG L 345 44.46 81.95 -53.14
CA ARG L 345 44.89 80.65 -53.62
C ARG L 345 43.67 79.82 -54.02
N LEU L 346 42.64 79.92 -53.21
CA LEU L 346 41.43 79.20 -53.45
C LEU L 346 40.62 79.84 -54.57
N ASP L 347 40.89 81.11 -54.85
CA ASP L 347 40.15 81.82 -55.88
C ASP L 347 40.60 81.38 -57.28
N LYS L 348 41.91 81.15 -57.43
CA LYS L 348 42.51 80.71 -58.69
C LYS L 348 42.21 79.23 -58.83
N GLU L 349 41.96 78.59 -57.70
CA GLU L 349 41.68 77.18 -57.74
C GLU L 349 40.27 76.85 -58.16
N PHE L 350 39.30 77.64 -57.72
CA PHE L 350 37.92 77.36 -58.09
C PHE L 350 37.14 78.58 -58.50
N SER L 351 36.15 78.39 -59.36
CA SER L 351 35.32 79.50 -59.82
C SER L 351 34.03 79.45 -59.00
N LEU L 352 33.49 80.60 -58.65
CA LEU L 352 32.30 80.55 -57.84
C LEU L 352 31.31 79.55 -58.38
N SER L 353 31.36 79.32 -59.68
CA SER L 353 30.40 78.42 -60.29
C SER L 353 30.79 76.98 -60.15
N VAL L 354 32.07 76.67 -60.32
CA VAL L 354 32.55 75.31 -60.20
C VAL L 354 32.27 74.73 -58.80
N TYR L 355 32.24 75.61 -57.81
CA TYR L 355 31.95 75.22 -56.44
C TYR L 355 30.44 75.11 -56.31
N GLN L 356 29.75 76.04 -56.96
CA GLN L 356 28.29 76.08 -56.89
C GLN L 356 27.80 74.78 -57.45
N LYS L 357 28.49 74.29 -58.47
CA LYS L 357 28.15 73.02 -59.09
C LYS L 357 28.27 71.87 -58.09
N MET L 358 29.35 71.89 -57.33
CA MET L 358 29.55 70.84 -56.35
C MET L 358 28.41 70.81 -55.36
N LYS L 359 27.97 71.96 -54.90
CA LYS L 359 26.86 71.90 -53.96
C LYS L 359 25.60 71.37 -54.63
N PHE L 360 25.41 71.75 -55.89
CA PHE L 360 24.26 71.32 -56.67
C PHE L 360 24.22 69.80 -56.73
N ASN L 361 25.35 69.17 -57.02
CA ASN L 361 25.38 67.72 -57.05
C ASN L 361 25.07 67.07 -55.67
N VAL L 362 25.48 67.71 -54.58
CA VAL L 362 25.25 67.17 -53.25
C VAL L 362 23.74 67.12 -53.01
N ALA L 363 23.07 68.21 -53.37
CA ALA L 363 21.65 68.26 -53.17
C ALA L 363 21.00 67.22 -54.06
N MET L 364 21.46 67.14 -55.30
CA MET L 364 20.87 66.19 -56.22
C MET L 364 21.18 64.76 -55.80
N GLY L 365 22.08 64.60 -54.85
CA GLY L 365 22.44 63.26 -54.40
C GLY L 365 23.31 62.55 -55.41
N ILE L 366 24.14 63.30 -56.14
CA ILE L 366 25.04 62.73 -57.15
C ILE L 366 26.48 62.94 -56.69
N GLY L 367 27.44 62.59 -57.54
CA GLY L 367 28.83 62.76 -57.16
C GLY L 367 29.18 64.24 -57.07
N VAL L 368 29.65 64.69 -55.91
CA VAL L 368 29.98 66.10 -55.73
C VAL L 368 30.90 66.61 -56.80
N LEU L 369 31.73 65.72 -57.35
CA LEU L 369 32.66 66.07 -58.42
C LEU L 369 32.11 65.50 -59.74
N ASP L 370 31.85 66.38 -60.69
CA ASP L 370 31.31 65.98 -61.98
C ASP L 370 29.88 65.38 -61.80
N SER M 2 -36.56 -91.64 49.50
CA SER M 2 -35.23 -92.32 49.52
C SER M 2 -34.32 -91.67 50.56
N PRO M 3 -34.56 -91.94 51.85
CA PRO M 3 -33.76 -91.39 52.95
C PRO M 3 -32.44 -92.13 53.16
N LEU M 4 -31.43 -91.42 53.63
CA LEU M 4 -30.12 -92.01 53.88
C LEU M 4 -30.18 -92.79 55.20
N SER M 5 -29.04 -93.34 55.64
CA SER M 5 -28.99 -94.07 56.89
C SER M 5 -27.82 -93.59 57.74
N SER M 6 -27.95 -93.76 59.05
CA SER M 6 -26.92 -93.34 60.00
C SER M 6 -25.84 -94.41 60.18
N SER M 7 -26.21 -95.65 59.89
CA SER M 7 -25.29 -96.78 60.01
C SER M 7 -24.54 -97.03 58.71
N VAL M 8 -23.38 -97.68 58.82
CA VAL M 8 -22.59 -97.99 57.64
C VAL M 8 -21.93 -99.35 57.87
N PRO M 9 -22.60 -100.45 57.47
CA PRO M 9 -22.06 -101.80 57.65
C PRO M 9 -20.65 -101.98 57.13
N SER M 10 -19.79 -102.63 57.92
CA SER M 10 -18.41 -102.84 57.51
C SER M 10 -18.28 -104.03 56.56
N GLN M 11 -17.29 -103.95 55.69
CA GLN M 11 -17.07 -104.99 54.72
C GLN M 11 -15.78 -105.71 55.02
N LYS M 12 -15.20 -105.39 56.17
CA LYS M 12 -13.92 -106.00 56.60
C LYS M 12 -14.03 -107.51 56.51
N THR M 13 -13.03 -108.14 55.90
CA THR M 13 -13.04 -109.60 55.77
C THR M 13 -12.80 -110.25 57.12
N TYR M 14 -13.75 -111.05 57.59
CA TYR M 14 -13.62 -111.68 58.88
C TYR M 14 -13.92 -113.15 58.73
N GLN M 15 -12.89 -113.99 58.59
CA GLN M 15 -13.11 -115.42 58.43
C GLN M 15 -13.77 -116.03 59.65
N GLY M 16 -13.37 -115.55 60.83
CA GLY M 16 -13.97 -116.06 62.05
C GLY M 16 -13.31 -117.26 62.66
N SER M 17 -14.00 -117.84 63.64
CA SER M 17 -13.50 -119.01 64.34
C SER M 17 -13.87 -120.27 63.59
N TYR M 18 -14.69 -120.16 62.55
CA TYR M 18 -15.07 -121.33 61.78
C TYR M 18 -14.30 -121.39 60.47
N GLY M 19 -13.54 -120.36 60.16
CA GLY M 19 -12.80 -120.34 58.92
C GLY M 19 -13.68 -120.12 57.71
N PHE M 20 -14.60 -119.16 57.82
CA PHE M 20 -15.57 -118.83 56.76
C PHE M 20 -14.93 -118.23 55.52
N ARG M 21 -15.25 -118.76 54.36
CA ARG M 21 -14.69 -118.24 53.13
C ARG M 21 -15.74 -118.30 52.05
N LEU M 22 -15.43 -117.75 50.88
CA LEU M 22 -16.37 -117.78 49.77
C LEU M 22 -15.73 -118.33 48.51
N GLY M 23 -16.52 -119.11 47.78
CA GLY M 23 -16.07 -119.70 46.54
C GLY M 23 -17.06 -119.42 45.41
N PHE M 24 -16.51 -119.26 44.21
CA PHE M 24 -17.31 -118.95 43.02
C PHE M 24 -16.96 -119.85 41.85
N LEU M 25 -17.97 -120.37 41.16
CA LEU M 25 -17.73 -121.24 40.01
C LEU M 25 -17.02 -120.53 38.87
N HIS M 26 -15.90 -121.10 38.42
CA HIS M 26 -15.14 -120.53 37.31
C HIS M 26 -15.84 -120.83 35.98
N SER M 27 -16.75 -119.93 35.58
CA SER M 27 -17.50 -120.08 34.34
C SER M 27 -16.79 -119.51 33.11
N GLY M 28 -15.50 -119.22 33.28
CA GLY M 28 -14.72 -118.70 32.16
C GLY M 28 -15.16 -117.35 31.66
N THR M 29 -14.42 -116.80 30.70
CA THR M 29 -14.72 -115.49 30.14
C THR M 29 -15.24 -115.61 28.72
N ALA M 30 -16.29 -116.41 28.53
CA ALA M 30 -16.90 -116.61 27.21
C ALA M 30 -17.84 -115.44 26.86
N LYS M 31 -18.72 -115.66 25.90
CA LYS M 31 -19.68 -114.61 25.50
C LYS M 31 -21.08 -114.86 26.07
N SER M 32 -21.53 -116.11 25.99
CA SER M 32 -22.85 -116.55 26.47
C SER M 32 -22.87 -116.79 28.00
N VAL M 33 -21.83 -116.30 28.68
CA VAL M 33 -21.70 -116.44 30.13
C VAL M 33 -22.92 -115.89 30.83
N THR M 34 -23.19 -116.44 32.00
CA THR M 34 -24.33 -116.00 32.78
C THR M 34 -23.85 -115.35 34.07
N CYS M 35 -22.83 -115.93 34.69
CA CYS M 35 -22.30 -115.43 35.94
C CYS M 35 -20.88 -115.88 36.08
N THR M 36 -19.92 -114.97 35.96
CA THR M 36 -18.52 -115.35 36.11
C THR M 36 -17.87 -114.60 37.31
N TYR M 37 -16.71 -115.07 37.77
CA TYR M 37 -15.99 -114.47 38.90
C TYR M 37 -14.53 -114.16 38.52
N SER M 38 -14.03 -113.00 38.93
CA SER M 38 -12.66 -112.62 38.61
C SER M 38 -11.93 -112.36 39.90
N PRO M 39 -11.07 -113.30 40.34
CA PRO M 39 -10.29 -113.20 41.57
C PRO M 39 -9.44 -111.93 41.64
N ALA M 40 -8.77 -111.61 40.54
CA ALA M 40 -7.93 -110.42 40.49
C ALA M 40 -8.68 -109.15 40.84
N LEU M 41 -10.01 -109.20 40.74
CA LEU M 41 -10.90 -108.07 41.01
C LEU M 41 -11.90 -108.33 42.13
N ASN M 42 -12.05 -109.60 42.51
CA ASN M 42 -13.01 -109.97 43.55
C ASN M 42 -14.38 -109.41 43.08
N LYS M 43 -14.57 -109.42 41.76
CA LYS M 43 -15.77 -108.90 41.16
C LYS M 43 -16.49 -110.02 40.44
N MET M 44 -17.81 -110.07 40.62
CA MET M 44 -18.61 -111.09 40.01
C MET M 44 -19.42 -110.45 38.90
N PHE M 45 -19.17 -110.84 37.66
CA PHE M 45 -19.93 -110.31 36.54
C PHE M 45 -21.08 -111.27 36.20
N CYS M 46 -22.32 -110.80 36.23
CA CYS M 46 -23.47 -111.67 35.92
C CYS M 46 -24.55 -110.95 35.11
N GLN M 47 -25.64 -111.63 34.78
CA GLN M 47 -26.70 -111.00 34.00
C GLN M 47 -27.86 -110.67 34.90
N LEU M 48 -28.83 -109.97 34.38
CA LEU M 48 -29.97 -109.58 35.17
C LEU M 48 -30.80 -110.77 35.63
N ALA M 49 -31.27 -110.70 36.87
CA ALA M 49 -32.08 -111.76 37.48
C ALA M 49 -31.66 -113.18 37.08
N LYS M 50 -30.36 -113.39 36.97
CA LYS M 50 -29.85 -114.70 36.62
C LYS M 50 -29.23 -115.39 37.85
N THR M 51 -29.26 -116.71 37.87
CA THR M 51 -28.72 -117.47 38.97
C THR M 51 -27.25 -117.19 39.19
N CYS M 52 -26.90 -116.81 40.42
CA CYS M 52 -25.52 -116.53 40.79
C CYS M 52 -25.13 -117.42 41.98
N PRO M 53 -24.45 -118.56 41.72
CA PRO M 53 -24.02 -119.50 42.75
C PRO M 53 -22.87 -118.96 43.61
N VAL M 54 -23.10 -118.91 44.91
CA VAL M 54 -22.10 -118.45 45.87
C VAL M 54 -21.82 -119.60 46.83
N GLN M 55 -20.56 -120.02 46.91
CA GLN M 55 -20.15 -121.14 47.77
C GLN M 55 -19.70 -120.74 49.18
N LEU M 56 -20.31 -121.36 50.18
CA LEU M 56 -19.96 -121.09 51.56
C LEU M 56 -18.97 -122.14 52.02
N TRP M 57 -17.72 -121.76 52.25
CA TRP M 57 -16.70 -122.70 52.70
C TRP M 57 -16.37 -122.46 54.16
N VAL M 58 -16.50 -123.50 54.96
CA VAL M 58 -16.22 -123.40 56.38
C VAL M 58 -15.32 -124.58 56.77
N ASP M 59 -14.42 -124.34 57.73
CA ASP M 59 -13.48 -125.34 58.22
C ASP M 59 -14.18 -126.24 59.21
N SER M 60 -14.96 -125.65 60.11
CA SER M 60 -15.71 -126.43 61.09
C SER M 60 -17.18 -126.04 61.09
N THR M 61 -18.04 -126.95 60.67
CA THR M 61 -19.45 -126.63 60.60
C THR M 61 -19.99 -125.82 61.80
N PRO M 62 -20.55 -124.64 61.54
CA PRO M 62 -21.11 -123.77 62.58
C PRO M 62 -22.22 -124.45 63.34
N PRO M 63 -22.62 -123.86 64.47
CA PRO M 63 -23.70 -124.43 65.29
C PRO M 63 -25.07 -124.37 64.61
N PRO M 64 -26.06 -125.10 65.15
CA PRO M 64 -27.41 -125.11 64.57
C PRO M 64 -28.13 -123.80 64.88
N GLY M 65 -28.68 -123.16 63.84
CA GLY M 65 -29.39 -121.89 64.00
C GLY M 65 -28.68 -120.71 63.38
N THR M 66 -27.52 -120.98 62.77
CA THR M 66 -26.72 -119.97 62.13
C THR M 66 -27.34 -119.62 60.79
N ARG M 67 -27.37 -118.32 60.49
CA ARG M 67 -27.96 -117.87 59.25
C ARG M 67 -26.92 -117.25 58.33
N VAL M 68 -27.26 -117.19 57.04
CA VAL M 68 -26.40 -116.57 56.04
C VAL M 68 -27.12 -115.33 55.47
N ARG M 69 -26.71 -114.15 55.94
CA ARG M 69 -27.29 -112.87 55.52
C ARG M 69 -26.50 -112.21 54.40
N ALA M 70 -27.19 -111.72 53.39
CA ALA M 70 -26.55 -111.07 52.26
C ALA M 70 -27.08 -109.64 52.16
N MET M 71 -26.18 -108.68 52.01
CA MET M 71 -26.54 -107.30 51.96
C MET M 71 -25.70 -106.64 50.90
N ALA M 72 -26.22 -105.54 50.37
CA ALA M 72 -25.54 -104.78 49.32
C ALA M 72 -25.32 -103.32 49.73
N ILE M 73 -24.13 -102.80 49.44
CA ILE M 73 -23.79 -101.40 49.75
C ILE M 73 -22.93 -100.79 48.65
N TYR M 74 -22.84 -99.46 48.60
CA TYR M 74 -22.03 -98.84 47.56
C TYR M 74 -20.58 -98.77 47.99
N LYS M 75 -19.70 -99.33 47.16
CA LYS M 75 -18.29 -99.36 47.45
C LYS M 75 -17.71 -98.00 47.81
N GLN M 76 -18.05 -96.97 47.04
CA GLN M 76 -17.52 -95.64 47.30
C GLN M 76 -18.04 -95.03 48.59
N SER M 77 -17.12 -94.55 49.41
CA SER M 77 -17.45 -93.96 50.71
C SER M 77 -18.35 -92.77 50.56
N GLN M 78 -18.27 -92.11 49.41
CA GLN M 78 -19.10 -90.95 49.16
C GLN M 78 -20.56 -91.28 49.30
N HIS M 79 -20.97 -92.39 48.69
CA HIS M 79 -22.39 -92.81 48.70
C HIS M 79 -22.66 -94.00 49.60
N MET M 80 -21.75 -94.25 50.52
CA MET M 80 -21.90 -95.37 51.42
C MET M 80 -23.11 -95.23 52.30
N THR M 81 -23.48 -94.00 52.63
CA THR M 81 -24.66 -93.75 53.47
C THR M 81 -25.94 -93.90 52.67
N GLU M 82 -25.80 -94.07 51.36
CA GLU M 82 -26.94 -94.21 50.50
C GLU M 82 -27.36 -95.67 50.46
N VAL M 83 -28.63 -95.96 50.74
CA VAL M 83 -29.15 -97.32 50.75
C VAL M 83 -29.33 -97.95 49.38
N VAL M 84 -28.72 -99.11 49.17
CA VAL M 84 -28.84 -99.78 47.87
C VAL M 84 -30.21 -100.39 47.72
N ARG M 85 -30.88 -100.03 46.62
CA ARG M 85 -32.20 -100.56 46.32
C ARG M 85 -32.42 -100.71 44.82
N ARG M 86 -33.64 -101.04 44.43
CA ARG M 86 -33.97 -101.16 43.00
C ARG M 86 -34.40 -99.82 42.42
N CYS M 87 -34.15 -99.65 41.13
CA CYS M 87 -34.51 -98.40 40.46
C CYS M 87 -36.02 -98.32 40.35
N PRO M 88 -36.54 -97.09 40.19
CA PRO M 88 -37.98 -96.89 40.08
C PRO M 88 -38.65 -97.80 39.07
N HIS M 89 -38.02 -97.99 37.92
CA HIS M 89 -38.60 -98.82 36.87
C HIS M 89 -38.72 -100.27 37.27
N HIS M 90 -37.58 -100.93 37.43
CA HIS M 90 -37.58 -102.34 37.81
C HIS M 90 -38.43 -102.68 39.07
N GLU M 91 -38.38 -101.81 40.07
CA GLU M 91 -39.13 -102.07 41.28
C GLU M 91 -40.61 -102.22 40.96
N ARG M 92 -41.03 -101.73 39.80
CA ARG M 92 -42.44 -101.81 39.38
C ARG M 92 -42.62 -102.92 38.35
N CYS M 93 -41.65 -103.82 38.26
CA CYS M 93 -41.76 -104.91 37.30
C CYS M 93 -42.61 -106.06 37.82
N SER M 94 -42.94 -106.98 36.92
CA SER M 94 -43.74 -108.16 37.22
C SER M 94 -42.88 -109.42 37.33
N ASP M 95 -41.86 -109.34 38.17
CA ASP M 95 -40.94 -110.45 38.37
C ASP M 95 -41.04 -110.99 39.79
N SER M 96 -41.92 -110.39 40.60
CA SER M 96 -42.10 -110.80 41.99
C SER M 96 -42.23 -112.31 42.12
N ASP M 97 -41.34 -112.92 42.90
CA ASP M 97 -41.33 -114.36 43.11
C ASP M 97 -42.33 -114.70 44.23
N GLY M 98 -42.93 -113.66 44.80
CA GLY M 98 -43.92 -113.85 45.86
C GLY M 98 -43.38 -113.65 47.25
N LEU M 99 -42.11 -113.98 47.41
CA LEU M 99 -41.51 -113.84 48.72
C LEU M 99 -40.73 -112.55 48.80
N ALA M 100 -39.92 -112.31 47.78
CA ALA M 100 -39.07 -111.12 47.73
C ALA M 100 -39.77 -109.84 47.38
N PRO M 101 -39.62 -108.81 48.24
CA PRO M 101 -40.25 -107.52 47.99
C PRO M 101 -39.70 -106.91 46.69
N PRO M 102 -40.52 -106.09 46.03
CA PRO M 102 -40.10 -105.47 44.77
C PRO M 102 -38.91 -104.50 44.88
N GLN M 103 -38.58 -104.03 46.08
CA GLN M 103 -37.47 -103.06 46.19
C GLN M 103 -36.15 -103.69 46.61
N HIS M 104 -36.12 -105.02 46.65
CA HIS M 104 -34.91 -105.72 47.06
C HIS M 104 -34.02 -106.07 45.88
N LEU M 105 -32.79 -105.59 45.93
CA LEU M 105 -31.87 -105.87 44.85
C LEU M 105 -31.49 -107.35 44.80
N ILE M 106 -30.93 -107.84 45.90
CA ILE M 106 -30.46 -109.23 46.02
C ILE M 106 -31.58 -110.16 46.42
N ARG M 107 -31.68 -111.30 45.73
CA ARG M 107 -32.71 -112.32 46.03
C ARG M 107 -32.12 -113.71 46.15
N VAL M 108 -32.75 -114.53 46.98
CA VAL M 108 -32.30 -115.91 47.17
C VAL M 108 -33.20 -116.85 46.36
N GLU M 109 -32.60 -117.62 45.47
CA GLU M 109 -33.37 -118.53 44.64
C GLU M 109 -33.27 -119.99 45.08
N GLY M 110 -34.42 -120.62 45.29
CA GLY M 110 -34.43 -122.01 45.67
C GLY M 110 -34.34 -122.35 47.14
N ASN M 111 -34.74 -121.43 48.01
CA ASN M 111 -34.67 -121.70 49.44
C ASN M 111 -35.94 -121.21 50.10
N LEU M 112 -36.85 -122.15 50.36
CA LEU M 112 -38.13 -121.80 50.94
C LEU M 112 -38.06 -121.15 52.31
N ARG M 113 -36.93 -121.29 52.99
CA ARG M 113 -36.80 -120.70 54.32
C ARG M 113 -36.09 -119.35 54.28
N VAL M 114 -36.19 -118.66 53.15
CA VAL M 114 -35.52 -117.37 53.01
C VAL M 114 -36.32 -116.26 53.69
N GLU M 115 -35.63 -115.25 54.18
CA GLU M 115 -36.32 -114.16 54.84
C GLU M 115 -35.71 -112.82 54.43
N TYR M 116 -36.55 -111.86 54.02
CA TYR M 116 -36.08 -110.55 53.60
C TYR M 116 -36.26 -109.56 54.74
N LEU M 117 -35.34 -108.62 54.92
CA LEU M 117 -35.47 -107.66 56.01
C LEU M 117 -35.40 -106.20 55.59
N ASP M 118 -36.20 -105.36 56.23
CA ASP M 118 -36.23 -103.92 55.95
C ASP M 118 -35.86 -103.23 57.27
N ASP M 119 -34.59 -103.31 57.65
CA ASP M 119 -34.10 -102.73 58.90
C ASP M 119 -34.76 -101.41 59.20
N ARG M 120 -35.64 -101.40 60.20
CA ARG M 120 -36.34 -100.20 60.56
C ARG M 120 -35.48 -99.16 61.27
N ASN M 121 -34.17 -99.37 61.32
CA ASN M 121 -33.29 -98.40 61.97
C ASN M 121 -32.17 -97.91 61.07
N THR M 122 -31.78 -98.74 60.10
CA THR M 122 -30.72 -98.39 59.17
C THR M 122 -31.23 -98.20 57.76
N PHE M 123 -32.52 -98.49 57.55
CA PHE M 123 -33.13 -98.36 56.23
C PHE M 123 -32.43 -99.25 55.21
N ARG M 124 -31.77 -100.29 55.70
CA ARG M 124 -31.04 -101.20 54.82
C ARG M 124 -31.83 -102.45 54.41
N HIS M 125 -31.54 -102.94 53.21
CA HIS M 125 -32.23 -104.12 52.74
C HIS M 125 -31.26 -105.29 52.82
N SER M 126 -31.81 -106.46 53.15
CA SER M 126 -31.01 -107.67 53.27
C SER M 126 -31.85 -108.95 53.19
N VAL M 127 -31.23 -110.01 52.68
CA VAL M 127 -31.90 -111.31 52.58
C VAL M 127 -31.14 -112.34 53.44
N VAL M 128 -31.87 -113.13 54.22
CA VAL M 128 -31.26 -114.13 55.07
C VAL M 128 -31.80 -115.53 54.83
N VAL M 129 -30.97 -116.54 55.08
CA VAL M 129 -31.39 -117.94 54.92
C VAL M 129 -30.62 -118.78 55.91
N PRO M 130 -31.26 -119.84 56.45
CA PRO M 130 -30.66 -120.74 57.42
C PRO M 130 -29.46 -121.51 56.83
N TYR M 131 -28.37 -121.54 57.58
CA TYR M 131 -27.16 -122.22 57.15
C TYR M 131 -27.40 -123.72 57.12
N GLU M 132 -26.87 -124.38 56.09
CA GLU M 132 -26.99 -125.81 55.92
C GLU M 132 -25.63 -126.39 55.66
N PRO M 133 -25.35 -127.55 56.25
CA PRO M 133 -24.08 -128.23 56.09
C PRO M 133 -23.93 -128.79 54.69
N PRO M 134 -22.70 -128.79 54.17
CA PRO M 134 -22.42 -129.29 52.83
C PRO M 134 -23.02 -130.66 52.59
N GLU M 135 -23.71 -130.82 51.46
CA GLU M 135 -24.33 -132.09 51.10
C GLU M 135 -23.25 -133.11 50.83
N VAL M 136 -23.33 -134.27 51.48
CA VAL M 136 -22.35 -135.32 51.31
C VAL M 136 -21.92 -135.42 49.87
N GLY M 137 -20.63 -135.24 49.64
CA GLY M 137 -20.09 -135.29 48.30
C GLY M 137 -19.46 -133.96 47.92
N SER M 138 -20.06 -132.89 48.43
CA SER M 138 -19.60 -131.53 48.17
C SER M 138 -18.93 -130.99 49.45
N ASP M 139 -17.85 -130.24 49.28
CA ASP M 139 -17.12 -129.69 50.41
C ASP M 139 -17.58 -128.27 50.78
N CYS M 140 -18.71 -127.84 50.24
CA CYS M 140 -19.23 -126.50 50.48
C CYS M 140 -20.76 -126.36 50.26
N THR M 141 -21.34 -125.33 50.84
CA THR M 141 -22.76 -125.11 50.72
C THR M 141 -22.99 -124.02 49.70
N THR M 142 -23.63 -124.32 48.58
CA THR M 142 -23.86 -123.33 47.55
C THR M 142 -25.20 -122.61 47.74
N ILE M 143 -25.23 -121.30 47.46
CA ILE M 143 -26.46 -120.52 47.57
C ILE M 143 -26.70 -119.81 46.24
N HIS M 144 -27.94 -119.85 45.77
CA HIS M 144 -28.29 -119.20 44.51
C HIS M 144 -28.87 -117.82 44.75
N TYR M 145 -28.15 -116.81 44.27
CA TYR M 145 -28.58 -115.44 44.45
C TYR M 145 -28.94 -114.84 43.12
N ASN M 146 -29.95 -113.99 43.14
CA ASN M 146 -30.42 -113.29 41.94
C ASN M 146 -30.34 -111.78 42.12
N TYR M 147 -29.83 -111.10 41.11
CA TYR M 147 -29.76 -109.63 41.14
C TYR M 147 -30.83 -109.04 40.23
N MET M 148 -31.79 -108.33 40.80
CA MET M 148 -32.87 -107.77 40.00
C MET M 148 -32.64 -106.30 39.57
N CYS M 149 -31.47 -105.97 39.03
CA CYS M 149 -31.19 -104.60 38.61
C CYS M 149 -29.80 -104.49 38.04
N ASN M 150 -29.70 -103.86 36.86
CA ASN M 150 -28.41 -103.72 36.20
C ASN M 150 -27.63 -102.62 36.88
N SER M 151 -26.31 -102.65 36.75
CA SER M 151 -25.51 -101.64 37.42
C SER M 151 -25.60 -100.34 36.67
N SER M 152 -26.24 -100.40 35.51
CA SER M 152 -26.42 -99.22 34.65
C SER M 152 -27.65 -98.44 35.07
N CYS M 153 -28.58 -99.12 35.73
CA CYS M 153 -29.80 -98.49 36.18
C CYS M 153 -29.49 -97.40 37.18
N MET M 154 -28.22 -97.14 37.50
CA MET M 154 -27.92 -96.06 38.44
C MET M 154 -26.66 -95.31 38.11
N GLY M 155 -26.07 -95.57 36.96
CA GLY M 155 -24.86 -94.86 36.65
C GLY M 155 -24.18 -95.24 35.36
N GLY M 156 -24.51 -96.41 34.82
CA GLY M 156 -23.87 -96.78 33.57
C GLY M 156 -22.34 -96.86 33.59
N MET M 157 -21.66 -95.74 33.47
CA MET M 157 -20.21 -95.72 33.47
C MET M 157 -19.60 -96.13 34.78
N ASN M 158 -20.20 -97.10 35.45
CA ASN M 158 -19.70 -97.57 36.74
C ASN M 158 -19.54 -96.43 37.76
N ARG M 159 -20.58 -95.60 37.83
CA ARG M 159 -20.62 -94.48 38.74
C ARG M 159 -20.83 -94.99 40.15
N ARG M 160 -21.80 -95.88 40.30
CA ARG M 160 -22.13 -96.44 41.61
C ARG M 160 -21.88 -97.95 41.67
N PRO M 161 -20.65 -98.37 41.98
CA PRO M 161 -20.28 -99.79 42.08
C PRO M 161 -20.87 -100.41 43.33
N ILE M 162 -21.57 -101.54 43.16
CA ILE M 162 -22.20 -102.24 44.27
C ILE M 162 -21.25 -103.23 44.92
N LEU M 163 -21.51 -103.57 46.18
CA LEU M 163 -20.68 -104.52 46.89
C LEU M 163 -21.59 -105.48 47.67
N THR M 164 -21.37 -106.79 47.56
CA THR M 164 -22.19 -107.75 48.27
C THR M 164 -21.49 -108.23 49.53
N ILE M 165 -22.19 -108.15 50.67
CA ILE M 165 -21.61 -108.56 51.95
C ILE M 165 -22.27 -109.85 52.44
N ILE M 166 -21.57 -110.97 52.33
CA ILE M 166 -22.09 -112.25 52.79
C ILE M 166 -21.69 -112.39 54.26
N THR M 167 -22.69 -112.37 55.13
CA THR M 167 -22.47 -112.44 56.57
C THR M 167 -22.86 -113.80 57.07
N LEU M 168 -22.19 -114.25 58.14
CA LEU M 168 -22.48 -115.55 58.76
C LEU M 168 -22.76 -115.27 60.24
N GLU M 169 -24.03 -115.28 60.62
CA GLU M 169 -24.39 -114.97 62.00
C GLU M 169 -25.21 -116.08 62.65
N ASP M 170 -25.26 -116.07 63.98
CA ASP M 170 -25.99 -117.10 64.68
C ASP M 170 -27.48 -116.77 64.73
N SER M 171 -28.14 -117.11 65.83
CA SER M 171 -29.57 -116.84 65.99
C SER M 171 -29.86 -115.39 66.36
N SER M 172 -29.29 -114.97 67.49
CA SER M 172 -29.48 -113.62 67.99
C SER M 172 -29.17 -112.55 66.95
N GLY M 173 -28.17 -112.83 66.12
CA GLY M 173 -27.78 -111.89 65.10
C GLY M 173 -26.34 -111.43 65.27
N ASN M 174 -25.54 -112.20 66.01
CA ASN M 174 -24.13 -111.86 66.23
C ASN M 174 -23.26 -112.34 65.07
N LEU M 175 -22.23 -111.59 64.75
CA LEU M 175 -21.36 -111.92 63.65
C LEU M 175 -20.50 -113.11 63.98
N LEU M 176 -20.39 -114.07 63.06
CA LEU M 176 -19.59 -115.26 63.24
C LEU M 176 -18.56 -115.35 62.14
N GLY M 177 -18.85 -114.65 61.05
CA GLY M 177 -17.98 -114.60 59.89
C GLY M 177 -18.51 -113.61 58.88
N ARG M 178 -17.65 -113.12 57.99
CA ARG M 178 -18.10 -112.16 56.99
C ARG M 178 -17.13 -111.97 55.83
N ASN M 179 -17.59 -112.22 54.62
CA ASN M 179 -16.77 -112.03 53.42
C ASN M 179 -17.57 -111.16 52.47
N SER M 180 -16.91 -110.60 51.47
CA SER M 180 -17.58 -109.74 50.50
C SER M 180 -16.93 -109.75 49.11
N PHE M 181 -17.74 -109.42 48.11
CA PHE M 181 -17.28 -109.37 46.74
C PHE M 181 -18.06 -108.31 45.98
N GLU M 182 -17.40 -107.66 45.03
CA GLU M 182 -18.03 -106.62 44.22
C GLU M 182 -18.85 -107.31 43.14
N VAL M 183 -19.99 -106.72 42.80
CA VAL M 183 -20.91 -107.26 41.80
C VAL M 183 -21.27 -106.27 40.70
N ARG M 184 -21.42 -106.79 39.50
CA ARG M 184 -21.78 -105.97 38.36
C ARG M 184 -22.83 -106.71 37.58
N VAL M 185 -24.05 -106.17 37.51
CA VAL M 185 -25.10 -106.82 36.75
C VAL M 185 -25.11 -106.21 35.33
N CYS M 186 -24.50 -106.90 34.36
CA CYS M 186 -24.46 -106.39 33.00
C CYS M 186 -25.10 -107.30 31.98
N ALA M 187 -24.81 -107.07 30.71
CA ALA M 187 -25.40 -107.90 29.68
C ALA M 187 -24.42 -108.85 29.06
N CYS M 188 -23.13 -108.60 29.30
CA CYS M 188 -22.05 -109.43 28.76
C CYS M 188 -20.96 -109.72 29.78
N PRO M 189 -21.27 -110.51 30.82
CA PRO M 189 -20.31 -110.84 31.87
C PRO M 189 -18.91 -111.18 31.35
N GLY M 190 -18.85 -112.09 30.39
CA GLY M 190 -17.57 -112.46 29.87
C GLY M 190 -16.82 -111.29 29.29
N ARG M 191 -17.51 -110.48 28.49
CA ARG M 191 -16.81 -109.35 27.87
C ARG M 191 -16.33 -108.36 28.92
N ASP M 192 -17.23 -108.02 29.84
CA ASP M 192 -16.93 -107.07 30.88
C ASP M 192 -15.79 -107.53 31.79
N ARG M 193 -15.73 -108.81 32.09
CA ARG M 193 -14.66 -109.32 32.92
C ARG M 193 -13.36 -109.26 32.13
N ARG M 194 -13.33 -109.99 31.04
CA ARG M 194 -12.14 -110.03 30.22
C ARG M 194 -11.52 -108.65 30.00
N THR M 195 -12.37 -107.68 29.66
CA THR M 195 -11.90 -106.34 29.38
C THR M 195 -11.42 -105.61 30.61
N GLU M 196 -12.14 -105.79 31.73
CA GLU M 196 -11.75 -105.13 32.97
C GLU M 196 -10.50 -105.75 33.57
N GLU M 197 -10.31 -107.04 33.35
CA GLU M 197 -9.11 -107.68 33.87
C GLU M 197 -7.97 -107.19 33.05
N GLU M 198 -8.14 -107.21 31.74
CA GLU M 198 -7.12 -106.78 30.81
C GLU M 198 -6.57 -105.41 31.20
N ASN M 199 -7.41 -104.58 31.80
CA ASN M 199 -6.98 -103.26 32.19
C ASN M 199 -6.05 -103.36 33.37
N LEU M 200 -5.52 -104.56 33.63
CA LEU M 200 -4.61 -104.79 34.75
C LEU M 200 -5.24 -104.27 36.04
N SER N 2 -74.19 -47.18 60.51
CA SER N 2 -73.36 -47.74 61.62
C SER N 2 -72.79 -46.63 62.51
N PRO N 3 -73.65 -45.99 63.33
CA PRO N 3 -73.25 -44.91 64.23
C PRO N 3 -72.63 -45.40 65.54
N LEU N 4 -71.73 -44.59 66.11
CA LEU N 4 -71.09 -44.94 67.37
C LEU N 4 -72.04 -44.57 68.54
N SER N 5 -71.72 -45.04 69.74
CA SER N 5 -72.53 -44.73 70.94
C SER N 5 -71.73 -43.90 71.93
N SER N 6 -72.41 -42.97 72.58
CA SER N 6 -71.76 -42.09 73.55
C SER N 6 -71.44 -42.85 74.82
N SER N 7 -72.31 -43.79 75.15
CA SER N 7 -72.14 -44.61 76.36
C SER N 7 -71.09 -45.69 76.17
N VAL N 8 -70.64 -46.24 77.29
CA VAL N 8 -69.64 -47.31 77.27
C VAL N 8 -69.93 -48.24 78.45
N PRO N 9 -70.79 -49.26 78.24
CA PRO N 9 -71.13 -50.22 79.31
C PRO N 9 -69.90 -50.80 80.01
N SER N 10 -69.84 -50.63 81.33
CA SER N 10 -68.73 -51.13 82.13
C SER N 10 -68.67 -52.66 82.06
N GLN N 11 -67.51 -53.19 82.43
CA GLN N 11 -67.29 -54.64 82.41
C GLN N 11 -66.74 -55.11 83.77
N LYS N 12 -66.74 -54.21 84.74
CA LYS N 12 -66.25 -54.50 86.08
C LYS N 12 -67.01 -55.70 86.63
N THR N 13 -66.28 -56.63 87.24
CA THR N 13 -66.91 -57.81 87.82
C THR N 13 -67.58 -57.44 89.14
N TYR N 14 -68.91 -57.56 89.17
CA TYR N 14 -69.71 -57.24 90.35
C TYR N 14 -70.66 -58.40 90.71
N GLN N 15 -70.30 -59.16 91.74
CA GLN N 15 -71.12 -60.29 92.17
C GLN N 15 -72.42 -59.80 92.80
N GLY N 16 -72.35 -58.62 93.41
CA GLY N 16 -73.54 -58.02 94.01
C GLY N 16 -73.89 -58.55 95.38
N SER N 17 -75.07 -58.14 95.85
CA SER N 17 -75.57 -58.55 97.16
C SER N 17 -76.14 -59.97 97.11
N TYR N 18 -75.89 -60.68 96.01
CA TYR N 18 -76.38 -62.06 95.86
C TYR N 18 -75.29 -63.02 95.45
N GLY N 19 -74.07 -62.51 95.34
CA GLY N 19 -72.93 -63.33 94.93
C GLY N 19 -73.18 -63.96 93.57
N PHE N 20 -73.26 -63.12 92.54
CA PHE N 20 -73.50 -63.57 91.17
C PHE N 20 -72.21 -63.97 90.46
N ARG N 21 -72.23 -65.16 89.86
CA ARG N 21 -71.07 -65.68 89.14
C ARG N 21 -71.52 -66.33 87.84
N LEU N 22 -70.60 -67.05 87.19
CA LEU N 22 -70.91 -67.71 85.93
C LEU N 22 -70.25 -69.08 85.88
N GLY N 23 -71.00 -70.07 85.42
CA GLY N 23 -70.49 -71.43 85.30
C GLY N 23 -70.51 -71.89 83.87
N PHE N 24 -69.46 -72.59 83.44
CA PHE N 24 -69.37 -73.05 82.05
C PHE N 24 -69.12 -74.53 82.00
N LEU N 25 -69.72 -75.20 81.01
CA LEU N 25 -69.56 -76.64 80.83
C LEU N 25 -68.22 -77.02 80.19
N HIS N 26 -67.28 -77.48 81.01
CA HIS N 26 -65.95 -77.89 80.55
C HIS N 26 -66.13 -78.97 79.47
N SER N 27 -66.23 -78.54 78.22
CA SER N 27 -66.40 -79.48 77.10
C SER N 27 -65.08 -79.95 76.52
N GLY N 28 -64.05 -80.02 77.37
CA GLY N 28 -62.73 -80.48 76.95
C GLY N 28 -62.19 -79.72 75.75
N THR N 29 -61.01 -80.12 75.27
CA THR N 29 -60.36 -79.47 74.12
C THR N 29 -60.15 -80.44 72.94
N ALA N 30 -61.17 -81.23 72.63
CA ALA N 30 -61.12 -82.19 71.52
C ALA N 30 -61.11 -81.48 70.16
N LYS N 31 -61.71 -82.12 69.15
CA LYS N 31 -61.78 -81.55 67.80
C LYS N 31 -63.22 -81.26 67.35
N SER N 32 -64.14 -82.18 67.67
CA SER N 32 -65.57 -82.04 67.33
C SER N 32 -66.30 -81.11 68.30
N VAL N 33 -65.53 -80.41 69.15
CA VAL N 33 -66.09 -79.49 70.14
C VAL N 33 -67.09 -78.54 69.51
N THR N 34 -68.05 -78.09 70.31
CA THR N 34 -69.07 -77.18 69.83
C THR N 34 -69.04 -75.93 70.67
N CYS N 35 -68.76 -76.07 71.95
CA CYS N 35 -68.68 -74.90 72.80
C CYS N 35 -67.88 -75.23 74.05
N THR N 36 -66.81 -74.50 74.31
CA THR N 36 -66.00 -74.76 75.51
C THR N 36 -65.61 -73.47 76.25
N TYR N 37 -64.83 -73.60 77.31
CA TYR N 37 -64.44 -72.43 78.08
C TYR N 37 -63.04 -72.60 78.62
N SER N 38 -62.26 -71.53 78.58
CA SER N 38 -60.91 -71.60 79.09
C SER N 38 -60.75 -70.65 80.26
N PRO N 39 -60.87 -71.17 81.50
CA PRO N 39 -60.74 -70.38 82.73
C PRO N 39 -59.49 -69.49 82.73
N ALA N 40 -58.41 -69.98 82.13
CA ALA N 40 -57.15 -69.24 82.07
C ALA N 40 -57.25 -68.02 81.14
N LEU N 41 -58.14 -68.10 80.17
CA LEU N 41 -58.33 -67.01 79.21
C LEU N 41 -59.65 -66.27 79.36
N ASN N 42 -60.56 -66.77 80.19
CA ASN N 42 -61.87 -66.16 80.37
C ASN N 42 -62.50 -66.03 78.96
N LYS N 43 -62.05 -66.91 78.08
CA LYS N 43 -62.50 -66.93 76.71
C LYS N 43 -63.40 -68.13 76.44
N MET N 44 -64.42 -67.93 75.62
CA MET N 44 -65.34 -69.02 75.30
C MET N 44 -65.32 -69.33 73.82
N PHE N 45 -64.61 -70.37 73.44
CA PHE N 45 -64.54 -70.75 72.04
C PHE N 45 -65.77 -71.54 71.67
N CYS N 46 -66.48 -71.13 70.62
CA CYS N 46 -67.69 -71.84 70.19
C CYS N 46 -67.93 -71.72 68.69
N GLN N 47 -68.86 -72.53 68.18
CA GLN N 47 -69.16 -72.50 66.77
C GLN N 47 -70.30 -71.51 66.51
N LEU N 48 -70.53 -71.25 65.23
CA LEU N 48 -71.57 -70.33 64.76
C LEU N 48 -72.95 -70.90 64.92
N ALA N 49 -73.81 -70.17 65.64
CA ALA N 49 -75.21 -70.56 65.88
C ALA N 49 -75.33 -71.89 66.61
N LYS N 50 -74.44 -72.14 67.55
CA LYS N 50 -74.45 -73.38 68.32
C LYS N 50 -74.72 -73.08 69.78
N THR N 51 -75.48 -73.97 70.39
CA THR N 51 -75.86 -73.82 71.78
C THR N 51 -74.67 -73.51 72.69
N CYS N 52 -74.84 -72.47 73.51
CA CYS N 52 -73.79 -72.07 74.44
C CYS N 52 -74.37 -71.91 75.83
N PRO N 53 -74.32 -72.99 76.62
CA PRO N 53 -74.83 -73.00 77.99
C PRO N 53 -74.02 -72.17 78.97
N VAL N 54 -74.68 -71.18 79.55
CA VAL N 54 -74.05 -70.31 80.54
C VAL N 54 -74.78 -70.53 81.87
N GLN N 55 -74.04 -70.95 82.89
CA GLN N 55 -74.62 -71.19 84.21
C GLN N 55 -74.58 -69.96 85.13
N LEU N 56 -75.72 -69.69 85.77
CA LEU N 56 -75.85 -68.57 86.70
C LEU N 56 -75.77 -69.10 88.12
N TRP N 57 -74.76 -68.63 88.85
CA TRP N 57 -74.56 -69.05 90.23
C TRP N 57 -74.82 -67.93 91.23
N VAL N 58 -75.76 -68.19 92.14
CA VAL N 58 -76.12 -67.24 93.17
C VAL N 58 -76.17 -67.95 94.51
N ASP N 59 -75.78 -67.22 95.56
CA ASP N 59 -75.78 -67.73 96.94
C ASP N 59 -77.16 -67.58 97.56
N SER N 60 -77.85 -66.51 97.17
CA SER N 60 -79.19 -66.24 97.68
C SER N 60 -80.09 -65.84 96.55
N THR N 61 -81.05 -66.71 96.24
CA THR N 61 -82.01 -66.46 95.16
C THR N 61 -82.59 -65.04 95.21
N PRO N 62 -82.28 -64.21 94.19
CA PRO N 62 -82.76 -62.83 94.08
C PRO N 62 -84.30 -62.74 94.05
N PRO N 63 -84.85 -61.50 94.10
CA PRO N 63 -86.32 -61.29 94.08
C PRO N 63 -86.95 -61.69 92.74
N PRO N 64 -88.29 -61.81 92.71
CA PRO N 64 -89.01 -62.19 91.49
C PRO N 64 -89.00 -61.07 90.46
N GLY N 65 -89.22 -61.43 89.20
CA GLY N 65 -89.23 -60.47 88.13
C GLY N 65 -87.82 -60.04 87.72
N THR N 66 -86.81 -60.65 88.33
CA THR N 66 -85.40 -60.33 88.03
C THR N 66 -85.02 -60.88 86.66
N ARG N 67 -84.31 -60.07 85.88
CA ARG N 67 -83.89 -60.47 84.53
C ARG N 67 -82.38 -60.54 84.39
N VAL N 68 -81.96 -61.22 83.32
CA VAL N 68 -80.55 -61.37 83.02
C VAL N 68 -80.28 -60.86 81.62
N ARG N 69 -79.55 -59.75 81.55
CA ARG N 69 -79.20 -59.12 80.29
C ARG N 69 -77.83 -59.57 79.75
N ALA N 70 -77.79 -59.77 78.44
CA ALA N 70 -76.58 -60.21 77.75
C ALA N 70 -76.24 -59.21 76.66
N MET N 71 -75.13 -58.52 76.84
CA MET N 71 -74.65 -57.52 75.88
C MET N 71 -73.22 -57.80 75.46
N ALA N 72 -72.85 -57.36 74.26
CA ALA N 72 -71.50 -57.55 73.71
C ALA N 72 -70.83 -56.23 73.36
N ILE N 73 -69.54 -56.13 73.71
CA ILE N 73 -68.74 -54.93 73.40
C ILE N 73 -67.33 -55.34 72.99
N TYR N 74 -66.66 -54.52 72.19
CA TYR N 74 -65.29 -54.81 71.74
C TYR N 74 -64.27 -54.58 72.84
N LYS N 75 -63.60 -55.65 73.24
CA LYS N 75 -62.60 -55.59 74.31
C LYS N 75 -61.60 -54.45 74.17
N GLN N 76 -61.22 -54.12 72.94
CA GLN N 76 -60.25 -53.05 72.72
C GLN N 76 -60.89 -51.69 72.80
N SER N 77 -60.31 -50.87 73.68
CA SER N 77 -60.76 -49.52 73.92
C SER N 77 -60.90 -48.69 72.65
N GLN N 78 -59.97 -48.85 71.72
CA GLN N 78 -60.02 -48.08 70.49
C GLN N 78 -61.33 -48.26 69.72
N HIS N 79 -61.99 -49.40 69.88
CA HIS N 79 -63.25 -49.62 69.18
C HIS N 79 -64.39 -49.85 70.17
N MET N 80 -64.11 -49.61 71.45
CA MET N 80 -65.10 -49.81 72.50
C MET N 80 -66.29 -48.90 72.32
N THR N 81 -66.14 -47.86 71.49
CA THR N 81 -67.22 -46.91 71.24
C THR N 81 -68.10 -47.38 70.05
N GLU N 82 -67.55 -48.28 69.24
CA GLU N 82 -68.27 -48.79 68.09
C GLU N 82 -69.31 -49.79 68.56
N VAL N 83 -70.36 -49.93 67.76
CA VAL N 83 -71.45 -50.84 68.10
C VAL N 83 -71.22 -52.26 67.59
N VAL N 84 -71.36 -53.22 68.50
CA VAL N 84 -71.20 -54.64 68.14
C VAL N 84 -72.46 -55.19 67.49
N ARG N 85 -72.34 -55.58 66.23
CA ARG N 85 -73.47 -56.11 65.49
C ARG N 85 -73.02 -57.18 64.51
N ARG N 86 -73.96 -57.73 63.75
CA ARG N 86 -73.65 -58.77 62.77
C ARG N 86 -73.05 -58.18 61.51
N CYS N 87 -72.27 -58.99 60.79
CA CYS N 87 -71.62 -58.55 59.55
C CYS N 87 -72.70 -58.30 58.52
N PRO N 88 -72.38 -57.53 57.49
CA PRO N 88 -73.31 -57.21 56.42
C PRO N 88 -73.95 -58.44 55.80
N HIS N 89 -73.21 -59.54 55.76
CA HIS N 89 -73.71 -60.77 55.17
C HIS N 89 -74.67 -61.51 56.06
N HIS N 90 -74.18 -61.87 57.23
CA HIS N 90 -74.99 -62.62 58.18
C HIS N 90 -76.31 -61.98 58.55
N GLU N 91 -76.37 -60.66 58.52
CA GLU N 91 -77.62 -60.01 58.86
C GLU N 91 -78.61 -60.09 57.69
N ARG N 92 -78.22 -60.80 56.63
CA ARG N 92 -79.06 -60.95 55.45
C ARG N 92 -79.41 -62.41 55.21
N CYS N 93 -79.16 -63.22 56.23
CA CYS N 93 -79.43 -64.65 56.16
C CYS N 93 -80.81 -65.01 56.67
N SER N 94 -81.33 -66.13 56.15
CA SER N 94 -82.65 -66.63 56.51
C SER N 94 -82.60 -67.40 57.83
N ASP N 95 -81.77 -66.90 58.76
CA ASP N 95 -81.62 -67.53 60.07
C ASP N 95 -82.47 -66.85 61.13
N SER N 96 -83.54 -66.18 60.69
CA SER N 96 -84.48 -65.51 61.59
C SER N 96 -85.39 -66.49 62.32
N ASP N 97 -85.10 -66.70 63.60
CA ASP N 97 -85.88 -67.60 64.44
C ASP N 97 -87.31 -67.05 64.59
N GLY N 98 -87.48 -65.79 64.21
CA GLY N 98 -88.79 -65.15 64.30
C GLY N 98 -88.86 -64.11 65.41
N LEU N 99 -88.07 -64.28 66.46
CA LEU N 99 -88.03 -63.36 67.59
C LEU N 99 -86.80 -62.45 67.59
N ALA N 100 -85.65 -63.05 67.33
CA ALA N 100 -84.41 -62.31 67.30
C ALA N 100 -84.21 -61.49 66.02
N PRO N 101 -83.88 -60.20 66.18
CA PRO N 101 -83.66 -59.31 65.06
C PRO N 101 -82.43 -59.77 64.27
N PRO N 102 -82.44 -59.59 62.93
CA PRO N 102 -81.32 -59.98 62.08
C PRO N 102 -79.97 -59.27 62.29
N GLN N 103 -79.91 -58.26 63.16
CA GLN N 103 -78.64 -57.55 63.36
C GLN N 103 -78.02 -57.85 64.70
N HIS N 104 -78.73 -58.61 65.53
CA HIS N 104 -78.23 -58.95 66.88
C HIS N 104 -77.24 -60.11 66.84
N LEU N 105 -76.13 -59.91 67.53
CA LEU N 105 -75.09 -60.94 67.57
C LEU N 105 -75.52 -62.09 68.46
N ILE N 106 -75.68 -61.76 69.75
CA ILE N 106 -76.09 -62.71 70.77
C ILE N 106 -77.59 -63.04 70.73
N ARG N 107 -77.92 -64.32 70.95
CA ARG N 107 -79.30 -64.76 70.96
C ARG N 107 -79.53 -65.72 72.11
N VAL N 108 -80.81 -66.00 72.36
CA VAL N 108 -81.21 -66.91 73.42
C VAL N 108 -81.99 -68.05 72.78
N GLU N 109 -81.68 -69.27 73.17
CA GLU N 109 -82.35 -70.42 72.61
C GLU N 109 -83.23 -71.13 73.63
N GLY N 110 -84.51 -71.32 73.26
CA GLY N 110 -85.45 -72.01 74.13
C GLY N 110 -86.01 -71.25 75.32
N ASN N 111 -86.32 -69.98 75.14
CA ASN N 111 -86.88 -69.17 76.22
C ASN N 111 -87.89 -68.20 75.62
N LEU N 112 -89.14 -68.66 75.53
CA LEU N 112 -90.24 -67.87 74.97
C LEU N 112 -90.37 -66.45 75.54
N ARG N 113 -89.96 -66.26 76.79
CA ARG N 113 -90.03 -64.94 77.43
C ARG N 113 -88.78 -64.08 77.21
N VAL N 114 -88.10 -64.31 76.08
CA VAL N 114 -86.89 -63.56 75.74
C VAL N 114 -87.26 -62.22 75.11
N GLU N 115 -86.54 -61.18 75.50
CA GLU N 115 -86.80 -59.85 74.96
C GLU N 115 -85.53 -59.20 74.40
N TYR N 116 -85.59 -58.77 73.15
CA TYR N 116 -84.46 -58.14 72.50
C TYR N 116 -84.63 -56.63 72.54
N LEU N 117 -83.64 -55.94 73.11
CA LEU N 117 -83.70 -54.49 73.24
C LEU N 117 -82.78 -53.70 72.30
N ASP N 118 -83.39 -52.78 71.55
CA ASP N 118 -82.68 -51.88 70.63
C ASP N 118 -82.61 -50.49 71.26
N ASP N 119 -81.78 -50.37 72.29
CA ASP N 119 -81.62 -49.11 73.01
C ASP N 119 -81.48 -47.94 72.05
N ARG N 120 -82.54 -47.14 71.95
CA ARG N 120 -82.55 -45.97 71.06
C ARG N 120 -81.57 -44.87 71.47
N ASN N 121 -81.11 -44.89 72.72
CA ASN N 121 -80.17 -43.87 73.19
C ASN N 121 -78.70 -44.26 73.01
N THR N 122 -78.39 -45.52 73.32
CA THR N 122 -77.01 -46.01 73.19
C THR N 122 -76.77 -46.80 71.91
N PHE N 123 -77.85 -47.09 71.18
CA PHE N 123 -77.83 -47.83 69.92
C PHE N 123 -77.38 -49.26 70.13
N ARG N 124 -76.95 -49.56 71.36
CA ARG N 124 -76.47 -50.89 71.74
C ARG N 124 -77.52 -51.98 71.54
N HIS N 125 -77.05 -53.18 71.27
CA HIS N 125 -77.94 -54.34 71.10
C HIS N 125 -77.79 -55.27 72.30
N SER N 126 -78.90 -55.90 72.69
CA SER N 126 -78.87 -56.79 73.83
C SER N 126 -80.03 -57.75 73.83
N VAL N 127 -79.94 -58.75 74.70
CA VAL N 127 -80.98 -59.75 74.86
C VAL N 127 -81.18 -60.06 76.33
N VAL N 128 -82.43 -60.02 76.77
CA VAL N 128 -82.76 -60.27 78.17
C VAL N 128 -83.84 -61.34 78.34
N VAL N 129 -83.72 -62.07 79.44
CA VAL N 129 -84.68 -63.12 79.78
C VAL N 129 -84.94 -63.18 81.28
N PRO N 130 -86.20 -63.48 81.66
CA PRO N 130 -86.60 -63.58 83.07
C PRO N 130 -85.80 -64.65 83.83
N TYR N 131 -85.12 -64.21 84.89
CA TYR N 131 -84.32 -65.11 85.69
C TYR N 131 -85.21 -66.13 86.35
N GLU N 132 -84.76 -67.39 86.33
CA GLU N 132 -85.50 -68.47 86.94
C GLU N 132 -84.65 -69.17 88.02
N PRO N 133 -85.28 -69.59 89.13
CA PRO N 133 -84.56 -70.26 90.21
C PRO N 133 -84.09 -71.65 89.78
N PRO N 134 -82.93 -72.08 90.27
CA PRO N 134 -82.38 -73.39 89.93
C PRO N 134 -83.40 -74.53 90.09
N GLU N 135 -83.79 -75.13 88.97
CA GLU N 135 -84.75 -76.23 89.00
C GLU N 135 -84.24 -77.30 89.96
N VAL N 136 -85.17 -77.96 90.65
CA VAL N 136 -84.81 -79.01 91.58
C VAL N 136 -83.91 -80.06 90.92
N GLY N 137 -82.75 -80.31 91.51
CA GLY N 137 -81.82 -81.27 90.97
C GLY N 137 -80.52 -80.59 90.57
N SER N 138 -80.63 -79.32 90.19
CA SER N 138 -79.47 -78.53 89.80
C SER N 138 -79.33 -77.35 90.77
N ASP N 139 -78.12 -76.85 90.95
CA ASP N 139 -77.85 -75.74 91.87
C ASP N 139 -77.72 -74.38 91.16
N CYS N 140 -77.85 -74.40 89.82
CA CYS N 140 -77.73 -73.19 89.03
C CYS N 140 -78.71 -73.14 87.87
N THR N 141 -78.93 -71.93 87.36
CA THR N 141 -79.82 -71.72 86.23
C THR N 141 -78.98 -71.60 84.95
N THR N 142 -79.20 -72.53 84.04
CA THR N 142 -78.47 -72.53 82.78
C THR N 142 -79.25 -71.85 81.65
N ILE N 143 -78.57 -70.97 80.93
CA ILE N 143 -79.16 -70.27 79.79
C ILE N 143 -78.40 -70.62 78.51
N HIS N 144 -79.16 -70.86 77.44
CA HIS N 144 -78.57 -71.21 76.16
C HIS N 144 -78.42 -70.02 75.24
N TYR N 145 -77.17 -69.68 74.92
CA TYR N 145 -76.89 -68.56 74.02
C TYR N 145 -76.37 -69.04 72.65
N ASN N 146 -76.55 -68.19 71.64
CA ASN N 146 -76.09 -68.50 70.28
C ASN N 146 -75.57 -67.26 69.56
N TYR N 147 -74.34 -67.33 69.08
CA TYR N 147 -73.79 -66.21 68.36
C TYR N 147 -73.99 -66.42 66.87
N MET N 148 -74.39 -65.37 66.16
CA MET N 148 -74.66 -65.47 64.72
C MET N 148 -73.64 -64.77 63.82
N CYS N 149 -72.37 -64.79 64.22
CA CYS N 149 -71.30 -64.16 63.45
C CYS N 149 -69.91 -64.54 63.96
N ASN N 150 -69.10 -65.08 63.06
CA ASN N 150 -67.74 -65.49 63.39
C ASN N 150 -66.89 -64.25 63.72
N SER N 151 -65.93 -64.42 64.62
CA SER N 151 -65.10 -63.28 64.97
C SER N 151 -64.13 -63.00 63.82
N SER N 152 -64.26 -63.73 62.72
CA SER N 152 -63.37 -63.56 61.58
C SER N 152 -63.96 -62.57 60.60
N CYS N 153 -65.28 -62.43 60.62
CA CYS N 153 -65.95 -61.51 59.74
C CYS N 153 -65.53 -60.06 59.93
N MET N 154 -64.92 -59.74 61.08
CA MET N 154 -64.52 -58.37 61.35
C MET N 154 -63.03 -58.14 61.49
N GLY N 155 -62.24 -59.21 61.35
CA GLY N 155 -60.78 -59.11 61.46
C GLY N 155 -59.94 -60.37 61.31
N GLY N 156 -60.57 -61.54 61.32
CA GLY N 156 -59.81 -62.75 61.17
C GLY N 156 -58.77 -62.96 62.26
N MET N 157 -57.60 -62.36 62.07
CA MET N 157 -56.50 -62.47 63.03
C MET N 157 -56.80 -61.92 64.40
N ASN N 158 -58.07 -61.93 64.79
CA ASN N 158 -58.51 -61.46 66.10
C ASN N 158 -58.23 -59.97 66.19
N ARG N 159 -58.60 -59.26 65.13
CA ARG N 159 -58.40 -57.82 65.07
C ARG N 159 -59.45 -57.13 65.95
N ARG N 160 -60.66 -57.69 65.96
CA ARG N 160 -61.75 -57.14 66.75
C ARG N 160 -62.26 -58.15 67.76
N PRO N 161 -61.66 -58.20 68.95
CA PRO N 161 -62.08 -59.14 69.98
C PRO N 161 -63.38 -58.69 70.64
N ILE N 162 -64.32 -59.63 70.78
CA ILE N 162 -65.60 -59.33 71.40
C ILE N 162 -65.63 -59.78 72.88
N LEU N 163 -66.35 -59.03 73.69
CA LEU N 163 -66.46 -59.36 75.11
C LEU N 163 -67.94 -59.37 75.47
N THR N 164 -68.44 -60.50 75.96
CA THR N 164 -69.84 -60.63 76.38
C THR N 164 -70.07 -60.16 77.82
N ILE N 165 -71.10 -59.33 78.00
CA ILE N 165 -71.45 -58.77 79.30
C ILE N 165 -72.77 -59.34 79.80
N ILE N 166 -72.70 -60.13 80.87
CA ILE N 166 -73.88 -60.74 81.47
C ILE N 166 -74.30 -59.90 82.67
N THR N 167 -75.44 -59.24 82.55
CA THR N 167 -75.98 -58.39 83.60
C THR N 167 -77.19 -59.00 84.31
N LEU N 168 -77.25 -58.75 85.61
CA LEU N 168 -78.34 -59.23 86.45
C LEU N 168 -79.06 -58.00 87.01
N GLU N 169 -80.23 -57.71 86.47
CA GLU N 169 -80.97 -56.55 86.91
C GLU N 169 -82.41 -56.88 87.29
N ASP N 170 -83.00 -56.05 88.16
CA ASP N 170 -84.38 -56.22 88.59
C ASP N 170 -85.37 -55.77 87.51
N SER N 171 -86.63 -55.61 87.91
CA SER N 171 -87.68 -55.19 86.98
C SER N 171 -87.38 -53.82 86.38
N SER N 172 -87.11 -52.83 87.23
CA SER N 172 -86.81 -51.48 86.75
C SER N 172 -85.61 -51.44 85.82
N GLY N 173 -84.56 -52.17 86.16
CA GLY N 173 -83.37 -52.18 85.33
C GLY N 173 -82.11 -51.64 86.00
N ASN N 174 -81.92 -52.02 87.26
CA ASN N 174 -80.75 -51.58 88.02
C ASN N 174 -79.77 -52.74 88.19
N LEU N 175 -78.50 -52.39 88.38
CA LEU N 175 -77.44 -53.38 88.55
C LEU N 175 -77.51 -54.14 89.87
N LEU N 176 -77.47 -55.46 89.77
CA LEU N 176 -77.51 -56.34 90.95
C LEU N 176 -76.25 -57.19 90.97
N GLY N 177 -75.87 -57.67 89.78
CA GLY N 177 -74.69 -58.50 89.61
C GLY N 177 -74.22 -58.39 88.18
N ARG N 178 -72.95 -58.72 87.92
CA ARG N 178 -72.41 -58.64 86.56
C ARG N 178 -71.05 -59.31 86.34
N ASN N 179 -71.02 -60.22 85.36
CA ASN N 179 -69.81 -60.94 85.00
C ASN N 179 -69.63 -60.86 83.49
N SER N 180 -68.40 -61.04 83.03
CA SER N 180 -68.11 -60.97 81.60
C SER N 180 -66.99 -61.91 81.18
N PHE N 181 -67.09 -62.43 79.96
CA PHE N 181 -66.12 -63.35 79.40
C PHE N 181 -65.91 -63.03 77.94
N GLU N 182 -64.70 -63.28 77.43
CA GLU N 182 -64.37 -63.00 76.04
C GLU N 182 -64.95 -64.11 75.16
N VAL N 183 -65.43 -63.73 73.98
CA VAL N 183 -66.03 -64.70 73.07
C VAL N 183 -65.38 -64.77 71.70
N ARG N 184 -65.26 -65.99 71.18
CA ARG N 184 -64.67 -66.19 69.87
C ARG N 184 -65.47 -67.22 69.09
N VAL N 185 -66.05 -66.82 67.97
CA VAL N 185 -66.83 -67.75 67.16
C VAL N 185 -65.98 -68.22 66.00
N CYS N 186 -65.68 -69.52 65.98
CA CYS N 186 -64.87 -70.08 64.91
C CYS N 186 -65.47 -71.39 64.38
N ALA N 187 -64.58 -72.28 63.93
CA ALA N 187 -64.97 -73.59 63.39
C ALA N 187 -64.25 -74.74 64.13
N CYS N 188 -63.41 -74.41 65.11
CA CYS N 188 -62.70 -75.43 65.84
C CYS N 188 -62.39 -74.96 67.22
N PRO N 189 -63.41 -74.85 68.05
CA PRO N 189 -63.21 -74.39 69.44
C PRO N 189 -62.12 -75.16 70.19
N GLY N 190 -62.03 -76.44 69.89
CA GLY N 190 -61.06 -77.28 70.56
C GLY N 190 -59.65 -76.87 70.20
N ARG N 191 -59.32 -77.07 68.93
CA ARG N 191 -58.01 -76.71 68.42
C ARG N 191 -57.63 -75.29 68.77
N ASP N 192 -58.56 -74.35 68.67
CA ASP N 192 -58.27 -72.95 68.97
C ASP N 192 -58.04 -72.70 70.48
N ARG N 193 -58.74 -73.44 71.33
CA ARG N 193 -58.55 -73.24 72.76
C ARG N 193 -57.19 -73.80 73.17
N ARG N 194 -56.93 -75.03 72.75
CA ARG N 194 -55.66 -75.68 73.06
C ARG N 194 -54.45 -74.84 72.68
N THR N 195 -54.41 -74.41 71.43
CA THR N 195 -53.29 -73.60 70.93
C THR N 195 -53.09 -72.32 71.72
N GLU N 196 -54.17 -71.59 71.93
CA GLU N 196 -54.10 -70.34 72.66
C GLU N 196 -53.61 -70.52 74.09
N GLU N 197 -54.16 -71.51 74.79
CA GLU N 197 -53.74 -71.76 76.16
C GLU N 197 -52.28 -72.18 76.13
N GLU N 198 -51.91 -72.85 75.05
CA GLU N 198 -50.56 -73.34 74.84
C GLU N 198 -49.58 -72.16 74.78
N ASN N 199 -50.05 -71.03 74.27
CA ASN N 199 -49.22 -69.83 74.16
C ASN N 199 -49.00 -69.18 75.51
N LEU N 200 -49.48 -69.85 76.56
CA LEU N 200 -49.37 -69.40 77.94
C LEU N 200 -50.10 -68.06 78.10
N SER O 2 -81.23 -6.23 16.83
CA SER O 2 -81.24 -5.70 18.23
C SER O 2 -80.42 -4.41 18.39
N PRO O 3 -80.89 -3.29 17.80
CA PRO O 3 -80.21 -1.99 17.87
C PRO O 3 -80.48 -1.25 19.19
N LEU O 4 -79.54 -0.42 19.61
CA LEU O 4 -79.67 0.35 20.84
C LEU O 4 -80.47 1.61 20.57
N SER O 5 -80.68 2.44 21.57
CA SER O 5 -81.44 3.66 21.34
C SER O 5 -80.57 4.83 21.66
N SER O 6 -80.97 5.99 21.19
CA SER O 6 -80.22 7.21 21.44
C SER O 6 -80.65 7.87 22.73
N SER O 7 -81.85 7.54 23.21
CA SER O 7 -82.38 8.14 24.43
C SER O 7 -82.08 7.29 25.65
N VAL O 8 -82.28 7.86 26.83
CA VAL O 8 -82.07 7.13 28.09
C VAL O 8 -83.04 7.70 29.13
N PRO O 9 -84.25 7.11 29.23
CA PRO O 9 -85.24 7.60 30.21
C PRO O 9 -84.67 7.77 31.62
N SER O 10 -85.08 8.84 32.28
CA SER O 10 -84.58 9.12 33.62
C SER O 10 -85.34 8.29 34.63
N GLN O 11 -84.72 8.10 35.77
CA GLN O 11 -85.31 7.30 36.84
C GLN O 11 -85.36 8.12 38.10
N LYS O 12 -85.20 9.43 37.97
CA LYS O 12 -85.22 10.35 39.11
C LYS O 12 -86.58 10.27 39.78
N THR O 13 -86.57 10.05 41.09
CA THR O 13 -87.82 9.95 41.84
C THR O 13 -88.48 11.32 41.87
N TYR O 14 -89.56 11.46 41.12
CA TYR O 14 -90.31 12.71 41.04
C TYR O 14 -91.74 12.54 41.53
N GLN O 15 -91.99 12.88 42.79
CA GLN O 15 -93.32 12.76 43.37
C GLN O 15 -94.31 13.65 42.65
N GLY O 16 -93.83 14.81 42.20
CA GLY O 16 -94.71 15.70 41.47
C GLY O 16 -95.61 16.55 42.33
N SER O 17 -96.41 17.36 41.65
CA SER O 17 -97.33 18.28 42.31
C SER O 17 -98.58 17.53 42.77
N TYR O 18 -98.48 16.22 42.82
CA TYR O 18 -99.61 15.41 43.25
C TYR O 18 -99.20 14.39 44.31
N GLY O 19 -97.97 14.50 44.79
CA GLY O 19 -97.48 13.56 45.79
C GLY O 19 -97.64 12.12 45.30
N PHE O 20 -97.02 11.81 44.16
CA PHE O 20 -97.09 10.48 43.58
C PHE O 20 -96.12 9.54 44.28
N ARG O 21 -96.63 8.39 44.71
CA ARG O 21 -95.84 7.38 45.38
C ARG O 21 -96.30 5.99 44.95
N LEU O 22 -95.51 4.98 45.29
CA LEU O 22 -95.86 3.61 44.92
C LEU O 22 -95.99 2.73 46.15
N GLY O 23 -96.98 1.84 46.12
CA GLY O 23 -97.21 0.94 47.23
C GLY O 23 -97.24 -0.49 46.76
N PHE O 24 -96.90 -1.41 47.67
CA PHE O 24 -96.86 -2.83 47.33
C PHE O 24 -97.36 -3.69 48.50
N LEU O 25 -97.82 -4.89 48.18
CA LEU O 25 -98.29 -5.83 49.19
C LEU O 25 -97.15 -6.61 49.86
N HIS O 26 -97.12 -6.58 51.19
CA HIS O 26 -96.09 -7.30 51.97
C HIS O 26 -96.50 -8.78 52.07
N SER O 27 -96.34 -9.51 50.97
CA SER O 27 -96.68 -10.93 50.90
C SER O 27 -95.72 -11.83 51.68
N GLY O 28 -94.99 -11.22 52.63
CA GLY O 28 -94.04 -11.94 53.47
C GLY O 28 -92.89 -12.56 52.69
N THR O 29 -92.18 -13.49 53.32
CA THR O 29 -91.04 -14.14 52.68
C THR O 29 -91.14 -15.67 52.68
N ALA O 30 -92.36 -16.18 52.48
CA ALA O 30 -92.61 -17.62 52.47
C ALA O 30 -91.97 -18.27 51.26
N LYS O 31 -92.38 -19.50 50.95
CA LYS O 31 -91.82 -20.21 49.80
C LYS O 31 -92.77 -20.19 48.61
N SER O 32 -94.07 -20.36 48.89
CA SER O 32 -95.12 -20.37 47.87
C SER O 32 -95.51 -18.96 47.45
N VAL O 33 -94.66 -17.99 47.77
CA VAL O 33 -94.93 -16.59 47.43
C VAL O 33 -95.05 -16.41 45.92
N THR O 34 -95.84 -15.42 45.51
CA THR O 34 -96.06 -15.11 44.09
C THR O 34 -95.43 -13.76 43.72
N CYS O 35 -95.53 -12.81 44.65
CA CYS O 35 -94.96 -11.48 44.45
C CYS O 35 -94.70 -10.81 45.80
N THR O 36 -93.49 -10.28 45.97
CA THR O 36 -93.16 -9.61 47.22
C THR O 36 -92.26 -8.40 46.98
N TYR O 37 -92.26 -7.45 47.91
CA TYR O 37 -91.46 -6.26 47.74
C TYR O 37 -90.50 -6.09 48.92
N SER O 38 -89.29 -5.62 48.66
CA SER O 38 -88.32 -5.43 49.74
C SER O 38 -88.00 -3.97 49.93
N PRO O 39 -88.68 -3.32 50.88
CA PRO O 39 -88.47 -1.90 51.18
C PRO O 39 -87.00 -1.51 51.33
N ALA O 40 -86.18 -2.44 51.80
CA ALA O 40 -84.75 -2.18 52.01
C ALA O 40 -84.00 -2.20 50.69
N LEU O 41 -84.44 -3.06 49.80
CA LEU O 41 -83.77 -3.16 48.52
C LEU O 41 -84.51 -2.48 47.39
N ASN O 42 -85.74 -2.05 47.64
CA ASN O 42 -86.59 -1.41 46.63
C ASN O 42 -86.66 -2.37 45.44
N LYS O 43 -86.69 -3.65 45.76
CA LYS O 43 -86.71 -4.68 44.75
C LYS O 43 -87.98 -5.51 44.87
N MET O 44 -88.66 -5.72 43.75
CA MET O 44 -89.87 -6.50 43.78
C MET O 44 -89.67 -7.86 43.13
N PHE O 45 -89.51 -8.91 43.94
CA PHE O 45 -89.30 -10.27 43.44
C PHE O 45 -90.65 -10.91 43.12
N CYS O 46 -90.81 -11.48 41.93
CA CYS O 46 -92.09 -12.10 41.60
C CYS O 46 -91.90 -13.23 40.61
N GLN O 47 -92.98 -13.92 40.25
CA GLN O 47 -92.86 -15.03 39.33
C GLN O 47 -93.19 -14.57 37.93
N LEU O 48 -92.91 -15.44 36.97
CA LEU O 48 -93.13 -15.15 35.56
C LEU O 48 -94.60 -15.23 35.24
N ALA O 49 -95.06 -14.37 34.33
CA ALA O 49 -96.46 -14.28 33.87
C ALA O 49 -97.48 -14.22 35.00
N LYS O 50 -96.98 -13.96 36.20
CA LYS O 50 -97.84 -13.89 37.38
C LYS O 50 -98.22 -12.44 37.69
N THR O 51 -99.38 -12.27 38.30
CA THR O 51 -99.84 -10.94 38.65
C THR O 51 -98.96 -10.23 39.68
N CYS O 52 -98.70 -8.95 39.43
CA CYS O 52 -97.89 -8.18 40.34
C CYS O 52 -98.57 -6.86 40.60
N PRO O 53 -99.27 -6.75 41.75
CA PRO O 53 -100.00 -5.54 42.16
C PRO O 53 -99.10 -4.35 42.54
N VAL O 54 -99.27 -3.24 41.81
CA VAL O 54 -98.51 -2.03 42.07
C VAL O 54 -99.54 -0.95 42.41
N GLN O 55 -99.43 -0.40 43.61
CA GLN O 55 -100.38 0.64 44.03
C GLN O 55 -99.87 2.05 43.76
N LEU O 56 -100.82 2.92 43.42
CA LEU O 56 -100.56 4.34 43.14
C LEU O 56 -101.09 5.22 44.27
N TRP O 57 -100.19 5.72 45.11
CA TRP O 57 -100.55 6.57 46.22
C TRP O 57 -100.35 8.04 45.94
N VAL O 58 -101.44 8.69 45.56
CA VAL O 58 -101.43 10.11 45.24
C VAL O 58 -102.17 10.91 46.32
N ASP O 59 -101.60 12.04 46.69
CA ASP O 59 -102.21 12.91 47.70
C ASP O 59 -103.50 13.53 47.17
N SER O 60 -103.36 14.40 46.16
CA SER O 60 -104.50 15.08 45.54
C SER O 60 -104.78 14.52 44.15
N THR O 61 -105.94 13.87 44.01
CA THR O 61 -106.34 13.25 42.75
C THR O 61 -106.07 14.11 41.53
N PRO O 62 -105.12 13.68 40.67
CA PRO O 62 -104.76 14.41 39.45
C PRO O 62 -105.95 14.58 38.51
N PRO O 63 -105.77 15.42 37.48
CA PRO O 63 -106.83 15.68 36.49
C PRO O 63 -107.19 14.44 35.68
N PRO O 64 -108.32 14.48 34.94
CA PRO O 64 -108.79 13.37 34.12
C PRO O 64 -107.92 13.19 32.88
N GLY O 65 -108.04 12.03 32.24
CA GLY O 65 -107.24 11.75 31.06
C GLY O 65 -105.84 11.31 31.40
N THR O 66 -105.41 11.52 32.65
CA THR O 66 -104.09 11.14 33.12
C THR O 66 -103.86 9.66 32.85
N ARG O 67 -102.60 9.32 32.54
CA ARG O 67 -102.22 7.94 32.26
C ARG O 67 -101.02 7.47 33.10
N VAL O 68 -100.93 6.15 33.25
CA VAL O 68 -99.84 5.53 34.00
C VAL O 68 -99.01 4.71 33.04
N ARG O 69 -97.80 5.18 32.79
CA ARG O 69 -96.90 4.49 31.89
C ARG O 69 -95.89 3.63 32.65
N ALA O 70 -95.64 2.45 32.10
CA ALA O 70 -94.69 1.50 32.67
C ALA O 70 -93.60 1.16 31.66
N MET O 71 -92.36 1.41 32.02
CA MET O 71 -91.24 1.13 31.14
C MET O 71 -90.09 0.50 31.91
N ALA O 72 -89.43 -0.49 31.30
CA ALA O 72 -88.28 -1.19 31.89
C ALA O 72 -86.98 -0.78 31.24
N ILE O 73 -85.94 -0.70 32.07
CA ILE O 73 -84.60 -0.34 31.62
C ILE O 73 -83.54 -1.11 32.42
N TYR O 74 -82.32 -1.17 31.91
CA TYR O 74 -81.29 -1.88 32.65
C TYR O 74 -80.61 -0.94 33.64
N LYS O 75 -80.55 -1.35 34.90
CA LYS O 75 -79.95 -0.55 35.96
C LYS O 75 -78.49 -0.19 35.72
N GLN O 76 -77.75 -1.09 35.09
CA GLN O 76 -76.34 -0.84 34.82
C GLN O 76 -76.11 0.09 33.64
N SER O 77 -75.40 1.20 33.92
CA SER O 77 -75.10 2.20 32.90
C SER O 77 -74.50 1.63 31.61
N GLN O 78 -73.61 0.65 31.73
CA GLN O 78 -72.97 0.03 30.57
C GLN O 78 -73.97 -0.65 29.60
N HIS O 79 -75.19 -0.91 30.06
CA HIS O 79 -76.17 -1.55 29.20
C HIS O 79 -77.48 -0.78 29.20
N MET O 80 -77.45 0.43 29.76
CA MET O 80 -78.65 1.25 29.83
C MET O 80 -79.21 1.59 28.47
N THR O 81 -78.33 1.98 27.55
CA THR O 81 -78.78 2.31 26.21
C THR O 81 -79.38 1.11 25.52
N GLU O 82 -79.20 -0.07 26.11
CA GLU O 82 -79.71 -1.30 25.51
C GLU O 82 -81.21 -1.40 25.79
N VAL O 83 -81.99 -1.74 24.76
CA VAL O 83 -83.44 -1.86 24.90
C VAL O 83 -83.86 -3.09 25.70
N VAL O 84 -84.82 -2.91 26.60
CA VAL O 84 -85.31 -4.01 27.42
C VAL O 84 -86.48 -4.67 26.72
N ARG O 85 -86.28 -5.89 26.26
CA ARG O 85 -87.34 -6.65 25.60
C ARG O 85 -87.31 -8.12 26.01
N ARG O 86 -88.15 -8.93 25.38
CA ARG O 86 -88.20 -10.34 25.75
C ARG O 86 -87.10 -11.12 25.03
N CYS O 87 -86.68 -12.23 25.65
CA CYS O 87 -85.65 -13.11 25.09
C CYS O 87 -86.13 -13.66 23.75
N PRO O 88 -85.19 -14.17 22.94
CA PRO O 88 -85.55 -14.72 21.62
C PRO O 88 -86.61 -15.79 21.73
N HIS O 89 -86.49 -16.69 22.71
CA HIS O 89 -87.44 -17.78 22.88
C HIS O 89 -88.78 -17.28 23.34
N HIS O 90 -88.81 -16.64 24.50
CA HIS O 90 -90.05 -16.14 25.06
C HIS O 90 -90.91 -15.29 24.14
N GLU O 91 -90.27 -14.61 23.20
CA GLU O 91 -91.01 -13.76 22.28
C GLU O 91 -91.58 -14.59 21.14
N ARG O 92 -91.43 -15.89 21.22
CA ARG O 92 -91.95 -16.76 20.19
C ARG O 92 -93.05 -17.64 20.78
N CYS O 93 -93.25 -17.54 22.09
CA CYS O 93 -94.26 -18.32 22.78
C CYS O 93 -95.69 -17.94 22.38
N SER O 94 -96.63 -18.83 22.66
CA SER O 94 -98.04 -18.62 22.34
C SER O 94 -98.77 -18.00 23.53
N ASP O 95 -98.03 -17.31 24.38
CA ASP O 95 -98.59 -16.66 25.57
C ASP O 95 -99.20 -15.31 25.22
N SER O 96 -99.51 -15.12 23.94
CA SER O 96 -100.11 -13.88 23.50
C SER O 96 -101.55 -13.72 23.99
N ASP O 97 -101.79 -12.68 24.80
CA ASP O 97 -103.13 -12.40 25.32
C ASP O 97 -103.97 -11.70 24.24
N GLY O 98 -103.35 -11.42 23.09
CA GLY O 98 -104.05 -10.75 22.00
C GLY O 98 -103.81 -9.24 21.98
N LEU O 99 -103.64 -8.65 23.16
CA LEU O 99 -103.41 -7.20 23.28
C LEU O 99 -101.93 -6.81 23.29
N ALA O 100 -101.17 -7.42 24.19
CA ALA O 100 -99.75 -7.16 24.32
C ALA O 100 -98.91 -7.84 23.23
N PRO O 101 -97.96 -7.11 22.60
CA PRO O 101 -97.08 -7.65 21.56
C PRO O 101 -96.17 -8.71 22.15
N PRO O 102 -95.73 -9.68 21.34
CA PRO O 102 -94.86 -10.76 21.79
C PRO O 102 -93.51 -10.39 22.37
N GLN O 103 -93.05 -9.15 22.14
CA GLN O 103 -91.74 -8.74 22.63
C GLN O 103 -91.81 -7.69 23.74
N HIS O 104 -92.95 -7.61 24.39
CA HIS O 104 -93.12 -6.63 25.46
C HIS O 104 -92.92 -7.27 26.81
N LEU O 105 -91.83 -6.87 27.47
CA LEU O 105 -91.52 -7.40 28.78
C LEU O 105 -92.70 -7.17 29.70
N ILE O 106 -92.87 -5.93 30.17
CA ILE O 106 -93.96 -5.59 31.09
C ILE O 106 -95.35 -5.61 30.45
N ARG O 107 -96.35 -6.05 31.22
CA ARG O 107 -97.73 -6.13 30.75
C ARG O 107 -98.72 -5.70 31.82
N VAL O 108 -99.95 -5.50 31.40
CA VAL O 108 -100.99 -5.11 32.31
C VAL O 108 -102.12 -6.12 32.21
N GLU O 109 -102.51 -6.67 33.35
CA GLU O 109 -103.58 -7.64 33.39
C GLU O 109 -104.88 -7.07 33.94
N GLY O 110 -105.97 -7.39 33.23
CA GLY O 110 -107.33 -6.97 33.59
C GLY O 110 -107.69 -5.52 33.42
N ASN O 111 -107.32 -4.95 32.29
CA ASN O 111 -107.63 -3.56 32.03
C ASN O 111 -107.83 -3.40 30.53
N LEU O 112 -109.09 -3.42 30.12
CA LEU O 112 -109.45 -3.30 28.71
C LEU O 112 -108.95 -2.02 28.03
N ARG O 113 -108.58 -1.02 28.82
CA ARG O 113 -108.09 0.25 28.30
C ARG O 113 -106.56 0.39 28.36
N VAL O 114 -105.86 -0.71 28.10
CA VAL O 114 -104.41 -0.74 28.12
C VAL O 114 -103.85 -0.34 26.77
N GLU O 115 -102.64 0.19 26.79
CA GLU O 115 -101.99 0.59 25.57
C GLU O 115 -100.50 0.21 25.56
N TYR O 116 -100.06 -0.45 24.49
CA TYR O 116 -98.68 -0.87 24.33
C TYR O 116 -98.03 -0.07 23.22
N LEU O 117 -97.01 0.71 23.59
CA LEU O 117 -96.29 1.58 22.66
C LEU O 117 -94.96 1.03 22.17
N ASP O 118 -94.73 1.18 20.87
CA ASP O 118 -93.49 0.79 20.21
C ASP O 118 -92.84 2.06 19.65
N ASP O 119 -92.34 2.90 20.56
CA ASP O 119 -91.69 4.17 20.23
C ASP O 119 -90.78 4.02 19.04
N ARG O 120 -91.10 4.73 17.96
CA ARG O 120 -90.31 4.65 16.74
C ARG O 120 -89.05 5.48 16.75
N ASN O 121 -88.88 6.29 17.78
CA ASN O 121 -87.68 7.12 17.91
C ASN O 121 -86.69 6.56 18.92
N THR O 122 -87.19 6.09 20.04
CA THR O 122 -86.31 5.55 21.07
C THR O 122 -86.28 4.05 21.06
N PHE O 123 -87.09 3.44 20.22
CA PHE O 123 -87.15 1.97 20.13
C PHE O 123 -87.57 1.33 21.46
N ARG O 124 -87.82 2.17 22.45
CA ARG O 124 -88.25 1.73 23.76
C ARG O 124 -89.62 1.08 23.77
N HIS O 125 -89.83 0.22 24.75
CA HIS O 125 -91.07 -0.51 24.94
C HIS O 125 -91.73 -0.03 26.23
N SER O 126 -93.04 0.17 26.18
CA SER O 126 -93.77 0.61 27.36
C SER O 126 -95.26 0.33 27.26
N VAL O 127 -95.92 0.34 28.41
CA VAL O 127 -97.36 0.12 28.49
C VAL O 127 -97.97 1.21 29.38
N VAL O 128 -99.14 1.69 28.96
CA VAL O 128 -99.87 2.76 29.65
C VAL O 128 -101.36 2.50 29.79
N VAL O 129 -101.92 3.01 30.88
CA VAL O 129 -103.32 2.87 31.19
C VAL O 129 -103.88 4.12 31.84
N PRO O 130 -105.14 4.47 31.52
CA PRO O 130 -105.83 5.64 32.05
C PRO O 130 -105.90 5.63 33.56
N TYR O 131 -105.25 6.58 34.21
CA TYR O 131 -105.28 6.65 35.67
C TYR O 131 -106.71 6.81 36.19
N GLU O 132 -107.08 6.02 37.19
CA GLU O 132 -108.41 6.08 37.74
C GLU O 132 -108.30 6.41 39.20
N PRO O 133 -109.33 7.08 39.74
CA PRO O 133 -109.35 7.46 41.16
C PRO O 133 -109.53 6.24 42.07
N PRO O 134 -108.93 6.27 43.27
CA PRO O 134 -109.03 5.16 44.23
C PRO O 134 -110.48 4.72 44.46
N GLU O 135 -110.78 3.46 44.14
CA GLU O 135 -112.13 2.94 44.32
C GLU O 135 -112.58 3.18 45.76
N VAL O 136 -113.85 3.54 45.94
CA VAL O 136 -114.41 3.77 47.27
C VAL O 136 -114.11 2.60 48.20
N GLY O 137 -113.56 2.91 49.38
CA GLY O 137 -113.21 1.87 50.34
C GLY O 137 -111.71 1.63 50.36
N SER O 138 -111.05 2.06 49.27
CA SER O 138 -109.60 1.92 49.13
C SER O 138 -108.99 3.33 49.05
N ASP O 139 -107.70 3.42 49.36
CA ASP O 139 -106.99 4.70 49.33
C ASP O 139 -105.88 4.75 48.28
N CYS O 140 -105.96 3.88 47.27
CA CYS O 140 -104.97 3.85 46.21
C CYS O 140 -105.39 3.02 45.00
N THR O 141 -104.89 3.42 43.84
CA THR O 141 -105.21 2.73 42.60
C THR O 141 -104.25 1.57 42.40
N THR O 142 -104.80 0.39 42.24
CA THR O 142 -103.95 -0.79 42.08
C THR O 142 -103.95 -1.29 40.63
N ILE O 143 -102.75 -1.48 40.10
CA ILE O 143 -102.58 -1.97 38.74
C ILE O 143 -101.87 -3.35 38.75
N HIS O 144 -102.33 -4.26 37.91
CA HIS O 144 -101.76 -5.61 37.83
C HIS O 144 -100.79 -5.78 36.65
N TYR O 145 -99.51 -5.87 36.97
CA TYR O 145 -98.50 -6.03 35.95
C TYR O 145 -98.02 -7.46 35.87
N ASN O 146 -97.49 -7.82 34.70
CA ASN O 146 -96.99 -9.16 34.44
C ASN O 146 -95.73 -9.15 33.56
N TYR O 147 -94.61 -9.56 34.13
CA TYR O 147 -93.39 -9.58 33.34
C TYR O 147 -93.31 -10.90 32.57
N MET O 148 -93.04 -10.86 31.26
CA MET O 148 -92.99 -12.09 30.47
C MET O 148 -91.59 -12.69 30.22
N CYS O 149 -90.71 -12.57 31.20
CA CYS O 149 -89.37 -13.10 31.01
C CYS O 149 -88.65 -13.17 32.33
N ASN O 150 -87.78 -14.20 32.49
CA ASN O 150 -87.00 -14.44 33.72
C ASN O 150 -85.69 -13.68 33.70
N SER O 151 -85.29 -13.13 34.83
CA SER O 151 -84.04 -12.38 34.87
C SER O 151 -82.83 -13.25 34.50
N SER O 152 -83.09 -14.54 34.37
CA SER O 152 -82.07 -15.51 34.02
C SER O 152 -81.84 -15.56 32.52
N CYS O 153 -82.88 -15.22 31.74
CA CYS O 153 -82.82 -15.24 30.27
C CYS O 153 -81.77 -14.24 29.74
N MET O 154 -81.19 -13.46 30.64
CA MET O 154 -80.20 -12.49 30.21
C MET O 154 -78.92 -12.45 31.03
N GLY O 155 -78.87 -13.21 32.12
CA GLY O 155 -77.68 -13.19 32.94
C GLY O 155 -77.63 -14.12 34.15
N GLY O 156 -78.75 -14.74 34.47
CA GLY O 156 -78.73 -15.65 35.60
C GLY O 156 -78.19 -15.07 36.89
N MET O 157 -76.87 -15.07 37.07
CA MET O 157 -76.28 -14.55 38.28
C MET O 157 -76.56 -13.06 38.49
N ASN O 158 -77.70 -12.60 37.99
CA ASN O 158 -78.07 -11.20 38.13
C ASN O 158 -77.06 -10.32 37.42
N ARG O 159 -76.74 -10.71 36.20
CA ARG O 159 -75.80 -9.97 35.38
C ARG O 159 -76.50 -8.72 34.83
N ARG O 160 -77.72 -8.91 34.34
CA ARG O 160 -78.51 -7.82 33.78
C ARG O 160 -79.67 -7.44 34.67
N PRO O 161 -79.44 -6.57 35.70
CA PRO O 161 -80.49 -6.14 36.62
C PRO O 161 -81.45 -5.15 35.97
N ILE O 162 -82.70 -5.56 35.83
CA ILE O 162 -83.72 -4.73 35.20
C ILE O 162 -84.39 -3.82 36.24
N LEU O 163 -84.83 -2.65 35.78
CA LEU O 163 -85.49 -1.66 36.63
C LEU O 163 -86.78 -1.17 35.95
N THR O 164 -87.86 -1.10 36.72
CA THR O 164 -89.13 -0.63 36.19
C THR O 164 -89.38 0.83 36.54
N ILE O 165 -89.82 1.58 35.53
CA ILE O 165 -90.12 3.00 35.68
C ILE O 165 -91.61 3.27 35.56
N ILE O 166 -92.19 3.66 36.70
CA ILE O 166 -93.60 3.98 36.74
C ILE O 166 -93.75 5.47 36.51
N THR O 167 -94.17 5.80 35.31
CA THR O 167 -94.36 7.19 34.91
C THR O 167 -95.82 7.62 34.95
N LEU O 168 -96.04 8.78 35.57
CA LEU O 168 -97.36 9.39 35.71
C LEU O 168 -97.41 10.60 34.79
N GLU O 169 -98.10 10.43 33.67
CA GLU O 169 -98.18 11.49 32.68
C GLU O 169 -99.60 11.88 32.38
N ASP O 170 -99.77 13.01 31.69
CA ASP O 170 -101.10 13.49 31.30
C ASP O 170 -101.53 12.97 29.94
N SER O 171 -102.57 13.58 29.38
CA SER O 171 -103.09 13.16 28.09
C SER O 171 -102.11 13.40 26.96
N SER O 172 -101.28 14.45 27.13
CA SER O 172 -100.28 14.83 26.14
C SER O 172 -98.98 14.06 26.30
N GLY O 173 -98.75 13.57 27.50
CA GLY O 173 -97.56 12.78 27.69
C GLY O 173 -96.50 13.54 28.41
N ASN O 174 -96.90 14.50 29.22
CA ASN O 174 -95.92 15.28 29.96
C ASN O 174 -95.77 14.77 31.37
N LEU O 175 -94.52 14.72 31.82
CA LEU O 175 -94.22 14.25 33.16
C LEU O 175 -95.06 14.92 34.26
N LEU O 176 -95.50 14.12 35.24
CA LEU O 176 -96.29 14.59 36.38
C LEU O 176 -95.67 14.02 37.66
N GLY O 177 -95.19 12.79 37.55
CA GLY O 177 -94.58 12.11 38.67
C GLY O 177 -93.92 10.85 38.18
N ARG O 178 -92.96 10.36 38.95
CA ARG O 178 -92.24 9.15 38.59
C ARG O 178 -91.47 8.46 39.72
N ASN O 179 -91.73 7.16 39.85
CA ASN O 179 -91.08 6.29 40.83
C ASN O 179 -90.52 5.05 40.13
N SER O 180 -89.57 4.41 40.80
CA SER O 180 -88.90 3.24 40.26
C SER O 180 -88.57 2.19 41.32
N PHE O 181 -88.62 0.92 40.92
CA PHE O 181 -88.31 -0.22 41.79
C PHE O 181 -87.64 -1.31 40.93
N GLU O 182 -86.55 -1.88 41.43
CA GLU O 182 -85.84 -2.94 40.70
C GLU O 182 -86.79 -4.12 40.51
N VAL O 183 -86.56 -4.92 39.47
CA VAL O 183 -87.42 -6.07 39.21
C VAL O 183 -86.65 -7.38 39.00
N ARG O 184 -87.16 -8.46 39.59
CA ARG O 184 -86.52 -9.76 39.44
C ARG O 184 -87.58 -10.86 39.22
N VAL O 185 -87.64 -11.37 38.01
CA VAL O 185 -88.61 -12.40 37.71
C VAL O 185 -87.97 -13.78 37.84
N CYS O 186 -88.22 -14.46 38.96
CA CYS O 186 -87.65 -15.78 39.16
C CYS O 186 -88.73 -16.81 39.42
N ALA O 187 -88.47 -17.71 40.36
CA ALA O 187 -89.42 -18.78 40.69
C ALA O 187 -89.64 -18.87 42.20
N CYS O 188 -88.67 -18.39 42.99
CA CYS O 188 -88.80 -18.45 44.44
C CYS O 188 -88.63 -17.06 45.05
N PRO O 189 -89.60 -16.17 44.80
CA PRO O 189 -89.58 -14.80 45.31
C PRO O 189 -89.26 -14.68 46.81
N GLY O 190 -89.75 -15.67 47.56
CA GLY O 190 -89.53 -15.66 48.98
C GLY O 190 -88.07 -15.85 49.35
N ARG O 191 -87.52 -16.97 48.91
CA ARG O 191 -86.13 -17.29 49.21
C ARG O 191 -85.20 -16.18 48.75
N ASP O 192 -85.42 -15.74 47.51
CA ASP O 192 -84.59 -14.72 46.90
C ASP O 192 -84.60 -13.42 47.70
N ARG O 193 -85.77 -12.99 48.13
CA ARG O 193 -85.85 -11.78 48.90
C ARG O 193 -85.12 -11.97 50.21
N ARG O 194 -85.51 -13.02 50.92
CA ARG O 194 -84.94 -13.31 52.23
C ARG O 194 -83.41 -13.35 52.22
N THR O 195 -82.86 -14.21 51.37
CA THR O 195 -81.41 -14.38 51.24
C THR O 195 -80.70 -13.10 50.88
N GLU O 196 -81.27 -12.38 49.90
CA GLU O 196 -80.70 -11.12 49.46
C GLU O 196 -80.73 -10.07 50.57
N GLU O 197 -81.80 -10.05 51.35
CA GLU O 197 -81.92 -9.09 52.43
C GLU O 197 -80.94 -9.50 53.51
N GLU O 198 -80.80 -10.81 53.66
CA GLU O 198 -79.90 -11.38 54.67
C GLU O 198 -78.46 -10.91 54.45
N ASN O 199 -78.14 -10.59 53.20
CA ASN O 199 -76.81 -10.13 52.85
C ASN O 199 -76.60 -8.67 53.27
N LEU O 200 -77.55 -8.15 54.05
CA LEU O 200 -77.50 -6.78 54.53
C LEU O 200 -77.62 -5.79 53.38
N SER P 2 -55.08 -11.62 -36.19
CA SER P 2 -55.20 -10.29 -35.54
C SER P 2 -53.97 -9.42 -35.83
N PRO P 3 -53.82 -8.96 -37.09
CA PRO P 3 -52.68 -8.12 -37.51
C PRO P 3 -52.89 -6.63 -37.19
N LEU P 4 -51.80 -5.89 -37.09
CA LEU P 4 -51.87 -4.47 -36.79
C LEU P 4 -51.98 -3.72 -38.11
N SER P 5 -52.46 -2.47 -38.05
CA SER P 5 -52.56 -1.65 -39.26
C SER P 5 -51.48 -0.59 -39.29
N SER P 6 -50.94 -0.37 -40.48
CA SER P 6 -49.88 0.61 -40.68
C SER P 6 -50.43 2.02 -40.57
N SER P 7 -51.72 2.15 -40.83
CA SER P 7 -52.36 3.46 -40.76
C SER P 7 -53.00 3.69 -39.40
N VAL P 8 -53.34 4.94 -39.16
CA VAL P 8 -53.94 5.35 -37.90
C VAL P 8 -54.75 6.60 -38.15
N PRO P 9 -56.05 6.42 -38.38
CA PRO P 9 -56.98 7.52 -38.64
C PRO P 9 -56.93 8.64 -37.60
N SER P 10 -57.13 9.87 -38.06
CA SER P 10 -57.07 11.01 -37.16
C SER P 10 -58.40 11.24 -36.50
N GLN P 11 -58.36 11.95 -35.38
CA GLN P 11 -59.57 12.25 -34.61
C GLN P 11 -59.71 13.73 -34.38
N LYS P 12 -58.94 14.52 -35.13
CA LYS P 12 -58.94 15.98 -35.02
C LYS P 12 -60.28 16.47 -35.51
N THR P 13 -60.99 17.22 -34.67
CA THR P 13 -62.28 17.77 -35.03
C THR P 13 -62.14 18.75 -36.19
N TYR P 14 -62.91 18.53 -37.24
CA TYR P 14 -62.84 19.37 -38.41
C TYR P 14 -64.25 19.70 -38.88
N GLN P 15 -64.80 20.81 -38.38
CA GLN P 15 -66.15 21.23 -38.75
C GLN P 15 -66.27 21.43 -40.25
N GLY P 16 -65.13 21.55 -40.90
CA GLY P 16 -65.11 21.71 -42.34
C GLY P 16 -65.69 23.01 -42.88
N SER P 17 -65.91 23.02 -44.19
CA SER P 17 -66.44 24.19 -44.86
C SER P 17 -67.95 24.22 -44.77
N TYR P 18 -68.54 23.10 -44.34
CA TYR P 18 -69.99 23.03 -44.23
C TYR P 18 -70.44 23.12 -42.79
N GLY P 19 -69.48 23.29 -41.88
CA GLY P 19 -69.83 23.39 -40.48
C GLY P 19 -70.47 22.12 -39.97
N PHE P 20 -69.72 21.03 -40.07
CA PHE P 20 -70.18 19.72 -39.65
C PHE P 20 -70.09 19.57 -38.13
N ARG P 21 -71.22 19.25 -37.50
CA ARG P 21 -71.28 19.04 -36.06
C ARG P 21 -72.17 17.85 -35.73
N LEU P 22 -72.09 17.36 -34.51
CA LEU P 22 -72.88 16.21 -34.14
C LEU P 22 -73.86 16.54 -33.04
N GLY P 23 -75.01 15.86 -33.04
CA GLY P 23 -76.00 16.11 -32.02
C GLY P 23 -76.44 14.83 -31.35
N PHE P 24 -76.71 14.88 -30.06
CA PHE P 24 -77.11 13.68 -29.32
C PHE P 24 -78.36 13.96 -28.51
N LEU P 25 -79.25 12.98 -28.41
CA LEU P 25 -80.46 13.12 -27.62
C LEU P 25 -80.22 12.97 -26.12
N HIS P 26 -80.59 13.99 -25.35
CA HIS P 26 -80.44 13.97 -23.89
C HIS P 26 -81.51 13.06 -23.28
N SER P 27 -81.21 11.77 -23.19
CA SER P 27 -82.15 10.80 -22.65
C SER P 27 -82.07 10.72 -21.12
N GLY P 28 -81.44 11.70 -20.49
CA GLY P 28 -81.34 11.71 -19.04
C GLY P 28 -80.34 10.71 -18.49
N THR P 29 -80.27 10.63 -17.16
CA THR P 29 -79.34 9.72 -16.50
C THR P 29 -80.07 8.77 -15.54
N ALA P 30 -81.20 8.25 -15.98
CA ALA P 30 -81.98 7.31 -15.17
C ALA P 30 -81.33 5.92 -15.13
N LYS P 31 -82.15 4.89 -14.93
CA LYS P 31 -81.65 3.50 -14.88
C LYS P 31 -82.04 2.70 -16.14
N SER P 32 -83.29 2.88 -16.59
CA SER P 32 -83.84 2.19 -17.78
C SER P 32 -83.33 2.79 -19.08
N VAL P 33 -82.39 3.72 -18.95
CA VAL P 33 -81.80 4.39 -20.09
C VAL P 33 -81.34 3.40 -21.13
N THR P 34 -81.23 3.87 -22.37
CA THR P 34 -80.82 3.03 -23.47
C THR P 34 -79.65 3.65 -24.20
N CYS P 35 -79.68 4.96 -24.36
CA CYS P 35 -78.59 5.64 -25.04
C CYS P 35 -78.54 7.08 -24.56
N THR P 36 -77.51 7.43 -23.81
CA THR P 36 -77.38 8.79 -23.33
C THR P 36 -76.05 9.42 -23.76
N TYR P 37 -75.85 10.70 -23.46
CA TYR P 37 -74.63 11.43 -23.83
C TYR P 37 -74.20 12.37 -22.71
N SER P 38 -72.89 12.43 -22.49
CA SER P 38 -72.31 13.30 -21.46
C SER P 38 -71.36 14.31 -22.06
N PRO P 39 -71.86 15.53 -22.33
CA PRO P 39 -71.07 16.61 -22.91
C PRO P 39 -69.76 16.81 -22.14
N ALA P 40 -69.80 16.65 -20.82
CA ALA P 40 -68.59 16.84 -20.04
C ALA P 40 -67.53 15.80 -20.39
N LEU P 41 -67.97 14.67 -20.91
CA LEU P 41 -67.05 13.58 -21.25
C LEU P 41 -66.98 13.28 -22.74
N ASN P 42 -67.94 13.78 -23.50
CA ASN P 42 -68.01 13.51 -24.93
C ASN P 42 -68.04 11.99 -25.09
N LYS P 43 -68.70 11.32 -24.14
CA LYS P 43 -68.81 9.87 -24.12
C LYS P 43 -70.28 9.45 -24.18
N MET P 44 -70.61 8.61 -25.15
CA MET P 44 -71.98 8.13 -25.29
C MET P 44 -72.15 6.79 -24.61
N PHE P 45 -73.02 6.72 -23.60
CA PHE P 45 -73.26 5.47 -22.88
C PHE P 45 -74.51 4.77 -23.44
N CYS P 46 -74.38 3.53 -23.89
CA CYS P 46 -75.56 2.86 -24.43
C CYS P 46 -75.58 1.39 -24.06
N GLN P 47 -76.55 0.65 -24.59
CA GLN P 47 -76.65 -0.76 -24.34
C GLN P 47 -76.31 -1.57 -25.60
N LEU P 48 -75.89 -2.81 -25.36
CA LEU P 48 -75.47 -3.72 -26.41
C LEU P 48 -76.53 -3.80 -27.50
N ALA P 49 -76.05 -3.89 -28.73
CA ALA P 49 -76.91 -3.99 -29.90
C ALA P 49 -78.19 -3.18 -29.75
N LYS P 50 -78.07 -1.91 -29.40
CA LYS P 50 -79.26 -1.07 -29.25
C LYS P 50 -79.14 0.15 -30.16
N THR P 51 -80.29 0.74 -30.46
CA THR P 51 -80.34 1.91 -31.32
C THR P 51 -79.70 3.11 -30.65
N CYS P 52 -78.70 3.67 -31.34
CA CYS P 52 -78.02 4.86 -30.84
C CYS P 52 -78.15 5.97 -31.88
N PRO P 53 -79.07 6.94 -31.63
CA PRO P 53 -79.34 8.08 -32.51
C PRO P 53 -78.23 9.14 -32.48
N VAL P 54 -77.60 9.37 -33.62
CA VAL P 54 -76.52 10.34 -33.75
C VAL P 54 -77.00 11.30 -34.82
N GLN P 55 -77.13 12.58 -34.43
CA GLN P 55 -77.59 13.64 -35.32
C GLN P 55 -76.47 14.32 -36.10
N LEU P 56 -76.73 14.57 -37.38
CA LEU P 56 -75.77 15.25 -38.24
C LEU P 56 -76.19 16.72 -38.44
N TRP P 57 -75.45 17.66 -37.86
CA TRP P 57 -75.77 19.08 -37.97
C TRP P 57 -74.80 19.80 -38.90
N VAL P 58 -75.36 20.43 -39.92
CA VAL P 58 -74.54 21.16 -40.88
C VAL P 58 -75.15 22.53 -41.17
N ASP P 59 -74.31 23.53 -41.42
CA ASP P 59 -74.81 24.86 -41.70
C ASP P 59 -75.37 24.97 -43.10
N SER P 60 -74.61 24.46 -44.06
CA SER P 60 -75.01 24.48 -45.46
C SER P 60 -74.94 23.07 -46.07
N THR P 61 -76.10 22.48 -46.37
CA THR P 61 -76.17 21.13 -46.92
C THR P 61 -75.13 20.88 -48.03
N PRO P 62 -74.23 19.91 -47.80
CA PRO P 62 -73.17 19.56 -48.76
C PRO P 62 -73.74 19.08 -50.08
N PRO P 63 -72.86 18.89 -51.08
CA PRO P 63 -73.27 18.42 -52.39
C PRO P 63 -73.81 16.99 -52.37
N PRO P 64 -74.41 16.54 -53.49
CA PRO P 64 -74.96 15.19 -53.57
C PRO P 64 -73.86 14.13 -53.72
N GLY P 65 -74.13 12.94 -53.19
CA GLY P 65 -73.16 11.86 -53.26
C GLY P 65 -72.28 11.79 -52.03
N THR P 66 -72.52 12.69 -51.09
CA THR P 66 -71.74 12.73 -49.86
C THR P 66 -72.23 11.62 -48.95
N ARG P 67 -71.28 10.97 -48.28
CA ARG P 67 -71.59 9.87 -47.37
C ARG P 67 -71.12 10.14 -45.94
N VAL P 68 -71.68 9.38 -45.01
CA VAL P 68 -71.34 9.49 -43.60
C VAL P 68 -70.67 8.18 -43.14
N ARG P 69 -69.35 8.20 -43.01
CA ARG P 69 -68.62 7.03 -42.57
C ARG P 69 -68.42 7.00 -41.05
N ALA P 70 -68.70 5.85 -40.46
CA ALA P 70 -68.54 5.64 -39.01
C ALA P 70 -67.43 4.62 -38.74
N MET P 71 -66.32 5.07 -38.17
CA MET P 71 -65.17 4.20 -37.88
C MET P 71 -64.86 4.23 -36.39
N ALA P 72 -64.31 3.14 -35.88
CA ALA P 72 -63.99 3.05 -34.45
C ALA P 72 -62.52 2.78 -34.26
N ILE P 73 -61.94 3.45 -33.28
CA ILE P 73 -60.53 3.23 -32.99
C ILE P 73 -60.31 3.20 -31.49
N TYR P 74 -59.12 2.81 -31.05
CA TYR P 74 -58.86 2.77 -29.63
C TYR P 74 -58.30 4.11 -29.22
N LYS P 75 -58.84 4.68 -28.15
CA LYS P 75 -58.42 5.97 -27.63
C LYS P 75 -56.93 6.04 -27.20
N GLN P 76 -56.43 4.98 -26.58
CA GLN P 76 -55.05 4.94 -26.12
C GLN P 76 -54.07 4.75 -27.26
N SER P 77 -52.99 5.51 -27.25
CA SER P 77 -52.00 5.43 -28.31
C SER P 77 -51.26 4.09 -28.39
N GLN P 78 -51.20 3.40 -27.27
CA GLN P 78 -50.49 2.13 -27.24
C GLN P 78 -51.17 1.06 -28.04
N HIS P 79 -52.49 1.16 -28.15
CA HIS P 79 -53.29 0.18 -28.85
C HIS P 79 -54.03 0.81 -30.01
N MET P 80 -53.54 1.97 -30.46
CA MET P 80 -54.20 2.66 -31.56
C MET P 80 -54.04 1.94 -32.89
N THR P 81 -52.91 1.25 -33.07
CA THR P 81 -52.66 0.53 -34.30
C THR P 81 -53.50 -0.73 -34.35
N GLU P 82 -53.89 -1.22 -33.19
CA GLU P 82 -54.69 -2.43 -33.11
C GLU P 82 -56.06 -2.13 -33.69
N VAL P 83 -56.54 -2.98 -34.59
CA VAL P 83 -57.84 -2.79 -35.22
C VAL P 83 -59.02 -3.05 -34.31
N VAL P 84 -60.00 -2.16 -34.31
CA VAL P 84 -61.15 -2.33 -33.45
C VAL P 84 -62.18 -3.28 -34.06
N ARG P 85 -62.42 -4.42 -33.41
CA ARG P 85 -63.38 -5.40 -33.91
C ARG P 85 -64.16 -6.01 -32.75
N ARG P 86 -65.06 -6.92 -33.07
CA ARG P 86 -65.88 -7.55 -32.07
C ARG P 86 -65.10 -8.68 -31.42
N CYS P 87 -65.45 -8.97 -30.17
CA CYS P 87 -64.78 -10.02 -29.42
C CYS P 87 -65.05 -11.36 -30.08
N PRO P 88 -64.20 -12.37 -29.80
CA PRO P 88 -64.38 -13.71 -30.40
C PRO P 88 -65.76 -14.26 -30.20
N HIS P 89 -66.31 -14.10 -29.00
CA HIS P 89 -67.64 -14.61 -28.71
C HIS P 89 -68.74 -14.03 -29.57
N HIS P 90 -68.90 -12.72 -29.49
CA HIS P 90 -69.92 -12.02 -30.25
C HIS P 90 -69.78 -12.13 -31.77
N GLU P 91 -68.58 -12.35 -32.30
CA GLU P 91 -68.46 -12.46 -33.73
C GLU P 91 -68.90 -13.82 -34.18
N ARG P 92 -69.30 -14.66 -33.22
CA ARG P 92 -69.77 -16.02 -33.50
C ARG P 92 -71.24 -16.16 -33.11
N CYS P 93 -71.89 -15.04 -32.82
CA CYS P 93 -73.29 -15.06 -32.47
C CYS P 93 -74.20 -15.08 -33.71
N SER P 94 -75.49 -15.29 -33.44
CA SER P 94 -76.53 -15.34 -34.47
C SER P 94 -77.31 -14.03 -34.54
N ASP P 95 -76.59 -12.92 -34.61
CA ASP P 95 -77.20 -11.59 -34.69
C ASP P 95 -76.98 -10.94 -36.05
N SER P 96 -76.45 -11.70 -37.01
CA SER P 96 -76.18 -11.17 -38.35
C SER P 96 -77.48 -10.68 -39.02
N ASP P 97 -77.54 -9.38 -39.29
CA ASP P 97 -78.70 -8.75 -39.94
C ASP P 97 -78.64 -9.05 -41.43
N GLY P 98 -77.59 -9.76 -41.85
CA GLY P 98 -77.42 -10.12 -43.25
C GLY P 98 -76.42 -9.28 -44.01
N LEU P 99 -76.53 -7.96 -43.85
CA LEU P 99 -75.66 -7.02 -44.52
C LEU P 99 -74.33 -6.83 -43.77
N ALA P 100 -74.44 -6.50 -42.50
CA ALA P 100 -73.29 -6.25 -41.63
C ALA P 100 -72.48 -7.51 -41.32
N PRO P 101 -71.16 -7.47 -41.57
CA PRO P 101 -70.29 -8.61 -41.29
C PRO P 101 -70.30 -8.89 -39.78
N PRO P 102 -70.08 -10.15 -39.40
CA PRO P 102 -70.06 -10.53 -37.99
C PRO P 102 -68.92 -9.94 -37.14
N GLN P 103 -67.88 -9.39 -37.77
CA GLN P 103 -66.76 -8.83 -37.00
C GLN P 103 -66.83 -7.32 -36.80
N HIS P 104 -67.78 -6.66 -37.44
CA HIS P 104 -67.94 -5.22 -37.35
C HIS P 104 -68.56 -4.80 -36.03
N LEU P 105 -67.93 -3.86 -35.34
CA LEU P 105 -68.42 -3.39 -34.06
C LEU P 105 -69.60 -2.44 -34.21
N ILE P 106 -69.45 -1.52 -35.17
CA ILE P 106 -70.45 -0.49 -35.49
C ILE P 106 -71.37 -0.89 -36.63
N ARG P 107 -72.67 -0.76 -36.40
CA ARG P 107 -73.68 -1.10 -37.39
C ARG P 107 -74.68 0.01 -37.58
N VAL P 108 -75.20 0.12 -38.79
CA VAL P 108 -76.21 1.12 -39.12
C VAL P 108 -77.55 0.44 -39.28
N GLU P 109 -78.54 0.87 -38.50
CA GLU P 109 -79.88 0.27 -38.50
C GLU P 109 -80.91 1.13 -39.18
N GLY P 110 -81.51 0.62 -40.24
CA GLY P 110 -82.54 1.36 -40.95
C GLY P 110 -82.12 2.17 -42.17
N ASN P 111 -81.08 1.73 -42.86
CA ASN P 111 -80.65 2.47 -44.02
C ASN P 111 -80.23 1.48 -45.09
N LEU P 112 -81.21 0.96 -45.81
CA LEU P 112 -80.99 -0.03 -46.84
C LEU P 112 -79.77 0.21 -47.70
N ARG P 113 -79.38 1.47 -47.87
CA ARG P 113 -78.22 1.81 -48.71
C ARG P 113 -76.92 1.85 -47.92
N VAL P 114 -76.88 1.12 -46.81
CA VAL P 114 -75.71 1.06 -45.94
C VAL P 114 -74.62 0.22 -46.57
N GLU P 115 -73.37 0.58 -46.33
CA GLU P 115 -72.27 -0.16 -46.91
C GLU P 115 -71.19 -0.41 -45.86
N TYR P 116 -70.67 -1.64 -45.83
CA TYR P 116 -69.62 -2.02 -44.89
C TYR P 116 -68.30 -2.27 -45.62
N LEU P 117 -67.23 -1.68 -45.11
CA LEU P 117 -65.92 -1.82 -45.75
C LEU P 117 -64.85 -2.53 -44.91
N ASP P 118 -64.02 -3.29 -45.62
CA ASP P 118 -62.93 -4.02 -45.02
C ASP P 118 -61.65 -3.58 -45.74
N ASP P 119 -61.32 -2.30 -45.58
CA ASP P 119 -60.14 -1.71 -46.22
C ASP P 119 -58.99 -2.70 -46.30
N ARG P 120 -58.66 -3.13 -47.51
CA ARG P 120 -57.59 -4.09 -47.71
C ARG P 120 -56.19 -3.54 -47.48
N ASN P 121 -56.10 -2.24 -47.21
CA ASN P 121 -54.82 -1.63 -46.96
C ASN P 121 -54.57 -1.31 -45.51
N THR P 122 -55.61 -0.83 -44.83
CA THR P 122 -55.47 -0.48 -43.42
C THR P 122 -56.07 -1.53 -42.51
N PHE P 123 -56.69 -2.53 -43.10
CA PHE P 123 -57.33 -3.61 -42.36
C PHE P 123 -58.41 -3.08 -41.42
N ARG P 124 -58.71 -1.79 -41.52
CA ARG P 124 -59.70 -1.17 -40.65
C ARG P 124 -61.15 -1.54 -40.99
N HIS P 125 -62.06 -1.33 -40.06
CA HIS P 125 -63.47 -1.64 -40.30
C HIS P 125 -64.28 -0.38 -40.20
N SER P 126 -65.33 -0.28 -41.01
CA SER P 126 -66.19 0.91 -40.98
C SER P 126 -67.52 0.65 -41.67
N VAL P 127 -68.49 1.51 -41.39
CA VAL P 127 -69.82 1.47 -41.99
C VAL P 127 -70.20 2.84 -42.61
N VAL P 128 -70.40 2.86 -43.93
CA VAL P 128 -70.70 4.12 -44.62
C VAL P 128 -72.13 4.13 -45.12
N VAL P 129 -72.77 5.29 -45.04
CA VAL P 129 -74.13 5.45 -45.52
C VAL P 129 -74.28 6.78 -46.23
N PRO P 130 -75.11 6.83 -47.30
CA PRO P 130 -75.36 8.04 -48.09
C PRO P 130 -75.98 9.16 -47.22
N TYR P 131 -75.36 10.34 -47.29
CA TYR P 131 -75.82 11.49 -46.53
C TYR P 131 -77.13 12.00 -47.11
N GLU P 132 -78.11 12.25 -46.24
CA GLU P 132 -79.40 12.74 -46.69
C GLU P 132 -79.70 14.06 -46.01
N PRO P 133 -80.37 14.98 -46.73
CA PRO P 133 -80.73 16.30 -46.20
C PRO P 133 -81.79 16.20 -45.10
N PRO P 134 -81.67 17.05 -44.08
CA PRO P 134 -82.61 17.07 -42.96
C PRO P 134 -84.06 17.02 -43.44
N GLU P 135 -84.81 16.05 -42.94
CA GLU P 135 -86.20 15.91 -43.32
C GLU P 135 -86.95 17.16 -42.87
N VAL P 136 -87.91 17.58 -43.68
CA VAL P 136 -88.71 18.76 -43.37
C VAL P 136 -89.36 18.63 -41.99
N GLY P 137 -88.93 19.49 -41.07
CA GLY P 137 -89.47 19.45 -39.71
C GLY P 137 -88.33 19.37 -38.72
N SER P 138 -87.23 18.75 -39.13
CA SER P 138 -86.04 18.61 -38.29
C SER P 138 -84.90 19.38 -38.92
N ASP P 139 -84.00 19.87 -38.07
CA ASP P 139 -82.86 20.65 -38.54
C ASP P 139 -81.60 19.82 -38.73
N CYS P 140 -81.68 18.50 -38.48
CA CYS P 140 -80.53 17.60 -38.61
C CYS P 140 -80.92 16.21 -39.11
N THR P 141 -79.98 15.56 -39.77
CA THR P 141 -80.21 14.23 -40.28
C THR P 141 -79.84 13.25 -39.19
N THR P 142 -80.81 12.44 -38.77
CA THR P 142 -80.58 11.44 -37.72
C THR P 142 -80.19 10.06 -38.28
N ILE P 143 -79.18 9.44 -37.67
CA ILE P 143 -78.69 8.13 -38.07
C ILE P 143 -78.73 7.18 -36.87
N HIS P 144 -79.13 5.94 -37.11
CA HIS P 144 -79.21 4.95 -36.03
C HIS P 144 -78.05 3.97 -36.08
N TYR P 145 -77.23 4.01 -35.04
CA TYR P 145 -76.06 3.15 -34.94
C TYR P 145 -76.26 2.09 -33.88
N ASN P 146 -75.54 0.97 -34.02
CA ASN P 146 -75.59 -0.12 -33.04
C ASN P 146 -74.21 -0.65 -32.74
N TYR P 147 -73.96 -0.95 -31.47
CA TYR P 147 -72.64 -1.49 -31.06
C TYR P 147 -72.82 -2.95 -30.59
N MET P 148 -72.33 -3.88 -31.39
CA MET P 148 -72.51 -5.28 -31.07
C MET P 148 -71.42 -5.90 -30.20
N CYS P 149 -71.03 -5.25 -29.12
CA CYS P 149 -69.97 -5.78 -28.27
C CYS P 149 -69.77 -4.85 -27.09
N ASN P 150 -69.85 -5.44 -25.89
CA ASN P 150 -69.66 -4.71 -24.63
C ASN P 150 -68.20 -4.27 -24.48
N SER P 151 -67.98 -3.19 -23.74
CA SER P 151 -66.63 -2.68 -23.58
C SER P 151 -65.86 -3.55 -22.63
N SER P 152 -66.61 -4.24 -21.78
CA SER P 152 -66.02 -5.13 -20.80
C SER P 152 -65.42 -6.37 -21.46
N CYS P 153 -65.88 -6.67 -22.67
CA CYS P 153 -65.39 -7.83 -23.37
C CYS P 153 -63.91 -7.70 -23.74
N MET P 154 -63.26 -6.62 -23.35
CA MET P 154 -61.85 -6.45 -23.68
C MET P 154 -61.05 -5.70 -22.63
N GLY P 155 -61.75 -5.25 -21.58
CA GLY P 155 -61.10 -4.47 -20.54
C GLY P 155 -61.77 -4.34 -19.19
N GLY P 156 -63.02 -4.73 -19.08
CA GLY P 156 -63.65 -4.63 -17.77
C GLY P 156 -63.55 -3.29 -17.08
N MET P 157 -62.44 -3.01 -16.43
CA MET P 157 -62.30 -1.75 -15.74
C MET P 157 -61.97 -0.60 -16.67
N ASN P 158 -62.41 -0.70 -17.93
CA ASN P 158 -62.16 0.33 -18.93
C ASN P 158 -60.68 0.38 -19.31
N ARG P 159 -60.14 -0.76 -19.68
CA ARG P 159 -58.75 -0.89 -20.06
C ARG P 159 -58.59 -0.48 -21.53
N ARG P 160 -59.58 -0.82 -22.33
CA ARG P 160 -59.53 -0.49 -23.74
C ARG P 160 -60.72 0.36 -24.12
N PRO P 161 -60.59 1.69 -24.01
CA PRO P 161 -61.68 2.61 -24.34
C PRO P 161 -61.81 2.79 -25.86
N ILE P 162 -63.03 2.60 -26.38
CA ILE P 162 -63.30 2.72 -27.81
C ILE P 162 -63.80 4.13 -28.15
N LEU P 163 -63.29 4.68 -29.25
CA LEU P 163 -63.65 6.01 -29.70
C LEU P 163 -64.27 5.91 -31.09
N THR P 164 -65.37 6.61 -31.33
CA THR P 164 -66.04 6.59 -32.63
C THR P 164 -65.75 7.84 -33.46
N ILE P 165 -65.36 7.65 -34.71
CA ILE P 165 -65.04 8.78 -35.57
C ILE P 165 -66.07 8.91 -36.71
N ILE P 166 -66.96 9.88 -36.59
CA ILE P 166 -67.98 10.13 -37.61
C ILE P 166 -67.37 11.00 -38.71
N THR P 167 -67.25 10.42 -39.90
CA THR P 167 -66.65 11.13 -41.01
C THR P 167 -67.68 11.50 -42.06
N LEU P 168 -67.48 12.64 -42.71
CA LEU P 168 -68.36 13.16 -43.74
C LEU P 168 -67.53 13.36 -44.99
N GLU P 169 -67.60 12.41 -45.90
CA GLU P 169 -66.81 12.50 -47.12
C GLU P 169 -67.66 12.62 -48.37
N ASP P 170 -67.04 13.01 -49.47
CA ASP P 170 -67.72 13.13 -50.77
C ASP P 170 -67.85 11.76 -51.46
N SER P 171 -67.85 11.76 -52.79
CA SER P 171 -67.96 10.52 -53.55
C SER P 171 -66.61 9.78 -53.63
N SER P 172 -65.56 10.46 -54.11
CA SER P 172 -64.24 9.83 -54.24
C SER P 172 -63.66 9.41 -52.89
N GLY P 173 -64.29 9.84 -51.80
CA GLY P 173 -63.81 9.47 -50.49
C GLY P 173 -62.85 10.49 -49.85
N ASN P 174 -63.11 11.77 -50.10
CA ASN P 174 -62.27 12.81 -49.55
C ASN P 174 -62.93 13.44 -48.35
N LEU P 175 -62.11 13.83 -47.38
CA LEU P 175 -62.59 14.43 -46.15
C LEU P 175 -63.32 15.76 -46.37
N LEU P 176 -64.44 15.94 -45.67
CA LEU P 176 -65.21 17.16 -45.76
C LEU P 176 -65.42 17.70 -44.37
N GLY P 177 -65.72 16.79 -43.44
CA GLY P 177 -65.94 17.14 -42.04
C GLY P 177 -65.66 15.94 -41.15
N ARG P 178 -65.32 16.15 -39.89
CA ARG P 178 -65.03 15.01 -39.01
C ARG P 178 -65.21 15.32 -37.52
N ASN P 179 -66.04 14.55 -36.83
CA ASN P 179 -66.24 14.75 -35.40
C ASN P 179 -66.13 13.40 -34.76
N SER P 180 -66.09 13.36 -33.42
CA SER P 180 -65.94 12.09 -32.73
C SER P 180 -66.41 12.09 -31.27
N PHE P 181 -66.72 10.91 -30.76
CA PHE P 181 -67.17 10.82 -29.38
C PHE P 181 -66.77 9.45 -28.82
N GLU P 182 -66.42 9.40 -27.54
CA GLU P 182 -66.02 8.13 -26.92
C GLU P 182 -67.29 7.32 -26.70
N VAL P 183 -67.15 6.01 -26.70
CA VAL P 183 -68.28 5.11 -26.51
C VAL P 183 -68.10 4.10 -25.38
N ARG P 184 -69.20 3.74 -24.76
CA ARG P 184 -69.18 2.77 -23.67
C ARG P 184 -70.44 1.94 -23.69
N VAL P 185 -70.40 0.77 -24.31
CA VAL P 185 -71.56 -0.10 -24.36
C VAL P 185 -71.68 -0.88 -23.06
N CYS P 186 -72.41 -0.36 -22.09
CA CYS P 186 -72.54 -1.07 -20.82
C CYS P 186 -73.96 -1.59 -20.59
N ALA P 187 -74.26 -1.95 -19.35
CA ALA P 187 -75.57 -2.48 -19.01
C ALA P 187 -76.48 -1.43 -18.40
N CYS P 188 -75.88 -0.41 -17.79
CA CYS P 188 -76.64 0.68 -17.17
C CYS P 188 -76.10 2.03 -17.58
N PRO P 189 -76.44 2.46 -18.81
CA PRO P 189 -75.97 3.74 -19.33
C PRO P 189 -76.18 4.85 -18.32
N GLY P 190 -77.35 4.89 -17.71
CA GLY P 190 -77.62 5.94 -16.76
C GLY P 190 -76.60 5.97 -15.65
N ARG P 191 -76.57 4.90 -14.86
CA ARG P 191 -75.65 4.79 -13.72
C ARG P 191 -74.23 5.14 -14.10
N ASP P 192 -73.73 4.49 -15.15
CA ASP P 192 -72.37 4.71 -15.58
C ASP P 192 -72.08 6.18 -15.89
N ARG P 193 -73.03 6.83 -16.56
CA ARG P 193 -72.81 8.22 -16.91
C ARG P 193 -72.84 9.05 -15.67
N ARG P 194 -73.92 8.90 -14.90
CA ARG P 194 -74.09 9.67 -13.68
C ARG P 194 -72.88 9.58 -12.74
N THR P 195 -72.39 8.37 -12.52
CA THR P 195 -71.26 8.16 -11.64
C THR P 195 -69.98 8.69 -12.24
N GLU P 196 -69.78 8.47 -13.53
CA GLU P 196 -68.56 8.95 -14.15
C GLU P 196 -68.49 10.45 -14.13
N GLU P 197 -69.60 11.11 -14.44
CA GLU P 197 -69.62 12.57 -14.45
C GLU P 197 -69.30 13.06 -13.05
N GLU P 198 -69.82 12.34 -12.07
CA GLU P 198 -69.63 12.68 -10.68
C GLU P 198 -68.15 12.74 -10.36
N ASN P 199 -67.36 11.89 -11.01
CA ASN P 199 -65.92 11.86 -10.79
C ASN P 199 -65.27 13.12 -11.37
N LEU P 200 -66.08 14.12 -11.71
CA LEU P 200 -65.59 15.38 -12.26
C LEU P 200 -64.87 15.10 -13.57
N SER Q 2 -19.44 -58.13 -45.85
CA SER Q 2 -19.08 -56.88 -46.57
C SER Q 2 -17.55 -56.65 -46.63
N PRO Q 3 -16.86 -57.42 -47.49
CA PRO Q 3 -15.41 -57.30 -47.63
C PRO Q 3 -15.00 -56.15 -48.52
N LEU Q 4 -13.81 -55.63 -48.29
CA LEU Q 4 -13.29 -54.52 -49.09
C LEU Q 4 -12.41 -55.07 -50.22
N SER Q 5 -11.97 -54.20 -51.12
CA SER Q 5 -11.09 -54.64 -52.20
C SER Q 5 -9.72 -53.97 -52.13
N SER Q 6 -8.67 -54.71 -52.50
CA SER Q 6 -7.31 -54.16 -52.48
C SER Q 6 -7.11 -53.12 -53.60
N SER Q 7 -7.89 -53.27 -54.66
CA SER Q 7 -7.83 -52.37 -55.82
C SER Q 7 -8.86 -51.23 -55.73
N VAL Q 8 -8.62 -50.19 -56.53
CA VAL Q 8 -9.51 -49.04 -56.57
C VAL Q 8 -9.45 -48.45 -57.97
N PRO Q 9 -10.53 -48.64 -58.75
CA PRO Q 9 -10.60 -48.12 -60.12
C PRO Q 9 -10.26 -46.64 -60.23
N SER Q 10 -9.62 -46.26 -61.33
CA SER Q 10 -9.25 -44.87 -61.54
C SER Q 10 -10.42 -44.08 -62.10
N GLN Q 11 -10.43 -42.79 -61.79
CA GLN Q 11 -11.47 -41.87 -62.25
C GLN Q 11 -10.92 -40.75 -63.13
N LYS Q 12 -9.65 -40.91 -63.52
CA LYS Q 12 -8.96 -39.92 -64.36
C LYS Q 12 -9.70 -39.82 -65.68
N THR Q 13 -10.13 -38.62 -66.03
CA THR Q 13 -10.85 -38.39 -67.27
C THR Q 13 -9.92 -38.68 -68.45
N TYR Q 14 -10.34 -39.63 -69.28
CA TYR Q 14 -9.56 -40.03 -70.44
C TYR Q 14 -10.47 -40.13 -71.66
N GLN Q 15 -10.40 -39.12 -72.53
CA GLN Q 15 -11.20 -39.08 -73.76
C GLN Q 15 -10.75 -40.15 -74.74
N GLY Q 16 -9.47 -40.49 -74.67
CA GLY Q 16 -8.91 -41.53 -75.52
C GLY Q 16 -8.60 -41.14 -76.94
N SER Q 17 -8.34 -42.15 -77.76
CA SER Q 17 -8.01 -41.92 -79.16
C SER Q 17 -9.27 -41.78 -80.00
N TYR Q 18 -10.43 -41.81 -79.34
CA TYR Q 18 -11.71 -41.68 -80.05
C TYR Q 18 -12.50 -40.48 -79.58
N GLY Q 19 -11.85 -39.66 -78.76
CA GLY Q 19 -12.49 -38.46 -78.23
C GLY Q 19 -13.77 -38.82 -77.53
N PHE Q 20 -13.65 -39.54 -76.42
CA PHE Q 20 -14.80 -39.95 -75.64
C PHE Q 20 -15.27 -38.86 -74.68
N ARG Q 21 -16.56 -38.64 -74.64
CA ARG Q 21 -17.13 -37.62 -73.76
C ARG Q 21 -18.54 -38.04 -73.33
N LEU Q 22 -19.03 -37.44 -72.26
CA LEU Q 22 -20.37 -37.76 -71.76
C LEU Q 22 -21.36 -36.60 -71.93
N GLY Q 23 -22.58 -36.94 -72.29
CA GLY Q 23 -23.59 -35.92 -72.50
C GLY Q 23 -24.76 -36.16 -71.57
N PHE Q 24 -25.43 -35.10 -71.17
CA PHE Q 24 -26.57 -35.20 -70.25
C PHE Q 24 -27.72 -34.31 -70.70
N LEU Q 25 -28.93 -34.84 -70.56
CA LEU Q 25 -30.11 -34.10 -70.95
C LEU Q 25 -30.42 -32.93 -70.01
N HIS Q 26 -30.37 -31.71 -70.53
CA HIS Q 26 -30.67 -30.51 -69.75
C HIS Q 26 -32.17 -30.53 -69.37
N SER Q 27 -32.53 -31.31 -68.35
CA SER Q 27 -33.92 -31.42 -67.91
C SER Q 27 -34.34 -30.31 -66.93
N GLY Q 28 -33.63 -29.18 -67.00
CA GLY Q 28 -33.94 -28.03 -66.16
C GLY Q 28 -33.90 -28.36 -64.70
N THR Q 29 -34.38 -27.45 -63.86
CA THR Q 29 -34.40 -27.63 -62.41
C THR Q 29 -35.79 -27.38 -61.82
N ALA Q 30 -36.81 -27.94 -62.45
CA ALA Q 30 -38.20 -27.79 -62.00
C ALA Q 30 -38.43 -28.57 -60.71
N LYS Q 31 -39.69 -28.91 -60.43
CA LYS Q 31 -40.04 -29.68 -59.23
C LYS Q 31 -40.34 -31.14 -59.55
N SER Q 32 -41.10 -31.36 -60.62
CA SER Q 32 -41.49 -32.69 -61.08
C SER Q 32 -40.35 -33.39 -61.83
N VAL Q 33 -39.15 -32.84 -61.72
CA VAL Q 33 -37.98 -33.41 -62.38
C VAL Q 33 -37.88 -34.91 -62.15
N THR Q 34 -37.21 -35.60 -63.06
CA THR Q 34 -37.03 -37.03 -62.96
C THR Q 34 -35.54 -37.33 -62.99
N CYS Q 35 -34.79 -36.54 -63.72
CA CYS Q 35 -33.37 -36.78 -63.82
C CYS Q 35 -32.68 -35.59 -64.45
N THR Q 36 -31.97 -34.81 -63.65
CA THR Q 36 -31.29 -33.65 -64.17
C THR Q 36 -29.79 -33.68 -63.91
N TYR Q 37 -29.03 -32.82 -64.59
CA TYR Q 37 -27.59 -32.78 -64.42
C TYR Q 37 -27.09 -31.36 -64.14
N SER Q 38 -26.05 -31.23 -63.31
CA SER Q 38 -25.52 -29.92 -62.99
C SER Q 38 -24.07 -29.84 -63.44
N PRO Q 39 -23.83 -29.24 -64.62
CA PRO Q 39 -22.49 -29.10 -65.17
C PRO Q 39 -21.49 -28.50 -64.20
N ALA Q 40 -21.98 -27.63 -63.33
CA ALA Q 40 -21.13 -26.95 -62.35
C ALA Q 40 -20.62 -27.88 -61.25
N LEU Q 41 -21.45 -28.88 -60.92
CA LEU Q 41 -21.14 -29.88 -59.89
C LEU Q 41 -20.78 -31.24 -60.46
N ASN Q 42 -20.94 -31.39 -61.77
CA ASN Q 42 -20.65 -32.66 -62.46
C ASN Q 42 -21.39 -33.74 -61.68
N LYS Q 43 -22.57 -33.36 -61.18
CA LYS Q 43 -23.40 -34.26 -60.38
C LYS Q 43 -24.77 -34.44 -61.04
N MET Q 44 -25.24 -35.68 -61.11
CA MET Q 44 -26.55 -35.94 -61.73
C MET Q 44 -27.58 -36.27 -60.68
N PHE Q 45 -28.61 -35.45 -60.57
CA PHE Q 45 -29.61 -35.71 -59.57
C PHE Q 45 -30.74 -36.48 -60.22
N CYS Q 46 -31.22 -37.53 -59.57
CA CYS Q 46 -32.33 -38.30 -60.15
C CYS Q 46 -33.18 -38.99 -59.07
N GLN Q 47 -34.28 -39.62 -59.45
CA GLN Q 47 -35.08 -40.26 -58.44
C GLN Q 47 -34.73 -41.73 -58.38
N LEU Q 48 -35.38 -42.45 -57.47
CA LEU Q 48 -35.13 -43.88 -57.30
C LEU Q 48 -35.75 -44.69 -58.42
N ALA Q 49 -34.93 -45.47 -59.14
CA ALA Q 49 -35.38 -46.35 -60.23
C ALA Q 49 -36.04 -45.64 -61.40
N LYS Q 50 -35.44 -44.53 -61.80
CA LYS Q 50 -35.98 -43.73 -62.87
C LYS Q 50 -34.99 -43.68 -63.99
N THR Q 51 -35.51 -43.65 -65.21
CA THR Q 51 -34.66 -43.62 -66.39
C THR Q 51 -33.67 -42.45 -66.40
N CYS Q 52 -32.38 -42.74 -66.44
CA CYS Q 52 -31.40 -41.66 -66.45
C CYS Q 52 -30.57 -41.77 -67.68
N PRO Q 53 -30.89 -40.98 -68.70
CA PRO Q 53 -30.16 -41.00 -69.96
C PRO Q 53 -28.75 -40.44 -69.94
N VAL Q 54 -27.82 -41.22 -70.48
CA VAL Q 54 -26.44 -40.80 -70.55
C VAL Q 54 -26.01 -40.92 -72.02
N GLN Q 55 -25.53 -39.82 -72.57
CA GLN Q 55 -25.12 -39.79 -73.96
C GLN Q 55 -23.62 -39.95 -74.12
N LEU Q 56 -23.23 -40.80 -75.07
CA LEU Q 56 -21.83 -41.05 -75.37
C LEU Q 56 -21.43 -40.29 -76.63
N TRP Q 57 -20.46 -39.39 -76.47
CA TRP Q 57 -20.00 -38.59 -77.59
C TRP Q 57 -18.58 -38.98 -78.02
N VAL Q 58 -18.49 -39.55 -79.22
CA VAL Q 58 -17.23 -39.97 -79.79
C VAL Q 58 -16.96 -39.25 -81.14
N ASP Q 59 -15.72 -38.82 -81.33
CA ASP Q 59 -15.34 -38.12 -82.57
C ASP Q 59 -15.34 -39.11 -83.73
N SER Q 60 -14.52 -40.15 -83.62
CA SER Q 60 -14.42 -41.18 -84.66
C SER Q 60 -14.97 -42.50 -84.14
N THR Q 61 -16.18 -42.85 -84.57
CA THR Q 61 -16.85 -44.09 -84.16
C THR Q 61 -15.88 -45.25 -83.89
N PRO Q 62 -15.82 -45.74 -82.62
CA PRO Q 62 -14.94 -46.85 -82.22
C PRO Q 62 -15.21 -48.14 -83.01
N PRO Q 63 -14.24 -49.07 -82.99
CA PRO Q 63 -14.38 -50.34 -83.70
C PRO Q 63 -15.50 -51.19 -83.13
N PRO Q 64 -15.87 -52.26 -83.84
CA PRO Q 64 -16.94 -53.15 -83.37
C PRO Q 64 -16.51 -53.98 -82.18
N GLY Q 65 -17.49 -54.48 -81.44
CA GLY Q 65 -17.18 -55.31 -80.28
C GLY Q 65 -16.93 -54.50 -79.05
N THR Q 66 -16.75 -53.19 -79.22
CA THR Q 66 -16.52 -52.29 -78.09
C THR Q 66 -17.73 -52.27 -77.17
N ARG Q 67 -17.49 -52.14 -75.86
CA ARG Q 67 -18.59 -52.11 -74.90
C ARG Q 67 -18.52 -50.91 -73.96
N VAL Q 68 -19.62 -50.64 -73.26
CA VAL Q 68 -19.70 -49.53 -72.33
C VAL Q 68 -19.94 -50.10 -70.95
N ARG Q 69 -19.03 -49.79 -70.01
CA ARG Q 69 -19.13 -50.28 -68.65
C ARG Q 69 -19.47 -49.19 -67.65
N ALA Q 70 -20.32 -49.53 -66.71
CA ALA Q 70 -20.75 -48.58 -65.69
C ALA Q 70 -20.48 -49.17 -64.33
N MET Q 71 -19.75 -48.44 -63.49
CA MET Q 71 -19.41 -48.90 -62.14
C MET Q 71 -19.55 -47.77 -61.14
N ALA Q 72 -19.95 -48.07 -59.92
CA ALA Q 72 -20.10 -47.02 -58.92
C ALA Q 72 -19.04 -47.13 -57.84
N ILE Q 73 -18.64 -46.00 -57.24
CA ILE Q 73 -17.63 -46.00 -56.18
C ILE Q 73 -17.89 -44.83 -55.23
N TYR Q 74 -17.28 -44.84 -54.05
CA TYR Q 74 -17.49 -43.72 -53.13
C TYR Q 74 -16.45 -42.64 -53.38
N LYS Q 75 -16.90 -41.40 -53.46
CA LYS Q 75 -16.03 -40.26 -53.72
C LYS Q 75 -14.88 -40.13 -52.75
N GLN Q 76 -15.20 -39.94 -51.47
CA GLN Q 76 -14.19 -39.78 -50.42
C GLN Q 76 -13.19 -40.94 -50.36
N SER Q 77 -11.92 -40.59 -50.40
CA SER Q 77 -10.83 -41.56 -50.40
C SER Q 77 -10.86 -42.53 -49.23
N GLN Q 78 -11.55 -42.13 -48.15
CA GLN Q 78 -11.66 -42.99 -46.97
C GLN Q 78 -12.52 -44.22 -47.16
N HIS Q 79 -13.53 -44.14 -48.03
CA HIS Q 79 -14.40 -45.29 -48.27
C HIS Q 79 -14.18 -45.88 -49.66
N MET Q 80 -13.30 -45.25 -50.43
CA MET Q 80 -13.01 -45.68 -51.78
C MET Q 80 -12.77 -47.16 -51.87
N THR Q 81 -12.27 -47.76 -50.80
CA THR Q 81 -11.99 -49.19 -50.79
C THR Q 81 -13.29 -49.95 -50.58
N GLU Q 82 -14.26 -49.30 -49.97
CA GLU Q 82 -15.53 -49.94 -49.71
C GLU Q 82 -16.28 -50.19 -51.01
N VAL Q 83 -16.90 -51.35 -51.12
CA VAL Q 83 -17.66 -51.70 -52.34
C VAL Q 83 -19.10 -51.17 -52.33
N VAL Q 84 -19.40 -50.30 -53.30
CA VAL Q 84 -20.73 -49.70 -53.44
C VAL Q 84 -21.74 -50.78 -53.84
N ARG Q 85 -22.79 -50.93 -53.03
CA ARG Q 85 -23.82 -51.91 -53.31
C ARG Q 85 -25.15 -51.45 -52.71
N ARG Q 86 -26.23 -52.11 -53.10
CA ARG Q 86 -27.54 -51.76 -52.63
C ARG Q 86 -27.65 -51.98 -51.12
N CYS Q 87 -28.47 -51.18 -50.45
CA CYS Q 87 -28.67 -51.34 -49.01
C CYS Q 87 -29.38 -52.68 -48.71
N PRO Q 88 -29.29 -53.15 -47.45
CA PRO Q 88 -29.91 -54.42 -47.04
C PRO Q 88 -31.36 -54.54 -47.42
N HIS Q 89 -32.13 -53.48 -47.23
CA HIS Q 89 -33.55 -53.50 -47.53
C HIS Q 89 -33.88 -53.55 -49.02
N HIS Q 90 -33.25 -52.67 -49.79
CA HIS Q 90 -33.54 -52.64 -51.21
C HIS Q 90 -33.13 -53.87 -51.98
N GLU Q 91 -32.11 -54.57 -51.51
CA GLU Q 91 -31.65 -55.74 -52.22
C GLU Q 91 -32.58 -56.87 -51.94
N ARG Q 92 -33.61 -56.61 -51.15
CA ARG Q 92 -34.55 -57.66 -50.86
C ARG Q 92 -35.88 -57.32 -51.48
N CYS Q 93 -35.90 -56.31 -52.34
CA CYS Q 93 -37.16 -55.90 -52.98
C CYS Q 93 -37.44 -56.67 -54.25
N SER Q 94 -38.73 -56.79 -54.56
CA SER Q 94 -39.21 -57.49 -55.76
C SER Q 94 -39.07 -56.62 -57.01
N ASP Q 95 -37.91 -55.97 -57.15
CA ASP Q 95 -37.67 -55.11 -58.28
C ASP Q 95 -36.73 -55.74 -59.30
N SER Q 96 -36.59 -57.06 -59.22
CA SER Q 96 -35.71 -57.80 -60.13
C SER Q 96 -36.28 -57.86 -61.55
N ASP Q 97 -35.78 -56.99 -62.43
CA ASP Q 97 -36.22 -56.96 -63.82
C ASP Q 97 -35.92 -58.31 -64.46
N GLY Q 98 -35.12 -59.12 -63.79
CA GLY Q 98 -34.79 -60.43 -64.34
C GLY Q 98 -33.32 -60.57 -64.66
N LEU Q 99 -32.80 -59.61 -65.41
CA LEU Q 99 -31.41 -59.63 -65.82
C LEU Q 99 -30.46 -59.08 -64.75
N ALA Q 100 -30.93 -58.09 -64.01
CA ALA Q 100 -30.12 -57.44 -62.99
C ALA Q 100 -30.19 -58.12 -61.65
N PRO Q 101 -29.01 -58.39 -61.04
CA PRO Q 101 -28.89 -59.03 -59.72
C PRO Q 101 -29.45 -58.10 -58.66
N PRO Q 102 -30.10 -58.66 -57.66
CA PRO Q 102 -30.69 -57.87 -56.58
C PRO Q 102 -29.78 -57.01 -55.71
N GLN Q 103 -28.46 -57.12 -55.91
CA GLN Q 103 -27.55 -56.33 -55.10
C GLN Q 103 -26.81 -55.28 -55.90
N HIS Q 104 -27.04 -55.23 -57.20
CA HIS Q 104 -26.37 -54.23 -58.01
C HIS Q 104 -27.04 -52.86 -57.89
N LEU Q 105 -26.23 -51.81 -57.78
CA LEU Q 105 -26.78 -50.47 -57.66
C LEU Q 105 -27.24 -49.95 -59.00
N ILE Q 106 -26.29 -49.83 -59.93
CA ILE Q 106 -26.58 -49.33 -61.26
C ILE Q 106 -27.18 -50.41 -62.16
N ARG Q 107 -28.17 -50.03 -62.97
CA ARG Q 107 -28.81 -50.96 -63.90
C ARG Q 107 -28.93 -50.34 -65.28
N VAL Q 108 -29.25 -51.17 -66.28
CA VAL Q 108 -29.44 -50.71 -67.65
C VAL Q 108 -30.87 -51.05 -68.08
N GLU Q 109 -31.56 -50.07 -68.67
CA GLU Q 109 -32.93 -50.28 -69.08
C GLU Q 109 -33.08 -50.34 -70.59
N GLY Q 110 -33.96 -51.23 -71.05
CA GLY Q 110 -34.23 -51.43 -72.47
C GLY Q 110 -33.09 -51.95 -73.34
N ASN Q 111 -32.21 -52.75 -72.76
CA ASN Q 111 -31.11 -53.27 -73.54
C ASN Q 111 -30.97 -54.72 -73.17
N LEU Q 112 -31.35 -55.61 -74.08
CA LEU Q 112 -31.27 -57.04 -73.85
C LEU Q 112 -29.83 -57.58 -73.79
N ARG Q 113 -28.93 -57.04 -74.62
CA ARG Q 113 -27.55 -57.51 -74.65
C ARG Q 113 -26.70 -56.94 -73.51
N VAL Q 114 -27.34 -56.67 -72.38
CA VAL Q 114 -26.65 -56.11 -71.22
C VAL Q 114 -26.01 -57.22 -70.43
N GLU Q 115 -24.94 -56.91 -69.72
CA GLU Q 115 -24.27 -57.93 -68.94
C GLU Q 115 -23.94 -57.40 -67.54
N TYR Q 116 -24.12 -58.24 -66.53
CA TYR Q 116 -23.82 -57.86 -65.15
C TYR Q 116 -22.62 -58.66 -64.63
N LEU Q 117 -21.59 -57.94 -64.16
CA LEU Q 117 -20.38 -58.56 -63.65
C LEU Q 117 -20.20 -58.45 -62.16
N ASP Q 118 -19.57 -59.47 -61.60
CA ASP Q 118 -19.24 -59.54 -60.18
C ASP Q 118 -17.76 -59.93 -60.06
N ASP Q 119 -16.87 -58.99 -60.41
CA ASP Q 119 -15.43 -59.22 -60.37
C ASP Q 119 -15.03 -60.00 -59.14
N ARG Q 120 -14.59 -61.25 -59.35
CA ARG Q 120 -14.18 -62.12 -58.26
C ARG Q 120 -12.89 -61.71 -57.58
N ASN Q 121 -12.12 -60.85 -58.24
CA ASN Q 121 -10.84 -60.39 -57.68
C ASN Q 121 -10.96 -59.06 -56.93
N THR Q 122 -11.80 -58.16 -57.45
CA THR Q 122 -11.97 -56.86 -56.83
C THR Q 122 -13.29 -56.73 -56.08
N PHE Q 123 -14.19 -57.69 -56.32
CA PHE Q 123 -15.50 -57.74 -55.67
C PHE Q 123 -16.33 -56.54 -56.10
N ARG Q 124 -15.89 -55.89 -57.16
CA ARG Q 124 -16.57 -54.71 -57.65
C ARG Q 124 -17.81 -55.03 -58.52
N HIS Q 125 -18.83 -54.19 -58.39
CA HIS Q 125 -20.06 -54.34 -59.17
C HIS Q 125 -20.04 -53.46 -60.42
N SER Q 126 -20.60 -53.96 -61.51
CA SER Q 126 -20.61 -53.17 -62.74
C SER Q 126 -21.60 -53.74 -63.74
N VAL Q 127 -21.99 -52.91 -64.70
CA VAL Q 127 -22.91 -53.30 -65.76
C VAL Q 127 -22.38 -52.83 -67.12
N VAL Q 128 -22.30 -53.78 -68.05
CA VAL Q 128 -21.75 -53.51 -69.38
C VAL Q 128 -22.75 -53.79 -70.51
N VAL Q 129 -22.72 -52.92 -71.50
CA VAL Q 129 -23.59 -53.04 -72.66
C VAL Q 129 -22.82 -52.75 -73.93
N PRO Q 130 -23.15 -53.48 -75.02
CA PRO Q 130 -22.50 -53.32 -76.33
C PRO Q 130 -22.73 -51.91 -76.92
N TYR Q 131 -21.63 -51.22 -77.18
CA TYR Q 131 -21.69 -49.88 -77.73
C TYR Q 131 -22.24 -49.95 -79.13
N GLU Q 132 -23.09 -49.00 -79.48
CA GLU Q 132 -23.70 -48.96 -80.80
C GLU Q 132 -23.48 -47.59 -81.41
N PRO Q 133 -23.35 -47.53 -82.74
CA PRO Q 133 -23.15 -46.25 -83.42
C PRO Q 133 -24.40 -45.38 -83.37
N PRO Q 134 -24.22 -44.05 -83.24
CA PRO Q 134 -25.33 -43.11 -83.18
C PRO Q 134 -26.33 -43.34 -84.30
N GLU Q 135 -27.60 -43.53 -83.94
CA GLU Q 135 -28.66 -43.76 -84.92
C GLU Q 135 -28.75 -42.56 -85.85
N VAL Q 136 -29.03 -42.80 -87.12
CA VAL Q 136 -29.16 -41.72 -88.10
C VAL Q 136 -30.22 -40.72 -87.65
N GLY Q 137 -29.76 -39.51 -87.34
CA GLY Q 137 -30.64 -38.45 -86.88
C GLY Q 137 -30.10 -37.78 -85.64
N SER Q 138 -29.28 -38.52 -84.89
CA SER Q 138 -28.65 -38.02 -83.65
C SER Q 138 -27.13 -38.10 -83.79
N ASP Q 139 -26.42 -37.35 -82.96
CA ASP Q 139 -24.96 -37.33 -83.01
C ASP Q 139 -24.28 -38.06 -81.86
N CYS Q 140 -25.08 -38.80 -81.09
CA CYS Q 140 -24.57 -39.55 -79.94
C CYS Q 140 -25.46 -40.74 -79.55
N THR Q 141 -24.84 -41.72 -78.90
CA THR Q 141 -25.58 -42.89 -78.48
C THR Q 141 -26.06 -42.66 -77.05
N THR Q 142 -27.34 -42.91 -76.82
CA THR Q 142 -27.92 -42.71 -75.50
C THR Q 142 -28.20 -44.03 -74.78
N ILE Q 143 -27.73 -44.12 -73.53
CA ILE Q 143 -27.93 -45.32 -72.69
C ILE Q 143 -28.83 -45.01 -71.50
N HIS Q 144 -29.70 -45.94 -71.16
CA HIS Q 144 -30.62 -45.77 -70.05
C HIS Q 144 -30.14 -46.47 -68.79
N TYR Q 145 -29.81 -45.70 -67.75
CA TYR Q 145 -29.34 -46.27 -66.48
C TYR Q 145 -30.40 -46.12 -65.39
N ASN Q 146 -30.33 -46.97 -64.37
CA ASN Q 146 -31.28 -46.94 -63.25
C ASN Q 146 -30.54 -47.09 -61.93
N TYR Q 147 -30.87 -46.26 -60.96
CA TYR Q 147 -30.21 -46.35 -59.66
C TYR Q 147 -31.21 -46.85 -58.68
N MET Q 148 -31.00 -48.07 -58.21
CA MET Q 148 -31.95 -48.69 -57.30
C MET Q 148 -31.71 -48.49 -55.81
N CYS Q 149 -31.26 -47.30 -55.43
CA CYS Q 149 -31.02 -47.01 -54.00
C CYS Q 149 -30.82 -45.53 -53.74
N ASN Q 150 -31.51 -45.03 -52.73
CA ASN Q 150 -31.43 -43.63 -52.36
C ASN Q 150 -30.08 -43.29 -51.75
N SER Q 151 -29.64 -42.04 -51.82
CA SER Q 151 -28.36 -41.71 -51.24
C SER Q 151 -28.52 -41.53 -49.73
N SER Q 152 -29.72 -41.79 -49.22
CA SER Q 152 -29.97 -41.63 -47.79
C SER Q 152 -29.74 -42.95 -47.05
N CYS Q 153 -29.99 -44.04 -47.74
CA CYS Q 153 -29.80 -45.37 -47.19
C CYS Q 153 -28.39 -45.59 -46.62
N MET Q 154 -27.46 -44.69 -46.88
CA MET Q 154 -26.13 -44.87 -46.37
C MET Q 154 -25.61 -43.67 -45.56
N GLY Q 155 -26.39 -42.60 -45.51
CA GLY Q 155 -25.92 -41.43 -44.79
C GLY Q 155 -26.86 -40.25 -44.66
N GLY Q 156 -27.89 -40.22 -45.48
CA GLY Q 156 -28.79 -39.10 -45.33
C GLY Q 156 -28.19 -37.74 -45.65
N MET Q 157 -27.37 -37.18 -44.76
CA MET Q 157 -26.79 -35.86 -45.01
C MET Q 157 -25.60 -35.87 -45.94
N ASN Q 158 -25.69 -36.69 -46.97
CA ASN Q 158 -24.64 -36.80 -47.97
C ASN Q 158 -23.36 -37.28 -47.32
N ARG Q 159 -23.52 -38.28 -46.46
CA ARG Q 159 -22.38 -38.85 -45.77
C ARG Q 159 -21.55 -39.67 -46.74
N ARG Q 160 -22.23 -40.53 -47.50
CA ARG Q 160 -21.57 -41.39 -48.47
C ARG Q 160 -21.93 -41.00 -49.89
N PRO Q 161 -21.16 -40.10 -50.49
CA PRO Q 161 -21.41 -39.67 -51.86
C PRO Q 161 -20.94 -40.70 -52.86
N ILE Q 162 -21.80 -41.08 -53.79
CA ILE Q 162 -21.47 -42.08 -54.82
C ILE Q 162 -20.97 -41.40 -56.09
N LEU Q 163 -20.11 -42.09 -56.82
CA LEU Q 163 -19.55 -41.56 -58.05
C LEU Q 163 -19.67 -42.65 -59.13
N THR Q 164 -20.21 -42.30 -60.31
CA THR Q 164 -20.34 -43.27 -61.38
C THR Q 164 -19.20 -43.13 -62.36
N ILE Q 165 -18.65 -44.27 -62.79
CA ILE Q 165 -17.53 -44.33 -63.73
C ILE Q 165 -17.94 -45.08 -64.99
N ILE Q 166 -18.03 -44.33 -66.10
CA ILE Q 166 -18.36 -44.88 -67.39
C ILE Q 166 -17.08 -45.13 -68.18
N THR Q 167 -16.85 -46.39 -68.52
CA THR Q 167 -15.66 -46.77 -69.25
C THR Q 167 -15.97 -47.31 -70.65
N LEU Q 168 -15.11 -46.97 -71.60
CA LEU Q 168 -15.26 -47.45 -72.96
C LEU Q 168 -14.13 -48.44 -73.21
N GLU Q 169 -14.47 -49.73 -73.26
CA GLU Q 169 -13.47 -50.78 -73.48
C GLU Q 169 -13.77 -51.68 -74.68
N ASP Q 170 -12.72 -52.24 -75.27
CA ASP Q 170 -12.86 -53.12 -76.41
C ASP Q 170 -13.36 -54.48 -75.98
N SER Q 171 -13.33 -55.42 -76.91
CA SER Q 171 -13.78 -56.78 -76.66
C SER Q 171 -13.05 -57.42 -75.48
N SER Q 172 -11.74 -57.19 -75.41
CA SER Q 172 -10.89 -57.74 -74.36
C SER Q 172 -11.11 -57.04 -73.02
N GLY Q 173 -11.50 -55.77 -73.09
CA GLY Q 173 -11.75 -55.00 -71.88
C GLY Q 173 -10.73 -53.92 -71.63
N ASN Q 174 -9.86 -53.67 -72.61
CA ASN Q 174 -8.84 -52.65 -72.46
C ASN Q 174 -9.47 -51.26 -72.49
N LEU Q 175 -8.94 -50.38 -71.65
CA LEU Q 175 -9.44 -49.02 -71.56
C LEU Q 175 -9.25 -48.23 -72.87
N LEU Q 176 -10.34 -47.62 -73.32
CA LEU Q 176 -10.32 -46.81 -74.54
C LEU Q 176 -10.65 -45.38 -74.16
N GLY Q 177 -11.70 -45.23 -73.34
CA GLY Q 177 -12.15 -43.92 -72.87
C GLY Q 177 -12.75 -44.05 -71.49
N ARG Q 178 -12.81 -42.96 -70.73
CA ARG Q 178 -13.37 -43.03 -69.39
C ARG Q 178 -13.73 -41.68 -68.79
N ASN Q 179 -15.02 -41.50 -68.53
CA ASN Q 179 -15.57 -40.27 -67.94
C ASN Q 179 -16.30 -40.64 -66.66
N SER Q 180 -16.49 -39.66 -65.77
CA SER Q 180 -17.18 -39.93 -64.51
C SER Q 180 -17.96 -38.75 -64.03
N PHE Q 181 -19.13 -39.02 -63.47
CA PHE Q 181 -19.98 -37.98 -62.92
C PHE Q 181 -20.54 -38.41 -61.55
N GLU Q 182 -20.71 -37.44 -60.66
CA GLU Q 182 -21.23 -37.72 -59.32
C GLU Q 182 -22.73 -37.97 -59.44
N VAL Q 183 -23.27 -38.82 -58.57
CA VAL Q 183 -24.70 -39.13 -58.62
C VAL Q 183 -25.35 -39.07 -57.26
N ARG Q 184 -26.60 -38.65 -57.22
CA ARG Q 184 -27.35 -38.57 -55.98
C ARG Q 184 -28.76 -38.99 -56.24
N VAL Q 185 -29.20 -40.13 -55.70
CA VAL Q 185 -30.57 -40.57 -55.92
C VAL Q 185 -31.53 -39.99 -54.85
N CYS Q 186 -32.12 -38.82 -55.11
CA CYS Q 186 -33.02 -38.20 -54.14
C CYS Q 186 -34.46 -38.27 -54.58
N ALA Q 187 -35.28 -37.51 -53.88
CA ALA Q 187 -36.71 -37.46 -54.17
C ALA Q 187 -37.09 -36.33 -55.11
N CYS Q 188 -36.39 -35.21 -55.03
CA CYS Q 188 -36.70 -34.04 -55.86
C CYS Q 188 -35.44 -33.52 -56.50
N PRO Q 189 -34.97 -34.17 -57.57
CA PRO Q 189 -33.76 -33.75 -58.28
C PRO Q 189 -33.66 -32.26 -58.50
N GLY Q 190 -34.80 -31.66 -58.83
CA GLY Q 190 -34.81 -30.24 -59.09
C GLY Q 190 -34.35 -29.44 -57.92
N ARG Q 191 -35.14 -29.56 -56.84
CA ARG Q 191 -34.88 -28.83 -55.63
C ARG Q 191 -33.43 -28.97 -55.24
N ASP Q 192 -33.02 -30.20 -54.97
CA ASP Q 192 -31.67 -30.40 -54.57
C ASP Q 192 -30.64 -29.79 -55.53
N ARG Q 193 -30.86 -29.92 -56.83
CA ARG Q 193 -29.90 -29.38 -57.80
C ARG Q 193 -29.83 -27.87 -57.71
N ARG Q 194 -31.00 -27.29 -57.65
CA ARG Q 194 -31.08 -25.85 -57.54
C ARG Q 194 -30.37 -25.38 -56.28
N THR Q 195 -30.73 -25.96 -55.15
CA THR Q 195 -30.15 -25.55 -53.88
C THR Q 195 -28.65 -25.80 -53.77
N GLU Q 196 -28.24 -27.02 -54.03
CA GLU Q 196 -26.82 -27.36 -53.94
C GLU Q 196 -25.97 -26.46 -54.84
N GLU Q 197 -26.55 -26.04 -55.96
CA GLU Q 197 -25.83 -25.19 -56.89
C GLU Q 197 -25.76 -23.82 -56.27
N GLU Q 198 -26.82 -23.48 -55.56
CA GLU Q 198 -26.94 -22.18 -54.91
C GLU Q 198 -25.79 -21.99 -53.92
N ASN Q 199 -25.32 -23.09 -53.34
CA ASN Q 199 -24.23 -23.00 -52.40
C ASN Q 199 -22.92 -22.74 -53.11
N LEU Q 200 -23.01 -22.29 -54.37
CA LEU Q 200 -21.82 -22.01 -55.18
C LEU Q 200 -20.88 -23.22 -55.22
N SER R 2 -10.17 -97.73 -2.77
CA SER R 2 -9.12 -97.49 -3.80
C SER R 2 -7.79 -97.27 -3.12
N PRO R 3 -7.17 -98.35 -2.65
CA PRO R 3 -5.88 -98.28 -1.97
C PRO R 3 -4.71 -98.21 -2.94
N LEU R 4 -3.57 -97.75 -2.44
CA LEU R 4 -2.34 -97.63 -3.23
C LEU R 4 -1.50 -98.90 -3.07
N SER R 5 -0.39 -98.96 -3.78
CA SER R 5 0.48 -100.13 -3.66
C SER R 5 1.89 -99.70 -3.23
N SER R 6 2.51 -100.52 -2.39
CA SER R 6 3.86 -100.26 -1.90
C SER R 6 4.88 -100.49 -3.00
N SER R 7 4.64 -101.47 -3.85
CA SER R 7 5.54 -101.79 -4.94
C SER R 7 5.27 -100.91 -6.17
N VAL R 8 6.26 -100.86 -7.06
CA VAL R 8 6.13 -100.06 -8.26
C VAL R 8 6.90 -100.77 -9.34
N PRO R 9 6.21 -101.50 -10.22
CA PRO R 9 6.86 -102.24 -11.31
C PRO R 9 7.81 -101.39 -12.16
N SER R 10 8.91 -102.00 -12.58
CA SER R 10 9.89 -101.30 -13.38
C SER R 10 9.48 -101.24 -14.83
N GLN R 11 9.87 -100.17 -15.50
CA GLN R 11 9.56 -99.97 -16.90
C GLN R 11 10.83 -99.96 -17.76
N LYS R 12 11.92 -100.46 -17.18
CA LYS R 12 13.21 -100.50 -17.87
C LYS R 12 13.14 -101.46 -19.04
N THR R 13 13.40 -100.95 -20.23
CA THR R 13 13.36 -101.78 -21.42
C THR R 13 14.44 -102.85 -21.34
N TYR R 14 14.01 -104.10 -21.25
CA TYR R 14 14.94 -105.20 -21.17
C TYR R 14 14.66 -106.23 -22.27
N GLN R 15 15.40 -106.16 -23.38
CA GLN R 15 15.21 -107.09 -24.49
C GLN R 15 15.41 -108.54 -24.06
N GLY R 16 16.23 -108.73 -23.04
CA GLY R 16 16.49 -110.06 -22.51
C GLY R 16 17.44 -110.91 -23.33
N SER R 17 17.55 -112.17 -22.92
CA SER R 17 18.44 -113.12 -23.59
C SER R 17 17.82 -113.71 -24.84
N TYR R 18 16.67 -113.16 -25.24
CA TYR R 18 15.97 -113.64 -26.42
C TYR R 18 15.73 -112.52 -27.42
N GLY R 19 16.23 -111.33 -27.11
CA GLY R 19 16.04 -110.19 -28.00
C GLY R 19 14.57 -109.85 -28.15
N PHE R 20 13.89 -109.68 -27.02
CA PHE R 20 12.47 -109.36 -27.00
C PHE R 20 12.20 -107.89 -27.34
N ARG R 21 11.27 -107.67 -28.26
CA ARG R 21 10.93 -106.31 -28.67
C ARG R 21 9.43 -106.25 -28.92
N LEU R 22 8.97 -105.11 -29.43
CA LEU R 22 7.56 -104.92 -29.74
C LEU R 22 7.34 -104.31 -31.11
N GLY R 23 6.28 -104.76 -31.75
CA GLY R 23 5.91 -104.28 -33.08
C GLY R 23 4.50 -103.71 -33.10
N PHE R 24 4.30 -102.64 -33.86
CA PHE R 24 3.00 -101.98 -33.99
C PHE R 24 2.66 -101.64 -35.45
N LEU R 25 1.50 -102.10 -35.90
CA LEU R 25 1.07 -101.85 -37.27
C LEU R 25 0.93 -100.36 -37.54
N HIS R 26 1.55 -99.91 -38.63
CA HIS R 26 1.48 -98.51 -39.03
C HIS R 26 0.15 -98.25 -39.77
N SER R 27 -0.87 -97.85 -39.01
CA SER R 27 -2.20 -97.59 -39.57
C SER R 27 -2.37 -96.17 -40.13
N GLY R 28 -1.24 -95.50 -40.36
CA GLY R 28 -1.26 -94.15 -40.88
C GLY R 28 -1.87 -93.14 -39.92
N THR R 29 -1.97 -91.88 -40.37
CA THR R 29 -2.54 -90.81 -39.54
C THR R 29 -3.83 -90.25 -40.15
N ALA R 30 -4.76 -91.14 -40.51
CA ALA R 30 -6.04 -90.75 -41.08
C ALA R 30 -7.02 -90.29 -40.00
N LYS R 31 -8.31 -90.31 -40.31
CA LYS R 31 -9.31 -89.89 -39.33
C LYS R 31 -10.09 -91.09 -38.76
N SER R 32 -10.43 -92.04 -39.64
CA SER R 32 -11.18 -93.26 -39.27
C SER R 32 -10.27 -94.30 -38.65
N VAL R 33 -9.15 -93.85 -38.07
CA VAL R 33 -8.17 -94.73 -37.44
C VAL R 33 -8.74 -95.39 -36.19
N THR R 34 -8.39 -96.66 -35.99
CA THR R 34 -8.86 -97.41 -34.83
C THR R 34 -7.70 -97.61 -33.83
N CYS R 35 -6.52 -97.94 -34.35
CA CYS R 35 -5.34 -98.18 -33.52
C CYS R 35 -4.08 -97.77 -34.29
N THR R 36 -3.35 -96.79 -33.78
CA THR R 36 -2.12 -96.35 -34.44
C THR R 36 -0.95 -96.32 -33.46
N TYR R 37 0.25 -96.00 -33.96
CA TYR R 37 1.43 -95.94 -33.10
C TYR R 37 2.32 -94.78 -33.51
N SER R 38 2.93 -94.14 -32.51
CA SER R 38 3.81 -93.01 -32.74
C SER R 38 5.19 -93.29 -32.21
N PRO R 39 6.06 -93.87 -33.03
CA PRO R 39 7.44 -94.19 -32.64
C PRO R 39 8.15 -93.04 -31.95
N ALA R 40 8.05 -91.85 -32.53
CA ALA R 40 8.72 -90.67 -31.97
C ALA R 40 8.25 -90.37 -30.53
N LEU R 41 7.06 -90.83 -30.19
CA LEU R 41 6.48 -90.61 -28.87
C LEU R 41 6.30 -91.90 -28.07
N ASN R 42 6.50 -93.04 -28.71
CA ASN R 42 6.33 -94.36 -28.06
C ASN R 42 4.93 -94.35 -27.43
N LYS R 43 3.96 -93.86 -28.21
CA LYS R 43 2.60 -93.76 -27.74
C LYS R 43 1.62 -94.28 -28.78
N MET R 44 0.83 -95.26 -28.40
CA MET R 44 -0.15 -95.85 -29.29
C MET R 44 -1.55 -95.31 -29.00
N PHE R 45 -2.08 -94.49 -29.90
CA PHE R 45 -3.40 -93.91 -29.73
C PHE R 45 -4.42 -94.85 -30.32
N CYS R 46 -5.53 -95.06 -29.62
CA CYS R 46 -6.56 -95.94 -30.16
C CYS R 46 -7.96 -95.59 -29.64
N GLN R 47 -8.96 -96.37 -30.04
CA GLN R 47 -10.30 -96.09 -29.59
C GLN R 47 -10.68 -97.01 -28.46
N LEU R 48 -11.79 -96.71 -27.80
CA LEU R 48 -12.26 -97.52 -26.69
C LEU R 48 -12.67 -98.92 -27.14
N ALA R 49 -12.40 -99.90 -26.27
CA ALA R 49 -12.73 -101.30 -26.52
C ALA R 49 -12.50 -101.77 -27.94
N LYS R 50 -11.45 -101.24 -28.57
CA LYS R 50 -11.12 -101.63 -29.94
C LYS R 50 -9.87 -102.49 -30.01
N THR R 51 -9.81 -103.39 -30.99
CA THR R 51 -8.66 -104.28 -31.19
C THR R 51 -7.36 -103.51 -31.39
N CYS R 52 -6.42 -103.73 -30.48
CA CYS R 52 -5.11 -103.09 -30.53
C CYS R 52 -4.02 -104.17 -30.67
N PRO R 53 -3.59 -104.41 -31.91
CA PRO R 53 -2.57 -105.41 -32.22
C PRO R 53 -1.17 -105.02 -31.74
N VAL R 54 -0.62 -105.88 -30.91
CA VAL R 54 0.72 -105.68 -30.38
C VAL R 54 1.57 -106.85 -30.85
N GLN R 55 2.64 -106.53 -31.56
CA GLN R 55 3.56 -107.54 -32.06
C GLN R 55 4.79 -107.79 -31.17
N LEU R 56 5.06 -109.07 -30.93
CA LEU R 56 6.19 -109.53 -30.13
C LEU R 56 7.32 -110.04 -31.04
N TRP R 57 8.47 -109.36 -31.00
CA TRP R 57 9.60 -109.75 -31.83
C TRP R 57 10.74 -110.35 -30.98
N VAL R 58 11.01 -111.63 -31.20
CA VAL R 58 12.06 -112.35 -30.49
C VAL R 58 13.03 -113.00 -31.48
N ASP R 59 14.34 -112.82 -31.24
CA ASP R 59 15.35 -113.39 -32.12
C ASP R 59 15.30 -114.92 -32.06
N SER R 60 15.51 -115.45 -30.86
CA SER R 60 15.50 -116.88 -30.66
C SER R 60 14.26 -117.29 -29.88
N THR R 61 13.34 -118.00 -30.54
CA THR R 61 12.11 -118.45 -29.90
C THR R 61 12.31 -118.99 -28.47
N PRO R 62 11.68 -118.34 -27.48
CA PRO R 62 11.78 -118.74 -26.08
C PRO R 62 11.30 -120.16 -25.85
N PRO R 63 11.66 -120.75 -24.70
CA PRO R 63 11.27 -122.12 -24.36
C PRO R 63 9.77 -122.23 -24.13
N PRO R 64 9.25 -123.46 -23.98
CA PRO R 64 7.82 -123.69 -23.76
C PRO R 64 7.39 -123.36 -22.32
N GLY R 65 6.18 -122.80 -22.19
CA GLY R 65 5.68 -122.42 -20.88
C GLY R 65 5.85 -120.93 -20.60
N THR R 66 6.29 -120.18 -21.60
CA THR R 66 6.50 -118.74 -21.48
C THR R 66 5.18 -118.00 -21.66
N ARG R 67 4.95 -117.01 -20.82
CA ARG R 67 3.74 -116.21 -20.88
C ARG R 67 4.03 -114.73 -21.15
N VAL R 68 3.05 -114.05 -21.74
CA VAL R 68 3.11 -112.63 -22.07
C VAL R 68 2.08 -111.86 -21.24
N ARG R 69 2.52 -111.31 -20.11
CA ARG R 69 1.67 -110.53 -19.22
C ARG R 69 1.67 -109.04 -19.59
N ALA R 70 0.52 -108.40 -19.42
CA ALA R 70 0.37 -106.98 -19.71
C ALA R 70 -0.11 -106.23 -18.47
N MET R 71 0.41 -105.04 -18.27
CA MET R 71 0.03 -104.28 -17.10
C MET R 71 0.09 -102.80 -17.40
N ALA R 72 -0.75 -102.03 -16.73
CA ALA R 72 -0.75 -100.61 -16.97
C ALA R 72 -0.41 -99.83 -15.71
N ILE R 73 0.36 -98.76 -15.86
CA ILE R 73 0.75 -97.93 -14.71
C ILE R 73 0.64 -96.46 -15.09
N TYR R 74 0.91 -95.56 -14.15
CA TYR R 74 0.83 -94.14 -14.45
C TYR R 74 2.21 -93.57 -14.66
N LYS R 75 2.50 -93.15 -15.89
CA LYS R 75 3.80 -92.61 -16.25
C LYS R 75 4.38 -91.60 -15.23
N GLN R 76 3.53 -90.78 -14.63
CA GLN R 76 4.03 -89.80 -13.68
C GLN R 76 4.31 -90.41 -12.32
N SER R 77 5.56 -90.26 -11.88
CA SER R 77 6.02 -90.81 -10.60
C SER R 77 5.09 -90.48 -9.43
N GLN R 78 4.65 -89.23 -9.36
CA GLN R 78 3.78 -88.81 -8.27
C GLN R 78 2.57 -89.72 -8.08
N HIS R 79 2.04 -90.29 -9.16
CA HIS R 79 0.88 -91.19 -9.07
C HIS R 79 1.23 -92.64 -9.41
N MET R 80 2.53 -92.91 -9.54
CA MET R 80 3.01 -94.25 -9.88
C MET R 80 2.58 -95.30 -8.87
N THR R 81 2.15 -94.83 -7.70
CA THR R 81 1.72 -95.75 -6.66
C THR R 81 0.25 -96.07 -6.82
N GLU R 82 -0.46 -95.22 -7.54
CA GLU R 82 -1.88 -95.39 -7.74
C GLU R 82 -2.08 -96.56 -8.69
N VAL R 83 -3.14 -97.33 -8.44
CA VAL R 83 -3.46 -98.52 -9.25
C VAL R 83 -4.30 -98.21 -10.47
N VAL R 84 -3.82 -98.63 -11.64
CA VAL R 84 -4.56 -98.38 -12.86
C VAL R 84 -5.73 -99.34 -13.04
N ARG R 85 -6.93 -98.79 -13.09
CA ARG R 85 -8.13 -99.59 -13.23
C ARG R 85 -9.20 -98.89 -14.10
N ARG R 86 -10.44 -99.31 -13.96
CA ARG R 86 -11.51 -98.74 -14.75
C ARG R 86 -12.30 -97.76 -13.91
N CYS R 87 -12.78 -96.70 -14.57
CA CYS R 87 -13.57 -95.65 -13.94
C CYS R 87 -14.79 -96.29 -13.30
N PRO R 88 -15.40 -95.62 -12.31
CA PRO R 88 -16.58 -96.15 -11.64
C PRO R 88 -17.70 -96.53 -12.62
N HIS R 89 -17.98 -95.65 -13.57
CA HIS R 89 -19.02 -95.88 -14.56
C HIS R 89 -18.73 -97.09 -15.44
N HIS R 90 -17.68 -97.00 -16.24
CA HIS R 90 -17.26 -98.08 -17.14
C HIS R 90 -17.21 -99.48 -16.54
N GLU R 91 -16.84 -99.60 -15.27
CA GLU R 91 -16.78 -100.91 -14.68
C GLU R 91 -18.19 -101.39 -14.36
N ARG R 92 -19.17 -100.48 -14.45
CA ARG R 92 -20.57 -100.83 -14.17
C ARG R 92 -21.32 -101.05 -15.46
N CYS R 93 -20.60 -101.11 -16.58
CA CYS R 93 -21.23 -101.34 -17.87
C CYS R 93 -21.46 -102.82 -18.19
N SER R 94 -22.18 -103.07 -19.28
CA SER R 94 -22.49 -104.43 -19.70
C SER R 94 -21.58 -104.88 -20.85
N ASP R 95 -20.29 -104.57 -20.72
CA ASP R 95 -19.31 -104.93 -21.74
C ASP R 95 -18.48 -106.14 -21.34
N SER R 96 -18.86 -106.77 -20.23
CA SER R 96 -18.14 -107.94 -19.73
C SER R 96 -18.13 -109.08 -20.76
N ASP R 97 -16.93 -109.46 -21.22
CA ASP R 97 -16.75 -110.53 -22.18
C ASP R 97 -16.89 -111.88 -21.47
N GLY R 98 -17.04 -111.82 -20.14
CA GLY R 98 -17.18 -113.04 -19.36
C GLY R 98 -15.96 -113.40 -18.54
N LEU R 99 -14.82 -113.51 -19.21
CA LEU R 99 -13.54 -113.83 -18.56
C LEU R 99 -12.94 -112.64 -17.80
N ALA R 100 -12.74 -111.53 -18.52
CA ALA R 100 -12.17 -110.31 -17.97
C ALA R 100 -13.07 -109.63 -16.93
N PRO R 101 -12.54 -109.38 -15.72
CA PRO R 101 -13.31 -108.72 -14.66
C PRO R 101 -13.67 -107.29 -15.09
N PRO R 102 -14.75 -106.76 -14.52
CA PRO R 102 -15.19 -105.42 -14.86
C PRO R 102 -14.27 -104.26 -14.46
N GLN R 103 -13.20 -104.53 -13.72
CA GLN R 103 -12.31 -103.44 -13.32
C GLN R 103 -10.99 -103.45 -14.10
N HIS R 104 -10.80 -104.44 -14.95
CA HIS R 104 -9.56 -104.49 -15.68
C HIS R 104 -9.53 -103.58 -16.88
N LEU R 105 -8.58 -102.66 -16.91
CA LEU R 105 -8.47 -101.74 -18.02
C LEU R 105 -8.09 -102.51 -19.29
N ILE R 106 -6.95 -103.21 -19.27
CA ILE R 106 -6.48 -103.96 -20.44
C ILE R 106 -7.20 -105.31 -20.60
N ARG R 107 -7.44 -105.71 -21.85
CA ARG R 107 -8.09 -106.99 -22.18
C ARG R 107 -7.48 -107.66 -23.40
N VAL R 108 -7.53 -108.99 -23.40
CA VAL R 108 -6.99 -109.75 -24.51
C VAL R 108 -8.16 -110.26 -25.35
N GLU R 109 -8.04 -110.09 -26.66
CA GLU R 109 -9.09 -110.51 -27.60
C GLU R 109 -8.73 -111.71 -28.49
N GLY R 110 -9.52 -112.77 -28.35
CA GLY R 110 -9.32 -113.97 -29.14
C GLY R 110 -8.32 -114.98 -28.62
N ASN R 111 -8.22 -115.12 -27.30
CA ASN R 111 -7.28 -116.09 -26.73
C ASN R 111 -7.94 -116.78 -25.55
N LEU R 112 -8.51 -117.94 -25.81
CA LEU R 112 -9.21 -118.70 -24.78
C LEU R 112 -8.40 -118.98 -23.51
N ARG R 113 -7.11 -119.20 -23.67
CA ARG R 113 -6.23 -119.52 -22.54
C ARG R 113 -5.76 -118.29 -21.79
N VAL R 114 -6.56 -117.23 -21.84
CA VAL R 114 -6.20 -115.99 -21.17
C VAL R 114 -6.41 -116.10 -19.66
N GLU R 115 -5.77 -115.21 -18.92
CA GLU R 115 -5.88 -115.19 -17.47
C GLU R 115 -5.77 -113.78 -16.94
N TYR R 116 -6.68 -113.45 -16.03
CA TYR R 116 -6.74 -112.13 -15.41
C TYR R 116 -6.43 -112.27 -13.92
N LEU R 117 -5.31 -111.68 -13.48
CA LEU R 117 -4.88 -111.76 -12.09
C LEU R 117 -5.07 -110.47 -11.30
N ASP R 118 -5.38 -110.63 -10.01
CA ASP R 118 -5.58 -109.52 -9.08
C ASP R 118 -4.58 -109.69 -7.95
N ASP R 119 -3.31 -109.42 -8.26
CA ASP R 119 -2.24 -109.57 -7.29
C ASP R 119 -2.65 -109.08 -5.92
N ARG R 120 -2.89 -110.02 -5.01
CA ARG R 120 -3.31 -109.70 -3.65
C ARG R 120 -2.27 -108.90 -2.86
N ASN R 121 -1.08 -108.75 -3.41
CA ASN R 121 -0.03 -107.99 -2.73
C ASN R 121 0.14 -106.58 -3.31
N THR R 122 0.40 -106.51 -4.61
CA THR R 122 0.61 -105.23 -5.27
C THR R 122 -0.69 -104.58 -5.70
N PHE R 123 -1.79 -105.30 -5.53
CA PHE R 123 -3.11 -104.81 -5.91
C PHE R 123 -3.13 -104.43 -7.37
N ARG R 124 -2.11 -104.83 -8.13
CA ARG R 124 -2.02 -104.52 -9.54
C ARG R 124 -2.87 -105.45 -10.41
N HIS R 125 -3.46 -104.90 -11.46
CA HIS R 125 -4.28 -105.67 -12.40
C HIS R 125 -3.46 -106.03 -13.61
N SER R 126 -3.65 -107.24 -14.11
CA SER R 126 -2.90 -107.68 -15.28
C SER R 126 -3.57 -108.87 -15.94
N VAL R 127 -3.27 -109.05 -17.22
CA VAL R 127 -3.79 -110.13 -18.05
C VAL R 127 -2.65 -110.87 -18.75
N VAL R 128 -2.54 -112.17 -18.50
CA VAL R 128 -1.45 -112.99 -19.07
C VAL R 128 -1.96 -114.05 -20.04
N VAL R 129 -1.23 -114.23 -21.14
CA VAL R 129 -1.60 -115.21 -22.13
C VAL R 129 -0.39 -116.04 -22.53
N PRO R 130 -0.55 -117.35 -22.74
CA PRO R 130 0.54 -118.26 -23.13
C PRO R 130 1.24 -117.84 -24.44
N TYR R 131 2.55 -117.64 -24.40
CA TYR R 131 3.30 -117.23 -25.58
C TYR R 131 3.18 -118.29 -26.64
N GLU R 132 3.26 -117.89 -27.90
CA GLU R 132 3.16 -118.81 -29.01
C GLU R 132 4.14 -118.39 -30.09
N PRO R 133 4.75 -119.37 -30.77
CA PRO R 133 5.70 -119.08 -31.85
C PRO R 133 5.03 -118.44 -33.08
N PRO R 134 5.76 -117.56 -33.81
CA PRO R 134 5.23 -116.89 -35.01
C PRO R 134 4.58 -117.88 -35.97
N GLU R 135 3.31 -117.65 -36.30
CA GLU R 135 2.58 -118.52 -37.21
C GLU R 135 3.33 -118.54 -38.55
N VAL R 136 3.42 -119.73 -39.14
CA VAL R 136 4.09 -119.89 -40.42
C VAL R 136 3.57 -118.86 -41.46
N GLY R 137 4.44 -117.94 -41.83
CA GLY R 137 4.07 -116.90 -42.78
C GLY R 137 4.36 -115.53 -42.21
N SER R 138 4.52 -115.49 -40.88
CA SER R 138 4.80 -114.27 -40.13
C SER R 138 6.07 -114.44 -39.29
N ASP R 139 6.74 -113.33 -39.01
CA ASP R 139 7.97 -113.35 -38.23
C ASP R 139 7.81 -112.83 -36.81
N CYS R 140 6.57 -112.66 -36.37
CA CYS R 140 6.32 -112.18 -35.02
C CYS R 140 4.93 -112.58 -34.50
N THR R 141 4.83 -112.71 -33.18
CA THR R 141 3.58 -113.08 -32.53
C THR R 141 2.77 -111.82 -32.25
N THR R 142 1.53 -111.78 -32.73
CA THR R 142 0.68 -110.61 -32.51
C THR R 142 -0.45 -110.92 -31.52
N ILE R 143 -0.65 -110.00 -30.58
CA ILE R 143 -1.70 -110.11 -29.58
C ILE R 143 -2.66 -108.94 -29.70
N HIS R 144 -3.95 -109.20 -29.46
CA HIS R 144 -5.01 -108.20 -29.54
C HIS R 144 -5.49 -107.73 -28.16
N TYR R 145 -5.19 -106.48 -27.88
CA TYR R 145 -5.57 -105.90 -26.62
C TYR R 145 -6.67 -104.88 -26.79
N ASN R 146 -7.53 -104.81 -25.77
CA ASN R 146 -8.65 -103.87 -25.75
C ASN R 146 -8.68 -103.06 -24.46
N TYR R 147 -8.61 -101.74 -24.59
CA TYR R 147 -8.65 -100.85 -23.44
C TYR R 147 -10.09 -100.45 -23.21
N MET R 148 -10.60 -100.73 -22.02
CA MET R 148 -11.98 -100.44 -21.68
C MET R 148 -12.19 -99.15 -20.93
N CYS R 149 -11.45 -98.10 -21.30
CA CYS R 149 -11.62 -96.82 -20.63
C CYS R 149 -10.83 -95.72 -21.32
N ASN R 150 -11.46 -94.55 -21.46
CA ASN R 150 -10.86 -93.38 -22.13
C ASN R 150 -9.87 -92.71 -21.18
N SER R 151 -8.80 -92.16 -21.75
CA SER R 151 -7.77 -91.51 -20.94
C SER R 151 -8.30 -90.20 -20.38
N SER R 152 -9.55 -89.90 -20.73
CA SER R 152 -10.19 -88.69 -20.27
C SER R 152 -10.96 -88.97 -18.97
N CYS R 153 -11.36 -90.22 -18.78
CA CYS R 153 -12.12 -90.62 -17.59
C CYS R 153 -11.40 -90.31 -16.29
N MET R 154 -10.14 -89.88 -16.39
CA MET R 154 -9.34 -89.59 -15.22
C MET R 154 -8.54 -88.30 -15.32
N GLY R 155 -8.54 -87.63 -16.46
CA GLY R 155 -7.75 -86.41 -16.53
C GLY R 155 -7.97 -85.50 -17.71
N GLY R 156 -8.53 -86.06 -18.76
CA GLY R 156 -8.78 -85.23 -19.93
C GLY R 156 -7.54 -84.54 -20.45
N MET R 157 -7.14 -83.45 -19.80
CA MET R 157 -6.00 -82.69 -20.26
C MET R 157 -4.69 -83.43 -20.17
N ASN R 158 -4.77 -84.76 -20.15
CA ASN R 158 -3.60 -85.61 -20.09
C ASN R 158 -2.92 -85.43 -18.75
N ARG R 159 -3.73 -85.46 -17.70
CA ARG R 159 -3.24 -85.32 -16.34
C ARG R 159 -2.62 -86.64 -15.85
N ARG R 160 -3.28 -87.74 -16.17
CA ARG R 160 -2.84 -89.08 -15.76
C ARG R 160 -2.53 -89.93 -16.96
N PRO R 161 -1.33 -89.79 -17.52
CA PRO R 161 -0.98 -90.60 -18.70
C PRO R 161 -0.75 -92.08 -18.35
N ILE R 162 -1.41 -93.00 -19.04
CA ILE R 162 -1.22 -94.41 -18.74
C ILE R 162 -0.02 -94.98 -19.52
N LEU R 163 0.64 -95.99 -18.94
CA LEU R 163 1.78 -96.64 -19.56
C LEU R 163 1.60 -98.16 -19.50
N THR R 164 1.79 -98.81 -20.64
CA THR R 164 1.63 -100.24 -20.74
C THR R 164 2.97 -100.95 -20.67
N ILE R 165 3.01 -101.96 -19.80
CA ILE R 165 4.21 -102.75 -19.58
C ILE R 165 3.99 -104.18 -20.04
N ILE R 166 4.66 -104.53 -21.13
CA ILE R 166 4.57 -105.87 -21.69
C ILE R 166 5.72 -106.71 -21.14
N THR R 167 5.38 -107.65 -20.27
CA THR R 167 6.36 -108.52 -19.64
C THR R 167 6.35 -109.92 -20.23
N LEU R 168 7.52 -110.45 -20.54
CA LEU R 168 7.67 -111.81 -21.08
C LEU R 168 8.34 -112.65 -20.01
N GLU R 169 7.55 -113.44 -19.29
CA GLU R 169 8.10 -114.27 -18.23
C GLU R 169 7.98 -115.78 -18.49
N ASP R 170 8.77 -116.58 -17.77
CA ASP R 170 8.75 -118.03 -17.92
C ASP R 170 7.61 -118.63 -17.13
N SER R 171 7.66 -119.94 -16.98
CA SER R 171 6.63 -120.65 -16.25
C SER R 171 6.44 -120.08 -14.83
N SER R 172 7.54 -120.00 -14.08
CA SER R 172 7.51 -119.49 -12.70
C SER R 172 7.10 -118.02 -12.62
N GLY R 173 7.44 -117.27 -13.66
CA GLY R 173 7.11 -115.86 -13.72
C GLY R 173 8.33 -114.96 -13.62
N ASN R 174 9.47 -115.44 -14.10
CA ASN R 174 10.71 -114.67 -14.05
C ASN R 174 10.88 -113.89 -15.35
N LEU R 175 11.27 -112.63 -15.21
CA LEU R 175 11.44 -111.76 -16.36
C LEU R 175 12.40 -112.32 -17.39
N LEU R 176 12.02 -112.27 -18.66
CA LEU R 176 12.86 -112.75 -19.75
C LEU R 176 12.99 -111.65 -20.79
N GLY R 177 12.09 -110.67 -20.69
CA GLY R 177 12.06 -109.53 -21.60
C GLY R 177 10.98 -108.55 -21.19
N ARG R 178 11.14 -107.28 -21.48
CA ARG R 178 10.13 -106.31 -21.09
C ARG R 178 10.24 -104.99 -21.81
N ASN R 179 9.18 -104.61 -22.52
CA ASN R 179 9.11 -103.36 -23.23
C ASN R 179 7.86 -102.61 -22.77
N SER R 180 7.80 -101.33 -23.10
CA SER R 180 6.66 -100.51 -22.71
C SER R 180 6.38 -99.35 -23.66
N PHE R 181 5.10 -99.03 -23.81
CA PHE R 181 4.65 -97.95 -24.67
C PHE R 181 3.51 -97.19 -23.98
N GLU R 182 3.42 -95.89 -24.28
CA GLU R 182 2.39 -95.01 -23.71
C GLU R 182 1.08 -95.25 -24.43
N VAL R 183 -0.04 -95.16 -23.72
CA VAL R 183 -1.32 -95.41 -24.37
C VAL R 183 -2.32 -94.33 -24.09
N ARG R 184 -3.08 -93.94 -25.12
CA ARG R 184 -4.12 -92.92 -25.01
C ARG R 184 -5.42 -93.37 -25.67
N VAL R 185 -6.44 -93.64 -24.87
CA VAL R 185 -7.71 -94.06 -25.42
C VAL R 185 -8.63 -92.85 -25.67
N CYS R 186 -8.68 -92.41 -26.92
CA CYS R 186 -9.50 -91.27 -27.29
C CYS R 186 -10.56 -91.62 -28.34
N ALA R 187 -10.99 -90.61 -29.10
CA ALA R 187 -11.99 -90.79 -30.14
C ALA R 187 -11.43 -90.42 -31.51
N CYS R 188 -10.23 -89.85 -31.56
CA CYS R 188 -9.60 -89.50 -32.84
C CYS R 188 -8.11 -89.81 -32.81
N PRO R 189 -7.78 -91.11 -32.82
CA PRO R 189 -6.37 -91.51 -32.77
C PRO R 189 -5.50 -90.81 -33.80
N GLY R 190 -5.90 -90.91 -35.07
CA GLY R 190 -5.13 -90.30 -36.13
C GLY R 190 -4.87 -88.84 -35.88
N ARG R 191 -5.91 -88.17 -35.42
CA ARG R 191 -5.81 -86.75 -35.15
C ARG R 191 -4.84 -86.46 -34.01
N ASP R 192 -5.15 -86.99 -32.83
CA ASP R 192 -4.32 -86.76 -31.66
C ASP R 192 -2.84 -87.06 -31.93
N ARG R 193 -2.58 -88.19 -32.58
CA ARG R 193 -1.20 -88.54 -32.87
C ARG R 193 -0.57 -87.46 -33.73
N ARG R 194 -1.22 -87.19 -34.85
CA ARG R 194 -0.74 -86.22 -35.82
C ARG R 194 -0.43 -84.88 -35.15
N THR R 195 -1.38 -84.41 -34.36
CA THR R 195 -1.23 -83.13 -33.68
C THR R 195 -0.12 -83.15 -32.66
N GLU R 196 -0.05 -84.20 -31.86
CA GLU R 196 0.99 -84.31 -30.84
C GLU R 196 2.38 -84.45 -31.43
N GLU R 197 2.46 -85.14 -32.57
CA GLU R 197 3.75 -85.31 -33.23
C GLU R 197 4.19 -83.94 -33.74
N GLU R 198 3.22 -83.21 -34.31
CA GLU R 198 3.46 -81.88 -34.85
C GLU R 198 4.05 -80.95 -33.80
N ASN R 199 3.69 -81.19 -32.54
CA ASN R 199 4.19 -80.37 -31.44
C ASN R 199 5.64 -80.70 -31.11
N LEU R 200 6.28 -81.47 -32.00
CA LEU R 200 7.66 -81.87 -31.81
C LEU R 200 7.79 -82.61 -30.50
N SER S 2 37.11 104.79 20.82
CA SER S 2 36.21 105.77 20.13
C SER S 2 34.87 105.87 20.86
N PRO S 3 34.82 106.63 21.97
CA PRO S 3 33.60 106.82 22.76
C PRO S 3 32.67 107.88 22.17
N LEU S 4 31.42 107.88 22.64
CA LEU S 4 30.42 108.85 22.18
C LEU S 4 30.30 109.98 23.20
N SER S 5 29.85 111.15 22.76
CA SER S 5 29.70 112.28 23.66
C SER S 5 28.24 112.47 24.07
N SER S 6 28.02 112.98 25.28
CA SER S 6 26.66 113.20 25.80
C SER S 6 26.01 114.44 25.20
N SER S 7 26.81 115.50 25.05
CA SER S 7 26.34 116.76 24.48
C SER S 7 26.25 116.68 22.96
N VAL S 8 25.59 117.67 22.36
CA VAL S 8 25.43 117.73 20.92
C VAL S 8 25.29 119.20 20.54
N PRO S 9 26.40 119.86 20.16
CA PRO S 9 26.40 121.28 19.77
C PRO S 9 25.32 121.63 18.77
N SER S 10 24.74 122.81 18.94
CA SER S 10 23.68 123.22 18.05
C SER S 10 24.23 123.75 16.74
N GLN S 11 23.41 123.67 15.71
CA GLN S 11 23.81 124.12 14.40
C GLN S 11 22.87 125.22 13.91
N LYS S 12 21.94 125.65 14.78
CA LYS S 12 20.97 126.68 14.40
C LYS S 12 21.71 127.92 13.92
N THR S 13 21.34 128.42 12.76
CA THR S 13 21.99 129.60 12.21
C THR S 13 21.68 130.81 13.08
N TYR S 14 22.73 131.44 13.60
CA TYR S 14 22.57 132.61 14.48
C TYR S 14 23.49 133.74 14.03
N GLN S 15 22.94 134.71 13.31
CA GLN S 15 23.73 135.83 12.81
C GLN S 15 24.19 136.72 13.94
N GLY S 16 23.61 136.51 15.12
CA GLY S 16 23.98 137.29 16.28
C GLY S 16 23.66 138.76 16.22
N SER S 17 24.23 139.49 17.16
CA SER S 17 24.03 140.93 17.27
C SER S 17 25.06 141.70 16.44
N TYR S 18 25.77 140.98 15.57
CA TYR S 18 26.78 141.61 14.74
C TYR S 18 26.53 141.37 13.25
N GLY S 19 25.53 140.53 12.97
CA GLY S 19 25.21 140.19 11.60
C GLY S 19 26.24 139.25 10.98
N PHE S 20 26.76 138.34 11.80
CA PHE S 20 27.78 137.37 11.38
C PHE S 20 27.28 136.48 10.24
N ARG S 21 28.10 136.34 9.21
CA ARG S 21 27.76 135.55 8.03
C ARG S 21 29.00 134.83 7.53
N LEU S 22 28.86 134.21 6.36
CA LEU S 22 29.98 133.49 5.78
C LEU S 22 30.04 133.71 4.29
N GLY S 23 31.27 133.72 3.77
CA GLY S 23 31.44 133.93 2.35
C GLY S 23 32.35 132.86 1.80
N PHE S 24 32.12 132.49 0.55
CA PHE S 24 32.92 131.46 -0.09
C PHE S 24 33.25 131.86 -1.50
N LEU S 25 34.49 131.56 -1.92
CA LEU S 25 34.96 131.88 -3.28
C LEU S 25 34.42 130.94 -4.33
N HIS S 26 33.59 131.49 -5.22
CA HIS S 26 32.98 130.72 -6.31
C HIS S 26 34.07 130.29 -7.30
N SER S 27 34.75 129.18 -7.00
CA SER S 27 35.80 128.67 -7.85
C SER S 27 35.26 127.82 -9.02
N GLY S 28 34.02 128.10 -9.43
CA GLY S 28 33.42 127.39 -10.56
C GLY S 28 33.32 125.91 -10.33
N THR S 29 32.75 125.20 -11.32
CA THR S 29 32.59 123.75 -11.26
C THR S 29 33.41 123.02 -12.35
N ALA S 30 34.70 123.36 -12.45
CA ALA S 30 35.62 122.75 -13.43
C ALA S 30 36.04 121.34 -12.99
N LYS S 31 37.26 120.94 -13.35
CA LYS S 31 37.79 119.63 -12.97
C LYS S 31 39.01 119.74 -12.04
N SER S 32 39.84 120.74 -12.30
CA SER S 32 41.05 121.01 -11.51
C SER S 32 40.79 121.87 -10.26
N VAL S 33 39.50 122.00 -9.90
CA VAL S 33 39.07 122.80 -8.75
C VAL S 33 39.81 122.37 -7.50
N THR S 34 39.83 123.23 -6.49
CA THR S 34 40.52 122.96 -5.23
C THR S 34 39.58 123.18 -4.06
N CYS S 35 38.72 124.17 -4.17
CA CYS S 35 37.75 124.44 -3.12
C CYS S 35 36.64 125.31 -3.66
N THR S 36 35.42 124.77 -3.70
CA THR S 36 34.26 125.50 -4.21
C THR S 36 33.11 125.48 -3.21
N TYR S 37 32.00 126.14 -3.55
CA TYR S 37 30.86 126.18 -2.64
C TYR S 37 29.57 126.20 -3.39
N SER S 38 28.61 125.38 -2.97
CA SER S 38 27.31 125.33 -3.65
C SER S 38 26.22 125.86 -2.74
N PRO S 39 25.79 127.12 -2.96
CA PRO S 39 24.75 127.76 -2.16
C PRO S 39 23.52 126.90 -2.02
N ALA S 40 23.03 126.42 -3.16
CA ALA S 40 21.83 125.58 -3.24
C ALA S 40 21.89 124.43 -2.28
N LEU S 41 23.09 123.89 -2.06
CA LEU S 41 23.24 122.77 -1.15
C LEU S 41 23.86 123.15 0.18
N ASN S 42 24.43 124.37 0.26
CA ASN S 42 25.12 124.86 1.46
C ASN S 42 26.24 123.85 1.76
N LYS S 43 26.84 123.34 0.70
CA LYS S 43 27.87 122.34 0.79
C LYS S 43 29.13 122.84 0.15
N MET S 44 30.23 122.65 0.85
CA MET S 44 31.51 123.09 0.35
C MET S 44 32.31 121.91 -0.09
N PHE S 45 32.65 121.87 -1.37
CA PHE S 45 33.49 120.80 -1.88
C PHE S 45 34.97 121.24 -1.92
N CYS S 46 35.88 120.37 -1.50
CA CYS S 46 37.28 120.73 -1.57
C CYS S 46 38.20 119.50 -1.57
N GLN S 47 39.47 119.70 -1.91
CA GLN S 47 40.44 118.60 -1.92
C GLN S 47 41.10 118.40 -0.57
N LEU S 48 41.62 117.20 -0.35
CA LEU S 48 42.28 116.86 0.92
C LEU S 48 43.48 117.76 1.23
N ALA S 49 43.61 118.15 2.50
CA ALA S 49 44.72 118.99 2.94
C ALA S 49 45.00 120.22 2.06
N LYS S 50 43.96 120.69 1.37
CA LYS S 50 44.10 121.86 0.53
C LYS S 50 43.50 123.07 1.21
N THR S 51 43.90 124.24 0.76
CA THR S 51 43.42 125.48 1.32
C THR S 51 41.94 125.70 1.07
N CYS S 52 41.20 126.03 2.13
CA CYS S 52 39.76 126.28 2.01
C CYS S 52 39.41 127.60 2.63
N PRO S 53 39.45 128.67 1.83
CA PRO S 53 39.15 130.02 2.28
C PRO S 53 37.69 130.34 2.60
N VAL S 54 37.41 130.53 3.88
CA VAL S 54 36.08 130.84 4.33
C VAL S 54 36.09 132.28 4.78
N GLN S 55 35.20 133.10 4.19
CA GLN S 55 35.11 134.53 4.52
C GLN S 55 34.18 134.80 5.67
N LEU S 56 34.55 135.79 6.49
CA LEU S 56 33.76 136.21 7.64
C LEU S 56 33.15 137.60 7.39
N TRP S 57 31.84 137.64 7.19
CA TRP S 57 31.18 138.91 6.92
C TRP S 57 30.38 139.38 8.11
N VAL S 58 30.73 140.56 8.60
CA VAL S 58 30.03 141.13 9.73
C VAL S 58 29.72 142.59 9.43
N ASP S 59 28.56 143.05 9.89
CA ASP S 59 28.13 144.43 9.69
C ASP S 59 28.93 145.35 10.60
N SER S 60 28.87 145.08 11.90
CA SER S 60 29.57 145.88 12.88
C SER S 60 30.69 145.07 13.54
N THR S 61 31.94 145.39 13.21
CA THR S 61 33.11 144.69 13.74
C THR S 61 33.02 144.42 15.25
N PRO S 62 33.02 143.13 15.61
CA PRO S 62 32.95 142.70 17.00
C PRO S 62 34.08 143.24 17.86
N PRO S 63 33.89 143.23 19.20
CA PRO S 63 34.91 143.72 20.12
C PRO S 63 36.18 142.86 20.06
N PRO S 64 37.29 143.33 20.66
CA PRO S 64 38.56 142.61 20.70
C PRO S 64 38.48 141.40 21.64
N GLY S 65 39.30 140.39 21.35
CA GLY S 65 39.31 139.19 22.16
C GLY S 65 38.30 138.16 21.70
N THR S 66 37.77 138.36 20.49
CA THR S 66 36.79 137.45 19.89
C THR S 66 37.49 136.41 19.00
N ARG S 67 37.12 135.15 19.20
CA ARG S 67 37.72 134.08 18.45
C ARG S 67 36.72 133.39 17.53
N VAL S 68 37.24 132.78 16.46
CA VAL S 68 36.44 132.06 15.47
C VAL S 68 36.66 130.55 15.63
N ARG S 69 35.74 129.89 16.33
CA ARG S 69 35.84 128.47 16.57
C ARG S 69 35.19 127.67 15.44
N ALA S 70 35.92 126.68 14.93
CA ALA S 70 35.40 125.83 13.86
C ALA S 70 35.33 124.40 14.41
N MET S 71 34.15 123.78 14.36
CA MET S 71 33.96 122.42 14.85
C MET S 71 33.22 121.59 13.78
N ALA S 72 33.44 120.28 13.80
CA ALA S 72 32.82 119.40 12.82
C ALA S 72 31.99 118.37 13.52
N ILE S 73 30.82 118.08 12.96
CA ILE S 73 29.92 117.06 13.52
C ILE S 73 29.27 116.29 12.38
N TYR S 74 28.51 115.25 12.72
CA TYR S 74 27.85 114.47 11.68
C TYR S 74 26.41 114.95 11.46
N LYS S 75 26.10 115.35 10.24
CA LYS S 75 24.77 115.85 9.91
C LYS S 75 23.63 114.91 10.30
N GLN S 76 23.78 113.60 10.09
CA GLN S 76 22.71 112.68 10.46
C GLN S 76 22.54 112.54 11.96
N SER S 77 21.33 112.84 12.42
CA SER S 77 20.99 112.75 13.83
C SER S 77 21.51 111.49 14.50
N GLN S 78 21.34 110.36 13.84
CA GLN S 78 21.78 109.08 14.38
C GLN S 78 23.22 109.07 14.92
N HIS S 79 24.19 109.43 14.08
CA HIS S 79 25.58 109.43 14.50
C HIS S 79 25.97 110.78 15.08
N MET S 80 24.98 111.63 15.31
CA MET S 80 25.26 112.96 15.83
C MET S 80 26.06 112.92 17.11
N THR S 81 25.92 111.85 17.87
CA THR S 81 26.65 111.71 19.13
C THR S 81 28.10 111.27 18.87
N GLU S 82 28.31 110.63 17.72
CA GLU S 82 29.63 110.12 17.36
C GLU S 82 30.56 111.29 17.15
N VAL S 83 31.78 111.19 17.69
CA VAL S 83 32.76 112.27 17.58
C VAL S 83 33.45 112.31 16.24
N VAL S 84 33.48 113.48 15.60
CA VAL S 84 34.12 113.61 14.30
C VAL S 84 35.62 113.73 14.42
N ARG S 85 36.35 112.78 13.83
CA ARG S 85 37.80 112.78 13.89
C ARG S 85 38.38 112.16 12.62
N ARG S 86 39.70 112.12 12.53
CA ARG S 86 40.39 111.54 11.39
C ARG S 86 40.38 110.03 11.48
N CYS S 87 40.26 109.37 10.32
CA CYS S 87 40.26 107.93 10.24
C CYS S 87 41.62 107.36 10.71
N PRO S 88 41.67 106.06 10.98
CA PRO S 88 42.88 105.41 11.43
C PRO S 88 44.08 105.77 10.59
N HIS S 89 43.95 105.70 9.28
CA HIS S 89 45.09 105.98 8.44
C HIS S 89 45.62 107.40 8.46
N HIS S 90 44.75 108.34 8.11
CA HIS S 90 45.14 109.72 8.05
C HIS S 90 45.72 110.30 9.33
N GLU S 91 45.38 109.70 10.46
CA GLU S 91 45.91 110.20 11.73
C GLU S 91 47.25 109.56 12.03
N ARG S 92 47.64 108.58 11.20
CA ARG S 92 48.91 107.89 11.39
C ARG S 92 49.90 108.43 10.38
N CYS S 93 49.47 109.36 9.54
CA CYS S 93 50.36 109.91 8.51
C CYS S 93 51.34 110.92 9.08
N SER S 94 52.38 111.19 8.30
CA SER S 94 53.43 112.15 8.67
C SER S 94 53.09 113.58 8.18
N ASP S 95 51.80 113.89 8.09
CA ASP S 95 51.33 115.20 7.67
C ASP S 95 51.16 116.14 8.85
N SER S 96 51.94 115.91 9.90
CA SER S 96 51.88 116.74 11.11
C SER S 96 52.60 118.07 10.90
N ASP S 97 51.85 119.17 10.90
CA ASP S 97 52.42 120.50 10.73
C ASP S 97 53.14 120.91 12.03
N GLY S 98 52.89 120.18 13.11
CA GLY S 98 53.51 120.51 14.38
C GLY S 98 52.52 121.04 15.41
N LEU S 99 51.65 121.95 15.00
CA LEU S 99 50.65 122.53 15.89
C LEU S 99 49.39 121.67 16.04
N ALA S 100 48.77 121.36 14.91
CA ALA S 100 47.54 120.58 14.89
C ALA S 100 47.73 119.12 15.24
N PRO S 101 46.94 118.62 16.20
CA PRO S 101 47.03 117.21 16.60
C PRO S 101 46.67 116.30 15.43
N PRO S 102 47.22 115.08 15.43
CA PRO S 102 46.94 114.13 14.37
C PRO S 102 45.49 113.58 14.28
N GLN S 103 44.67 113.79 15.31
CA GLN S 103 43.29 113.29 15.26
C GLN S 103 42.28 114.38 14.92
N HIS S 104 42.77 115.59 14.70
CA HIS S 104 41.87 116.67 14.37
C HIS S 104 41.55 116.73 12.90
N LEU S 105 40.26 116.84 12.57
CA LEU S 105 39.84 116.87 11.17
C LEU S 105 40.15 118.22 10.55
N ILE S 106 39.55 119.26 11.12
CA ILE S 106 39.72 120.62 10.63
C ILE S 106 41.00 121.28 11.18
N ARG S 107 41.66 122.05 10.34
CA ARG S 107 42.88 122.75 10.71
C ARG S 107 42.89 124.14 10.14
N VAL S 108 43.67 125.02 10.77
CA VAL S 108 43.83 126.40 10.31
C VAL S 108 45.22 126.57 9.70
N GLU S 109 45.25 127.03 8.46
CA GLU S 109 46.50 127.18 7.74
C GLU S 109 47.03 128.60 7.79
N GLY S 110 48.29 128.76 8.18
CA GLY S 110 48.90 130.08 8.21
C GLY S 110 48.45 131.04 9.29
N ASN S 111 48.34 130.56 10.50
CA ASN S 111 47.93 131.44 11.58
C ASN S 111 48.62 130.99 12.85
N LEU S 112 49.71 131.66 13.20
CA LEU S 112 50.53 131.34 14.37
C LEU S 112 49.78 131.36 15.71
N ARG S 113 48.66 132.08 15.75
CA ARG S 113 47.90 132.19 16.97
C ARG S 113 46.73 131.22 17.01
N VAL S 114 46.85 130.12 16.28
CA VAL S 114 45.78 129.14 16.24
C VAL S 114 45.79 128.31 17.51
N GLU S 115 44.62 127.82 17.92
CA GLU S 115 44.56 127.01 19.13
C GLU S 115 43.65 125.81 18.91
N TYR S 116 44.15 124.60 19.22
CA TYR S 116 43.36 123.37 19.06
C TYR S 116 42.92 122.87 20.43
N LEU S 117 41.63 122.57 20.55
CA LEU S 117 41.06 122.12 21.81
C LEU S 117 40.43 120.74 21.77
N ASP S 118 40.76 119.92 22.75
CA ASP S 118 40.21 118.59 22.89
C ASP S 118 39.34 118.57 24.15
N ASP S 119 38.15 119.14 24.04
CA ASP S 119 37.23 119.19 25.17
C ASP S 119 37.23 117.89 25.97
N ARG S 120 37.51 117.99 27.28
CA ARG S 120 37.57 116.82 28.16
C ARG S 120 36.20 116.31 28.63
N ASN S 121 35.16 117.08 28.34
CA ASN S 121 33.80 116.70 28.71
C ASN S 121 32.96 116.20 27.54
N THR S 122 33.05 116.89 26.40
CA THR S 122 32.28 116.51 25.21
C THR S 122 33.12 115.71 24.21
N PHE S 123 34.41 115.58 24.50
CA PHE S 123 35.34 114.85 23.64
C PHE S 123 35.34 115.40 22.22
N ARG S 124 34.75 116.58 22.07
CA ARG S 124 34.65 117.22 20.78
C ARG S 124 35.96 117.91 20.34
N HIS S 125 36.33 117.76 19.07
CA HIS S 125 37.53 118.42 18.54
C HIS S 125 37.18 119.75 17.91
N SER S 126 38.00 120.76 18.15
CA SER S 126 37.73 122.07 17.55
C SER S 126 38.97 122.91 17.41
N VAL S 127 38.95 123.86 16.48
CA VAL S 127 40.08 124.75 16.28
C VAL S 127 39.60 126.19 16.42
N VAL S 128 40.34 127.02 17.16
CA VAL S 128 39.97 128.43 17.38
C VAL S 128 41.10 129.38 17.04
N VAL S 129 40.74 130.51 16.42
CA VAL S 129 41.71 131.53 16.03
C VAL S 129 41.14 132.90 16.33
N PRO S 130 42.01 133.83 16.71
CA PRO S 130 41.62 135.19 17.04
C PRO S 130 41.01 135.90 15.86
N TYR S 131 39.84 136.51 16.09
CA TYR S 131 39.14 137.25 15.04
C TYR S 131 39.82 138.57 14.74
N GLU S 132 40.40 138.67 13.55
CA GLU S 132 41.09 139.89 13.15
C GLU S 132 40.20 140.73 12.28
N PRO S 133 40.31 142.05 12.38
CA PRO S 133 39.49 142.96 11.58
C PRO S 133 39.86 142.89 10.11
N PRO S 134 38.86 143.11 9.24
CA PRO S 134 39.10 143.06 7.79
C PRO S 134 40.28 143.95 7.38
N GLU S 135 41.29 143.34 6.75
CA GLU S 135 42.45 144.08 6.29
C GLU S 135 42.02 145.07 5.19
N VAL S 136 42.53 146.30 5.26
CA VAL S 136 42.18 147.31 4.27
C VAL S 136 42.33 146.76 2.84
N GLY S 137 41.24 146.82 2.08
CA GLY S 137 41.25 146.31 0.73
C GLY S 137 40.19 145.24 0.55
N SER S 138 39.76 144.65 1.67
CA SER S 138 38.73 143.61 1.69
C SER S 138 37.76 143.88 2.85
N ASP S 139 36.47 143.71 2.60
CA ASP S 139 35.49 143.96 3.63
C ASP S 139 35.20 142.72 4.48
N CYS S 140 36.00 141.68 4.28
CA CYS S 140 35.81 140.44 5.03
C CYS S 140 37.12 139.85 5.52
N THR S 141 37.02 139.02 6.56
CA THR S 141 38.18 138.38 7.14
C THR S 141 38.27 136.94 6.62
N THR S 142 39.31 136.66 5.85
CA THR S 142 39.47 135.33 5.30
C THR S 142 40.26 134.42 6.23
N ILE S 143 39.77 133.20 6.43
CA ILE S 143 40.43 132.23 7.28
C ILE S 143 40.67 130.96 6.46
N HIS S 144 41.93 130.55 6.30
CA HIS S 144 42.23 129.34 5.55
C HIS S 144 42.13 128.07 6.40
N TYR S 145 41.33 127.11 5.94
CA TYR S 145 41.11 125.86 6.65
C TYR S 145 41.65 124.70 5.82
N ASN S 146 41.88 123.58 6.50
CA ASN S 146 42.36 122.37 5.87
C ASN S 146 41.69 121.15 6.47
N TYR S 147 41.21 120.26 5.62
CA TYR S 147 40.59 119.04 6.09
C TYR S 147 41.53 117.88 5.79
N MET S 148 41.88 117.11 6.82
CA MET S 148 42.81 116.00 6.64
C MET S 148 42.15 114.60 6.63
N CYS S 149 41.05 114.45 5.92
CA CYS S 149 40.43 113.14 5.85
C CYS S 149 39.28 113.18 4.88
N ASN S 150 39.36 112.36 3.83
CA ASN S 150 38.31 112.33 2.81
C ASN S 150 36.97 111.89 3.41
N SER S 151 35.88 112.26 2.76
CA SER S 151 34.59 111.91 3.29
C SER S 151 34.29 110.47 2.95
N SER S 152 35.22 109.85 2.24
CA SER S 152 35.04 108.46 1.84
C SER S 152 35.65 107.54 2.84
N CYS S 153 36.57 108.08 3.63
CA CYS S 153 37.24 107.27 4.62
C CYS S 153 36.27 106.68 5.62
N MET S 154 34.99 106.99 5.48
CA MET S 154 34.05 106.43 6.41
C MET S 154 32.76 105.99 5.81
N GLY S 155 32.72 105.84 4.49
CA GLY S 155 31.49 105.39 3.85
C GLY S 155 31.35 105.56 2.34
N GLY S 156 32.30 106.26 1.76
CA GLY S 156 32.26 106.42 0.33
C GLY S 156 30.99 107.04 -0.21
N MET S 157 29.94 106.24 -0.39
CA MET S 157 28.70 106.75 -0.96
C MET S 157 28.02 107.82 -0.15
N ASN S 158 28.82 108.55 0.62
CA ASN S 158 28.32 109.64 1.47
C ASN S 158 27.42 109.09 2.55
N ARG S 159 27.86 108.01 3.16
CA ARG S 159 27.11 107.38 4.22
C ARG S 159 27.22 108.23 5.50
N ARG S 160 28.34 108.91 5.69
CA ARG S 160 28.55 109.74 6.87
C ARG S 160 28.91 111.16 6.48
N PRO S 161 27.91 111.98 6.17
CA PRO S 161 28.16 113.38 5.78
C PRO S 161 28.61 114.22 6.96
N ILE S 162 29.69 114.97 6.78
CA ILE S 162 30.24 115.78 7.84
C ILE S 162 29.76 117.20 7.71
N LEU S 163 29.46 117.81 8.85
CA LEU S 163 28.98 119.18 8.89
C LEU S 163 29.98 120.05 9.66
N THR S 164 30.24 121.27 9.14
CA THR S 164 31.16 122.21 9.79
C THR S 164 30.40 123.36 10.46
N ILE S 165 30.62 123.52 11.76
CA ILE S 165 29.95 124.55 12.56
C ILE S 165 30.93 125.66 12.91
N ILE S 166 30.81 126.78 12.19
CA ILE S 166 31.65 127.94 12.42
C ILE S 166 30.99 128.81 13.48
N THR S 167 31.67 128.98 14.60
CA THR S 167 31.15 129.78 15.70
C THR S 167 32.01 131.03 15.90
N LEU S 168 31.34 132.10 16.34
CA LEU S 168 31.96 133.39 16.62
C LEU S 168 31.67 133.71 18.08
N GLU S 169 32.66 133.48 18.94
CA GLU S 169 32.48 133.72 20.36
C GLU S 169 33.53 134.64 20.93
N ASP S 170 33.24 135.26 22.08
CA ASP S 170 34.15 136.18 22.76
C ASP S 170 35.30 135.43 23.43
N SER S 171 36.00 136.13 24.31
CA SER S 171 37.14 135.53 25.02
C SER S 171 36.71 134.36 25.89
N SER S 172 35.66 134.54 26.70
CA SER S 172 35.18 133.47 27.59
C SER S 172 34.68 132.25 26.81
N GLY S 173 34.04 132.51 25.66
CA GLY S 173 33.51 131.44 24.83
C GLY S 173 32.01 131.51 24.57
N ASN S 174 31.37 132.59 25.00
CA ASN S 174 29.92 132.76 24.83
C ASN S 174 29.59 133.07 23.37
N LEU S 175 28.50 132.50 22.90
CA LEU S 175 28.10 132.68 21.51
C LEU S 175 27.90 134.15 21.15
N LEU S 176 28.19 134.50 19.90
CA LEU S 176 28.04 135.86 19.36
C LEU S 176 27.51 135.79 17.93
N GLY S 177 27.89 134.72 17.24
CA GLY S 177 27.47 134.48 15.86
C GLY S 177 27.76 133.04 15.47
N ARG S 178 27.01 132.48 14.51
CA ARG S 178 27.25 131.10 14.09
C ARG S 178 26.54 130.71 12.79
N ASN S 179 27.27 129.99 11.94
CA ASN S 179 26.75 129.52 10.67
C ASN S 179 27.22 128.09 10.49
N SER S 180 26.78 127.44 9.42
CA SER S 180 27.20 126.07 9.20
C SER S 180 27.02 125.67 7.75
N PHE S 181 28.00 124.93 7.24
CA PHE S 181 27.97 124.46 5.87
C PHE S 181 28.46 123.01 5.80
N GLU S 182 27.77 122.19 5.02
CA GLU S 182 28.13 120.79 4.88
C GLU S 182 29.43 120.76 4.09
N VAL S 183 30.33 119.83 4.45
CA VAL S 183 31.62 119.71 3.78
C VAL S 183 31.85 118.35 3.14
N ARG S 184 32.38 118.34 1.93
CA ARG S 184 32.67 117.09 1.27
C ARG S 184 34.09 117.14 0.72
N VAL S 185 35.01 116.44 1.38
CA VAL S 185 36.41 116.41 0.94
C VAL S 185 36.58 115.31 -0.12
N CYS S 186 36.67 115.73 -1.39
CA CYS S 186 36.81 114.78 -2.48
C CYS S 186 37.98 115.12 -3.39
N ALA S 187 38.08 114.38 -4.49
CA ALA S 187 39.18 114.60 -5.39
C ALA S 187 38.81 115.40 -6.58
N CYS S 188 37.54 115.76 -6.67
CA CYS S 188 37.06 116.56 -7.79
C CYS S 188 35.92 117.45 -7.37
N PRO S 189 36.22 118.50 -6.59
CA PRO S 189 35.21 119.45 -6.10
C PRO S 189 34.27 119.97 -7.19
N GLY S 190 34.85 120.24 -8.36
CA GLY S 190 34.05 120.72 -9.44
C GLY S 190 33.06 119.69 -9.93
N ARG S 191 33.57 118.52 -10.28
CA ARG S 191 32.75 117.46 -10.79
C ARG S 191 31.67 117.14 -9.77
N ASP S 192 32.07 116.96 -8.53
CA ASP S 192 31.10 116.62 -7.53
C ASP S 192 30.01 117.66 -7.32
N ARG S 193 30.36 118.94 -7.35
CA ARG S 193 29.36 119.99 -7.16
C ARG S 193 28.39 120.07 -8.33
N ARG S 194 28.93 120.15 -9.55
CA ARG S 194 28.13 120.21 -10.76
C ARG S 194 27.11 119.10 -10.80
N THR S 195 27.54 117.87 -10.53
CA THR S 195 26.63 116.75 -10.56
C THR S 195 25.67 116.78 -9.36
N GLU S 196 26.15 117.14 -8.17
CA GLU S 196 25.27 117.15 -7.02
C GLU S 196 24.16 118.19 -7.14
N GLU S 197 24.45 119.26 -7.85
CA GLU S 197 23.45 120.30 -8.04
C GLU S 197 22.55 119.86 -9.16
N GLU S 198 23.14 119.27 -10.19
CA GLU S 198 22.38 118.79 -11.34
C GLU S 198 21.24 117.88 -10.90
N ASN S 199 21.41 117.24 -9.75
CA ASN S 199 20.38 116.35 -9.24
C ASN S 199 19.31 117.16 -8.55
N LEU S 200 19.44 118.48 -8.61
CA LEU S 200 18.50 119.41 -8.00
C LEU S 200 18.55 119.25 -6.48
N SER T 2 49.13 54.93 53.11
CA SER T 2 48.25 55.95 53.73
C SER T 2 47.07 55.29 54.45
N PRO T 3 47.32 54.73 55.66
CA PRO T 3 46.29 54.06 56.47
C PRO T 3 45.42 55.04 57.27
N LEU T 4 44.21 54.62 57.61
CA LEU T 4 43.31 55.46 58.38
C LEU T 4 43.43 55.10 59.86
N SER T 5 43.07 56.01 60.76
CA SER T 5 43.15 55.74 62.20
C SER T 5 41.77 55.38 62.75
N SER T 6 41.74 54.44 63.69
CA SER T 6 40.49 53.99 64.32
C SER T 6 39.95 55.05 65.29
N SER T 7 40.82 55.96 65.70
CA SER T 7 40.46 57.04 66.61
C SER T 7 40.14 58.35 65.87
N VAL T 8 39.52 59.28 66.59
CA VAL T 8 39.15 60.58 66.04
C VAL T 8 39.13 61.59 67.17
N PRO T 9 40.24 62.31 67.36
CA PRO T 9 40.36 63.32 68.42
C PRO T 9 39.19 64.26 68.49
N SER T 10 38.78 64.63 69.71
CA SER T 10 37.65 65.55 69.88
C SER T 10 38.10 66.98 69.70
N GLN T 11 37.19 67.79 69.16
CA GLN T 11 37.44 69.20 68.90
C GLN T 11 36.56 70.09 69.76
N LYS T 12 35.84 69.47 70.70
CA LYS T 12 34.93 70.17 71.62
C LYS T 12 35.67 71.20 72.46
N THR T 13 35.19 72.42 72.40
CA THR T 13 35.82 73.50 73.15
C THR T 13 35.74 73.23 74.64
N TYR T 14 36.89 73.26 75.30
CA TYR T 14 36.96 73.02 76.74
C TYR T 14 38.02 73.91 77.37
N GLN T 15 37.60 75.08 77.87
CA GLN T 15 38.53 76.02 78.52
C GLN T 15 39.24 75.36 79.69
N GLY T 16 38.58 74.37 80.30
CA GLY T 16 39.17 73.65 81.41
C GLY T 16 39.02 74.30 82.76
N SER T 17 39.94 73.97 83.67
CA SER T 17 39.94 74.51 85.03
C SER T 17 40.85 75.74 85.17
N TYR T 18 41.53 76.08 84.09
CA TYR T 18 42.42 77.24 84.13
C TYR T 18 41.92 78.38 83.24
N GLY T 19 40.80 78.13 82.57
CA GLY T 19 40.22 79.13 81.68
C GLY T 19 41.09 79.34 80.45
N PHE T 20 41.45 78.22 79.82
CA PHE T 20 42.28 78.24 78.63
C PHE T 20 41.51 78.74 77.40
N ARG T 21 42.04 79.78 76.78
CA ARG T 21 41.44 80.39 75.60
C ARG T 21 42.52 80.68 74.56
N LEU T 22 42.11 80.96 73.32
CA LEU T 22 43.06 81.27 72.25
C LEU T 22 42.89 82.69 71.74
N GLY T 23 44.00 83.38 71.51
CA GLY T 23 43.92 84.75 71.02
C GLY T 23 44.65 84.87 69.70
N PHE T 24 44.26 85.82 68.85
CA PHE T 24 44.91 85.96 67.55
C PHE T 24 45.18 87.42 67.23
N LEU T 25 46.17 87.67 66.38
CA LEU T 25 46.49 89.05 66.02
C LEU T 25 45.68 89.54 64.84
N HIS T 26 44.80 90.51 65.10
CA HIS T 26 43.97 91.09 64.06
C HIS T 26 44.85 91.84 63.08
N SER T 27 45.23 91.16 62.00
CA SER T 27 46.09 91.76 60.99
C SER T 27 45.32 92.37 59.81
N GLY T 28 44.03 92.61 60.02
CA GLY T 28 43.21 93.20 58.97
C GLY T 28 43.02 92.28 57.78
N THR T 29 42.39 92.78 56.72
CA THR T 29 42.14 92.00 55.51
C THR T 29 42.71 92.67 54.25
N ALA T 30 43.92 93.21 54.37
CA ALA T 30 44.59 93.86 53.25
C ALA T 30 44.94 92.86 52.15
N LYS T 31 46.03 93.11 51.43
CA LYS T 31 46.47 92.22 50.35
C LYS T 31 47.83 91.56 50.64
N SER T 32 48.73 92.32 51.30
CA SER T 32 50.07 91.85 51.67
C SER T 32 50.08 91.13 53.03
N VAL T 33 48.91 90.67 53.43
CA VAL T 33 48.75 89.97 54.70
C VAL T 33 49.56 88.69 54.72
N THR T 34 50.06 88.37 55.89
CA THR T 34 50.87 87.18 56.05
C THR T 34 50.11 86.18 56.87
N CYS T 35 49.17 86.65 57.68
CA CYS T 35 48.36 85.78 58.53
C CYS T 35 47.28 86.59 59.20
N THR T 36 46.03 86.18 59.03
CA THR T 36 44.92 86.89 59.65
C THR T 36 43.93 85.90 60.26
N TYR T 37 43.10 86.38 61.18
CA TYR T 37 42.11 85.55 61.85
C TYR T 37 40.72 86.13 61.66
N SER T 38 39.73 85.27 61.38
CA SER T 38 38.35 85.69 61.20
C SER T 38 37.50 85.13 62.33
N PRO T 39 37.26 85.96 63.35
CA PRO T 39 36.47 85.57 64.51
C PRO T 39 35.10 85.00 64.11
N ALA T 40 34.49 85.60 63.08
CA ALA T 40 33.17 85.21 62.59
C ALA T 40 33.20 83.79 62.03
N LEU T 41 34.34 83.42 61.45
CA LEU T 41 34.50 82.10 60.86
C LEU T 41 35.38 81.15 61.68
N ASN T 42 36.12 81.70 62.65
CA ASN T 42 37.04 80.93 63.52
C ASN T 42 38.02 80.32 62.52
N LYS T 43 38.46 81.11 61.57
CA LYS T 43 39.33 80.57 60.55
C LYS T 43 40.49 81.49 60.40
N MET T 44 41.69 80.92 60.30
CA MET T 44 42.89 81.71 60.14
C MET T 44 43.48 81.52 58.75
N PHE T 45 43.54 82.60 57.98
CA PHE T 45 44.10 82.53 56.64
C PHE T 45 45.57 82.95 56.69
N CYS T 46 46.47 82.09 56.21
CA CYS T 46 47.90 82.41 56.24
C CYS T 46 48.63 81.91 54.99
N GLN T 47 49.89 82.33 54.82
CA GLN T 47 50.68 81.91 53.67
C GLN T 47 51.47 80.65 53.98
N LEU T 48 51.98 79.98 52.94
CA LEU T 48 52.75 78.74 53.09
C LEU T 48 54.05 79.01 53.80
N ALA T 49 54.33 78.21 54.84
CA ALA T 49 55.56 78.33 55.64
C ALA T 49 55.81 79.74 56.13
N LYS T 50 54.85 80.33 56.83
CA LYS T 50 55.02 81.69 57.33
C LYS T 50 54.63 81.73 58.77
N THR T 51 55.05 82.79 59.45
CA THR T 51 54.77 82.93 60.86
C THR T 51 53.27 83.05 61.18
N CYS T 52 52.77 82.14 62.00
CA CYS T 52 51.37 82.14 62.42
C CYS T 52 51.26 82.18 63.92
N PRO T 53 51.30 83.37 64.50
CA PRO T 53 51.20 83.58 65.93
C PRO T 53 49.85 83.22 66.52
N VAL T 54 49.88 82.34 67.50
CA VAL T 54 48.69 81.89 68.21
C VAL T 54 48.92 82.23 69.70
N GLN T 55 48.11 83.13 70.25
CA GLN T 55 48.22 83.51 71.66
C GLN T 55 47.49 82.57 72.62
N LEU T 56 48.14 82.29 73.74
CA LEU T 56 47.57 81.42 74.75
C LEU T 56 47.04 82.29 75.91
N TRP T 57 45.75 82.16 76.20
CA TRP T 57 45.16 82.92 77.29
C TRP T 57 44.63 82.02 78.40
N VAL T 58 45.07 82.33 79.62
CA VAL T 58 44.66 81.60 80.81
C VAL T 58 44.47 82.57 82.00
N ASP T 59 43.42 82.34 82.79
CA ASP T 59 43.16 83.18 83.96
C ASP T 59 44.17 82.88 85.09
N SER T 60 44.37 81.60 85.36
CA SER T 60 45.31 81.16 86.38
C SER T 60 46.41 80.29 85.78
N THR T 61 47.59 80.86 85.58
CA THR T 61 48.74 80.15 84.98
C THR T 61 48.86 78.70 85.47
N PRO T 62 48.77 77.74 84.53
CA PRO T 62 48.88 76.31 84.84
C PRO T 62 50.18 75.97 85.53
N PRO T 63 50.22 74.79 86.19
CA PRO T 63 51.42 74.33 86.90
C PRO T 63 52.60 74.07 85.95
N PRO T 64 53.78 73.74 86.49
CA PRO T 64 54.97 73.47 85.67
C PRO T 64 54.87 72.12 84.97
N GLY T 65 55.59 71.98 83.86
CA GLY T 65 55.58 70.75 83.08
C GLY T 65 54.42 70.68 82.12
N THR T 66 53.65 71.76 82.03
CA THR T 66 52.49 71.83 81.14
C THR T 66 52.97 72.04 79.73
N ARG T 67 52.38 71.28 78.81
CA ARG T 67 52.73 71.36 77.40
C ARG T 67 51.53 71.78 76.53
N VAL T 68 51.86 72.39 75.39
CA VAL T 68 50.88 72.84 74.42
C VAL T 68 51.03 72.04 73.13
N ARG T 69 50.12 71.10 72.89
CA ARG T 69 50.15 70.26 71.69
C ARG T 69 49.22 70.81 70.60
N ALA T 70 49.77 70.99 69.40
CA ALA T 70 49.00 71.46 68.25
C ALA T 70 48.81 70.30 67.25
N MET T 71 47.58 69.89 67.02
CA MET T 71 47.33 68.82 66.07
C MET T 71 46.37 69.30 64.98
N ALA T 72 46.34 68.63 63.83
CA ALA T 72 45.42 69.01 62.75
C ALA T 72 44.54 67.84 62.29
N ILE T 73 43.30 68.14 61.95
CA ILE T 73 42.36 67.12 61.45
C ILE T 73 41.46 67.69 60.39
N TYR T 74 40.67 66.84 59.74
CA TYR T 74 39.77 67.30 58.70
C TYR T 74 38.37 67.54 59.23
N LYS T 75 37.87 68.76 59.04
CA LYS T 75 36.56 69.15 59.54
C LYS T 75 35.44 68.18 59.21
N GLN T 76 35.23 67.92 57.92
CA GLN T 76 34.18 67.02 57.49
C GLN T 76 34.28 65.63 58.12
N SER T 77 33.14 65.09 58.52
CA SER T 77 33.07 63.78 59.15
C SER T 77 33.49 62.62 58.27
N GLN T 78 33.20 62.71 56.98
CA GLN T 78 33.55 61.65 56.04
C GLN T 78 35.05 61.55 55.75
N HIS T 79 35.82 62.49 56.27
CA HIS T 79 37.26 62.50 56.07
C HIS T 79 38.00 62.63 57.38
N MET T 80 37.26 62.66 58.47
CA MET T 80 37.86 62.83 59.79
C MET T 80 38.80 61.69 60.14
N THR T 81 38.47 60.47 59.71
CA THR T 81 39.30 59.29 59.95
C THR T 81 40.63 59.36 59.18
N GLU T 82 40.66 60.22 58.16
CA GLU T 82 41.85 60.36 57.33
C GLU T 82 42.90 61.19 58.06
N VAL T 83 44.13 60.71 58.03
CA VAL T 83 45.21 61.39 58.72
C VAL T 83 45.71 62.62 57.98
N VAL T 84 45.71 63.76 58.67
CA VAL T 84 46.19 65.00 58.08
C VAL T 84 47.71 65.08 58.05
N ARG T 85 48.25 65.09 56.84
CA ARG T 85 49.68 65.16 56.62
C ARG T 85 50.08 66.05 55.44
N ARG T 86 51.34 66.02 55.05
CA ARG T 86 51.75 66.84 53.94
C ARG T 86 51.50 66.13 52.60
N CYS T 87 51.30 66.94 51.55
CA CYS T 87 51.05 66.40 50.23
C CYS T 87 52.35 65.76 49.68
N PRO T 88 52.23 64.83 48.70
CA PRO T 88 53.41 64.17 48.14
C PRO T 88 54.54 65.08 47.80
N HIS T 89 54.22 66.11 47.04
CA HIS T 89 55.26 67.03 46.62
C HIS T 89 56.01 67.74 47.72
N HIS T 90 55.28 68.50 48.53
CA HIS T 90 55.90 69.25 49.62
C HIS T 90 56.63 68.42 50.68
N GLU T 91 56.29 67.13 50.79
CA GLU T 91 56.96 66.28 51.75
C GLU T 91 58.30 65.85 51.17
N ARG T 92 58.55 66.20 49.92
CA ARG T 92 59.81 65.85 49.27
C ARG T 92 60.63 67.10 49.06
N CYS T 93 60.31 68.17 49.79
CA CYS T 93 61.05 69.42 49.65
C CYS T 93 62.17 69.55 50.64
N SER T 94 63.10 70.45 50.33
CA SER T 94 64.27 70.72 51.16
C SER T 94 63.98 71.79 52.21
N ASP T 95 62.73 71.84 52.67
CA ASP T 95 62.31 72.81 53.67
C ASP T 95 62.50 72.29 55.09
N SER T 96 63.10 71.11 55.20
CA SER T 96 63.36 70.50 56.50
C SER T 96 64.19 71.43 57.40
N ASP T 97 63.62 71.81 58.55
CA ASP T 97 64.27 72.67 59.53
C ASP T 97 65.17 71.82 60.45
N GLY T 98 65.24 70.52 60.17
CA GLY T 98 66.04 69.60 60.96
C GLY T 98 65.24 68.82 61.99
N LEU T 99 64.58 69.56 62.87
CA LEU T 99 63.76 68.99 63.95
C LEU T 99 62.47 68.38 63.41
N ALA T 100 61.69 69.19 62.70
CA ALA T 100 60.41 68.76 62.16
C ALA T 100 60.51 67.77 61.01
N PRO T 101 59.87 66.61 61.15
CA PRO T 101 59.89 65.61 60.08
C PRO T 101 59.31 66.18 58.78
N PRO T 102 59.66 65.60 57.62
CA PRO T 102 59.15 66.09 56.33
C PRO T 102 57.61 65.92 56.09
N GLN T 103 56.95 65.02 56.81
CA GLN T 103 55.51 64.81 56.61
C GLN T 103 54.63 65.48 57.67
N HIS T 104 55.17 66.48 58.35
CA HIS T 104 54.41 67.17 59.38
C HIS T 104 53.83 68.46 58.86
N LEU T 105 52.51 68.59 58.92
CA LEU T 105 51.82 69.80 58.45
C LEU T 105 52.16 71.02 59.28
N ILE T 106 51.71 71.00 60.53
CA ILE T 106 51.97 72.08 61.48
C ILE T 106 53.39 72.01 62.04
N ARG T 107 54.04 73.18 62.12
CA ARG T 107 55.39 73.28 62.66
C ARG T 107 55.48 74.41 63.67
N VAL T 108 56.41 74.28 64.61
CA VAL T 108 56.64 75.32 65.61
C VAL T 108 57.93 76.07 65.26
N GLU T 109 57.86 77.40 65.29
CA GLU T 109 59.01 78.25 64.96
C GLU T 109 59.68 78.91 66.18
N GLY T 110 61.01 78.88 66.22
CA GLY T 110 61.78 79.47 67.31
C GLY T 110 61.63 78.87 68.70
N ASN T 111 61.30 77.58 68.77
CA ASN T 111 61.13 76.95 70.07
C ASN T 111 62.02 75.73 70.14
N LEU T 112 63.20 75.92 70.74
CA LEU T 112 64.19 74.86 70.87
C LEU T 112 63.73 73.62 71.60
N ARG T 113 62.71 73.76 72.45
CA ARG T 113 62.20 72.63 73.22
C ARG T 113 60.99 71.97 72.57
N VAL T 114 60.90 72.08 71.24
CA VAL T 114 59.77 71.51 70.52
C VAL T 114 59.92 69.99 70.40
N GLU T 115 58.80 69.29 70.35
CA GLU T 115 58.82 67.84 70.24
C GLU T 115 57.72 67.32 69.31
N TYR T 116 58.10 66.74 68.18
CA TYR T 116 57.11 66.22 67.24
C TYR T 116 56.75 64.79 67.57
N LEU T 117 55.52 64.37 67.28
CA LEU T 117 55.11 63.00 67.59
C LEU T 117 54.37 62.29 66.48
N ASP T 118 54.71 61.00 66.29
CA ASP T 118 54.09 60.15 65.28
C ASP T 118 53.40 59.00 66.01
N ASP T 119 52.32 59.33 66.71
CA ASP T 119 51.56 58.36 67.48
C ASP T 119 51.44 57.05 66.72
N ARG T 120 52.03 56.01 67.26
CA ARG T 120 52.00 54.68 66.64
C ARG T 120 50.63 53.99 66.72
N ASN T 121 49.74 54.52 67.54
CA ASN T 121 48.41 53.93 67.68
C ASN T 121 47.35 54.63 66.83
N THR T 122 47.41 55.96 66.81
CA THR T 122 46.44 56.74 66.06
C THR T 122 47.03 57.27 64.76
N PHE T 123 48.32 57.04 64.53
CA PHE T 123 49.01 57.47 63.31
C PHE T 123 48.98 58.99 63.16
N ARG T 124 48.34 59.65 64.13
CA ARG T 124 48.19 61.10 64.13
C ARG T 124 49.49 61.86 64.30
N HIS T 125 49.62 62.99 63.60
CA HIS T 125 50.82 63.82 63.70
C HIS T 125 50.54 65.00 64.61
N SER T 126 51.55 65.44 65.35
CA SER T 126 51.38 66.56 66.28
C SER T 126 52.70 67.15 66.70
N VAL T 127 52.65 68.38 67.19
CA VAL T 127 53.84 69.10 67.65
C VAL T 127 53.57 69.71 69.01
N VAL T 128 54.36 69.33 70.00
CA VAL T 128 54.17 69.82 71.35
C VAL T 128 55.29 70.74 71.79
N VAL T 129 55.00 71.63 72.73
CA VAL T 129 56.00 72.56 73.25
C VAL T 129 55.71 72.90 74.71
N PRO T 130 56.76 73.08 75.52
CA PRO T 130 56.59 73.41 76.94
C PRO T 130 55.91 74.76 77.14
N TYR T 131 54.83 74.75 77.91
CA TYR T 131 54.10 75.97 78.21
C TYR T 131 54.98 76.93 78.99
N GLU T 132 54.87 78.21 78.66
CA GLU T 132 55.65 79.23 79.35
C GLU T 132 54.74 80.36 79.84
N PRO T 133 55.04 80.94 81.03
CA PRO T 133 54.23 82.02 81.59
C PRO T 133 54.34 83.28 80.77
N PRO T 134 53.23 84.01 80.64
CA PRO T 134 53.22 85.26 79.88
C PRO T 134 54.36 86.18 80.27
N GLU T 135 55.35 86.33 79.39
CA GLU T 135 56.49 87.20 79.65
C GLU T 135 55.98 88.54 80.19
N VAL T 136 56.68 89.07 81.18
CA VAL T 136 56.30 90.34 81.79
C VAL T 136 56.10 91.41 80.71
N GLY T 137 54.93 92.05 80.74
CA GLY T 137 54.59 93.06 79.77
C GLY T 137 53.45 92.60 78.88
N SER T 138 53.34 91.27 78.72
CA SER T 138 52.30 90.64 77.92
C SER T 138 51.42 89.78 78.82
N ASP T 139 50.13 89.71 78.49
CA ASP T 139 49.18 88.94 79.28
C ASP T 139 48.95 87.54 78.72
N CYS T 140 49.73 87.16 77.72
CA CYS T 140 49.59 85.85 77.10
C CYS T 140 50.88 85.41 76.41
N THR T 141 51.04 84.10 76.29
CA THR T 141 52.22 83.51 75.66
C THR T 141 51.89 83.32 74.18
N THR T 142 52.80 83.72 73.30
CA THR T 142 52.59 83.59 71.87
C THR T 142 53.44 82.48 71.26
N ILE T 143 52.79 81.55 70.55
CA ILE T 143 53.48 80.44 69.90
C ILE T 143 53.45 80.64 68.40
N HIS T 144 54.62 80.65 67.75
CA HIS T 144 54.68 80.85 66.31
C HIS T 144 54.63 79.55 65.53
N TYR T 145 53.50 79.30 64.87
CA TYR T 145 53.29 78.08 64.08
C TYR T 145 53.53 78.32 62.59
N ASN T 146 53.88 77.24 61.87
CA ASN T 146 54.09 77.28 60.43
C ASN T 146 53.39 76.11 59.75
N TYR T 147 52.66 76.41 58.68
CA TYR T 147 51.96 75.37 57.91
C TYR T 147 52.74 75.13 56.63
N MET T 148 53.09 73.87 56.40
CA MET T 148 53.89 73.51 55.25
C MET T 148 53.15 72.81 54.10
N CYS T 149 51.96 73.29 53.76
CA CYS T 149 51.18 72.67 52.70
C CYS T 149 49.89 73.43 52.51
N ASN T 150 49.75 74.01 51.31
CA ASN T 150 48.57 74.75 50.91
C ASN T 150 47.34 73.86 51.01
N SER T 151 46.17 74.48 51.02
CA SER T 151 44.92 73.73 51.14
C SER T 151 44.41 73.37 49.77
N SER T 152 45.20 73.75 48.77
CA SER T 152 44.86 73.46 47.39
C SER T 152 45.49 72.17 46.96
N CYS T 153 46.46 71.71 47.73
CA CYS T 153 47.19 70.49 47.43
C CYS T 153 46.32 69.25 47.61
N MET T 154 45.13 69.42 48.17
CA MET T 154 44.26 68.29 48.39
C MET T 154 42.81 68.47 47.93
N GLY T 155 42.50 69.68 47.47
CA GLY T 155 41.13 69.94 47.06
C GLY T 155 40.81 71.25 46.36
N GLY T 156 41.82 72.07 46.14
CA GLY T 156 41.56 73.31 45.43
C GLY T 156 40.35 74.11 45.89
N MET T 157 39.18 73.72 45.43
CA MET T 157 37.98 74.43 45.79
C MET T 157 37.57 74.15 47.21
N ASN T 158 38.52 73.98 48.11
CA ASN T 158 38.21 73.71 49.51
C ASN T 158 37.34 72.46 49.67
N ARG T 159 37.82 71.39 49.07
CA ARG T 159 37.13 70.11 49.14
C ARG T 159 37.42 69.46 50.46
N ARG T 160 38.60 69.74 51.00
CA ARG T 160 39.06 69.19 52.28
C ARG T 160 39.61 70.28 53.20
N PRO T 161 38.74 70.86 54.05
CA PRO T 161 39.13 71.92 54.99
C PRO T 161 39.89 71.32 56.19
N ILE T 162 40.90 72.04 56.64
CA ILE T 162 41.71 71.57 57.75
C ILE T 162 41.39 72.33 59.03
N LEU T 163 41.26 71.59 60.12
CA LEU T 163 41.00 72.18 61.42
C LEU T 163 42.18 71.88 62.38
N THR T 164 42.63 72.90 63.11
CA THR T 164 43.73 72.77 64.08
C THR T 164 43.20 72.66 65.53
N ILE T 165 43.56 71.57 66.22
CA ILE T 165 43.12 71.34 67.58
C ILE T 165 44.23 71.61 68.56
N ILE T 166 44.27 72.82 69.12
CA ILE T 166 45.29 73.21 70.10
C ILE T 166 44.91 72.65 71.46
N THR T 167 45.74 71.79 72.02
CA THR T 167 45.44 71.17 73.31
C THR T 167 46.46 71.59 74.36
N LEU T 168 45.99 71.70 75.60
CA LEU T 168 46.83 72.04 76.75
C LEU T 168 46.81 70.85 77.72
N GLU T 169 47.93 70.14 77.83
CA GLU T 169 48.02 68.97 78.69
C GLU T 169 49.19 69.04 79.67
N ASP T 170 49.06 68.30 80.77
CA ASP T 170 50.09 68.27 81.80
C ASP T 170 51.29 67.48 81.32
N SER T 171 52.04 66.93 82.27
CA SER T 171 53.24 66.15 81.95
C SER T 171 52.92 64.73 81.43
N SER T 172 51.94 64.09 82.04
CA SER T 172 51.53 62.75 81.66
C SER T 172 50.70 62.76 80.38
N GLY T 173 50.25 63.93 79.96
CA GLY T 173 49.48 64.04 78.73
C GLY T 173 47.98 63.96 78.94
N ASN T 174 47.47 64.76 79.86
CA ASN T 174 46.05 64.78 80.16
C ASN T 174 45.49 66.16 79.83
N LEU T 175 44.25 66.17 79.36
CA LEU T 175 43.57 67.40 78.97
C LEU T 175 43.44 68.38 80.13
N LEU T 176 43.63 69.65 79.80
CA LEU T 176 43.55 70.71 80.79
C LEU T 176 42.91 71.92 80.14
N GLY T 177 42.96 71.94 78.80
CA GLY T 177 42.40 73.05 78.03
C GLY T 177 42.42 72.64 76.58
N ARG T 178 41.46 73.09 75.78
CA ARG T 178 41.40 72.72 74.35
C ARG T 178 40.49 73.60 73.50
N ASN T 179 41.10 74.26 72.51
CA ASN T 179 40.40 75.12 71.57
C ASN T 179 40.74 74.69 70.15
N SER T 180 40.01 75.20 69.16
CA SER T 180 40.27 74.82 67.78
C SER T 180 39.84 75.87 66.81
N PHE T 181 40.70 76.15 65.83
CA PHE T 181 40.39 77.12 64.80
C PHE T 181 40.65 76.52 63.41
N GLU T 182 39.76 76.81 62.46
CA GLU T 182 39.90 76.31 61.09
C GLU T 182 41.07 77.03 60.41
N VAL T 183 41.87 76.30 59.63
CA VAL T 183 43.03 76.88 58.94
C VAL T 183 42.97 76.77 57.42
N ARG T 184 43.38 77.83 56.75
CA ARG T 184 43.38 77.81 55.31
C ARG T 184 44.68 78.40 54.83
N VAL T 185 45.51 77.59 54.15
CA VAL T 185 46.79 78.05 53.64
C VAL T 185 46.64 78.50 52.20
N CYS T 186 46.76 79.80 51.97
CA CYS T 186 46.60 80.37 50.64
C CYS T 186 47.68 81.38 50.32
N ALA T 187 47.48 82.12 49.23
CA ALA T 187 48.48 83.10 48.81
C ALA T 187 48.09 84.51 49.17
N CYS T 188 46.81 84.73 49.39
CA CYS T 188 46.32 86.07 49.74
C CYS T 188 45.36 85.96 50.91
N PRO T 189 45.89 85.85 52.14
CA PRO T 189 45.08 85.73 53.35
C PRO T 189 44.00 86.81 53.47
N GLY T 190 44.35 88.03 53.07
CA GLY T 190 43.41 89.13 53.15
C GLY T 190 42.23 88.95 52.22
N ARG T 191 42.55 88.87 50.93
CA ARG T 191 41.56 88.68 49.90
C ARG T 191 40.64 87.49 50.20
N ASP T 192 41.21 86.42 50.72
CA ASP T 192 40.42 85.24 51.00
C ASP T 192 39.57 85.37 52.25
N ARG T 193 39.96 86.28 53.15
CA ARG T 193 39.21 86.49 54.41
C ARG T 193 38.06 87.44 54.19
N ARG T 194 38.36 88.54 53.52
CA ARG T 194 37.35 89.55 53.23
C ARG T 194 36.19 88.94 52.47
N THR T 195 36.50 88.21 51.41
CA THR T 195 35.49 87.60 50.57
C THR T 195 34.71 86.48 51.27
N GLU T 196 35.42 85.58 51.95
CA GLU T 196 34.76 84.50 52.66
C GLU T 196 33.80 84.99 53.74
N GLU T 197 34.10 86.17 54.31
CA GLU T 197 33.24 86.75 55.34
C GLU T 197 32.08 87.43 54.64
N GLU T 198 32.37 87.98 53.47
CA GLU T 198 31.38 88.66 52.67
C GLU T 198 30.26 87.70 52.27
N ASN T 199 30.55 86.39 52.33
CA ASN T 199 29.55 85.37 51.99
C ASN T 199 28.72 84.99 53.21
N LEU T 200 28.77 85.83 54.23
CA LEU T 200 28.01 85.61 55.47
C LEU T 200 28.32 84.23 56.03
N SER U 2 58.05 2.79 24.48
CA SER U 2 57.40 2.71 25.83
C SER U 2 56.33 1.61 25.86
N PRO U 3 56.77 0.34 25.91
CA PRO U 3 55.86 -0.82 25.95
C PRO U 3 55.33 -1.15 27.36
N LEU U 4 54.06 -1.50 27.42
CA LEU U 4 53.42 -1.83 28.69
C LEU U 4 53.78 -3.27 29.05
N SER U 5 53.65 -3.60 30.33
CA SER U 5 53.97 -4.96 30.78
C SER U 5 52.70 -5.72 31.15
N SER U 6 52.80 -7.04 31.16
CA SER U 6 51.66 -7.89 31.50
C SER U 6 51.55 -8.11 33.01
N SER U 7 52.72 -8.21 33.66
CA SER U 7 52.80 -8.44 35.11
C SER U 7 52.61 -7.14 35.86
N VAL U 8 52.12 -7.25 37.09
CA VAL U 8 51.89 -6.09 37.93
C VAL U 8 52.12 -6.48 39.39
N PRO U 9 53.33 -6.20 39.90
CA PRO U 9 53.69 -6.51 41.27
C PRO U 9 52.65 -6.05 42.29
N SER U 10 52.50 -6.83 43.37
CA SER U 10 51.56 -6.49 44.45
C SER U 10 52.23 -5.58 45.49
N GLN U 11 51.43 -4.72 46.10
CA GLN U 11 51.93 -3.80 47.09
C GLN U 11 51.40 -4.20 48.46
N LYS U 12 51.02 -5.45 48.58
CA LYS U 12 50.47 -5.97 49.83
C LYS U 12 51.59 -6.04 50.86
N THR U 13 51.37 -5.42 52.03
CA THR U 13 52.36 -5.43 53.10
C THR U 13 52.47 -6.83 53.70
N TYR U 14 53.64 -7.44 53.53
CA TYR U 14 53.87 -8.79 54.03
C TYR U 14 55.11 -8.80 54.91
N GLN U 15 54.89 -8.66 56.22
CA GLN U 15 56.00 -8.68 57.16
C GLN U 15 56.76 -9.98 57.07
N GLY U 16 56.06 -11.05 56.71
CA GLY U 16 56.70 -12.34 56.57
C GLY U 16 56.89 -13.12 57.86
N SER U 17 57.67 -14.20 57.78
CA SER U 17 57.96 -15.06 58.94
C SER U 17 59.15 -14.51 59.75
N TYR U 18 59.71 -13.39 59.31
CA TYR U 18 60.84 -12.76 59.98
C TYR U 18 60.48 -11.40 60.58
N GLY U 19 59.22 -11.00 60.38
CA GLY U 19 58.78 -9.71 60.89
C GLY U 19 59.52 -8.57 60.21
N PHE U 20 59.22 -8.36 58.93
CA PHE U 20 59.88 -7.34 58.16
C PHE U 20 59.08 -6.05 58.26
N ARG U 21 59.77 -4.97 58.65
CA ARG U 21 59.15 -3.65 58.77
C ARG U 21 60.13 -2.58 58.28
N LEU U 22 59.60 -1.44 57.85
CA LEU U 22 60.39 -0.32 57.35
C LEU U 22 60.41 0.86 58.32
N GLY U 23 61.57 1.51 58.41
CA GLY U 23 61.74 2.63 59.32
C GLY U 23 62.31 3.80 58.56
N PHE U 24 61.98 5.03 58.98
CA PHE U 24 62.44 6.26 58.33
C PHE U 24 62.91 7.28 59.37
N LEU U 25 63.80 8.16 58.95
CA LEU U 25 64.33 9.17 59.84
C LEU U 25 63.45 10.40 59.89
N HIS U 26 63.00 10.75 61.09
CA HIS U 26 62.14 11.92 61.31
C HIS U 26 62.99 13.18 61.19
N SER U 27 63.12 13.68 59.96
CA SER U 27 63.90 14.87 59.67
C SER U 27 63.11 16.19 59.81
N GLY U 28 62.01 16.14 60.55
CA GLY U 28 61.19 17.33 60.75
C GLY U 28 60.58 17.87 59.47
N THR U 29 59.80 18.94 59.58
CA THR U 29 59.14 19.53 58.43
C THR U 29 59.59 20.98 58.22
N ALA U 30 60.91 21.20 58.25
CA ALA U 30 61.46 22.53 58.06
C ALA U 30 61.44 22.93 56.57
N LYS U 31 62.31 23.85 56.18
CA LYS U 31 62.39 24.29 54.79
C LYS U 31 63.55 23.63 54.02
N SER U 32 64.74 23.67 54.61
CA SER U 32 65.96 23.07 54.04
C SER U 32 66.00 21.54 54.21
N VAL U 33 64.82 20.94 54.27
CA VAL U 33 64.70 19.49 54.44
C VAL U 33 65.17 18.74 53.21
N THR U 34 65.95 17.70 53.45
CA THR U 34 66.47 16.91 52.35
C THR U 34 65.56 15.74 52.12
N CYS U 35 65.23 15.01 53.18
CA CYS U 35 64.33 13.87 53.05
C CYS U 35 63.56 13.72 54.34
N THR U 36 62.26 13.46 54.23
CA THR U 36 61.41 13.24 55.40
C THR U 36 60.31 12.17 55.14
N TYR U 37 59.67 11.71 56.21
CA TYR U 37 58.63 10.69 56.08
C TYR U 37 57.38 11.13 56.80
N SER U 38 56.23 10.92 56.17
CA SER U 38 54.96 11.29 56.74
C SER U 38 54.17 10.06 57.10
N PRO U 39 54.24 9.67 58.39
CA PRO U 39 53.55 8.48 58.92
C PRO U 39 52.09 8.50 58.57
N ALA U 40 51.49 9.68 58.61
CA ALA U 40 50.09 9.80 58.30
C ALA U 40 49.80 9.46 56.85
N LEU U 41 50.62 9.99 55.97
CA LEU U 41 50.42 9.78 54.54
C LEU U 41 51.13 8.55 53.98
N ASN U 42 52.12 8.06 54.74
CA ASN U 42 52.93 6.90 54.37
C ASN U 42 53.64 7.32 53.10
N LYS U 43 54.17 8.53 53.12
CA LYS U 43 54.81 9.06 51.93
C LYS U 43 56.19 9.59 52.27
N MET U 44 57.13 9.43 51.35
CA MET U 44 58.47 9.91 51.59
C MET U 44 58.84 11.11 50.71
N PHE U 45 58.75 12.31 51.26
CA PHE U 45 59.08 13.51 50.50
C PHE U 45 60.58 13.77 50.52
N CYS U 46 61.21 13.80 49.35
CA CYS U 46 62.65 14.04 49.26
C CYS U 46 63.06 14.81 48.00
N GLN U 47 64.28 15.34 48.02
CA GLN U 47 64.79 16.08 46.88
C GLN U 47 65.32 15.13 45.81
N LEU U 48 65.71 15.70 44.66
CA LEU U 48 66.22 14.91 43.53
C LEU U 48 67.64 14.47 43.78
N ALA U 49 67.93 13.22 43.42
CA ALA U 49 69.26 12.62 43.59
C ALA U 49 69.88 12.88 44.98
N LYS U 50 69.08 12.74 46.03
CA LYS U 50 69.57 12.96 47.38
C LYS U 50 69.48 11.68 48.17
N THR U 51 70.30 11.58 49.21
CA THR U 51 70.31 10.39 50.05
C THR U 51 69.00 10.16 50.78
N CYS U 52 68.37 9.03 50.51
CA CYS U 52 67.10 8.71 51.18
C CYS U 52 67.29 7.47 52.03
N PRO U 53 67.64 7.67 53.32
CA PRO U 53 67.85 6.56 54.26
C PRO U 53 66.59 5.78 54.63
N VAL U 54 66.54 4.52 54.19
CA VAL U 54 65.43 3.61 54.48
C VAL U 54 65.94 2.51 55.43
N GLN U 55 65.32 2.39 56.60
CA GLN U 55 65.72 1.39 57.58
C GLN U 55 64.89 0.11 57.50
N LEU U 56 65.59 -1.03 57.46
CA LEU U 56 64.95 -2.34 57.41
C LEU U 56 64.90 -2.93 58.82
N TRP U 57 63.68 -3.20 59.29
CA TRP U 57 63.51 -3.77 60.63
C TRP U 57 62.98 -5.18 60.57
N VAL U 58 63.67 -6.05 61.30
CA VAL U 58 63.33 -7.47 61.39
C VAL U 58 63.43 -7.99 62.84
N ASP U 59 62.50 -8.86 63.23
CA ASP U 59 62.51 -9.41 64.57
C ASP U 59 63.64 -10.42 64.72
N SER U 60 63.84 -11.22 63.68
CA SER U 60 64.86 -12.26 63.64
C SER U 60 65.69 -12.24 62.33
N THR U 61 66.98 -11.98 62.45
CA THR U 61 67.83 -11.89 61.27
C THR U 61 67.67 -13.09 60.34
N PRO U 62 67.09 -12.88 59.15
CA PRO U 62 66.86 -13.93 58.14
C PRO U 62 68.18 -14.59 57.71
N PRO U 63 68.09 -15.68 56.89
CA PRO U 63 69.28 -16.40 56.40
C PRO U 63 70.16 -15.57 55.47
N PRO U 64 71.43 -15.97 55.29
CA PRO U 64 72.36 -15.24 54.42
C PRO U 64 72.01 -15.44 52.94
N GLY U 65 72.53 -14.57 52.08
CA GLY U 65 72.24 -14.68 50.66
C GLY U 65 70.96 -13.97 50.26
N THR U 66 70.20 -13.51 51.24
CA THR U 66 68.94 -12.78 51.00
C THR U 66 69.23 -11.36 50.56
N ARG U 67 68.43 -10.87 49.62
CA ARG U 67 68.63 -9.53 49.11
C ARG U 67 67.40 -8.65 49.31
N VAL U 68 67.62 -7.34 49.23
CA VAL U 68 66.57 -6.33 49.39
C VAL U 68 66.25 -5.68 48.02
N ARG U 69 65.18 -6.15 47.41
CA ARG U 69 64.77 -5.64 46.11
C ARG U 69 63.88 -4.39 46.24
N ALA U 70 64.29 -3.32 45.55
CA ALA U 70 63.56 -2.05 45.52
C ALA U 70 62.98 -1.81 44.11
N MET U 71 61.66 -1.82 44.00
CA MET U 71 60.99 -1.61 42.71
C MET U 71 59.90 -0.54 42.83
N ALA U 72 59.85 0.38 41.88
CA ALA U 72 58.85 1.46 41.87
C ALA U 72 57.72 1.19 40.91
N ILE U 73 56.52 1.59 41.30
CA ILE U 73 55.37 1.43 40.44
C ILE U 73 54.47 2.66 40.53
N TYR U 74 53.33 2.63 39.85
CA TYR U 74 52.40 3.74 39.87
C TYR U 74 51.18 3.40 40.73
N LYS U 75 51.03 4.15 41.81
CA LYS U 75 49.95 3.95 42.76
C LYS U 75 48.59 3.85 42.08
N GLN U 76 48.38 4.61 41.01
CA GLN U 76 47.08 4.55 40.36
C GLN U 76 46.90 3.35 39.44
N SER U 77 45.79 2.64 39.62
CA SER U 77 45.52 1.45 38.82
C SER U 77 45.52 1.71 37.31
N GLN U 78 45.04 2.87 36.91
CA GLN U 78 44.99 3.23 35.50
C GLN U 78 46.34 3.16 34.80
N HIS U 79 47.41 3.49 35.50
CA HIS U 79 48.72 3.46 34.89
C HIS U 79 49.60 2.48 35.62
N MET U 80 48.97 1.51 36.28
CA MET U 80 49.72 0.51 37.04
C MET U 80 50.61 -0.36 36.15
N THR U 81 50.04 -0.80 35.02
CA THR U 81 50.76 -1.62 34.04
C THR U 81 51.94 -0.85 33.43
N GLU U 82 51.77 0.45 33.26
CA GLU U 82 52.81 1.28 32.70
C GLU U 82 54.07 1.17 33.56
N VAL U 83 55.18 0.80 32.93
CA VAL U 83 56.43 0.63 33.64
C VAL U 83 57.02 1.97 34.07
N VAL U 84 57.46 2.05 35.32
CA VAL U 84 58.06 3.26 35.84
C VAL U 84 59.50 3.42 35.38
N ARG U 85 59.84 4.60 34.89
CA ARG U 85 61.21 4.88 34.43
C ARG U 85 61.48 6.37 34.44
N ARG U 86 62.75 6.76 34.32
CA ARG U 86 63.11 8.18 34.28
C ARG U 86 62.56 8.85 33.03
N CYS U 87 62.29 10.15 33.14
CA CYS U 87 61.75 10.90 32.02
C CYS U 87 62.81 11.00 30.92
N PRO U 88 62.38 11.34 29.69
CA PRO U 88 63.33 11.46 28.58
C PRO U 88 64.57 12.29 28.87
N HIS U 89 64.35 13.51 29.32
CA HIS U 89 65.45 14.41 29.59
C HIS U 89 66.44 13.91 30.58
N HIS U 90 65.97 13.62 31.78
CA HIS U 90 66.86 13.15 32.82
C HIS U 90 67.66 11.89 32.47
N GLU U 91 67.05 10.96 31.72
CA GLU U 91 67.75 9.72 31.35
C GLU U 91 68.88 10.01 30.35
N ARG U 92 69.08 11.28 30.04
CA ARG U 92 70.12 11.69 29.11
C ARG U 92 71.07 12.61 29.86
N CYS U 93 71.03 12.57 31.18
CA CYS U 93 71.91 13.43 31.96
C CYS U 93 73.25 12.75 32.23
N SER U 94 74.24 13.56 32.62
CA SER U 94 75.60 13.09 32.93
C SER U 94 75.75 12.71 34.42
N ASP U 95 74.65 12.26 35.01
CA ASP U 95 74.61 11.86 36.41
C ASP U 95 74.95 10.37 36.58
N SER U 96 75.37 9.74 35.50
CA SER U 96 75.71 8.31 35.52
C SER U 96 76.87 8.06 36.50
N ASP U 97 76.59 7.23 37.52
CA ASP U 97 77.58 6.87 38.55
C ASP U 97 78.49 5.78 38.00
N GLY U 98 78.03 5.14 36.92
CA GLY U 98 78.77 4.06 36.28
C GLY U 98 78.15 2.69 36.48
N LEU U 99 77.42 2.52 37.58
CA LEU U 99 76.79 1.23 37.92
C LEU U 99 75.32 1.21 37.53
N ALA U 100 74.64 2.31 37.79
CA ALA U 100 73.21 2.44 37.52
C ALA U 100 72.89 2.95 36.12
N PRO U 101 72.03 2.21 35.40
CA PRO U 101 71.61 2.58 34.06
C PRO U 101 70.86 3.91 34.10
N PRO U 102 70.98 4.70 33.03
CA PRO U 102 70.31 6.00 32.95
C PRO U 102 68.77 5.98 32.96
N GLN U 103 68.14 4.82 32.80
CA GLN U 103 66.67 4.78 32.76
C GLN U 103 66.04 4.33 34.08
N HIS U 104 66.88 3.89 35.00
CA HIS U 104 66.42 3.42 36.31
C HIS U 104 66.08 4.57 37.21
N LEU U 105 64.87 4.53 37.75
CA LEU U 105 64.39 5.57 38.65
C LEU U 105 65.13 5.56 39.99
N ILE U 106 64.85 4.50 40.74
CA ILE U 106 65.41 4.29 42.06
C ILE U 106 66.85 3.79 41.97
N ARG U 107 67.70 4.33 42.82
CA ARG U 107 69.10 3.95 42.86
C ARG U 107 69.49 3.59 44.28
N VAL U 108 70.72 3.08 44.43
CA VAL U 108 71.26 2.72 45.73
C VAL U 108 72.63 3.39 45.88
N GLU U 109 72.82 4.14 46.95
CA GLU U 109 74.08 4.84 47.18
C GLU U 109 74.96 4.15 48.20
N GLY U 110 76.27 4.09 47.91
CA GLY U 110 77.25 3.47 48.81
C GLY U 110 77.22 1.96 48.99
N ASN U 111 76.62 1.24 48.04
CA ASN U 111 76.53 -0.22 48.11
C ASN U 111 77.15 -0.81 46.84
N LEU U 112 78.42 -1.15 46.95
CA LEU U 112 79.18 -1.72 45.84
C LEU U 112 78.54 -2.97 45.23
N ARG U 113 78.10 -3.90 46.06
CA ARG U 113 77.49 -5.14 45.57
C ARG U 113 76.07 -4.94 45.03
N VAL U 114 75.79 -3.72 44.58
CA VAL U 114 74.47 -3.37 44.04
C VAL U 114 74.25 -4.06 42.70
N GLU U 115 73.02 -4.48 42.45
CA GLU U 115 72.70 -5.16 41.20
C GLU U 115 71.43 -4.63 40.57
N TYR U 116 71.57 -3.92 39.46
CA TYR U 116 70.44 -3.33 38.75
C TYR U 116 69.90 -4.33 37.74
N LEU U 117 68.60 -4.58 37.82
CA LEU U 117 67.97 -5.55 36.92
C LEU U 117 66.97 -4.97 35.92
N ASP U 118 67.07 -5.45 34.68
CA ASP U 118 66.17 -5.03 33.63
C ASP U 118 65.35 -6.26 33.24
N ASP U 119 64.36 -6.57 34.06
CA ASP U 119 63.50 -7.72 33.82
C ASP U 119 63.10 -7.80 32.34
N ARG U 120 63.41 -8.94 31.73
CA ARG U 120 63.10 -9.16 30.30
C ARG U 120 61.68 -9.69 30.04
N ASN U 121 61.00 -10.13 31.09
CA ASN U 121 59.64 -10.66 30.95
C ASN U 121 58.57 -9.67 31.40
N THR U 122 58.95 -8.76 32.31
CA THR U 122 58.00 -7.76 32.82
C THR U 122 58.44 -6.33 32.50
N PHE U 123 59.61 -6.20 31.89
CA PHE U 123 60.16 -4.91 31.49
C PHE U 123 60.28 -4.01 32.72
N ARG U 124 60.15 -4.61 33.90
CA ARG U 124 60.21 -3.85 35.14
C ARG U 124 61.64 -3.51 35.58
N HIS U 125 61.85 -2.26 35.98
CA HIS U 125 63.15 -1.82 36.43
C HIS U 125 63.22 -1.96 37.93
N SER U 126 64.40 -2.30 38.45
CA SER U 126 64.60 -2.48 39.89
C SER U 126 66.07 -2.56 40.30
N VAL U 127 66.31 -2.35 41.59
CA VAL U 127 67.66 -2.41 42.12
C VAL U 127 67.63 -3.33 43.33
N VAL U 128 68.66 -4.17 43.45
CA VAL U 128 68.75 -5.13 44.55
C VAL U 128 70.13 -5.11 45.23
N VAL U 129 70.12 -5.27 46.54
CA VAL U 129 71.34 -5.30 47.35
C VAL U 129 71.30 -6.45 48.36
N PRO U 130 72.46 -7.08 48.61
CA PRO U 130 72.57 -8.20 49.56
C PRO U 130 72.21 -7.77 50.97
N TYR U 131 71.26 -8.48 51.58
CA TYR U 131 70.85 -8.16 52.94
C TYR U 131 72.04 -8.26 53.90
N GLU U 132 72.18 -7.26 54.76
CA GLU U 132 73.24 -7.23 55.75
C GLU U 132 72.67 -7.10 57.15
N PRO U 133 73.28 -7.80 58.12
CA PRO U 133 72.81 -7.74 59.52
C PRO U 133 73.08 -6.38 60.17
N PRO U 134 72.14 -5.90 60.98
CA PRO U 134 72.31 -4.61 61.66
C PRO U 134 73.68 -4.45 62.34
N GLU U 135 74.43 -3.43 61.95
CA GLU U 135 75.74 -3.21 62.53
C GLU U 135 75.58 -3.03 64.04
N VAL U 136 76.58 -3.49 64.78
CA VAL U 136 76.58 -3.39 66.23
C VAL U 136 76.44 -1.93 66.65
N GLY U 137 75.41 -1.66 67.46
CA GLY U 137 75.12 -0.31 67.93
C GLY U 137 73.75 0.14 67.48
N SER U 138 73.36 -0.29 66.27
CA SER U 138 72.07 0.04 65.68
C SER U 138 71.18 -1.20 65.71
N ASP U 139 69.87 -0.99 65.62
CA ASP U 139 68.91 -2.09 65.66
C ASP U 139 68.23 -2.31 64.31
N CYS U 140 68.79 -1.75 63.24
CA CYS U 140 68.23 -1.90 61.90
C CYS U 140 69.23 -1.59 60.80
N THR U 141 68.97 -2.16 59.63
CA THR U 141 69.83 -1.97 58.47
C THR U 141 69.38 -0.74 57.72
N THR U 142 70.31 0.19 57.52
CA THR U 142 70.04 1.44 56.83
C THR U 142 70.63 1.46 55.40
N ILE U 143 69.75 1.35 54.42
CA ILE U 143 70.14 1.36 53.01
C ILE U 143 69.90 2.76 52.43
N HIS U 144 70.83 3.24 51.61
CA HIS U 144 70.69 4.55 50.99
C HIS U 144 70.17 4.49 49.55
N TYR U 145 68.99 5.04 49.33
CA TYR U 145 68.41 5.05 48.00
C TYR U 145 68.54 6.43 47.37
N ASN U 146 68.41 6.49 46.04
CA ASN U 146 68.46 7.73 45.27
C ASN U 146 67.40 7.77 44.18
N TYR U 147 66.65 8.85 44.13
CA TYR U 147 65.60 9.03 43.12
C TYR U 147 66.09 10.08 42.12
N MET U 148 66.16 9.67 40.85
CA MET U 148 66.64 10.55 39.79
C MET U 148 65.58 11.10 38.84
N CYS U 149 64.42 11.45 39.39
CA CYS U 149 63.36 11.99 38.54
C CYS U 149 62.24 12.58 39.38
N ASN U 150 62.11 13.92 39.33
CA ASN U 150 61.06 14.64 40.05
C ASN U 150 59.66 14.07 39.75
N SER U 151 58.70 14.40 40.59
CA SER U 151 57.37 13.87 40.37
C SER U 151 56.64 14.78 39.41
N SER U 152 57.30 15.88 39.08
CA SER U 152 56.71 16.84 38.16
C SER U 152 57.00 16.45 36.72
N CYS U 153 58.11 15.74 36.52
CA CYS U 153 58.53 15.30 35.21
C CYS U 153 57.49 14.43 34.54
N MET U 154 56.41 14.06 35.23
CA MET U 154 55.41 13.25 34.57
C MET U 154 54.03 13.56 35.00
N GLY U 155 53.84 14.68 35.68
CA GLY U 155 52.48 15.00 36.11
C GLY U 155 52.27 16.27 36.90
N GLY U 156 53.34 17.00 37.17
CA GLY U 156 53.19 18.23 37.93
C GLY U 156 52.28 18.15 39.15
N MET U 157 50.99 18.39 38.95
CA MET U 157 50.01 18.37 40.02
C MET U 157 49.83 16.99 40.65
N ASN U 158 50.86 16.16 40.56
CA ASN U 158 50.82 14.83 41.13
C ASN U 158 49.85 13.97 40.33
N ARG U 159 49.88 14.14 39.02
CA ARG U 159 49.01 13.38 38.13
C ARG U 159 49.43 11.88 38.13
N ARG U 160 50.70 11.64 38.43
CA ARG U 160 51.26 10.30 38.45
C ARG U 160 52.07 10.10 39.71
N PRO U 161 51.43 9.61 40.77
CA PRO U 161 52.12 9.37 42.04
C PRO U 161 52.96 8.10 41.97
N ILE U 162 54.19 8.17 42.49
CA ILE U 162 55.09 7.01 42.45
C ILE U 162 55.20 6.33 43.80
N LEU U 163 55.02 5.02 43.81
CA LEU U 163 55.07 4.24 45.04
C LEU U 163 56.27 3.33 45.00
N THR U 164 56.95 3.18 46.13
CA THR U 164 58.11 2.28 46.19
C THR U 164 57.76 0.94 46.87
N ILE U 165 58.29 -0.16 46.34
CA ILE U 165 58.03 -1.49 46.89
C ILE U 165 59.34 -2.14 47.34
N ILE U 166 59.56 -2.19 48.66
CA ILE U 166 60.74 -2.82 49.24
C ILE U 166 60.44 -4.30 49.51
N THR U 167 61.12 -5.18 48.78
CA THR U 167 60.92 -6.60 48.90
C THR U 167 62.14 -7.27 49.49
N LEU U 168 61.88 -8.28 50.32
CA LEU U 168 62.90 -9.10 51.00
C LEU U 168 62.78 -10.53 50.42
N GLU U 169 63.84 -10.95 49.73
CA GLU U 169 63.82 -12.25 49.09
C GLU U 169 65.18 -12.93 49.19
N ASP U 170 65.14 -14.26 49.21
CA ASP U 170 66.37 -15.06 49.30
C ASP U 170 67.22 -14.96 48.05
N SER U 171 68.20 -15.87 47.95
CA SER U 171 69.10 -15.90 46.79
C SER U 171 68.40 -16.41 45.51
N SER U 172 67.29 -17.13 45.68
CA SER U 172 66.52 -17.65 44.55
C SER U 172 65.56 -16.63 43.96
N GLY U 173 64.99 -15.78 44.81
CA GLY U 173 64.05 -14.76 44.36
C GLY U 173 62.62 -14.97 44.83
N ASN U 174 62.48 -15.62 45.97
CA ASN U 174 61.17 -15.89 46.54
C ASN U 174 60.84 -14.86 47.63
N LEU U 175 59.57 -14.51 47.72
CA LEU U 175 59.09 -13.53 48.69
C LEU U 175 59.38 -13.95 50.14
N LEU U 176 59.95 -13.04 50.93
CA LEU U 176 60.23 -13.29 52.35
C LEU U 176 59.54 -12.21 53.20
N GLY U 177 59.40 -11.03 52.59
CA GLY U 177 58.76 -9.88 53.22
C GLY U 177 58.60 -8.77 52.19
N ARG U 178 57.64 -7.87 52.42
CA ARG U 178 57.43 -6.77 51.48
C ARG U 178 56.59 -5.62 52.05
N ASN U 179 57.19 -4.43 52.04
CA ASN U 179 56.56 -3.20 52.50
C ASN U 179 56.58 -2.19 51.38
N SER U 180 55.82 -1.10 51.54
CA SER U 180 55.77 -0.08 50.51
C SER U 180 55.39 1.30 51.04
N PHE U 181 55.98 2.33 50.45
CA PHE U 181 55.68 3.70 50.84
C PHE U 181 55.59 4.60 49.59
N GLU U 182 54.73 5.59 49.63
CA GLU U 182 54.58 6.52 48.50
C GLU U 182 55.78 7.48 48.50
N VAL U 183 56.21 7.88 47.31
CA VAL U 183 57.35 8.79 47.19
C VAL U 183 57.07 10.00 46.32
N ARG U 184 57.61 11.13 46.74
CA ARG U 184 57.42 12.34 45.99
C ARG U 184 58.73 13.09 45.92
N VAL U 185 59.31 13.16 44.73
CA VAL U 185 60.56 13.87 44.55
C VAL U 185 60.29 15.33 44.24
N CYS U 186 60.62 16.21 45.17
CA CYS U 186 60.39 17.63 44.94
C CYS U 186 61.58 18.45 45.37
N ALA U 187 61.35 19.75 45.53
CA ALA U 187 62.41 20.68 45.88
C ALA U 187 62.21 21.25 47.27
N CYS U 188 61.04 20.99 47.84
CA CYS U 188 60.73 21.45 49.18
C CYS U 188 59.93 20.39 49.94
N PRO U 189 60.59 19.26 50.27
CA PRO U 189 59.96 18.18 51.00
C PRO U 189 59.29 18.68 52.28
N GLY U 190 59.93 19.65 52.93
CA GLY U 190 59.40 20.19 54.15
C GLY U 190 58.04 20.82 53.98
N ARG U 191 58.01 21.86 53.16
CA ARG U 191 56.80 22.59 52.89
C ARG U 191 55.71 21.65 52.37
N ASP U 192 56.08 20.78 51.45
CA ASP U 192 55.12 19.87 50.88
C ASP U 192 54.57 18.85 51.88
N ARG U 193 55.43 18.37 52.78
CA ARG U 193 54.99 17.40 53.75
C ARG U 193 54.03 18.05 54.72
N ARG U 194 54.39 19.22 55.20
CA ARG U 194 53.55 19.98 56.14
C ARG U 194 52.15 20.25 55.58
N THR U 195 52.10 20.90 54.43
CA THR U 195 50.82 21.22 53.83
C THR U 195 50.05 19.96 53.53
N GLU U 196 50.67 18.95 52.93
CA GLU U 196 49.93 17.75 52.60
C GLU U 196 49.30 17.08 53.79
N GLU U 197 49.95 17.21 54.95
CA GLU U 197 49.44 16.60 56.18
C GLU U 197 48.37 17.53 56.70
N GLU U 198 48.60 18.84 56.52
CA GLU U 198 47.66 19.83 56.98
C GLU U 198 46.25 19.57 56.40
N ASN U 199 46.21 19.09 55.16
CA ASN U 199 44.95 18.79 54.49
C ASN U 199 44.35 17.52 55.07
N LEU U 200 44.75 17.16 56.28
CA LEU U 200 44.26 15.96 56.99
C LEU U 200 44.47 14.71 56.12
N SER V 2 55.16 0.83 -35.19
CA SER V 2 54.72 -0.38 -34.44
C SER V 2 53.45 -1.01 -35.05
N PRO V 3 53.58 -1.67 -36.22
CA PRO V 3 52.46 -2.32 -36.90
C PRO V 3 52.10 -3.70 -36.32
N LEU V 4 50.84 -4.08 -36.45
CA LEU V 4 50.37 -5.36 -35.95
C LEU V 4 50.59 -6.40 -37.03
N SER V 5 50.21 -7.65 -36.75
CA SER V 5 50.34 -8.74 -37.71
C SER V 5 48.98 -9.40 -38.00
N SER V 6 48.83 -9.95 -39.20
CA SER V 6 47.59 -10.60 -39.59
C SER V 6 47.51 -12.02 -39.04
N SER V 7 48.68 -12.64 -38.91
CA SER V 7 48.77 -14.00 -38.39
C SER V 7 48.82 -14.02 -36.86
N VAL V 8 48.49 -15.17 -36.29
CA VAL V 8 48.51 -15.37 -34.85
C VAL V 8 49.05 -16.76 -34.54
N PRO V 9 50.37 -16.88 -34.28
CA PRO V 9 50.98 -18.17 -33.97
C PRO V 9 50.25 -18.95 -32.87
N SER V 10 50.02 -20.23 -33.13
CA SER V 10 49.34 -21.08 -32.17
C SER V 10 50.27 -21.47 -31.03
N GLN V 11 49.68 -21.72 -29.86
CA GLN V 11 50.42 -22.11 -28.67
C GLN V 11 49.98 -23.49 -28.18
N LYS V 12 49.31 -24.25 -29.06
CA LYS V 12 48.83 -25.60 -28.74
C LYS V 12 50.05 -26.52 -28.55
N THR V 13 50.11 -27.20 -27.40
CA THR V 13 51.21 -28.11 -27.11
C THR V 13 51.16 -29.30 -28.06
N TYR V 14 52.21 -29.45 -28.86
CA TYR V 14 52.27 -30.54 -29.82
C TYR V 14 53.59 -31.30 -29.67
N GLN V 15 53.55 -32.40 -28.93
CA GLN V 15 54.75 -33.22 -28.72
C GLN V 15 55.23 -33.84 -30.03
N GLY V 16 54.29 -34.03 -30.95
CA GLY V 16 54.60 -34.60 -32.25
C GLY V 16 54.90 -36.08 -32.26
N SER V 17 55.60 -36.52 -33.30
CA SER V 17 55.99 -37.91 -33.47
C SER V 17 57.32 -38.21 -32.79
N TYR V 18 57.99 -37.18 -32.29
CA TYR V 18 59.29 -37.31 -31.60
C TYR V 18 59.17 -37.16 -30.09
N GLY V 19 57.94 -36.98 -29.60
CA GLY V 19 57.69 -36.83 -28.18
C GLY V 19 58.47 -35.66 -27.62
N PHE V 20 58.24 -34.48 -28.20
CA PHE V 20 58.93 -33.25 -27.79
C PHE V 20 58.39 -32.70 -26.46
N ARG V 21 59.30 -32.49 -25.51
CA ARG V 21 58.94 -31.95 -24.20
C ARG V 21 59.97 -30.93 -23.74
N LEU V 22 59.62 -30.14 -22.73
CA LEU V 22 60.52 -29.12 -22.21
C LEU V 22 60.85 -29.33 -20.74
N GLY V 23 62.11 -29.12 -20.39
CA GLY V 23 62.53 -29.28 -19.01
C GLY V 23 63.08 -27.99 -18.46
N PHE V 24 62.97 -27.77 -17.15
CA PHE V 24 63.46 -26.57 -16.46
C PHE V 24 64.14 -26.90 -15.15
N LEU V 25 65.39 -26.48 -14.99
CA LEU V 25 66.13 -26.73 -13.75
C LEU V 25 65.42 -26.15 -12.54
N HIS V 26 65.41 -26.94 -11.47
CA HIS V 26 64.77 -26.56 -10.20
C HIS V 26 65.79 -25.77 -9.37
N SER V 27 65.85 -24.47 -9.61
CA SER V 27 66.80 -23.62 -8.91
C SER V 27 66.25 -23.15 -7.56
N GLY V 28 65.19 -23.78 -7.09
CA GLY V 28 64.63 -23.38 -5.81
C GLY V 28 64.08 -21.96 -5.80
N THR V 29 63.54 -21.56 -4.66
CA THR V 29 62.98 -20.21 -4.50
C THR V 29 63.76 -19.37 -3.49
N ALA V 30 65.04 -19.17 -3.77
CA ALA V 30 65.91 -18.38 -2.91
C ALA V 30 65.90 -16.91 -3.33
N LYS V 31 66.69 -16.08 -2.65
CA LYS V 31 66.79 -14.64 -2.95
C LYS V 31 67.76 -14.36 -4.09
N SER V 32 68.86 -15.10 -4.12
CA SER V 32 69.89 -14.97 -5.16
C SER V 32 69.56 -15.84 -6.38
N VAL V 33 68.27 -16.09 -6.60
CA VAL V 33 67.83 -16.88 -7.74
C VAL V 33 68.03 -16.15 -9.06
N THR V 34 68.64 -16.83 -10.01
CA THR V 34 68.90 -16.27 -11.32
C THR V 34 67.75 -16.68 -12.26
N CYS V 35 67.41 -17.97 -12.26
CA CYS V 35 66.33 -18.45 -13.09
C CYS V 35 65.62 -19.59 -12.40
N THR V 36 64.28 -19.52 -12.35
CA THR V 36 63.45 -20.55 -11.71
C THR V 36 62.14 -20.80 -12.47
N TYR V 37 61.67 -22.02 -12.44
CA TYR V 37 60.45 -22.37 -13.14
C TYR V 37 59.38 -22.80 -12.16
N SER V 38 58.13 -22.45 -12.47
CA SER V 38 57.01 -22.79 -11.61
C SER V 38 56.11 -23.78 -12.33
N PRO V 39 56.32 -25.08 -12.12
CA PRO V 39 55.51 -26.13 -12.76
C PRO V 39 54.00 -25.92 -12.59
N ALA V 40 53.61 -25.45 -11.41
CA ALA V 40 52.20 -25.21 -11.09
C ALA V 40 51.62 -24.07 -11.93
N LEU V 41 52.48 -23.16 -12.37
CA LEU V 41 52.06 -22.03 -13.18
C LEU V 41 52.58 -22.08 -14.63
N ASN V 42 53.53 -22.97 -14.89
CA ASN V 42 54.13 -23.08 -16.21
C ASN V 42 54.69 -21.69 -16.53
N LYS V 43 55.47 -21.15 -15.59
CA LYS V 43 56.06 -19.82 -15.77
C LYS V 43 57.52 -19.79 -15.33
N MET V 44 58.34 -19.13 -16.15
CA MET V 44 59.75 -19.02 -15.83
C MET V 44 60.14 -17.59 -15.35
N PHE V 45 60.43 -17.47 -14.06
CA PHE V 45 60.83 -16.19 -13.48
C PHE V 45 62.34 -16.00 -13.60
N CYS V 46 62.78 -14.98 -14.33
CA CYS V 46 64.22 -14.77 -14.48
C CYS V 46 64.55 -13.28 -14.43
N GLN V 47 65.84 -12.98 -14.45
CA GLN V 47 66.30 -11.60 -14.44
C GLN V 47 66.61 -11.10 -15.85
N LEU V 48 66.98 -9.83 -15.95
CA LEU V 48 67.29 -9.21 -17.23
C LEU V 48 68.62 -9.72 -17.78
N ALA V 49 68.62 -10.11 -19.06
CA ALA V 49 69.83 -10.60 -19.74
C ALA V 49 70.62 -11.64 -18.94
N LYS V 50 69.88 -12.60 -18.37
CA LYS V 50 70.49 -13.64 -17.57
C LYS V 50 70.31 -15.00 -18.25
N THR V 51 71.18 -15.95 -17.90
CA THR V 51 71.14 -17.30 -18.46
C THR V 51 69.86 -18.05 -18.07
N CYS V 52 69.01 -18.31 -19.07
CA CYS V 52 67.74 -19.01 -18.86
C CYS V 52 67.73 -20.30 -19.65
N PRO V 53 68.34 -21.35 -19.09
CA PRO V 53 68.41 -22.67 -19.74
C PRO V 53 67.05 -23.36 -19.89
N VAL V 54 66.80 -23.87 -21.09
CA VAL V 54 65.58 -24.60 -21.44
C VAL V 54 65.99 -25.92 -22.11
N GLN V 55 65.68 -27.03 -21.42
CA GLN V 55 66.04 -28.34 -21.91
C GLN V 55 65.04 -28.89 -22.90
N LEU V 56 65.55 -29.59 -23.91
CA LEU V 56 64.76 -30.24 -24.94
C LEU V 56 64.77 -31.76 -24.75
N TRP V 57 63.63 -32.30 -24.33
CA TRP V 57 63.51 -33.74 -24.10
C TRP V 57 62.81 -34.43 -25.26
N VAL V 58 63.55 -35.33 -25.91
CA VAL V 58 63.04 -36.09 -27.05
C VAL V 58 63.30 -37.60 -26.83
N ASP V 59 62.27 -38.40 -27.05
CA ASP V 59 62.36 -39.86 -26.89
C ASP V 59 63.19 -40.45 -28.03
N SER V 60 62.92 -40.00 -29.25
CA SER V 60 63.64 -40.44 -30.45
C SER V 60 64.32 -39.27 -31.15
N THR V 61 65.65 -39.24 -31.08
CA THR V 61 66.46 -38.18 -31.70
C THR V 61 66.05 -37.88 -33.14
N PRO V 62 65.47 -36.69 -33.38
CA PRO V 62 65.04 -36.29 -34.72
C PRO V 62 66.17 -36.31 -35.75
N PRO V 63 65.82 -36.26 -37.04
CA PRO V 63 66.81 -36.27 -38.12
C PRO V 63 67.68 -35.00 -38.13
N PRO V 64 68.78 -35.01 -38.91
CA PRO V 64 69.68 -33.84 -39.01
C PRO V 64 69.05 -32.67 -39.81
N GLY V 65 69.48 -31.45 -39.50
CA GLY V 65 68.95 -30.28 -40.18
C GLY V 65 67.82 -29.62 -39.42
N THR V 66 67.28 -30.32 -38.42
CA THR V 66 66.18 -29.81 -37.58
C THR V 66 66.70 -28.66 -36.71
N ARG V 67 65.84 -27.66 -36.51
CA ARG V 67 66.20 -26.50 -35.71
C ARG V 67 65.22 -26.28 -34.56
N VAL V 68 65.59 -25.35 -33.68
CA VAL V 68 64.79 -25.00 -32.52
C VAL V 68 64.44 -23.51 -32.59
N ARG V 69 63.22 -23.23 -33.08
CA ARG V 69 62.74 -21.86 -33.22
C ARG V 69 62.15 -21.31 -31.89
N ALA V 70 62.49 -20.07 -31.58
CA ALA V 70 62.02 -19.41 -30.38
C ALA V 70 61.32 -18.10 -30.77
N MET V 71 60.08 -17.96 -30.34
CA MET V 71 59.28 -16.77 -30.64
C MET V 71 58.44 -16.39 -29.43
N ALA V 72 58.29 -15.08 -29.21
CA ALA V 72 57.50 -14.59 -28.07
C ALA V 72 56.19 -13.93 -28.49
N ILE V 73 55.15 -14.19 -27.71
CA ILE V 73 53.84 -13.62 -28.00
C ILE V 73 53.09 -13.23 -26.71
N TYR V 74 52.13 -12.33 -26.82
CA TYR V 74 51.36 -11.91 -25.65
C TYR V 74 50.26 -12.91 -25.31
N LYS V 75 50.30 -13.39 -24.08
CA LYS V 75 49.34 -14.37 -23.60
C LYS V 75 47.89 -13.96 -23.84
N GLN V 76 47.55 -12.72 -23.51
CA GLN V 76 46.17 -12.24 -23.68
C GLN V 76 45.77 -12.12 -25.14
N SER V 77 44.55 -12.56 -25.45
CA SER V 77 44.02 -12.51 -26.82
C SER V 77 43.93 -11.11 -27.43
N GLN V 78 43.49 -10.13 -26.63
CA GLN V 78 43.36 -8.77 -27.10
C GLN V 78 44.67 -8.19 -27.64
N HIS V 79 45.81 -8.51 -27.00
CA HIS V 79 47.10 -7.99 -27.45
C HIS V 79 47.93 -9.06 -28.18
N MET V 80 47.25 -10.12 -28.60
CA MET V 80 47.89 -11.23 -29.28
C MET V 80 48.43 -10.85 -30.65
N THR V 81 47.59 -10.17 -31.43
CA THR V 81 47.97 -9.70 -32.77
C THR V 81 49.13 -8.69 -32.68
N GLU V 82 49.39 -8.21 -31.46
CA GLU V 82 50.46 -7.26 -31.25
C GLU V 82 51.81 -8.00 -31.24
N VAL V 83 52.79 -7.43 -31.92
CA VAL V 83 54.12 -8.04 -31.99
C VAL V 83 54.96 -7.69 -30.77
N VAL V 84 55.40 -8.74 -30.07
CA VAL V 84 56.22 -8.58 -28.86
C VAL V 84 57.64 -8.18 -29.26
N ARG V 85 58.14 -7.13 -28.59
CA ARG V 85 59.49 -6.60 -28.83
C ARG V 85 60.04 -5.85 -27.62
N ARG V 86 61.32 -5.53 -27.67
CA ARG V 86 61.96 -4.80 -26.58
C ARG V 86 61.43 -3.38 -26.49
N CYS V 87 61.48 -2.79 -25.31
CA CYS V 87 61.02 -1.42 -25.10
C CYS V 87 61.93 -0.44 -25.86
N PRO V 88 61.38 0.72 -26.25
CA PRO V 88 62.13 1.75 -26.98
C PRO V 88 63.44 2.10 -26.31
N HIS V 89 63.52 1.91 -24.99
CA HIS V 89 64.74 2.23 -24.23
C HIS V 89 65.86 1.20 -24.36
N HIS V 90 65.52 -0.06 -24.17
CA HIS V 90 66.49 -1.14 -24.24
C HIS V 90 67.04 -1.39 -25.63
N GLU V 91 66.22 -1.18 -26.66
CA GLU V 91 66.72 -1.41 -28.01
C GLU V 91 67.80 -0.37 -28.35
N ARG V 92 67.94 0.62 -27.50
CA ARG V 92 68.94 1.64 -27.72
C ARG V 92 70.08 1.43 -26.76
N CYS V 93 70.34 0.18 -26.40
CA CYS V 93 71.41 -0.11 -25.45
C CYS V 93 72.70 -0.65 -26.10
N SER V 94 73.77 -0.71 -25.31
CA SER V 94 75.09 -1.19 -25.77
C SER V 94 75.25 -2.69 -25.59
N ASP V 95 74.15 -3.35 -25.24
CA ASP V 95 74.14 -4.77 -25.03
C ASP V 95 74.19 -5.56 -26.34
N SER V 96 74.62 -4.92 -27.42
CA SER V 96 74.69 -5.59 -28.71
C SER V 96 75.82 -6.65 -28.70
N ASP V 97 75.46 -7.92 -28.92
CA ASP V 97 76.42 -9.05 -28.96
C ASP V 97 77.06 -9.14 -30.35
N GLY V 98 76.37 -8.58 -31.34
CA GLY V 98 76.85 -8.58 -32.71
C GLY V 98 75.99 -9.38 -33.66
N LEU V 99 75.40 -10.46 -33.14
CA LEU V 99 74.56 -11.34 -33.94
C LEU V 99 73.07 -11.05 -33.75
N ALA V 100 72.70 -10.76 -32.50
CA ALA V 100 71.30 -10.48 -32.14
C ALA V 100 70.87 -9.03 -32.38
N PRO V 101 69.77 -8.85 -33.15
CA PRO V 101 69.26 -7.51 -33.43
C PRO V 101 68.78 -6.85 -32.14
N PRO V 102 68.91 -5.51 -32.06
CA PRO V 102 68.49 -4.76 -30.89
C PRO V 102 67.00 -4.79 -30.57
N GLN V 103 66.15 -5.17 -31.53
CA GLN V 103 64.70 -5.19 -31.26
C GLN V 103 64.14 -6.56 -30.92
N HIS V 104 65.02 -7.53 -30.75
CA HIS V 104 64.63 -8.91 -30.41
C HIS V 104 64.62 -9.15 -28.90
N LEU V 105 63.46 -9.60 -28.41
CA LEU V 105 63.28 -9.89 -26.99
C LEU V 105 64.16 -11.06 -26.52
N ILE V 106 63.86 -12.24 -27.07
CA ILE V 106 64.58 -13.47 -26.75
C ILE V 106 65.90 -13.56 -27.50
N ARG V 107 66.87 -14.22 -26.89
CA ARG V 107 68.18 -14.41 -27.49
C ARG V 107 68.72 -15.80 -27.16
N VAL V 108 69.93 -16.07 -27.65
CA VAL V 108 70.60 -17.33 -27.38
C VAL V 108 72.04 -17.02 -26.98
N GLU V 109 72.55 -17.77 -26.01
CA GLU V 109 73.91 -17.58 -25.51
C GLU V 109 74.85 -18.77 -25.77
N GLY V 110 76.01 -18.49 -26.37
CA GLY V 110 76.99 -19.52 -26.67
C GLY V 110 76.73 -20.43 -27.87
N ASN V 111 75.85 -20.04 -28.77
CA ASN V 111 75.54 -20.85 -29.96
C ASN V 111 75.86 -20.06 -31.24
N LEU V 112 77.09 -20.21 -31.71
CA LEU V 112 77.55 -19.50 -32.90
C LEU V 112 76.64 -19.68 -34.12
N ARG V 113 75.96 -20.81 -34.22
CA ARG V 113 75.08 -21.09 -35.36
C ARG V 113 73.64 -20.65 -35.11
N VAL V 114 73.48 -19.56 -34.36
CA VAL V 114 72.15 -19.00 -34.05
C VAL V 114 71.68 -18.10 -35.19
N GLU V 115 70.37 -18.12 -35.44
CA GLU V 115 69.80 -17.30 -36.51
C GLU V 115 68.61 -16.48 -36.01
N TYR V 116 68.61 -15.20 -36.37
CA TYR V 116 67.55 -14.28 -35.97
C TYR V 116 66.72 -13.90 -37.21
N LEU V 117 65.41 -14.17 -37.14
CA LEU V 117 64.52 -13.87 -38.25
C LEU V 117 63.52 -12.75 -38.00
N ASP V 118 63.40 -11.84 -38.97
CA ASP V 118 62.47 -10.71 -38.90
C ASP V 118 61.39 -10.95 -39.98
N ASP V 119 60.61 -12.01 -39.75
CA ASP V 119 59.56 -12.41 -40.66
C ASP V 119 58.92 -11.20 -41.33
N ARG V 120 59.15 -11.07 -42.63
CA ARG V 120 58.62 -9.94 -43.39
C ARG V 120 57.11 -10.03 -43.64
N ASN V 121 56.52 -11.19 -43.43
CA ASN V 121 55.08 -11.37 -43.64
C ASN V 121 54.25 -11.22 -42.37
N THR V 122 54.77 -11.77 -41.27
CA THR V 122 54.05 -11.70 -40.00
C THR V 122 54.62 -10.64 -39.05
N PHE V 123 55.73 -10.02 -39.47
CA PHE V 123 56.39 -8.99 -38.67
C PHE V 123 56.84 -9.54 -37.30
N ARG V 124 56.70 -10.85 -37.13
CA ARG V 124 57.07 -11.51 -35.88
C ARG V 124 58.58 -11.63 -35.70
N HIS V 125 59.01 -11.57 -34.44
CA HIS V 125 60.42 -11.66 -34.09
C HIS V 125 60.69 -13.04 -33.49
N SER V 126 61.78 -13.67 -33.91
CA SER V 126 62.12 -14.99 -33.41
C SER V 126 63.59 -15.33 -33.63
N VAL V 127 64.06 -16.31 -32.86
CA VAL V 127 65.43 -16.78 -32.96
C VAL V 127 65.41 -18.29 -33.14
N VAL V 128 66.33 -18.79 -33.95
CA VAL V 128 66.42 -20.23 -34.22
C VAL V 128 67.84 -20.77 -34.11
N VAL V 129 67.96 -22.05 -33.78
CA VAL V 129 69.24 -22.72 -33.64
C VAL V 129 69.17 -24.20 -34.09
N PRO V 130 70.23 -24.67 -34.75
CA PRO V 130 70.28 -26.07 -35.23
C PRO V 130 70.18 -27.06 -34.07
N TYR V 131 69.23 -27.98 -34.17
CA TYR V 131 69.02 -29.01 -33.15
C TYR V 131 70.25 -29.94 -33.06
N GLU V 132 70.73 -30.15 -31.84
CA GLU V 132 71.89 -31.01 -31.62
C GLU V 132 71.50 -32.15 -30.69
N PRO V 133 72.04 -33.35 -30.95
CA PRO V 133 71.73 -34.52 -30.11
C PRO V 133 72.32 -34.38 -28.69
N PRO V 134 71.62 -34.91 -27.68
CA PRO V 134 72.08 -34.83 -26.28
C PRO V 134 73.54 -35.31 -26.12
N GLU V 135 74.39 -34.44 -25.57
CA GLU V 135 75.79 -34.78 -25.37
C GLU V 135 75.88 -36.05 -24.52
N VAL V 136 76.96 -36.82 -24.70
CA VAL V 136 77.17 -38.05 -23.94
C VAL V 136 77.28 -37.77 -22.44
N GLY V 137 76.35 -38.35 -21.67
CA GLY V 137 76.33 -38.13 -20.24
C GLY V 137 75.05 -37.40 -19.83
N SER V 138 74.47 -36.67 -20.76
CA SER V 138 73.22 -35.92 -20.54
C SER V 138 72.10 -36.54 -21.38
N ASP V 139 70.88 -36.55 -20.85
CA ASP V 139 69.73 -37.12 -21.54
C ASP V 139 68.90 -36.08 -22.30
N CYS V 140 69.41 -34.85 -22.38
CA CYS V 140 68.71 -33.76 -23.05
C CYS V 140 69.65 -32.68 -23.56
N THR V 141 69.10 -31.81 -24.40
CA THR V 141 69.86 -30.69 -24.97
C THR V 141 69.46 -29.40 -24.26
N THR V 142 70.42 -28.81 -23.57
CA THR V 142 70.18 -27.57 -22.84
C THR V 142 70.55 -26.33 -23.66
N ILE V 143 69.55 -25.48 -23.88
CA ILE V 143 69.73 -24.24 -24.63
C ILE V 143 69.81 -23.04 -23.65
N HIS V 144 70.59 -22.04 -24.01
CA HIS V 144 70.75 -20.83 -23.20
C HIS V 144 70.03 -19.61 -23.79
N TYR V 145 68.88 -19.28 -23.22
CA TYR V 145 68.10 -18.14 -23.66
C TYR V 145 68.38 -16.90 -22.80
N ASN V 146 68.21 -15.71 -23.38
CA ASN V 146 68.43 -14.46 -22.68
C ASN V 146 67.30 -13.49 -22.98
N TYR V 147 66.71 -12.96 -21.93
CA TYR V 147 65.64 -11.99 -22.09
C TYR V 147 66.21 -10.60 -21.84
N MET V 148 66.06 -9.72 -22.83
CA MET V 148 66.59 -8.35 -22.72
C MET V 148 65.55 -7.27 -22.41
N CYS V 149 64.43 -7.66 -21.78
CA CYS V 149 63.36 -6.71 -21.43
C CYS V 149 62.51 -7.21 -20.27
N ASN V 150 62.43 -6.37 -19.23
CA ASN V 150 61.63 -6.66 -18.04
C ASN V 150 60.14 -6.66 -18.40
N SER V 151 59.36 -7.41 -17.63
CA SER V 151 57.92 -7.51 -17.87
C SER V 151 57.21 -6.24 -17.40
N SER V 152 57.97 -5.37 -16.75
CA SER V 152 57.45 -4.10 -16.26
C SER V 152 57.53 -3.03 -17.36
N CYS V 153 58.51 -3.17 -18.25
CA CYS V 153 58.71 -2.22 -19.36
C CYS V 153 57.47 -2.06 -20.23
N MET V 154 56.49 -2.94 -20.04
CA MET V 154 55.28 -2.85 -20.82
C MET V 154 54.00 -2.95 -19.99
N GLY V 155 54.13 -3.06 -18.67
CA GLY V 155 52.91 -3.17 -17.87
C GLY V 155 53.06 -3.16 -16.36
N GLY V 156 54.27 -3.34 -15.86
CA GLY V 156 54.49 -3.33 -14.42
C GLY V 156 53.67 -4.33 -13.63
N MET V 157 52.43 -3.95 -13.32
CA MET V 157 51.49 -4.80 -12.56
C MET V 157 51.08 -6.03 -13.34
N ASN V 158 51.96 -6.51 -14.22
CA ASN V 158 51.71 -7.69 -15.03
C ASN V 158 50.48 -7.48 -15.90
N ARG V 159 50.51 -6.41 -16.68
CA ARG V 159 49.40 -6.09 -17.56
C ARG V 159 49.61 -6.84 -18.89
N ARG V 160 50.88 -6.96 -19.29
CA ARG V 160 51.25 -7.63 -20.52
C ARG V 160 52.15 -8.84 -20.27
N PRO V 161 51.53 -9.99 -19.93
CA PRO V 161 52.29 -11.22 -19.67
C PRO V 161 52.79 -11.83 -20.98
N ILE V 162 54.11 -12.00 -21.05
CA ILE V 162 54.74 -12.58 -22.22
C ILE V 162 54.66 -14.13 -22.19
N LEU V 163 54.59 -14.72 -23.39
CA LEU V 163 54.52 -16.17 -23.53
C LEU V 163 55.51 -16.61 -24.62
N THR V 164 56.43 -17.50 -24.25
CA THR V 164 57.41 -18.00 -25.21
C THR V 164 56.94 -19.30 -25.86
N ILE V 165 57.26 -19.46 -27.14
CA ILE V 165 56.86 -20.64 -27.91
C ILE V 165 58.10 -21.32 -28.49
N ILE V 166 58.46 -22.46 -27.92
CA ILE V 166 59.60 -23.22 -28.41
C ILE V 166 59.13 -24.18 -29.51
N THR V 167 59.54 -23.88 -30.74
CA THR V 167 59.16 -24.69 -31.90
C THR V 167 60.30 -25.61 -32.37
N LEU V 168 59.93 -26.82 -32.75
CA LEU V 168 60.86 -27.83 -33.25
C LEU V 168 60.48 -28.07 -34.72
N GLU V 169 61.27 -27.55 -35.65
CA GLU V 169 60.95 -27.72 -37.06
C GLU V 169 62.13 -28.29 -37.84
N ASP V 170 61.87 -28.73 -39.07
CA ASP V 170 62.90 -29.28 -39.93
C ASP V 170 63.56 -28.19 -40.79
N SER V 171 64.35 -28.61 -41.76
CA SER V 171 65.05 -27.69 -42.65
C SER V 171 64.07 -26.77 -43.41
N SER V 172 63.01 -27.34 -43.96
CA SER V 172 62.01 -26.57 -44.71
C SER V 172 61.28 -25.57 -43.84
N GLY V 173 61.04 -25.96 -42.59
CA GLY V 173 60.35 -25.08 -41.67
C GLY V 173 58.97 -25.56 -41.26
N ASN V 174 58.77 -26.87 -41.32
CA ASN V 174 57.49 -27.46 -40.94
C ASN V 174 57.50 -27.91 -39.48
N LEU V 175 56.34 -27.82 -38.83
CA LEU V 175 56.21 -28.20 -37.42
C LEU V 175 56.51 -29.67 -37.18
N LEU V 176 57.17 -29.94 -36.07
CA LEU V 176 57.54 -31.30 -35.67
C LEU V 176 57.14 -31.48 -34.20
N GLY V 177 57.20 -30.39 -33.45
CA GLY V 177 56.84 -30.39 -32.04
C GLY V 177 56.72 -28.96 -31.56
N ARG V 178 56.15 -28.74 -30.38
CA ARG V 178 56.01 -27.37 -29.87
C ARG V 178 55.39 -27.30 -28.48
N ASN V 179 56.14 -26.69 -27.56
CA ASN V 179 55.71 -26.49 -26.18
C ASN V 179 55.75 -24.99 -25.87
N SER V 180 55.13 -24.60 -24.76
CA SER V 180 55.08 -23.20 -24.35
C SER V 180 55.05 -23.00 -22.84
N PHE V 181 55.75 -21.97 -22.40
CA PHE V 181 55.82 -21.60 -20.99
C PHE V 181 55.80 -20.07 -20.84
N GLU V 182 55.04 -19.58 -19.86
CA GLU V 182 54.94 -18.14 -19.62
C GLU V 182 56.28 -17.67 -19.07
N VAL V 183 56.61 -16.40 -19.33
CA VAL V 183 57.88 -15.81 -18.88
C VAL V 183 57.74 -14.43 -18.21
N ARG V 184 58.43 -14.26 -17.09
CA ARG V 184 58.42 -13.01 -16.36
C ARG V 184 59.87 -12.62 -16.02
N VAL V 185 60.33 -11.52 -16.61
CA VAL V 185 61.69 -11.05 -16.38
C VAL V 185 61.64 -9.96 -15.33
N CYS V 186 61.76 -10.37 -14.06
CA CYS V 186 61.74 -9.44 -12.93
C CYS V 186 63.08 -9.30 -12.23
N ALA V 187 63.08 -8.59 -11.11
CA ALA V 187 64.30 -8.35 -10.36
C ALA V 187 64.53 -9.42 -9.30
N CYS V 188 63.45 -10.05 -8.87
CA CYS V 188 63.52 -11.12 -7.87
C CYS V 188 62.71 -12.33 -8.29
N PRO V 189 63.25 -13.16 -9.20
CA PRO V 189 62.56 -14.35 -9.70
C PRO V 189 62.05 -15.27 -8.56
N GLY V 190 62.90 -15.45 -7.56
CA GLY V 190 62.58 -16.29 -6.42
C GLY V 190 61.35 -15.80 -5.70
N ARG V 191 61.46 -14.59 -5.14
CA ARG V 191 60.37 -13.96 -4.42
C ARG V 191 59.04 -13.97 -5.20
N ASP V 192 59.11 -13.59 -6.49
CA ASP V 192 57.92 -13.53 -7.35
C ASP V 192 57.31 -14.91 -7.57
N ARG V 193 58.14 -15.93 -7.73
CA ARG V 193 57.60 -17.26 -7.94
C ARG V 193 56.88 -17.71 -6.66
N ARG V 194 57.63 -17.71 -5.57
CA ARG V 194 57.11 -18.11 -4.27
C ARG V 194 55.78 -17.46 -3.94
N THR V 195 55.75 -16.14 -4.06
CA THR V 195 54.55 -15.35 -3.77
C THR V 195 53.39 -15.62 -4.75
N GLU V 196 53.72 -15.86 -6.01
CA GLU V 196 52.70 -16.12 -7.03
C GLU V 196 52.08 -17.50 -6.86
N GLU V 197 52.91 -18.48 -6.51
CA GLU V 197 52.42 -19.85 -6.29
C GLU V 197 51.64 -19.85 -4.98
N GLU V 198 52.11 -19.04 -4.03
CA GLU V 198 51.47 -18.90 -2.72
C GLU V 198 50.00 -18.51 -2.86
N ASN V 199 49.69 -17.76 -3.91
CA ASN V 199 48.32 -17.32 -4.18
C ASN V 199 47.50 -18.41 -4.87
N LEU V 200 47.99 -19.65 -4.78
CA LEU V 200 47.31 -20.80 -5.37
C LEU V 200 47.12 -20.60 -6.87
N SER W 2 43.43 50.26 -65.86
CA SER W 2 42.98 48.96 -66.45
C SER W 2 41.54 49.06 -66.96
N PRO W 3 41.35 49.65 -68.15
CA PRO W 3 40.02 49.80 -68.76
C PRO W 3 39.54 48.53 -69.47
N LEU W 4 38.26 48.52 -69.81
CA LEU W 4 37.66 47.38 -70.52
C LEU W 4 37.51 47.72 -72.01
N SER W 5 37.01 46.77 -72.80
CA SER W 5 36.83 47.04 -74.22
C SER W 5 35.37 46.93 -74.61
N SER W 6 35.00 47.61 -75.70
CA SER W 6 33.62 47.56 -76.15
C SER W 6 33.40 46.38 -77.06
N SER W 7 34.49 45.88 -77.64
CA SER W 7 34.47 44.73 -78.57
C SER W 7 34.94 43.43 -77.92
N VAL W 8 34.58 42.30 -78.52
CA VAL W 8 34.94 40.98 -78.01
C VAL W 8 35.17 40.09 -79.22
N PRO W 9 36.44 39.89 -79.60
CA PRO W 9 36.80 39.06 -80.75
C PRO W 9 36.14 37.68 -80.74
N SER W 10 35.63 37.27 -81.90
CA SER W 10 34.96 35.99 -81.95
C SER W 10 35.97 34.88 -81.94
N GLN W 11 35.55 33.75 -81.38
CA GLN W 11 36.37 32.56 -81.31
C GLN W 11 35.81 31.46 -82.21
N LYS W 12 34.99 31.84 -83.19
CA LYS W 12 34.39 30.90 -84.12
C LYS W 12 35.46 30.31 -85.02
N THR W 13 35.52 28.99 -85.08
CA THR W 13 36.51 28.32 -85.89
C THR W 13 36.18 28.58 -87.35
N TYR W 14 37.20 28.96 -88.13
CA TYR W 14 36.99 29.26 -89.54
C TYR W 14 38.17 28.72 -90.35
N GLN W 15 37.95 27.67 -91.13
CA GLN W 15 39.03 27.10 -91.94
C GLN W 15 39.33 27.94 -93.18
N GLY W 16 38.36 28.76 -93.56
CA GLY W 16 38.54 29.63 -94.71
C GLY W 16 38.73 28.94 -96.05
N SER W 17 39.09 29.75 -97.04
CA SER W 17 39.32 29.24 -98.37
C SER W 17 40.62 28.50 -98.50
N TYR W 18 41.39 28.48 -97.41
CA TYR W 18 42.70 27.80 -97.41
C TYR W 18 42.73 26.59 -96.48
N GLY W 19 41.62 26.35 -95.79
CA GLY W 19 41.52 25.22 -94.87
C GLY W 19 42.54 25.35 -93.75
N PHE W 20 42.42 26.40 -92.96
CA PHE W 20 43.34 26.69 -91.88
C PHE W 20 43.06 25.82 -90.69
N ARG W 21 44.06 25.05 -90.27
CA ARG W 21 43.92 24.15 -89.12
C ARG W 21 45.15 24.33 -88.24
N LEU W 22 45.04 23.91 -86.99
CA LEU W 22 46.14 24.00 -86.04
C LEU W 22 46.71 22.64 -85.62
N GLY W 23 48.03 22.59 -85.43
CA GLY W 23 48.67 21.35 -85.03
C GLY W 23 49.44 21.51 -83.75
N PHE W 24 49.58 20.44 -83.00
CA PHE W 24 50.29 20.51 -81.73
C PHE W 24 51.14 19.27 -81.54
N LEU W 25 52.43 19.45 -81.30
CA LEU W 25 53.31 18.29 -81.10
C LEU W 25 52.83 17.41 -79.93
N HIS W 26 52.87 16.09 -80.11
CA HIS W 26 52.46 15.15 -79.06
C HIS W 26 53.65 14.89 -78.14
N SER W 27 53.86 15.80 -77.19
CA SER W 27 55.00 15.71 -76.29
C SER W 27 54.75 14.77 -75.13
N GLY W 28 53.58 14.15 -75.11
CA GLY W 28 53.29 13.20 -74.06
C GLY W 28 52.89 13.89 -72.78
N THR W 29 52.84 13.13 -71.69
CA THR W 29 52.43 13.70 -70.41
C THR W 29 53.42 13.38 -69.33
N ALA W 30 54.71 13.38 -69.68
CA ALA W 30 55.78 13.09 -68.74
C ALA W 30 55.86 14.16 -67.66
N LYS W 31 56.79 14.01 -66.73
CA LYS W 31 56.93 14.99 -65.65
C LYS W 31 57.88 16.10 -66.02
N SER W 32 58.79 15.79 -66.95
CA SER W 32 59.78 16.75 -67.37
C SER W 32 59.35 17.45 -68.63
N VAL W 33 58.08 17.36 -68.97
CA VAL W 33 57.57 17.98 -70.18
C VAL W 33 57.55 19.48 -70.02
N THR W 34 57.83 20.22 -71.09
CA THR W 34 57.82 21.68 -71.10
C THR W 34 56.46 22.18 -71.66
N CYS W 35 56.03 21.57 -72.73
CA CYS W 35 54.80 22.00 -73.34
C CYS W 35 54.09 20.80 -73.90
N THR W 36 52.87 20.56 -73.46
CA THR W 36 52.11 19.41 -73.95
C THR W 36 50.69 19.84 -74.30
N TYR W 37 50.08 19.22 -75.32
CA TYR W 37 48.74 19.59 -75.76
C TYR W 37 47.77 18.49 -75.44
N SER W 38 46.52 18.85 -75.18
CA SER W 38 45.50 17.85 -74.85
C SER W 38 44.36 17.99 -75.81
N PRO W 39 44.29 17.14 -76.83
CA PRO W 39 43.22 17.16 -77.85
C PRO W 39 41.84 17.00 -77.23
N ALA W 40 41.77 16.17 -76.20
CA ALA W 40 40.53 15.93 -75.50
C ALA W 40 39.98 17.21 -74.84
N LEU W 41 40.84 18.16 -74.56
CA LEU W 41 40.40 19.40 -73.94
C LEU W 41 40.73 20.63 -74.78
N ASN W 42 41.42 20.44 -75.91
CA ASN W 42 41.83 21.53 -76.80
C ASN W 42 42.56 22.55 -75.91
N LYS W 43 43.23 22.06 -74.88
CA LYS W 43 43.94 22.88 -73.93
C LYS W 43 45.43 22.56 -73.95
N MET W 44 46.27 23.58 -73.98
CA MET W 44 47.69 23.35 -74.01
C MET W 44 48.32 23.84 -72.75
N PHE W 45 48.93 22.91 -72.00
CA PHE W 45 49.58 23.22 -70.74
C PHE W 45 51.06 23.48 -71.01
N CYS W 46 51.60 24.56 -70.48
CA CYS W 46 53.01 24.85 -70.71
C CYS W 46 53.58 25.65 -69.55
N GLN W 47 54.92 25.72 -69.48
CA GLN W 47 55.62 26.42 -68.41
C GLN W 47 55.81 27.88 -68.74
N LEU W 48 56.14 28.67 -67.72
CA LEU W 48 56.31 30.10 -67.92
C LEU W 48 57.44 30.42 -68.87
N ALA W 49 57.17 31.31 -69.82
CA ALA W 49 58.13 31.77 -70.84
C ALA W 49 58.86 30.60 -71.50
N LYS W 50 58.13 29.58 -71.91
CA LYS W 50 58.79 28.43 -72.51
C LYS W 50 58.25 28.24 -73.89
N THR W 51 59.08 27.73 -74.79
CA THR W 51 58.65 27.51 -76.14
C THR W 51 57.41 26.64 -76.28
N CYS W 52 56.38 27.19 -76.95
CA CYS W 52 55.09 26.52 -77.23
C CYS W 52 54.88 26.49 -78.70
N PRO W 53 55.21 25.37 -79.31
CA PRO W 53 55.05 25.21 -80.75
C PRO W 53 53.58 25.13 -81.20
N VAL W 54 53.23 25.95 -82.19
CA VAL W 54 51.87 25.93 -82.74
C VAL W 54 52.03 25.76 -84.24
N GLN W 55 51.37 24.75 -84.80
CA GLN W 55 51.46 24.46 -86.24
C GLN W 55 50.30 25.05 -87.05
N LEU W 56 50.65 25.61 -88.20
CA LEU W 56 49.69 26.22 -89.09
C LEU W 56 49.51 25.30 -90.29
N TRP W 57 48.52 24.42 -90.24
CA TRP W 57 48.25 23.49 -91.34
C TRP W 57 47.30 24.12 -92.32
N VAL W 58 47.72 24.18 -93.57
CA VAL W 58 46.89 24.75 -94.63
C VAL W 58 46.88 23.78 -95.83
N ASP W 59 45.72 23.68 -96.50
CA ASP W 59 45.59 22.81 -97.67
C ASP W 59 46.25 23.43 -98.90
N SER W 60 45.93 24.69 -99.16
CA SER W 60 46.49 25.42 -100.31
C SER W 60 47.24 26.67 -99.82
N THR W 61 48.55 26.65 -99.98
CA THR W 61 49.39 27.77 -99.51
C THR W 61 48.80 29.14 -99.84
N PRO W 62 48.52 29.98 -98.82
CA PRO W 62 47.97 31.32 -98.93
C PRO W 62 48.88 32.24 -99.74
N PRO W 63 48.34 33.35 -100.25
CA PRO W 63 49.12 34.30 -101.03
C PRO W 63 50.22 34.94 -100.22
N PRO W 64 51.15 35.62 -100.91
CA PRO W 64 52.26 36.29 -100.22
C PRO W 64 51.79 37.54 -99.51
N GLY W 65 52.34 37.76 -98.33
CA GLY W 65 51.99 38.93 -97.56
C GLY W 65 51.04 38.64 -96.42
N THR W 66 50.44 37.45 -96.46
CA THR W 66 49.51 37.04 -95.42
C THR W 66 50.24 37.04 -94.08
N ARG W 67 49.52 37.38 -93.00
CA ARG W 67 50.11 37.42 -91.66
C ARG W 67 49.38 36.52 -90.68
N VAL W 68 50.06 36.12 -89.62
CA VAL W 68 49.46 35.26 -88.62
C VAL W 68 49.50 36.01 -87.30
N ARG W 69 48.33 36.31 -86.74
CA ARG W 69 48.25 37.06 -85.48
C ARG W 69 47.73 36.23 -84.32
N ALA W 70 48.30 36.44 -83.14
CA ALA W 70 47.86 35.70 -81.96
C ALA W 70 47.32 36.66 -80.91
N MET W 71 46.19 36.31 -80.31
CA MET W 71 45.52 37.14 -79.31
C MET W 71 44.89 36.28 -78.23
N ALA W 72 44.98 36.74 -76.99
CA ALA W 72 44.44 35.98 -75.88
C ALA W 72 43.26 36.68 -75.27
N ILE W 73 42.23 35.93 -74.88
CA ILE W 73 41.07 36.52 -74.25
C ILE W 73 40.55 35.54 -73.22
N TYR W 74 39.78 36.02 -72.25
CA TYR W 74 39.25 35.18 -71.18
C TYR W 74 38.15 34.32 -71.73
N LYS W 75 38.12 33.05 -71.32
CA LYS W 75 37.14 32.10 -71.82
C LYS W 75 35.73 32.35 -71.33
N GLN W 76 35.61 32.74 -70.07
CA GLN W 76 34.30 33.01 -69.48
C GLN W 76 33.71 34.35 -69.91
N SER W 77 32.53 34.28 -70.49
CA SER W 77 31.82 35.46 -70.97
C SER W 77 31.75 36.64 -69.98
N GLN W 78 31.65 36.33 -68.69
CA GLN W 78 31.56 37.37 -67.67
C GLN W 78 32.81 38.24 -67.58
N HIS W 79 33.90 37.79 -68.19
CA HIS W 79 35.14 38.56 -68.14
C HIS W 79 35.68 38.83 -69.53
N MET W 80 35.00 38.30 -70.54
CA MET W 80 35.40 38.43 -71.92
C MET W 80 35.69 39.86 -72.31
N THR W 81 35.04 40.79 -71.61
CA THR W 81 35.25 42.22 -71.88
C THR W 81 36.55 42.73 -71.26
N GLU W 82 37.12 41.94 -70.37
CA GLU W 82 38.34 42.30 -69.69
C GLU W 82 39.53 41.96 -70.57
N VAL W 83 40.42 42.92 -70.74
CA VAL W 83 41.61 42.71 -71.56
C VAL W 83 42.62 41.77 -70.91
N VAL W 84 43.11 40.79 -71.66
CA VAL W 84 44.10 39.85 -71.15
C VAL W 84 45.49 40.48 -71.22
N ARG W 85 46.12 40.66 -70.08
CA ARG W 85 47.48 41.23 -70.05
C ARG W 85 48.26 40.66 -68.88
N ARG W 86 49.57 40.89 -68.85
CA ARG W 86 50.36 40.36 -67.76
C ARG W 86 49.97 41.04 -66.43
N CYS W 87 50.20 40.35 -65.32
CA CYS W 87 49.87 40.87 -64.02
C CYS W 87 50.85 41.99 -63.69
N PRO W 88 50.60 42.69 -62.58
CA PRO W 88 51.46 43.80 -62.16
C PRO W 88 52.90 43.43 -62.01
N HIS W 89 53.15 42.32 -61.33
CA HIS W 89 54.50 41.87 -61.05
C HIS W 89 55.27 41.56 -62.27
N HIS W 90 54.85 40.51 -62.96
CA HIS W 90 55.50 40.06 -64.16
C HIS W 90 55.76 41.12 -65.22
N GLU W 91 54.94 42.16 -65.25
CA GLU W 91 55.14 43.23 -66.23
C GLU W 91 56.22 44.19 -65.76
N ARG W 92 56.88 43.85 -64.65
CA ARG W 92 57.95 44.68 -64.09
C ARG W 92 59.29 43.93 -64.14
N CYS W 93 59.35 42.87 -64.94
CA CYS W 93 60.57 42.09 -65.06
C CYS W 93 61.46 42.55 -66.20
N SER W 94 62.72 42.10 -66.16
CA SER W 94 63.72 42.46 -67.17
C SER W 94 63.79 41.39 -68.29
N ASP W 95 62.76 40.55 -68.35
CA ASP W 95 62.70 39.50 -69.35
C ASP W 95 62.46 40.06 -70.74
N SER W 96 62.34 41.38 -70.84
CA SER W 96 62.10 42.02 -72.12
C SER W 96 63.12 41.56 -73.17
N ASP W 97 62.62 41.02 -74.29
CA ASP W 97 63.48 40.54 -75.38
C ASP W 97 63.90 41.73 -76.27
N GLY W 98 63.25 42.88 -76.05
CA GLY W 98 63.58 44.08 -76.78
C GLY W 98 62.47 44.52 -77.72
N LEU W 99 61.74 43.55 -78.23
CA LEU W 99 60.65 43.81 -79.17
C LEU W 99 59.29 43.79 -78.49
N ALA W 100 59.05 42.76 -77.70
CA ALA W 100 57.77 42.63 -77.03
C ALA W 100 57.63 43.56 -75.85
N PRO W 101 56.48 44.27 -75.77
CA PRO W 101 56.18 45.19 -74.67
C PRO W 101 56.01 44.39 -73.37
N PRO W 102 56.32 45.01 -72.24
CA PRO W 102 56.22 44.35 -70.94
C PRO W 102 54.84 43.90 -70.50
N GLN W 103 53.77 44.47 -71.06
CA GLN W 103 52.43 44.06 -70.64
C GLN W 103 51.81 42.96 -71.49
N HIS W 104 52.46 42.64 -72.59
CA HIS W 104 51.95 41.61 -73.46
C HIS W 104 52.12 40.21 -72.93
N LEU W 105 50.99 39.50 -72.83
CA LEU W 105 50.97 38.12 -72.35
C LEU W 105 51.72 37.19 -73.27
N ILE W 106 51.23 37.05 -74.52
CA ILE W 106 51.80 36.17 -75.57
C ILE W 106 52.97 36.80 -76.32
N ARG W 107 54.02 36.01 -76.57
CA ARG W 107 55.22 36.48 -77.27
C ARG W 107 55.65 35.51 -78.38
N VAL W 108 56.38 36.00 -79.36
CA VAL W 108 56.85 35.14 -80.43
C VAL W 108 58.36 35.03 -80.35
N GLU W 109 58.84 33.80 -80.32
CA GLU W 109 60.27 33.55 -80.21
C GLU W 109 60.93 33.18 -81.52
N GLY W 110 62.12 33.73 -81.77
CA GLY W 110 62.87 33.39 -82.98
C GLY W 110 62.55 34.11 -84.27
N ASN W 111 61.28 34.39 -84.49
CA ASN W 111 60.88 35.06 -85.70
C ASN W 111 61.30 36.50 -85.64
N LEU W 112 62.07 36.90 -86.64
CA LEU W 112 62.58 38.25 -86.70
C LEU W 112 61.54 39.30 -87.09
N ARG W 113 60.79 39.03 -88.14
CA ARG W 113 59.78 39.99 -88.60
C ARG W 113 58.53 39.98 -87.73
N VAL W 114 58.68 40.00 -86.41
CA VAL W 114 57.52 39.95 -85.53
C VAL W 114 57.01 41.35 -85.28
N GLU W 115 55.73 41.47 -84.96
CA GLU W 115 55.14 42.78 -84.73
C GLU W 115 54.11 42.69 -83.61
N TYR W 116 54.24 43.55 -82.60
CA TYR W 116 53.31 43.58 -81.45
C TYR W 116 52.38 44.77 -81.57
N LEU W 117 51.07 44.51 -81.52
CA LEU W 117 50.05 45.55 -81.67
C LEU W 117 49.30 45.90 -80.40
N ASP W 118 49.04 47.19 -80.24
CA ASP W 118 48.32 47.73 -79.09
C ASP W 118 47.09 48.44 -79.66
N ASP W 119 46.09 47.66 -80.04
CA ASP W 119 44.87 48.19 -80.62
C ASP W 119 44.39 49.39 -79.82
N ARG W 120 44.55 50.60 -80.38
CA ARG W 120 44.14 51.84 -79.73
C ARG W 120 42.61 52.04 -79.64
N ASN W 121 41.86 51.11 -80.21
CA ASN W 121 40.40 51.17 -80.18
C ASN W 121 39.77 50.14 -79.25
N THR W 122 40.22 48.88 -79.36
CA THR W 122 39.70 47.79 -78.53
C THR W 122 40.53 47.54 -77.29
N PHE W 123 41.76 48.07 -77.27
CA PHE W 123 42.67 47.90 -76.13
C PHE W 123 43.24 46.47 -76.04
N ARG W 124 42.99 45.68 -77.08
CA ARG W 124 43.42 44.30 -77.16
C ARG W 124 44.88 44.16 -77.57
N HIS W 125 45.57 43.24 -76.91
CA HIS W 125 46.98 43.00 -77.20
C HIS W 125 47.11 41.82 -78.11
N SER W 126 48.04 41.89 -79.05
CA SER W 126 48.25 40.78 -79.97
C SER W 126 49.63 40.81 -80.61
N VAL W 127 50.02 39.66 -81.14
CA VAL W 127 51.31 39.55 -81.83
C VAL W 127 51.13 38.94 -83.23
N VAL W 128 51.69 39.63 -84.22
CA VAL W 128 51.56 39.23 -85.61
C VAL W 128 52.89 38.92 -86.27
N VAL W 129 52.89 37.96 -87.17
CA VAL W 129 54.11 37.57 -87.87
C VAL W 129 53.70 37.12 -89.26
N PRO W 130 54.57 37.36 -90.24
CA PRO W 130 54.39 36.99 -91.63
C PRO W 130 54.24 35.48 -91.78
N TYR W 131 53.33 35.06 -92.65
CA TYR W 131 53.11 33.64 -92.88
C TYR W 131 54.14 33.15 -93.88
N GLU W 132 54.77 32.02 -93.59
CA GLU W 132 55.74 31.46 -94.49
C GLU W 132 55.33 30.02 -94.78
N PRO W 133 55.61 29.54 -96.00
CA PRO W 133 55.27 28.19 -96.41
C PRO W 133 56.16 27.18 -95.66
N PRO W 134 55.65 25.97 -95.44
CA PRO W 134 56.36 24.91 -94.74
C PRO W 134 57.77 24.70 -95.29
N GLU W 135 58.77 24.73 -94.41
CA GLU W 135 60.14 24.55 -94.82
C GLU W 135 60.33 23.11 -95.26
N VAL W 136 60.98 22.93 -96.41
CA VAL W 136 61.20 21.60 -96.93
C VAL W 136 61.68 20.70 -95.81
N GLY W 137 60.90 19.66 -95.54
CA GLY W 137 61.23 18.70 -94.50
C GLY W 137 60.06 18.59 -93.54
N SER W 138 59.13 19.51 -93.68
CA SER W 138 57.96 19.54 -92.83
C SER W 138 56.74 19.84 -93.68
N ASP W 139 55.56 19.50 -93.16
CA ASP W 139 54.32 19.72 -93.88
C ASP W 139 53.45 20.81 -93.25
N CYS W 140 54.06 21.66 -92.42
CA CYS W 140 53.34 22.76 -91.78
C CYS W 140 54.24 23.86 -91.25
N THR W 141 53.66 25.02 -90.96
CA THR W 141 54.41 26.16 -90.44
C THR W 141 54.29 26.18 -88.93
N THR W 142 55.43 26.10 -88.23
CA THR W 142 55.38 26.08 -86.79
C THR W 142 55.78 27.42 -86.19
N ILE W 143 54.97 27.93 -85.26
CA ILE W 143 55.27 29.19 -84.60
C ILE W 143 55.54 28.93 -83.13
N HIS W 144 56.61 29.53 -82.63
CA HIS W 144 56.99 29.36 -81.26
C HIS W 144 56.51 30.53 -80.40
N TYR W 145 55.48 30.28 -79.60
CA TYR W 145 54.91 31.29 -78.73
C TYR W 145 55.38 31.11 -77.27
N ASN W 146 55.30 32.17 -76.48
CA ASN W 146 55.74 32.10 -75.10
C ASN W 146 54.70 32.80 -74.29
N TYR W 147 54.35 32.25 -73.13
CA TYR W 147 53.38 32.92 -72.27
C TYR W 147 54.11 33.42 -71.04
N MET W 148 54.14 34.73 -70.82
CA MET W 148 54.85 35.30 -69.67
C MET W 148 54.03 35.60 -68.40
N CYS W 149 53.22 34.65 -67.93
CA CYS W 149 52.39 34.84 -66.74
C CYS W 149 51.63 33.59 -66.36
N ASN W 150 51.92 33.06 -65.18
CA ASN W 150 51.27 31.82 -64.75
C ASN W 150 49.79 32.01 -64.64
N SER W 151 49.02 30.97 -64.93
CA SER W 151 47.59 31.15 -64.87
C SER W 151 47.13 31.33 -63.44
N SER W 152 48.08 31.29 -62.52
CA SER W 152 47.79 31.45 -61.12
C SER W 152 47.90 32.91 -60.72
N CYS W 153 48.61 33.69 -61.52
CA CYS W 153 48.76 35.09 -61.23
C CYS W 153 47.43 35.87 -61.26
N MET W 154 46.31 35.20 -61.50
CA MET W 154 45.03 35.91 -61.58
C MET W 154 43.87 35.11 -61.06
N GLY W 155 44.16 33.92 -60.57
CA GLY W 155 43.08 33.09 -60.09
C GLY W 155 43.45 31.86 -59.30
N GLY W 156 44.64 31.32 -59.50
CA GLY W 156 45.01 30.15 -58.72
C GLY W 156 44.24 28.87 -58.99
N MET W 157 42.99 28.79 -58.56
CA MET W 157 42.19 27.59 -58.76
C MET W 157 41.49 27.62 -60.09
N ASN W 158 42.15 28.10 -61.12
CA ASN W 158 41.55 28.20 -62.45
C ASN W 158 40.27 29.06 -62.44
N ARG W 159 40.41 30.30 -61.98
CA ARG W 159 39.30 31.23 -61.91
C ARG W 159 39.20 32.00 -63.20
N ARG W 160 40.34 32.41 -63.75
CA ARG W 160 40.34 33.17 -64.99
C ARG W 160 41.05 32.43 -66.11
N PRO W 161 40.37 31.48 -66.77
CA PRO W 161 40.94 30.69 -67.87
C PRO W 161 41.12 31.51 -69.15
N ILE W 162 42.32 31.47 -69.71
CA ILE W 162 42.62 32.22 -70.92
C ILE W 162 42.32 31.37 -72.16
N LEU W 163 42.19 32.02 -73.31
CA LEU W 163 41.92 31.31 -74.55
C LEU W 163 42.71 32.02 -75.66
N THR W 164 43.55 31.28 -76.40
CA THR W 164 44.32 31.89 -77.47
C THR W 164 43.59 31.80 -78.80
N ILE W 165 43.59 32.89 -79.57
CA ILE W 165 42.90 32.93 -80.83
C ILE W 165 43.90 33.23 -81.94
N ILE W 166 44.27 32.19 -82.68
CA ILE W 166 45.21 32.38 -83.78
C ILE W 166 44.39 32.77 -84.99
N THR W 167 44.66 33.95 -85.51
CA THR W 167 43.95 34.48 -86.67
C THR W 167 44.82 34.55 -87.90
N LEU W 168 44.33 34.02 -89.01
CA LEU W 168 45.07 34.03 -90.28
C LEU W 168 44.44 35.14 -91.12
N GLU W 169 45.17 36.21 -91.35
CA GLU W 169 44.65 37.33 -92.11
C GLU W 169 45.61 37.81 -93.18
N ASP W 170 45.08 38.56 -94.15
CA ASP W 170 45.89 39.06 -95.24
C ASP W 170 46.62 40.34 -94.85
N SER W 171 47.19 41.04 -95.82
CA SER W 171 47.92 42.27 -95.58
C SER W 171 47.05 43.36 -94.97
N SER W 172 45.92 43.64 -95.60
CA SER W 172 44.98 44.65 -95.13
C SER W 172 44.46 44.32 -93.73
N GLY W 173 44.46 43.05 -93.37
CA GLY W 173 44.00 42.65 -92.04
C GLY W 173 42.65 42.00 -92.01
N ASN W 174 42.21 41.49 -93.16
CA ASN W 174 40.91 40.83 -93.27
C ASN W 174 41.00 39.37 -92.94
N LEU W 175 39.97 38.85 -92.30
CA LEU W 175 39.95 37.46 -91.90
C LEU W 175 40.10 36.50 -93.08
N LEU W 176 40.80 35.37 -92.88
CA LEU W 176 41.01 34.35 -93.91
C LEU W 176 40.82 32.99 -93.27
N GLY W 177 40.84 32.98 -91.94
CA GLY W 177 40.69 31.75 -91.18
C GLY W 177 40.99 31.99 -89.71
N ARG W 178 40.46 31.17 -88.81
CA ARG W 178 40.69 31.39 -87.39
C ARG W 178 40.43 30.18 -86.51
N ASN W 179 41.43 29.78 -85.74
CA ASN W 179 41.28 28.64 -84.86
C ASN W 179 41.69 29.08 -83.49
N SER W 180 41.34 28.28 -82.49
CA SER W 180 41.72 28.65 -81.14
C SER W 180 41.88 27.48 -80.20
N PHE W 181 42.51 27.73 -79.06
CA PHE W 181 42.74 26.70 -78.07
C PHE W 181 42.88 27.34 -76.70
N GLU W 182 42.59 26.58 -75.65
CA GLU W 182 42.70 27.08 -74.26
C GLU W 182 44.16 27.06 -73.83
N VAL W 183 44.55 27.87 -72.85
CA VAL W 183 45.96 27.89 -72.45
C VAL W 183 46.13 27.97 -70.96
N ARG W 184 47.00 27.14 -70.41
CA ARG W 184 47.23 27.14 -68.97
C ARG W 184 48.71 27.13 -68.72
N VAL W 185 49.26 28.19 -68.15
CA VAL W 185 50.69 28.25 -67.86
C VAL W 185 50.93 27.81 -66.41
N CYS W 186 51.45 26.59 -66.24
CA CYS W 186 51.70 26.08 -64.89
C CYS W 186 53.16 25.67 -64.71
N ALA W 187 53.43 24.89 -63.67
CA ALA W 187 54.79 24.47 -63.39
C ALA W 187 55.02 23.03 -63.79
N CYS W 188 53.92 22.30 -63.97
CA CYS W 188 53.97 20.89 -64.36
C CYS W 188 52.91 20.53 -65.40
N PRO W 189 53.11 20.94 -66.66
CA PRO W 189 52.17 20.66 -67.74
C PRO W 189 51.76 19.21 -67.78
N GLY W 190 52.73 18.33 -67.61
CA GLY W 190 52.42 16.91 -67.64
C GLY W 190 51.41 16.48 -66.60
N ARG W 191 51.68 16.80 -65.34
CA ARG W 191 50.77 16.41 -64.26
C ARG W 191 49.40 17.00 -64.47
N ASP W 192 49.36 18.31 -64.68
CA ASP W 192 48.10 18.97 -64.89
C ASP W 192 47.31 18.37 -66.06
N ARG W 193 47.99 18.06 -67.16
CA ARG W 193 47.30 17.49 -68.29
C ARG W 193 46.76 16.10 -67.93
N ARG W 194 47.66 15.23 -67.49
CA ARG W 194 47.30 13.89 -67.11
C ARG W 194 46.15 13.86 -66.12
N THR W 195 46.18 14.77 -65.16
CA THR W 195 45.15 14.86 -64.12
C THR W 195 43.81 15.42 -64.63
N GLU W 196 43.86 16.46 -65.43
CA GLU W 196 42.64 17.04 -65.96
C GLU W 196 41.96 16.13 -67.01
N GLU W 197 42.76 15.41 -67.80
CA GLU W 197 42.20 14.51 -68.81
C GLU W 197 41.63 13.33 -68.08
N GLU W 198 42.07 13.16 -66.85
CA GLU W 198 41.63 12.05 -66.01
C GLU W 198 40.25 12.33 -65.45
N ASN W 199 39.85 13.61 -65.42
CA ASN W 199 38.54 14.01 -64.91
C ASN W 199 37.48 13.89 -66.01
N LEU W 200 37.86 13.27 -67.13
CA LEU W 200 36.96 13.09 -68.27
C LEU W 200 36.59 14.46 -68.84
N SER X 2 32.75 99.91 -37.23
CA SER X 2 32.11 100.09 -38.57
C SER X 2 30.62 100.46 -38.43
N PRO X 3 30.32 101.78 -38.41
CA PRO X 3 28.95 102.28 -38.28
C PRO X 3 28.18 102.23 -39.60
N LEU X 4 26.85 102.24 -39.53
CA LEU X 4 26.03 102.20 -40.73
C LEU X 4 25.67 103.63 -41.10
N SER X 5 25.08 103.83 -42.28
CA SER X 5 24.67 105.16 -42.71
C SER X 5 23.15 105.20 -42.88
N SER X 6 22.60 106.38 -42.59
CA SER X 6 21.17 106.65 -42.68
C SER X 6 20.77 106.96 -44.11
N SER X 7 21.73 107.34 -44.94
CA SER X 7 21.48 107.67 -46.32
C SER X 7 21.70 106.45 -47.20
N VAL X 8 21.15 106.51 -48.41
CA VAL X 8 21.25 105.44 -49.40
C VAL X 8 21.25 106.06 -50.79
N PRO X 9 22.43 106.39 -51.33
CA PRO X 9 22.56 107.00 -52.66
C PRO X 9 21.82 106.23 -53.74
N SER X 10 21.21 106.94 -54.68
CA SER X 10 20.44 106.28 -55.72
C SER X 10 21.35 105.75 -56.79
N GLN X 11 20.85 104.76 -57.52
CA GLN X 11 21.63 104.14 -58.56
C GLN X 11 20.92 104.23 -59.89
N LYS X 12 19.87 105.05 -59.93
CA LYS X 12 19.07 105.19 -61.15
C LYS X 12 19.92 105.86 -62.20
N THR X 13 19.95 105.28 -63.40
CA THR X 13 20.73 105.86 -64.48
C THR X 13 20.13 107.21 -64.86
N TYR X 14 20.98 108.20 -65.05
CA TYR X 14 20.53 109.53 -65.41
C TYR X 14 21.50 110.14 -66.42
N GLN X 15 21.31 109.84 -67.69
CA GLN X 15 22.21 110.37 -68.70
C GLN X 15 22.34 111.88 -68.60
N GLY X 16 21.33 112.49 -68.02
CA GLY X 16 21.34 113.94 -67.84
C GLY X 16 21.19 114.76 -69.10
N SER X 17 21.48 116.04 -68.98
CA SER X 17 21.36 116.98 -70.09
C SER X 17 22.50 116.91 -71.06
N TYR X 18 23.65 116.49 -70.55
CA TYR X 18 24.84 116.42 -71.38
C TYR X 18 25.01 115.04 -71.99
N GLY X 19 24.11 114.13 -71.67
CA GLY X 19 24.22 112.78 -72.22
C GLY X 19 25.45 112.06 -71.71
N PHE X 20 25.51 111.92 -70.39
CA PHE X 20 26.64 111.27 -69.76
C PHE X 20 26.52 109.76 -69.87
N ARG X 21 27.54 109.13 -70.42
CA ARG X 21 27.56 107.68 -70.54
C ARG X 21 28.93 107.15 -70.11
N LEU X 22 29.00 105.85 -69.82
CA LEU X 22 30.25 105.20 -69.40
C LEU X 22 30.72 104.21 -70.44
N GLY X 23 32.02 104.21 -70.70
CA GLY X 23 32.62 103.30 -71.66
C GLY X 23 33.65 102.40 -70.99
N PHE X 24 33.90 101.23 -71.55
CA PHE X 24 34.87 100.29 -71.00
C PHE X 24 35.68 99.65 -72.11
N LEU X 25 36.93 99.33 -71.83
CA LEU X 25 37.77 98.74 -72.83
C LEU X 25 37.55 97.25 -72.98
N HIS X 26 37.19 96.81 -74.19
CA HIS X 26 36.97 95.40 -74.51
C HIS X 26 38.31 94.65 -74.49
N SER X 27 38.63 94.06 -73.35
CA SER X 27 39.88 93.31 -73.19
C SER X 27 39.69 91.80 -73.32
N GLY X 28 38.60 91.39 -73.98
CA GLY X 28 38.32 89.97 -74.19
C GLY X 28 38.23 89.16 -72.91
N THR X 29 38.02 87.85 -73.06
CA THR X 29 37.92 86.95 -71.91
C THR X 29 39.01 85.90 -71.91
N ALA X 30 40.24 86.33 -72.19
CA ALA X 30 41.39 85.42 -72.20
C ALA X 30 41.67 84.84 -70.80
N LYS X 31 42.95 84.64 -70.47
CA LYS X 31 43.37 84.12 -69.16
C LYS X 31 44.17 85.14 -68.34
N SER X 32 45.04 85.89 -69.03
CA SER X 32 45.88 86.91 -68.41
C SER X 32 45.16 88.26 -68.28
N VAL X 33 43.83 88.26 -68.47
CA VAL X 33 42.98 89.46 -68.41
C VAL X 33 43.17 90.18 -67.11
N THR X 34 43.30 91.50 -67.18
CA THR X 34 43.50 92.34 -66.00
C THR X 34 42.23 93.05 -65.62
N CYS X 35 41.51 93.51 -66.63
CA CYS X 35 40.26 94.20 -66.39
C CYS X 35 39.33 94.05 -67.60
N THR X 36 38.19 93.40 -67.44
CA THR X 36 37.28 93.26 -68.56
C THR X 36 35.84 93.68 -68.21
N TYR X 37 35.01 93.92 -69.21
CA TYR X 37 33.64 94.33 -68.95
C TYR X 37 32.63 93.33 -69.51
N SER X 38 31.46 93.20 -68.87
CA SER X 38 30.44 92.27 -69.36
C SER X 38 29.16 93.04 -69.56
N PRO X 39 28.87 93.45 -70.81
CA PRO X 39 27.68 94.20 -71.20
C PRO X 39 26.44 93.48 -70.79
N ALA X 40 26.50 92.16 -70.81
CA ALA X 40 25.35 91.37 -70.42
C ALA X 40 25.02 91.54 -68.91
N LEU X 41 26.04 91.63 -68.07
CA LEU X 41 25.80 91.77 -66.63
C LEU X 41 26.03 93.18 -66.12
N ASN X 42 26.63 94.02 -66.95
CA ASN X 42 26.96 95.41 -66.56
C ASN X 42 27.88 95.27 -65.35
N LYS X 43 28.78 94.31 -65.41
CA LYS X 43 29.65 94.04 -64.29
C LYS X 43 31.03 94.08 -64.82
N MET X 44 31.94 94.72 -64.08
CA MET X 44 33.35 94.84 -64.45
C MET X 44 34.16 93.84 -63.66
N PHE X 45 34.98 93.05 -64.32
CA PHE X 45 35.80 92.12 -63.58
C PHE X 45 37.24 92.61 -63.61
N CYS X 46 37.87 92.83 -62.46
CA CYS X 46 39.27 93.30 -62.50
C CYS X 46 40.16 92.66 -61.43
N GLN X 47 41.46 92.96 -61.42
CA GLN X 47 42.34 92.36 -60.39
C GLN X 47 42.66 93.39 -59.37
N LEU X 48 43.16 92.95 -58.23
CA LEU X 48 43.47 93.87 -57.15
C LEU X 48 44.50 94.89 -57.54
N ALA X 49 44.27 96.11 -57.07
CA ALA X 49 45.14 97.26 -57.34
C ALA X 49 45.59 97.39 -58.81
N LYS X 50 44.71 97.07 -59.74
CA LYS X 50 45.10 97.14 -61.16
C LYS X 50 44.33 98.24 -61.82
N THR X 51 44.92 98.80 -62.86
CA THR X 51 44.29 99.88 -63.56
C THR X 51 42.97 99.50 -64.20
N CYS X 52 41.93 100.26 -63.90
CA CYS X 52 40.62 100.01 -64.50
C CYS X 52 40.12 101.23 -65.23
N PRO X 53 40.27 101.25 -66.56
CA PRO X 53 39.85 102.35 -67.41
C PRO X 53 38.31 102.49 -67.54
N VAL X 54 37.79 103.64 -67.16
CA VAL X 54 36.37 103.93 -67.26
C VAL X 54 36.26 105.14 -68.16
N GLN X 55 35.45 105.05 -69.22
CA GLN X 55 35.32 106.13 -70.19
C GLN X 55 34.11 107.02 -69.91
N LEU X 56 34.28 108.33 -70.01
CA LEU X 56 33.19 109.26 -69.76
C LEU X 56 32.71 109.83 -71.06
N TRP X 57 31.56 109.38 -71.54
CA TRP X 57 31.07 109.88 -72.82
C TRP X 57 30.00 110.89 -72.64
N VAL X 58 30.10 111.97 -73.38
CA VAL X 58 29.12 113.03 -73.30
C VAL X 58 28.76 113.51 -74.72
N ASP X 59 27.49 113.92 -74.90
CA ASP X 59 27.03 114.43 -76.19
C ASP X 59 27.38 115.91 -76.35
N SER X 60 27.39 116.64 -75.23
CA SER X 60 27.72 118.07 -75.21
C SER X 60 28.61 118.43 -74.01
N THR X 61 29.89 118.67 -74.29
CA THR X 61 30.91 118.97 -73.27
C THR X 61 30.30 119.79 -72.13
N PRO X 62 30.33 119.24 -70.90
CA PRO X 62 29.80 119.89 -69.70
C PRO X 62 30.55 121.15 -69.40
N PRO X 63 29.97 122.02 -68.54
CA PRO X 63 30.61 123.29 -68.17
C PRO X 63 31.93 123.11 -67.43
N PRO X 64 32.73 124.19 -67.34
CA PRO X 64 34.01 124.13 -66.65
C PRO X 64 33.82 124.11 -65.14
N GLY X 65 34.66 123.34 -64.46
CA GLY X 65 34.55 123.22 -63.01
C GLY X 65 33.75 122.00 -62.57
N THR X 66 33.34 121.19 -63.53
CA THR X 66 32.57 119.99 -63.25
C THR X 66 33.48 118.90 -62.67
N ARG X 67 32.95 118.07 -61.80
CA ARG X 67 33.76 117.01 -61.19
C ARG X 67 33.15 115.63 -61.41
N VAL X 68 34.01 114.60 -61.42
CA VAL X 68 33.57 113.22 -61.61
C VAL X 68 33.82 112.48 -60.32
N ARG X 69 32.75 112.11 -59.64
CA ARG X 69 32.83 111.41 -58.36
C ARG X 69 32.54 109.93 -58.53
N ALA X 70 33.26 109.12 -57.77
CA ALA X 70 33.05 107.68 -57.79
C ALA X 70 32.76 107.17 -56.36
N MET X 71 31.65 106.45 -56.18
CA MET X 71 31.32 105.94 -54.85
C MET X 71 30.97 104.47 -54.94
N ALA X 72 31.15 103.75 -53.83
CA ALA X 72 30.87 102.33 -53.82
C ALA X 72 29.75 102.00 -52.83
N ILE X 73 28.88 101.04 -53.19
CA ILE X 73 27.77 100.63 -52.31
C ILE X 73 27.49 99.15 -52.51
N TYR X 74 26.73 98.57 -51.60
CA TYR X 74 26.43 97.16 -51.71
C TYR X 74 25.12 96.95 -52.45
N LYS X 75 25.18 96.20 -53.55
CA LYS X 75 24.03 95.91 -54.41
C LYS X 75 22.79 95.44 -53.68
N GLN X 76 22.94 94.43 -52.83
CA GLN X 76 21.81 93.90 -52.07
C GLN X 76 21.27 94.90 -51.04
N SER X 77 19.97 95.19 -51.17
CA SER X 77 19.27 96.13 -50.29
C SER X 77 19.43 95.85 -48.80
N GLN X 78 19.56 94.58 -48.42
CA GLN X 78 19.71 94.23 -47.03
C GLN X 78 21.03 94.74 -46.43
N HIS X 79 21.99 95.07 -47.27
CA HIS X 79 23.28 95.54 -46.78
C HIS X 79 23.57 96.93 -47.28
N MET X 80 22.63 97.52 -47.99
CA MET X 80 22.82 98.83 -48.57
C MET X 80 23.16 99.90 -47.53
N THR X 81 22.77 99.66 -46.29
CA THR X 81 23.02 100.61 -45.21
C THR X 81 24.44 100.48 -44.69
N GLU X 82 25.12 99.42 -45.12
CA GLU X 82 26.50 99.16 -44.69
C GLU X 82 27.46 99.93 -45.58
N VAL X 83 28.47 100.54 -44.98
CA VAL X 83 29.45 101.32 -45.72
C VAL X 83 30.52 100.45 -46.40
N VAL X 84 30.84 100.75 -47.66
CA VAL X 84 31.82 99.94 -48.37
C VAL X 84 33.20 100.49 -48.04
N ARG X 85 34.10 99.61 -47.64
CA ARG X 85 35.48 99.99 -47.31
C ARG X 85 36.40 98.79 -47.39
N ARG X 86 37.70 99.03 -47.19
CA ARG X 86 38.72 97.98 -47.28
C ARG X 86 38.71 97.14 -46.05
N CYS X 87 39.02 95.87 -46.20
CA CYS X 87 39.00 94.99 -45.06
C CYS X 87 40.13 95.41 -44.13
N PRO X 88 40.09 94.96 -42.87
CA PRO X 88 41.10 95.29 -41.87
C PRO X 88 42.51 95.06 -42.35
N HIS X 89 42.71 93.95 -43.04
CA HIS X 89 44.03 93.61 -43.52
C HIS X 89 44.51 94.51 -44.62
N HIS X 90 43.71 94.66 -45.65
CA HIS X 90 44.13 95.49 -46.74
C HIS X 90 44.29 96.95 -46.42
N GLU X 91 43.71 97.40 -45.33
CA GLU X 91 43.86 98.81 -45.03
C GLU X 91 45.11 99.03 -44.20
N ARG X 92 45.79 97.95 -43.85
CA ARG X 92 47.01 98.06 -43.06
C ARG X 92 48.21 97.85 -43.94
N CYS X 93 47.99 97.61 -45.22
CA CYS X 93 49.10 97.42 -46.14
C CYS X 93 49.79 98.73 -46.49
N SER X 94 51.01 98.62 -47.03
CA SER X 94 51.83 99.76 -47.43
C SER X 94 51.68 100.06 -48.90
N ASP X 95 50.45 99.91 -49.40
CA ASP X 95 50.17 100.17 -50.80
C ASP X 95 49.71 101.60 -51.00
N SER X 96 49.82 102.42 -49.96
CA SER X 96 49.40 103.81 -50.05
C SER X 96 50.21 104.57 -51.10
N ASP X 97 49.51 105.29 -51.97
CA ASP X 97 50.15 106.05 -53.05
C ASP X 97 50.56 107.42 -52.53
N GLY X 98 50.15 107.74 -51.32
CA GLY X 98 50.49 109.01 -50.74
C GLY X 98 49.32 109.97 -50.65
N LEU X 99 48.34 109.78 -51.54
CA LEU X 99 47.16 110.65 -51.57
C LEU X 99 45.93 109.96 -51.00
N ALA X 100 45.69 108.73 -51.44
CA ALA X 100 44.53 107.98 -51.03
C ALA X 100 44.66 107.37 -49.65
N PRO X 101 43.65 107.57 -48.80
CA PRO X 101 43.59 107.06 -47.45
C PRO X 101 43.50 105.56 -47.53
N PRO X 102 44.07 104.89 -46.55
CA PRO X 102 44.08 103.44 -46.51
C PRO X 102 42.74 102.72 -46.43
N GLN X 103 41.70 103.39 -45.97
CA GLN X 103 40.41 102.72 -45.83
C GLN X 103 39.53 102.94 -47.03
N HIS X 104 40.09 103.43 -48.11
CA HIS X 104 39.30 103.65 -49.31
C HIS X 104 39.36 102.51 -50.30
N LEU X 105 38.21 102.03 -50.76
CA LEU X 105 38.18 100.92 -51.71
C LEU X 105 38.53 101.38 -53.14
N ILE X 106 37.93 102.47 -53.57
CA ILE X 106 38.18 102.99 -54.91
C ILE X 106 39.26 104.07 -54.90
N ARG X 107 40.13 104.09 -55.92
CA ARG X 107 41.18 105.10 -56.04
C ARG X 107 41.29 105.56 -57.47
N VAL X 108 41.89 106.74 -57.67
CA VAL X 108 42.06 107.27 -59.01
C VAL X 108 43.55 107.27 -59.29
N GLU X 109 43.97 106.43 -60.22
CA GLU X 109 45.36 106.31 -60.58
C GLU X 109 45.82 107.46 -61.46
N GLY X 110 47.02 107.96 -61.17
CA GLY X 110 47.62 109.05 -61.95
C GLY X 110 46.81 110.30 -62.18
N ASN X 111 46.51 111.02 -61.11
CA ASN X 111 45.76 112.25 -61.23
C ASN X 111 45.95 113.07 -59.96
N LEU X 112 46.94 113.96 -59.99
CA LEU X 112 47.33 114.83 -58.86
C LEU X 112 46.16 115.61 -58.27
N ARG X 113 45.35 116.22 -59.12
CA ARG X 113 44.22 117.00 -58.65
C ARG X 113 43.10 116.15 -58.03
N VAL X 114 43.41 114.88 -57.75
CA VAL X 114 42.43 113.96 -57.16
C VAL X 114 42.08 114.40 -55.76
N GLU X 115 40.91 114.01 -55.30
CA GLU X 115 40.48 114.42 -53.98
C GLU X 115 39.62 113.35 -53.37
N TYR X 116 40.02 112.83 -52.21
CA TYR X 116 39.27 111.78 -51.51
C TYR X 116 38.40 112.39 -50.41
N LEU X 117 37.29 111.75 -50.09
CA LEU X 117 36.40 112.29 -49.08
C LEU X 117 35.79 111.25 -48.15
N ASP X 118 35.75 111.57 -46.87
CA ASP X 118 35.17 110.72 -45.84
C ASP X 118 33.94 111.44 -45.29
N ASP X 119 32.85 111.46 -46.06
CA ASP X 119 31.61 112.13 -45.67
C ASP X 119 31.33 112.01 -44.18
N ARG X 120 31.21 113.15 -43.51
CA ARG X 120 30.99 113.17 -42.08
C ARG X 120 29.55 113.01 -41.68
N ASN X 121 28.65 113.08 -42.66
CA ASN X 121 27.22 112.92 -42.37
C ASN X 121 26.68 111.57 -42.80
N THR X 122 27.28 111.00 -43.84
CA THR X 122 26.82 109.71 -44.34
C THR X 122 27.83 108.60 -44.11
N PHE X 123 29.07 109.00 -43.80
CA PHE X 123 30.18 108.07 -43.57
C PHE X 123 30.60 107.34 -44.86
N ARG X 124 30.15 107.85 -45.99
CA ARG X 124 30.43 107.24 -47.27
C ARG X 124 31.74 107.73 -47.87
N HIS X 125 32.57 106.78 -48.33
CA HIS X 125 33.85 107.09 -48.93
C HIS X 125 33.67 107.35 -50.40
N SER X 126 34.43 108.29 -50.94
CA SER X 126 34.31 108.62 -52.36
C SER X 126 35.53 109.35 -52.89
N VAL X 127 35.83 109.17 -54.16
CA VAL X 127 36.96 109.84 -54.73
C VAL X 127 36.44 110.71 -55.86
N VAL X 128 37.00 111.93 -55.98
CA VAL X 128 36.60 112.88 -57.02
C VAL X 128 37.75 113.50 -57.78
N VAL X 129 37.55 113.79 -59.07
CA VAL X 129 38.58 114.41 -59.89
C VAL X 129 37.93 115.41 -60.84
N PRO X 130 38.70 116.42 -61.27
CA PRO X 130 38.22 117.45 -62.18
C PRO X 130 37.90 116.85 -63.55
N TYR X 131 36.76 117.22 -64.12
CA TYR X 131 36.36 116.75 -65.43
C TYR X 131 37.18 117.50 -66.50
N GLU X 132 37.57 116.79 -67.55
CA GLU X 132 38.34 117.42 -68.61
C GLU X 132 37.72 116.99 -69.92
N PRO X 133 37.65 117.89 -70.88
CA PRO X 133 37.08 117.56 -72.18
C PRO X 133 37.96 116.57 -72.96
N PRO X 134 37.35 115.76 -73.83
CA PRO X 134 38.07 114.76 -74.63
C PRO X 134 39.28 115.33 -75.36
N GLU X 135 40.43 114.66 -75.24
CA GLU X 135 41.65 115.10 -75.90
C GLU X 135 41.49 114.91 -77.40
N VAL X 136 41.91 115.89 -78.18
CA VAL X 136 41.83 115.79 -79.63
C VAL X 136 42.31 114.43 -80.12
N GLY X 137 41.45 113.76 -80.89
CA GLY X 137 41.77 112.44 -81.41
C GLY X 137 40.87 111.39 -80.80
N SER X 138 40.40 111.66 -79.58
CA SER X 138 39.53 110.76 -78.84
C SER X 138 38.17 111.46 -78.63
N ASP X 139 37.11 110.66 -78.52
CA ASP X 139 35.77 111.21 -78.38
C ASP X 139 35.26 111.06 -76.95
N CYS X 140 36.10 110.55 -76.06
CA CYS X 140 35.73 110.36 -74.65
C CYS X 140 36.87 110.59 -73.67
N THR X 141 36.50 110.88 -72.42
CA THR X 141 37.48 111.11 -71.37
C THR X 141 37.64 109.86 -70.54
N THR X 142 38.86 109.36 -70.47
CA THR X 142 39.09 108.14 -69.72
C THR X 142 39.66 108.42 -68.34
N ILE X 143 39.24 107.66 -67.33
CA ILE X 143 39.70 107.82 -65.96
C ILE X 143 40.22 106.50 -65.49
N HIS X 144 41.37 106.48 -64.82
CA HIS X 144 41.93 105.23 -64.33
C HIS X 144 41.58 104.97 -62.87
N TYR X 145 40.78 103.95 -62.62
CA TYR X 145 40.38 103.66 -61.27
C TYR X 145 41.13 102.45 -60.74
N ASN X 146 41.26 102.36 -59.41
CA ASN X 146 41.92 101.24 -58.74
C ASN X 146 41.06 100.68 -57.61
N TYR X 147 40.94 99.35 -57.52
CA TYR X 147 40.16 98.75 -56.43
C TYR X 147 41.14 98.02 -55.52
N MET X 148 41.26 98.49 -54.29
CA MET X 148 42.25 97.91 -53.42
C MET X 148 41.71 96.91 -52.48
N CYS X 149 40.83 96.04 -52.97
CA CYS X 149 40.26 95.01 -52.10
C CYS X 149 39.46 93.99 -52.88
N ASN X 150 39.81 92.71 -52.71
CA ASN X 150 39.13 91.60 -53.42
C ASN X 150 37.70 91.50 -52.93
N SER X 151 36.84 90.90 -53.73
CA SER X 151 35.47 90.80 -53.29
C SER X 151 35.35 89.64 -52.31
N SER X 152 36.39 88.84 -52.19
CA SER X 152 36.38 87.70 -51.30
C SER X 152 36.75 88.11 -49.90
N CYS X 153 37.23 89.34 -49.75
CA CYS X 153 37.62 89.85 -48.45
C CYS X 153 36.42 90.07 -47.56
N MET X 154 35.23 89.81 -48.07
CA MET X 154 34.05 90.03 -47.28
C MET X 154 32.97 89.01 -47.51
N GLY X 155 33.30 87.89 -48.15
CA GLY X 155 32.26 86.89 -48.38
C GLY X 155 32.52 85.81 -49.42
N GLY X 156 33.51 86.02 -50.23
CA GLY X 156 33.79 84.97 -51.17
C GLY X 156 32.66 84.55 -52.08
N MET X 157 31.69 83.81 -51.57
CA MET X 157 30.62 83.33 -52.45
C MET X 157 29.70 84.38 -52.90
N ASN X 158 30.26 85.50 -53.35
CA ASN X 158 29.48 86.63 -53.83
C ASN X 158 28.42 87.00 -52.82
N ARG X 159 28.83 87.09 -51.56
CA ARG X 159 27.92 87.43 -50.48
C ARG X 159 27.67 88.93 -50.47
N ARG X 160 28.73 89.71 -50.55
CA ARG X 160 28.58 91.16 -50.54
C ARG X 160 28.99 91.77 -51.86
N PRO X 161 28.07 91.84 -52.83
CA PRO X 161 28.36 92.41 -54.14
C PRO X 161 28.45 93.94 -54.08
N ILE X 162 29.50 94.46 -54.73
CA ILE X 162 29.77 95.89 -54.75
C ILE X 162 29.27 96.52 -56.05
N LEU X 163 28.81 97.75 -55.94
CA LEU X 163 28.33 98.46 -57.09
C LEU X 163 28.99 99.85 -57.13
N THR X 164 29.66 100.20 -58.23
CA THR X 164 30.32 101.51 -58.37
C THR X 164 29.38 102.53 -59.00
N ILE X 165 29.32 103.73 -58.41
CA ILE X 165 28.43 104.79 -58.89
C ILE X 165 29.27 105.98 -59.33
N ILE X 166 29.22 106.27 -60.62
CA ILE X 166 29.97 107.39 -61.17
C ILE X 166 29.00 108.54 -61.33
N THR X 167 29.22 109.58 -60.53
CA THR X 167 28.37 110.76 -60.55
C THR X 167 29.07 111.96 -61.17
N LEU X 168 28.38 112.60 -62.12
CA LEU X 168 28.91 113.80 -62.77
C LEU X 168 28.20 115.01 -62.14
N GLU X 169 28.89 115.71 -61.24
CA GLU X 169 28.31 116.85 -60.56
C GLU X 169 29.07 118.15 -60.87
N ASP X 170 28.40 119.28 -60.63
CA ASP X 170 28.99 120.58 -60.87
C ASP X 170 29.97 120.97 -59.77
N SER X 171 30.26 122.26 -59.68
CA SER X 171 31.20 122.77 -58.69
C SER X 171 30.65 122.71 -57.29
N SER X 172 29.38 123.08 -57.13
CA SER X 172 28.75 123.07 -55.83
C SER X 172 28.47 121.66 -55.35
N GLY X 173 28.19 120.76 -56.28
CA GLY X 173 27.92 119.38 -55.92
C GLY X 173 26.52 118.89 -56.27
N ASN X 174 25.96 119.44 -57.35
CA ASN X 174 24.62 119.08 -57.81
C ASN X 174 24.71 118.06 -58.93
N LEU X 175 23.79 117.12 -58.91
CA LEU X 175 23.81 116.08 -59.91
C LEU X 175 23.61 116.60 -61.33
N LEU X 176 24.46 116.14 -62.24
CA LEU X 176 24.34 116.55 -63.65
C LEU X 176 24.11 115.32 -64.49
N GLY X 177 24.46 114.17 -63.92
CA GLY X 177 24.30 112.89 -64.60
C GLY X 177 24.82 111.77 -63.73
N ARG X 178 24.40 110.54 -64.02
CA ARG X 178 24.82 109.41 -63.21
C ARG X 178 24.75 108.07 -63.91
N ASN X 179 25.67 107.18 -63.59
CA ASN X 179 25.67 105.86 -64.19
C ASN X 179 26.27 104.89 -63.17
N SER X 180 25.96 103.62 -63.28
CA SER X 180 26.52 102.70 -62.32
C SER X 180 26.73 101.31 -62.88
N PHE X 181 27.85 100.69 -62.51
CA PHE X 181 28.18 99.34 -62.93
C PHE X 181 28.60 98.46 -61.75
N GLU X 182 28.35 97.16 -61.80
CA GLU X 182 28.75 96.28 -60.72
C GLU X 182 30.24 95.98 -60.85
N VAL X 183 30.91 95.67 -59.74
CA VAL X 183 32.33 95.44 -59.80
C VAL X 183 32.72 94.23 -59.00
N ARG X 184 33.55 93.37 -59.60
CA ARG X 184 34.01 92.18 -58.90
C ARG X 184 35.52 92.14 -58.99
N VAL X 185 36.22 92.26 -57.86
CA VAL X 185 37.69 92.19 -57.82
C VAL X 185 38.11 90.76 -57.47
N CYS X 186 38.62 90.04 -58.45
CA CYS X 186 39.03 88.66 -58.29
C CYS X 186 40.46 88.44 -58.77
N ALA X 187 40.82 87.18 -58.98
CA ALA X 187 42.16 86.85 -59.45
C ALA X 187 42.17 86.49 -60.93
N CYS X 188 41.00 86.10 -61.43
CA CYS X 188 40.84 85.71 -62.82
C CYS X 188 39.64 86.38 -63.48
N PRO X 189 39.75 87.67 -63.79
CA PRO X 189 38.63 88.38 -64.42
C PRO X 189 38.09 87.68 -65.64
N GLY X 190 39.00 87.22 -66.50
CA GLY X 190 38.58 86.56 -67.73
C GLY X 190 37.69 85.37 -67.47
N ARG X 191 38.23 84.41 -66.75
CA ARG X 191 37.52 83.22 -66.42
C ARG X 191 36.20 83.53 -65.75
N ASP X 192 36.26 84.34 -64.70
CA ASP X 192 35.08 84.70 -63.95
C ASP X 192 33.99 85.36 -64.83
N ARG X 193 34.39 86.16 -65.79
CA ARG X 193 33.39 86.80 -66.65
C ARG X 193 32.78 85.75 -67.54
N ARG X 194 33.65 84.98 -68.18
CA ARG X 194 33.21 83.91 -69.06
C ARG X 194 32.14 83.02 -68.40
N THR X 195 32.49 82.36 -67.31
CA THR X 195 31.56 81.46 -66.65
C THR X 195 30.34 82.15 -66.10
N GLU X 196 30.48 83.41 -65.72
CA GLU X 196 29.34 84.14 -65.17
C GLU X 196 28.31 84.49 -66.22
N GLU X 197 28.79 84.68 -67.45
CA GLU X 197 27.90 84.98 -68.57
C GLU X 197 27.28 83.67 -69.04
N GLU X 198 28.12 82.63 -69.12
CA GLU X 198 27.74 81.29 -69.56
C GLU X 198 26.55 80.83 -68.78
N ASN X 199 26.40 81.34 -67.56
CA ASN X 199 25.27 80.95 -66.74
C ASN X 199 24.08 81.86 -67.01
N LEU X 200 24.05 82.45 -68.21
CA LEU X 200 22.98 83.36 -68.64
C LEU X 200 22.78 84.47 -67.61
#